data_6JB1
#
_entry.id   6JB1
#
_cell.length_a   1.00
_cell.length_b   1.00
_cell.length_c   1.00
_cell.angle_alpha   90.00
_cell.angle_beta   90.00
_cell.angle_gamma   90.00
#
_symmetry.space_group_name_H-M   'P 1'
#
loop_
_entity.id
_entity.type
_entity.pdbx_description
1 polymer 'ATP-sensitive inward rectifier potassium channel 11'
2 polymer 'ATP-binding cassette sub-family C member 8 isoform X2'
3 non-polymer '(2S)-3-(hexadecanoyloxy)-2-[(9Z)-octadec-9-enoyloxy]propyl 2-(trimethylammonio)ethyl phosphate'
4 non-polymer 'PHOSPHOTHIOPHOSPHORIC ACID-ADENYLATE ESTER'
5 non-polymer Digitonin
6 non-polymer Repaglinide
7 non-polymer PHOSPHATIDYLETHANOLAMINE
#
loop_
_entity_poly.entity_id
_entity_poly.type
_entity_poly.pdbx_seq_one_letter_code
_entity_poly.pdbx_strand_id
1 'polypeptide(L)'
;MLSRKGIIPEEYVLTRLAEDPAEPRYRTRERRARFVSKKGNCNVAHKNIREQGRFLQDVFTTLVDLKWPHTLLIFTMSFL
CSWLLFAMVWWLIAFAHGDLAPGEGTNVPCVTSIHSFSSAFLFSIEVQVTIGFGGRMVTEECPLAILILIVQNIVGLMIN
AIMLGCIFMKTAQAHRRAETLIFSKHAVITLRHGRLCFMLRVGDLRKSMIISATIHMQVVRKTTSPEGEVVPLHQVDIPM
ENGVGGNGIFLVAPLIIYHVIDSNSPLYDLAPSDLHHHQDLEIIVILEGVVETTGITTQARTSYLADEILWGQRFVPIVA
EEDGRYSVDYSKFGNTIKVPTPLCTARQLDEDRSLLDALTLASSRGPLRKRSVAVAKAKPKFSISPDSLS
;
A,C,E,G
2 'polypeptide(L)'
;MPLAFCGTENHSAAYRVDQGVLNNGCFVDALNVVPHVFLLFITFPILFIGWGSQSSKVHIHHSTWLHFPGHNLRWILTFI
LLFVLVCEIAEGILSDGVTESRHLHLYMPAGMAFMAAITSVVYYHNIETSNFPKLLIALLIYWTLAFITKTIKFVKFYDH
AIGFSQLRFCLTGLLVILYGMLLLVEVNVIRVRRYIFFKTPREVKPPEDLQDLGVRFLQPFVNLLSKGTYWWMNAFIKTA
HKKPIDLRAIGKLPIAMRALTNYQRLCVAFDAQARKDTQSPQGARAIWRALCHAFGRRLILSSTFRILADLLGFAGPLCI
FGIVDHLGKENHVFQPKTQFLGVYFVSSQEFLGNAYVLAVLLFLALLLQRTFLQASYYVAIETGINLRGAIQTKIYNKIM
HLSTSNLSMGEMTAGQICNLVAIDTNQLMWFFFLCPNLWAMPVQIIVGVILLYYILGVSALIGAAVIILLAPVQYFVATK
LSQAQRSTLEHSNERLKQTNEMLRGMKLLKLYAWESIFCSRVEVTRRKEMTSLRAFAVYTSISIFMNTAIPIAAVLITFV
GHVSFFKESDLSPSVAFASLSLFHILVTPLFLLSSVVRSTVKALVSVQKLSEFLSSAEIREEQCAPREPAPQGQAGKYQA
VPLKVVNRKRPAREEVRDLLGPLQRLAPSMDGDADNFCVQIIGGFFTWTPDGIPTLSNITIRIPRGQLTMIVGQVGCGKS
SLLLATLGEMQKVSGAVFWNSNLPDSEGEDPSSPERETAAGSDIRSRGPVAYASQKPWLLNATVEENITFESPFNKQRYK
MVIEACSLQPDIDILPHGDQTQIGERGINLSGGQRQRISVARALYQQTNVVFLDDPFSALDVHLSDHLMQAGILELLRDD
KRTVVLVTHKLQYLPHADWIIAMKDGTIQREGTLKDFQRSECQLFEHWKTLMNRQDQELEKETVMERKASEPSQGLPRAM
SSRDGLLLDEEEEEEEAAESEEDDNLSSVLHQRAKIPWRACTKYLSSAGILLLSLLVFSQLLKHMVLVAIDYWLAKWTDS
ALVLSPAARNCSLSQECDLDQSVYAMVFTLLCSLGIVLCLVTSVTVEWTGLKVAKRLHRSLLNRIILAPMRFFETTPLGS
ILNRFSSDCNTIDQHIPSTLECLSRSTLLCVSALTVISYVTPVFLVALLPLAVVCYFIQKYFRVASRDLQQLDDTTQLPL
LSHFAETVEGLTTIRAFRYEARFQQKLLEYTDSNNIASLFLTAANRWLEVRMEYIGACVVLIAAATSISNSLHRELSAGL
VGLGLTYALMVSNYLNWMVRNLADMEIQLGAVKRIHALLKTEAESYEGLLAPSLIPKNWPDQGKIQIQNLSVRYDSSLKP
VLKHVNALISPGQKIGICGRTGSGKSSFSLAFFRMVDMFEGRIIIDGIDIAKLPLHTLRSRLSIILQDPVLFSGTIRFNL
DPEKKCSDSTLWEALEIAQLKLVVKALPGGLDAIITEGGENFSQGQRQLFCLARAFVRKTSIFIMDEATASIDMATENIL
QKVVMTAFADRTVVTIAHRVHTILSADLVMVLKRGAILEFDKPETLLSQKDSVFASFVRADK
;
B,D,F,H
#
# COMPACT_ATOMS: atom_id res chain seq x y z
N ARG A 32 36.68 3.19 12.05
CA ARG A 32 36.03 1.98 11.56
C ARG A 32 34.74 2.31 10.84
N ALA A 33 34.38 1.49 9.86
CA ALA A 33 33.14 1.67 9.15
C ALA A 33 31.94 1.21 9.99
N ARG A 34 30.80 1.84 9.74
CA ARG A 34 29.53 1.43 10.33
C ARG A 34 28.62 0.89 9.23
N PHE A 35 27.51 0.30 9.65
CA PHE A 35 26.57 -0.25 8.68
C PHE A 35 25.67 0.82 8.10
N VAL A 36 24.99 1.59 8.95
CA VAL A 36 24.08 2.65 8.55
C VAL A 36 24.47 3.91 9.31
N SER A 37 24.53 5.03 8.61
CA SER A 37 24.85 6.30 9.26
C SER A 37 23.75 6.69 10.25
N LYS A 38 24.03 7.73 11.04
CA LYS A 38 23.03 8.22 11.99
C LYS A 38 21.81 8.82 11.31
N LYS A 39 21.89 9.09 10.00
CA LYS A 39 20.79 9.68 9.26
C LYS A 39 20.17 8.70 8.27
N GLY A 40 20.22 7.40 8.58
CA GLY A 40 19.65 6.38 7.74
C GLY A 40 20.42 6.09 6.47
N ASN A 41 21.31 6.99 6.05
CA ASN A 41 22.08 6.79 4.83
C ASN A 41 22.96 5.54 5.00
N CYS A 42 22.63 4.47 4.29
CA CYS A 42 23.39 3.23 4.45
C CYS A 42 24.78 3.37 3.83
N ASN A 43 25.77 2.76 4.48
CA ASN A 43 27.17 3.04 4.21
C ASN A 43 27.83 2.00 3.30
N VAL A 44 27.08 1.02 2.82
CA VAL A 44 27.64 -0.10 2.07
C VAL A 44 28.00 0.35 0.66
N ALA A 45 29.09 -0.20 0.13
CA ALA A 45 29.54 0.03 -1.24
C ALA A 45 29.46 -1.27 -2.03
N HIS A 46 28.84 -1.21 -3.19
CA HIS A 46 28.61 -2.39 -4.02
C HIS A 46 29.57 -2.40 -5.21
N LYS A 47 30.29 -3.49 -5.37
CA LYS A 47 31.36 -3.59 -6.35
C LYS A 47 31.16 -4.79 -7.25
N ASN A 48 31.68 -4.67 -8.47
CA ASN A 48 31.70 -5.75 -9.45
C ASN A 48 30.29 -6.25 -9.78
N ILE A 49 29.43 -5.30 -10.15
CA ILE A 49 28.03 -5.61 -10.43
C ILE A 49 27.87 -5.84 -11.94
N ARG A 50 27.68 -7.11 -12.33
CA ARG A 50 27.37 -7.47 -13.71
C ARG A 50 25.94 -7.01 -14.02
N GLU A 51 25.82 -5.88 -14.69
CA GLU A 51 24.52 -5.36 -15.11
C GLU A 51 24.28 -5.74 -16.56
N GLN A 52 23.12 -6.33 -16.83
CA GLN A 52 22.68 -6.65 -18.18
C GLN A 52 21.85 -5.54 -18.80
N GLY A 53 22.10 -4.29 -18.41
CA GLY A 53 21.24 -3.21 -18.79
C GLY A 53 20.00 -3.09 -17.95
N ARG A 54 20.02 -3.65 -16.73
CA ARG A 54 18.84 -3.67 -15.87
C ARG A 54 18.65 -2.39 -15.07
N PHE A 55 19.72 -1.61 -14.88
CA PHE A 55 19.60 -0.34 -14.18
C PHE A 55 18.97 0.75 -15.03
N LEU A 56 18.94 0.58 -16.35
CA LEU A 56 18.26 1.52 -17.23
C LEU A 56 17.14 0.89 -18.05
N GLN A 57 17.01 -0.43 -18.05
CA GLN A 57 15.76 -1.05 -18.49
C GLN A 57 14.61 -0.61 -17.59
N ASP A 58 14.90 -0.23 -16.36
CA ASP A 58 13.97 0.55 -15.55
C ASP A 58 14.31 2.03 -15.70
N VAL A 59 13.99 2.55 -16.88
CA VAL A 59 14.20 3.96 -17.13
C VAL A 59 13.28 4.80 -16.26
N PHE A 60 12.16 4.25 -15.78
CA PHE A 60 11.11 5.08 -15.21
C PHE A 60 11.36 5.39 -13.74
N THR A 61 11.67 4.38 -12.93
CA THR A 61 12.03 4.70 -11.54
C THR A 61 13.41 5.37 -11.50
N THR A 62 14.25 5.12 -12.50
CA THR A 62 15.47 5.90 -12.63
C THR A 62 15.16 7.37 -12.86
N LEU A 63 14.16 7.63 -13.70
CA LEU A 63 13.73 9.00 -14.02
C LEU A 63 12.91 9.63 -12.90
N VAL A 64 12.38 8.82 -11.98
CA VAL A 64 11.76 9.35 -10.77
C VAL A 64 12.84 9.69 -9.74
N ASP A 65 13.83 8.81 -9.59
CA ASP A 65 14.84 9.01 -8.55
C ASP A 65 15.89 10.04 -8.92
N LEU A 66 15.92 10.50 -10.17
CA LEU A 66 16.79 11.62 -10.51
C LEU A 66 16.38 12.83 -9.68
N LYS A 67 17.35 13.42 -8.98
CA LYS A 67 17.06 14.54 -8.11
C LYS A 67 16.33 15.65 -8.88
N TRP A 68 15.53 16.42 -8.15
CA TRP A 68 14.68 17.44 -8.76
C TRP A 68 15.38 18.34 -9.76
N PRO A 69 16.63 18.78 -9.56
CA PRO A 69 17.32 19.49 -10.64
C PRO A 69 17.58 18.60 -11.85
N HIS A 70 18.02 17.36 -11.60
CA HIS A 70 18.24 16.45 -12.71
C HIS A 70 16.94 16.17 -13.45
N THR A 71 15.84 16.02 -12.72
CA THR A 71 14.56 15.79 -13.38
C THR A 71 14.14 17.01 -14.19
N LEU A 72 14.41 18.20 -13.68
CA LEU A 72 14.16 19.41 -14.45
C LEU A 72 14.92 19.36 -15.76
N LEU A 73 16.22 19.06 -15.69
CA LEU A 73 17.03 19.09 -16.90
C LEU A 73 16.59 18.01 -17.89
N ILE A 74 16.19 16.83 -17.42
CA ILE A 74 15.72 15.80 -18.33
C ILE A 74 14.43 16.24 -19.00
N PHE A 75 13.50 16.78 -18.20
CA PHE A 75 12.25 17.36 -18.68
C PHE A 75 12.50 18.34 -19.83
N THR A 76 13.34 19.34 -19.57
CA THR A 76 13.54 20.40 -20.53
C THR A 76 14.31 19.91 -21.76
N MET A 77 15.26 18.99 -21.58
CA MET A 77 15.92 18.39 -22.72
C MET A 77 14.91 17.68 -23.61
N SER A 78 14.06 16.85 -23.01
CA SER A 78 13.11 16.05 -23.80
C SER A 78 12.06 16.93 -24.48
N PHE A 79 11.87 18.17 -24.02
CA PHE A 79 10.98 19.07 -24.78
C PHE A 79 11.73 19.78 -25.88
N LEU A 80 12.87 20.40 -25.54
CA LEU A 80 13.63 21.18 -26.51
C LEU A 80 14.08 20.33 -27.67
N CYS A 81 14.53 19.09 -27.39
CA CYS A 81 14.97 18.20 -28.45
C CYS A 81 13.81 17.81 -29.36
N SER A 82 12.64 17.52 -28.79
CA SER A 82 11.48 17.26 -29.64
C SER A 82 11.15 18.48 -30.52
N TRP A 83 11.11 19.68 -29.93
CA TRP A 83 10.76 20.82 -30.77
C TRP A 83 11.80 20.98 -31.88
N LEU A 84 13.09 20.84 -31.54
CA LEU A 84 14.13 21.01 -32.54
C LEU A 84 14.02 19.96 -33.63
N LEU A 85 13.69 18.72 -33.26
CA LEU A 85 13.46 17.66 -34.22
C LEU A 85 12.32 18.01 -35.19
N PHE A 86 11.13 18.34 -34.66
CA PHE A 86 10.01 18.52 -35.57
C PHE A 86 10.13 19.83 -36.33
N ALA A 87 10.84 20.81 -35.78
CA ALA A 87 11.14 22.02 -36.53
C ALA A 87 12.10 21.70 -37.65
N MET A 88 13.03 20.79 -37.39
CA MET A 88 13.88 20.28 -38.43
C MET A 88 13.03 19.75 -39.57
N VAL A 89 12.13 18.81 -39.26
CA VAL A 89 11.30 18.22 -40.30
C VAL A 89 10.49 19.31 -41.02
N TRP A 90 9.91 20.25 -40.28
CA TRP A 90 9.04 21.23 -40.94
C TRP A 90 9.80 22.08 -41.93
N TRP A 91 10.93 22.64 -41.51
CA TRP A 91 11.77 23.42 -42.42
C TRP A 91 12.20 22.59 -43.61
N LEU A 92 12.54 21.31 -43.37
CA LEU A 92 12.92 20.44 -44.47
C LEU A 92 11.79 20.31 -45.49
N ILE A 93 10.58 19.98 -45.03
CA ILE A 93 9.44 19.84 -45.93
C ILE A 93 9.24 21.13 -46.72
N ALA A 94 9.17 22.25 -46.01
CA ALA A 94 8.89 23.52 -46.69
C ALA A 94 9.99 23.84 -47.69
N PHE A 95 11.23 23.44 -47.41
CA PHE A 95 12.28 23.53 -48.41
C PHE A 95 11.91 22.70 -49.63
N ALA A 96 11.74 21.38 -49.42
CA ALA A 96 11.50 20.46 -50.52
C ALA A 96 10.21 20.78 -51.25
N HIS A 97 9.22 21.33 -50.56
CA HIS A 97 8.01 21.74 -51.26
C HIS A 97 8.19 23.01 -52.08
N GLY A 98 9.40 23.58 -52.08
CA GLY A 98 9.61 24.82 -52.78
C GLY A 98 8.93 26.01 -52.12
N ASP A 99 8.75 25.94 -50.80
CA ASP A 99 8.03 27.00 -50.09
C ASP A 99 8.97 28.06 -49.49
N LEU A 100 10.28 27.88 -49.56
CA LEU A 100 11.20 28.92 -49.12
C LEU A 100 11.70 29.80 -50.27
N ALA A 101 11.31 29.49 -51.49
CA ALA A 101 11.68 30.42 -52.55
C ALA A 101 10.73 31.60 -52.56
N PRO A 102 11.23 32.82 -52.81
CA PRO A 102 10.33 33.95 -53.06
C PRO A 102 9.51 33.73 -54.32
N GLY A 103 8.52 34.61 -54.52
CA GLY A 103 7.49 34.38 -55.50
C GLY A 103 6.25 33.78 -54.86
N GLU A 104 5.75 34.46 -53.84
CA GLU A 104 4.78 33.87 -52.93
C GLU A 104 3.43 33.63 -53.58
N GLY A 105 2.96 34.58 -54.39
CA GLY A 105 1.55 34.60 -54.76
C GLY A 105 1.08 33.45 -55.63
N THR A 106 2.00 32.86 -56.41
CA THR A 106 1.57 31.90 -57.43
C THR A 106 1.16 30.56 -56.82
N ASN A 107 1.96 30.01 -55.90
CA ASN A 107 1.74 28.68 -55.37
C ASN A 107 1.32 28.73 -53.90
N VAL A 108 0.78 27.62 -53.42
CA VAL A 108 0.21 27.51 -52.06
C VAL A 108 1.25 26.87 -51.15
N PRO A 109 1.55 27.46 -49.99
CA PRO A 109 2.51 26.84 -49.08
C PRO A 109 1.96 25.55 -48.49
N CYS A 110 2.85 24.64 -48.15
CA CYS A 110 2.39 23.41 -47.53
C CYS A 110 1.99 23.63 -46.07
N VAL A 111 2.67 24.55 -45.38
CA VAL A 111 2.10 25.24 -44.22
C VAL A 111 2.52 26.71 -44.31
N THR A 112 1.61 27.60 -43.91
CA THR A 112 1.66 28.98 -44.35
C THR A 112 2.77 29.77 -43.66
N SER A 113 3.45 30.59 -44.47
CA SER A 113 4.39 31.61 -44.02
C SER A 113 5.43 31.06 -43.05
N ILE A 114 5.93 29.86 -43.34
CA ILE A 114 7.26 29.46 -42.90
C ILE A 114 8.26 30.20 -43.80
N HIS A 115 9.08 31.05 -43.19
CA HIS A 115 10.07 31.80 -43.93
C HIS A 115 11.49 31.39 -43.62
N SER A 116 11.73 30.76 -42.48
CA SER A 116 13.08 30.44 -42.06
C SER A 116 13.03 29.25 -41.13
N PHE A 117 14.19 28.82 -40.64
CA PHE A 117 14.15 27.86 -39.55
C PHE A 117 13.66 28.51 -38.27
N SER A 118 13.64 29.84 -38.17
CA SER A 118 12.93 30.45 -37.05
C SER A 118 11.44 30.18 -37.17
N SER A 119 10.83 30.53 -38.31
CA SER A 119 9.42 30.25 -38.52
C SER A 119 9.13 28.79 -38.29
N ALA A 120 10.01 27.91 -38.80
CA ALA A 120 9.74 26.48 -38.63
C ALA A 120 9.80 26.10 -37.17
N PHE A 121 10.77 26.66 -36.42
CA PHE A 121 10.88 26.37 -34.99
C PHE A 121 9.67 26.86 -34.20
N LEU A 122 9.16 28.06 -34.53
CA LEU A 122 7.98 28.57 -33.86
C LEU A 122 6.75 27.75 -34.22
N PHE A 123 6.61 27.36 -35.48
CA PHE A 123 5.46 26.56 -35.88
C PHE A 123 5.47 25.22 -35.17
N SER A 124 6.65 24.64 -35.05
CA SER A 124 6.78 23.38 -34.34
C SER A 124 6.44 23.53 -32.88
N ILE A 125 6.94 24.58 -32.23
CA ILE A 125 6.57 24.80 -30.83
C ILE A 125 5.06 24.93 -30.70
N GLU A 126 4.46 25.82 -31.50
CA GLU A 126 3.03 26.06 -31.43
C GLU A 126 2.20 24.79 -31.60
N VAL A 127 2.66 23.83 -32.43
CA VAL A 127 1.90 22.58 -32.59
C VAL A 127 2.29 21.48 -31.59
N GLN A 128 3.43 21.58 -30.95
CA GLN A 128 3.68 20.59 -29.92
C GLN A 128 3.07 21.02 -28.60
N VAL A 129 3.15 22.31 -28.31
CA VAL A 129 2.66 22.81 -27.03
C VAL A 129 1.26 23.36 -27.26
N THR A 130 0.76 23.17 -28.49
CA THR A 130 -0.63 23.45 -28.84
C THR A 130 -1.02 24.90 -28.63
N ILE A 131 -0.10 25.85 -28.55
CA ILE A 131 -0.59 27.24 -28.55
C ILE A 131 -1.15 27.57 -29.92
N GLY A 132 -0.37 27.27 -30.96
CA GLY A 132 -0.81 27.40 -32.32
C GLY A 132 -1.37 28.77 -32.58
N PHE A 133 -0.55 29.80 -32.59
CA PHE A 133 -1.14 31.10 -32.85
C PHE A 133 -1.88 31.12 -34.17
N GLY A 134 -1.58 30.21 -35.09
CA GLY A 134 -2.29 30.19 -36.35
C GLY A 134 -1.77 31.14 -37.39
N GLY A 135 -0.75 31.94 -37.08
CA GLY A 135 -0.07 32.70 -38.12
C GLY A 135 0.60 31.80 -39.15
N ARG A 136 1.07 30.62 -38.72
CA ARG A 136 1.70 29.62 -39.61
C ARG A 136 0.93 28.31 -39.41
N MET A 137 -0.17 28.16 -40.12
CA MET A 137 -1.03 27.00 -39.95
C MET A 137 -0.82 26.04 -41.09
N VAL A 138 -0.96 24.74 -40.80
CA VAL A 138 -0.84 23.76 -41.86
C VAL A 138 -2.05 23.88 -42.76
N THR A 139 -1.83 23.73 -44.06
CA THR A 139 -2.93 23.82 -45.02
C THR A 139 -3.20 22.48 -45.67
N GLU A 140 -4.34 22.39 -46.33
CA GLU A 140 -4.82 21.17 -46.94
C GLU A 140 -3.95 20.67 -48.15
N GLU A 141 -2.85 21.38 -48.38
CA GLU A 141 -2.15 21.32 -49.67
C GLU A 141 -1.36 20.02 -49.90
N CYS A 142 -0.45 19.64 -49.00
CA CYS A 142 0.50 18.54 -49.25
C CYS A 142 0.50 17.53 -48.10
N PRO A 143 0.20 16.24 -48.35
CA PRO A 143 -0.04 15.29 -47.25
C PRO A 143 1.12 15.02 -46.32
N LEU A 144 2.34 14.84 -46.81
CA LEU A 144 3.39 14.53 -45.85
C LEU A 144 3.42 15.53 -44.69
N ALA A 145 2.99 16.78 -44.91
CA ALA A 145 2.82 17.64 -43.74
C ALA A 145 1.69 17.16 -42.86
N ILE A 146 0.58 16.75 -43.45
CA ILE A 146 -0.51 16.24 -42.64
C ILE A 146 0.00 15.08 -41.79
N LEU A 147 0.70 14.15 -42.41
CA LEU A 147 1.22 12.98 -41.71
C LEU A 147 2.21 13.37 -40.63
N ILE A 148 3.06 14.35 -40.91
CA ILE A 148 4.03 14.79 -39.93
C ILE A 148 3.34 15.46 -38.76
N LEU A 149 2.26 16.20 -39.02
CA LEU A 149 1.57 16.90 -37.95
C LEU A 149 0.78 15.91 -37.08
N ILE A 150 0.28 14.83 -37.68
CA ILE A 150 -0.24 13.70 -36.90
C ILE A 150 0.83 13.15 -35.98
N VAL A 151 1.98 12.81 -36.56
CA VAL A 151 3.11 12.27 -35.81
C VAL A 151 3.52 13.24 -34.70
N GLN A 152 3.52 14.54 -34.98
CA GLN A 152 3.99 15.51 -34.01
C GLN A 152 3.03 15.61 -32.83
N ASN A 153 1.73 15.66 -33.12
CA ASN A 153 0.73 15.62 -32.06
C ASN A 153 0.83 14.33 -31.25
N ILE A 154 1.00 13.19 -31.91
CA ILE A 154 0.94 11.95 -31.14
C ILE A 154 2.17 11.80 -30.26
N VAL A 155 3.36 12.09 -30.80
CA VAL A 155 4.54 11.97 -29.94
C VAL A 155 4.49 13.04 -28.84
N GLY A 156 3.93 14.24 -29.14
CA GLY A 156 3.79 15.24 -28.08
C GLY A 156 2.92 14.73 -26.95
N LEU A 157 1.73 14.22 -27.28
CA LEU A 157 0.86 13.63 -26.27
C LEU A 157 1.60 12.57 -25.49
N MET A 158 2.36 11.72 -26.19
CA MET A 158 3.01 10.59 -25.55
C MET A 158 4.06 11.04 -24.54
N ILE A 159 5.02 11.86 -24.98
CA ILE A 159 6.05 12.33 -24.06
C ILE A 159 5.45 13.20 -22.97
N ASN A 160 4.41 13.96 -23.26
CA ASN A 160 3.82 14.83 -22.25
C ASN A 160 3.20 14.01 -21.14
N ALA A 161 2.43 13.00 -21.50
CA ALA A 161 1.84 12.12 -20.50
C ALA A 161 2.91 11.34 -19.75
N ILE A 162 3.98 10.97 -20.44
CA ILE A 162 5.10 10.28 -19.77
C ILE A 162 5.69 11.16 -18.69
N MET A 163 5.92 12.45 -19.00
CA MET A 163 6.54 13.33 -18.03
C MET A 163 5.56 13.71 -16.92
N LEU A 164 4.32 14.05 -17.28
CA LEU A 164 3.28 14.22 -16.26
C LEU A 164 3.33 13.09 -15.25
N GLY A 165 3.22 11.84 -15.72
CA GLY A 165 3.15 10.73 -14.81
C GLY A 165 4.41 10.53 -13.99
N CYS A 166 5.57 10.69 -14.62
CA CYS A 166 6.82 10.53 -13.87
C CYS A 166 6.92 11.57 -12.76
N ILE A 167 6.52 12.81 -13.04
CA ILE A 167 6.62 13.83 -11.98
C ILE A 167 5.39 13.86 -11.08
N PHE A 168 4.35 13.08 -11.37
CA PHE A 168 3.36 12.81 -10.33
C PHE A 168 3.93 11.82 -9.34
N MET A 169 4.47 10.71 -9.84
CA MET A 169 5.24 9.78 -9.03
C MET A 169 6.33 10.47 -8.24
N LYS A 170 6.89 11.54 -8.79
CA LYS A 170 7.91 12.31 -8.09
C LYS A 170 7.31 13.36 -7.16
N THR A 171 6.07 13.76 -7.37
CA THR A 171 5.41 14.61 -6.38
C THR A 171 5.00 13.79 -5.16
N ALA A 172 4.76 12.49 -5.33
CA ALA A 172 4.39 11.59 -4.25
C ALA A 172 5.58 10.86 -3.65
N GLN A 173 6.79 11.39 -3.79
CA GLN A 173 7.95 10.81 -3.11
C GLN A 173 7.96 11.26 -1.66
N ALA A 174 8.15 10.31 -0.74
CA ALA A 174 8.04 10.56 0.69
C ALA A 174 9.38 10.40 1.41
N HIS A 175 10.45 10.90 0.79
CA HIS A 175 11.77 10.86 1.42
C HIS A 175 11.93 11.97 2.45
N ARG A 176 11.37 13.14 2.17
CA ARG A 176 11.44 14.28 3.07
C ARG A 176 10.54 14.14 4.28
N ARG A 177 9.66 13.14 4.29
CA ARG A 177 8.84 12.85 5.46
C ARG A 177 9.60 12.01 6.48
N ALA A 178 10.38 11.04 6.02
CA ALA A 178 11.26 10.29 6.90
C ALA A 178 12.44 11.11 7.40
N GLU A 179 12.58 12.36 6.94
CA GLU A 179 13.60 13.25 7.44
C GLU A 179 13.21 13.90 8.75
N THR A 180 11.95 13.76 9.17
CA THR A 180 11.44 14.38 10.38
C THR A 180 10.93 13.35 11.39
N LEU A 181 11.14 12.06 11.13
CA LEU A 181 11.03 11.03 12.15
C LEU A 181 12.40 10.86 12.78
N ILE A 182 12.54 11.18 14.06
CA ILE A 182 13.85 11.33 14.66
C ILE A 182 14.04 10.29 15.76
N PHE A 183 15.29 9.83 15.90
CA PHE A 183 15.69 8.92 16.96
C PHE A 183 16.66 9.63 17.90
N SER A 184 16.62 9.24 19.17
CA SER A 184 17.55 9.78 20.15
C SER A 184 18.98 9.40 19.76
N LYS A 185 19.89 10.36 19.87
CA LYS A 185 21.26 10.11 19.45
C LYS A 185 21.94 9.06 20.31
N HIS A 186 21.52 8.92 21.57
CA HIS A 186 22.09 7.96 22.49
C HIS A 186 21.04 6.94 22.90
N ALA A 187 21.36 5.66 22.75
CA ALA A 187 20.55 4.58 23.30
C ALA A 187 21.15 4.16 24.64
N VAL A 188 20.29 3.79 25.59
CA VAL A 188 20.72 3.53 26.96
C VAL A 188 20.26 2.16 27.40
N ILE A 189 21.08 1.47 28.17
CA ILE A 189 20.73 0.19 28.79
C ILE A 189 20.47 0.46 30.27
N THR A 190 19.25 0.15 30.72
CA THR A 190 18.85 0.43 32.09
C THR A 190 18.09 -0.76 32.65
N LEU A 191 18.02 -0.81 33.98
CA LEU A 191 17.29 -1.87 34.66
C LEU A 191 15.81 -1.48 34.71
N ARG A 192 14.97 -2.22 34.00
CA ARG A 192 13.53 -2.01 34.01
C ARG A 192 12.86 -3.30 34.47
N HIS A 193 12.03 -3.19 35.50
CA HIS A 193 11.29 -4.32 36.06
C HIS A 193 12.22 -5.50 36.35
N GLY A 194 13.38 -5.21 36.92
CA GLY A 194 14.33 -6.23 37.31
C GLY A 194 15.13 -6.84 36.19
N ARG A 195 14.96 -6.38 34.95
CA ARG A 195 15.68 -6.96 33.82
C ARG A 195 16.39 -5.86 33.04
N LEU A 196 17.54 -6.20 32.47
CA LEU A 196 18.27 -5.25 31.63
C LEU A 196 17.50 -5.01 30.33
N CYS A 197 17.25 -3.74 30.02
CA CYS A 197 16.51 -3.36 28.82
C CYS A 197 17.29 -2.30 28.05
N PHE A 198 17.34 -2.49 26.72
CA PHE A 198 18.02 -1.58 25.81
C PHE A 198 16.98 -0.68 25.17
N MET A 199 17.07 0.62 25.41
CA MET A 199 16.05 1.56 24.98
C MET A 199 16.63 2.66 24.10
N LEU A 200 15.80 3.11 23.16
CA LEU A 200 15.99 4.34 22.42
C LEU A 200 14.70 5.14 22.53
N ARG A 201 14.69 6.35 21.99
CA ARG A 201 13.48 7.15 21.97
C ARG A 201 13.28 7.69 20.56
N VAL A 202 12.06 7.61 20.06
CA VAL A 202 11.74 8.12 18.72
C VAL A 202 10.63 9.14 18.82
N GLY A 203 10.55 10.00 17.81
CA GLY A 203 9.59 11.07 17.76
C GLY A 203 9.13 11.44 16.36
N ASP A 204 7.83 11.73 16.24
CA ASP A 204 7.21 12.14 14.98
C ASP A 204 6.88 13.62 15.10
N LEU A 205 7.63 14.45 14.37
CA LEU A 205 7.53 15.90 14.56
C LEU A 205 6.20 16.44 14.04
N ARG A 206 5.69 15.87 12.94
CA ARG A 206 4.52 16.42 12.26
C ARG A 206 3.22 15.93 12.88
N LYS A 207 2.12 16.60 12.51
CA LYS A 207 0.81 16.18 12.95
C LYS A 207 0.33 14.94 12.19
N SER A 208 0.83 14.73 10.97
CA SER A 208 0.43 13.58 10.18
C SER A 208 0.83 12.29 10.87
N MET A 209 -0.16 11.45 11.21
CA MET A 209 0.10 10.16 11.83
C MET A 209 0.63 9.22 10.77
N ILE A 210 1.90 8.84 10.87
CA ILE A 210 2.45 7.88 9.91
C ILE A 210 1.81 6.53 10.23
N ILE A 211 0.77 6.19 9.47
CA ILE A 211 -0.16 5.12 9.86
C ILE A 211 0.57 3.78 9.90
N SER A 212 0.11 2.91 10.81
CA SER A 212 0.61 1.54 10.97
C SER A 212 2.13 1.50 11.03
N ALA A 213 2.67 2.19 12.03
CA ALA A 213 4.13 2.21 12.21
C ALA A 213 4.59 0.87 12.77
N THR A 214 5.67 0.33 12.20
CA THR A 214 6.24 -0.94 12.63
C THR A 214 7.75 -0.80 12.71
N ILE A 215 8.34 -1.29 13.80
CA ILE A 215 9.77 -1.10 14.06
C ILE A 215 10.48 -2.44 14.07
N HIS A 216 11.58 -2.53 13.31
CA HIS A 216 12.44 -3.70 13.28
C HIS A 216 13.84 -3.29 13.73
N MET A 217 14.37 -4.01 14.71
CA MET A 217 15.71 -3.76 15.23
C MET A 217 16.57 -4.99 15.02
N GLN A 218 17.81 -4.79 14.56
CA GLN A 218 18.72 -5.89 14.30
C GLN A 218 20.09 -5.54 14.86
N VAL A 219 20.70 -6.51 15.53
CA VAL A 219 22.04 -6.35 16.07
C VAL A 219 23.02 -6.82 14.99
N VAL A 220 23.59 -5.86 14.26
CA VAL A 220 24.57 -6.14 13.22
C VAL A 220 25.93 -6.34 13.88
N ARG A 221 26.45 -7.56 13.80
CA ARG A 221 27.69 -7.93 14.46
C ARG A 221 28.24 -9.17 13.75
N LYS A 222 29.56 -9.23 13.64
CA LYS A 222 30.19 -10.37 12.98
C LYS A 222 30.04 -11.62 13.83
N THR A 223 29.46 -12.66 13.25
CA THR A 223 29.10 -13.89 13.96
C THR A 223 29.94 -15.04 13.44
N THR A 224 30.61 -15.74 14.36
CA THR A 224 31.39 -16.92 14.05
C THR A 224 30.58 -18.16 14.41
N SER A 225 30.44 -19.08 13.45
CA SER A 225 29.61 -20.25 13.72
C SER A 225 30.42 -21.38 14.35
N PRO A 226 29.81 -22.17 15.23
CA PRO A 226 30.52 -23.33 15.79
C PRO A 226 30.95 -24.35 14.75
N GLU A 227 30.29 -24.41 13.61
CA GLU A 227 30.67 -25.29 12.52
C GLU A 227 31.72 -24.67 11.60
N GLY A 228 32.13 -23.43 11.87
CA GLY A 228 33.22 -22.81 11.13
C GLY A 228 32.78 -21.90 10.00
N GLU A 229 31.77 -21.08 10.24
CA GLU A 229 31.30 -20.12 9.24
C GLU A 229 31.23 -18.73 9.87
N VAL A 230 31.97 -17.79 9.29
CA VAL A 230 32.02 -16.42 9.78
C VAL A 230 31.43 -15.52 8.71
N VAL A 231 30.32 -14.87 9.04
CA VAL A 231 29.64 -13.96 8.11
C VAL A 231 29.93 -12.52 8.55
N PRO A 232 30.25 -11.61 7.62
CA PRO A 232 30.89 -10.35 8.00
C PRO A 232 29.93 -9.25 8.44
N LEU A 233 28.65 -9.32 8.10
CA LEU A 233 27.67 -8.31 8.50
C LEU A 233 26.39 -9.00 8.94
N HIS A 234 26.52 -10.04 9.76
CA HIS A 234 25.37 -10.82 10.19
C HIS A 234 24.33 -9.93 10.88
N GLN A 235 23.06 -10.15 10.55
CA GLN A 235 21.97 -9.37 11.10
C GLN A 235 21.02 -10.30 11.85
N VAL A 236 20.92 -10.14 13.16
CA VAL A 236 20.03 -10.93 14.01
C VAL A 236 18.93 -9.98 14.50
N ASP A 237 17.68 -10.32 14.17
CA ASP A 237 16.56 -9.51 14.61
C ASP A 237 16.36 -9.69 16.11
N ILE A 238 16.22 -8.59 16.84
CA ILE A 238 15.98 -8.61 18.27
C ILE A 238 14.52 -8.22 18.51
N PRO A 239 13.78 -8.97 19.32
CA PRO A 239 12.32 -8.74 19.43
C PRO A 239 12.01 -7.50 20.24
N MET A 240 11.18 -6.62 19.68
CA MET A 240 10.71 -5.45 20.42
C MET A 240 9.68 -5.87 21.46
N GLU A 241 9.84 -5.38 22.68
CA GLU A 241 8.98 -5.79 23.77
C GLU A 241 7.63 -5.08 23.68
N ASN A 242 6.57 -5.87 23.48
CA ASN A 242 5.21 -5.36 23.44
C ASN A 242 4.31 -6.30 24.23
N GLY A 243 3.24 -5.74 24.80
CA GLY A 243 2.26 -6.57 25.49
C GLY A 243 1.51 -7.47 24.55
N VAL A 244 1.30 -7.04 23.31
CA VAL A 244 0.64 -7.85 22.30
C VAL A 244 1.61 -8.82 21.62
N GLY A 245 2.90 -8.65 21.83
CA GLY A 245 3.87 -9.52 21.20
C GLY A 245 4.09 -9.22 19.72
N GLY A 246 4.11 -7.94 19.35
CA GLY A 246 4.31 -7.56 17.97
C GLY A 246 5.34 -6.47 17.81
N ASN A 247 5.45 -5.92 16.60
CA ASN A 247 6.37 -4.83 16.29
C ASN A 247 5.56 -3.69 15.67
N GLY A 248 4.98 -2.85 16.50
CA GLY A 248 4.16 -1.76 16.02
C GLY A 248 3.88 -0.73 17.09
N ILE A 249 3.91 0.55 16.74
CA ILE A 249 3.76 1.62 17.71
C ILE A 249 2.72 2.62 17.21
N PHE A 250 2.04 3.25 18.17
CA PHE A 250 1.21 4.41 17.89
C PHE A 250 2.07 5.64 18.22
N LEU A 251 2.54 6.32 17.17
CA LEU A 251 3.55 7.37 17.30
C LEU A 251 2.89 8.72 17.09
N VAL A 252 2.58 9.40 18.19
CA VAL A 252 2.25 10.82 18.20
C VAL A 252 3.14 11.60 19.16
N ALA A 253 3.19 11.16 20.43
CA ALA A 253 4.16 11.69 21.38
C ALA A 253 5.41 10.83 21.38
N PRO A 254 6.60 11.43 21.50
CA PRO A 254 7.84 10.66 21.42
C PRO A 254 7.88 9.56 22.47
N LEU A 255 8.17 8.34 22.03
CA LEU A 255 8.06 7.18 22.89
C LEU A 255 9.37 6.41 22.94
N ILE A 256 9.50 5.62 24.01
CA ILE A 256 10.70 4.84 24.26
C ILE A 256 10.48 3.44 23.72
N ILE A 257 11.32 3.04 22.76
CA ILE A 257 11.33 1.69 22.23
C ILE A 257 12.42 0.92 22.97
N TYR A 258 12.02 -0.09 23.74
CA TYR A 258 12.97 -0.85 24.53
C TYR A 258 12.83 -2.33 24.23
N HIS A 259 13.94 -3.04 24.40
CA HIS A 259 14.05 -4.47 24.16
C HIS A 259 14.57 -5.15 25.42
N VAL A 260 13.85 -6.18 25.85
CA VAL A 260 14.24 -6.96 27.04
C VAL A 260 15.34 -7.92 26.65
N ILE A 261 16.44 -7.91 27.40
CA ILE A 261 17.64 -8.66 27.05
C ILE A 261 17.74 -9.90 27.93
N ASP A 262 16.58 -10.43 28.34
CA ASP A 262 16.54 -11.55 29.27
C ASP A 262 17.39 -12.73 28.78
N SER A 263 17.06 -13.29 27.63
CA SER A 263 17.77 -14.46 27.11
C SER A 263 17.32 -14.70 25.66
N ASN A 264 17.85 -15.78 25.08
CA ASN A 264 17.48 -16.27 23.75
C ASN A 264 17.47 -15.15 22.70
N SER A 265 18.25 -14.11 22.93
CA SER A 265 18.37 -13.00 22.00
C SER A 265 19.76 -12.40 22.16
N PRO A 266 20.28 -11.73 21.12
CA PRO A 266 21.62 -11.12 21.25
C PRO A 266 21.69 -10.10 22.37
N LEU A 267 22.89 -9.58 22.62
CA LEU A 267 23.22 -8.69 23.73
C LEU A 267 23.12 -9.39 25.08
N TYR A 268 22.96 -10.71 25.10
CA TYR A 268 22.88 -11.43 26.36
C TYR A 268 24.18 -11.32 27.14
N ASP A 269 25.31 -11.29 26.43
CA ASP A 269 26.63 -11.25 27.06
C ASP A 269 27.29 -9.88 26.92
N LEU A 270 26.48 -8.82 26.91
CA LEU A 270 26.99 -7.46 26.71
C LEU A 270 27.42 -6.90 28.05
N ALA A 271 28.72 -7.01 28.34
CA ALA A 271 29.28 -6.41 29.53
C ALA A 271 29.41 -4.90 29.38
N PRO A 272 29.27 -4.14 30.47
CA PRO A 272 29.42 -2.67 30.37
C PRO A 272 30.79 -2.23 29.93
N SER A 273 31.78 -3.13 29.92
CA SER A 273 33.13 -2.77 29.49
C SER A 273 33.27 -2.83 27.97
N ASP A 274 32.51 -3.68 27.29
CA ASP A 274 32.61 -3.86 25.86
C ASP A 274 31.96 -2.73 25.06
N LEU A 275 31.53 -1.66 25.72
CA LEU A 275 30.89 -0.53 25.05
C LEU A 275 31.92 0.58 24.84
N HIS A 276 32.79 0.37 23.86
CA HIS A 276 33.75 1.40 23.44
C HIS A 276 33.68 1.50 21.92
N HIS A 277 34.53 2.37 21.36
CA HIS A 277 34.41 2.73 19.95
C HIS A 277 34.68 1.53 19.04
N HIS A 278 35.85 0.90 19.19
CA HIS A 278 36.27 -0.13 18.24
C HIS A 278 35.69 -1.51 18.53
N GLN A 279 34.64 -1.59 19.33
CA GLN A 279 33.94 -2.85 19.53
C GLN A 279 33.07 -3.16 18.33
N ASP A 280 33.20 -4.37 17.79
CA ASP A 280 32.35 -4.78 16.67
C ASP A 280 30.96 -5.06 17.19
N LEU A 281 30.12 -4.02 17.22
CA LEU A 281 28.73 -4.17 17.68
C LEU A 281 27.95 -2.98 17.17
N GLU A 282 26.90 -3.24 16.41
CA GLU A 282 26.02 -2.17 15.96
C GLU A 282 24.57 -2.63 16.13
N ILE A 283 23.67 -1.67 16.33
CA ILE A 283 22.24 -1.95 16.38
C ILE A 283 21.55 -0.99 15.41
N ILE A 284 20.93 -1.55 14.37
CA ILE A 284 20.16 -0.78 13.40
C ILE A 284 18.69 -0.86 13.80
N VAL A 285 17.98 0.26 13.65
CA VAL A 285 16.53 0.29 13.85
C VAL A 285 15.91 0.90 12.60
N ILE A 286 14.75 0.38 12.22
CA ILE A 286 14.11 0.65 10.93
C ILE A 286 12.61 0.68 11.19
N LEU A 287 11.99 1.85 11.06
CA LEU A 287 10.56 1.94 11.27
C LEU A 287 9.89 2.31 9.95
N GLU A 288 8.88 1.53 9.58
CA GLU A 288 8.19 1.66 8.30
C GLU A 288 6.71 1.89 8.55
N GLY A 289 6.10 2.70 7.69
CA GLY A 289 4.68 2.97 7.80
C GLY A 289 4.22 3.89 6.69
N VAL A 290 2.95 3.84 6.32
CA VAL A 290 2.44 4.74 5.29
C VAL A 290 2.23 6.12 5.88
N VAL A 291 2.58 7.15 5.13
CA VAL A 291 2.25 8.50 5.55
C VAL A 291 0.74 8.67 5.46
N GLU A 292 0.18 9.48 6.37
CA GLU A 292 -1.27 9.57 6.41
C GLU A 292 -1.84 10.28 5.19
N THR A 293 -1.06 11.14 4.55
CA THR A 293 -1.62 12.06 3.57
C THR A 293 -1.48 11.54 2.14
N THR A 294 -0.25 11.31 1.67
CA THR A 294 -0.06 10.76 0.34
C THR A 294 -0.23 9.24 0.32
N GLY A 295 -0.50 8.62 1.47
CA GLY A 295 -0.81 7.20 1.51
C GLY A 295 0.25 6.33 0.89
N ILE A 296 1.52 6.62 1.17
CA ILE A 296 2.65 5.88 0.62
C ILE A 296 3.55 5.43 1.77
N THR A 297 3.94 4.16 1.73
CA THR A 297 4.84 3.63 2.75
C THR A 297 6.19 4.33 2.71
N THR A 298 6.73 4.63 3.88
CA THR A 298 8.06 5.19 4.00
C THR A 298 8.79 4.47 5.14
N GLN A 299 10.06 4.82 5.31
CA GLN A 299 10.94 4.12 6.24
C GLN A 299 12.01 5.07 6.74
N ALA A 300 12.17 5.12 8.06
CA ALA A 300 13.20 5.91 8.72
C ALA A 300 14.08 4.96 9.51
N ARG A 301 15.39 5.08 9.35
CA ARG A 301 16.29 4.14 10.00
C ARG A 301 17.48 4.88 10.61
N THR A 302 18.06 4.26 11.64
CA THR A 302 19.24 4.81 12.31
C THR A 302 20.04 3.66 12.92
N SER A 303 21.26 3.98 13.37
CA SER A 303 22.17 2.98 13.91
C SER A 303 22.92 3.50 15.13
N TYR A 304 23.13 2.61 16.09
CA TYR A 304 23.94 2.89 17.28
C TYR A 304 25.16 1.98 17.27
N LEU A 305 26.34 2.59 17.26
CA LEU A 305 27.56 1.84 17.47
C LEU A 305 27.77 1.60 18.97
N ALA A 306 28.78 0.79 19.29
CA ALA A 306 29.01 0.42 20.68
C ALA A 306 29.32 1.63 21.56
N ASP A 307 29.81 2.72 20.98
CA ASP A 307 30.06 3.92 21.77
C ASP A 307 28.83 4.81 21.89
N GLU A 308 27.94 4.77 20.89
CA GLU A 308 26.73 5.57 20.95
C GLU A 308 25.84 5.10 22.09
N ILE A 309 25.82 3.81 22.38
CA ILE A 309 24.94 3.24 23.39
C ILE A 309 25.57 3.46 24.76
N LEU A 310 24.85 4.15 25.64
CA LEU A 310 25.32 4.44 26.98
C LEU A 310 24.80 3.40 27.98
N TRP A 311 25.52 3.26 29.08
CA TRP A 311 25.18 2.29 30.12
C TRP A 311 24.75 3.02 31.38
N GLY A 312 23.71 2.49 32.03
CA GLY A 312 23.29 3.03 33.31
C GLY A 312 22.59 4.37 33.23
N GLN A 313 22.02 4.71 32.09
CA GLN A 313 21.26 5.94 31.92
C GLN A 313 19.79 5.60 31.68
N ARG A 314 18.93 6.58 31.93
CA ARG A 314 17.51 6.44 31.65
C ARG A 314 17.00 7.73 31.03
N PHE A 315 16.09 7.60 30.07
CA PHE A 315 15.61 8.76 29.34
C PHE A 315 14.80 9.69 30.25
N VAL A 316 15.10 10.98 30.18
CA VAL A 316 14.38 11.97 30.99
C VAL A 316 12.94 12.08 30.49
N PRO A 317 11.94 12.19 31.37
CA PRO A 317 10.56 12.36 30.92
C PRO A 317 10.38 13.59 30.05
N ILE A 318 9.43 13.50 29.11
CA ILE A 318 9.21 14.50 28.09
C ILE A 318 7.81 15.08 28.15
N VAL A 319 6.79 14.23 28.19
CA VAL A 319 5.42 14.69 28.27
C VAL A 319 5.19 15.39 29.61
N ALA A 320 4.48 16.51 29.57
CA ALA A 320 4.09 17.23 30.78
C ALA A 320 2.69 17.77 30.55
N GLU A 321 1.82 17.59 31.54
CA GLU A 321 0.45 18.07 31.43
C GLU A 321 0.44 19.59 31.56
N GLU A 322 0.24 20.28 30.44
CA GLU A 322 0.21 21.74 30.41
C GLU A 322 -1.20 22.23 30.73
N ASP A 323 -1.49 23.49 30.40
CA ASP A 323 -2.77 24.13 30.65
C ASP A 323 -3.96 23.21 30.44
N GLY A 324 -4.09 22.62 29.26
CA GLY A 324 -5.19 21.71 29.00
C GLY A 324 -4.85 20.56 28.07
N ARG A 325 -3.56 20.35 27.81
CA ARG A 325 -3.12 19.36 26.84
C ARG A 325 -1.89 18.64 27.38
N TYR A 326 -1.37 17.70 26.59
CA TYR A 326 -0.16 16.96 26.94
C TYR A 326 0.99 17.56 26.16
N SER A 327 1.61 18.60 26.72
CA SER A 327 2.68 19.29 26.02
C SER A 327 3.95 18.44 26.04
N VAL A 328 4.50 18.18 24.86
CA VAL A 328 5.73 17.43 24.71
C VAL A 328 6.87 18.42 24.49
N ASP A 329 7.90 18.34 25.33
CA ASP A 329 9.07 19.22 25.25
C ASP A 329 10.20 18.48 24.54
N TYR A 330 10.51 18.90 23.32
CA TYR A 330 11.55 18.24 22.54
C TYR A 330 12.96 18.71 22.89
N SER A 331 13.09 19.68 23.80
CA SER A 331 14.42 20.11 24.22
C SER A 331 15.16 18.99 24.95
N LYS A 332 14.47 18.28 25.83
CA LYS A 332 15.06 17.21 26.60
C LYS A 332 14.97 15.86 25.89
N PHE A 333 14.88 15.87 24.55
CA PHE A 333 14.58 14.65 23.81
C PHE A 333 15.61 13.55 24.09
N GLY A 334 16.90 13.87 23.99
CA GLY A 334 17.93 12.87 24.17
C GLY A 334 18.88 13.11 25.32
N ASN A 335 18.35 13.54 26.47
CA ASN A 335 19.21 13.95 27.57
C ASN A 335 19.74 12.78 28.39
N THR A 336 18.90 11.77 28.66
CA THR A 336 19.34 10.49 29.22
C THR A 336 20.09 10.66 30.55
N ILE A 337 19.33 11.08 31.56
CA ILE A 337 19.86 11.13 32.92
C ILE A 337 20.37 9.76 33.36
N LYS A 338 21.44 9.75 34.17
CA LYS A 338 22.04 8.51 34.65
C LYS A 338 21.40 8.08 35.97
N VAL A 339 21.38 6.77 36.18
CA VAL A 339 20.72 6.19 37.35
C VAL A 339 21.49 4.95 37.78
N PRO A 340 21.66 4.71 39.08
CA PRO A 340 22.43 3.53 39.53
C PRO A 340 21.83 2.22 39.04
N THR A 341 22.59 1.53 38.19
CA THR A 341 22.24 0.22 37.66
C THR A 341 23.40 -0.75 37.93
N PRO A 342 23.10 -2.03 38.12
CA PRO A 342 24.17 -3.02 38.34
C PRO A 342 25.02 -3.23 37.08
N LEU A 343 26.28 -2.77 37.11
CA LEU A 343 27.14 -2.84 35.93
C LEU A 343 27.75 -4.23 35.84
N CYS A 344 27.12 -5.08 35.02
CA CYS A 344 27.56 -6.44 34.74
C CYS A 344 26.69 -6.94 33.58
N THR A 345 27.02 -8.13 33.08
CA THR A 345 26.25 -8.68 31.98
C THR A 345 24.92 -9.23 32.47
N ALA A 346 23.96 -9.33 31.55
CA ALA A 346 22.62 -9.81 31.91
C ALA A 346 22.64 -11.29 32.31
N ARG A 347 23.54 -12.08 31.72
CA ARG A 347 23.71 -13.46 32.14
C ARG A 347 24.13 -13.54 33.61
N GLN A 348 25.07 -12.68 34.02
CA GLN A 348 25.44 -12.62 35.42
C GLN A 348 24.30 -12.11 36.29
N LEU A 349 23.42 -11.27 35.74
CA LEU A 349 22.25 -10.82 36.50
C LEU A 349 21.32 -12.00 36.78
N ASP A 350 21.05 -12.82 35.76
CA ASP A 350 20.23 -14.01 35.97
C ASP A 350 20.89 -14.99 36.91
N GLU A 351 22.21 -15.16 36.81
CA GLU A 351 22.93 -16.05 37.72
C GLU A 351 22.83 -15.55 39.16
N ASP A 352 22.95 -14.25 39.38
CA ASP A 352 22.83 -13.70 40.72
C ASP A 352 21.42 -13.87 41.27
N ARG A 353 20.40 -13.69 40.42
CA ARG A 353 19.04 -13.93 40.87
C ARG A 353 18.85 -15.40 41.26
N SER A 354 19.39 -16.32 40.46
CA SER A 354 19.28 -17.73 40.77
C SER A 354 20.00 -18.09 42.06
N LEU A 355 21.15 -17.45 42.31
CA LEU A 355 21.90 -17.74 43.53
C LEU A 355 21.21 -17.15 44.76
N LEU A 356 20.63 -15.96 44.63
CA LEU A 356 19.88 -15.39 45.75
C LEU A 356 18.61 -16.19 46.03
N ASP A 357 17.99 -16.78 45.00
CA ASP A 357 16.80 -17.59 45.22
C ASP A 357 17.15 -18.88 45.96
N ALA A 358 18.25 -19.53 45.58
CA ALA A 358 18.68 -20.75 46.24
C ALA A 358 20.17 -20.72 46.55
N PRO B 2 20.67 37.70 -43.45
CA PRO B 2 21.24 37.29 -42.17
C PRO B 2 21.09 35.80 -41.89
N LEU B 3 22.20 35.06 -41.94
CA LEU B 3 22.26 33.65 -41.57
C LEU B 3 21.22 32.82 -42.32
N ALA B 4 21.41 32.74 -43.64
CA ALA B 4 20.62 31.84 -44.47
C ALA B 4 21.41 30.56 -44.72
N PHE B 5 20.70 29.42 -44.66
CA PHE B 5 21.34 28.13 -44.90
C PHE B 5 21.96 28.08 -46.29
N CYS B 6 21.17 28.20 -47.32
CA CYS B 6 21.73 28.43 -48.64
C CYS B 6 21.79 29.94 -48.79
N GLY B 7 22.99 30.50 -48.56
CA GLY B 7 23.18 31.93 -48.44
C GLY B 7 22.38 32.75 -49.42
N THR B 8 21.83 33.87 -48.96
CA THR B 8 20.94 34.68 -49.80
C THR B 8 21.66 35.20 -51.05
N GLU B 9 21.29 34.65 -52.21
CA GLU B 9 21.91 35.02 -53.47
C GLU B 9 20.85 35.10 -54.54
N ASN B 10 20.95 36.13 -55.39
CA ASN B 10 19.97 36.37 -56.46
C ASN B 10 18.56 36.30 -55.92
N HIS B 11 18.34 36.94 -54.77
CA HIS B 11 17.06 36.90 -54.05
C HIS B 11 16.74 35.47 -53.61
N SER B 12 17.74 34.83 -52.98
CA SER B 12 17.61 33.49 -52.40
C SER B 12 17.23 32.44 -53.45
N ALA B 13 17.77 32.61 -54.66
CA ALA B 13 17.53 31.64 -55.74
C ALA B 13 18.05 30.25 -55.40
N ALA B 14 18.90 30.14 -54.39
CA ALA B 14 19.43 28.85 -53.97
C ALA B 14 18.38 27.93 -53.40
N TYR B 15 17.24 28.48 -52.96
CA TYR B 15 16.19 27.64 -52.40
C TYR B 15 15.23 27.09 -53.43
N ARG B 16 15.18 27.66 -54.63
CA ARG B 16 14.24 27.17 -55.63
C ARG B 16 14.58 25.73 -55.98
N VAL B 17 13.66 24.82 -55.68
CA VAL B 17 13.87 23.39 -55.93
C VAL B 17 13.13 22.94 -57.20
N ASP B 18 12.75 23.88 -58.07
CA ASP B 18 11.98 23.54 -59.26
C ASP B 18 12.66 22.51 -60.15
N GLN B 19 13.94 22.26 -59.95
CA GLN B 19 14.75 21.46 -60.86
C GLN B 19 14.85 20.00 -60.45
N GLY B 20 13.86 19.45 -59.76
CA GLY B 20 14.07 18.12 -59.24
C GLY B 20 14.79 18.08 -57.91
N VAL B 21 14.05 18.35 -56.83
CA VAL B 21 14.57 18.69 -55.50
C VAL B 21 15.88 17.99 -55.16
N LEU B 22 15.93 16.68 -55.33
CA LEU B 22 17.09 15.93 -54.86
C LEU B 22 18.40 16.35 -55.54
N ASN B 23 18.34 16.91 -56.75
CA ASN B 23 19.53 17.39 -57.42
C ASN B 23 19.76 18.89 -57.23
N ASN B 24 19.03 19.52 -56.30
CA ASN B 24 19.38 20.85 -55.82
C ASN B 24 20.34 20.70 -54.65
N GLY B 25 21.62 20.96 -54.92
CA GLY B 25 22.58 21.05 -53.85
C GLY B 25 22.14 22.07 -52.82
N CYS B 26 22.70 21.93 -51.62
CA CYS B 26 22.33 22.71 -50.45
C CYS B 26 20.94 22.30 -49.95
N PHE B 27 20.26 21.41 -50.68
CA PHE B 27 19.19 20.62 -50.08
C PHE B 27 19.64 19.22 -49.76
N VAL B 28 20.38 18.60 -50.68
CA VAL B 28 21.05 17.35 -50.36
C VAL B 28 22.06 17.58 -49.26
N ASP B 29 22.67 18.77 -49.22
CA ASP B 29 23.51 19.13 -48.09
C ASP B 29 22.68 19.31 -46.83
N ALA B 30 21.43 19.76 -46.98
CA ALA B 30 20.53 19.88 -45.84
C ALA B 30 20.05 18.52 -45.35
N LEU B 31 19.98 17.54 -46.25
CA LEU B 31 19.53 16.22 -45.83
C LEU B 31 20.49 15.59 -44.85
N ASN B 32 21.77 15.98 -44.89
CA ASN B 32 22.75 15.43 -43.97
C ASN B 32 22.53 15.94 -42.56
N VAL B 33 22.11 17.20 -42.40
CA VAL B 33 21.89 17.77 -41.08
C VAL B 33 20.89 16.96 -40.27
N VAL B 34 20.04 16.19 -40.94
CA VAL B 34 18.92 15.48 -40.33
C VAL B 34 19.37 14.25 -39.55
N PRO B 35 20.13 13.30 -40.11
CA PRO B 35 20.49 12.11 -39.31
C PRO B 35 21.33 12.44 -38.10
N HIS B 36 22.15 13.49 -38.18
CA HIS B 36 22.94 13.91 -37.03
C HIS B 36 22.04 14.49 -35.94
N VAL B 37 21.01 15.24 -36.32
CA VAL B 37 20.02 15.69 -35.35
C VAL B 37 19.29 14.48 -34.74
N PHE B 38 19.00 13.47 -35.57
CA PHE B 38 18.34 12.27 -35.08
C PHE B 38 19.16 11.61 -33.98
N LEU B 39 20.46 11.41 -34.24
CA LEU B 39 21.31 10.78 -33.25
C LEU B 39 21.40 11.63 -31.99
N LEU B 40 21.72 12.92 -32.14
CA LEU B 40 21.82 13.81 -30.98
C LEU B 40 20.58 13.75 -30.11
N PHE B 41 19.40 13.84 -30.73
CA PHE B 41 18.19 13.99 -29.94
C PHE B 41 17.63 12.67 -29.46
N ILE B 42 17.95 11.55 -30.11
CA ILE B 42 17.59 10.27 -29.52
C ILE B 42 18.51 9.96 -28.34
N THR B 43 19.75 10.47 -28.38
CA THR B 43 20.74 9.98 -27.44
C THR B 43 20.86 10.83 -26.19
N PHE B 44 20.94 12.16 -26.34
CA PHE B 44 21.12 13.04 -25.18
C PHE B 44 20.17 12.76 -24.03
N PRO B 45 18.87 12.52 -24.23
CA PRO B 45 18.04 12.10 -23.10
C PRO B 45 18.50 10.80 -22.44
N ILE B 46 18.81 9.76 -23.22
CA ILE B 46 19.24 8.50 -22.63
C ILE B 46 20.58 8.69 -21.92
N LEU B 47 21.49 9.43 -22.55
CA LEU B 47 22.79 9.65 -21.96
C LEU B 47 22.68 10.40 -20.63
N PHE B 48 21.75 11.35 -20.53
CA PHE B 48 21.63 12.11 -19.30
C PHE B 48 20.81 11.38 -18.23
N ILE B 49 19.93 10.46 -18.63
CA ILE B 49 19.27 9.62 -17.63
C ILE B 49 20.27 8.62 -17.06
N GLY B 50 21.12 8.04 -17.91
CA GLY B 50 22.16 7.16 -17.43
C GLY B 50 23.31 7.86 -16.72
N TRP B 51 23.47 9.17 -16.97
CA TRP B 51 24.52 9.94 -16.31
C TRP B 51 24.09 10.46 -14.95
N GLY B 52 22.79 10.47 -14.65
CA GLY B 52 22.31 10.89 -13.35
C GLY B 52 22.73 9.96 -12.22
N HIS B 61 28.07 1.99 -7.15
CA HIS B 61 28.23 0.80 -7.99
C HIS B 61 29.65 0.65 -8.56
N HIS B 62 29.89 -0.48 -9.22
CA HIS B 62 31.17 -0.78 -9.85
C HIS B 62 30.93 -1.89 -10.85
N SER B 63 31.19 -1.61 -12.13
CA SER B 63 30.56 -2.40 -13.18
C SER B 63 31.37 -3.61 -13.62
N THR B 64 32.69 -3.49 -13.74
CA THR B 64 33.50 -4.47 -14.47
C THR B 64 32.97 -4.66 -15.89
N TRP B 65 33.09 -3.57 -16.65
CA TRP B 65 32.61 -3.41 -18.02
C TRP B 65 33.08 -4.52 -18.96
N LEU B 66 32.43 -4.63 -20.11
CA LEU B 66 32.75 -5.60 -21.13
C LEU B 66 32.83 -4.91 -22.49
N HIS B 67 33.68 -5.42 -23.37
CA HIS B 67 33.89 -4.83 -24.70
C HIS B 67 33.01 -5.55 -25.73
N PHE B 68 32.33 -4.77 -26.58
CA PHE B 68 31.68 -5.41 -27.72
C PHE B 68 32.70 -5.68 -28.83
N PRO B 69 32.56 -6.79 -29.55
CA PRO B 69 33.58 -7.16 -30.53
C PRO B 69 33.57 -6.22 -31.73
N GLY B 70 34.77 -5.86 -32.18
CA GLY B 70 34.94 -4.74 -33.08
C GLY B 70 35.25 -3.45 -32.37
N HIS B 71 35.63 -3.53 -31.09
CA HIS B 71 35.81 -2.35 -30.25
C HIS B 71 36.91 -1.44 -30.77
N ASN B 72 38.15 -1.95 -30.79
CA ASN B 72 39.27 -1.13 -31.27
C ASN B 72 39.03 -0.62 -32.67
N LEU B 73 38.43 -1.45 -33.53
CA LEU B 73 38.19 -1.05 -34.92
C LEU B 73 37.28 0.15 -35.00
N ARG B 74 36.16 0.12 -34.26
CA ARG B 74 35.24 1.25 -34.31
C ARG B 74 35.84 2.49 -33.67
N TRP B 75 36.69 2.32 -32.65
CA TRP B 75 37.39 3.50 -32.13
C TRP B 75 38.28 4.13 -33.19
N ILE B 76 39.09 3.31 -33.86
CA ILE B 76 39.96 3.82 -34.93
C ILE B 76 39.13 4.52 -35.99
N LEU B 77 38.02 3.90 -36.38
CA LEU B 77 37.15 4.47 -37.40
C LEU B 77 36.59 5.82 -36.98
N THR B 78 36.15 5.93 -35.72
CA THR B 78 35.58 7.21 -35.28
C THR B 78 36.66 8.28 -35.15
N PHE B 79 37.88 7.90 -34.80
CA PHE B 79 38.97 8.86 -34.83
C PHE B 79 39.18 9.41 -36.24
N ILE B 80 39.31 8.51 -37.22
CA ILE B 80 39.44 8.95 -38.60
C ILE B 80 38.25 9.80 -39.01
N LEU B 81 37.06 9.48 -38.48
CA LEU B 81 35.85 10.19 -38.84
C LEU B 81 35.91 11.65 -38.36
N LEU B 82 36.23 11.84 -37.07
CA LEU B 82 36.42 13.19 -36.54
C LEU B 82 37.52 13.93 -37.29
N PHE B 83 38.54 13.21 -37.77
CA PHE B 83 39.59 13.88 -38.55
C PHE B 83 39.03 14.42 -39.86
N VAL B 84 38.36 13.56 -40.63
CA VAL B 84 37.83 13.99 -41.92
C VAL B 84 36.79 15.08 -41.72
N LEU B 85 36.09 15.06 -40.58
CA LEU B 85 35.09 16.11 -40.34
C LEU B 85 35.75 17.43 -39.98
N VAL B 86 36.88 17.41 -39.27
CA VAL B 86 37.63 18.66 -39.09
C VAL B 86 38.08 19.19 -40.45
N CYS B 87 38.55 18.29 -41.32
CA CYS B 87 38.96 18.72 -42.65
C CYS B 87 37.79 19.29 -43.44
N GLU B 88 36.58 18.75 -43.22
CA GLU B 88 35.43 19.20 -43.97
C GLU B 88 34.95 20.56 -43.49
N ILE B 89 34.90 20.76 -42.16
CA ILE B 89 34.67 22.10 -41.62
C ILE B 89 35.67 23.07 -42.23
N ALA B 90 36.93 22.66 -42.30
CA ALA B 90 37.96 23.56 -42.83
C ALA B 90 37.68 23.90 -44.28
N GLU B 91 37.45 22.88 -45.10
CA GLU B 91 37.25 23.14 -46.51
C GLU B 91 36.00 23.98 -46.75
N GLY B 92 34.95 23.80 -45.95
CA GLY B 92 33.77 24.64 -46.08
C GLY B 92 34.03 26.09 -45.73
N ILE B 93 34.53 26.33 -44.51
CA ILE B 93 34.78 27.70 -44.07
C ILE B 93 35.75 28.41 -45.01
N LEU B 94 36.77 27.70 -45.47
CA LEU B 94 37.63 28.23 -46.53
C LEU B 94 36.82 28.48 -47.79
N SER B 95 35.83 27.64 -48.07
CA SER B 95 35.18 27.62 -49.36
C SER B 95 34.13 28.70 -49.52
N ASP B 96 33.72 29.37 -48.45
CA ASP B 96 32.85 30.52 -48.63
C ASP B 96 33.46 31.80 -48.07
N GLY B 97 34.78 31.94 -48.19
CA GLY B 97 35.35 33.24 -47.93
C GLY B 97 35.08 34.27 -49.01
N VAL B 98 34.62 33.83 -50.18
CA VAL B 98 34.49 34.72 -51.32
C VAL B 98 33.23 35.57 -51.22
N THR B 99 32.08 34.91 -51.21
CA THR B 99 30.79 35.58 -51.37
C THR B 99 30.48 36.47 -50.16
N GLU B 100 29.38 37.21 -50.28
CA GLU B 100 29.02 38.17 -49.26
C GLU B 100 28.18 37.57 -48.14
N SER B 101 27.34 36.59 -48.44
CA SER B 101 26.55 35.88 -47.45
C SER B 101 27.19 34.54 -47.14
N ARG B 102 27.23 34.19 -45.86
CA ARG B 102 27.90 32.98 -45.40
C ARG B 102 27.03 31.76 -45.70
N HIS B 103 27.41 30.98 -46.71
CA HIS B 103 26.68 29.76 -47.03
C HIS B 103 26.85 28.77 -45.88
N LEU B 104 25.82 28.64 -45.04
CA LEU B 104 25.93 27.73 -43.89
C LEU B 104 25.95 26.28 -44.32
N HIS B 105 25.28 25.93 -45.41
CA HIS B 105 25.23 24.54 -45.81
C HIS B 105 26.60 23.97 -46.12
N LEU B 106 27.62 24.81 -46.24
CA LEU B 106 28.96 24.31 -46.49
C LEU B 106 29.52 23.62 -45.27
N TYR B 107 29.59 24.33 -44.14
CA TYR B 107 30.23 23.76 -42.97
C TYR B 107 29.28 23.32 -41.86
N MET B 108 28.15 24.00 -41.67
CA MET B 108 27.27 23.63 -40.56
C MET B 108 26.83 22.16 -40.59
N PRO B 109 26.54 21.53 -41.75
CA PRO B 109 26.18 20.10 -41.69
C PRO B 109 27.35 19.22 -41.26
N ALA B 110 28.57 19.51 -41.73
CA ALA B 110 29.75 18.74 -41.33
C ALA B 110 30.14 19.02 -39.87
N GLY B 111 30.12 20.28 -39.47
CA GLY B 111 30.30 20.61 -38.07
C GLY B 111 29.22 20.03 -37.17
N MET B 112 28.04 19.70 -37.72
CA MET B 112 27.02 19.02 -36.94
C MET B 112 27.31 17.53 -36.83
N ALA B 113 27.73 16.93 -37.94
CA ALA B 113 28.19 15.55 -37.96
C ALA B 113 29.33 15.33 -37.00
N PHE B 114 30.14 16.37 -36.74
CA PHE B 114 31.23 16.22 -35.78
C PHE B 114 30.69 15.91 -34.39
N MET B 115 29.87 16.82 -33.86
CA MET B 115 29.24 16.59 -32.55
C MET B 115 28.47 15.28 -32.54
N ALA B 116 27.81 14.95 -33.65
CA ALA B 116 27.08 13.68 -33.75
C ALA B 116 28.01 12.49 -33.58
N ALA B 117 29.20 12.55 -34.19
CA ALA B 117 30.14 11.44 -34.06
C ALA B 117 30.68 11.34 -32.65
N ILE B 118 30.93 12.48 -32.01
CA ILE B 118 31.39 12.46 -30.63
C ILE B 118 30.33 11.82 -29.73
N THR B 119 29.07 12.24 -29.91
CA THR B 119 27.98 11.64 -29.17
C THR B 119 27.89 10.15 -29.46
N SER B 120 28.19 9.75 -30.69
CA SER B 120 28.16 8.34 -31.06
C SER B 120 29.16 7.55 -30.23
N VAL B 121 30.37 8.05 -30.11
CA VAL B 121 31.38 7.37 -29.32
C VAL B 121 30.98 7.32 -27.85
N VAL B 122 30.44 8.43 -27.33
CA VAL B 122 30.07 8.47 -25.91
C VAL B 122 28.93 7.50 -25.63
N TYR B 123 27.92 7.48 -26.50
CA TYR B 123 26.76 6.61 -26.35
C TYR B 123 27.15 5.14 -26.46
N TYR B 124 27.96 4.80 -27.46
CA TYR B 124 28.42 3.43 -27.56
C TYR B 124 29.25 3.04 -26.34
N HIS B 125 30.04 3.97 -25.79
CA HIS B 125 30.82 3.63 -24.62
C HIS B 125 29.92 3.39 -23.42
N ASN B 126 28.89 4.21 -23.25
CA ASN B 126 27.91 3.99 -22.19
C ASN B 126 27.29 2.60 -22.30
N ILE B 127 26.86 2.25 -23.51
CA ILE B 127 26.25 0.94 -23.74
C ILE B 127 27.26 -0.17 -23.45
N GLU B 128 28.52 0.00 -23.88
CA GLU B 128 29.52 -1.01 -23.60
C GLU B 128 29.66 -1.23 -22.10
N THR B 129 29.82 -0.15 -21.34
CA THR B 129 29.99 -0.28 -19.90
C THR B 129 28.76 -0.91 -19.23
N SER B 130 27.56 -0.54 -19.70
CA SER B 130 26.32 -1.03 -19.10
C SER B 130 25.84 -2.33 -19.70
N ASN B 131 26.51 -2.85 -20.73
CA ASN B 131 26.15 -4.09 -21.41
C ASN B 131 24.64 -4.19 -21.67
N PHE B 132 24.09 -3.14 -22.25
CA PHE B 132 22.73 -3.16 -22.75
C PHE B 132 22.78 -3.15 -24.27
N PRO B 133 23.10 -4.28 -24.91
CA PRO B 133 23.39 -4.25 -26.36
C PRO B 133 22.19 -3.84 -27.20
N LYS B 134 20.97 -4.04 -26.72
CA LYS B 134 19.80 -3.69 -27.52
C LYS B 134 19.76 -2.20 -27.81
N LEU B 135 20.26 -1.37 -26.89
CA LEU B 135 20.34 0.06 -27.16
C LEU B 135 21.13 0.36 -28.43
N LEU B 136 22.10 -0.50 -28.79
CA LEU B 136 22.89 -0.31 -30.00
C LEU B 136 22.03 -0.22 -31.25
N ILE B 137 20.76 -0.65 -31.18
CA ILE B 137 19.85 -0.50 -32.30
C ILE B 137 19.81 0.97 -32.77
N ALA B 138 19.88 1.91 -31.81
CA ALA B 138 19.85 3.33 -32.15
C ALA B 138 21.03 3.72 -33.03
N LEU B 139 22.21 3.13 -32.80
CA LEU B 139 23.31 3.38 -33.72
C LEU B 139 23.08 2.64 -35.03
N LEU B 140 22.46 1.45 -34.94
CA LEU B 140 22.14 0.67 -36.12
C LEU B 140 21.36 1.48 -37.14
N ILE B 141 20.45 2.34 -36.67
CA ILE B 141 19.76 3.26 -37.56
C ILE B 141 20.72 4.31 -38.10
N TYR B 142 21.42 4.99 -37.18
CA TYR B 142 22.14 6.22 -37.50
C TYR B 142 23.04 6.04 -38.72
N TRP B 143 24.01 5.12 -38.63
CA TRP B 143 24.95 4.91 -39.73
C TRP B 143 24.22 4.72 -41.05
N THR B 144 23.15 3.92 -41.05
CA THR B 144 22.31 3.76 -42.23
C THR B 144 21.97 5.10 -42.85
N LEU B 145 21.23 5.94 -42.11
CA LEU B 145 20.93 7.28 -42.57
C LEU B 145 22.19 7.99 -43.01
N ALA B 146 23.19 8.03 -42.12
CA ALA B 146 24.41 8.75 -42.42
C ALA B 146 25.08 8.17 -43.67
N PHE B 147 24.95 6.86 -43.88
CA PHE B 147 25.40 6.29 -45.14
C PHE B 147 24.57 6.85 -46.29
N ILE B 148 23.26 6.59 -46.25
CA ILE B 148 22.38 6.91 -47.38
C ILE B 148 22.54 8.37 -47.78
N THR B 149 22.24 9.28 -46.85
CA THR B 149 22.25 10.70 -47.17
C THR B 149 23.62 11.16 -47.67
N LYS B 150 24.69 10.47 -47.25
CA LYS B 150 26.00 10.84 -47.78
C LYS B 150 26.18 10.30 -49.19
N THR B 151 25.76 9.06 -49.42
CA THR B 151 25.82 8.51 -50.77
C THR B 151 24.98 9.34 -51.74
N ILE B 152 23.78 9.74 -51.32
CA ILE B 152 22.94 10.62 -52.12
C ILE B 152 23.70 11.91 -52.43
N LYS B 153 24.52 12.37 -51.48
CA LYS B 153 25.32 13.56 -51.71
C LYS B 153 26.44 13.28 -52.69
N PHE B 154 27.01 12.07 -52.63
CA PHE B 154 28.06 11.67 -53.55
C PHE B 154 27.52 11.60 -54.97
N VAL B 155 26.50 10.76 -55.17
CA VAL B 155 25.91 10.55 -56.50
C VAL B 155 25.65 11.89 -57.18
N LYS B 156 24.85 12.75 -56.54
CA LYS B 156 24.50 14.02 -57.16
C LYS B 156 25.73 14.83 -57.52
N PHE B 157 26.74 14.86 -56.65
CA PHE B 157 28.02 15.48 -57.00
C PHE B 157 28.50 14.98 -58.35
N TYR B 158 28.66 13.66 -58.45
CA TYR B 158 29.08 12.99 -59.68
C TYR B 158 28.31 13.48 -60.90
N ASP B 159 27.03 13.80 -60.74
CA ASP B 159 26.21 14.16 -61.89
C ASP B 159 26.67 15.48 -62.52
N HIS B 160 27.12 16.43 -61.72
CA HIS B 160 27.60 17.69 -62.28
C HIS B 160 29.06 17.60 -62.67
N ALA B 161 29.62 16.40 -62.70
CA ALA B 161 31.05 16.18 -62.90
C ALA B 161 31.86 17.08 -61.97
N ILE B 162 31.54 16.98 -60.67
CA ILE B 162 32.40 17.56 -59.65
C ILE B 162 33.79 16.95 -59.73
N GLY B 163 33.84 15.63 -59.82
CA GLY B 163 35.09 14.92 -60.01
C GLY B 163 35.89 14.82 -58.72
N PHE B 164 37.13 14.37 -58.88
CA PHE B 164 38.09 14.31 -57.79
C PHE B 164 38.90 15.60 -57.74
N SER B 165 38.84 16.42 -58.80
CA SER B 165 39.58 17.66 -58.89
C SER B 165 39.45 18.50 -57.63
N GLN B 166 38.28 18.51 -57.00
CA GLN B 166 38.04 19.29 -55.80
C GLN B 166 38.12 18.43 -54.55
N LEU B 167 38.50 19.06 -53.44
CA LEU B 167 38.73 18.32 -52.20
C LEU B 167 37.43 17.80 -51.60
N ARG B 168 36.38 18.63 -51.62
CA ARG B 168 35.10 18.26 -51.02
C ARG B 168 34.63 16.89 -51.50
N PHE B 169 34.89 16.57 -52.76
CA PHE B 169 34.48 15.27 -53.28
C PHE B 169 35.28 14.13 -52.64
N CYS B 170 36.58 14.33 -52.44
CA CYS B 170 37.36 13.30 -51.77
C CYS B 170 36.92 13.14 -50.32
N LEU B 171 36.65 14.25 -49.64
CA LEU B 171 36.20 14.17 -48.26
C LEU B 171 34.85 13.49 -48.15
N THR B 172 33.93 13.78 -49.06
CA THR B 172 32.63 13.13 -48.99
C THR B 172 32.72 11.66 -49.39
N GLY B 173 33.68 11.30 -50.26
CA GLY B 173 33.89 9.89 -50.54
C GLY B 173 34.46 9.15 -49.34
N LEU B 174 35.47 9.74 -48.70
CA LEU B 174 35.97 9.22 -47.43
C LEU B 174 34.85 9.06 -46.43
N LEU B 175 33.91 10.00 -46.41
CA LEU B 175 32.79 9.92 -45.47
C LEU B 175 31.87 8.76 -45.81
N VAL B 176 31.47 8.64 -47.08
CA VAL B 176 30.65 7.50 -47.47
C VAL B 176 31.33 6.20 -47.07
N ILE B 177 32.64 6.12 -47.30
CA ILE B 177 33.39 4.90 -46.98
C ILE B 177 33.36 4.63 -45.49
N LEU B 178 33.63 5.66 -44.67
CA LEU B 178 33.66 5.47 -43.23
C LEU B 178 32.28 5.12 -42.67
N TYR B 179 31.21 5.69 -43.24
CA TYR B 179 29.88 5.29 -42.77
C TYR B 179 29.57 3.85 -43.17
N GLY B 180 29.98 3.43 -44.37
CA GLY B 180 29.88 2.03 -44.72
C GLY B 180 30.64 1.13 -43.75
N MET B 181 31.83 1.57 -43.34
CA MET B 181 32.63 0.81 -42.39
C MET B 181 31.91 0.68 -41.05
N LEU B 182 31.34 1.78 -40.55
CA LEU B 182 30.66 1.75 -39.26
C LEU B 182 29.36 0.96 -39.33
N LEU B 183 28.70 0.97 -40.49
CA LEU B 183 27.53 0.11 -40.66
C LEU B 183 27.96 -1.36 -40.63
N LEU B 184 29.08 -1.69 -41.27
CA LEU B 184 29.59 -3.06 -41.23
C LEU B 184 29.95 -3.46 -39.81
N VAL B 185 30.54 -2.56 -39.04
CA VAL B 185 30.92 -2.87 -37.66
C VAL B 185 29.68 -3.06 -36.79
N GLU B 186 28.66 -2.22 -36.97
CA GLU B 186 27.42 -2.37 -36.23
C GLU B 186 26.78 -3.72 -36.53
N VAL B 187 26.72 -4.10 -37.80
CA VAL B 187 26.13 -5.38 -38.16
C VAL B 187 27.01 -6.53 -37.67
N ASN B 188 28.32 -6.33 -37.63
CA ASN B 188 29.20 -7.31 -37.02
C ASN B 188 28.80 -7.57 -35.58
N VAL B 189 28.65 -6.49 -34.80
CA VAL B 189 28.25 -6.61 -33.40
C VAL B 189 26.92 -7.33 -33.28
N ILE B 190 25.93 -6.91 -34.07
CA ILE B 190 24.61 -7.53 -34.01
C ILE B 190 24.67 -9.00 -34.42
N ARG B 191 25.69 -9.39 -35.19
CA ARG B 191 25.80 -10.76 -35.67
C ARG B 191 26.42 -11.67 -34.63
N VAL B 192 27.55 -11.26 -34.05
CA VAL B 192 28.21 -12.12 -33.05
C VAL B 192 27.30 -12.30 -31.84
N ARG B 193 26.91 -11.19 -31.20
CA ARG B 193 26.04 -11.22 -30.03
C ARG B 193 24.64 -10.81 -30.47
N ARG B 194 23.80 -11.79 -30.75
CA ARG B 194 22.49 -11.53 -31.35
C ARG B 194 21.56 -10.98 -30.27
N TYR B 195 21.59 -9.65 -30.11
CA TYR B 195 20.76 -8.98 -29.12
C TYR B 195 19.41 -8.54 -29.66
N ILE B 196 19.30 -8.31 -30.96
CA ILE B 196 18.01 -7.99 -31.57
C ILE B 196 17.15 -9.25 -31.53
N PHE B 197 15.88 -9.11 -31.92
CA PHE B 197 14.94 -10.22 -31.83
C PHE B 197 15.50 -11.45 -32.52
N PHE B 198 15.84 -12.46 -31.71
CA PHE B 198 16.64 -13.61 -32.10
C PHE B 198 16.48 -14.66 -31.01
N LYS B 199 17.36 -15.67 -31.01
CA LYS B 199 17.39 -16.62 -29.91
C LYS B 199 17.98 -16.05 -28.63
N THR B 200 18.54 -14.84 -28.68
CA THR B 200 19.18 -14.19 -27.54
C THR B 200 20.18 -15.11 -26.82
N PRO B 201 21.12 -15.72 -27.55
CA PRO B 201 21.94 -16.77 -26.96
C PRO B 201 23.06 -16.31 -26.04
N ARG B 202 23.78 -15.27 -26.44
CA ARG B 202 25.12 -15.03 -25.92
C ARG B 202 25.12 -14.13 -24.68
N GLU B 203 25.90 -14.54 -23.69
CA GLU B 203 26.25 -13.69 -22.55
C GLU B 203 27.75 -13.87 -22.31
N VAL B 204 28.51 -12.79 -22.43
CA VAL B 204 29.96 -12.92 -22.53
C VAL B 204 30.64 -13.03 -21.17
N LYS B 205 30.02 -12.57 -20.08
CA LYS B 205 30.59 -12.74 -18.74
C LYS B 205 31.96 -12.09 -18.64
N PRO B 206 32.01 -10.76 -18.45
CA PRO B 206 33.27 -9.98 -18.56
C PRO B 206 34.45 -10.67 -17.91
N PRO B 207 35.66 -10.44 -18.41
CA PRO B 207 36.79 -11.33 -18.12
C PRO B 207 37.08 -11.48 -16.63
N GLU B 208 37.67 -12.62 -16.29
CA GLU B 208 37.89 -13.00 -14.90
C GLU B 208 38.85 -12.05 -14.20
N ASP B 209 39.93 -11.65 -14.88
CA ASP B 209 40.92 -10.78 -14.26
C ASP B 209 40.39 -9.38 -14.01
N LEU B 210 39.29 -8.99 -14.67
CA LEU B 210 38.65 -7.72 -14.39
C LEU B 210 37.71 -7.80 -13.20
N GLN B 211 37.32 -9.01 -12.80
CA GLN B 211 36.47 -9.20 -11.64
C GLN B 211 37.24 -9.35 -10.33
N ASP B 212 38.53 -9.64 -10.39
CA ASP B 212 39.36 -9.71 -9.19
C ASP B 212 39.40 -8.36 -8.49
N LEU B 213 38.79 -8.27 -7.31
CA LEU B 213 38.93 -7.06 -6.50
C LEU B 213 40.35 -7.03 -5.95
N GLY B 214 41.23 -6.32 -6.65
CA GLY B 214 42.64 -6.36 -6.32
C GLY B 214 43.52 -6.33 -7.55
N VAL B 215 42.91 -6.26 -8.73
CA VAL B 215 43.62 -5.99 -9.97
C VAL B 215 43.27 -4.55 -10.36
N ARG B 216 44.08 -3.61 -9.89
CA ARG B 216 43.84 -2.20 -10.12
C ARG B 216 44.60 -1.66 -11.32
N PHE B 217 45.48 -2.46 -11.92
CA PHE B 217 46.22 -2.03 -13.11
C PHE B 217 45.41 -2.39 -14.36
N LEU B 218 44.31 -1.66 -14.54
CA LEU B 218 43.40 -1.98 -15.63
C LEU B 218 43.77 -1.26 -16.91
N GLN B 219 45.03 -1.39 -17.31
CA GLN B 219 45.48 -0.83 -18.57
C GLN B 219 44.94 -1.62 -19.76
N PRO B 220 44.96 -2.96 -19.74
CA PRO B 220 44.38 -3.70 -20.88
C PRO B 220 42.88 -3.59 -20.98
N PHE B 221 42.19 -3.33 -19.87
CA PHE B 221 40.73 -3.32 -19.85
C PHE B 221 40.15 -1.91 -19.88
N VAL B 222 40.48 -1.14 -20.91
CA VAL B 222 39.84 0.15 -21.14
C VAL B 222 39.69 0.36 -22.64
N ASN B 223 38.84 1.30 -23.02
CA ASN B 223 38.65 1.59 -24.43
C ASN B 223 39.90 2.23 -25.01
N LEU B 224 40.08 2.05 -26.32
CA LEU B 224 41.35 2.39 -26.95
C LEU B 224 41.79 3.81 -26.63
N LEU B 225 40.84 4.74 -26.54
CA LEU B 225 41.19 6.11 -26.20
C LEU B 225 41.83 6.20 -24.82
N SER B 226 41.22 5.54 -23.84
CA SER B 226 41.80 5.55 -22.50
C SER B 226 43.12 4.79 -22.47
N LYS B 227 43.21 3.68 -23.23
CA LYS B 227 44.48 2.98 -23.37
C LYS B 227 45.57 3.93 -23.85
N GLY B 228 45.22 4.85 -24.74
CA GLY B 228 46.22 5.76 -25.26
C GLY B 228 46.54 6.92 -24.33
N THR B 229 45.56 7.39 -23.57
CA THR B 229 45.73 8.55 -22.71
C THR B 229 46.01 8.17 -21.26
N TYR B 230 45.99 6.87 -20.94
CA TYR B 230 46.09 6.40 -19.55
C TYR B 230 45.13 7.18 -18.67
N TRP B 231 43.91 7.34 -19.16
CA TRP B 231 42.92 8.14 -18.46
C TRP B 231 42.54 7.51 -17.13
N TRP B 232 42.57 6.18 -17.04
CA TRP B 232 42.18 5.51 -15.81
C TRP B 232 43.09 5.89 -14.64
N MET B 233 44.40 5.91 -14.88
CA MET B 233 45.40 6.34 -13.91
C MET B 233 44.93 7.53 -13.09
N ASN B 234 44.19 8.44 -13.74
CA ASN B 234 43.70 9.65 -13.07
C ASN B 234 43.15 9.33 -11.70
N ALA B 235 42.12 8.49 -11.66
CA ALA B 235 41.51 8.11 -10.38
C ALA B 235 42.59 7.68 -9.39
N PHE B 236 43.37 6.67 -9.76
CA PHE B 236 44.47 6.20 -8.94
C PHE B 236 45.31 7.35 -8.40
N ILE B 237 45.81 8.20 -9.30
CA ILE B 237 46.73 9.25 -8.88
C ILE B 237 46.06 10.15 -7.85
N LYS B 238 44.79 10.51 -8.08
CA LYS B 238 44.11 11.36 -7.12
C LYS B 238 44.10 10.70 -5.75
N THR B 239 43.70 9.42 -5.69
CA THR B 239 43.78 8.68 -4.44
C THR B 239 45.19 8.69 -3.90
N ALA B 240 46.17 8.43 -4.77
CA ALA B 240 47.57 8.39 -4.35
C ALA B 240 48.05 9.73 -3.84
N HIS B 241 47.31 10.81 -4.09
CA HIS B 241 47.69 12.09 -3.52
C HIS B 241 47.15 12.29 -2.11
N LYS B 242 45.96 11.75 -1.82
CA LYS B 242 45.39 11.94 -0.49
C LYS B 242 46.07 11.06 0.54
N LYS B 243 45.98 9.73 0.36
CA LYS B 243 46.63 8.78 1.26
C LYS B 243 47.76 8.06 0.54
N PRO B 244 48.81 7.66 1.25
CA PRO B 244 49.98 7.07 0.58
C PRO B 244 49.64 5.78 -0.14
N ILE B 245 50.60 5.31 -0.92
CA ILE B 245 50.43 4.12 -1.75
C ILE B 245 50.94 2.91 -0.99
N ASP B 246 50.08 1.92 -0.79
CA ASP B 246 50.44 0.68 -0.15
C ASP B 246 50.29 -0.46 -1.14
N LEU B 247 50.91 -1.59 -0.83
CA LEU B 247 50.77 -2.77 -1.67
C LEU B 247 49.33 -3.24 -1.77
N ARG B 248 48.44 -2.76 -0.88
CA ARG B 248 47.01 -3.01 -1.05
C ARG B 248 46.39 -2.04 -2.04
N ALA B 249 46.85 -0.79 -2.06
CA ALA B 249 46.34 0.19 -3.01
C ALA B 249 46.72 -0.18 -4.44
N ILE B 250 48.00 -0.51 -4.66
CA ILE B 250 48.39 -1.08 -5.93
C ILE B 250 47.75 -2.46 -6.08
N GLY B 251 47.19 -2.71 -7.26
CA GLY B 251 46.59 -4.00 -7.50
C GLY B 251 47.65 -5.09 -7.64
N LYS B 252 47.20 -6.24 -8.11
CA LYS B 252 48.09 -7.29 -8.58
C LYS B 252 47.86 -7.51 -10.06
N LEU B 253 48.86 -8.09 -10.71
CA LEU B 253 48.93 -8.10 -12.16
C LEU B 253 47.75 -8.86 -12.77
N PRO B 254 47.33 -8.49 -13.98
CA PRO B 254 46.33 -9.28 -14.69
C PRO B 254 46.90 -10.61 -15.15
N ILE B 255 46.00 -11.51 -15.55
CA ILE B 255 46.41 -12.84 -15.98
C ILE B 255 47.33 -12.77 -17.19
N ALA B 256 47.11 -11.78 -18.07
CA ALA B 256 47.90 -11.67 -19.29
C ALA B 256 49.37 -11.44 -19.00
N MET B 257 49.68 -10.71 -17.92
CA MET B 257 51.05 -10.43 -17.54
C MET B 257 51.29 -10.96 -16.13
N ARG B 258 51.58 -12.26 -16.04
CA ARG B 258 52.00 -12.90 -14.81
C ARG B 258 53.35 -13.55 -15.05
N ALA B 259 54.04 -13.90 -13.95
CA ALA B 259 55.25 -14.66 -14.08
C ALA B 259 54.98 -16.02 -14.70
N LEU B 260 53.89 -16.67 -14.28
CA LEU B 260 53.58 -18.00 -14.81
C LEU B 260 53.14 -17.93 -16.26
N THR B 261 52.31 -16.95 -16.62
CA THR B 261 51.82 -16.85 -17.99
C THR B 261 52.98 -16.60 -18.96
N ASN B 262 53.80 -15.58 -18.66
CA ASN B 262 54.94 -15.29 -19.53
C ASN B 262 55.94 -16.43 -19.52
N TYR B 263 56.12 -17.10 -18.39
CA TYR B 263 57.04 -18.23 -18.35
C TYR B 263 56.56 -19.38 -19.22
N GLN B 264 55.26 -19.67 -19.22
CA GLN B 264 54.74 -20.73 -20.06
C GLN B 264 54.80 -20.35 -21.54
N ARG B 265 54.55 -19.07 -21.85
CA ARG B 265 54.70 -18.61 -23.23
C ARG B 265 56.14 -18.77 -23.70
N LEU B 266 57.10 -18.35 -22.87
CA LEU B 266 58.51 -18.48 -23.20
C LEU B 266 58.90 -19.94 -23.36
N CYS B 267 58.33 -20.82 -22.53
CA CYS B 267 58.68 -22.24 -22.61
C CYS B 267 58.08 -22.89 -23.86
N VAL B 268 56.89 -22.48 -24.26
CA VAL B 268 56.33 -22.96 -25.52
C VAL B 268 57.20 -22.50 -26.69
N ALA B 269 57.65 -21.25 -26.64
CA ALA B 269 58.56 -20.76 -27.69
C ALA B 269 59.87 -21.53 -27.68
N PHE B 270 60.38 -21.87 -26.50
CA PHE B 270 61.61 -22.63 -26.40
C PHE B 270 61.45 -24.04 -26.96
N ASP B 271 60.29 -24.66 -26.72
CA ASP B 271 60.02 -25.97 -27.31
C ASP B 271 59.96 -25.87 -28.84
N ALA B 272 59.29 -24.85 -29.36
CA ALA B 272 59.22 -24.67 -30.81
C ALA B 272 60.60 -24.47 -31.42
N GLN B 273 61.47 -23.73 -30.71
CA GLN B 273 62.82 -23.50 -31.23
C GLN B 273 63.72 -24.72 -31.09
N ALA B 274 63.52 -25.52 -30.04
CA ALA B 274 64.30 -26.74 -29.88
C ALA B 274 63.89 -27.81 -30.88
N ARG B 275 62.62 -27.81 -31.30
CA ARG B 275 62.19 -28.73 -32.36
C ARG B 275 62.87 -28.42 -33.68
N LYS B 276 63.13 -27.15 -33.97
CA LYS B 276 63.80 -26.75 -35.20
C LYS B 276 65.31 -26.65 -34.98
N GLY B 283 72.26 -22.70 -26.71
CA GLY B 283 72.96 -21.67 -27.47
C GLY B 283 72.30 -20.31 -27.39
N ALA B 284 73.07 -19.26 -27.69
CA ALA B 284 72.54 -17.90 -27.59
C ALA B 284 71.52 -17.64 -28.70
N ARG B 285 71.77 -18.14 -29.90
CA ARG B 285 70.85 -17.93 -31.02
C ARG B 285 69.48 -18.54 -30.71
N ALA B 286 69.47 -19.71 -30.07
CA ALA B 286 68.20 -20.32 -29.69
C ALA B 286 67.43 -19.43 -28.73
N ILE B 287 68.13 -18.83 -27.77
CA ILE B 287 67.45 -17.96 -26.80
C ILE B 287 66.90 -16.71 -27.49
N TRP B 288 67.69 -16.11 -28.39
CA TRP B 288 67.22 -14.94 -29.11
C TRP B 288 65.98 -15.26 -29.94
N ARG B 289 66.01 -16.37 -30.67
CA ARG B 289 64.87 -16.74 -31.50
C ARG B 289 63.66 -17.11 -30.66
N ALA B 290 63.88 -17.66 -29.46
CA ALA B 290 62.76 -17.96 -28.58
C ALA B 290 62.13 -16.67 -28.04
N LEU B 291 62.97 -15.71 -27.63
CA LEU B 291 62.44 -14.42 -27.19
C LEU B 291 61.67 -13.74 -28.30
N CYS B 292 62.17 -13.83 -29.53
CA CYS B 292 61.41 -13.35 -30.68
C CYS B 292 60.06 -14.04 -30.74
N HIS B 293 60.05 -15.37 -30.89
CA HIS B 293 58.79 -16.10 -31.01
C HIS B 293 57.84 -15.82 -29.85
N ALA B 294 58.36 -15.36 -28.71
CA ALA B 294 57.51 -15.14 -27.54
C ALA B 294 56.97 -13.72 -27.43
N PHE B 295 57.73 -12.70 -27.83
CA PHE B 295 57.32 -11.32 -27.61
C PHE B 295 57.37 -10.45 -28.86
N GLY B 296 57.55 -11.05 -30.05
CA GLY B 296 57.75 -10.24 -31.24
C GLY B 296 56.50 -9.51 -31.70
N ARG B 297 55.32 -10.09 -31.44
CA ARG B 297 54.09 -9.39 -31.80
C ARG B 297 54.01 -8.03 -31.12
N ARG B 298 54.13 -8.01 -29.79
CA ARG B 298 54.11 -6.75 -29.08
C ARG B 298 55.31 -5.88 -29.43
N LEU B 299 56.47 -6.49 -29.69
CA LEU B 299 57.66 -5.71 -30.02
C LEU B 299 57.47 -4.94 -31.32
N ILE B 300 56.96 -5.62 -32.35
CA ILE B 300 56.79 -4.95 -33.63
C ILE B 300 55.58 -4.02 -33.59
N LEU B 301 54.60 -4.28 -32.73
CA LEU B 301 53.52 -3.31 -32.55
C LEU B 301 54.05 -2.00 -31.97
N SER B 302 54.88 -2.11 -30.93
CA SER B 302 55.54 -0.92 -30.39
C SER B 302 56.40 -0.24 -31.45
N SER B 303 57.10 -1.03 -32.28
CA SER B 303 57.94 -0.44 -33.31
C SER B 303 57.10 0.30 -34.36
N THR B 304 55.93 -0.24 -34.69
CA THR B 304 55.04 0.43 -35.63
C THR B 304 54.55 1.75 -35.07
N PHE B 305 54.09 1.75 -33.82
CA PHE B 305 53.73 3.00 -33.17
C PHE B 305 54.87 3.99 -33.22
N ARG B 306 56.10 3.53 -32.94
CA ARG B 306 57.24 4.41 -32.88
C ARG B 306 57.57 5.02 -34.24
N ILE B 307 57.49 4.21 -35.31
CA ILE B 307 57.80 4.73 -36.64
C ILE B 307 56.72 5.69 -37.11
N LEU B 308 55.46 5.37 -36.83
CA LEU B 308 54.38 6.30 -37.17
C LEU B 308 54.55 7.62 -36.44
N ALA B 309 54.93 7.56 -35.15
CA ALA B 309 55.17 8.78 -34.40
C ALA B 309 56.35 9.56 -34.97
N ASP B 310 57.38 8.87 -35.44
CA ASP B 310 58.51 9.56 -36.06
C ASP B 310 58.09 10.32 -37.30
N LEU B 311 57.33 9.65 -38.19
CA LEU B 311 56.89 10.33 -39.41
C LEU B 311 55.94 11.47 -39.11
N LEU B 312 54.99 11.28 -38.21
CA LEU B 312 54.06 12.36 -37.88
C LEU B 312 54.75 13.49 -37.13
N GLY B 313 55.88 13.23 -36.47
CA GLY B 313 56.66 14.31 -35.91
C GLY B 313 57.40 15.09 -36.97
N PHE B 314 57.88 14.39 -38.01
CA PHE B 314 58.43 15.10 -39.16
C PHE B 314 57.37 15.94 -39.85
N ALA B 315 56.10 15.56 -39.72
CA ALA B 315 55.03 16.36 -40.30
C ALA B 315 54.94 17.77 -39.74
N GLY B 316 55.73 18.12 -38.73
CA GLY B 316 55.69 19.43 -38.12
C GLY B 316 56.47 20.50 -38.86
N PRO B 317 57.77 20.28 -39.06
CA PRO B 317 58.58 21.29 -39.74
C PRO B 317 58.09 21.65 -41.14
N LEU B 318 57.68 20.66 -41.93
CA LEU B 318 57.11 20.97 -43.24
C LEU B 318 55.87 21.84 -43.11
N CYS B 319 55.10 21.65 -42.04
CA CYS B 319 53.90 22.46 -41.85
C CYS B 319 54.26 23.89 -41.47
N ILE B 320 55.30 24.07 -40.65
CA ILE B 320 55.80 25.42 -40.37
C ILE B 320 56.25 26.07 -41.67
N PHE B 321 56.94 25.32 -42.52
CA PHE B 321 57.35 25.81 -43.83
C PHE B 321 56.14 26.31 -44.61
N GLY B 322 55.10 25.50 -44.70
CA GLY B 322 53.90 25.90 -45.43
C GLY B 322 53.26 27.15 -44.85
N ILE B 323 53.14 27.21 -43.53
CA ILE B 323 52.50 28.35 -42.88
C ILE B 323 53.25 29.64 -43.19
N VAL B 324 54.57 29.62 -42.97
CA VAL B 324 55.34 30.84 -43.15
C VAL B 324 55.44 31.21 -44.62
N ASP B 325 55.41 30.21 -45.52
CA ASP B 325 55.41 30.53 -46.94
C ASP B 325 54.11 31.17 -47.37
N HIS B 326 52.98 30.70 -46.83
CA HIS B 326 51.70 31.33 -47.12
C HIS B 326 51.68 32.77 -46.64
N LEU B 327 51.93 32.98 -45.34
CA LEU B 327 51.76 34.33 -44.80
C LEU B 327 52.85 35.29 -45.26
N GLY B 328 54.04 34.78 -45.63
CA GLY B 328 55.08 35.64 -46.15
C GLY B 328 54.86 36.08 -47.58
N LYS B 329 53.91 35.46 -48.27
CA LYS B 329 53.52 35.88 -49.61
C LYS B 329 52.57 37.06 -49.48
N GLU B 330 51.91 37.45 -50.57
CA GLU B 330 50.86 38.45 -50.52
C GLU B 330 49.72 38.00 -51.44
N ASN B 331 48.59 37.65 -50.85
CA ASN B 331 47.47 37.11 -51.60
C ASN B 331 46.35 38.15 -51.73
N GLN B 335 39.29 32.59 -55.03
CA GLN B 335 39.46 31.19 -55.38
C GLN B 335 38.49 30.79 -56.48
N PRO B 336 39.00 30.10 -57.52
CA PRO B 336 38.15 29.72 -58.65
C PRO B 336 37.37 28.43 -58.42
N LYS B 337 36.72 27.95 -59.48
CA LYS B 337 35.93 26.70 -59.48
C LYS B 337 34.67 26.81 -58.61
N THR B 338 33.86 27.83 -58.88
CA THR B 338 32.49 27.88 -58.39
C THR B 338 31.64 26.94 -59.24
N GLN B 339 31.14 25.86 -58.65
CA GLN B 339 30.60 24.75 -59.43
C GLN B 339 29.12 24.51 -59.24
N PHE B 340 28.65 24.39 -58.00
CA PHE B 340 27.26 23.95 -57.81
C PHE B 340 26.28 25.08 -58.05
N LEU B 341 26.37 25.69 -59.24
CA LEU B 341 25.54 26.83 -59.61
C LEU B 341 25.54 27.88 -58.50
N GLY B 342 26.74 28.27 -58.06
CA GLY B 342 26.87 29.27 -57.03
C GLY B 342 27.77 28.89 -55.88
N VAL B 343 27.83 27.60 -55.56
CA VAL B 343 28.73 27.12 -54.51
C VAL B 343 30.15 27.07 -55.05
N TYR B 344 31.09 27.61 -54.28
CA TYR B 344 32.49 27.54 -54.64
C TYR B 344 33.10 26.24 -54.13
N PHE B 345 34.21 25.85 -54.76
CA PHE B 345 34.86 24.57 -54.46
C PHE B 345 36.37 24.79 -54.41
N VAL B 346 36.92 24.80 -53.21
CA VAL B 346 38.35 24.97 -53.04
C VAL B 346 39.03 23.63 -53.32
N SER B 347 40.18 23.67 -53.98
CA SER B 347 40.92 22.46 -54.35
C SER B 347 42.01 22.16 -53.34
N SER B 348 42.60 20.96 -53.46
CA SER B 348 43.59 20.48 -52.50
C SER B 348 44.76 21.45 -52.38
N GLN B 349 45.15 22.08 -53.48
CA GLN B 349 46.35 22.92 -53.49
C GLN B 349 46.09 24.24 -52.77
N GLU B 350 44.90 24.81 -52.96
CA GLU B 350 44.54 26.02 -52.21
C GLU B 350 44.21 25.69 -50.76
N PHE B 351 43.72 24.46 -50.51
CA PHE B 351 43.37 24.05 -49.17
C PHE B 351 44.61 23.88 -48.30
N LEU B 352 45.60 23.16 -48.80
CA LEU B 352 46.85 23.00 -48.05
C LEU B 352 47.71 24.24 -48.08
N GLY B 353 47.23 25.37 -48.59
CA GLY B 353 48.00 26.60 -48.54
C GLY B 353 47.21 27.73 -47.92
N ASN B 354 46.46 27.43 -46.87
CA ASN B 354 45.65 28.45 -46.20
C ASN B 354 46.27 28.97 -44.92
N ALA B 355 47.08 28.15 -44.24
CA ALA B 355 47.85 28.56 -43.07
C ALA B 355 46.94 28.80 -41.87
N TYR B 356 45.63 28.78 -42.08
CA TYR B 356 44.71 28.56 -40.98
C TYR B 356 44.35 27.09 -40.91
N VAL B 357 44.07 26.49 -42.07
CA VAL B 357 43.92 25.04 -42.14
C VAL B 357 45.23 24.36 -41.77
N LEU B 358 46.35 24.91 -42.27
CA LEU B 358 47.64 24.32 -41.95
C LEU B 358 47.89 24.31 -40.45
N ALA B 359 47.42 25.34 -39.75
CA ALA B 359 47.66 25.41 -38.31
C ALA B 359 46.92 24.31 -37.56
N VAL B 360 45.63 24.13 -37.84
CA VAL B 360 44.89 23.11 -37.13
C VAL B 360 45.33 21.72 -37.56
N LEU B 361 45.80 21.57 -38.81
CA LEU B 361 46.34 20.27 -39.21
C LEU B 361 47.64 19.98 -38.48
N LEU B 362 48.50 20.98 -38.31
CA LEU B 362 49.69 20.81 -37.48
C LEU B 362 49.29 20.41 -36.07
N PHE B 363 48.26 21.04 -35.51
CA PHE B 363 47.83 20.73 -34.15
C PHE B 363 47.36 19.28 -34.04
N LEU B 364 46.48 18.86 -34.95
CA LEU B 364 45.99 17.49 -34.94
C LEU B 364 47.12 16.50 -35.10
N ALA B 365 48.00 16.73 -36.09
CA ALA B 365 49.11 15.82 -36.30
C ALA B 365 50.01 15.74 -35.09
N LEU B 366 50.24 16.88 -34.42
CA LEU B 366 51.11 16.89 -33.25
C LEU B 366 50.50 16.09 -32.13
N LEU B 367 49.20 16.28 -31.87
CA LEU B 367 48.52 15.56 -30.81
C LEU B 367 48.54 14.06 -31.07
N LEU B 368 48.22 13.66 -32.31
CA LEU B 368 48.22 12.24 -32.65
C LEU B 368 49.63 11.65 -32.59
N GLN B 369 50.63 12.39 -33.05
CA GLN B 369 52.00 11.89 -33.01
C GLN B 369 52.46 11.69 -31.58
N ARG B 370 52.15 12.63 -30.70
CA ARG B 370 52.62 12.51 -29.33
C ARG B 370 51.92 11.37 -28.60
N THR B 371 50.62 11.16 -28.86
CA THR B 371 49.96 10.03 -28.21
C THR B 371 50.46 8.70 -28.78
N PHE B 372 50.78 8.64 -30.08
CA PHE B 372 51.38 7.44 -30.64
C PHE B 372 52.77 7.19 -30.07
N LEU B 373 53.53 8.25 -29.84
CA LEU B 373 54.86 8.09 -29.28
C LEU B 373 54.79 7.53 -27.86
N GLN B 374 53.94 8.12 -27.02
CA GLN B 374 53.81 7.63 -25.66
C GLN B 374 53.28 6.21 -25.63
N ALA B 375 52.38 5.86 -26.56
CA ALA B 375 51.89 4.48 -26.61
C ALA B 375 52.99 3.52 -27.02
N SER B 376 53.87 3.93 -27.95
CA SER B 376 55.02 3.11 -28.29
C SER B 376 55.90 2.88 -27.07
N TYR B 377 56.22 3.95 -26.34
CA TYR B 377 56.99 3.82 -25.12
C TYR B 377 56.35 2.82 -24.17
N TYR B 378 55.03 2.93 -23.97
CA TYR B 378 54.39 2.07 -22.99
C TYR B 378 54.38 0.61 -23.42
N VAL B 379 54.09 0.34 -24.69
CA VAL B 379 54.07 -1.05 -25.13
C VAL B 379 55.46 -1.67 -25.02
N ALA B 380 56.50 -0.90 -25.37
CA ALA B 380 57.86 -1.40 -25.22
C ALA B 380 58.19 -1.68 -23.75
N ILE B 381 57.78 -0.78 -22.86
CA ILE B 381 58.06 -0.99 -21.45
C ILE B 381 57.35 -2.24 -20.94
N GLU B 382 56.09 -2.43 -21.32
CA GLU B 382 55.34 -3.58 -20.83
C GLU B 382 55.92 -4.88 -21.34
N THR B 383 56.26 -4.95 -22.63
CA THR B 383 56.86 -6.19 -23.13
C THR B 383 58.21 -6.44 -22.49
N GLY B 384 58.97 -5.39 -22.18
CA GLY B 384 60.24 -5.58 -21.50
C GLY B 384 60.08 -6.12 -20.09
N ILE B 385 59.08 -5.61 -19.36
CA ILE B 385 58.85 -6.08 -18.00
C ILE B 385 58.35 -7.52 -18.01
N ASN B 386 57.49 -7.87 -18.96
CA ASN B 386 57.05 -9.26 -19.07
C ASN B 386 58.22 -10.18 -19.40
N LEU B 387 59.12 -9.73 -20.27
CA LEU B 387 60.32 -10.50 -20.57
C LEU B 387 61.17 -10.68 -19.32
N ARG B 388 61.32 -9.63 -18.52
CA ARG B 388 62.10 -9.76 -17.28
C ARG B 388 61.48 -10.81 -16.37
N GLY B 389 60.15 -10.76 -16.21
CA GLY B 389 59.49 -11.76 -15.38
C GLY B 389 59.75 -13.18 -15.85
N ALA B 390 59.54 -13.40 -17.16
CA ALA B 390 59.72 -14.74 -17.71
C ALA B 390 61.16 -15.22 -17.57
N ILE B 391 62.13 -14.34 -17.82
CA ILE B 391 63.53 -14.74 -17.76
C ILE B 391 63.94 -15.02 -16.32
N GLN B 392 63.44 -14.23 -15.37
CA GLN B 392 63.73 -14.50 -13.96
C GLN B 392 63.19 -15.86 -13.56
N THR B 393 61.92 -16.14 -13.89
CA THR B 393 61.36 -17.44 -13.53
C THR B 393 62.12 -18.58 -14.19
N LYS B 394 62.57 -18.39 -15.43
CA LYS B 394 63.31 -19.45 -16.11
C LYS B 394 64.66 -19.70 -15.46
N ILE B 395 65.41 -18.63 -15.14
CA ILE B 395 66.73 -18.86 -14.56
C ILE B 395 66.59 -19.42 -13.15
N TYR B 396 65.49 -19.11 -12.46
CA TYR B 396 65.29 -19.73 -11.14
C TYR B 396 64.92 -21.20 -11.28
N ASN B 397 64.05 -21.54 -12.24
CA ASN B 397 63.73 -22.93 -12.49
C ASN B 397 64.96 -23.72 -12.92
N LYS B 398 65.95 -23.04 -13.51
CA LYS B 398 67.22 -23.70 -13.83
C LYS B 398 68.11 -23.83 -12.60
N ILE B 399 68.10 -22.81 -11.72
CA ILE B 399 68.80 -22.92 -10.43
C ILE B 399 68.31 -24.15 -9.68
N MET B 400 67.00 -24.42 -9.75
CA MET B 400 66.44 -25.55 -9.02
C MET B 400 67.08 -26.86 -9.43
N HIS B 401 67.44 -27.00 -10.71
CA HIS B 401 67.89 -28.29 -11.23
C HIS B 401 69.40 -28.45 -11.27
N LEU B 402 70.17 -27.38 -11.09
CA LEU B 402 71.61 -27.51 -11.26
C LEU B 402 72.23 -28.31 -10.12
N SER B 403 73.38 -28.91 -10.41
CA SER B 403 74.04 -29.80 -9.46
C SER B 403 74.85 -29.02 -8.43
N THR B 404 75.17 -29.70 -7.33
CA THR B 404 75.90 -29.09 -6.22
C THR B 404 77.38 -28.90 -6.53
N SER B 405 77.89 -29.47 -7.64
CA SER B 405 79.30 -29.33 -7.96
C SER B 405 79.69 -27.87 -8.16
N ASN B 406 78.83 -27.11 -8.82
CA ASN B 406 79.10 -25.70 -9.10
C ASN B 406 78.82 -24.83 -7.88
N THR B 413 79.66 -20.13 -6.82
CA THR B 413 79.45 -18.88 -7.53
C THR B 413 78.04 -18.34 -7.28
N ALA B 414 77.74 -18.08 -6.00
CA ALA B 414 76.42 -17.58 -5.64
C ALA B 414 76.23 -16.14 -6.10
N GLY B 415 77.23 -15.29 -5.83
CA GLY B 415 77.13 -13.89 -6.23
C GLY B 415 77.01 -13.72 -7.73
N GLN B 416 77.60 -14.63 -8.51
CA GLN B 416 77.46 -14.56 -9.96
C GLN B 416 76.01 -14.71 -10.38
N ILE B 417 75.31 -15.69 -9.80
CA ILE B 417 73.88 -15.84 -10.10
C ILE B 417 73.08 -14.66 -9.57
N CYS B 418 73.45 -14.16 -8.39
CA CYS B 418 72.73 -13.02 -7.82
C CYS B 418 72.79 -11.82 -8.75
N ASN B 419 73.99 -11.50 -9.27
CA ASN B 419 74.08 -10.37 -10.18
C ASN B 419 73.57 -10.70 -11.57
N LEU B 420 73.57 -11.98 -11.96
CA LEU B 420 72.92 -12.37 -13.22
C LEU B 420 71.42 -12.07 -13.17
N VAL B 421 70.83 -12.19 -11.99
CA VAL B 421 69.45 -11.73 -11.83
C VAL B 421 69.41 -10.21 -11.66
N ALA B 422 70.48 -9.62 -11.10
CA ALA B 422 70.41 -8.22 -10.73
C ALA B 422 70.74 -7.29 -11.90
N ILE B 423 71.77 -7.61 -12.70
CA ILE B 423 72.25 -6.65 -13.68
C ILE B 423 72.13 -7.16 -15.12
N ASP B 424 72.19 -8.48 -15.30
CA ASP B 424 72.17 -9.01 -16.67
C ASP B 424 70.76 -9.04 -17.24
N THR B 425 69.81 -9.57 -16.47
CA THR B 425 68.41 -9.47 -16.85
C THR B 425 67.97 -8.01 -16.97
N ASN B 426 68.54 -7.13 -16.15
CA ASN B 426 68.26 -5.71 -16.27
C ASN B 426 68.71 -5.17 -17.62
N GLN B 427 69.92 -5.54 -18.06
CA GLN B 427 70.40 -5.07 -19.36
C GLN B 427 69.56 -5.65 -20.49
N LEU B 428 69.12 -6.90 -20.37
CA LEU B 428 68.23 -7.48 -21.37
C LEU B 428 66.92 -6.70 -21.43
N MET B 429 66.34 -6.41 -20.27
CA MET B 429 65.07 -5.69 -20.24
C MET B 429 65.22 -4.28 -20.77
N TRP B 430 66.36 -3.62 -20.53
CA TRP B 430 66.53 -2.29 -21.08
C TRP B 430 66.80 -2.32 -22.58
N PHE B 431 67.44 -3.37 -23.08
CA PHE B 431 67.48 -3.52 -24.52
C PHE B 431 66.08 -3.67 -25.09
N PHE B 432 65.21 -4.38 -24.39
CA PHE B 432 63.84 -4.50 -24.89
C PHE B 432 63.04 -3.21 -24.71
N PHE B 433 63.45 -2.35 -23.79
CA PHE B 433 62.88 -1.02 -23.70
C PHE B 433 63.26 -0.17 -24.90
N LEU B 434 64.54 -0.15 -25.24
CA LEU B 434 65.05 0.70 -26.30
C LEU B 434 65.04 0.03 -27.67
N CYS B 435 64.51 -1.18 -27.76
CA CYS B 435 64.53 -1.91 -29.03
C CYS B 435 63.77 -1.22 -30.16
N PRO B 436 62.57 -0.66 -29.96
CA PRO B 436 61.96 0.10 -31.06
C PRO B 436 62.83 1.26 -31.55
N ASN B 437 63.54 1.92 -30.62
CA ASN B 437 64.44 3.00 -31.01
C ASN B 437 65.50 2.50 -31.97
N LEU B 438 66.00 1.28 -31.75
CA LEU B 438 67.06 0.74 -32.59
C LEU B 438 66.61 0.63 -34.04
N TRP B 439 65.33 0.39 -34.28
CA TRP B 439 64.83 0.26 -35.64
C TRP B 439 64.32 1.56 -36.22
N ALA B 440 63.86 2.48 -35.37
CA ALA B 440 63.20 3.68 -35.85
C ALA B 440 64.05 4.94 -35.77
N MET B 441 65.25 4.88 -35.19
CA MET B 441 66.12 6.05 -35.22
C MET B 441 66.87 6.18 -36.55
N PRO B 442 67.35 5.09 -37.15
CA PRO B 442 67.91 5.24 -38.50
C PRO B 442 66.89 5.76 -39.50
N VAL B 443 65.66 5.25 -39.45
CA VAL B 443 64.60 5.74 -40.33
C VAL B 443 64.37 7.23 -40.09
N GLN B 444 64.33 7.63 -38.82
CA GLN B 444 64.16 9.03 -38.46
C GLN B 444 65.26 9.88 -39.08
N ILE B 445 66.52 9.50 -38.87
CA ILE B 445 67.63 10.33 -39.34
C ILE B 445 67.66 10.38 -40.87
N ILE B 446 67.37 9.25 -41.53
CA ILE B 446 67.35 9.22 -42.99
C ILE B 446 66.29 10.17 -43.54
N VAL B 447 65.05 10.03 -43.05
CA VAL B 447 63.98 10.89 -43.55
C VAL B 447 64.24 12.35 -43.20
N GLY B 448 64.88 12.62 -42.06
CA GLY B 448 65.19 14.00 -41.71
C GLY B 448 66.22 14.63 -42.63
N VAL B 449 67.28 13.88 -42.96
CA VAL B 449 68.26 14.39 -43.92
C VAL B 449 67.61 14.59 -45.27
N ILE B 450 66.75 13.66 -45.69
CA ILE B 450 66.10 13.79 -47.00
C ILE B 450 65.23 15.05 -47.03
N LEU B 451 64.43 15.26 -45.98
CA LEU B 451 63.57 16.44 -45.95
C LEU B 451 64.39 17.73 -45.90
N LEU B 452 65.48 17.74 -45.12
CA LEU B 452 66.34 18.91 -45.09
C LEU B 452 66.91 19.22 -46.47
N TYR B 453 67.38 18.19 -47.19
CA TYR B 453 67.90 18.41 -48.53
C TYR B 453 66.83 18.94 -49.46
N TYR B 454 65.63 18.36 -49.40
CA TYR B 454 64.53 18.82 -50.23
C TYR B 454 64.17 20.28 -49.94
N ILE B 455 64.35 20.73 -48.69
CA ILE B 455 63.98 22.10 -48.36
C ILE B 455 65.09 23.08 -48.74
N LEU B 456 66.34 22.78 -48.38
CA LEU B 456 67.41 23.76 -48.48
C LEU B 456 68.42 23.45 -49.59
N GLY B 457 68.16 22.44 -50.41
CA GLY B 457 69.10 22.16 -51.49
C GLY B 457 70.40 21.57 -50.98
N VAL B 458 71.50 22.00 -51.59
CA VAL B 458 72.78 21.34 -51.35
C VAL B 458 73.36 21.71 -49.97
N SER B 459 73.16 22.95 -49.50
CA SER B 459 73.73 23.35 -48.22
C SER B 459 73.15 22.55 -47.06
N ALA B 460 71.92 22.06 -47.21
CA ALA B 460 71.34 21.22 -46.17
C ALA B 460 72.12 19.92 -46.00
N LEU B 461 72.76 19.42 -47.05
CA LEU B 461 73.57 18.22 -46.91
C LEU B 461 74.81 18.48 -46.07
N ILE B 462 75.44 19.65 -46.25
CA ILE B 462 76.56 20.02 -45.40
C ILE B 462 76.11 20.14 -43.95
N GLY B 463 74.99 20.84 -43.72
CA GLY B 463 74.47 20.95 -42.37
C GLY B 463 74.14 19.60 -41.74
N ALA B 464 73.53 18.70 -42.53
CA ALA B 464 73.13 17.40 -42.01
C ALA B 464 74.34 16.52 -41.73
N ALA B 465 75.40 16.63 -42.54
CA ALA B 465 76.63 15.92 -42.22
C ALA B 465 77.25 16.44 -40.93
N VAL B 466 77.26 17.77 -40.76
CA VAL B 466 77.80 18.35 -39.54
C VAL B 466 77.03 17.86 -38.31
N ILE B 467 75.70 17.79 -38.42
CA ILE B 467 74.91 17.37 -37.26
C ILE B 467 74.99 15.85 -37.04
N ILE B 468 75.14 15.07 -38.12
CA ILE B 468 75.26 13.62 -37.99
C ILE B 468 76.59 13.28 -37.33
N LEU B 469 77.61 14.11 -37.52
CA LEU B 469 78.88 13.89 -36.84
C LEU B 469 78.76 13.89 -35.31
N LEU B 470 77.61 14.29 -34.77
CA LEU B 470 77.43 14.29 -33.32
C LEU B 470 77.37 12.87 -32.76
N ALA B 471 76.82 11.92 -33.52
CA ALA B 471 76.62 10.58 -32.98
C ALA B 471 77.95 9.86 -32.71
N PRO B 472 78.89 9.76 -33.66
CA PRO B 472 80.14 9.05 -33.33
C PRO B 472 80.93 9.72 -32.22
N VAL B 473 80.94 11.06 -32.19
CA VAL B 473 81.62 11.77 -31.11
C VAL B 473 80.99 11.42 -29.76
N GLN B 474 79.66 11.37 -29.71
CA GLN B 474 78.99 11.03 -28.47
C GLN B 474 79.29 9.60 -28.05
N TYR B 475 79.35 8.68 -29.01
CA TYR B 475 79.69 7.29 -28.68
C TYR B 475 81.09 7.18 -28.12
N PHE B 476 82.05 7.85 -28.75
CA PHE B 476 83.43 7.84 -28.24
C PHE B 476 83.50 8.44 -26.84
N VAL B 477 82.78 9.55 -26.61
CA VAL B 477 82.80 10.18 -25.29
C VAL B 477 82.18 9.25 -24.25
N ALA B 478 81.13 8.53 -24.60
CA ALA B 478 80.52 7.60 -23.65
C ALA B 478 81.45 6.45 -23.32
N THR B 479 82.16 5.93 -24.32
CA THR B 479 83.12 4.85 -24.06
C THR B 479 84.23 5.33 -23.12
N LYS B 480 84.79 6.51 -23.40
CA LYS B 480 85.80 7.06 -22.50
C LYS B 480 85.23 7.31 -21.11
N LEU B 481 83.96 7.70 -21.04
CA LEU B 481 83.34 7.96 -19.74
C LEU B 481 83.19 6.68 -18.93
N SER B 482 82.82 5.57 -19.59
CA SER B 482 82.74 4.29 -18.88
C SER B 482 84.12 3.81 -18.44
N GLN B 483 85.14 4.04 -19.27
CA GLN B 483 86.51 3.69 -18.88
C GLN B 483 86.92 4.46 -17.63
N ALA B 484 86.67 5.77 -17.62
CA ALA B 484 86.93 6.57 -16.43
C ALA B 484 86.09 6.12 -15.25
N GLN B 485 84.87 5.63 -15.51
CA GLN B 485 84.03 5.13 -14.44
C GLN B 485 84.64 3.91 -13.76
N ARG B 486 85.19 2.98 -14.55
CA ARG B 486 85.86 1.81 -13.96
C ARG B 486 87.10 2.23 -13.19
N SER B 487 87.92 3.11 -13.78
CA SER B 487 89.12 3.57 -13.10
C SER B 487 88.79 4.34 -11.82
N THR B 488 87.60 4.94 -11.74
CA THR B 488 87.16 5.57 -10.51
C THR B 488 86.64 4.56 -9.50
N LEU B 489 85.91 3.55 -9.99
CA LEU B 489 85.35 2.52 -9.10
C LEU B 489 86.44 1.77 -8.36
N GLU B 490 87.61 1.57 -8.99
CA GLU B 490 88.72 0.93 -8.28
C GLU B 490 89.07 1.70 -7.00
N HIS B 491 89.43 2.99 -7.16
CA HIS B 491 89.79 3.81 -6.01
C HIS B 491 88.63 3.95 -5.03
N SER B 492 87.40 3.97 -5.53
CA SER B 492 86.25 4.09 -4.63
C SER B 492 86.11 2.85 -3.77
N ASN B 493 86.30 1.67 -4.34
CA ASN B 493 86.25 0.44 -3.55
C ASN B 493 87.36 0.40 -2.51
N GLU B 494 88.56 0.83 -2.88
CA GLU B 494 89.65 0.84 -1.91
C GLU B 494 89.38 1.82 -0.77
N ARG B 495 88.87 3.02 -1.11
CA ARG B 495 88.51 3.99 -0.06
C ARG B 495 87.38 3.47 0.81
N LEU B 496 86.46 2.69 0.24
CA LEU B 496 85.38 2.11 1.05
C LEU B 496 85.93 1.08 2.02
N LYS B 497 86.87 0.24 1.58
CA LYS B 497 87.47 -0.73 2.50
C LYS B 497 88.23 -0.02 3.61
N GLN B 498 88.92 1.07 3.29
CA GLN B 498 89.63 1.82 4.32
C GLN B 498 88.66 2.49 5.30
N THR B 499 87.55 3.02 4.81
CA THR B 499 86.54 3.60 5.69
C THR B 499 85.92 2.54 6.59
N ASN B 500 85.72 1.34 6.06
CA ASN B 500 85.16 0.27 6.87
C ASN B 500 86.15 -0.19 7.96
N GLU B 501 87.44 -0.22 7.62
CA GLU B 501 88.45 -0.47 8.65
C GLU B 501 88.42 0.59 9.74
N MET B 502 88.36 1.87 9.34
CA MET B 502 88.32 2.96 10.30
C MET B 502 87.06 2.90 11.17
N LEU B 503 85.95 2.43 10.62
CA LEU B 503 84.68 2.45 11.34
C LEU B 503 84.46 1.21 12.21
N ARG B 504 85.06 0.07 11.84
CA ARG B 504 84.95 -1.10 12.70
C ARG B 504 85.79 -0.95 13.96
N GLY B 505 87.03 -0.48 13.82
CA GLY B 505 87.92 -0.32 14.95
C GLY B 505 87.97 1.10 15.48
N MET B 506 86.84 1.81 15.40
CA MET B 506 86.80 3.19 15.90
C MET B 506 87.00 3.24 17.41
N LYS B 507 86.53 2.21 18.13
CA LYS B 507 86.72 2.15 19.58
C LYS B 507 88.20 2.21 19.94
N LEU B 508 88.99 1.25 19.43
CA LEU B 508 90.42 1.19 19.76
C LEU B 508 91.16 2.44 19.31
N LEU B 509 90.84 2.95 18.11
CA LEU B 509 91.48 4.16 17.61
C LEU B 509 91.23 5.34 18.55
N LYS B 510 89.97 5.55 18.94
CA LYS B 510 89.68 6.62 19.90
C LYS B 510 90.32 6.35 21.25
N LEU B 511 90.52 5.08 21.60
CA LEU B 511 91.15 4.75 22.87
C LEU B 511 92.61 5.16 22.89
N TYR B 512 93.31 5.05 21.75
CA TYR B 512 94.69 5.52 21.68
C TYR B 512 94.86 6.73 20.76
N ALA B 513 93.77 7.37 20.34
CA ALA B 513 93.80 8.58 19.53
C ALA B 513 94.68 8.41 18.29
N TRP B 514 94.44 7.32 17.57
CA TRP B 514 95.02 7.11 16.25
C TRP B 514 94.04 7.49 15.15
N GLU B 515 92.97 8.20 15.48
CA GLU B 515 91.94 8.53 14.50
C GLU B 515 92.44 9.47 13.43
N SER B 516 93.31 10.43 13.79
CA SER B 516 93.76 11.43 12.83
C SER B 516 94.66 10.81 11.77
N ILE B 517 95.52 9.86 12.15
CA ILE B 517 96.43 9.26 11.20
C ILE B 517 95.67 8.40 10.18
N PHE B 518 94.72 7.60 10.66
CA PHE B 518 93.90 6.81 9.76
C PHE B 518 93.03 7.70 8.88
N CYS B 519 92.54 8.82 9.43
CA CYS B 519 91.80 9.79 8.62
C CYS B 519 92.69 10.39 7.53
N SER B 520 93.98 10.60 7.84
CA SER B 520 94.90 11.11 6.83
C SER B 520 95.14 10.10 5.73
N ARG B 521 95.26 8.82 6.08
CA ARG B 521 95.39 7.79 5.04
C ARG B 521 94.14 7.71 4.17
N VAL B 522 92.96 7.79 4.79
CA VAL B 522 91.71 7.82 4.04
C VAL B 522 91.65 9.04 3.14
N GLU B 523 92.17 10.18 3.60
CA GLU B 523 92.20 11.38 2.78
C GLU B 523 93.16 11.26 1.60
N VAL B 524 94.27 10.55 1.78
CA VAL B 524 95.18 10.31 0.65
C VAL B 524 94.49 9.45 -0.40
N THR B 525 93.81 8.39 0.03
CA THR B 525 93.06 7.57 -0.92
C THR B 525 91.96 8.39 -1.60
N ARG B 526 91.33 9.29 -0.85
CA ARG B 526 90.32 10.19 -1.40
C ARG B 526 90.91 11.14 -2.42
N ARG B 527 92.15 11.59 -2.21
CA ARG B 527 92.79 12.47 -3.18
C ARG B 527 93.10 11.73 -4.47
N LYS B 528 93.52 10.46 -4.37
CA LYS B 528 93.70 9.67 -5.59
C LYS B 528 92.37 9.48 -6.32
N GLU B 529 91.30 9.18 -5.57
CA GLU B 529 89.98 9.04 -6.19
C GLU B 529 89.54 10.35 -6.85
N MET B 530 89.88 11.50 -6.24
CA MET B 530 89.58 12.78 -6.86
C MET B 530 90.39 13.00 -8.12
N THR B 531 91.64 12.54 -8.13
CA THR B 531 92.44 12.59 -9.35
C THR B 531 91.76 11.86 -10.50
N SER B 532 91.17 10.70 -10.22
CA SER B 532 90.44 10.01 -11.29
C SER B 532 89.11 10.70 -11.60
N LEU B 533 88.43 11.23 -10.57
CA LEU B 533 87.17 11.92 -10.79
C LEU B 533 87.32 13.16 -11.65
N ARG B 534 88.51 13.78 -11.63
CA ARG B 534 88.76 14.92 -12.50
C ARG B 534 88.62 14.52 -13.98
N ALA B 535 89.23 13.40 -14.36
CA ALA B 535 89.10 12.94 -15.73
C ALA B 535 87.65 12.54 -16.04
N PHE B 536 86.99 11.88 -15.10
CA PHE B 536 85.59 11.54 -15.31
C PHE B 536 84.74 12.78 -15.58
N ALA B 537 84.95 13.83 -14.78
CA ALA B 537 84.17 15.06 -14.93
C ALA B 537 84.53 15.80 -16.21
N VAL B 538 85.79 15.72 -16.66
CA VAL B 538 86.16 16.32 -17.93
C VAL B 538 85.42 15.64 -19.08
N TYR B 539 85.34 14.31 -19.03
CA TYR B 539 84.59 13.60 -20.09
C TYR B 539 83.11 13.94 -20.03
N THR B 540 82.55 14.07 -18.83
CA THR B 540 81.14 14.45 -18.72
C THR B 540 80.91 15.86 -19.27
N SER B 541 81.80 16.79 -18.96
CA SER B 541 81.68 18.14 -19.48
C SER B 541 81.79 18.16 -21.01
N ILE B 542 82.72 17.38 -21.55
CA ILE B 542 82.85 17.28 -23.01
C ILE B 542 81.56 16.74 -23.61
N SER B 543 80.95 15.74 -22.97
CA SER B 543 79.68 15.22 -23.45
C SER B 543 78.61 16.31 -23.49
N ILE B 544 78.44 17.03 -22.39
CA ILE B 544 77.41 18.07 -22.34
C ILE B 544 77.67 19.13 -23.40
N PHE B 545 78.92 19.57 -23.51
CA PHE B 545 79.26 20.65 -24.43
C PHE B 545 79.08 20.23 -25.88
N MET B 546 79.53 19.02 -26.24
CA MET B 546 79.29 18.52 -27.58
C MET B 546 77.80 18.45 -27.88
N ASN B 547 77.03 17.89 -26.95
CA ASN B 547 75.60 17.72 -27.15
C ASN B 547 74.90 19.05 -27.41
N THR B 548 75.31 20.12 -26.72
CA THR B 548 74.64 21.39 -26.91
C THR B 548 75.26 22.26 -28.01
N ALA B 549 76.50 21.99 -28.41
CA ALA B 549 77.21 22.86 -29.34
C ALA B 549 77.25 22.34 -30.77
N ILE B 550 77.18 21.03 -30.99
CA ILE B 550 77.13 20.52 -32.37
C ILE B 550 75.93 21.07 -33.14
N PRO B 551 74.73 21.16 -32.55
CA PRO B 551 73.61 21.75 -33.33
C PRO B 551 73.79 23.22 -33.67
N ILE B 552 74.34 24.02 -32.75
CA ILE B 552 74.58 25.43 -33.05
C ILE B 552 75.54 25.56 -34.22
N ALA B 553 76.64 24.80 -34.18
CA ALA B 553 77.60 24.82 -35.30
C ALA B 553 76.95 24.33 -36.59
N ALA B 554 76.06 23.34 -36.50
CA ALA B 554 75.38 22.84 -37.69
C ALA B 554 74.51 23.93 -38.32
N VAL B 555 73.70 24.61 -37.51
CA VAL B 555 72.87 25.70 -38.01
C VAL B 555 73.74 26.80 -38.64
N LEU B 556 74.81 27.16 -37.94
CA LEU B 556 75.72 28.19 -38.43
C LEU B 556 76.27 27.84 -39.80
N ILE B 557 76.91 26.68 -39.92
CA ILE B 557 77.52 26.30 -41.19
C ILE B 557 76.46 26.20 -42.27
N THR B 558 75.30 25.60 -41.95
CA THR B 558 74.23 25.47 -42.93
C THR B 558 73.88 26.81 -43.53
N PHE B 559 73.48 27.77 -42.69
CA PHE B 559 72.96 29.02 -43.22
C PHE B 559 74.05 29.86 -43.88
N VAL B 560 75.21 29.99 -43.23
CA VAL B 560 76.25 30.85 -43.78
C VAL B 560 76.76 30.29 -45.11
N GLY B 561 77.06 28.99 -45.16
CA GLY B 561 77.46 28.39 -46.42
C GLY B 561 76.38 28.43 -47.48
N HIS B 562 75.10 28.37 -47.05
CA HIS B 562 74.01 28.50 -48.00
C HIS B 562 74.02 29.88 -48.65
N VAL B 563 74.35 30.91 -47.88
CA VAL B 563 74.24 32.28 -48.38
C VAL B 563 75.54 32.75 -49.02
N SER B 564 76.68 32.52 -48.36
CA SER B 564 77.94 33.09 -48.84
C SER B 564 78.72 32.12 -49.73
N PHE B 565 79.05 30.93 -49.23
CA PHE B 565 79.88 30.00 -49.98
C PHE B 565 79.15 29.51 -51.23
N PHE B 566 77.96 28.93 -51.06
CA PHE B 566 77.22 28.42 -52.20
C PHE B 566 76.64 29.52 -53.07
N LYS B 567 76.50 30.74 -52.55
CA LYS B 567 75.79 31.82 -53.25
C LYS B 567 74.41 31.36 -53.71
N GLU B 568 73.80 30.50 -52.89
CA GLU B 568 72.58 29.79 -53.26
C GLU B 568 71.36 30.68 -53.08
N SER B 569 70.18 30.08 -53.12
CA SER B 569 68.92 30.82 -53.04
C SER B 569 68.84 31.65 -51.77
N ASP B 570 68.13 32.78 -51.88
CA ASP B 570 67.99 33.69 -50.75
C ASP B 570 67.23 33.01 -49.62
N LEU B 571 67.65 33.29 -48.39
CA LEU B 571 67.13 32.60 -47.21
C LEU B 571 65.80 33.23 -46.81
N SER B 572 64.70 32.56 -47.14
CA SER B 572 63.36 33.02 -46.81
C SER B 572 62.98 32.56 -45.40
N PRO B 573 62.03 33.24 -44.76
CA PRO B 573 61.64 32.83 -43.41
C PRO B 573 61.13 31.40 -43.33
N SER B 574 60.26 31.01 -44.27
CA SER B 574 59.72 29.65 -44.26
C SER B 574 60.81 28.61 -44.39
N VAL B 575 61.69 28.77 -45.39
CA VAL B 575 62.73 27.78 -45.65
C VAL B 575 63.67 27.66 -44.45
N ALA B 576 64.11 28.81 -43.92
CA ALA B 576 65.07 28.80 -42.82
C ALA B 576 64.47 28.20 -41.56
N PHE B 577 63.25 28.59 -41.20
CA PHE B 577 62.69 28.07 -39.96
C PHE B 577 62.24 26.63 -40.08
N ALA B 578 61.84 26.18 -41.28
CA ALA B 578 61.63 24.76 -41.48
C ALA B 578 62.91 23.98 -41.26
N SER B 579 64.04 24.48 -41.79
CA SER B 579 65.31 23.79 -41.56
C SER B 579 65.70 23.80 -40.09
N LEU B 580 65.42 24.89 -39.38
CA LEU B 580 65.74 24.93 -37.96
C LEU B 580 64.93 23.90 -37.18
N SER B 581 63.63 23.82 -37.46
CA SER B 581 62.81 22.81 -36.79
C SER B 581 63.26 21.40 -37.14
N LEU B 582 63.66 21.17 -38.39
CA LEU B 582 64.17 19.86 -38.75
C LEU B 582 65.47 19.54 -38.03
N PHE B 583 66.31 20.55 -37.79
CA PHE B 583 67.53 20.32 -37.01
C PHE B 583 67.20 19.97 -35.57
N HIS B 584 66.24 20.66 -34.97
CA HIS B 584 65.83 20.34 -33.61
C HIS B 584 65.25 18.93 -33.53
N ILE B 585 64.52 18.51 -34.57
CA ILE B 585 63.99 17.15 -34.57
C ILE B 585 65.10 16.13 -34.80
N LEU B 586 66.16 16.51 -35.51
CA LEU B 586 67.28 15.59 -35.75
C LEU B 586 68.20 15.45 -34.55
N VAL B 587 68.25 16.45 -33.67
CA VAL B 587 69.20 16.42 -32.55
C VAL B 587 69.05 15.14 -31.74
N THR B 588 67.85 14.87 -31.25
CA THR B 588 67.64 13.82 -30.26
C THR B 588 68.05 12.43 -30.75
N PRO B 589 67.60 11.93 -31.90
CA PRO B 589 68.02 10.59 -32.32
C PRO B 589 69.53 10.48 -32.49
N LEU B 590 70.17 11.52 -33.02
CA LEU B 590 71.63 11.48 -33.17
C LEU B 590 72.33 11.38 -31.82
N PHE B 591 71.76 12.01 -30.79
CA PHE B 591 72.38 11.95 -29.47
C PHE B 591 72.16 10.60 -28.81
N LEU B 592 70.95 10.04 -28.94
CA LEU B 592 70.63 8.82 -28.22
C LEU B 592 70.97 7.55 -28.99
N LEU B 593 71.38 7.66 -30.25
CA LEU B 593 71.74 6.46 -31.00
C LEU B 593 72.95 5.77 -30.41
N SER B 594 73.92 6.55 -29.91
CA SER B 594 75.07 5.97 -29.23
C SER B 594 74.63 5.12 -28.04
N SER B 595 73.74 5.66 -27.21
CA SER B 595 73.26 4.93 -26.05
C SER B 595 72.49 3.68 -26.46
N VAL B 596 71.70 3.78 -27.52
CA VAL B 596 70.96 2.61 -28.00
C VAL B 596 71.92 1.50 -28.42
N VAL B 597 72.95 1.86 -29.19
CA VAL B 597 73.89 0.84 -29.67
C VAL B 597 74.65 0.23 -28.48
N ARG B 598 75.07 1.08 -27.54
CA ARG B 598 75.81 0.56 -26.39
C ARG B 598 74.95 -0.40 -25.58
N SER B 599 73.69 -0.03 -25.34
CA SER B 599 72.78 -0.93 -24.63
C SER B 599 72.56 -2.22 -25.42
N THR B 600 72.54 -2.14 -26.75
CA THR B 600 72.35 -3.35 -27.55
C THR B 600 73.51 -4.32 -27.38
N VAL B 601 74.75 -3.81 -27.49
CA VAL B 601 75.88 -4.72 -27.33
C VAL B 601 75.96 -5.24 -25.89
N LYS B 602 75.60 -4.40 -24.92
CA LYS B 602 75.60 -4.83 -23.53
C LYS B 602 74.62 -5.98 -23.31
N ALA B 603 73.41 -5.86 -23.86
CA ALA B 603 72.42 -6.91 -23.68
C ALA B 603 72.73 -8.14 -24.53
N LEU B 604 73.44 -7.97 -25.64
CA LEU B 604 73.92 -9.13 -26.39
C LEU B 604 74.88 -9.95 -25.54
N VAL B 605 75.84 -9.26 -24.88
CA VAL B 605 76.73 -9.94 -23.95
C VAL B 605 75.95 -10.59 -22.81
N SER B 606 74.91 -9.91 -22.33
CA SER B 606 74.11 -10.46 -21.25
C SER B 606 73.38 -11.74 -21.66
N VAL B 607 72.83 -11.78 -22.87
CA VAL B 607 72.17 -12.99 -23.34
C VAL B 607 73.17 -14.11 -23.57
N GLN B 608 74.37 -13.76 -24.04
CA GLN B 608 75.43 -14.77 -24.13
C GLN B 608 75.73 -15.38 -22.78
N LYS B 609 75.93 -14.54 -21.76
CA LYS B 609 76.22 -15.04 -20.42
C LYS B 609 75.06 -15.88 -19.88
N LEU B 610 73.82 -15.44 -20.15
CA LEU B 610 72.66 -16.17 -19.68
C LEU B 610 72.56 -17.55 -20.33
N SER B 611 72.89 -17.64 -21.62
CA SER B 611 72.90 -18.94 -22.28
C SER B 611 74.01 -19.83 -21.72
N GLU B 612 75.19 -19.26 -21.49
CA GLU B 612 76.28 -20.03 -20.90
C GLU B 612 75.87 -20.60 -19.55
N PHE B 613 75.16 -19.82 -18.74
CA PHE B 613 74.71 -20.31 -17.44
C PHE B 613 73.61 -21.36 -17.59
N LEU B 614 72.60 -21.08 -18.43
CA LEU B 614 71.47 -21.97 -18.58
C LEU B 614 71.86 -23.30 -19.24
N SER B 615 73.02 -23.36 -19.88
CA SER B 615 73.44 -24.59 -20.53
C SER B 615 74.04 -25.61 -19.55
N SER B 616 74.59 -25.14 -18.42
CA SER B 616 75.27 -26.04 -17.47
C SER B 616 74.27 -26.91 -16.70
N CYS B 678 62.25 -48.96 4.02
CA CYS B 678 63.67 -48.78 4.27
C CYS B 678 64.37 -48.12 3.09
N VAL B 679 65.59 -47.62 3.32
CA VAL B 679 66.39 -47.00 2.28
C VAL B 679 67.44 -48.02 1.83
N GLN B 680 67.30 -48.51 0.61
CA GLN B 680 68.15 -49.56 0.06
C GLN B 680 69.09 -48.98 -0.99
N ILE B 681 70.35 -49.39 -0.94
CA ILE B 681 71.35 -49.00 -1.93
C ILE B 681 72.17 -50.23 -2.30
N ILE B 682 72.26 -50.52 -3.59
CA ILE B 682 73.06 -51.63 -4.11
C ILE B 682 73.94 -51.11 -5.24
N GLY B 683 75.26 -51.22 -5.05
CA GLY B 683 76.21 -50.84 -6.07
C GLY B 683 76.38 -49.35 -6.27
N GLY B 684 76.79 -48.64 -5.22
CA GLY B 684 76.98 -47.21 -5.34
C GLY B 684 78.14 -46.89 -6.26
N PHE B 685 77.90 -46.00 -7.23
CA PHE B 685 78.94 -45.61 -8.19
C PHE B 685 78.58 -44.26 -8.76
N PHE B 686 79.33 -43.22 -8.38
CA PHE B 686 79.13 -41.87 -8.89
C PHE B 686 80.34 -41.03 -8.51
N THR B 687 80.37 -39.80 -9.03
CA THR B 687 81.44 -38.86 -8.72
C THR B 687 80.89 -37.44 -8.86
N TRP B 688 81.71 -36.48 -8.49
CA TRP B 688 81.34 -35.07 -8.64
C TRP B 688 81.82 -34.49 -9.97
N THR B 689 81.54 -35.22 -11.05
CA THR B 689 81.92 -34.82 -12.41
C THR B 689 81.05 -35.61 -13.38
N PRO B 690 80.77 -35.07 -14.56
CA PRO B 690 80.17 -35.91 -15.61
C PRO B 690 81.08 -37.01 -16.09
N ASP B 691 82.41 -36.85 -15.95
CA ASP B 691 83.37 -37.87 -16.33
C ASP B 691 84.64 -37.66 -15.52
N GLY B 692 85.12 -38.72 -14.88
CA GLY B 692 86.31 -38.63 -14.06
C GLY B 692 86.39 -39.80 -13.10
N ILE B 693 87.43 -39.76 -12.27
CA ILE B 693 87.65 -40.82 -11.29
C ILE B 693 86.53 -40.79 -10.25
N PRO B 694 85.92 -41.92 -9.92
CA PRO B 694 84.77 -41.90 -9.01
C PRO B 694 85.17 -41.96 -7.55
N THR B 695 84.53 -41.11 -6.75
CA THR B 695 84.70 -41.13 -5.30
C THR B 695 83.65 -41.99 -4.59
N LEU B 696 82.62 -42.42 -5.32
CA LEU B 696 81.63 -43.37 -4.81
C LEU B 696 81.79 -44.67 -5.58
N SER B 697 82.06 -45.76 -4.86
CA SER B 697 82.33 -47.04 -5.50
C SER B 697 81.95 -48.17 -4.54
N ASN B 698 81.08 -49.06 -5.01
CA ASN B 698 80.73 -50.29 -4.30
C ASN B 698 80.17 -49.99 -2.90
N ILE B 699 79.01 -49.32 -2.90
CA ILE B 699 78.29 -49.00 -1.68
C ILE B 699 76.96 -49.72 -1.70
N THR B 700 76.69 -50.53 -0.68
CA THR B 700 75.44 -51.26 -0.53
C THR B 700 75.02 -51.16 0.93
N ILE B 701 73.92 -50.46 1.20
CA ILE B 701 73.51 -50.17 2.57
C ILE B 701 72.00 -50.28 2.67
N ARG B 702 71.52 -50.84 3.78
CA ARG B 702 70.10 -50.88 4.11
C ARG B 702 69.86 -50.08 5.38
N ILE B 703 68.96 -49.11 5.30
CA ILE B 703 68.57 -48.31 6.45
C ILE B 703 67.11 -48.60 6.76
N PRO B 704 66.82 -49.52 7.69
CA PRO B 704 65.43 -49.84 8.00
C PRO B 704 64.77 -48.73 8.80
N ARG B 705 63.44 -48.79 8.84
CA ARG B 705 62.65 -47.79 9.54
C ARG B 705 62.83 -47.92 11.06
N GLY B 706 62.72 -46.78 11.74
CA GLY B 706 62.86 -46.75 13.18
C GLY B 706 64.25 -47.17 13.62
N GLN B 707 65.26 -46.39 13.23
CA GLN B 707 66.63 -46.77 13.50
C GLN B 707 67.50 -45.52 13.53
N LEU B 708 68.48 -45.54 14.44
CA LEU B 708 69.53 -44.52 14.52
C LEU B 708 70.77 -45.07 13.83
N THR B 709 70.97 -44.71 12.57
CA THR B 709 72.08 -45.21 11.77
C THR B 709 73.25 -44.24 11.88
N MET B 710 74.36 -44.69 12.46
CA MET B 710 75.54 -43.86 12.66
C MET B 710 76.56 -44.14 11.56
N ILE B 711 77.10 -43.08 10.98
CA ILE B 711 78.14 -43.18 9.95
C ILE B 711 79.42 -42.59 10.50
N VAL B 712 80.50 -43.38 10.47
CA VAL B 712 81.78 -42.94 11.01
C VAL B 712 82.88 -43.25 10.00
N GLY B 713 83.95 -42.46 10.07
CA GLY B 713 85.08 -42.61 9.19
C GLY B 713 86.06 -41.49 9.44
N GLN B 714 87.15 -41.52 8.67
CA GLN B 714 88.17 -40.49 8.77
C GLN B 714 87.71 -39.25 8.01
N VAL B 715 88.61 -38.28 7.84
CA VAL B 715 88.32 -37.07 7.09
C VAL B 715 88.60 -37.35 5.62
N GLY B 716 87.54 -37.46 4.82
CA GLY B 716 87.68 -37.76 3.42
C GLY B 716 87.37 -39.21 3.09
N CYS B 717 86.32 -39.76 3.71
CA CYS B 717 85.91 -41.14 3.50
C CYS B 717 84.55 -41.25 2.81
N GLY B 718 83.99 -40.14 2.32
CA GLY B 718 82.73 -40.20 1.63
C GLY B 718 81.51 -40.28 2.52
N LYS B 719 81.58 -39.70 3.72
CA LYS B 719 80.41 -39.71 4.61
C LYS B 719 79.31 -38.79 4.07
N SER B 720 79.64 -37.51 3.87
CA SER B 720 78.66 -36.57 3.35
C SER B 720 78.28 -36.90 1.92
N SER B 721 79.23 -37.39 1.12
CA SER B 721 78.91 -37.80 -0.24
C SER B 721 77.87 -38.91 -0.26
N LEU B 722 78.02 -39.88 0.65
CA LEU B 722 77.02 -40.94 0.76
C LEU B 722 75.70 -40.41 1.30
N LEU B 723 75.77 -39.47 2.25
CA LEU B 723 74.55 -38.89 2.80
C LEU B 723 73.73 -38.20 1.72
N LEU B 724 74.41 -37.50 0.80
CA LEU B 724 73.70 -36.88 -0.31
C LEU B 724 73.31 -37.90 -1.38
N ALA B 725 74.05 -39.01 -1.48
CA ALA B 725 73.73 -40.03 -2.47
C ALA B 725 72.38 -40.69 -2.15
N THR B 726 72.14 -40.99 -0.87
CA THR B 726 70.85 -41.56 -0.48
C THR B 726 69.71 -40.55 -0.61
N LEU B 727 70.03 -39.26 -0.67
CA LEU B 727 69.02 -38.21 -0.78
C LEU B 727 68.57 -37.98 -2.22
N GLY B 728 69.17 -38.68 -3.19
CA GLY B 728 68.89 -38.43 -4.58
C GLY B 728 69.61 -37.24 -5.16
N GLU B 729 70.57 -36.66 -4.42
CA GLU B 729 71.24 -35.44 -4.87
C GLU B 729 72.25 -35.70 -5.97
N MET B 730 72.88 -36.87 -5.97
CA MET B 730 73.85 -37.24 -7.00
C MET B 730 73.35 -38.50 -7.70
N GLN B 731 73.00 -38.35 -8.98
CA GLN B 731 72.52 -39.49 -9.78
C GLN B 731 73.69 -40.43 -10.04
N LYS B 732 73.63 -41.63 -9.45
CA LYS B 732 74.72 -42.58 -9.57
C LYS B 732 74.82 -43.12 -10.99
N VAL B 733 76.05 -43.46 -11.39
CA VAL B 733 76.29 -43.93 -12.75
C VAL B 733 75.70 -45.32 -12.94
N SER B 734 76.16 -46.29 -12.15
CA SER B 734 75.71 -47.67 -12.26
C SER B 734 75.38 -48.17 -10.85
N GLY B 735 74.10 -48.16 -10.51
CA GLY B 735 73.67 -48.62 -9.20
C GLY B 735 72.19 -48.40 -9.01
N ALA B 736 71.67 -49.00 -7.94
CA ALA B 736 70.26 -48.91 -7.59
C ALA B 736 70.10 -48.31 -6.21
N VAL B 737 69.14 -47.39 -6.07
CA VAL B 737 68.86 -46.75 -4.79
C VAL B 737 67.37 -46.48 -4.70
N PHE B 738 66.74 -46.96 -3.62
CA PHE B 738 65.31 -46.81 -3.41
C PHE B 738 65.07 -46.40 -1.96
N TRP B 739 63.91 -45.79 -1.73
CA TRP B 739 63.49 -45.47 -0.37
C TRP B 739 61.97 -45.34 -0.29
N GLY B 768 60.54 -39.28 -2.30
CA GLY B 768 59.87 -39.00 -1.04
C GLY B 768 60.50 -37.88 -0.24
N PRO B 769 59.68 -37.13 0.51
CA PRO B 769 60.21 -35.97 1.24
C PRO B 769 61.01 -36.40 2.46
N VAL B 770 62.12 -35.72 2.69
CA VAL B 770 63.11 -36.13 3.68
C VAL B 770 63.72 -34.89 4.31
N ALA B 771 63.80 -34.84 5.64
CA ALA B 771 64.44 -33.72 6.30
C ALA B 771 65.95 -33.91 6.31
N TYR B 772 66.67 -32.79 6.27
CA TYR B 772 68.12 -32.84 6.13
C TYR B 772 68.73 -31.58 6.73
N ALA B 773 69.79 -31.76 7.50
CA ALA B 773 70.56 -30.65 8.07
C ALA B 773 72.00 -30.79 7.62
N SER B 774 72.40 -29.91 6.70
CA SER B 774 73.74 -29.94 6.10
C SER B 774 74.81 -29.59 7.12
N GLN B 775 76.05 -29.95 6.78
CA GLN B 775 77.17 -29.67 7.68
C GLN B 775 77.37 -28.18 7.86
N LYS B 776 77.33 -27.41 6.77
CA LYS B 776 77.38 -25.96 6.87
C LYS B 776 75.98 -25.43 7.08
N PRO B 777 75.69 -24.76 8.19
CA PRO B 777 74.33 -24.29 8.43
C PRO B 777 73.99 -23.06 7.61
N TRP B 778 72.78 -23.06 7.07
CA TRP B 778 72.26 -21.90 6.34
C TRP B 778 70.94 -21.46 6.96
N LEU B 779 70.65 -20.17 6.86
CA LEU B 779 69.47 -19.59 7.45
C LEU B 779 68.70 -18.81 6.39
N LEU B 780 67.59 -18.21 6.81
CA LEU B 780 66.80 -17.32 5.98
C LEU B 780 66.87 -15.91 6.55
N ASN B 781 66.70 -14.92 5.68
CA ASN B 781 66.66 -13.52 6.10
C ASN B 781 65.31 -13.21 6.75
N ALA B 782 64.99 -13.97 7.80
CA ALA B 782 63.70 -13.91 8.46
C ALA B 782 63.92 -14.06 9.96
N THR B 783 62.83 -14.32 10.68
CA THR B 783 62.89 -14.48 12.12
C THR B 783 63.32 -15.89 12.49
N VAL B 784 63.56 -16.10 13.79
CA VAL B 784 63.98 -17.42 14.27
C VAL B 784 62.82 -18.40 14.25
N GLU B 785 61.63 -17.95 14.67
CA GLU B 785 60.45 -18.80 14.58
C GLU B 785 60.17 -19.21 13.14
N GLU B 786 60.38 -18.28 12.19
CA GLU B 786 60.18 -18.61 10.78
C GLU B 786 61.22 -19.62 10.31
N ASN B 787 62.46 -19.51 10.79
CA ASN B 787 63.49 -20.48 10.44
C ASN B 787 63.14 -21.87 10.96
N ILE B 788 62.65 -21.95 12.20
CA ILE B 788 62.44 -23.26 12.81
C ILE B 788 61.16 -23.91 12.28
N THR B 789 60.10 -23.13 12.07
CA THR B 789 58.88 -23.70 11.51
C THR B 789 59.08 -24.10 10.06
N PHE B 790 59.69 -23.21 9.25
CA PHE B 790 60.04 -23.49 7.87
C PHE B 790 58.80 -23.86 7.04
N GLU B 791 57.89 -22.89 6.95
CA GLU B 791 56.64 -23.03 6.19
C GLU B 791 55.81 -24.20 6.69
N SER B 792 55.64 -24.26 8.01
CA SER B 792 54.84 -25.29 8.66
C SER B 792 53.86 -24.63 9.62
N PRO B 793 52.66 -25.20 9.78
CA PRO B 793 51.69 -24.63 10.72
C PRO B 793 52.26 -24.56 12.13
N PHE B 794 52.23 -23.36 12.71
CA PHE B 794 52.80 -23.14 14.03
C PHE B 794 52.00 -23.91 15.08
N ASN B 795 52.72 -24.61 15.97
CA ASN B 795 52.11 -25.37 17.05
C ASN B 795 52.58 -24.81 18.39
N LYS B 796 51.78 -25.07 19.43
CA LYS B 796 52.11 -24.61 20.77
C LYS B 796 53.01 -25.60 21.50
N GLN B 797 52.57 -26.85 21.60
CA GLN B 797 53.36 -27.87 22.30
C GLN B 797 54.53 -28.37 21.46
N ARG B 798 54.32 -28.52 20.15
CA ARG B 798 55.37 -29.03 19.28
C ARG B 798 56.54 -28.05 19.18
N TYR B 799 56.24 -26.78 18.88
CA TYR B 799 57.29 -25.79 18.72
C TYR B 799 58.05 -25.57 20.03
N LYS B 800 57.33 -25.46 21.15
CA LYS B 800 57.99 -25.27 22.43
C LYS B 800 58.80 -26.50 22.82
N MET B 801 58.29 -27.70 22.51
CA MET B 801 59.03 -28.92 22.79
C MET B 801 60.35 -28.96 22.02
N VAL B 802 60.32 -28.56 20.74
CA VAL B 802 61.55 -28.52 19.96
C VAL B 802 62.50 -27.44 20.50
N ILE B 803 61.96 -26.26 20.83
CA ILE B 803 62.78 -25.18 21.36
C ILE B 803 63.51 -25.62 22.61
N GLU B 804 62.80 -26.28 23.53
CA GLU B 804 63.43 -26.72 24.76
C GLU B 804 64.39 -27.87 24.51
N ALA B 805 64.03 -28.81 23.64
CA ALA B 805 64.86 -29.98 23.39
C ALA B 805 66.12 -29.65 22.59
N CYS B 806 66.26 -28.43 22.09
CA CYS B 806 67.42 -28.03 21.30
C CYS B 806 68.30 -27.02 22.03
N SER B 807 68.04 -26.77 23.32
CA SER B 807 68.85 -25.86 24.14
C SER B 807 69.01 -24.51 23.46
N LEU B 808 67.88 -23.90 23.09
CA LEU B 808 67.87 -22.66 22.35
C LEU B 808 67.08 -21.54 23.01
N GLN B 809 66.13 -21.85 23.90
CA GLN B 809 65.30 -20.82 24.51
C GLN B 809 66.11 -19.76 25.27
N PRO B 810 67.09 -20.12 26.12
CA PRO B 810 67.88 -19.06 26.77
C PRO B 810 68.68 -18.21 25.81
N ASP B 811 69.34 -18.84 24.82
CA ASP B 811 70.11 -18.08 23.85
C ASP B 811 69.21 -17.20 22.98
N ILE B 812 67.98 -17.65 22.72
CA ILE B 812 67.04 -16.82 21.97
C ILE B 812 66.59 -15.63 22.80
N ASP B 813 66.31 -15.85 24.09
CA ASP B 813 65.98 -14.74 24.97
C ASP B 813 67.13 -13.77 25.15
N ILE B 814 68.37 -14.22 24.92
CA ILE B 814 69.53 -13.34 25.03
C ILE B 814 69.60 -12.34 23.88
N LEU B 815 68.90 -12.61 22.78
CA LEU B 815 68.93 -11.73 21.62
C LEU B 815 68.31 -10.37 21.96
N PRO B 816 68.64 -9.33 21.18
CA PRO B 816 68.05 -8.01 21.48
C PRO B 816 66.54 -8.01 21.48
N HIS B 817 65.92 -8.80 20.62
CA HIS B 817 64.49 -9.06 20.68
C HIS B 817 64.26 -10.45 21.25
N GLY B 818 63.29 -10.58 22.14
CA GLY B 818 62.99 -11.84 22.79
C GLY B 818 62.83 -12.99 21.82
N ASP B 819 61.90 -12.84 20.87
CA ASP B 819 61.76 -13.78 19.78
C ASP B 819 61.33 -12.99 18.54
N GLN B 820 61.15 -13.72 17.43
CA GLN B 820 60.88 -13.09 16.13
C GLN B 820 61.96 -12.08 15.79
N THR B 821 63.19 -12.33 16.25
CA THR B 821 64.30 -11.42 15.97
C THR B 821 64.74 -11.60 14.53
N GLN B 822 64.93 -10.48 13.83
CA GLN B 822 65.31 -10.51 12.41
C GLN B 822 66.74 -11.01 12.31
N ILE B 823 66.91 -12.29 11.96
CA ILE B 823 68.23 -12.83 11.72
C ILE B 823 68.86 -12.13 10.53
N GLY B 824 70.07 -11.60 10.73
CA GLY B 824 70.76 -10.86 9.68
C GLY B 824 71.08 -11.69 8.46
N GLU B 825 71.62 -11.04 7.42
CA GLU B 825 71.97 -11.75 6.19
C GLU B 825 73.03 -12.81 6.47
N ARG B 826 72.66 -14.08 6.31
CA ARG B 826 73.46 -15.27 6.58
C ARG B 826 73.70 -15.50 8.07
N GLY B 827 73.20 -14.62 8.94
CA GLY B 827 73.38 -14.79 10.38
C GLY B 827 74.58 -14.05 10.94
N ILE B 828 74.72 -12.77 10.58
CA ILE B 828 75.85 -11.98 11.06
C ILE B 828 75.73 -11.72 12.55
N ASN B 829 74.51 -11.47 13.04
CA ASN B 829 74.26 -11.25 14.45
C ASN B 829 74.10 -12.54 15.24
N LEU B 830 74.57 -13.67 14.69
CA LEU B 830 74.55 -14.95 15.39
C LEU B 830 75.89 -15.63 15.22
N SER B 831 76.15 -16.62 16.07
CA SER B 831 77.39 -17.38 16.04
C SER B 831 77.16 -18.71 15.32
N GLY B 832 78.22 -19.51 15.25
CA GLY B 832 78.12 -20.79 14.54
C GLY B 832 77.29 -21.81 15.30
N GLY B 833 77.47 -21.89 16.62
CA GLY B 833 76.68 -22.82 17.41
C GLY B 833 75.19 -22.52 17.34
N GLN B 834 74.84 -21.23 17.41
CA GLN B 834 73.43 -20.85 17.31
C GLN B 834 72.86 -21.24 15.95
N ARG B 835 73.61 -21.01 14.88
CA ARG B 835 73.12 -21.36 13.54
C ARG B 835 72.94 -22.87 13.39
N GLN B 836 73.91 -23.66 13.88
CA GLN B 836 73.78 -25.12 13.80
C GLN B 836 72.62 -25.62 14.64
N ARG B 837 72.40 -25.02 15.82
CA ARG B 837 71.27 -25.41 16.65
C ARG B 837 69.95 -25.09 15.95
N ILE B 838 69.86 -23.92 15.31
CA ILE B 838 68.65 -23.55 14.60
C ILE B 838 68.41 -24.50 13.42
N SER B 839 69.50 -24.92 12.76
CA SER B 839 69.36 -25.86 11.64
C SER B 839 68.84 -27.21 12.12
N VAL B 840 69.40 -27.73 13.22
CA VAL B 840 68.91 -28.99 13.77
C VAL B 840 67.46 -28.84 14.22
N ALA B 841 67.11 -27.65 14.75
CA ALA B 841 65.72 -27.42 15.16
C ALA B 841 64.78 -27.46 13.97
N ARG B 842 65.20 -26.85 12.84
CA ARG B 842 64.36 -26.89 11.65
C ARG B 842 64.24 -28.32 11.12
N ALA B 843 65.32 -29.10 11.19
CA ALA B 843 65.27 -30.48 10.73
C ALA B 843 64.39 -31.34 11.64
N LEU B 844 64.32 -31.02 12.93
CA LEU B 844 63.54 -31.81 13.87
C LEU B 844 62.06 -31.43 13.84
N TYR B 845 61.77 -30.14 13.66
CA TYR B 845 60.38 -29.66 13.75
C TYR B 845 59.50 -30.19 12.63
N GLN B 846 60.07 -30.56 11.49
CA GLN B 846 59.26 -31.01 10.37
C GLN B 846 58.72 -32.41 10.62
N GLN B 847 57.48 -32.64 10.16
CA GLN B 847 56.80 -33.91 10.34
C GLN B 847 57.06 -34.79 9.12
N THR B 848 58.20 -35.48 9.14
CA THR B 848 58.63 -36.33 8.04
C THR B 848 59.14 -37.65 8.60
N ASN B 849 59.57 -38.53 7.71
CA ASN B 849 60.04 -39.86 8.08
C ASN B 849 61.54 -39.92 8.25
N VAL B 850 62.29 -39.64 7.19
CA VAL B 850 63.75 -39.77 7.21
C VAL B 850 64.36 -38.43 7.58
N VAL B 851 65.37 -38.46 8.45
CA VAL B 851 66.04 -37.24 8.91
C VAL B 851 67.54 -37.49 8.86
N PHE B 852 68.25 -36.73 8.02
CA PHE B 852 69.70 -36.81 7.93
C PHE B 852 70.32 -35.65 8.69
N LEU B 853 71.34 -35.94 9.50
CA LEU B 853 72.05 -34.91 10.26
C LEU B 853 73.55 -35.05 9.99
N ASP B 854 74.12 -34.09 9.26
CA ASP B 854 75.52 -34.16 8.87
C ASP B 854 76.35 -33.38 9.88
N ASP B 855 76.87 -34.09 10.88
CA ASP B 855 77.77 -33.56 11.91
C ASP B 855 77.15 -32.36 12.63
N PRO B 856 76.09 -32.55 13.41
CA PRO B 856 75.50 -31.44 14.16
C PRO B 856 76.20 -31.16 15.48
N PHE B 857 77.25 -31.90 15.83
CA PHE B 857 77.94 -31.73 17.10
C PHE B 857 79.34 -31.13 16.92
N SER B 858 79.58 -30.41 15.82
CA SER B 858 80.89 -29.86 15.54
C SER B 858 81.15 -28.53 16.24
N ALA B 859 80.12 -27.70 16.42
CA ALA B 859 80.25 -26.41 17.06
C ALA B 859 79.45 -26.34 18.36
N LEU B 860 79.28 -27.47 19.02
CA LEU B 860 78.54 -27.54 20.27
C LEU B 860 79.46 -28.04 21.38
N ASP B 861 79.10 -27.72 22.62
CA ASP B 861 79.87 -28.14 23.77
C ASP B 861 79.55 -29.60 24.11
N VAL B 862 80.19 -30.12 25.16
CA VAL B 862 79.95 -31.50 25.55
C VAL B 862 78.59 -31.66 26.21
N HIS B 863 78.26 -30.74 27.12
CA HIS B 863 76.95 -30.79 27.78
C HIS B 863 75.83 -30.52 26.78
N LEU B 864 76.04 -29.57 25.87
CA LEU B 864 75.04 -29.29 24.84
C LEU B 864 74.82 -30.51 23.95
N SER B 865 75.89 -31.17 23.53
CA SER B 865 75.76 -32.36 22.70
C SER B 865 75.03 -33.47 23.45
N ASP B 866 75.38 -33.68 24.73
CA ASP B 866 74.71 -34.70 25.52
C ASP B 866 73.22 -34.42 25.63
N HIS B 867 72.86 -33.18 25.95
CA HIS B 867 71.45 -32.83 26.10
C HIS B 867 70.71 -32.94 24.78
N LEU B 868 71.35 -32.56 23.67
CA LEU B 868 70.69 -32.63 22.38
C LEU B 868 70.46 -34.07 21.94
N MET B 869 71.45 -34.94 22.17
CA MET B 869 71.28 -36.34 21.78
C MET B 869 70.32 -37.08 22.69
N GLN B 870 70.24 -36.67 23.97
CA GLN B 870 69.35 -37.36 24.89
C GLN B 870 67.90 -36.91 24.74
N ALA B 871 67.67 -35.59 24.73
CA ALA B 871 66.31 -35.08 24.70
C ALA B 871 65.72 -35.10 23.29
N GLY B 872 66.54 -34.87 22.28
CA GLY B 872 66.05 -34.74 20.93
C GLY B 872 66.18 -35.98 20.06
N ILE B 873 67.29 -36.70 20.20
CA ILE B 873 67.58 -37.83 19.33
C ILE B 873 67.03 -39.12 19.93
N LEU B 874 67.43 -39.43 21.16
CA LEU B 874 67.04 -40.68 21.80
C LEU B 874 65.68 -40.62 22.48
N GLU B 875 65.07 -39.44 22.59
CA GLU B 875 63.79 -39.30 23.27
C GLU B 875 62.74 -38.52 22.48
N LEU B 876 63.11 -37.82 21.42
CA LEU B 876 62.14 -37.11 20.58
C LEU B 876 62.11 -37.64 19.15
N LEU B 877 63.27 -37.88 18.54
CA LEU B 877 63.29 -38.56 17.26
C LEU B 877 62.97 -40.04 17.42
N ARG B 878 63.55 -40.68 18.44
CA ARG B 878 63.25 -42.08 18.74
C ARG B 878 61.83 -42.26 19.27
N ASP B 879 61.20 -41.19 19.76
CA ASP B 879 59.82 -41.29 20.26
C ASP B 879 58.85 -41.61 19.13
N ASP B 880 58.93 -40.85 18.04
CA ASP B 880 58.02 -41.04 16.91
C ASP B 880 58.48 -42.13 15.94
N LYS B 881 59.56 -42.84 16.27
CA LYS B 881 60.11 -43.91 15.43
C LYS B 881 60.46 -43.40 14.04
N ARG B 882 61.37 -42.44 14.01
CA ARG B 882 61.85 -41.85 12.77
C ARG B 882 63.17 -42.48 12.34
N THR B 883 63.38 -42.53 11.03
CA THR B 883 64.62 -43.05 10.45
C THR B 883 65.67 -41.96 10.52
N VAL B 884 66.46 -41.98 11.59
CA VAL B 884 67.43 -40.92 11.86
C VAL B 884 68.80 -41.42 11.45
N VAL B 885 69.41 -40.75 10.47
CA VAL B 885 70.75 -41.11 10.00
C VAL B 885 71.68 -39.97 10.37
N LEU B 886 72.61 -40.25 11.26
CA LEU B 886 73.53 -39.26 11.80
C LEU B 886 74.94 -39.56 11.33
N VAL B 887 75.69 -38.52 10.98
CA VAL B 887 77.09 -38.66 10.58
C VAL B 887 77.92 -37.85 11.56
N THR B 888 78.54 -38.53 12.54
CA THR B 888 79.39 -37.87 13.51
C THR B 888 80.49 -38.83 13.93
N HIS B 889 81.44 -38.32 14.72
CA HIS B 889 82.58 -39.09 15.22
C HIS B 889 82.67 -38.88 16.73
N LYS B 890 82.06 -39.80 17.48
CA LYS B 890 82.14 -39.78 18.94
C LYS B 890 82.03 -41.24 19.42
N LEU B 891 81.90 -41.41 20.74
CA LEU B 891 81.73 -42.73 21.32
C LEU B 891 80.47 -42.87 22.17
N GLN B 892 79.88 -41.76 22.62
CA GLN B 892 78.64 -41.83 23.37
C GLN B 892 77.43 -42.19 22.49
N TYR B 893 77.61 -42.26 21.18
CA TYR B 893 76.52 -42.53 20.26
C TYR B 893 76.57 -43.92 19.65
N LEU B 894 77.74 -44.55 19.63
CA LEU B 894 77.86 -45.89 19.03
C LEU B 894 77.01 -46.94 19.75
N PRO B 895 77.02 -47.03 21.08
CA PRO B 895 76.12 -48.00 21.73
C PRO B 895 74.65 -47.63 21.63
N HIS B 896 74.34 -46.36 21.39
CA HIS B 896 72.95 -45.92 21.23
C HIS B 896 72.39 -46.19 19.84
N ALA B 897 73.22 -46.64 18.91
CA ALA B 897 72.82 -46.81 17.52
C ALA B 897 72.47 -48.26 17.21
N ASP B 898 71.94 -48.48 16.02
CA ASP B 898 71.60 -49.81 15.52
C ASP B 898 72.48 -50.29 14.39
N TRP B 899 72.92 -49.38 13.51
CA TRP B 899 73.75 -49.74 12.36
C TRP B 899 74.91 -48.77 12.27
N ILE B 900 76.12 -49.29 12.43
CA ILE B 900 77.35 -48.50 12.30
C ILE B 900 77.90 -48.71 10.90
N ILE B 901 78.30 -47.62 10.25
CA ILE B 901 78.78 -47.65 8.87
C ILE B 901 80.21 -47.12 8.86
N ALA B 902 81.16 -48.01 8.56
CA ALA B 902 82.58 -47.67 8.56
C ALA B 902 83.00 -47.29 7.14
N MET B 903 83.32 -46.02 6.94
CA MET B 903 83.69 -45.51 5.62
C MET B 903 85.20 -45.30 5.55
N LYS B 904 85.78 -45.63 4.39
CA LYS B 904 87.20 -45.44 4.14
C LYS B 904 87.42 -45.34 2.65
N ASP B 905 88.06 -44.25 2.21
CA ASP B 905 88.40 -44.04 0.80
C ASP B 905 87.17 -44.19 -0.10
N GLY B 906 86.05 -43.64 0.35
CA GLY B 906 84.83 -43.71 -0.43
C GLY B 906 84.22 -45.09 -0.57
N THR B 907 84.60 -46.03 0.30
CA THR B 907 84.06 -47.38 0.26
C THR B 907 83.67 -47.81 1.67
N ILE B 908 82.63 -48.64 1.74
CA ILE B 908 82.21 -49.20 3.01
C ILE B 908 83.08 -50.42 3.31
N GLN B 909 83.81 -50.36 4.42
CA GLN B 909 84.67 -51.49 4.76
C GLN B 909 83.97 -52.51 5.64
N ARG B 910 83.23 -52.04 6.65
CA ARG B 910 82.43 -52.91 7.50
C ARG B 910 81.00 -52.38 7.54
N GLU B 911 80.04 -53.30 7.65
CA GLU B 911 78.64 -52.94 7.69
C GLU B 911 77.89 -53.95 8.55
N GLY B 912 76.97 -53.45 9.37
CA GLY B 912 76.20 -54.30 10.24
C GLY B 912 75.86 -53.56 11.53
N THR B 913 75.64 -54.34 12.59
CA THR B 913 75.27 -53.83 13.89
C THR B 913 76.51 -53.69 14.77
N LEU B 914 76.30 -53.33 16.05
CA LEU B 914 77.43 -53.19 16.97
C LEU B 914 78.06 -54.54 17.29
N LYS B 915 77.22 -55.56 17.54
CA LYS B 915 77.76 -56.89 17.78
C LYS B 915 78.36 -57.49 16.52
N ASP B 916 77.78 -57.19 15.35
CA ASP B 916 78.33 -57.67 14.10
C ASP B 916 79.63 -56.95 13.74
N PHE B 917 79.89 -55.78 14.33
CA PHE B 917 81.13 -55.07 14.09
C PHE B 917 82.22 -55.46 15.09
N GLN B 918 81.86 -55.65 16.36
CA GLN B 918 82.83 -56.07 17.36
C GLN B 918 83.22 -57.53 17.23
N ARG B 919 82.49 -58.31 16.42
CA ARG B 919 82.81 -59.71 16.17
C ARG B 919 83.51 -59.93 14.84
N SER B 920 83.91 -58.87 14.16
CA SER B 920 84.63 -58.95 12.89
C SER B 920 85.95 -58.20 13.00
N GLU B 921 86.73 -58.24 11.92
CA GLU B 921 88.04 -57.60 11.89
C GLU B 921 87.94 -56.08 12.05
N PRO B 997 62.82 19.56 -0.11
CA PRO B 997 64.25 19.41 0.17
C PRO B 997 65.05 20.66 -0.19
N TRP B 998 64.46 21.84 0.04
CA TRP B 998 65.12 23.08 -0.33
C TRP B 998 66.33 23.36 0.55
N ARG B 999 66.31 22.90 1.79
CA ARG B 999 67.47 23.08 2.67
C ARG B 999 68.67 22.31 2.17
N ALA B 1000 68.45 21.13 1.58
CA ALA B 1000 69.55 20.38 0.98
C ALA B 1000 70.17 21.16 -0.17
N CYS B 1001 69.34 21.77 -1.02
CA CYS B 1001 69.86 22.58 -2.11
C CYS B 1001 70.63 23.78 -1.59
N THR B 1002 70.11 24.42 -0.53
CA THR B 1002 70.82 25.54 0.09
C THR B 1002 72.18 25.12 0.60
N LYS B 1003 72.24 23.99 1.32
CA LYS B 1003 73.52 23.52 1.86
C LYS B 1003 74.48 23.12 0.75
N TYR B 1004 73.96 22.53 -0.34
CA TYR B 1004 74.83 22.15 -1.45
C TYR B 1004 75.42 23.36 -2.13
N LEU B 1005 74.58 24.35 -2.45
CA LEU B 1005 75.07 25.54 -3.14
C LEU B 1005 75.99 26.36 -2.26
N SER B 1006 75.71 26.41 -0.95
CA SER B 1006 76.58 27.16 -0.05
C SER B 1006 77.96 26.53 0.07
N SER B 1007 78.04 25.20 -0.06
CA SER B 1007 79.34 24.53 -0.06
C SER B 1007 80.15 24.83 -1.32
N ALA B 1008 79.55 25.45 -2.33
CA ALA B 1008 80.27 25.81 -3.54
C ALA B 1008 80.99 27.15 -3.40
N GLY B 1009 80.42 28.08 -2.67
CA GLY B 1009 80.93 29.43 -2.59
C GLY B 1009 80.20 30.37 -3.53
N ILE B 1010 80.26 31.67 -3.21
CA ILE B 1010 79.53 32.65 -4.01
C ILE B 1010 80.18 32.83 -5.37
N LEU B 1011 81.51 32.64 -5.47
CA LEU B 1011 82.20 32.81 -6.74
C LEU B 1011 81.70 31.82 -7.79
N LEU B 1012 81.80 30.52 -7.48
CA LEU B 1012 81.41 29.50 -8.45
C LEU B 1012 79.91 29.51 -8.71
N LEU B 1013 79.11 29.73 -7.67
CA LEU B 1013 77.66 29.78 -7.85
C LEU B 1013 77.25 30.94 -8.74
N SER B 1014 77.81 32.13 -8.50
CA SER B 1014 77.49 33.28 -9.35
C SER B 1014 77.97 33.06 -10.78
N LEU B 1015 79.18 32.50 -10.95
CA LEU B 1015 79.67 32.22 -12.30
C LEU B 1015 78.75 31.24 -13.02
N LEU B 1016 78.29 30.21 -12.31
CA LEU B 1016 77.41 29.22 -12.93
C LEU B 1016 76.07 29.83 -13.33
N VAL B 1017 75.44 30.58 -12.43
CA VAL B 1017 74.14 31.18 -12.73
C VAL B 1017 74.27 32.18 -13.88
N PHE B 1018 75.30 33.02 -13.84
CA PHE B 1018 75.53 33.99 -14.91
C PHE B 1018 75.77 33.30 -16.24
N SER B 1019 76.58 32.23 -16.25
CA SER B 1019 76.86 31.53 -17.49
C SER B 1019 75.61 30.88 -18.07
N GLN B 1020 74.79 30.24 -17.23
CA GLN B 1020 73.56 29.64 -17.71
C GLN B 1020 72.62 30.69 -18.31
N LEU B 1021 72.36 31.77 -17.55
CA LEU B 1021 71.43 32.79 -18.02
C LEU B 1021 71.91 33.41 -19.31
N LEU B 1022 73.20 33.76 -19.38
CA LEU B 1022 73.72 34.42 -20.58
C LEU B 1022 73.79 33.45 -21.75
N LYS B 1023 74.02 32.16 -21.52
CA LYS B 1023 74.02 31.20 -22.62
C LYS B 1023 72.63 31.06 -23.22
N HIS B 1024 71.60 30.96 -22.38
CA HIS B 1024 70.25 30.89 -22.93
C HIS B 1024 69.83 32.19 -23.59
N MET B 1025 70.33 33.33 -23.08
CA MET B 1025 70.06 34.60 -23.74
C MET B 1025 70.72 34.67 -25.12
N VAL B 1026 71.95 34.17 -25.24
CA VAL B 1026 72.60 34.15 -26.56
C VAL B 1026 71.89 33.17 -27.49
N LEU B 1027 71.34 32.08 -26.94
CA LEU B 1027 70.58 31.15 -27.76
C LEU B 1027 69.36 31.82 -28.36
N VAL B 1028 68.52 32.43 -27.51
CA VAL B 1028 67.34 33.13 -28.04
C VAL B 1028 67.76 34.27 -28.95
N ALA B 1029 68.91 34.90 -28.68
CA ALA B 1029 69.38 35.99 -29.51
C ALA B 1029 69.73 35.51 -30.92
N ILE B 1030 70.40 34.36 -31.05
CA ILE B 1030 70.71 33.90 -32.40
C ILE B 1030 69.44 33.41 -33.09
N ASP B 1031 68.50 32.82 -32.34
CA ASP B 1031 67.28 32.37 -32.98
C ASP B 1031 66.39 33.54 -33.42
N TYR B 1032 66.53 34.70 -32.79
CA TYR B 1032 65.81 35.89 -33.21
C TYR B 1032 66.54 36.62 -34.34
N TRP B 1033 67.87 36.62 -34.29
CA TRP B 1033 68.65 37.17 -35.39
C TRP B 1033 68.43 36.38 -36.66
N LEU B 1034 68.07 35.10 -36.55
CA LEU B 1034 67.66 34.35 -37.73
C LEU B 1034 66.45 35.00 -38.40
N ALA B 1035 65.41 35.30 -37.62
CA ALA B 1035 64.21 35.91 -38.16
C ALA B 1035 64.51 37.29 -38.74
N LYS B 1036 65.32 38.08 -38.05
CA LYS B 1036 65.70 39.36 -38.62
C LYS B 1036 66.64 39.21 -39.82
N TRP B 1037 67.30 38.06 -39.94
CA TRP B 1037 68.17 37.79 -41.08
C TRP B 1037 67.37 37.57 -42.35
N THR B 1038 66.33 36.73 -42.25
CA THR B 1038 65.61 36.23 -43.42
C THR B 1038 65.34 37.29 -44.49
N ASP B 1039 64.64 38.36 -44.12
CA ASP B 1039 64.30 39.41 -45.09
C ASP B 1039 65.44 40.40 -45.28
N ASP B 1060 72.30 44.38 -47.43
CA ASP B 1060 73.51 44.06 -46.70
C ASP B 1060 73.43 42.65 -46.08
N GLN B 1061 73.37 41.64 -46.95
CA GLN B 1061 73.32 40.26 -46.46
C GLN B 1061 74.64 39.83 -45.83
N SER B 1062 75.76 40.41 -46.28
CA SER B 1062 77.05 40.08 -45.69
C SER B 1062 77.10 40.49 -44.22
N VAL B 1063 76.51 41.65 -43.89
CA VAL B 1063 76.49 42.09 -42.50
C VAL B 1063 75.67 41.14 -41.64
N TYR B 1064 74.50 40.73 -42.14
CA TYR B 1064 73.67 39.78 -41.40
C TYR B 1064 74.41 38.47 -41.18
N ALA B 1065 75.05 37.95 -42.23
CA ALA B 1065 75.77 36.69 -42.09
C ALA B 1065 76.92 36.80 -41.10
N MET B 1066 77.65 37.93 -41.13
CA MET B 1066 78.77 38.12 -40.22
C MET B 1066 78.29 38.20 -38.78
N VAL B 1067 77.21 38.94 -38.53
CA VAL B 1067 76.69 39.05 -37.16
C VAL B 1067 76.17 37.70 -36.69
N PHE B 1068 75.55 36.93 -37.59
CA PHE B 1068 75.07 35.61 -37.21
C PHE B 1068 76.24 34.69 -36.83
N THR B 1069 77.33 34.73 -37.61
CA THR B 1069 78.50 33.93 -37.28
C THR B 1069 79.11 34.35 -35.95
N LEU B 1070 79.20 35.67 -35.72
CA LEU B 1070 79.74 36.16 -34.46
C LEU B 1070 78.90 35.69 -33.28
N LEU B 1071 77.56 35.75 -33.41
CA LEU B 1071 76.70 35.32 -32.32
C LEU B 1071 76.75 33.82 -32.10
N CYS B 1072 76.91 33.03 -33.16
CA CYS B 1072 77.03 31.58 -32.97
C CYS B 1072 78.34 31.22 -32.28
N SER B 1073 79.43 31.91 -32.64
CA SER B 1073 80.69 31.69 -31.92
C SER B 1073 80.56 32.08 -30.46
N LEU B 1074 79.93 33.23 -30.19
CA LEU B 1074 79.67 33.62 -28.81
C LEU B 1074 78.86 32.55 -28.08
N GLY B 1075 77.89 31.95 -28.76
CA GLY B 1075 77.06 30.94 -28.13
C GLY B 1075 77.83 29.69 -27.78
N ILE B 1076 78.66 29.19 -28.70
CA ILE B 1076 79.41 27.98 -28.40
C ILE B 1076 80.42 28.23 -27.28
N VAL B 1077 81.03 29.43 -27.26
CA VAL B 1077 81.95 29.75 -26.19
C VAL B 1077 81.23 29.81 -24.85
N LEU B 1078 80.06 30.44 -24.82
CA LEU B 1078 79.31 30.55 -23.57
C LEU B 1078 78.83 29.20 -23.08
N CYS B 1079 78.48 28.30 -24.01
CA CYS B 1079 78.04 26.97 -23.61
C CYS B 1079 79.20 26.13 -23.06
N LEU B 1080 80.35 26.18 -23.72
CA LEU B 1080 81.54 25.53 -23.16
C LEU B 1080 81.84 26.05 -21.76
N VAL B 1081 81.72 27.37 -21.57
CA VAL B 1081 81.94 27.97 -20.26
C VAL B 1081 80.99 27.37 -19.23
N THR B 1082 79.68 27.34 -19.56
CA THR B 1082 78.72 26.88 -18.56
C THR B 1082 78.90 25.40 -18.23
N SER B 1083 79.31 24.59 -19.22
CA SER B 1083 79.53 23.17 -18.96
C SER B 1083 80.73 22.96 -18.05
N VAL B 1084 81.88 23.54 -18.41
CA VAL B 1084 83.06 23.41 -17.58
C VAL B 1084 82.78 23.93 -16.18
N THR B 1085 81.98 24.99 -16.07
CA THR B 1085 81.69 25.57 -14.76
C THR B 1085 80.85 24.63 -13.89
N VAL B 1086 79.80 24.04 -14.46
CA VAL B 1086 78.98 23.15 -13.65
C VAL B 1086 79.79 21.94 -13.20
N GLU B 1087 80.69 21.44 -14.07
CA GLU B 1087 81.47 20.27 -13.65
C GLU B 1087 82.50 20.63 -12.57
N TRP B 1088 83.16 21.78 -12.71
CA TRP B 1088 84.10 22.22 -11.68
C TRP B 1088 83.40 22.44 -10.35
N THR B 1089 82.20 23.03 -10.37
CA THR B 1089 81.43 23.22 -9.16
C THR B 1089 81.07 21.88 -8.51
N GLY B 1090 80.65 20.91 -9.33
CA GLY B 1090 80.37 19.58 -8.80
C GLY B 1090 81.57 18.99 -8.08
N LEU B 1091 82.74 19.02 -8.73
CA LEU B 1091 83.93 18.47 -8.10
C LEU B 1091 84.27 19.18 -6.80
N LYS B 1092 84.22 20.51 -6.79
CA LYS B 1092 84.58 21.25 -5.59
C LYS B 1092 83.63 20.96 -4.44
N VAL B 1093 82.32 20.92 -4.71
CA VAL B 1093 81.36 20.65 -3.64
C VAL B 1093 81.53 19.23 -3.12
N ALA B 1094 81.80 18.27 -4.02
CA ALA B 1094 82.08 16.90 -3.57
C ALA B 1094 83.27 16.87 -2.61
N LYS B 1095 84.36 17.51 -3.00
CA LYS B 1095 85.56 17.53 -2.15
C LYS B 1095 85.26 18.14 -0.78
N ARG B 1096 84.65 19.33 -0.77
CA ARG B 1096 84.39 20.02 0.49
C ARG B 1096 83.46 19.19 1.39
N LEU B 1097 82.37 18.66 0.83
CA LEU B 1097 81.41 17.93 1.64
C LEU B 1097 82.01 16.65 2.21
N HIS B 1098 82.78 15.91 1.39
CA HIS B 1098 83.39 14.68 1.88
C HIS B 1098 84.39 14.97 3.00
N ARG B 1099 85.23 15.99 2.82
CA ARG B 1099 86.20 16.34 3.87
C ARG B 1099 85.49 16.74 5.15
N SER B 1100 84.47 17.59 5.05
CA SER B 1100 83.76 18.03 6.25
C SER B 1100 83.08 16.88 6.96
N LEU B 1101 82.50 15.94 6.20
CA LEU B 1101 81.84 14.79 6.82
C LEU B 1101 82.84 13.90 7.55
N LEU B 1102 83.96 13.59 6.88
CA LEU B 1102 84.97 12.75 7.53
C LEU B 1102 85.50 13.40 8.81
N ASN B 1103 85.77 14.70 8.77
CA ASN B 1103 86.29 15.37 9.95
C ASN B 1103 85.25 15.48 11.05
N ARG B 1104 83.98 15.65 10.71
CA ARG B 1104 82.95 15.76 11.74
C ARG B 1104 82.55 14.41 12.33
N ILE B 1105 82.82 13.30 11.64
CA ILE B 1105 82.63 12.00 12.28
C ILE B 1105 83.88 11.51 13.00
N ILE B 1106 85.06 12.06 12.68
CA ILE B 1106 86.23 11.74 13.48
C ILE B 1106 86.09 12.30 14.89
N LEU B 1107 85.52 13.49 15.02
CA LEU B 1107 85.35 14.15 16.32
C LEU B 1107 84.13 13.65 17.10
N ALA B 1108 83.45 12.60 16.62
CA ALA B 1108 82.23 12.13 17.27
C ALA B 1108 82.56 11.34 18.53
N PRO B 1109 81.70 11.42 19.55
CA PRO B 1109 81.94 10.65 20.78
C PRO B 1109 81.68 9.16 20.57
N MET B 1110 81.98 8.38 21.60
CA MET B 1110 81.82 6.93 21.50
C MET B 1110 80.38 6.49 21.70
N ARG B 1111 79.62 7.20 22.53
CA ARG B 1111 78.20 6.86 22.69
C ARG B 1111 77.45 6.98 21.37
N PHE B 1112 77.84 7.95 20.53
CA PHE B 1112 77.26 8.06 19.20
C PHE B 1112 77.51 6.80 18.37
N PHE B 1113 78.77 6.33 18.35
CA PHE B 1113 79.09 5.12 17.59
C PHE B 1113 78.41 3.88 18.16
N GLU B 1114 78.21 3.83 19.48
CA GLU B 1114 77.53 2.69 20.06
C GLU B 1114 76.05 2.69 19.72
N THR B 1115 75.41 3.87 19.73
CA THR B 1115 73.99 3.96 19.44
C THR B 1115 73.70 3.86 17.95
N THR B 1116 74.50 4.55 17.13
CA THR B 1116 74.25 4.58 15.69
C THR B 1116 74.70 3.26 15.05
N PRO B 1117 73.88 2.67 14.17
CA PRO B 1117 74.31 1.45 13.49
C PRO B 1117 75.50 1.72 12.57
N LEU B 1118 76.44 0.77 12.56
CA LEU B 1118 77.60 0.89 11.68
C LEU B 1118 77.19 0.95 10.21
N GLY B 1119 76.10 0.28 9.86
CA GLY B 1119 75.65 0.27 8.48
C GLY B 1119 75.33 1.65 7.94
N SER B 1120 74.67 2.48 8.75
CA SER B 1120 74.30 3.82 8.30
C SER B 1120 75.52 4.71 8.10
N ILE B 1121 76.45 4.69 9.06
CA ILE B 1121 77.65 5.52 8.95
C ILE B 1121 78.52 5.06 7.78
N LEU B 1122 78.55 3.76 7.48
CA LEU B 1122 79.27 3.30 6.30
C LEU B 1122 78.51 3.65 5.02
N ASN B 1123 77.18 3.62 5.06
CA ASN B 1123 76.38 3.86 3.87
C ASN B 1123 76.43 5.31 3.43
N ARG B 1124 76.57 6.25 4.39
CA ARG B 1124 76.70 7.66 4.01
C ARG B 1124 77.96 7.89 3.17
N PHE B 1125 79.04 7.17 3.47
CA PHE B 1125 80.24 7.26 2.66
C PHE B 1125 80.21 6.34 1.44
N SER B 1126 79.36 5.32 1.46
CA SER B 1126 79.41 4.31 0.40
C SER B 1126 78.56 4.71 -0.79
N SER B 1127 77.33 5.16 -0.54
CA SER B 1127 76.35 5.39 -1.59
C SER B 1127 76.02 6.86 -1.83
N ASP B 1128 75.89 7.65 -0.77
CA ASP B 1128 75.50 9.05 -0.94
C ASP B 1128 76.66 9.92 -1.41
N CYS B 1129 77.89 9.63 -0.95
CA CYS B 1129 79.04 10.34 -1.49
C CYS B 1129 79.26 9.98 -2.96
N ASN B 1130 79.03 8.72 -3.32
CA ASN B 1130 79.02 8.33 -4.72
C ASN B 1130 77.97 9.11 -5.51
N THR B 1131 76.79 9.30 -4.91
CA THR B 1131 75.74 10.09 -5.56
C THR B 1131 76.21 11.51 -5.82
N ILE B 1132 76.70 12.19 -4.78
CA ILE B 1132 77.17 13.57 -4.95
C ILE B 1132 78.31 13.64 -5.95
N ASP B 1133 79.13 12.58 -6.04
CA ASP B 1133 80.26 12.59 -6.96
C ASP B 1133 79.82 12.45 -8.41
N GLN B 1134 78.84 11.58 -8.67
CA GLN B 1134 78.52 11.20 -10.05
C GLN B 1134 77.23 11.81 -10.56
N HIS B 1135 76.13 11.70 -9.81
CA HIS B 1135 74.81 12.00 -10.36
C HIS B 1135 74.39 13.45 -10.16
N ILE B 1136 74.69 14.05 -8.99
CA ILE B 1136 74.24 15.41 -8.73
C ILE B 1136 74.76 16.42 -9.74
N PRO B 1137 76.03 16.37 -10.20
CA PRO B 1137 76.45 17.39 -11.18
C PRO B 1137 75.66 17.33 -12.48
N SER B 1138 75.61 16.16 -13.11
CA SER B 1138 74.89 16.04 -14.38
C SER B 1138 73.42 16.36 -14.23
N THR B 1139 72.78 15.87 -13.16
CA THR B 1139 71.35 16.10 -12.98
C THR B 1139 71.05 17.56 -12.70
N LEU B 1140 71.88 18.23 -11.90
CA LEU B 1140 71.67 19.64 -11.66
C LEU B 1140 71.87 20.46 -12.94
N GLU B 1141 72.89 20.11 -13.73
CA GLU B 1141 73.12 20.78 -15.00
C GLU B 1141 71.91 20.61 -15.93
N CYS B 1142 71.42 19.38 -16.06
CA CYS B 1142 70.29 19.13 -16.96
C CYS B 1142 69.01 19.80 -16.47
N LEU B 1143 68.80 19.84 -15.14
CA LEU B 1143 67.63 20.55 -14.62
C LEU B 1143 67.72 22.04 -14.92
N SER B 1144 68.90 22.62 -14.73
CA SER B 1144 69.10 24.03 -15.08
C SER B 1144 68.78 24.27 -16.55
N ARG B 1145 69.35 23.45 -17.43
CA ARG B 1145 69.14 23.63 -18.86
C ARG B 1145 67.68 23.46 -19.24
N SER B 1146 66.99 22.47 -18.66
CA SER B 1146 65.59 22.26 -18.99
C SER B 1146 64.73 23.43 -18.53
N THR B 1147 64.89 23.85 -17.28
CA THR B 1147 64.08 24.97 -16.79
C THR B 1147 64.33 26.23 -17.61
N LEU B 1148 65.60 26.52 -17.92
CA LEU B 1148 65.90 27.74 -18.66
C LEU B 1148 65.42 27.66 -20.10
N LEU B 1149 65.50 26.48 -20.73
CA LEU B 1149 65.00 26.33 -22.09
C LEU B 1149 63.48 26.50 -22.13
N CYS B 1150 62.77 25.94 -21.14
CA CYS B 1150 61.32 26.10 -21.11
C CYS B 1150 60.93 27.55 -20.91
N VAL B 1151 61.58 28.22 -19.94
CA VAL B 1151 61.31 29.64 -19.71
C VAL B 1151 61.63 30.45 -20.96
N SER B 1152 62.73 30.10 -21.65
CA SER B 1152 63.13 30.82 -22.85
C SER B 1152 62.12 30.64 -23.97
N ALA B 1153 61.62 29.42 -24.16
CA ALA B 1153 60.62 29.19 -25.20
C ALA B 1153 59.33 29.95 -24.91
N LEU B 1154 58.89 29.94 -23.65
CA LEU B 1154 57.68 30.68 -23.30
C LEU B 1154 57.89 32.18 -23.49
N THR B 1155 59.08 32.69 -23.16
CA THR B 1155 59.38 34.10 -23.40
C THR B 1155 59.37 34.43 -24.89
N VAL B 1156 59.95 33.54 -25.71
CA VAL B 1156 59.99 33.79 -27.15
C VAL B 1156 58.59 33.86 -27.72
N ILE B 1157 57.76 32.85 -27.41
CA ILE B 1157 56.41 32.84 -27.99
C ILE B 1157 55.47 33.81 -27.31
N SER B 1158 55.87 34.43 -26.20
CA SER B 1158 55.13 35.57 -25.68
C SER B 1158 55.55 36.89 -26.31
N TYR B 1159 56.84 37.01 -26.63
CA TYR B 1159 57.31 38.21 -27.32
C TYR B 1159 56.78 38.26 -28.75
N VAL B 1160 56.73 37.12 -29.43
CA VAL B 1160 56.15 37.08 -30.76
C VAL B 1160 54.65 37.33 -30.70
N THR B 1161 53.99 36.77 -29.69
CA THR B 1161 52.53 36.83 -29.57
C THR B 1161 52.16 37.35 -28.19
N PRO B 1162 51.83 38.63 -28.05
CA PRO B 1162 51.48 39.17 -26.73
C PRO B 1162 50.17 38.61 -26.18
N VAL B 1163 49.26 38.13 -27.02
CA VAL B 1163 47.98 37.65 -26.52
C VAL B 1163 48.12 36.24 -25.92
N PHE B 1164 49.09 35.46 -26.38
CA PHE B 1164 49.29 34.13 -25.82
C PHE B 1164 49.53 34.17 -24.32
N LEU B 1165 50.13 35.25 -23.83
CA LEU B 1165 50.42 35.36 -22.40
C LEU B 1165 49.15 35.27 -21.57
N VAL B 1166 48.02 35.72 -22.11
CA VAL B 1166 46.75 35.62 -21.39
C VAL B 1166 46.33 34.16 -21.23
N ALA B 1167 46.54 33.36 -22.27
CA ALA B 1167 46.21 31.94 -22.22
C ALA B 1167 47.28 31.11 -21.52
N LEU B 1168 48.46 31.68 -21.27
CA LEU B 1168 49.53 30.93 -20.62
C LEU B 1168 49.18 30.60 -19.18
N LEU B 1169 48.51 31.52 -18.48
CA LEU B 1169 48.24 31.31 -17.05
C LEU B 1169 47.31 30.14 -16.77
N PRO B 1170 46.20 29.93 -17.49
CA PRO B 1170 45.43 28.69 -17.26
C PRO B 1170 46.24 27.44 -17.53
N LEU B 1171 46.97 27.39 -18.65
CA LEU B 1171 47.80 26.24 -18.94
C LEU B 1171 48.93 26.09 -17.93
N ALA B 1172 49.47 27.20 -17.43
CA ALA B 1172 50.47 27.12 -16.37
C ALA B 1172 49.91 26.51 -15.11
N VAL B 1173 48.67 26.88 -14.75
CA VAL B 1173 48.04 26.31 -13.56
C VAL B 1173 47.81 24.82 -13.72
N VAL B 1174 47.27 24.41 -14.88
CA VAL B 1174 47.05 23.00 -15.15
C VAL B 1174 48.37 22.24 -15.10
N CYS B 1175 49.42 22.81 -15.70
CA CYS B 1175 50.74 22.19 -15.69
C CYS B 1175 51.25 22.02 -14.26
N TYR B 1176 51.09 23.04 -13.41
CA TYR B 1176 51.54 22.94 -12.03
C TYR B 1176 50.81 21.83 -11.28
N PHE B 1177 49.48 21.78 -11.43
CA PHE B 1177 48.71 20.75 -10.74
C PHE B 1177 49.14 19.35 -11.17
N ILE B 1178 49.23 19.13 -12.49
CA ILE B 1178 49.67 17.84 -12.99
C ILE B 1178 51.05 17.49 -12.45
N GLN B 1179 51.96 18.46 -12.44
CA GLN B 1179 53.32 18.20 -11.98
C GLN B 1179 53.33 17.81 -10.51
N LYS B 1180 52.54 18.48 -9.69
CA LYS B 1180 52.51 18.15 -8.25
C LYS B 1180 51.95 16.75 -8.02
N TYR B 1181 50.79 16.45 -8.62
CA TYR B 1181 50.17 15.14 -8.42
C TYR B 1181 51.08 14.02 -8.92
N PHE B 1182 51.64 14.20 -10.11
CA PHE B 1182 52.65 13.25 -10.57
C PHE B 1182 53.74 13.09 -9.53
N ARG B 1183 54.43 14.19 -9.19
CA ARG B 1183 55.57 14.10 -8.28
C ARG B 1183 55.26 13.25 -7.05
N VAL B 1184 54.12 13.49 -6.40
CA VAL B 1184 53.83 12.71 -5.19
C VAL B 1184 53.62 11.23 -5.55
N ALA B 1185 52.83 10.95 -6.59
CA ALA B 1185 52.57 9.56 -6.95
C ALA B 1185 53.84 8.84 -7.37
N SER B 1186 54.63 9.48 -8.24
CA SER B 1186 55.90 8.93 -8.69
C SER B 1186 56.87 8.70 -7.54
N ARG B 1187 56.90 9.60 -6.56
CA ARG B 1187 57.75 9.37 -5.39
C ARG B 1187 57.35 8.08 -4.69
N ASP B 1188 56.07 7.95 -4.37
CA ASP B 1188 55.61 6.74 -3.67
C ASP B 1188 55.92 5.49 -4.48
N LEU B 1189 55.59 5.51 -5.78
CA LEU B 1189 55.79 4.34 -6.63
C LEU B 1189 57.26 4.00 -6.79
N GLN B 1190 58.13 5.00 -6.82
CA GLN B 1190 59.56 4.74 -6.93
C GLN B 1190 60.11 4.11 -5.66
N GLN B 1191 59.71 4.63 -4.49
CA GLN B 1191 60.13 4.00 -3.25
C GLN B 1191 59.66 2.55 -3.17
N LEU B 1192 58.41 2.30 -3.57
CA LEU B 1192 57.88 0.94 -3.53
C LEU B 1192 58.59 0.02 -4.52
N ASP B 1193 58.86 0.53 -5.72
CA ASP B 1193 59.56 -0.27 -6.73
C ASP B 1193 60.97 -0.61 -6.30
N ASP B 1194 61.64 0.31 -5.57
CA ASP B 1194 62.94 -0.01 -5.02
C ASP B 1194 62.84 -1.04 -3.90
N THR B 1195 61.89 -0.84 -2.98
CA THR B 1195 61.81 -1.69 -1.80
C THR B 1195 61.37 -3.12 -2.12
N THR B 1196 60.65 -3.33 -3.23
CA THR B 1196 60.26 -4.71 -3.56
C THR B 1196 61.36 -5.47 -4.28
N GLN B 1197 62.44 -4.82 -4.70
CA GLN B 1197 63.48 -5.52 -5.43
C GLN B 1197 64.46 -6.22 -4.49
N LEU B 1198 64.65 -5.71 -3.27
CA LEU B 1198 65.53 -6.38 -2.32
C LEU B 1198 65.05 -7.77 -1.96
N PRO B 1199 63.77 -8.02 -1.66
CA PRO B 1199 63.34 -9.40 -1.40
C PRO B 1199 63.64 -10.36 -2.54
N LEU B 1200 63.59 -9.91 -3.79
CA LEU B 1200 63.80 -10.81 -4.92
C LEU B 1200 65.26 -11.27 -4.99
N LEU B 1201 66.20 -10.33 -4.97
CA LEU B 1201 67.61 -10.69 -4.99
C LEU B 1201 67.99 -11.47 -3.73
N SER B 1202 67.42 -11.08 -2.58
CA SER B 1202 67.67 -11.81 -1.34
C SER B 1202 67.21 -13.26 -1.45
N HIS B 1203 66.01 -13.47 -2.02
CA HIS B 1203 65.50 -14.83 -2.19
C HIS B 1203 66.38 -15.63 -3.13
N PHE B 1204 66.86 -15.01 -4.21
CA PHE B 1204 67.78 -15.71 -5.09
C PHE B 1204 69.04 -16.13 -4.35
N ALA B 1205 69.61 -15.22 -3.56
CA ALA B 1205 70.80 -15.55 -2.78
C ALA B 1205 70.53 -16.73 -1.85
N GLU B 1206 69.43 -16.67 -1.11
CA GLU B 1206 69.09 -17.75 -0.19
C GLU B 1206 68.95 -19.08 -0.92
N THR B 1207 68.20 -19.09 -2.02
CA THR B 1207 68.00 -20.33 -2.75
C THR B 1207 69.31 -20.90 -3.26
N VAL B 1208 70.25 -20.04 -3.65
CA VAL B 1208 71.55 -20.57 -4.08
C VAL B 1208 72.34 -21.11 -2.89
N GLU B 1209 72.23 -20.45 -1.74
CA GLU B 1209 72.99 -20.90 -0.57
C GLU B 1209 72.47 -22.24 -0.05
N GLY B 1210 71.17 -22.34 0.21
CA GLY B 1210 70.60 -23.56 0.74
C GLY B 1210 69.90 -24.42 -0.30
N LEU B 1211 70.50 -24.54 -1.50
CA LEU B 1211 69.86 -25.28 -2.57
C LEU B 1211 69.72 -26.76 -2.22
N THR B 1212 70.80 -27.37 -1.74
CA THR B 1212 70.78 -28.79 -1.42
C THR B 1212 69.74 -29.09 -0.35
N THR B 1213 69.57 -28.18 0.61
CA THR B 1213 68.57 -28.37 1.65
C THR B 1213 67.16 -28.33 1.08
N ILE B 1214 66.88 -27.36 0.21
CA ILE B 1214 65.55 -27.23 -0.37
C ILE B 1214 65.22 -28.42 -1.24
N ARG B 1215 66.18 -28.90 -2.03
CA ARG B 1215 65.94 -30.09 -2.83
C ARG B 1215 65.82 -31.34 -1.95
N ALA B 1216 66.45 -31.33 -0.77
CA ALA B 1216 66.30 -32.44 0.16
C ALA B 1216 64.88 -32.52 0.68
N PHE B 1217 64.33 -31.38 1.11
CA PHE B 1217 62.96 -31.34 1.64
C PHE B 1217 61.90 -31.59 0.57
N ARG B 1218 62.29 -31.66 -0.71
CA ARG B 1218 61.33 -31.63 -1.81
C ARG B 1218 60.41 -30.41 -1.70
N TYR B 1219 60.96 -29.31 -1.17
CA TYR B 1219 60.24 -28.05 -1.01
C TYR B 1219 60.41 -27.13 -2.22
N GLU B 1220 60.66 -27.69 -3.40
CA GLU B 1220 60.96 -26.87 -4.57
C GLU B 1220 59.73 -26.11 -5.04
N ALA B 1221 58.56 -26.74 -4.98
CA ALA B 1221 57.33 -26.08 -5.45
C ALA B 1221 56.99 -24.87 -4.59
N ARG B 1222 57.09 -25.01 -3.27
CA ARG B 1222 56.81 -23.87 -2.38
C ARG B 1222 57.74 -22.70 -2.68
N PHE B 1223 59.03 -22.98 -2.88
CA PHE B 1223 59.97 -21.89 -3.13
C PHE B 1223 59.75 -21.26 -4.50
N GLN B 1224 59.37 -22.07 -5.50
CA GLN B 1224 59.03 -21.48 -6.80
C GLN B 1224 57.79 -20.61 -6.69
N GLN B 1225 56.83 -21.01 -5.86
CA GLN B 1225 55.68 -20.16 -5.60
C GLN B 1225 56.08 -18.84 -4.96
N LYS B 1226 56.98 -18.91 -3.97
CA LYS B 1226 57.43 -17.69 -3.31
C LYS B 1226 58.16 -16.78 -4.30
N LEU B 1227 58.94 -17.37 -5.22
CA LEU B 1227 59.62 -16.56 -6.21
C LEU B 1227 58.63 -15.90 -7.17
N LEU B 1228 57.63 -16.65 -7.64
CA LEU B 1228 56.62 -16.04 -8.49
C LEU B 1228 55.94 -14.89 -7.77
N GLU B 1229 55.66 -15.04 -6.48
CA GLU B 1229 55.04 -13.93 -5.74
C GLU B 1229 55.96 -12.72 -5.67
N TYR B 1230 57.23 -12.94 -5.34
CA TYR B 1230 58.17 -11.82 -5.23
C TYR B 1230 58.32 -11.10 -6.57
N THR B 1231 58.49 -11.87 -7.65
CA THR B 1231 58.68 -11.24 -8.95
C THR B 1231 57.41 -10.57 -9.45
N ASP B 1232 56.24 -11.07 -9.03
CA ASP B 1232 55.00 -10.39 -9.39
C ASP B 1232 54.86 -9.07 -8.65
N SER B 1233 55.29 -9.03 -7.39
CA SER B 1233 55.29 -7.76 -6.66
C SER B 1233 56.22 -6.76 -7.34
N ASN B 1234 57.43 -7.21 -7.69
CA ASN B 1234 58.37 -6.33 -8.38
C ASN B 1234 57.79 -5.82 -9.70
N ASN B 1235 57.19 -6.72 -10.48
CA ASN B 1235 56.65 -6.34 -11.78
C ASN B 1235 55.51 -5.34 -11.64
N ILE B 1236 54.56 -5.59 -10.73
CA ILE B 1236 53.44 -4.68 -10.61
C ILE B 1236 53.92 -3.30 -10.16
N ALA B 1237 54.94 -3.27 -9.29
CA ALA B 1237 55.51 -1.98 -8.90
C ALA B 1237 56.09 -1.25 -10.10
N SER B 1238 56.95 -1.92 -10.87
CA SER B 1238 57.60 -1.27 -12.00
C SER B 1238 56.58 -0.86 -13.06
N LEU B 1239 55.55 -1.66 -13.26
CA LEU B 1239 54.55 -1.37 -14.27
C LEU B 1239 53.73 -0.15 -13.89
N PHE B 1240 53.28 -0.07 -12.63
CA PHE B 1240 52.55 1.13 -12.22
C PHE B 1240 53.44 2.36 -12.29
N LEU B 1241 54.72 2.21 -11.97
CA LEU B 1241 55.65 3.34 -12.10
C LEU B 1241 55.69 3.83 -13.54
N THR B 1242 55.87 2.91 -14.49
CA THR B 1242 55.95 3.34 -15.88
C THR B 1242 54.63 3.91 -16.37
N ALA B 1243 53.49 3.43 -15.84
CA ALA B 1243 52.21 3.97 -16.27
C ALA B 1243 52.03 5.39 -15.77
N ALA B 1244 52.45 5.69 -14.54
CA ALA B 1244 52.42 7.07 -14.08
C ALA B 1244 53.33 7.95 -14.93
N ASN B 1245 54.49 7.43 -15.29
CA ASN B 1245 55.39 8.19 -16.16
C ASN B 1245 54.71 8.53 -17.49
N ARG B 1246 54.06 7.53 -18.10
CA ARG B 1246 53.38 7.75 -19.36
C ARG B 1246 52.23 8.73 -19.21
N TRP B 1247 51.48 8.64 -18.11
CA TRP B 1247 50.40 9.57 -17.85
C TRP B 1247 50.91 11.00 -17.82
N LEU B 1248 51.97 11.25 -17.03
CA LEU B 1248 52.54 12.58 -16.97
C LEU B 1248 52.99 13.06 -18.35
N GLU B 1249 53.69 12.20 -19.09
CA GLU B 1249 54.26 12.67 -20.35
C GLU B 1249 53.18 12.94 -21.40
N VAL B 1250 52.12 12.14 -21.44
CA VAL B 1250 51.00 12.45 -22.34
C VAL B 1250 50.36 13.76 -21.95
N ARG B 1251 50.14 14.00 -20.66
CA ARG B 1251 49.50 15.25 -20.26
C ARG B 1251 50.35 16.45 -20.64
N MET B 1252 51.66 16.35 -20.43
CA MET B 1252 52.54 17.46 -20.79
C MET B 1252 52.59 17.66 -22.29
N GLU B 1253 52.54 16.58 -23.07
CA GLU B 1253 52.56 16.73 -24.52
C GLU B 1253 51.26 17.33 -25.04
N TYR B 1254 50.13 17.05 -24.39
CA TYR B 1254 48.89 17.70 -24.78
C TYR B 1254 48.89 19.17 -24.42
N ILE B 1255 49.47 19.52 -23.27
CA ILE B 1255 49.62 20.94 -22.95
C ILE B 1255 50.50 21.61 -23.99
N GLY B 1256 51.57 20.94 -24.41
CA GLY B 1256 52.42 21.50 -25.46
C GLY B 1256 51.70 21.65 -26.79
N ALA B 1257 50.80 20.71 -27.09
CA ALA B 1257 50.01 20.81 -28.32
C ALA B 1257 49.03 21.97 -28.26
N CYS B 1258 48.40 22.19 -27.10
CA CYS B 1258 47.53 23.35 -26.97
C CYS B 1258 48.33 24.64 -27.10
N VAL B 1259 49.52 24.68 -26.50
CA VAL B 1259 50.37 25.86 -26.63
C VAL B 1259 50.72 26.11 -28.08
N VAL B 1260 51.08 25.06 -28.83
CA VAL B 1260 51.46 25.28 -30.22
C VAL B 1260 50.26 25.70 -31.05
N LEU B 1261 49.06 25.20 -30.74
CA LEU B 1261 47.88 25.63 -31.48
C LEU B 1261 47.58 27.10 -31.22
N ILE B 1262 47.58 27.49 -29.95
CA ILE B 1262 47.32 28.89 -29.61
C ILE B 1262 48.35 29.79 -30.28
N ALA B 1263 49.63 29.45 -30.15
CA ALA B 1263 50.68 30.27 -30.74
C ALA B 1263 50.52 30.36 -32.25
N ALA B 1264 50.34 29.22 -32.93
CA ALA B 1264 50.16 29.22 -34.37
C ALA B 1264 49.01 30.11 -34.78
N ALA B 1265 47.83 29.88 -34.20
CA ALA B 1265 46.63 30.61 -34.62
C ALA B 1265 46.80 32.10 -34.40
N THR B 1266 47.25 32.50 -33.21
CA THR B 1266 47.34 33.92 -32.90
C THR B 1266 48.42 34.62 -33.72
N SER B 1267 49.57 33.98 -33.91
CA SER B 1267 50.63 34.61 -34.69
C SER B 1267 50.25 34.72 -36.15
N ILE B 1268 49.56 33.72 -36.70
CA ILE B 1268 49.12 33.81 -38.08
C ILE B 1268 48.07 34.91 -38.24
N SER B 1269 47.16 35.01 -37.27
CA SER B 1269 46.16 36.08 -37.30
C SER B 1269 46.81 37.45 -37.25
N ASN B 1270 47.83 37.62 -36.41
CA ASN B 1270 48.49 38.92 -36.33
C ASN B 1270 49.33 39.21 -37.56
N SER B 1271 49.95 38.18 -38.16
CA SER B 1271 50.70 38.38 -39.37
C SER B 1271 49.81 38.61 -40.58
N LEU B 1272 48.52 38.35 -40.45
CA LEU B 1272 47.57 38.69 -41.52
C LEU B 1272 46.94 40.06 -41.30
N HIS B 1273 46.28 40.26 -40.15
CA HIS B 1273 45.54 41.50 -39.93
C HIS B 1273 46.45 42.65 -39.52
N ARG B 1274 47.42 42.39 -38.66
CA ARG B 1274 48.32 43.42 -38.14
C ARG B 1274 49.59 43.49 -38.99
N GLU B 1275 50.60 44.15 -38.45
CA GLU B 1275 51.89 44.31 -39.11
C GLU B 1275 52.89 43.22 -38.74
N LEU B 1276 52.53 42.32 -37.83
CA LEU B 1276 53.47 41.34 -37.28
C LEU B 1276 54.24 40.63 -38.40
N SER B 1277 55.55 40.58 -38.25
CA SER B 1277 56.44 40.16 -39.32
C SER B 1277 56.20 38.70 -39.68
N ALA B 1278 56.85 38.27 -40.77
CA ALA B 1278 56.72 36.90 -41.25
C ALA B 1278 57.63 35.94 -40.50
N GLY B 1279 58.87 36.36 -40.22
CA GLY B 1279 59.82 35.47 -39.57
C GLY B 1279 59.58 35.28 -38.10
N LEU B 1280 59.07 36.30 -37.41
CA LEU B 1280 58.73 36.13 -36.00
C LEU B 1280 57.66 35.07 -35.81
N VAL B 1281 56.75 34.94 -36.77
CA VAL B 1281 55.76 33.88 -36.71
C VAL B 1281 56.44 32.51 -36.72
N GLY B 1282 57.43 32.33 -37.59
CA GLY B 1282 58.14 31.06 -37.63
C GLY B 1282 58.95 30.81 -36.36
N LEU B 1283 59.53 31.86 -35.79
CA LEU B 1283 60.26 31.72 -34.53
C LEU B 1283 59.32 31.22 -33.43
N GLY B 1284 58.23 31.94 -33.20
CA GLY B 1284 57.24 31.50 -32.23
C GLY B 1284 56.71 30.11 -32.52
N LEU B 1285 56.56 29.77 -33.80
CA LEU B 1285 56.07 28.46 -34.18
C LEU B 1285 57.01 27.36 -33.73
N THR B 1286 58.30 27.47 -34.07
CA THR B 1286 59.26 26.45 -33.67
C THR B 1286 59.30 26.32 -32.15
N TYR B 1287 59.34 27.45 -31.44
CA TYR B 1287 59.51 27.37 -30.00
C TYR B 1287 58.28 26.77 -29.32
N ALA B 1288 57.08 27.20 -29.71
CA ALA B 1288 55.88 26.57 -29.16
C ALA B 1288 55.76 25.13 -29.61
N LEU B 1289 56.34 24.79 -30.77
CA LEU B 1289 56.29 23.41 -31.24
C LEU B 1289 57.04 22.50 -30.28
N MET B 1290 58.23 22.91 -29.86
CA MET B 1290 59.04 22.04 -29.03
C MET B 1290 59.01 22.40 -27.54
N VAL B 1291 58.09 23.26 -27.11
CA VAL B 1291 57.94 23.51 -25.67
C VAL B 1291 57.63 22.24 -24.89
N SER B 1292 57.00 21.24 -25.52
CA SER B 1292 56.55 20.07 -24.78
C SER B 1292 57.72 19.21 -24.33
N ASN B 1293 58.71 19.01 -25.19
CA ASN B 1293 59.90 18.27 -24.80
C ASN B 1293 60.54 18.90 -23.58
N TYR B 1294 60.71 20.24 -23.62
CA TYR B 1294 61.24 20.95 -22.47
C TYR B 1294 60.42 20.70 -21.22
N LEU B 1295 59.09 20.76 -21.35
CA LEU B 1295 58.24 20.61 -20.17
C LEU B 1295 58.41 19.24 -19.52
N ASN B 1296 58.29 18.17 -20.32
CA ASN B 1296 58.32 16.84 -19.71
C ASN B 1296 59.74 16.46 -19.28
N TRP B 1297 60.74 16.87 -20.04
CA TRP B 1297 62.13 16.67 -19.63
C TRP B 1297 62.41 17.40 -18.32
N MET B 1298 61.83 18.58 -18.14
CA MET B 1298 62.05 19.35 -16.92
C MET B 1298 61.38 18.71 -15.73
N VAL B 1299 60.14 18.22 -15.88
CA VAL B 1299 59.49 17.60 -14.73
C VAL B 1299 60.15 16.27 -14.40
N ARG B 1300 60.60 15.52 -15.41
CA ARG B 1300 61.37 14.31 -15.14
C ARG B 1300 62.66 14.64 -14.39
N ASN B 1301 63.36 15.71 -14.80
CA ASN B 1301 64.59 16.07 -14.11
C ASN B 1301 64.32 16.59 -12.70
N LEU B 1302 63.17 17.21 -12.45
CA LEU B 1302 62.85 17.64 -11.10
C LEU B 1302 62.59 16.46 -10.18
N ALA B 1303 61.84 15.47 -10.67
CA ALA B 1303 61.65 14.24 -9.90
C ALA B 1303 62.98 13.53 -9.67
N ASP B 1304 63.84 13.51 -10.68
CA ASP B 1304 65.16 12.90 -10.54
C ASP B 1304 66.09 13.72 -9.65
N MET B 1305 65.80 15.00 -9.47
CA MET B 1305 66.65 15.88 -8.69
C MET B 1305 66.32 15.78 -7.20
N GLU B 1306 65.03 15.75 -6.84
CA GLU B 1306 64.69 15.72 -5.42
C GLU B 1306 65.20 14.44 -4.75
N ILE B 1307 65.08 13.30 -5.44
CA ILE B 1307 65.54 12.03 -4.87
C ILE B 1307 67.06 12.05 -4.66
N GLN B 1308 67.80 12.56 -5.63
CA GLN B 1308 69.25 12.60 -5.49
C GLN B 1308 69.70 13.64 -4.47
N LEU B 1309 68.94 14.73 -4.33
CA LEU B 1309 69.26 15.76 -3.35
C LEU B 1309 68.96 15.31 -1.93
N GLY B 1310 68.05 14.36 -1.76
CA GLY B 1310 67.87 13.74 -0.44
C GLY B 1310 69.16 13.16 0.11
N ALA B 1311 70.05 12.69 -0.77
CA ALA B 1311 71.34 12.17 -0.32
C ALA B 1311 72.19 13.26 0.32
N VAL B 1312 72.29 14.41 -0.34
CA VAL B 1312 72.99 15.55 0.26
C VAL B 1312 72.30 15.99 1.55
N LYS B 1313 70.96 15.91 1.58
CA LYS B 1313 70.24 16.31 2.78
C LYS B 1313 70.62 15.44 3.97
N ARG B 1314 70.65 14.12 3.79
CA ARG B 1314 70.99 13.25 4.90
C ARG B 1314 72.48 13.27 5.22
N ILE B 1315 73.34 13.55 4.23
CA ILE B 1315 74.75 13.78 4.51
C ILE B 1315 74.92 14.98 5.43
N HIS B 1316 74.22 16.08 5.14
CA HIS B 1316 74.28 17.26 6.00
C HIS B 1316 73.60 17.01 7.34
N ALA B 1317 72.61 16.12 7.39
CA ALA B 1317 71.99 15.76 8.67
C ALA B 1317 72.98 15.01 9.56
N LEU B 1318 73.73 14.06 8.99
CA LEU B 1318 74.76 13.37 9.76
C LEU B 1318 75.94 14.27 10.05
N LEU B 1319 76.17 15.31 9.25
CA LEU B 1319 77.27 16.24 9.49
C LEU B 1319 77.13 17.01 10.79
N LYS B 1320 75.92 17.08 11.38
CA LYS B 1320 75.68 17.89 12.56
C LYS B 1320 75.69 17.08 13.85
N THR B 1321 76.40 15.96 13.88
CA THR B 1321 76.50 15.19 15.12
C THR B 1321 77.42 15.90 16.12
N GLU B 1322 77.20 15.61 17.40
CA GLU B 1322 77.96 16.24 18.45
C GLU B 1322 79.44 15.86 18.36
N ALA B 1323 80.30 16.74 18.86
CA ALA B 1323 81.74 16.53 18.84
C ALA B 1323 82.31 16.71 20.24
N GLU B 1324 83.30 15.88 20.56
CA GLU B 1324 83.96 15.97 21.86
C GLU B 1324 84.93 17.15 21.87
N SER B 1325 84.93 17.90 22.97
CA SER B 1325 85.77 19.09 23.10
C SER B 1325 87.22 18.68 23.34
N TYR B 1326 87.83 18.17 22.27
CA TYR B 1326 89.22 17.73 22.33
C TYR B 1326 90.16 18.92 22.18
N PRO B 1332 98.22 24.39 29.02
CA PRO B 1332 99.17 23.27 29.00
C PRO B 1332 100.24 23.39 30.09
N SER B 1333 99.87 23.09 31.33
CA SER B 1333 100.81 23.14 32.46
C SER B 1333 101.37 21.78 32.84
N LEU B 1334 100.59 20.72 32.73
CA LEU B 1334 101.06 19.37 32.98
C LEU B 1334 101.51 18.65 31.71
N ILE B 1335 101.42 19.31 30.56
CA ILE B 1335 101.80 18.73 29.27
C ILE B 1335 103.32 18.78 29.08
N PRO B 1336 104.00 19.91 29.29
CA PRO B 1336 105.46 19.92 29.11
C PRO B 1336 106.19 18.98 30.06
N LYS B 1337 105.62 18.68 31.22
CA LYS B 1337 106.19 17.67 32.11
C LYS B 1337 105.85 16.29 31.59
N ASN B 1338 106.88 15.50 31.27
CA ASN B 1338 106.67 14.16 30.77
C ASN B 1338 105.84 13.34 31.75
N TRP B 1339 105.03 12.44 31.22
CA TRP B 1339 104.12 11.68 32.05
C TRP B 1339 104.91 10.78 33.00
N PRO B 1340 104.61 10.81 34.30
CA PRO B 1340 105.41 10.04 35.26
C PRO B 1340 105.12 8.54 35.18
N ASP B 1341 106.17 7.75 35.40
CA ASP B 1341 106.01 6.30 35.46
C ASP B 1341 105.37 5.84 36.75
N GLN B 1342 105.21 6.73 37.74
CA GLN B 1342 104.56 6.39 39.00
C GLN B 1342 103.07 6.15 38.75
N GLY B 1343 102.65 4.89 38.85
CA GLY B 1343 101.28 4.51 38.63
C GLY B 1343 100.31 4.81 39.76
N LYS B 1344 100.73 5.63 40.72
CA LYS B 1344 99.85 5.99 41.84
C LYS B 1344 98.70 6.85 41.34
N ILE B 1345 97.47 6.34 41.44
CA ILE B 1345 96.28 7.04 40.98
C ILE B 1345 95.24 7.02 42.09
N GLN B 1346 94.25 7.90 41.96
CA GLN B 1346 93.21 8.02 42.97
C GLN B 1346 91.91 8.47 42.33
N ILE B 1347 90.83 7.75 42.62
CA ILE B 1347 89.50 8.07 42.12
C ILE B 1347 88.61 8.36 43.33
N GLN B 1348 88.19 9.61 43.49
CA GLN B 1348 87.41 10.05 44.63
C GLN B 1348 85.97 10.31 44.20
N ASN B 1349 85.04 9.60 44.83
CA ASN B 1349 83.60 9.82 44.67
C ASN B 1349 83.17 9.75 43.20
N LEU B 1350 83.53 8.64 42.54
CA LEU B 1350 83.31 8.48 41.12
C LEU B 1350 81.93 7.90 40.84
N SER B 1351 81.21 8.50 39.90
CA SER B 1351 79.95 7.97 39.39
C SER B 1351 79.92 8.18 37.88
N VAL B 1352 79.16 7.34 37.19
CA VAL B 1352 79.13 7.37 35.73
C VAL B 1352 77.74 6.99 35.26
N ARG B 1353 77.29 7.65 34.20
CA ARG B 1353 76.03 7.34 33.53
C ARG B 1353 76.27 7.36 32.02
N TYR B 1354 75.67 6.41 31.32
CA TYR B 1354 75.87 6.31 29.88
C TYR B 1354 75.25 7.50 29.16
N ASP B 1355 73.94 7.66 29.27
CA ASP B 1355 73.21 8.74 28.62
C ASP B 1355 72.97 9.89 29.60
N SER B 1356 72.68 11.06 29.03
CA SER B 1356 72.41 12.24 29.84
C SER B 1356 71.11 12.04 30.62
N SER B 1357 71.20 12.18 31.94
CA SER B 1357 70.05 12.04 32.84
C SER B 1357 69.41 10.66 32.71
N LEU B 1358 70.21 9.63 32.96
CA LEU B 1358 69.74 8.25 32.96
C LEU B 1358 70.14 7.55 34.25
N LYS B 1359 69.90 6.25 34.33
CA LYS B 1359 70.28 5.50 35.52
C LYS B 1359 71.80 5.45 35.63
N PRO B 1360 72.36 5.70 36.81
CA PRO B 1360 73.82 5.69 36.94
C PRO B 1360 74.39 4.29 36.87
N VAL B 1361 75.65 4.21 36.42
CA VAL B 1361 76.35 2.93 36.34
C VAL B 1361 77.14 2.65 37.60
N LEU B 1362 77.83 3.65 38.14
CA LEU B 1362 78.58 3.53 39.38
C LEU B 1362 77.97 4.45 40.44
N LYS B 1363 78.29 4.16 41.70
CA LYS B 1363 77.75 4.95 42.81
C LYS B 1363 78.79 4.99 43.92
N HIS B 1364 79.37 6.17 44.15
CA HIS B 1364 80.32 6.42 45.22
C HIS B 1364 81.52 5.48 45.13
N VAL B 1365 82.27 5.62 44.04
CA VAL B 1365 83.45 4.81 43.78
C VAL B 1365 84.68 5.59 44.23
N ASN B 1366 85.40 5.04 45.20
CA ASN B 1366 86.63 5.64 45.70
C ASN B 1366 87.69 4.56 45.81
N ALA B 1367 88.86 4.81 45.22
CA ALA B 1367 89.93 3.83 45.22
C ALA B 1367 91.26 4.55 45.06
N LEU B 1368 92.33 3.85 45.42
CA LEU B 1368 93.69 4.35 45.26
C LEU B 1368 94.60 3.19 44.84
N ILE B 1369 95.55 3.50 43.97
CA ILE B 1369 96.47 2.49 43.42
C ILE B 1369 97.89 2.97 43.61
N SER B 1370 98.71 2.15 44.26
CA SER B 1370 100.10 2.47 44.56
C SER B 1370 100.97 2.34 43.31
N PRO B 1371 102.14 2.98 43.31
CA PRO B 1371 103.02 2.89 42.12
C PRO B 1371 103.57 1.48 41.94
N GLY B 1372 103.61 1.05 40.68
CA GLY B 1372 104.22 -0.23 40.33
C GLY B 1372 103.59 -1.44 40.99
N GLN B 1373 102.29 -1.38 41.28
CA GLN B 1373 101.58 -2.48 41.91
C GLN B 1373 100.51 -2.99 40.95
N LYS B 1374 100.53 -4.31 40.70
CA LYS B 1374 99.54 -4.92 39.83
C LYS B 1374 98.17 -4.91 40.50
N ILE B 1375 97.15 -4.45 39.77
CA ILE B 1375 95.80 -4.31 40.29
C ILE B 1375 94.83 -5.08 39.40
N GLY B 1376 93.82 -5.68 40.02
CA GLY B 1376 92.78 -6.35 39.27
C GLY B 1376 91.41 -5.90 39.72
N ILE B 1377 90.42 -6.17 38.89
CA ILE B 1377 89.03 -5.81 39.17
C ILE B 1377 88.14 -6.96 38.72
N CYS B 1378 87.38 -7.51 39.66
CA CYS B 1378 86.48 -8.61 39.38
C CYS B 1378 85.03 -8.10 39.32
N GLY B 1379 84.11 -9.03 39.16
CA GLY B 1379 82.69 -8.71 39.07
C GLY B 1379 82.02 -9.51 37.98
N ARG B 1380 80.70 -9.65 38.08
CA ARG B 1380 79.93 -10.40 37.12
C ARG B 1380 79.67 -9.55 35.88
N THR B 1381 78.80 -10.02 34.99
CA THR B 1381 78.48 -9.27 33.79
C THR B 1381 77.64 -8.04 34.13
N GLY B 1382 77.93 -6.93 33.44
CA GLY B 1382 77.23 -5.69 33.70
C GLY B 1382 77.48 -5.10 35.06
N SER B 1383 78.59 -5.47 35.71
CA SER B 1383 78.87 -4.95 37.05
C SER B 1383 79.45 -3.54 37.00
N GLY B 1384 80.21 -3.20 35.97
CA GLY B 1384 80.75 -1.86 35.86
C GLY B 1384 82.26 -1.79 35.71
N LYS B 1385 82.88 -2.90 35.27
CA LYS B 1385 84.31 -2.89 35.03
C LYS B 1385 84.66 -2.27 33.68
N SER B 1386 83.90 -2.63 32.64
CA SER B 1386 84.12 -2.01 31.34
C SER B 1386 83.79 -0.52 31.38
N SER B 1387 82.70 -0.15 32.08
CA SER B 1387 82.41 1.26 32.28
C SER B 1387 83.50 1.94 33.09
N PHE B 1388 84.12 1.22 34.02
CA PHE B 1388 85.24 1.78 34.78
C PHE B 1388 86.42 2.08 33.87
N SER B 1389 86.76 1.14 32.98
CA SER B 1389 87.85 1.38 32.04
C SER B 1389 87.52 2.53 31.09
N LEU B 1390 86.25 2.61 30.66
CA LEU B 1390 85.85 3.69 29.75
C LEU B 1390 85.93 5.05 30.43
N ALA B 1391 85.50 5.13 31.69
CA ALA B 1391 85.65 6.36 32.46
C ALA B 1391 87.11 6.68 32.77
N PHE B 1392 87.97 5.66 32.80
CA PHE B 1392 89.40 5.89 32.95
C PHE B 1392 90.02 6.52 31.70
N PHE B 1393 89.39 6.32 30.53
CA PHE B 1393 89.87 6.91 29.28
C PHE B 1393 88.95 8.03 28.78
N ARG B 1394 88.17 8.63 29.67
CA ARG B 1394 87.27 9.75 29.33
C ARG B 1394 86.32 9.41 28.18
N MET B 1395 85.87 8.16 28.12
CA MET B 1395 84.98 7.74 27.04
C MET B 1395 83.53 8.11 27.36
N VAL B 1396 83.08 7.82 28.57
CA VAL B 1396 81.71 8.14 28.99
C VAL B 1396 81.64 9.62 29.31
N ASP B 1397 80.63 10.30 28.76
CA ASP B 1397 80.53 11.75 28.82
C ASP B 1397 79.57 12.25 29.90
N MET B 1398 79.21 11.39 30.85
CA MET B 1398 78.34 11.77 31.96
C MET B 1398 78.90 11.24 33.28
N PHE B 1399 80.19 11.47 33.50
CA PHE B 1399 80.87 11.02 34.70
C PHE B 1399 80.98 12.16 35.71
N GLU B 1400 80.69 11.85 36.96
CA GLU B 1400 80.86 12.78 38.07
C GLU B 1400 81.92 12.25 39.02
N GLY B 1401 82.51 13.14 39.80
CA GLY B 1401 83.59 12.79 40.70
C GLY B 1401 84.93 13.26 40.18
N ARG B 1402 85.99 12.83 40.88
CA ARG B 1402 87.34 13.29 40.58
C ARG B 1402 88.26 12.09 40.36
N ILE B 1403 88.58 11.81 39.11
CA ILE B 1403 89.61 10.84 38.77
C ILE B 1403 90.94 11.58 38.63
N ILE B 1404 92.02 10.99 39.14
CA ILE B 1404 93.32 11.65 39.17
C ILE B 1404 94.40 10.62 38.90
N ILE B 1405 95.24 10.89 37.90
CA ILE B 1405 96.39 10.06 37.60
C ILE B 1405 97.66 10.87 37.86
N ASP B 1406 98.23 10.73 39.05
CA ASP B 1406 99.41 11.48 39.49
C ASP B 1406 99.16 12.99 39.42
N GLY B 1407 98.13 13.42 40.15
CA GLY B 1407 97.79 14.82 40.24
C GLY B 1407 97.26 15.47 38.97
N ILE B 1408 96.90 14.69 37.96
CA ILE B 1408 96.40 15.21 36.70
C ILE B 1408 95.00 14.65 36.43
N ASP B 1409 94.15 15.48 35.82
CA ASP B 1409 92.80 15.07 35.46
C ASP B 1409 92.48 15.47 34.02
N ILE B 1410 91.21 15.35 33.63
CA ILE B 1410 90.80 15.61 32.27
C ILE B 1410 90.16 17.00 32.13
N ALA B 1411 90.48 17.92 33.03
CA ALA B 1411 89.88 19.26 33.00
C ALA B 1411 90.62 20.24 32.08
N LYS B 1412 91.88 19.98 31.76
CA LYS B 1412 92.64 20.92 30.94
C LYS B 1412 93.52 20.24 29.91
N LEU B 1413 93.25 18.98 29.57
CA LEU B 1413 94.05 18.24 28.61
C LEU B 1413 93.21 17.80 27.43
N PRO B 1414 93.66 18.05 26.20
CA PRO B 1414 92.91 17.57 25.03
C PRO B 1414 93.03 16.05 24.90
N LEU B 1415 92.27 15.52 23.94
CA LEU B 1415 92.24 14.07 23.75
C LEU B 1415 93.59 13.55 23.26
N HIS B 1416 94.24 14.28 22.35
CA HIS B 1416 95.53 13.83 21.82
C HIS B 1416 96.57 13.66 22.93
N THR B 1417 96.47 14.46 23.99
CA THR B 1417 97.35 14.30 25.14
C THR B 1417 96.79 13.31 26.17
N LEU B 1418 95.47 13.19 26.25
CA LEU B 1418 94.85 12.27 27.20
C LEU B 1418 94.94 10.81 26.77
N ARG B 1419 95.29 10.54 25.50
CA ARG B 1419 95.39 9.17 25.02
C ARG B 1419 96.82 8.72 24.77
N SER B 1420 97.76 9.64 24.61
CA SER B 1420 99.17 9.29 24.46
C SER B 1420 99.85 9.01 25.80
N ARG B 1421 99.07 8.82 26.86
CA ARG B 1421 99.61 8.61 28.20
C ARG B 1421 99.31 7.23 28.77
N LEU B 1422 98.29 6.54 28.26
CA LEU B 1422 97.93 5.21 28.77
C LEU B 1422 97.64 4.29 27.60
N SER B 1423 97.93 3.01 27.81
CA SER B 1423 97.68 1.97 26.81
C SER B 1423 96.44 1.17 27.19
N ILE B 1424 96.00 0.32 26.26
CA ILE B 1424 94.79 -0.48 26.44
C ILE B 1424 94.83 -1.62 25.44
N ILE B 1425 94.41 -2.80 25.88
CA ILE B 1425 94.28 -3.98 25.04
C ILE B 1425 92.85 -4.49 25.22
N LEU B 1426 91.98 -4.17 24.27
CA LEU B 1426 90.57 -4.50 24.41
C LEU B 1426 90.35 -6.01 24.22
N GLN B 1427 89.14 -6.45 24.56
CA GLN B 1427 88.79 -7.86 24.45
C GLN B 1427 88.64 -8.32 23.00
N ASP B 1428 88.43 -7.39 22.07
CA ASP B 1428 88.26 -7.71 20.66
C ASP B 1428 89.51 -7.30 19.89
N PRO B 1429 90.42 -8.23 19.60
CA PRO B 1429 91.61 -7.87 18.82
C PRO B 1429 91.30 -7.75 17.33
N VAL B 1430 91.98 -6.80 16.68
CA VAL B 1430 91.79 -6.54 15.27
C VAL B 1430 93.14 -6.22 14.65
N LEU B 1431 93.34 -6.68 13.42
CA LEU B 1431 94.56 -6.43 12.64
C LEU B 1431 94.13 -5.82 11.31
N PHE B 1432 94.11 -4.50 11.24
CA PHE B 1432 93.75 -3.82 10.00
C PHE B 1432 94.77 -4.11 8.91
N SER B 1433 94.35 -3.91 7.66
CA SER B 1433 95.18 -4.25 6.52
C SER B 1433 96.43 -3.37 6.48
N GLY B 1434 97.44 -3.86 5.76
CA GLY B 1434 98.71 -3.17 5.64
C GLY B 1434 99.89 -4.10 5.87
N THR B 1435 101.00 -3.55 6.34
CA THR B 1435 102.18 -4.32 6.66
C THR B 1435 102.30 -4.50 8.17
N ILE B 1436 103.29 -5.29 8.58
CA ILE B 1436 103.55 -5.47 10.01
C ILE B 1436 104.04 -4.17 10.63
N ARG B 1437 104.81 -3.36 9.88
CA ARG B 1437 105.19 -2.04 10.36
C ARG B 1437 103.99 -1.12 10.50
N PHE B 1438 102.91 -1.39 9.77
CA PHE B 1438 101.68 -0.61 9.90
C PHE B 1438 100.77 -1.15 10.99
N ASN B 1439 100.90 -2.42 11.37
CA ASN B 1439 100.08 -2.96 12.46
C ASN B 1439 100.71 -2.69 13.81
N LEU B 1440 102.05 -2.79 13.91
CA LEU B 1440 102.72 -2.53 15.18
C LEU B 1440 102.72 -1.04 15.50
N ASP B 1441 103.16 -0.21 14.55
CA ASP B 1441 103.26 1.24 14.77
C ASP B 1441 102.73 1.96 13.53
N PRO B 1442 101.42 2.23 13.48
CA PRO B 1442 100.89 3.04 12.37
C PRO B 1442 101.53 4.40 12.26
N GLU B 1443 102.00 4.99 13.37
CA GLU B 1443 102.68 6.27 13.31
C GLU B 1443 104.04 6.18 12.62
N LYS B 1444 104.60 4.97 12.52
CA LYS B 1444 105.88 4.75 11.85
C LYS B 1444 106.99 5.62 12.45
N LYS B 1445 106.97 5.77 13.77
CA LYS B 1445 107.97 6.55 14.47
C LYS B 1445 109.09 5.71 15.07
N CYS B 1446 108.80 4.49 15.50
CA CYS B 1446 109.83 3.62 16.06
C CYS B 1446 110.72 3.05 14.97
N SER B 1447 111.88 2.56 15.37
CA SER B 1447 112.85 2.01 14.45
C SER B 1447 112.59 0.52 14.23
N ASP B 1448 113.28 -0.04 13.23
CA ASP B 1448 113.15 -1.46 12.95
C ASP B 1448 113.67 -2.30 14.10
N SER B 1449 114.71 -1.84 14.79
CA SER B 1449 115.21 -2.55 15.96
C SER B 1449 114.17 -2.58 17.07
N THR B 1450 113.44 -1.47 17.26
CA THR B 1450 112.41 -1.43 18.27
C THR B 1450 111.28 -2.40 17.96
N LEU B 1451 110.88 -2.49 16.69
CA LEU B 1451 109.82 -3.41 16.30
C LEU B 1451 110.28 -4.86 16.44
N TRP B 1452 111.52 -5.17 16.04
CA TRP B 1452 112.03 -6.52 16.21
C TRP B 1452 112.11 -6.89 17.69
N GLU B 1453 112.49 -5.94 18.54
CA GLU B 1453 112.56 -6.22 19.98
C GLU B 1453 111.16 -6.42 20.56
N ALA B 1454 110.18 -5.63 20.12
CA ALA B 1454 108.81 -5.81 20.60
C ALA B 1454 108.24 -7.14 20.13
N LEU B 1455 108.61 -7.59 18.93
CA LEU B 1455 108.15 -8.89 18.45
C LEU B 1455 108.87 -10.03 19.18
N GLU B 1456 110.12 -9.81 19.59
CA GLU B 1456 110.84 -10.84 20.34
C GLU B 1456 110.32 -10.94 21.76
N ILE B 1457 109.93 -9.82 22.36
CA ILE B 1457 109.39 -9.85 23.72
C ILE B 1457 108.00 -10.47 23.74
N ALA B 1458 107.21 -10.20 22.70
CA ALA B 1458 105.85 -10.70 22.61
C ALA B 1458 105.76 -12.12 22.06
N GLN B 1459 106.89 -12.82 21.95
CA GLN B 1459 106.95 -14.20 21.45
C GLN B 1459 106.32 -14.31 20.06
N LEU B 1460 106.75 -13.43 19.15
CA LEU B 1460 106.22 -13.40 17.80
C LEU B 1460 107.29 -13.18 16.74
N LYS B 1461 108.57 -13.14 17.11
CA LYS B 1461 109.62 -12.83 16.14
C LYS B 1461 109.86 -13.98 15.18
N LEU B 1462 109.72 -15.21 15.66
CA LEU B 1462 109.99 -16.38 14.81
C LEU B 1462 108.96 -16.52 13.69
N VAL B 1463 107.68 -16.28 14.00
CA VAL B 1463 106.65 -16.37 12.98
C VAL B 1463 106.65 -15.16 12.06
N VAL B 1464 107.22 -14.03 12.49
CA VAL B 1464 107.34 -12.88 11.62
C VAL B 1464 108.51 -13.03 10.65
N LYS B 1465 109.62 -13.62 11.12
CA LYS B 1465 110.75 -13.87 10.24
C LYS B 1465 110.43 -14.88 9.14
N ALA B 1466 109.38 -15.67 9.30
CA ALA B 1466 108.97 -16.66 8.31
C ALA B 1466 107.95 -16.12 7.32
N LEU B 1467 107.88 -14.80 7.15
CA LEU B 1467 106.98 -14.15 6.21
C LEU B 1467 107.77 -13.50 5.08
N PRO B 1468 107.20 -13.38 3.88
CA PRO B 1468 107.94 -12.78 2.76
C PRO B 1468 108.27 -11.33 3.04
N GLY B 1469 109.55 -10.98 2.87
CA GLY B 1469 110.02 -9.62 3.07
C GLY B 1469 110.49 -9.29 4.46
N GLY B 1470 109.68 -9.62 5.47
CA GLY B 1470 110.03 -9.29 6.84
C GLY B 1470 109.48 -7.94 7.26
N LEU B 1471 108.57 -7.95 8.24
CA LEU B 1471 107.87 -6.75 8.71
C LEU B 1471 107.12 -6.05 7.59
N ASP B 1472 106.87 -6.75 6.47
CA ASP B 1472 106.18 -6.16 5.33
C ASP B 1472 105.19 -7.11 4.69
N ALA B 1473 104.69 -8.11 5.43
CA ALA B 1473 103.71 -9.03 4.88
C ALA B 1473 102.37 -8.33 4.69
N ILE B 1474 101.71 -8.63 3.57
CA ILE B 1474 100.43 -8.01 3.24
C ILE B 1474 99.34 -8.73 4.04
N ILE B 1475 98.86 -8.07 5.09
CA ILE B 1475 97.81 -8.63 5.94
C ILE B 1475 96.47 -8.07 5.51
N THR B 1476 95.42 -8.87 5.70
CA THR B 1476 94.05 -8.45 5.42
C THR B 1476 93.31 -8.22 6.72
N GLU B 1477 92.14 -7.59 6.60
CA GLU B 1477 91.30 -7.32 7.77
C GLU B 1477 90.85 -8.62 8.40
N GLY B 1478 91.38 -8.93 9.59
CA GLY B 1478 91.09 -10.20 10.24
C GLY B 1478 91.55 -11.39 9.44
N GLY B 1479 90.59 -12.14 8.88
CA GLY B 1479 90.92 -13.23 8.00
C GLY B 1479 91.55 -14.40 8.74
N GLU B 1480 92.36 -15.16 8.00
CA GLU B 1480 93.05 -16.33 8.52
C GLU B 1480 94.56 -16.21 8.29
N ASN B 1481 95.10 -15.01 8.48
CA ASN B 1481 96.53 -14.80 8.34
C ASN B 1481 97.30 -15.03 9.63
N PHE B 1482 96.65 -14.83 10.78
CA PHE B 1482 97.27 -15.05 12.07
C PHE B 1482 96.24 -15.62 13.03
N SER B 1483 96.70 -16.48 13.94
CA SER B 1483 95.80 -17.11 14.89
C SER B 1483 95.35 -16.12 15.96
N GLN B 1484 94.38 -16.54 16.77
CA GLN B 1484 93.87 -15.68 17.84
C GLN B 1484 94.97 -15.34 18.84
N GLY B 1485 95.79 -16.34 19.19
CA GLY B 1485 96.93 -16.05 20.03
C GLY B 1485 97.91 -15.09 19.39
N GLN B 1486 98.14 -15.23 18.09
CA GLN B 1486 98.98 -14.29 17.37
C GLN B 1486 98.38 -12.89 17.35
N ARG B 1487 97.05 -12.80 17.27
CA ARG B 1487 96.40 -11.48 17.30
C ARG B 1487 96.56 -10.82 18.67
N GLN B 1488 96.36 -11.60 19.74
CA GLN B 1488 96.60 -11.06 21.08
C GLN B 1488 98.07 -10.68 21.26
N LEU B 1489 98.99 -11.43 20.65
CA LEU B 1489 100.40 -11.08 20.73
C LEU B 1489 100.70 -9.78 19.98
N PHE B 1490 100.03 -9.56 18.84
CA PHE B 1490 100.16 -8.28 18.15
C PHE B 1490 99.62 -7.14 19.00
N CYS B 1491 98.51 -7.37 19.70
CA CYS B 1491 98.00 -6.35 20.61
C CYS B 1491 98.99 -6.05 21.73
N LEU B 1492 99.60 -7.09 22.29
CA LEU B 1492 100.60 -6.89 23.33
C LEU B 1492 101.83 -6.16 22.79
N ALA B 1493 102.21 -6.44 21.54
CA ALA B 1493 103.33 -5.73 20.93
C ALA B 1493 103.00 -4.26 20.71
N ARG B 1494 101.75 -3.97 20.35
CA ARG B 1494 101.31 -2.57 20.27
C ARG B 1494 101.39 -1.89 21.63
N ALA B 1495 100.95 -2.59 22.68
CA ALA B 1495 101.05 -2.03 24.03
C ALA B 1495 102.52 -1.80 24.42
N PHE B 1496 103.41 -2.69 23.97
CA PHE B 1496 104.83 -2.54 24.30
C PHE B 1496 105.44 -1.34 23.58
N VAL B 1497 105.15 -1.21 22.28
CA VAL B 1497 105.67 -0.07 21.52
C VAL B 1497 105.02 1.24 21.93
N ARG B 1498 103.88 1.18 22.61
CA ARG B 1498 103.24 2.40 23.09
C ARG B 1498 104.12 3.11 24.13
N LYS B 1499 104.69 2.34 25.06
CA LYS B 1499 105.57 2.88 26.10
C LYS B 1499 104.87 3.97 26.91
N THR B 1500 103.60 3.74 27.23
CA THR B 1500 102.80 4.72 27.96
C THR B 1500 102.98 4.61 29.47
N SER B 1501 103.62 3.56 29.97
CA SER B 1501 103.92 3.29 31.38
C SER B 1501 102.69 3.01 32.22
N ILE B 1502 101.49 2.99 31.63
CA ILE B 1502 100.25 2.65 32.33
C ILE B 1502 99.46 1.74 31.40
N PHE B 1503 99.29 0.49 31.79
CA PHE B 1503 98.61 -0.51 30.97
C PHE B 1503 97.25 -0.86 31.57
N ILE B 1504 96.27 -1.05 30.70
CA ILE B 1504 94.93 -1.48 31.10
C ILE B 1504 94.60 -2.72 30.27
N MET B 1505 94.51 -3.87 30.94
CA MET B 1505 94.23 -5.14 30.28
C MET B 1505 92.75 -5.45 30.45
N ASP B 1506 91.98 -5.31 29.36
CA ASP B 1506 90.53 -5.50 29.38
C ASP B 1506 90.21 -6.86 28.76
N GLU B 1507 90.19 -7.89 29.60
CA GLU B 1507 89.77 -9.24 29.22
C GLU B 1507 90.62 -9.79 28.06
N ALA B 1508 91.91 -9.95 28.33
CA ALA B 1508 92.82 -10.58 27.39
C ALA B 1508 92.76 -12.10 27.44
N THR B 1509 91.76 -12.67 28.10
CA THR B 1509 91.65 -14.11 28.28
C THR B 1509 90.54 -14.75 27.47
N ALA B 1510 89.45 -14.03 27.22
CA ALA B 1510 88.32 -14.60 26.49
C ALA B 1510 88.71 -14.98 25.07
N SER B 1511 88.03 -15.98 24.53
CA SER B 1511 88.28 -16.49 23.18
C SER B 1511 89.72 -16.95 23.00
N ILE B 1512 90.33 -17.48 24.06
CA ILE B 1512 91.70 -17.96 24.01
C ILE B 1512 91.77 -19.28 24.77
N ASP B 1513 92.45 -20.26 24.19
CA ASP B 1513 92.60 -21.55 24.84
C ASP B 1513 93.42 -21.42 26.12
N MET B 1514 93.07 -22.26 27.12
CA MET B 1514 93.75 -22.19 28.40
C MET B 1514 95.23 -22.51 28.27
N ALA B 1515 95.57 -23.50 27.43
CA ALA B 1515 96.97 -23.86 27.25
C ALA B 1515 97.79 -22.71 26.67
N THR B 1516 97.15 -21.82 25.91
CA THR B 1516 97.82 -20.63 25.40
C THR B 1516 97.61 -19.42 26.28
N GLU B 1517 96.44 -19.30 26.91
CA GLU B 1517 96.17 -18.16 27.78
C GLU B 1517 97.06 -18.16 29.02
N ASN B 1518 97.38 -19.35 29.56
CA ASN B 1518 98.27 -19.41 30.72
C ASN B 1518 99.65 -18.88 30.37
N ILE B 1519 100.20 -19.33 29.23
CA ILE B 1519 101.52 -18.86 28.81
C ILE B 1519 101.47 -17.38 28.45
N LEU B 1520 100.35 -16.91 27.89
CA LEU B 1520 100.22 -15.48 27.57
C LEU B 1520 100.23 -14.65 28.85
N GLN B 1521 99.48 -15.07 29.87
CA GLN B 1521 99.48 -14.35 31.14
C GLN B 1521 100.86 -14.39 31.80
N LYS B 1522 101.54 -15.53 31.70
CA LYS B 1522 102.89 -15.63 32.27
C LYS B 1522 103.84 -14.67 31.57
N VAL B 1523 103.77 -14.59 30.25
CA VAL B 1523 104.65 -13.68 29.51
C VAL B 1523 104.31 -12.24 29.83
N VAL B 1524 103.02 -11.91 29.94
CA VAL B 1524 102.61 -10.55 30.23
C VAL B 1524 102.99 -10.15 31.65
N MET B 1525 103.07 -11.11 32.56
CA MET B 1525 103.50 -10.81 33.93
C MET B 1525 105.01 -10.68 34.02
N THR B 1526 105.74 -11.52 33.27
CA THR B 1526 107.20 -11.45 33.30
C THR B 1526 107.72 -10.20 32.59
N ALA B 1527 107.00 -9.73 31.56
CA ALA B 1527 107.42 -8.52 30.87
C ALA B 1527 107.00 -7.26 31.61
N PHE B 1528 105.91 -7.32 32.37
CA PHE B 1528 105.40 -6.16 33.11
C PHE B 1528 105.72 -6.36 34.59
N ALA B 1529 106.94 -5.97 34.97
CA ALA B 1529 107.30 -5.88 36.37
C ALA B 1529 107.08 -4.49 36.95
N ASP B 1530 107.07 -3.47 36.09
CA ASP B 1530 106.73 -2.11 36.47
C ASP B 1530 105.60 -1.63 35.56
N ARG B 1531 105.31 -0.32 35.57
CA ARG B 1531 104.24 0.24 34.75
C ARG B 1531 102.90 -0.41 35.09
N THR B 1532 102.43 -0.10 36.30
CA THR B 1532 101.28 -0.75 36.94
C THR B 1532 100.16 -1.04 35.96
N VAL B 1533 99.66 -2.29 36.01
CA VAL B 1533 98.63 -2.77 35.11
C VAL B 1533 97.35 -2.99 35.89
N VAL B 1534 96.22 -2.62 35.28
CA VAL B 1534 94.90 -2.80 35.86
C VAL B 1534 94.13 -3.78 34.98
N THR B 1535 93.96 -5.00 35.47
CA THR B 1535 93.34 -6.08 34.71
C THR B 1535 91.87 -6.26 35.11
N ILE B 1536 91.11 -6.85 34.19
CA ILE B 1536 89.70 -7.17 34.44
C ILE B 1536 89.32 -8.42 33.65
N ALA B 1537 88.92 -9.47 34.36
CA ALA B 1537 88.58 -10.74 33.73
C ALA B 1537 87.71 -11.55 34.69
N HIS B 1538 87.24 -12.69 34.21
CA HIS B 1538 86.42 -13.60 35.02
C HIS B 1538 87.15 -14.88 35.39
N ARG B 1539 88.44 -14.97 35.05
CA ARG B 1539 89.24 -16.14 35.40
C ARG B 1539 89.60 -16.13 36.88
N VAL B 1540 89.73 -17.32 37.45
CA VAL B 1540 90.06 -17.44 38.86
C VAL B 1540 91.52 -17.06 39.11
N HIS B 1541 92.42 -17.61 38.29
CA HIS B 1541 93.85 -17.37 38.50
C HIS B 1541 94.24 -15.93 38.18
N THR B 1542 93.59 -15.32 37.19
CA THR B 1542 93.91 -13.94 36.84
C THR B 1542 93.55 -12.98 37.97
N ILE B 1543 92.39 -13.19 38.60
CA ILE B 1543 92.02 -12.34 39.73
C ILE B 1543 92.80 -12.72 40.98
N LEU B 1544 93.25 -13.98 41.08
CA LEU B 1544 94.04 -14.39 42.24
C LEU B 1544 95.44 -13.82 42.19
N SER B 1545 96.00 -13.61 40.99
CA SER B 1545 97.36 -13.10 40.85
C SER B 1545 97.45 -11.61 41.11
N ALA B 1546 96.33 -10.89 41.09
CA ALA B 1546 96.35 -9.45 41.31
C ALA B 1546 96.38 -9.13 42.80
N ASP B 1547 97.04 -8.02 43.15
CA ASP B 1547 97.16 -7.63 44.55
C ASP B 1547 95.92 -6.91 45.05
N LEU B 1548 95.63 -5.74 44.49
CA LEU B 1548 94.48 -4.95 44.92
C LEU B 1548 93.29 -5.26 44.02
N VAL B 1549 92.22 -5.77 44.62
CA VAL B 1549 91.04 -6.22 43.88
C VAL B 1549 89.80 -5.57 44.46
N MET B 1550 88.93 -5.07 43.59
CA MET B 1550 87.70 -4.38 43.99
C MET B 1550 86.51 -5.20 43.51
N VAL B 1551 85.81 -5.84 44.44
CA VAL B 1551 84.62 -6.59 44.10
C VAL B 1551 83.51 -5.63 43.70
N LEU B 1552 82.95 -5.83 42.51
CA LEU B 1552 81.92 -4.95 41.98
C LEU B 1552 80.55 -5.45 42.45
N LYS B 1553 79.89 -4.64 43.27
CA LYS B 1553 78.57 -4.97 43.79
C LYS B 1553 77.52 -4.62 42.73
N ARG B 1554 76.24 -4.62 43.14
CA ARG B 1554 75.16 -4.32 42.21
C ARG B 1554 75.27 -2.89 41.67
N GLY B 1555 75.55 -1.93 42.53
CA GLY B 1555 75.64 -0.54 42.11
C GLY B 1555 76.94 0.14 42.51
N ALA B 1556 77.65 -0.43 43.47
CA ALA B 1556 78.90 0.16 43.94
C ALA B 1556 80.03 -0.85 43.91
N ILE B 1557 81.19 -0.48 44.47
CA ILE B 1557 82.35 -1.36 44.52
C ILE B 1557 82.88 -1.38 45.95
N LEU B 1558 83.56 -2.48 46.27
CA LEU B 1558 84.20 -2.66 47.57
C LEU B 1558 85.63 -3.13 47.33
N GLU B 1559 86.60 -2.27 47.63
CA GLU B 1559 87.99 -2.55 47.33
C GLU B 1559 88.65 -3.34 48.47
N PHE B 1560 89.74 -4.03 48.13
CA PHE B 1560 90.54 -4.77 49.09
C PHE B 1560 91.99 -4.74 48.63
N ASP B 1561 92.89 -4.37 49.55
CA ASP B 1561 94.28 -4.16 49.19
C ASP B 1561 95.05 -5.48 49.10
N LYS B 1562 94.99 -6.30 50.14
CA LYS B 1562 95.73 -7.56 50.12
C LYS B 1562 94.86 -8.67 49.55
N PRO B 1563 95.34 -9.41 48.54
CA PRO B 1563 94.50 -10.45 47.92
C PRO B 1563 94.24 -11.63 48.84
N GLU B 1564 95.29 -12.16 49.46
CA GLU B 1564 95.16 -13.31 50.35
C GLU B 1564 94.38 -12.97 51.61
N THR B 1565 94.22 -11.69 51.93
CA THR B 1565 93.44 -11.30 53.09
C THR B 1565 91.94 -11.36 52.80
N LEU B 1566 91.52 -10.77 51.68
CA LEU B 1566 90.10 -10.78 51.31
C LEU B 1566 89.66 -12.11 50.73
N LEU B 1567 90.60 -12.92 50.21
CA LEU B 1567 90.24 -14.23 49.68
C LEU B 1567 89.94 -15.25 50.77
N SER B 1568 90.19 -14.90 52.04
CA SER B 1568 89.87 -15.78 53.15
C SER B 1568 89.16 -15.08 54.31
N GLN B 1569 89.03 -13.75 54.28
CA GLN B 1569 88.33 -13.03 55.34
C GLN B 1569 86.82 -13.21 55.25
N LYS B 1570 86.28 -13.27 54.03
CA LYS B 1570 84.85 -13.49 53.82
C LYS B 1570 84.46 -14.95 53.93
N ASP B 1571 85.33 -15.81 54.46
CA ASP B 1571 85.09 -17.24 54.61
C ASP B 1571 84.85 -17.92 53.27
N SER B 1572 85.48 -17.40 52.21
CA SER B 1572 85.39 -17.95 50.86
C SER B 1572 83.93 -18.04 50.39
N VAL B 1573 83.27 -16.88 50.37
CA VAL B 1573 81.86 -16.76 49.99
C VAL B 1573 81.68 -15.78 48.84
N PHE B 1574 82.28 -14.60 48.93
CA PHE B 1574 82.08 -13.54 47.95
C PHE B 1574 83.31 -13.18 47.14
N ALA B 1575 84.48 -13.74 47.47
CA ALA B 1575 85.70 -13.35 46.78
C ALA B 1575 86.45 -14.56 46.23
N SER B 1576 86.30 -15.72 46.88
CA SER B 1576 87.05 -16.91 46.49
C SER B 1576 86.26 -17.78 45.51
N PHE B 1577 85.08 -18.25 45.93
CA PHE B 1577 84.28 -19.11 45.07
C PHE B 1577 83.71 -18.33 43.90
N VAL B 1578 83.49 -17.02 44.06
CA VAL B 1578 83.01 -16.20 42.95
C VAL B 1578 84.10 -16.06 41.89
N ARG B 1579 85.35 -15.88 42.31
CA ARG B 1579 86.46 -15.78 41.39
C ARG B 1579 86.87 -17.17 40.88
N ARG C 32 -9.18 17.90 33.12
CA ARG C 32 -7.92 17.23 32.81
C ARG C 32 -7.79 16.97 31.31
N ALA C 33 -6.55 16.96 30.83
CA ALA C 33 -6.29 16.67 29.44
C ALA C 33 -6.43 15.19 29.15
N ARG C 34 -6.81 14.88 27.91
CA ARG C 34 -6.84 13.51 27.42
C ARG C 34 -5.77 13.34 26.34
N PHE C 35 -5.56 12.09 25.93
CA PHE C 35 -4.55 11.82 24.91
C PHE C 35 -5.09 12.09 23.52
N VAL C 36 -6.22 11.48 23.17
CA VAL C 36 -6.85 11.62 21.87
C VAL C 36 -8.32 11.98 22.10
N SER C 37 -8.81 12.95 21.35
CA SER C 37 -10.21 13.35 21.46
C SER C 37 -11.12 12.21 21.00
N LYS C 38 -12.42 12.39 21.24
CA LYS C 38 -13.39 11.39 20.81
C LYS C 38 -13.49 11.28 19.30
N LYS C 39 -12.93 12.24 18.55
CA LYS C 39 -12.99 12.25 17.10
C LYS C 39 -11.63 12.00 16.47
N GLY C 40 -10.76 11.26 17.17
CA GLY C 40 -9.44 10.94 16.67
C GLY C 40 -8.45 12.08 16.69
N ASN C 41 -8.92 13.33 16.81
CA ASN C 41 -8.03 14.48 16.83
C ASN C 41 -7.11 14.37 18.05
N CYS C 42 -5.83 14.11 17.83
CA CYS C 42 -4.91 13.93 18.95
C CYS C 42 -4.64 15.27 19.62
N ASN C 43 -4.51 15.24 20.95
CA ASN C 43 -4.56 16.44 21.77
C ASN C 43 -3.18 16.95 22.19
N VAL C 44 -2.11 16.31 21.72
CA VAL C 44 -0.76 16.62 22.17
C VAL C 44 -0.28 17.92 21.53
N ALA C 45 0.49 18.69 22.29
CA ALA C 45 1.12 19.92 21.82
C ALA C 45 2.62 19.76 21.82
N HIS C 46 3.26 20.10 20.71
CA HIS C 46 4.70 19.91 20.54
C HIS C 46 5.42 21.26 20.64
N LYS C 47 6.40 21.32 21.52
CA LYS C 47 7.08 22.57 21.85
C LYS C 47 8.58 22.44 21.67
N ASN C 48 9.21 23.58 21.37
CA ASN C 48 10.66 23.69 21.27
C ASN C 48 11.23 22.75 20.21
N ILE C 49 10.67 22.84 19.00
CA ILE C 49 11.07 21.97 17.91
C ILE C 49 12.14 22.68 17.07
N ARG C 50 13.40 22.22 17.20
CA ARG C 50 14.50 22.70 16.36
C ARG C 50 14.29 22.17 14.94
N GLU C 51 13.77 23.01 14.07
CA GLU C 51 13.58 22.67 12.67
C GLU C 51 14.74 23.22 11.85
N GLN C 52 15.35 22.36 11.05
CA GLN C 52 16.41 22.76 10.12
C GLN C 52 15.87 23.10 8.74
N GLY C 53 14.64 23.59 8.67
CA GLY C 53 13.97 23.76 7.41
C GLY C 53 13.36 22.49 6.87
N ARG C 54 13.09 21.50 7.74
CA ARG C 54 12.59 20.21 7.31
C ARG C 54 11.08 20.19 7.11
N PHE C 55 10.35 21.12 7.73
CA PHE C 55 8.91 21.19 7.53
C PHE C 55 8.52 21.81 6.20
N LEU C 56 9.44 22.51 5.53
CA LEU C 56 9.19 23.04 4.20
C LEU C 56 10.17 22.53 3.15
N GLN C 57 11.23 21.83 3.54
CA GLN C 57 11.97 21.00 2.59
C GLN C 57 11.07 19.92 2.03
N ASP C 58 10.04 19.53 2.76
CA ASP C 58 8.92 18.79 2.19
C ASP C 58 7.82 19.76 1.81
N VAL C 59 8.09 20.52 0.75
CA VAL C 59 7.10 21.45 0.24
C VAL C 59 5.90 20.71 -0.31
N PHE C 60 6.05 19.44 -0.70
CA PHE C 60 5.03 18.79 -1.50
C PHE C 60 3.91 18.19 -0.66
N THR C 61 4.25 17.44 0.39
CA THR C 61 3.18 16.98 1.28
C THR C 61 2.63 18.14 2.10
N THR C 62 3.44 19.18 2.31
CA THR C 62 2.90 20.42 2.88
C THR C 62 1.85 21.03 1.97
N LEU C 63 2.12 21.01 0.65
CA LEU C 63 1.20 21.56 -0.34
C LEU C 63 0.01 20.63 -0.61
N VAL C 64 0.12 19.35 -0.23
CA VAL C 64 -1.03 18.46 -0.25
C VAL C 64 -1.90 18.68 0.99
N ASP C 65 -1.27 18.83 2.15
CA ASP C 65 -2.02 18.95 3.39
C ASP C 65 -2.62 20.32 3.61
N LEU C 66 -2.25 21.31 2.80
CA LEU C 66 -2.95 22.59 2.86
C LEU C 66 -4.42 22.38 2.54
N LYS C 67 -5.30 22.84 3.43
CA LYS C 67 -6.72 22.63 3.24
C LYS C 67 -7.17 23.14 1.87
N TRP C 68 -8.24 22.52 1.35
CA TRP C 68 -8.71 22.81 0.01
C TRP C 68 -8.83 24.30 -0.32
N PRO C 69 -9.29 25.18 0.57
CA PRO C 69 -9.22 26.61 0.25
C PRO C 69 -7.78 27.11 0.14
N HIS C 70 -6.92 26.68 1.07
CA HIS C 70 -5.53 27.08 1.00
C HIS C 70 -4.89 26.56 -0.29
N THR C 71 -5.21 25.33 -0.68
CA THR C 71 -4.66 24.80 -1.92
C THR C 71 -5.17 25.58 -3.12
N LEU C 72 -6.43 25.98 -3.09
CA LEU C 72 -6.95 26.84 -4.15
C LEU C 72 -6.13 28.12 -4.23
N LEU C 73 -5.91 28.78 -3.10
CA LEU C 73 -5.20 30.05 -3.14
C LEU C 73 -3.75 29.88 -3.59
N ILE C 74 -3.09 28.79 -3.21
CA ILE C 74 -1.72 28.57 -3.66
C ILE C 74 -1.70 28.34 -5.17
N PHE C 75 -2.62 27.50 -5.64
CA PHE C 75 -2.83 27.25 -7.07
C PHE C 75 -2.93 28.56 -7.86
N THR C 76 -3.88 29.40 -7.45
CA THR C 76 -4.17 30.60 -8.21
C THR C 76 -3.05 31.63 -8.08
N MET C 77 -2.39 31.72 -6.92
CA MET C 77 -1.22 32.55 -6.80
C MET C 77 -0.14 32.12 -7.78
N SER C 78 0.17 30.82 -7.80
CA SER C 78 1.26 30.33 -8.64
C SER C 78 0.94 30.47 -10.12
N PHE C 79 -0.34 30.62 -10.50
CA PHE C 79 -0.62 30.92 -11.90
C PHE C 79 -0.54 32.41 -12.19
N LEU C 80 -1.22 33.22 -11.37
CA LEU C 80 -1.27 34.66 -11.60
C LEU C 80 0.11 35.27 -11.55
N CYS C 81 0.94 34.82 -10.60
CA CYS C 81 2.30 35.35 -10.50
C CYS C 81 3.13 34.97 -11.70
N SER C 82 3.01 33.73 -12.19
CA SER C 82 3.71 33.38 -13.43
C SER C 82 3.24 34.26 -14.60
N TRP C 83 1.92 34.43 -14.76
CA TRP C 83 1.49 35.23 -15.90
C TRP C 83 2.03 36.64 -15.76
N LEU C 84 1.97 37.21 -14.55
CA LEU C 84 2.43 38.58 -14.35
C LEU C 84 3.92 38.69 -14.62
N LEU C 85 4.69 37.68 -14.21
CA LEU C 85 6.12 37.64 -14.49
C LEU C 85 6.39 37.64 -16.01
N PHE C 86 5.80 36.71 -16.75
CA PHE C 86 6.17 36.61 -18.16
C PHE C 86 5.56 37.76 -18.97
N ALA C 87 4.46 38.33 -18.49
CA ALA C 87 3.92 39.52 -19.12
C ALA C 87 4.86 40.69 -18.86
N MET C 88 5.45 40.71 -17.68
CA MET C 88 6.49 41.67 -17.38
C MET C 88 7.58 41.57 -18.45
N VAL C 89 8.14 40.37 -18.60
CA VAL C 89 9.22 40.20 -19.57
C VAL C 89 8.75 40.61 -20.97
N TRP C 90 7.55 40.21 -21.38
CA TRP C 90 7.14 40.48 -22.76
C TRP C 90 7.05 41.98 -23.02
N TRP C 91 6.37 42.71 -22.15
CA TRP C 91 6.28 44.17 -22.28
C TRP C 91 7.66 44.79 -22.27
N LEU C 92 8.55 44.28 -21.42
CA LEU C 92 9.91 44.80 -21.38
C LEU C 92 10.61 44.63 -22.73
N ILE C 93 10.58 43.41 -23.28
CA ILE C 93 11.21 43.17 -24.57
C ILE C 93 10.63 44.10 -25.63
N ALA C 94 9.31 44.13 -25.73
CA ALA C 94 8.68 44.95 -26.77
C ALA C 94 9.03 46.41 -26.59
N PHE C 95 9.20 46.86 -25.35
CA PHE C 95 9.73 48.19 -25.10
C PHE C 95 11.12 48.32 -25.72
N ALA C 96 12.05 47.48 -25.25
CA ALA C 96 13.44 47.58 -25.67
C ALA C 96 13.60 47.33 -27.16
N HIS C 97 12.74 46.51 -27.75
CA HIS C 97 12.80 46.34 -29.21
C HIS C 97 12.26 47.54 -29.96
N GLY C 98 11.82 48.59 -29.27
CA GLY C 98 11.23 49.71 -29.94
C GLY C 98 9.88 49.41 -30.56
N ASP C 99 9.14 48.46 -29.97
CA ASP C 99 7.86 48.05 -30.53
C ASP C 99 6.67 48.77 -29.90
N LEU C 100 6.87 49.58 -28.86
CA LEU C 100 5.79 50.39 -28.32
C LEU C 100 5.76 51.81 -28.89
N ALA C 101 6.72 52.17 -29.71
CA ALA C 101 6.61 53.48 -30.33
C ALA C 101 5.64 53.40 -31.51
N PRO C 102 4.82 54.43 -31.71
CA PRO C 102 4.04 54.52 -32.96
C PRO C 102 4.94 54.65 -34.17
N GLY C 103 4.34 54.54 -35.35
CA GLY C 103 5.09 54.36 -36.58
C GLY C 103 5.18 52.90 -36.95
N GLU C 104 4.02 52.26 -37.05
CA GLU C 104 3.94 50.81 -37.08
C GLU C 104 4.51 50.22 -38.36
N GLY C 105 4.21 50.83 -39.51
CA GLY C 105 4.39 50.16 -40.79
C GLY C 105 5.83 49.87 -41.17
N THR C 106 6.78 50.66 -40.67
CA THR C 106 8.15 50.56 -41.17
C THR C 106 8.86 49.31 -40.66
N ASN C 107 8.78 49.03 -39.36
CA ASN C 107 9.53 47.95 -38.75
C ASN C 107 8.62 46.81 -38.30
N VAL C 108 9.23 45.65 -38.04
CA VAL C 108 8.51 44.42 -37.71
C VAL C 108 8.50 44.23 -36.21
N PRO C 109 7.34 44.00 -35.58
CA PRO C 109 7.32 43.78 -34.14
C PRO C 109 8.00 42.47 -33.76
N CYS C 110 8.55 42.43 -32.56
CA CYS C 110 9.17 41.19 -32.12
C CYS C 110 8.12 40.15 -31.74
N VAL C 111 6.99 40.59 -31.20
CA VAL C 111 5.74 39.82 -31.28
C VAL C 111 4.61 40.81 -31.55
N THR C 112 3.65 40.39 -32.37
CA THR C 112 2.79 41.33 -33.07
C THR C 112 1.76 41.99 -32.16
N SER C 113 1.59 43.29 -32.38
CA SER C 113 0.51 44.09 -31.81
C SER C 113 0.40 43.92 -30.29
N ILE C 114 1.54 43.88 -29.63
CA ILE C 114 1.63 44.30 -28.22
C ILE C 114 1.57 45.82 -28.22
N HIS C 115 0.53 46.37 -27.60
CA HIS C 115 0.38 47.80 -27.52
C HIS C 115 0.55 48.35 -26.12
N SER C 116 0.39 47.52 -25.09
CA SER C 116 0.42 48.00 -23.71
C SER C 116 0.83 46.86 -22.82
N PHE C 117 0.91 47.11 -21.52
CA PHE C 117 1.04 45.98 -20.62
C PHE C 117 -0.25 45.18 -20.54
N SER C 118 -1.39 45.72 -21.00
CA SER C 118 -2.55 44.85 -21.18
C SER C 118 -2.28 43.83 -22.28
N SER C 119 -1.90 44.30 -23.48
CA SER C 119 -1.56 43.38 -24.56
C SER C 119 -0.52 42.39 -24.11
N ALA C 120 0.50 42.86 -23.39
CA ALA C 120 1.54 41.94 -22.96
C ALA C 120 0.99 40.92 -22.00
N PHE C 121 0.11 41.33 -21.08
CA PHE C 121 -0.50 40.41 -20.12
C PHE C 121 -1.37 39.36 -20.82
N LEU C 122 -2.16 39.78 -21.83
CA LEU C 122 -2.98 38.83 -22.56
C LEU C 122 -2.12 37.89 -23.38
N PHE C 123 -1.07 38.39 -24.01
CA PHE C 123 -0.20 37.52 -24.79
C PHE C 123 0.46 36.48 -23.91
N SER C 124 0.87 36.91 -22.73
CA SER C 124 1.48 35.99 -21.79
C SER C 124 0.49 34.94 -21.33
N ILE C 125 -0.74 35.35 -21.00
CA ILE C 125 -1.74 34.36 -20.62
C ILE C 125 -1.95 33.36 -21.75
N GLU C 126 -2.20 33.86 -22.96
CA GLU C 126 -2.45 33.00 -24.10
C GLU C 126 -1.34 32.00 -24.34
N VAL C 127 -0.07 32.35 -24.08
CA VAL C 127 1.02 31.39 -24.27
C VAL C 127 1.32 30.53 -23.04
N GLN C 128 0.88 30.93 -21.86
CA GLN C 128 1.08 30.01 -20.76
C GLN C 128 -0.05 29.01 -20.68
N VAL C 129 -1.27 29.47 -20.95
CA VAL C 129 -2.43 28.60 -20.82
C VAL C 129 -2.76 28.09 -22.22
N THR C 130 -1.89 28.42 -23.18
CA THR C 130 -1.92 27.87 -24.53
C THR C 130 -3.23 28.14 -25.26
N ILE C 131 -4.03 29.13 -24.87
CA ILE C 131 -5.16 29.44 -25.77
C ILE C 131 -4.62 30.07 -27.04
N GLY C 132 -3.75 31.07 -26.88
CA GLY C 132 -3.07 31.68 -27.99
C GLY C 132 -4.03 32.08 -29.07
N PHE C 133 -4.84 33.10 -28.84
CA PHE C 133 -5.74 33.47 -29.91
C PHE C 133 -4.99 33.79 -31.19
N GLY C 134 -3.71 34.14 -31.10
CA GLY C 134 -2.96 34.43 -32.30
C GLY C 134 -3.11 35.83 -32.81
N GLY C 135 -3.92 36.68 -32.17
CA GLY C 135 -3.91 38.09 -32.49
C GLY C 135 -2.56 38.75 -32.19
N ARG C 136 -1.86 38.26 -31.16
CA ARG C 136 -0.52 38.75 -30.79
C ARG C 136 0.41 37.53 -30.76
N MET C 137 0.94 37.18 -31.92
CA MET C 137 1.75 35.98 -32.06
C MET C 137 3.21 36.39 -32.14
N VAL C 138 4.08 35.53 -31.60
CA VAL C 138 5.50 35.79 -31.71
C VAL C 138 5.92 35.61 -33.16
N THR C 139 6.81 36.48 -33.62
CA THR C 139 7.29 36.41 -34.99
C THR C 139 8.75 36.01 -35.05
N GLU C 140 9.20 35.62 -36.23
CA GLU C 140 10.54 35.14 -36.46
C GLU C 140 11.66 36.21 -36.25
N GLU C 141 11.24 37.39 -35.80
CA GLU C 141 12.06 38.60 -35.93
C GLU C 141 13.26 38.65 -34.97
N CYS C 142 13.05 38.52 -33.65
CA CYS C 142 14.09 38.79 -32.66
C CYS C 142 14.24 37.63 -31.67
N PRO C 143 15.42 36.99 -31.55
CA PRO C 143 15.54 35.74 -30.79
C PRO C 143 15.22 35.80 -29.30
N LEU C 144 15.67 36.82 -28.57
CA LEU C 144 15.36 36.77 -27.15
C LEU C 144 13.88 36.52 -26.89
N ALA C 145 12.98 36.96 -27.80
CA ALA C 145 11.60 36.53 -27.63
C ALA C 145 11.45 35.03 -27.84
N ILE C 146 12.12 34.49 -28.85
CA ILE C 146 12.04 33.06 -29.05
C ILE C 146 12.48 32.34 -27.79
N LEU C 147 13.61 32.75 -27.23
CA LEU C 147 14.15 32.12 -26.04
C LEU C 147 13.20 32.29 -24.85
N ILE C 148 12.59 33.45 -24.73
CA ILE C 148 11.67 33.69 -23.63
C ILE C 148 10.43 32.83 -23.78
N LEU C 149 9.97 32.62 -25.02
CA LEU C 149 8.77 31.85 -25.24
C LEU C 149 9.04 30.36 -25.00
N ILE C 150 10.26 29.90 -25.30
CA ILE C 150 10.71 28.57 -24.87
C ILE C 150 10.62 28.46 -23.35
N VAL C 151 11.26 29.41 -22.65
CA VAL C 151 11.26 29.43 -21.20
C VAL C 151 9.83 29.47 -20.66
N GLN C 152 8.95 30.23 -21.31
CA GLN C 152 7.60 30.39 -20.79
C GLN C 152 6.81 29.09 -20.93
N ASN C 153 6.92 28.45 -22.09
CA ASN C 153 6.31 27.13 -22.27
C ASN C 153 6.88 26.12 -21.28
N ILE C 154 8.19 26.11 -21.08
CA ILE C 154 8.74 25.03 -20.25
C ILE C 154 8.35 25.23 -18.80
N VAL C 155 8.45 26.46 -18.28
CA VAL C 155 8.06 26.64 -16.89
C VAL C 155 6.55 26.43 -16.75
N GLY C 156 5.74 26.80 -17.77
CA GLY C 156 4.32 26.52 -17.70
C GLY C 156 4.04 25.04 -17.57
N LEU C 157 4.64 24.23 -18.45
CA LEU C 157 4.51 22.78 -18.37
C LEU C 157 4.91 22.30 -16.99
N MET C 158 6.02 22.84 -16.46
CA MET C 158 6.57 22.36 -15.20
C MET C 158 5.62 22.62 -14.05
N ILE C 159 5.23 23.88 -13.86
CA ILE C 159 4.32 24.21 -12.76
C ILE C 159 2.96 23.56 -12.96
N ASN C 160 2.51 23.40 -14.20
CA ASN C 160 1.21 22.81 -14.43
C ASN C 160 1.20 21.35 -14.01
N ALA C 161 2.23 20.61 -14.41
CA ALA C 161 2.34 19.21 -14.00
C ALA C 161 2.54 19.09 -12.50
N ILE C 162 3.26 20.04 -11.90
CA ILE C 162 3.44 20.04 -10.45
C ILE C 162 2.09 20.17 -9.75
N MET C 163 1.24 21.10 -10.22
CA MET C 163 -0.03 21.30 -9.57
C MET C 163 -1.01 20.17 -9.86
N LEU C 164 -1.09 19.73 -11.13
CA LEU C 164 -1.84 18.53 -11.44
C LEU C 164 -1.52 17.42 -10.44
N GLY C 165 -0.24 17.07 -10.31
CA GLY C 165 0.12 15.96 -9.46
C GLY C 165 -0.19 16.19 -7.99
N CYS C 166 0.08 17.40 -7.50
CA CYS C 166 -0.22 17.67 -6.10
C CYS C 166 -1.72 17.55 -5.82
N ILE C 167 -2.56 18.02 -6.73
CA ILE C 167 -4.01 17.90 -6.49
C ILE C 167 -4.58 16.57 -6.96
N PHE C 168 -3.79 15.72 -7.60
CA PHE C 168 -4.20 14.32 -7.70
C PHE C 168 -3.98 13.63 -6.38
N MET C 169 -2.78 13.78 -5.82
CA MET C 169 -2.49 13.36 -4.46
C MET C 169 -3.51 13.90 -3.47
N LYS C 170 -4.04 15.09 -3.73
CA LYS C 170 -5.06 15.68 -2.87
C LYS C 170 -6.46 15.20 -3.23
N THR C 171 -6.68 14.70 -4.44
CA THR C 171 -7.95 14.06 -4.73
C THR C 171 -8.02 12.68 -4.09
N ALA C 172 -6.87 12.04 -3.87
CA ALA C 172 -6.79 10.72 -3.25
C ALA C 172 -6.53 10.80 -1.75
N GLN C 173 -6.86 11.91 -1.10
CA GLN C 173 -6.78 11.98 0.35
C GLN C 173 -8.00 11.32 0.97
N ALA C 174 -7.78 10.45 1.96
CA ALA C 174 -8.82 9.62 2.54
C ALA C 174 -9.09 9.97 3.99
N HIS C 175 -9.12 11.26 4.29
CA HIS C 175 -9.44 11.72 5.65
C HIS C 175 -10.94 11.70 5.90
N ARG C 176 -11.73 12.04 4.88
CA ARG C 176 -13.19 12.07 5.00
C ARG C 176 -13.79 10.68 5.00
N ARG C 177 -13.00 9.65 4.71
CA ARG C 177 -13.48 8.26 4.81
C ARG C 177 -13.39 7.76 6.25
N ALA C 178 -12.32 8.10 6.96
CA ALA C 178 -12.22 7.79 8.37
C ALA C 178 -13.16 8.63 9.23
N GLU C 179 -13.90 9.57 8.63
CA GLU C 179 -14.90 10.34 9.34
C GLU C 179 -16.21 9.58 9.49
N THR C 180 -16.35 8.44 8.81
CA THR C 180 -17.58 7.66 8.82
C THR C 180 -17.35 6.24 9.35
N LEU C 181 -16.15 5.95 9.87
CA LEU C 181 -15.92 4.78 10.71
C LEU C 181 -16.13 5.22 12.15
N ILE C 182 -17.15 4.67 12.81
CA ILE C 182 -17.60 5.23 14.07
C ILE C 182 -17.41 4.20 15.19
N PHE C 183 -17.10 4.71 16.38
CA PHE C 183 -16.99 3.92 17.60
C PHE C 183 -18.10 4.29 18.56
N SER C 184 -18.54 3.31 19.34
CA SER C 184 -19.54 3.57 20.38
C SER C 184 -18.98 4.56 21.40
N LYS C 185 -19.81 5.53 21.80
CA LYS C 185 -19.34 6.56 22.70
C LYS C 185 -18.99 5.99 24.07
N HIS C 186 -19.63 4.88 24.47
CA HIS C 186 -19.39 4.25 25.75
C HIS C 186 -18.82 2.85 25.55
N ALA C 187 -17.69 2.57 26.19
CA ALA C 187 -17.16 1.22 26.28
C ALA C 187 -17.60 0.60 27.60
N VAL C 188 -17.87 -0.70 27.59
CA VAL C 188 -18.47 -1.37 28.74
C VAL C 188 -17.63 -2.57 29.12
N ILE C 189 -17.52 -2.82 30.43
CA ILE C 189 -16.86 -4.01 30.96
C ILE C 189 -17.95 -4.96 31.44
N THR C 190 -17.97 -6.16 30.88
CA THR C 190 -19.01 -7.13 31.19
C THR C 190 -18.40 -8.51 31.35
N LEU C 191 -19.14 -9.39 32.03
CA LEU C 191 -18.70 -10.76 32.22
C LEU C 191 -19.06 -11.57 30.98
N ARG C 192 -18.06 -12.03 30.24
CA ARG C 192 -18.25 -12.86 29.07
C ARG C 192 -17.49 -14.17 29.29
N HIS C 193 -18.20 -15.29 29.16
CA HIS C 193 -17.63 -16.62 29.31
C HIS C 193 -16.83 -16.74 30.61
N GLY C 194 -17.39 -16.19 31.69
CA GLY C 194 -16.79 -16.29 33.00
C GLY C 194 -15.62 -15.36 33.26
N ARG C 195 -15.26 -14.50 32.30
CA ARG C 195 -14.12 -13.61 32.46
C ARG C 195 -14.54 -12.18 32.17
N LEU C 196 -13.91 -11.24 32.87
CA LEU C 196 -14.17 -9.82 32.62
C LEU C 196 -13.61 -9.42 31.27
N CYS C 197 -14.45 -8.81 30.43
CA CYS C 197 -14.06 -8.39 29.10
C CYS C 197 -14.45 -6.93 28.88
N PHE C 198 -13.51 -6.18 28.28
CA PHE C 198 -13.70 -4.76 27.98
C PHE C 198 -14.06 -4.63 26.51
N MET C 199 -15.26 -4.12 26.23
CA MET C 199 -15.78 -4.10 24.86
C MET C 199 -16.13 -2.69 24.43
N LEU C 200 -15.95 -2.44 23.14
CA LEU C 200 -16.51 -1.31 22.42
C LEU C 200 -17.24 -1.85 21.20
N ARG C 201 -17.89 -0.98 20.45
CA ARG C 201 -18.55 -1.38 19.23
C ARG C 201 -18.16 -0.40 18.13
N VAL C 202 -17.81 -0.93 16.95
CA VAL C 202 -17.44 -0.08 15.82
C VAL C 202 -18.33 -0.41 14.64
N GLY C 203 -18.43 0.55 13.73
CA GLY C 203 -19.29 0.45 12.57
C GLY C 203 -18.77 1.17 11.33
N ASP C 204 -18.94 0.55 10.18
CA ASP C 204 -18.54 1.08 8.88
C ASP C 204 -19.81 1.48 8.14
N LEU C 205 -20.04 2.79 8.02
CA LEU C 205 -21.32 3.26 7.49
C LEU C 205 -21.47 2.97 6.01
N ARG C 206 -20.37 3.06 5.25
CA ARG C 206 -20.42 2.96 3.80
C ARG C 206 -20.42 1.51 3.31
N LYS C 207 -20.75 1.33 2.04
CA LYS C 207 -20.69 0.01 1.42
C LYS C 207 -19.25 -0.40 1.12
N SER C 208 -18.35 0.57 0.93
CA SER C 208 -16.96 0.27 0.63
C SER C 208 -16.32 -0.48 1.80
N MET C 209 -15.86 -1.71 1.53
CA MET C 209 -15.18 -2.50 2.54
C MET C 209 -13.78 -1.94 2.74
N ILE C 210 -13.52 -1.35 3.90
CA ILE C 210 -12.18 -0.86 4.16
C ILE C 210 -11.28 -2.07 4.35
N ILE C 211 -10.57 -2.45 3.28
CA ILE C 211 -9.95 -3.77 3.19
C ILE C 211 -8.88 -3.94 4.27
N SER C 212 -8.73 -5.18 4.72
CA SER C 212 -7.71 -5.59 5.70
C SER C 212 -7.69 -4.65 6.91
N ALA C 213 -8.83 -4.59 7.59
CA ALA C 213 -8.93 -3.76 8.78
C ALA C 213 -8.17 -4.41 9.94
N THR C 214 -7.39 -3.61 10.65
CA THR C 214 -6.61 -4.09 11.79
C THR C 214 -6.74 -3.09 12.93
N ILE C 215 -6.98 -3.59 14.15
CA ILE C 215 -7.28 -2.73 15.29
C ILE C 215 -6.19 -2.89 16.35
N HIS C 216 -5.65 -1.76 16.80
CA HIS C 216 -4.68 -1.71 17.89
C HIS C 216 -5.25 -0.89 19.04
N MET C 217 -5.25 -1.47 20.23
CA MET C 217 -5.74 -0.80 21.44
C MET C 217 -4.60 -0.68 22.44
N GLN C 218 -4.48 0.49 23.05
CA GLN C 218 -3.42 0.74 24.02
C GLN C 218 -4.01 1.44 25.23
N VAL C 219 -3.62 0.99 26.42
CA VAL C 219 -4.05 1.61 27.67
C VAL C 219 -3.02 2.69 28.01
N VAL C 220 -3.35 3.93 27.70
CA VAL C 220 -2.50 5.08 27.99
C VAL C 220 -2.72 5.47 29.46
N ARG C 221 -1.68 5.29 30.27
CA ARG C 221 -1.74 5.52 31.70
C ARG C 221 -0.32 5.75 32.21
N LYS C 222 -0.19 6.64 33.18
CA LYS C 222 1.13 6.94 33.74
C LYS C 222 1.64 5.75 34.54
N THR C 223 2.81 5.24 34.17
CA THR C 223 3.38 4.03 34.75
C THR C 223 4.63 4.37 35.54
N THR C 224 4.66 3.91 36.79
CA THR C 224 5.81 4.07 37.66
C THR C 224 6.59 2.77 37.71
N SER C 225 7.89 2.83 37.43
CA SER C 225 8.67 1.60 37.38
C SER C 225 9.21 1.23 38.76
N PRO C 226 9.32 -0.06 39.05
CA PRO C 226 9.94 -0.48 40.32
C PRO C 226 11.38 -0.02 40.49
N GLU C 227 12.10 0.21 39.39
CA GLU C 227 13.46 0.73 39.44
C GLU C 227 13.51 2.24 39.51
N GLY C 228 12.35 2.92 39.51
CA GLY C 228 12.31 4.35 39.71
C GLY C 228 12.23 5.18 38.44
N GLU C 229 11.42 4.75 37.49
CA GLU C 229 11.23 5.48 36.24
C GLU C 229 9.73 5.69 36.01
N VAL C 230 9.33 6.95 35.91
CA VAL C 230 7.93 7.32 35.70
C VAL C 230 7.82 8.00 34.34
N VAL C 231 7.09 7.38 33.43
CA VAL C 231 6.89 7.92 32.08
C VAL C 231 5.48 8.49 32.00
N PRO C 232 5.30 9.67 31.40
CA PRO C 232 4.06 10.43 31.62
C PRO C 232 2.90 10.05 30.72
N LEU C 233 3.14 9.40 29.58
CA LEU C 233 2.07 8.97 28.67
C LEU C 233 2.36 7.55 28.19
N HIS C 234 2.71 6.67 29.11
CA HIS C 234 3.08 5.30 28.76
C HIS C 234 1.94 4.62 28.01
N GLN C 235 2.29 3.90 26.93
CA GLN C 235 1.32 3.20 26.10
C GLN C 235 1.62 1.71 26.13
N VAL C 236 0.71 0.93 26.69
CA VAL C 236 0.83 -0.53 26.76
C VAL C 236 -0.23 -1.11 25.83
N ASP C 237 0.21 -1.87 24.83
CA ASP C 237 -0.71 -2.50 23.90
C ASP C 237 -1.46 -3.63 24.61
N ILE C 238 -2.77 -3.66 24.48
CA ILE C 238 -3.61 -4.71 25.06
C ILE C 238 -4.08 -5.61 23.94
N PRO C 239 -3.97 -6.94 24.07
CA PRO C 239 -4.24 -7.83 22.94
C PRO C 239 -5.72 -7.97 22.67
N MET C 240 -6.11 -7.76 21.41
CA MET C 240 -7.50 -7.98 21.01
C MET C 240 -7.78 -9.47 20.93
N GLU C 241 -8.90 -9.89 21.53
CA GLU C 241 -9.23 -11.31 21.59
C GLU C 241 -9.76 -11.80 20.25
N ASN C 242 -9.02 -12.72 19.64
CA ASN C 242 -9.43 -13.35 18.39
C ASN C 242 -9.15 -14.84 18.47
N GLY C 243 -9.95 -15.63 17.76
CA GLY C 243 -9.70 -17.05 17.69
C GLY C 243 -8.43 -17.39 16.94
N VAL C 244 -8.05 -16.57 15.97
CA VAL C 244 -6.81 -16.76 15.24
C VAL C 244 -5.62 -16.16 15.97
N GLY C 245 -5.85 -15.36 17.01
CA GLY C 245 -4.77 -14.74 17.74
C GLY C 245 -4.14 -13.58 17.01
N GLY C 246 -4.95 -12.75 16.35
CA GLY C 246 -4.44 -11.60 15.63
C GLY C 246 -5.21 -10.34 15.93
N ASN C 247 -4.94 -9.28 15.16
CA ASN C 247 -5.62 -8.00 15.29
C ASN C 247 -6.19 -7.62 13.92
N GLY C 248 -7.37 -8.13 13.60
CA GLY C 248 -7.97 -7.86 12.31
C GLY C 248 -9.44 -8.23 12.28
N ILE C 249 -10.26 -7.41 11.64
CA ILE C 249 -11.70 -7.62 11.64
C ILE C 249 -12.23 -7.53 10.22
N PHE C 250 -13.31 -8.27 9.97
CA PHE C 250 -14.09 -8.10 8.75
C PHE C 250 -15.27 -7.19 9.11
N LEU C 251 -15.20 -5.93 8.67
CA LEU C 251 -16.11 -4.88 9.11
C LEU C 251 -17.08 -4.56 7.98
N VAL C 252 -18.29 -5.12 8.08
CA VAL C 252 -19.44 -4.69 7.31
C VAL C 252 -20.63 -4.34 8.21
N ALA C 253 -21.02 -5.28 9.08
CA ALA C 253 -21.99 -4.99 10.12
C ALA C 253 -21.28 -4.57 11.40
N PRO C 254 -21.83 -3.61 12.13
CA PRO C 254 -21.13 -3.10 13.33
C PRO C 254 -20.87 -4.21 14.33
N LEU C 255 -19.62 -4.32 14.77
CA LEU C 255 -19.19 -5.45 15.58
C LEU C 255 -18.58 -4.98 16.89
N ILE C 256 -18.57 -5.90 17.85
CA ILE C 256 -18.07 -5.63 19.18
C ILE C 256 -16.62 -6.08 19.26
N ILE C 257 -15.73 -5.14 19.53
CA ILE C 257 -14.33 -5.42 19.77
C ILE C 257 -14.12 -5.52 21.28
N TYR C 258 -13.77 -6.71 21.76
CA TYR C 258 -13.60 -6.92 23.19
C TYR C 258 -12.23 -7.50 23.48
N HIS C 259 -11.75 -7.21 24.68
CA HIS C 259 -10.45 -7.64 25.17
C HIS C 259 -10.64 -8.40 26.48
N VAL C 260 -10.07 -9.59 26.56
CA VAL C 260 -10.14 -10.41 27.77
C VAL C 260 -9.12 -9.90 28.76
N ILE C 261 -9.55 -9.65 29.99
CA ILE C 261 -8.72 -9.00 31.00
C ILE C 261 -8.24 -10.04 32.00
N ASP C 262 -8.06 -11.28 31.53
CA ASP C 262 -7.71 -12.37 32.42
C ASP C 262 -6.47 -12.06 33.25
N SER C 263 -5.34 -11.83 32.60
CA SER C 263 -4.08 -11.59 33.30
C SER C 263 -3.03 -11.10 32.28
N ASN C 264 -1.81 -10.91 32.77
CA ASN C 264 -0.63 -10.55 31.98
C ASN C 264 -0.91 -9.42 30.99
N SER C 265 -1.88 -8.57 31.32
CA SER C 265 -2.23 -7.42 30.51
C SER C 265 -2.79 -6.35 31.42
N PRO C 266 -2.71 -5.07 31.02
CA PRO C 266 -3.26 -4.01 31.87
C PRO C 266 -4.74 -4.17 32.14
N LEU C 267 -5.30 -3.30 32.99
CA LEU C 267 -6.67 -3.36 33.50
C LEU C 267 -6.90 -4.57 34.39
N TYR C 268 -5.84 -5.30 34.77
CA TYR C 268 -6.01 -6.45 35.66
C TYR C 268 -6.54 -6.02 37.02
N ASP C 269 -6.13 -4.84 37.50
CA ASP C 269 -6.51 -4.35 38.81
C ASP C 269 -7.53 -3.22 38.72
N LEU C 270 -8.39 -3.25 37.71
CA LEU C 270 -9.36 -2.18 37.48
C LEU C 270 -10.60 -2.45 38.32
N ALA C 271 -10.67 -1.85 39.50
CA ALA C 271 -11.84 -1.93 40.33
C ALA C 271 -12.97 -1.07 39.78
N PRO C 272 -14.23 -1.47 39.97
CA PRO C 272 -15.35 -0.64 39.49
C PRO C 272 -15.43 0.72 40.13
N SER C 273 -14.68 0.95 41.22
CA SER C 273 -14.70 2.25 41.88
C SER C 273 -13.76 3.25 41.20
N ASP C 274 -12.68 2.77 40.57
CA ASP C 274 -11.68 3.63 39.97
C ASP C 274 -12.13 4.21 38.62
N LEU C 275 -13.40 4.02 38.25
CA LEU C 275 -13.92 4.53 36.98
C LEU C 275 -14.68 5.83 37.24
N HIS C 276 -13.93 6.90 37.46
CA HIS C 276 -14.49 8.24 37.58
C HIS C 276 -13.67 9.18 36.69
N HIS C 277 -14.04 10.47 36.72
CA HIS C 277 -13.49 11.41 35.74
C HIS C 277 -11.99 11.59 35.92
N HIS C 278 -11.55 11.97 37.12
CA HIS C 278 -10.16 12.35 37.32
C HIS C 278 -9.22 11.17 37.55
N GLN C 279 -9.64 9.96 37.20
CA GLN C 279 -8.75 8.81 37.25
C GLN C 279 -7.81 8.84 36.06
N ASP C 280 -6.51 8.70 36.33
CA ASP C 280 -5.53 8.65 35.25
C ASP C 280 -5.63 7.29 34.55
N LEU C 281 -6.49 7.20 33.55
CA LEU C 281 -6.67 5.96 32.80
C LEU C 281 -7.34 6.30 31.48
N GLU C 282 -6.69 5.97 30.38
CA GLU C 282 -7.31 6.15 29.07
C GLU C 282 -7.05 4.91 28.23
N ILE C 283 -7.96 4.65 27.29
CA ILE C 283 -7.78 3.56 26.34
C ILE C 283 -7.99 4.13 24.94
N ILE C 284 -6.94 4.12 24.12
CA ILE C 284 -7.00 4.55 22.74
C ILE C 284 -7.18 3.32 21.86
N VAL C 285 -8.01 3.46 20.81
CA VAL C 285 -8.18 2.42 19.81
C VAL C 285 -7.94 3.05 18.45
N ILE C 286 -7.31 2.29 17.55
CA ILE C 286 -6.78 2.79 16.29
C ILE C 286 -6.98 1.68 15.27
N LEU C 287 -7.85 1.88 14.30
CA LEU C 287 -8.07 0.87 13.28
C LEU C 287 -7.60 1.41 11.93
N GLU C 288 -6.76 0.62 11.26
CA GLU C 288 -6.13 1.00 10.00
C GLU C 288 -6.48 0.00 8.92
N GLY C 289 -6.63 0.49 7.70
CA GLY C 289 -6.93 -0.37 6.58
C GLY C 289 -7.03 0.44 5.30
N VAL C 290 -6.78 -0.19 4.15
CA VAL C 290 -6.91 0.53 2.89
C VAL C 290 -8.38 0.65 2.53
N VAL C 291 -8.76 1.82 2.01
CA VAL C 291 -10.10 1.95 1.47
C VAL C 291 -10.21 1.11 0.21
N GLU C 292 -11.40 0.56 -0.04
CA GLU C 292 -11.53 -0.36 -1.15
C GLU C 292 -11.39 0.33 -2.50
N THR C 293 -11.69 1.62 -2.56
CA THR C 293 -11.87 2.28 -3.85
C THR C 293 -10.60 3.00 -4.32
N THR C 294 -10.12 3.98 -3.54
CA THR C 294 -8.89 4.66 -3.89
C THR C 294 -7.65 3.87 -3.47
N GLY C 295 -7.83 2.72 -2.83
CA GLY C 295 -6.72 1.85 -2.51
C GLY C 295 -5.63 2.51 -1.70
N ILE C 296 -6.01 3.29 -0.69
CA ILE C 296 -5.07 4.02 0.15
C ILE C 296 -5.38 3.71 1.61
N THR C 297 -4.33 3.40 2.37
CA THR C 297 -4.48 3.11 3.78
C THR C 297 -5.01 4.34 4.52
N THR C 298 -5.93 4.11 5.45
CA THR C 298 -6.44 5.16 6.32
C THR C 298 -6.52 4.61 7.74
N GLN C 299 -6.88 5.49 8.67
CA GLN C 299 -6.86 5.17 10.09
C GLN C 299 -7.91 6.00 10.82
N ALA C 300 -8.72 5.32 11.61
CA ALA C 300 -9.74 5.95 12.45
C ALA C 300 -9.42 5.61 13.90
N ARG C 301 -9.40 6.60 14.77
CA ARG C 301 -9.02 6.37 16.15
C ARG C 301 -9.96 7.09 17.10
N THR C 302 -10.06 6.56 18.33
CA THR C 302 -10.87 7.18 19.37
C THR C 302 -10.30 6.80 20.73
N SER C 303 -10.81 7.46 21.78
CA SER C 303 -10.31 7.26 23.14
C SER C 303 -11.43 7.24 24.15
N TYR C 304 -11.28 6.39 25.16
CA TYR C 304 -12.19 6.31 26.29
C TYR C 304 -11.44 6.69 27.56
N LEU C 305 -11.91 7.75 28.23
CA LEU C 305 -11.41 8.07 29.54
C LEU C 305 -12.10 7.18 30.59
N ALA C 306 -11.62 7.27 31.83
CA ALA C 306 -12.14 6.39 32.87
C ALA C 306 -13.63 6.62 33.13
N ASP C 307 -14.16 7.79 32.79
CA ASP C 307 -15.59 8.02 32.95
C ASP C 307 -16.39 7.56 31.75
N GLU C 308 -15.79 7.58 30.55
CA GLU C 308 -16.49 7.10 29.36
C GLU C 308 -16.79 5.62 29.46
N ILE C 309 -15.92 4.85 30.09
CA ILE C 309 -16.07 3.40 30.17
C ILE C 309 -17.05 3.08 31.29
N LEU C 310 -18.13 2.38 30.94
CA LEU C 310 -19.16 2.00 31.90
C LEU C 310 -18.91 0.59 32.43
N TRP C 311 -19.43 0.32 33.61
CA TRP C 311 -19.27 -0.98 34.26
C TRP C 311 -20.61 -1.70 34.33
N GLY C 312 -20.58 -3.00 34.09
CA GLY C 312 -21.77 -3.81 34.23
C GLY C 312 -22.82 -3.60 33.17
N GLN C 313 -22.43 -3.12 32.00
CA GLN C 313 -23.34 -2.96 30.87
C GLN C 313 -22.94 -3.91 29.75
N ARG C 314 -23.89 -4.18 28.86
CA ARG C 314 -23.63 -4.99 27.68
C ARG C 314 -24.32 -4.36 26.48
N PHE C 315 -23.65 -4.42 25.33
CA PHE C 315 -24.16 -3.75 24.15
C PHE C 315 -25.46 -4.41 23.67
N VAL C 316 -26.46 -3.59 23.37
CA VAL C 316 -27.75 -4.09 22.89
C VAL C 316 -27.56 -4.67 21.48
N PRO C 317 -28.19 -5.80 21.15
CA PRO C 317 -28.07 -6.35 19.80
C PRO C 317 -28.55 -5.37 18.74
N ILE C 318 -27.94 -5.47 17.55
CA ILE C 318 -28.15 -4.52 16.47
C ILE C 318 -28.68 -5.21 15.22
N VAL C 319 -28.03 -6.28 14.78
CA VAL C 319 -28.46 -7.01 13.61
C VAL C 319 -29.82 -7.65 13.88
N ALA C 320 -30.71 -7.57 12.90
CA ALA C 320 -32.01 -8.24 12.97
C ALA C 320 -32.33 -8.77 11.58
N GLU C 321 -32.78 -10.01 11.52
CA GLU C 321 -33.12 -10.61 10.23
C GLU C 321 -34.43 -10.00 9.73
N GLU C 322 -34.33 -9.14 8.72
CA GLU C 322 -35.49 -8.47 8.14
C GLU C 322 -36.09 -9.36 7.05
N ASP C 323 -36.92 -8.76 6.19
CA ASP C 323 -37.60 -9.46 5.10
C ASP C 323 -36.76 -10.53 4.43
N GLY C 324 -35.58 -10.15 3.92
CA GLY C 324 -34.71 -11.12 3.30
C GLY C 324 -33.23 -10.86 3.49
N ARG C 325 -32.89 -9.97 4.41
CA ARG C 325 -31.50 -9.55 4.60
C ARG C 325 -31.23 -9.41 6.09
N TYR C 326 -30.00 -9.01 6.42
CA TYR C 326 -29.58 -8.78 7.80
C TYR C 326 -29.60 -7.28 8.05
N SER C 327 -30.75 -6.75 8.42
CA SER C 327 -30.89 -5.31 8.61
C SER C 327 -30.20 -4.89 9.91
N VAL C 328 -29.28 -3.94 9.79
CA VAL C 328 -28.57 -3.38 10.93
C VAL C 328 -29.22 -2.06 11.32
N ASP C 329 -29.64 -1.94 12.58
CA ASP C 329 -30.28 -0.73 13.09
C ASP C 329 -29.26 0.10 13.86
N TYR C 330 -28.87 1.23 13.29
CA TYR C 330 -27.86 2.08 13.91
C TYR C 330 -28.43 2.99 14.98
N SER C 331 -29.75 2.96 15.21
CA SER C 331 -30.32 3.77 16.29
C SER C 331 -29.84 3.29 17.65
N LYS C 332 -29.79 1.99 17.86
CA LYS C 332 -29.38 1.41 19.12
C LYS C 332 -27.87 1.17 19.18
N PHE C 333 -27.09 1.92 18.39
CA PHE C 333 -25.67 1.63 18.24
C PHE C 333 -24.94 1.63 19.57
N GLY C 334 -25.12 2.67 20.37
CA GLY C 334 -24.40 2.78 21.63
C GLY C 334 -25.26 2.80 22.88
N ASN C 335 -26.29 1.94 22.92
CA ASN C 335 -27.27 2.02 24.01
C ASN C 335 -26.79 1.34 25.29
N THR C 336 -26.15 0.16 25.17
CA THR C 336 -25.44 -0.47 26.27
C THR C 336 -26.35 -0.72 27.48
N ILE C 337 -27.30 -1.64 27.29
CA ILE C 337 -28.13 -2.10 28.39
C ILE C 337 -27.28 -2.66 29.53
N LYS C 338 -27.73 -2.46 30.77
CA LYS C 338 -27.01 -2.94 31.94
C LYS C 338 -27.45 -4.35 32.32
N VAL C 339 -26.52 -5.09 32.90
CA VAL C 339 -26.75 -6.50 33.24
C VAL C 339 -25.98 -6.83 34.52
N PRO C 340 -26.56 -7.61 35.44
CA PRO C 340 -25.86 -7.93 36.69
C PRO C 340 -24.52 -8.61 36.47
N THR C 341 -23.46 -7.93 36.85
CA THR C 341 -22.09 -8.42 36.81
C THR C 341 -21.45 -8.28 38.18
N PRO C 342 -20.53 -9.18 38.53
CA PRO C 342 -19.85 -9.06 39.84
C PRO C 342 -18.93 -7.84 39.90
N LEU C 343 -19.30 -6.83 40.70
CA LEU C 343 -18.53 -5.59 40.75
C LEU C 343 -17.34 -5.77 41.69
N CYS C 344 -16.19 -6.07 41.10
CA CYS C 344 -14.91 -6.23 41.79
C CYS C 344 -13.84 -6.32 40.71
N THR C 345 -12.58 -6.35 41.14
CA THR C 345 -11.50 -6.42 40.17
C THR C 345 -11.36 -7.85 39.62
N ALA C 346 -10.75 -7.95 38.44
CA ALA C 346 -10.59 -9.25 37.80
C ALA C 346 -9.64 -10.15 38.58
N ARG C 347 -8.63 -9.57 39.24
CA ARG C 347 -7.77 -10.35 40.11
C ARG C 347 -8.56 -11.01 41.23
N GLN C 348 -9.48 -10.26 41.84
CA GLN C 348 -10.35 -10.85 42.85
C GLN C 348 -11.30 -11.89 42.25
N LEU C 349 -11.66 -11.73 40.98
CA LEU C 349 -12.49 -12.75 40.32
C LEU C 349 -11.72 -14.07 40.20
N ASP C 350 -10.46 -13.98 39.77
CA ASP C 350 -9.63 -15.20 39.69
C ASP C 350 -9.38 -15.78 41.07
N GLU C 351 -9.17 -14.94 42.08
CA GLU C 351 -8.97 -15.43 43.44
C GLU C 351 -10.23 -16.15 43.94
N ASP C 352 -11.41 -15.61 43.66
CA ASP C 352 -12.65 -16.25 44.08
C ASP C 352 -12.85 -17.58 43.36
N ARG C 353 -12.51 -17.64 42.07
CA ARG C 353 -12.60 -18.91 41.36
C ARG C 353 -11.65 -19.94 41.97
N SER C 354 -10.43 -19.52 42.31
CA SER C 354 -9.47 -20.44 42.90
C SER C 354 -9.94 -20.90 44.28
N LEU C 355 -10.58 -20.02 45.05
CA LEU C 355 -11.05 -20.41 46.37
C LEU C 355 -12.26 -21.34 46.28
N LEU C 356 -13.16 -21.10 45.32
CA LEU C 356 -14.29 -22.01 45.12
C LEU C 356 -13.82 -23.37 44.61
N ASP C 357 -12.76 -23.40 43.82
CA ASP C 357 -12.25 -24.68 43.33
C ASP C 357 -11.63 -25.49 44.47
N ALA C 358 -10.87 -24.84 45.35
CA ALA C 358 -10.27 -25.53 46.49
C ALA C 358 -10.46 -24.74 47.77
N PRO D 2 -4.52 57.08 -21.40
CA PRO D 2 -4.93 56.48 -20.13
C PRO D 2 -3.89 55.54 -19.54
N LEU D 3 -3.26 55.95 -18.45
CA LEU D 3 -2.33 55.12 -17.67
C LEU D 3 -1.24 54.52 -18.56
N ALA D 4 -0.39 55.41 -19.08
CA ALA D 4 0.81 55.00 -19.78
C ALA D 4 2.00 55.07 -18.84
N PHE D 5 2.88 54.06 -18.91
CA PHE D 5 4.08 54.03 -18.07
C PHE D 5 4.94 55.25 -18.32
N CYS D 6 5.44 55.42 -19.52
CA CYS D 6 6.04 56.69 -19.88
C CYS D 6 4.91 57.52 -20.47
N GLY D 7 4.34 58.40 -19.65
CA GLY D 7 3.12 59.12 -19.97
C GLY D 7 3.03 59.56 -21.41
N THR D 8 1.84 59.44 -22.01
CA THR D 8 1.67 59.75 -23.43
C THR D 8 2.00 61.20 -23.74
N GLU D 9 3.12 61.43 -24.42
CA GLU D 9 3.58 62.77 -24.75
C GLU D 9 4.12 62.77 -26.17
N ASN D 10 3.80 63.82 -26.92
CA ASN D 10 4.22 63.95 -28.32
C ASN D 10 3.94 62.67 -29.09
N HIS D 11 2.74 62.12 -28.88
CA HIS D 11 2.34 60.84 -29.46
C HIS D 11 3.22 59.71 -28.93
N SER D 12 3.38 59.68 -27.60
CA SER D 12 4.12 58.62 -26.90
C SER D 12 5.58 58.54 -27.35
N ALA D 13 6.17 59.71 -27.64
CA ALA D 13 7.58 59.76 -28.03
C ALA D 13 8.51 59.25 -26.94
N ALA D 14 8.02 59.15 -25.71
CA ALA D 14 8.82 58.65 -24.60
C ALA D 14 9.21 57.19 -24.76
N TYR D 15 8.49 56.44 -25.60
CA TYR D 15 8.82 55.04 -25.79
C TYR D 15 9.86 54.79 -26.86
N ARG D 16 10.11 55.75 -27.74
CA ARG D 16 11.08 55.53 -28.80
C ARG D 16 12.46 55.30 -28.19
N VAL D 17 13.00 54.11 -28.39
CA VAL D 17 14.30 53.74 -27.84
C VAL D 17 15.40 53.84 -28.89
N ASP D 18 15.16 54.54 -30.00
CA ASP D 18 16.12 54.61 -31.09
C ASP D 18 17.49 55.13 -30.66
N GLN D 19 17.59 55.73 -29.48
CA GLN D 19 18.78 56.44 -29.05
C GLN D 19 19.71 55.59 -28.20
N GLY D 20 19.74 54.27 -28.40
CA GLY D 20 20.51 53.49 -27.46
C GLY D 20 19.77 53.12 -26.19
N VAL D 21 18.91 52.11 -26.28
CA VAL D 21 17.86 51.79 -25.31
C VAL D 21 18.23 52.12 -23.87
N LEU D 22 19.40 51.65 -23.43
CA LEU D 22 19.74 51.78 -22.02
C LEU D 22 19.82 53.22 -21.55
N ASN D 23 20.07 54.18 -22.44
CA ASN D 23 20.11 55.58 -22.07
C ASN D 23 18.79 56.30 -22.36
N ASN D 24 17.72 55.54 -22.65
CA ASN D 24 16.36 56.09 -22.63
C ASN D 24 15.81 55.94 -21.22
N GLY D 25 15.78 57.05 -20.49
CA GLY D 25 15.08 57.05 -19.23
C GLY D 25 13.65 56.61 -19.40
N CYS D 26 13.06 56.19 -18.28
CA CYS D 26 11.74 55.58 -18.23
C CYS D 26 11.75 54.20 -18.87
N PHE D 27 12.89 53.79 -19.45
CA PHE D 27 13.16 52.36 -19.65
C PHE D 27 14.11 51.82 -18.61
N VAL D 28 15.17 52.58 -18.30
CA VAL D 28 15.99 52.25 -17.16
C VAL D 28 15.17 52.34 -15.88
N ASP D 29 14.20 53.25 -15.86
CA ASP D 29 13.25 53.28 -14.75
C ASP D 29 12.35 52.06 -14.77
N ALA D 30 12.06 51.54 -15.97
CA ALA D 30 11.27 50.31 -16.11
C ALA D 30 12.08 49.08 -15.70
N LEU D 31 13.40 49.14 -15.87
CA LEU D 31 14.21 47.99 -15.50
C LEU D 31 14.16 47.73 -13.99
N ASN D 32 13.88 48.76 -13.20
CA ASN D 32 13.80 48.59 -11.76
C ASN D 32 12.55 47.81 -11.36
N VAL D 33 11.44 48.02 -12.07
CA VAL D 33 10.19 47.34 -11.76
C VAL D 33 10.36 45.82 -11.79
N VAL D 34 11.36 45.32 -12.50
CA VAL D 34 11.55 43.90 -12.76
C VAL D 34 12.09 43.15 -11.55
N PRO D 35 13.20 43.56 -10.91
CA PRO D 35 13.70 42.76 -9.77
C PRO D 35 12.73 42.72 -8.60
N HIS D 36 11.94 43.78 -8.42
CA HIS D 36 10.93 43.78 -7.37
C HIS D 36 9.81 42.80 -7.69
N VAL D 37 9.41 42.71 -8.96
CA VAL D 37 8.46 41.67 -9.37
C VAL D 37 9.07 40.29 -9.14
N PHE D 38 10.37 40.14 -9.42
CA PHE D 38 11.04 38.87 -9.22
C PHE D 38 10.94 38.43 -7.77
N LEU D 39 11.27 39.34 -6.84
CA LEU D 39 11.21 39.00 -5.43
C LEU D 39 9.78 38.68 -5.01
N LEU D 40 8.83 39.57 -5.33
CA LEU D 40 7.43 39.33 -4.97
C LEU D 40 6.95 37.96 -5.44
N PHE D 41 7.22 37.62 -6.69
CA PHE D 41 6.62 36.42 -7.25
C PHE D 41 7.39 35.16 -6.93
N ILE D 42 8.68 35.26 -6.61
CA ILE D 42 9.36 34.08 -6.10
C ILE D 42 8.93 33.82 -4.65
N THR D 43 8.56 34.87 -3.93
CA THR D 43 8.42 34.72 -2.49
C THR D 43 6.99 34.42 -2.06
N PHE D 44 6.01 35.18 -2.56
CA PHE D 44 4.62 35.00 -2.14
C PHE D 44 4.15 33.55 -2.15
N PRO D 45 4.45 32.72 -3.16
CA PRO D 45 4.11 31.29 -3.04
C PRO D 45 4.77 30.60 -1.85
N ILE D 46 6.08 30.80 -1.65
CA ILE D 46 6.75 30.15 -0.53
C ILE D 46 6.20 30.66 0.79
N LEU D 47 5.99 31.97 0.87
CA LEU D 47 5.48 32.57 2.10
C LEU D 47 4.09 32.02 2.44
N PHE D 48 3.25 31.79 1.42
CA PHE D 48 1.91 31.30 1.70
C PHE D 48 1.86 29.80 1.92
N ILE D 49 2.82 29.05 1.38
CA ILE D 49 2.90 27.63 1.73
C ILE D 49 3.38 27.46 3.16
N GLY D 50 4.37 28.28 3.58
CA GLY D 50 4.81 28.26 4.96
C GLY D 50 3.84 28.90 5.94
N TRP D 51 2.93 29.75 5.44
CA TRP D 51 1.94 30.38 6.30
C TRP D 51 0.70 29.50 6.50
N GLY D 52 0.51 28.49 5.67
CA GLY D 52 -0.61 27.57 5.83
C GLY D 52 -0.52 26.74 7.10
N HIS D 61 3.00 23.47 16.84
CA HIS D 61 4.46 23.54 16.96
C HIS D 61 4.93 24.74 17.79
N HIS D 62 6.24 24.78 18.03
CA HIS D 62 6.87 25.86 18.80
C HIS D 62 8.36 25.81 18.50
N SER D 63 8.89 26.88 17.91
CA SER D 63 10.13 26.76 17.17
C SER D 63 11.39 26.99 18.01
N THR D 64 11.38 27.98 18.90
CA THR D 64 12.60 28.51 19.51
C THR D 64 13.59 28.94 18.42
N TRP D 65 13.16 29.98 17.70
CA TRP D 65 13.84 30.57 16.55
C TRP D 65 15.29 30.94 16.83
N LEU D 66 16.05 31.17 15.76
CA LEU D 66 17.44 31.56 15.83
C LEU D 66 17.68 32.76 14.91
N HIS D 67 18.63 33.61 15.29
CA HIS D 67 18.94 34.82 14.52
C HIS D 67 20.11 34.55 13.57
N PHE D 68 19.98 34.99 12.31
CA PHE D 68 21.16 34.96 11.45
C PHE D 68 22.04 36.18 11.74
N PRO D 69 23.36 36.02 11.66
CA PRO D 69 24.25 37.11 12.06
C PRO D 69 24.20 38.26 11.06
N GLY D 70 24.20 39.48 11.61
CA GLY D 70 23.82 40.65 10.84
C GLY D 70 22.37 41.00 10.97
N HIS D 71 21.68 40.43 11.96
CA HIS D 71 20.24 40.58 12.11
C HIS D 71 19.83 42.03 12.33
N ASN D 72 20.26 42.62 13.45
CA ASN D 72 19.90 44.00 13.74
C ASN D 72 20.32 44.93 12.62
N LEU D 73 21.48 44.68 12.02
CA LEU D 73 21.97 45.56 10.96
C LEU D 73 21.04 45.57 9.77
N ARG D 74 20.61 44.38 9.33
CA ARG D 74 19.72 44.33 8.18
C ARG D 74 18.35 44.90 8.51
N TRP D 75 17.89 44.76 9.76
CA TRP D 75 16.64 45.42 10.12
C TRP D 75 16.77 46.92 10.00
N ILE D 76 17.84 47.49 10.58
CA ILE D 76 18.07 48.94 10.48
C ILE D 76 18.12 49.37 9.02
N LEU D 77 18.84 48.60 8.20
CA LEU D 77 18.97 48.92 6.79
C LEU D 77 17.63 48.92 6.08
N THR D 78 16.78 47.91 6.37
CA THR D 78 15.48 47.86 5.69
C THR D 78 14.56 48.96 6.18
N PHE D 79 14.68 49.38 7.44
CA PHE D 79 13.93 50.54 7.89
C PHE D 79 14.32 51.78 7.10
N ILE D 80 15.63 52.04 7.01
CA ILE D 80 16.10 53.17 6.21
C ILE D 80 15.63 53.04 4.77
N LEU D 81 15.56 51.80 4.27
CA LEU D 81 15.18 51.57 2.89
C LEU D 81 13.72 51.97 2.65
N LEU D 82 12.81 51.48 3.49
CA LEU D 82 11.41 51.90 3.42
C LEU D 82 11.27 53.42 3.59
N PHE D 83 12.15 54.04 4.38
CA PHE D 83 12.08 55.49 4.50
C PHE D 83 12.42 56.18 3.19
N VAL D 84 13.55 55.82 2.60
CA VAL D 84 13.96 56.46 1.35
C VAL D 84 12.95 56.15 0.25
N LEU D 85 12.28 54.99 0.33
CA LEU D 85 11.28 54.69 -0.69
C LEU D 85 10.01 55.49 -0.50
N VAL D 86 9.62 55.79 0.74
CA VAL D 86 8.52 56.74 0.95
C VAL D 86 8.90 58.09 0.37
N CYS D 87 10.14 58.52 0.61
CA CYS D 87 10.59 59.80 0.06
C CYS D 87 10.58 59.77 -1.47
N GLU D 88 10.87 58.62 -2.07
CA GLU D 88 10.93 58.53 -3.52
C GLU D 88 9.54 58.54 -4.14
N ILE D 89 8.59 57.79 -3.54
CA ILE D 89 7.19 57.93 -3.93
C ILE D 89 6.78 59.38 -3.86
N ALA D 90 7.17 60.07 -2.78
CA ALA D 90 6.77 61.46 -2.62
C ALA D 90 7.35 62.32 -3.72
N GLU D 91 8.65 62.20 -3.96
CA GLU D 91 9.28 63.05 -4.95
C GLU D 91 8.72 62.77 -6.34
N GLY D 92 8.38 61.52 -6.66
CA GLY D 92 7.76 61.22 -7.93
C GLY D 92 6.39 61.84 -8.09
N ILE D 93 5.48 61.52 -7.16
CA ILE D 93 4.12 62.04 -7.24
C ILE D 93 4.11 63.56 -7.27
N LEU D 94 4.97 64.19 -6.46
CA LEU D 94 5.18 65.64 -6.58
C LEU D 94 5.70 65.99 -7.95
N SER D 95 6.54 65.14 -8.54
CA SER D 95 7.31 65.49 -9.71
C SER D 95 6.52 65.40 -10.99
N ASP D 96 5.34 64.80 -10.99
CA ASP D 96 4.50 64.86 -12.18
C ASP D 96 3.15 65.50 -11.90
N GLY D 97 3.12 66.49 -11.02
CA GLY D 97 1.93 67.30 -10.92
C GLY D 97 1.73 68.24 -12.09
N VAL D 98 2.77 68.46 -12.89
CA VAL D 98 2.72 69.48 -13.93
C VAL D 98 1.96 68.99 -15.15
N THR D 99 2.47 67.93 -15.78
CA THR D 99 2.00 67.51 -17.09
C THR D 99 0.57 66.98 -17.02
N GLU D 100 0.03 66.67 -18.19
CA GLU D 100 -1.36 66.24 -18.30
C GLU D 100 -1.55 64.75 -18.11
N SER D 101 -0.59 63.95 -18.55
CA SER D 101 -0.61 62.51 -18.35
C SER D 101 0.30 62.11 -17.21
N ARG D 102 -0.17 61.20 -16.37
CA ARG D 102 0.54 60.81 -15.16
C ARG D 102 1.69 59.87 -15.53
N HIS D 103 2.92 60.38 -15.47
CA HIS D 103 4.09 59.54 -15.74
C HIS D 103 4.21 58.50 -14.64
N LEU D 104 3.81 57.26 -14.93
CA LEU D 104 3.86 56.21 -13.90
C LEU D 104 5.29 55.83 -13.56
N HIS D 105 6.20 55.89 -14.52
CA HIS D 105 7.56 55.47 -14.25
C HIS D 105 8.23 56.29 -13.16
N LEU D 106 7.63 57.40 -12.77
CA LEU D 106 8.21 58.19 -11.69
C LEU D 106 8.04 57.49 -10.36
N TYR D 107 6.80 57.19 -9.97
CA TYR D 107 6.58 56.63 -8.65
C TYR D 107 6.27 55.14 -8.62
N MET D 108 5.60 54.60 -9.63
CA MET D 108 5.23 53.17 -9.58
C MET D 108 6.43 52.24 -9.39
N PRO D 109 7.61 52.47 -9.98
CA PRO D 109 8.73 51.56 -9.68
C PRO D 109 9.20 51.65 -8.23
N ALA D 110 9.26 52.86 -7.66
CA ALA D 110 9.66 53.02 -6.27
C ALA D 110 8.59 52.52 -5.30
N GLY D 111 7.33 52.83 -5.58
CA GLY D 111 6.24 52.24 -4.82
C GLY D 111 6.16 50.73 -4.95
N MET D 112 6.73 50.16 -6.01
CA MET D 112 6.81 48.71 -6.13
C MET D 112 7.95 48.15 -5.29
N ALA D 113 9.10 48.83 -5.33
CA ALA D 113 10.23 48.51 -4.48
C ALA D 113 9.86 48.56 -3.01
N PHE D 114 8.88 49.40 -2.66
CA PHE D 114 8.44 49.46 -1.26
C PHE D 114 7.86 48.12 -0.82
N MET D 115 6.81 47.67 -1.50
CA MET D 115 6.21 46.36 -1.20
C MET D 115 7.25 45.27 -1.29
N ALA D 116 8.17 45.36 -2.26
CA ALA D 116 9.24 44.37 -2.39
C ALA D 116 10.11 44.32 -1.15
N ALA D 117 10.44 45.48 -0.59
CA ALA D 117 11.28 45.52 0.61
C ALA D 117 10.53 44.96 1.81
N ILE D 118 9.23 45.26 1.91
CA ILE D 118 8.45 44.71 3.00
C ILE D 118 8.41 43.18 2.91
N THR D 119 8.16 42.67 1.70
CA THR D 119 8.20 41.22 1.48
C THR D 119 9.57 40.66 1.81
N SER D 120 10.62 41.43 1.54
CA SER D 120 11.98 40.99 1.85
C SER D 120 12.14 40.77 3.34
N VAL D 121 11.68 41.72 4.15
CA VAL D 121 11.78 41.58 5.60
C VAL D 121 10.95 40.40 6.08
N VAL D 122 9.74 40.24 5.54
CA VAL D 122 8.86 39.15 5.98
C VAL D 122 9.47 37.80 5.64
N TYR D 123 9.98 37.66 4.41
CA TYR D 123 10.58 36.42 3.93
C TYR D 123 11.83 36.08 4.72
N TYR D 124 12.71 37.06 4.94
CA TYR D 124 13.88 36.79 5.75
C TYR D 124 13.49 36.41 7.17
N HIS D 125 12.43 37.00 7.71
CA HIS D 125 12.02 36.64 9.06
C HIS D 125 11.49 35.22 9.10
N ASN D 126 10.72 34.82 8.08
CA ASN D 126 10.26 33.45 8.00
C ASN D 126 11.43 32.47 7.97
N ILE D 127 12.42 32.77 7.15
CA ILE D 127 13.61 31.92 7.06
C ILE D 127 14.35 31.89 8.39
N GLU D 128 14.48 33.03 9.05
CA GLU D 128 15.15 33.07 10.35
C GLU D 128 14.44 32.14 11.33
N THR D 129 13.13 32.28 11.45
CA THR D 129 12.38 31.45 12.39
C THR D 129 12.48 29.96 12.04
N SER D 130 12.44 29.64 10.74
CA SER D 130 12.46 28.24 10.30
C SER D 130 13.86 27.69 10.10
N ASN D 131 14.90 28.52 10.26
CA ASN D 131 16.30 28.13 10.08
C ASN D 131 16.51 27.27 8.84
N PHE D 132 15.99 27.75 7.72
CA PHE D 132 16.29 27.16 6.42
C PHE D 132 17.18 28.13 5.66
N PRO D 133 18.47 28.21 5.98
CA PRO D 133 19.30 29.28 5.42
C PRO D 133 19.46 29.22 3.92
N LYS D 134 19.31 28.03 3.31
CA LYS D 134 19.49 27.93 1.87
C LYS D 134 18.46 28.75 1.12
N LEU D 135 17.25 28.90 1.69
CA LEU D 135 16.26 29.77 1.07
C LEU D 135 16.77 31.19 0.88
N LEU D 136 17.70 31.64 1.75
CA LEU D 136 18.27 32.98 1.64
C LEU D 136 18.92 33.22 0.29
N ILE D 137 19.20 32.16 -0.48
CA ILE D 137 19.73 32.32 -1.83
C ILE D 137 18.83 33.25 -2.65
N ALA D 138 17.50 33.15 -2.44
CA ALA D 138 16.55 33.98 -3.17
C ALA D 138 16.77 35.46 -2.89
N LEU D 139 17.13 35.81 -1.65
CA LEU D 139 17.48 37.20 -1.39
C LEU D 139 18.85 37.51 -1.98
N LEU D 140 19.75 36.52 -1.97
CA LEU D 140 21.08 36.68 -2.54
C LEU D 140 21.01 37.15 -3.98
N ILE D 141 20.03 36.67 -4.74
CA ILE D 141 19.80 37.18 -6.09
C ILE D 141 19.28 38.61 -6.03
N TYR D 142 18.21 38.82 -5.26
CA TYR D 142 17.41 40.05 -5.34
C TYR D 142 18.28 41.29 -5.23
N TRP D 143 18.99 41.45 -4.11
CA TRP D 143 19.82 42.63 -3.90
C TRP D 143 20.74 42.87 -5.09
N THR D 144 21.37 41.81 -5.60
CA THR D 144 22.19 41.92 -6.80
C THR D 144 21.47 42.68 -7.90
N LEU D 145 20.34 42.14 -8.37
CA LEU D 145 19.53 42.83 -9.36
C LEU D 145 19.24 44.24 -8.89
N ALA D 146 18.68 44.36 -7.67
CA ALA D 146 18.30 45.67 -7.17
C ALA D 146 19.51 46.60 -7.11
N PHE D 147 20.69 46.04 -6.84
CA PHE D 147 21.90 46.85 -6.94
C PHE D 147 22.12 47.26 -8.39
N ILE D 148 22.29 46.27 -9.27
CA ILE D 148 22.68 46.54 -10.65
C ILE D 148 21.74 47.55 -11.29
N THR D 149 20.45 47.19 -11.37
CA THR D 149 19.49 48.05 -12.06
C THR D 149 19.44 49.45 -11.46
N LYS D 150 19.76 49.57 -10.17
CA LYS D 150 19.79 50.91 -9.59
C LYS D 150 21.06 51.65 -9.99
N THR D 151 22.20 50.96 -9.97
CA THR D 151 23.44 51.56 -10.44
C THR D 151 23.33 51.99 -11.89
N ILE D 152 22.74 51.13 -12.74
CA ILE D 152 22.49 51.48 -14.12
C ILE D 152 21.64 52.75 -14.20
N LYS D 153 20.72 52.91 -13.25
CA LYS D 153 19.91 54.12 -13.20
C LYS D 153 20.73 55.32 -12.76
N PHE D 154 21.68 55.09 -11.85
CA PHE D 154 22.56 56.15 -11.38
C PHE D 154 23.45 56.64 -12.52
N VAL D 155 24.23 55.71 -13.10
CA VAL D 155 25.17 56.03 -14.17
C VAL D 155 24.49 56.89 -15.23
N LYS D 156 23.40 56.38 -15.81
CA LYS D 156 22.74 57.10 -16.89
C LYS D 156 22.32 58.50 -16.45
N PHE D 157 21.79 58.63 -15.22
CA PHE D 157 21.52 59.96 -14.68
C PHE D 157 22.72 60.87 -14.83
N TYR D 158 23.85 60.43 -14.28
CA TYR D 158 25.12 61.15 -14.35
C TYR D 158 25.43 61.62 -15.76
N ASP D 159 25.06 60.83 -16.78
CA ASP D 159 25.44 61.17 -18.14
C ASP D 159 24.75 62.45 -18.62
N HIS D 160 23.52 62.68 -18.21
CA HIS D 160 22.84 63.91 -18.62
C HIS D 160 23.16 65.06 -17.67
N ALA D 161 24.16 64.90 -16.81
CA ALA D 161 24.47 65.85 -15.75
C ALA D 161 23.21 66.21 -14.97
N ILE D 162 22.52 65.17 -14.50
CA ILE D 162 21.46 65.37 -13.52
C ILE D 162 22.02 66.03 -12.28
N GLY D 163 23.14 65.53 -11.79
CA GLY D 163 23.84 66.13 -10.67
C GLY D 163 23.18 65.81 -9.34
N PHE D 164 23.65 66.51 -8.31
CA PHE D 164 23.07 66.45 -6.98
C PHE D 164 22.00 67.52 -6.83
N SER D 165 21.97 68.50 -7.74
CA SER D 165 21.03 69.61 -7.68
C SER D 165 19.60 69.13 -7.43
N GLN D 166 19.22 67.99 -8.00
CA GLN D 166 17.87 67.46 -7.84
C GLN D 166 17.83 66.37 -6.79
N LEU D 167 16.67 66.23 -6.14
CA LEU D 167 16.54 65.28 -5.03
C LEU D 167 16.58 63.83 -5.52
N ARG D 168 15.91 63.55 -6.63
CA ARG D 168 15.84 62.18 -7.15
C ARG D 168 17.22 61.55 -7.25
N PHE D 169 18.24 62.34 -7.60
CA PHE D 169 19.58 61.80 -7.70
C PHE D 169 20.13 61.40 -6.33
N CYS D 170 19.88 62.20 -5.31
CA CYS D 170 20.31 61.84 -3.97
C CYS D 170 19.59 60.60 -3.48
N LEU D 171 18.29 60.51 -3.75
CA LEU D 171 17.53 59.35 -3.32
C LEU D 171 18.00 58.10 -4.04
N THR D 172 18.29 58.18 -5.33
CA THR D 172 18.75 57.00 -6.04
C THR D 172 20.18 56.64 -5.63
N GLY D 173 20.99 57.62 -5.22
CA GLY D 173 22.30 57.29 -4.68
C GLY D 173 22.20 56.58 -3.34
N LEU D 174 21.36 57.12 -2.45
CA LEU D 174 21.04 56.43 -1.21
C LEU D 174 20.56 55.02 -1.47
N LEU D 175 19.77 54.83 -2.53
CA LEU D 175 19.27 53.50 -2.85
C LEU D 175 20.39 52.58 -3.29
N VAL D 176 21.23 53.03 -4.23
CA VAL D 176 22.37 52.22 -4.63
C VAL D 176 23.20 51.83 -3.41
N ILE D 177 23.42 52.78 -2.51
CA ILE D 177 24.22 52.51 -1.32
C ILE D 177 23.56 51.46 -0.44
N LEU D 178 22.25 51.60 -0.20
CA LEU D 178 21.55 50.66 0.66
C LEU D 178 21.49 49.27 0.04
N TYR D 179 21.35 49.17 -1.29
CA TYR D 179 21.38 47.85 -1.90
C TYR D 179 22.77 47.24 -1.80
N GLY D 180 23.82 48.05 -1.98
CA GLY D 180 25.16 47.55 -1.71
C GLY D 180 25.32 47.04 -0.28
N MET D 181 24.74 47.77 0.68
CA MET D 181 24.81 47.36 2.07
C MET D 181 24.11 46.02 2.29
N LEU D 182 22.92 45.85 1.70
CA LEU D 182 22.17 44.60 1.88
C LEU D 182 22.84 43.44 1.15
N LEU D 183 23.50 43.72 0.02
CA LEU D 183 24.28 42.68 -0.63
C LEU D 183 25.45 42.26 0.26
N LEU D 184 26.11 43.23 0.91
CA LEU D 184 27.20 42.91 1.82
C LEU D 184 26.69 42.09 2.99
N VAL D 185 25.52 42.43 3.52
CA VAL D 185 24.96 41.68 4.65
C VAL D 185 24.59 40.26 4.23
N GLU D 186 24.00 40.11 3.06
CA GLU D 186 23.67 38.77 2.56
C GLU D 186 24.92 37.92 2.42
N VAL D 187 25.98 38.49 1.84
CA VAL D 187 27.22 37.73 1.68
C VAL D 187 27.87 37.48 3.03
N ASN D 188 27.71 38.40 3.98
CA ASN D 188 28.15 38.16 5.34
C ASN D 188 27.50 36.90 5.91
N VAL D 189 26.17 36.82 5.80
CA VAL D 189 25.43 35.66 6.28
C VAL D 189 25.93 34.38 5.60
N ILE D 190 26.04 34.42 4.26
CA ILE D 190 26.49 33.24 3.53
C ILE D 190 27.91 32.86 3.90
N ARG D 191 28.70 33.81 4.41
CA ARG D 191 30.08 33.56 4.76
C ARG D 191 30.21 32.91 6.13
N VAL D 192 29.56 33.47 7.14
CA VAL D 192 29.67 32.89 8.49
C VAL D 192 29.09 31.49 8.51
N ARG D 193 27.82 31.35 8.13
CA ARG D 193 27.14 30.06 8.10
C ARG D 193 27.05 29.61 6.66
N ARG D 194 27.99 28.79 6.24
CA ARG D 194 28.11 28.43 4.82
C ARG D 194 27.02 27.42 4.48
N TYR D 195 25.85 27.94 4.08
CA TYR D 195 24.71 27.11 3.74
C TYR D 195 24.66 26.76 2.26
N ILE D 196 25.24 27.58 1.39
CA ILE D 196 25.33 27.27 -0.03
C ILE D 196 26.30 26.11 -0.19
N PHE D 197 26.40 25.59 -1.42
CA PHE D 197 27.23 24.42 -1.67
C PHE D 197 28.64 24.65 -1.15
N PHE D 198 28.98 23.90 -0.09
CA PHE D 198 30.15 24.13 0.74
C PHE D 198 30.36 22.89 1.60
N LYS D 199 31.18 23.00 2.64
CA LYS D 199 31.31 21.91 3.60
C LYS D 199 30.09 21.78 4.52
N THR D 200 29.16 22.73 4.47
CA THR D 200 27.96 22.74 5.32
C THR D 200 28.30 22.53 6.80
N PRO D 201 29.23 23.30 7.35
CA PRO D 201 29.75 22.99 8.68
C PRO D 201 28.85 23.38 9.86
N ARG D 202 28.25 24.57 9.81
CA ARG D 202 27.77 25.23 11.01
C ARG D 202 26.32 24.88 11.33
N GLU D 203 26.07 24.60 12.60
CA GLU D 203 24.72 24.52 13.16
C GLU D 203 24.74 25.25 14.49
N VAL D 204 23.95 26.32 14.60
CA VAL D 204 24.14 27.26 15.70
C VAL D 204 23.43 26.83 16.98
N LYS D 205 22.41 25.97 16.91
CA LYS D 205 21.77 25.43 18.11
C LYS D 205 21.19 26.57 18.97
N PRO D 206 20.01 27.09 18.62
CA PRO D 206 19.47 28.33 19.22
C PRO D 206 19.66 28.38 20.72
N PRO D 207 19.79 29.58 21.30
CA PRO D 207 20.35 29.73 22.65
C PRO D 207 19.59 28.93 23.70
N GLU D 208 20.32 28.60 24.76
CA GLU D 208 19.81 27.71 25.81
C GLU D 208 18.65 28.35 26.56
N ASP D 209 18.74 29.64 26.86
CA ASP D 209 17.68 30.30 27.62
C ASP D 209 16.40 30.44 26.82
N LEU D 210 16.46 30.32 25.49
CA LEU D 210 15.26 30.31 24.68
C LEU D 210 14.61 28.94 24.62
N GLN D 211 15.34 27.89 24.99
CA GLN D 211 14.80 26.54 25.03
C GLN D 211 14.16 26.18 26.37
N ASP D 212 14.45 26.92 27.43
CA ASP D 212 13.80 26.69 28.71
C ASP D 212 12.30 26.91 28.62
N LEU D 213 11.52 25.84 28.75
CA LEU D 213 10.07 25.99 28.83
C LEU D 213 9.74 26.58 30.19
N GLY D 214 9.60 27.91 30.22
CA GLY D 214 9.45 28.60 31.48
C GLY D 214 10.16 29.94 31.49
N VAL D 215 10.80 30.29 30.36
CA VAL D 215 11.32 31.63 30.15
C VAL D 215 10.38 32.29 29.14
N ARG D 216 9.36 32.97 29.66
CA ARG D 216 8.36 33.59 28.82
C ARG D 216 8.63 35.07 28.57
N PHE D 217 9.65 35.63 29.22
CA PHE D 217 10.01 37.03 28.99
C PHE D 217 11.03 37.11 27.85
N LEU D 218 10.53 36.84 26.64
CA LEU D 218 11.42 36.76 25.49
C LEU D 218 11.60 38.12 24.83
N GLN D 219 11.95 39.11 25.62
CA GLN D 219 12.26 40.42 25.08
C GLN D 219 13.58 40.44 24.34
N PRO D 220 14.66 39.84 24.87
CA PRO D 220 15.92 39.82 24.10
C PRO D 220 15.86 38.95 22.86
N PHE D 221 14.99 37.94 22.82
CA PHE D 221 14.96 36.99 21.72
C PHE D 221 13.82 37.27 20.74
N VAL D 222 13.81 38.47 20.15
CA VAL D 222 12.90 38.78 19.06
C VAL D 222 13.62 39.70 18.08
N ASN D 223 13.06 39.80 16.87
CA ASN D 223 13.66 40.67 15.87
C ASN D 223 13.50 42.14 16.28
N LEU D 224 14.42 42.97 15.79
CA LEU D 224 14.54 44.33 16.29
C LEU D 224 13.22 45.07 16.27
N LEU D 225 12.40 44.81 15.25
CA LEU D 225 11.09 45.46 15.18
C LEU D 225 10.22 45.07 16.36
N SER D 226 10.16 43.77 16.66
CA SER D 226 9.37 43.35 17.81
C SER D 226 9.99 43.84 19.12
N LYS D 227 11.33 43.86 19.20
CA LYS D 227 11.99 44.45 20.36
C LYS D 227 11.53 45.88 20.58
N GLY D 228 11.30 46.62 19.50
CA GLY D 228 10.89 48.00 19.64
C GLY D 228 9.41 48.16 19.94
N THR D 229 8.57 47.28 19.41
CA THR D 229 7.13 47.39 19.57
C THR D 229 6.59 46.52 20.70
N TYR D 230 7.44 45.72 21.34
CA TYR D 230 7.00 44.72 22.32
C TYR D 230 5.84 43.92 21.77
N TRP D 231 5.99 43.49 20.51
CA TRP D 231 4.91 42.79 19.83
C TRP D 231 4.63 41.45 20.48
N TRP D 232 5.65 40.81 21.06
CA TRP D 232 5.46 39.49 21.67
C TRP D 232 4.48 39.56 22.83
N MET D 233 4.62 40.56 23.70
CA MET D 233 3.72 40.80 24.81
C MET D 233 2.27 40.55 24.44
N ASN D 234 1.90 40.88 23.20
CA ASN D 234 0.52 40.71 22.73
C ASN D 234 -0.04 39.37 23.16
N ALA D 235 0.61 38.29 22.70
CA ALA D 235 0.15 36.95 23.06
C ALA D 235 -0.08 36.85 24.57
N PHE D 236 0.97 37.12 25.34
CA PHE D 236 0.88 37.12 26.79
C PHE D 236 -0.35 37.85 27.28
N ILE D 237 -0.50 39.12 26.87
CA ILE D 237 -1.58 39.93 27.40
C ILE D 237 -2.93 39.29 27.10
N LYS D 238 -3.10 38.77 25.88
CA LYS D 238 -4.36 38.12 25.55
C LYS D 238 -4.64 36.98 26.51
N THR D 239 -3.65 36.11 26.72
CA THR D 239 -3.78 35.06 27.72
C THR D 239 -4.10 35.65 29.08
N ALA D 240 -3.35 36.70 29.46
CA ALA D 240 -3.55 37.33 30.75
C ALA D 240 -4.93 37.94 30.90
N HIS D 241 -5.67 38.11 29.80
CA HIS D 241 -7.03 38.59 29.91
C HIS D 241 -8.02 37.47 30.17
N LYS D 242 -7.78 36.28 29.62
CA LYS D 242 -8.72 35.18 29.82
C LYS D 242 -8.61 34.59 31.22
N LYS D 243 -7.43 34.04 31.54
CA LYS D 243 -7.19 33.48 32.87
C LYS D 243 -6.16 34.32 33.62
N PRO D 244 -6.25 34.39 34.95
CA PRO D 244 -5.36 35.28 35.70
C PRO D 244 -3.90 34.91 35.54
N ILE D 245 -3.05 35.79 36.04
CA ILE D 245 -1.60 35.65 35.91
C ILE D 245 -1.06 34.97 37.16
N ASP D 246 -0.40 33.83 36.97
CA ASP D 246 0.23 33.10 38.05
C ASP D 246 1.74 33.10 37.84
N LEU D 247 2.48 32.80 38.91
CA LEU D 247 3.92 32.68 38.79
C LEU D 247 4.34 31.58 37.82
N ARG D 248 3.42 30.70 37.43
CA ARG D 248 3.70 29.76 36.35
C ARG D 248 3.49 30.40 34.99
N ALA D 249 2.50 31.28 34.87
CA ALA D 249 2.26 31.97 33.61
C ALA D 249 3.41 32.92 33.28
N ILE D 250 3.82 33.73 34.25
CA ILE D 250 5.04 34.51 34.10
C ILE D 250 6.23 33.55 34.03
N GLY D 251 7.12 33.78 33.08
CA GLY D 251 8.30 32.96 32.99
C GLY D 251 9.27 33.24 34.12
N LYS D 252 10.47 32.70 33.96
CA LYS D 252 11.61 33.09 34.78
C LYS D 252 12.66 33.74 33.90
N LEU D 253 13.52 34.52 34.54
CA LEU D 253 14.39 35.44 33.82
C LEU D 253 15.35 34.70 32.89
N PRO D 254 15.75 35.33 31.79
CA PRO D 254 16.80 34.75 30.94
C PRO D 254 18.15 34.81 31.64
N ILE D 255 19.10 34.06 31.08
CA ILE D 255 20.44 33.97 31.66
C ILE D 255 21.11 35.33 31.68
N ALA D 256 20.82 36.18 30.68
CA ALA D 256 21.47 37.49 30.60
C ALA D 256 21.13 38.37 31.79
N MET D 257 19.91 38.25 32.33
CA MET D 257 19.47 39.04 33.47
C MET D 257 19.08 38.09 34.60
N ARG D 258 20.07 37.63 35.34
CA ARG D 258 19.87 36.87 36.56
C ARG D 258 20.56 37.59 37.71
N ALA D 259 20.20 37.20 38.93
CA ALA D 259 20.91 37.72 40.08
C ALA D 259 22.37 37.30 40.05
N LEU D 260 22.63 36.04 39.68
CA LEU D 260 24.01 35.55 39.66
C LEU D 260 24.81 36.18 38.53
N THR D 261 24.21 36.31 37.35
CA THR D 261 24.93 36.89 36.21
C THR D 261 25.32 38.33 36.49
N ASN D 262 24.33 39.14 36.88
CA ASN D 262 24.63 40.54 37.18
C ASN D 262 25.55 40.68 38.38
N TYR D 263 25.43 39.79 39.37
CA TYR D 263 26.33 39.85 40.51
C TYR D 263 27.77 39.55 40.11
N GLN D 264 27.98 38.57 39.23
CA GLN D 264 29.33 38.26 38.79
C GLN D 264 29.89 39.37 37.91
N ARG D 265 29.04 39.98 37.07
CA ARG D 265 29.48 41.13 36.28
C ARG D 265 29.91 42.28 37.20
N LEU D 266 29.09 42.58 38.20
CA LEU D 266 29.42 43.64 39.15
C LEU D 266 30.69 43.33 39.92
N CYS D 267 30.91 42.05 40.24
CA CYS D 267 32.10 41.68 41.00
C CYS D 267 33.36 41.76 40.13
N VAL D 268 33.24 41.41 38.85
CA VAL D 268 34.37 41.60 37.94
C VAL D 268 34.71 43.09 37.81
N ALA D 269 33.67 43.93 37.71
CA ALA D 269 33.90 45.37 37.67
C ALA D 269 34.54 45.87 38.95
N PHE D 270 34.12 45.32 40.09
CA PHE D 270 34.70 45.72 41.38
C PHE D 270 36.16 45.30 41.47
N ASP D 271 36.51 44.13 40.95
CA ASP D 271 37.91 43.72 40.92
C ASP D 271 38.73 44.65 40.04
N ALA D 272 38.20 45.00 38.86
CA ALA D 272 38.91 45.91 37.97
C ALA D 272 39.12 47.27 38.63
N GLN D 273 38.13 47.75 39.40
CA GLN D 273 38.26 49.05 40.05
C GLN D 273 39.18 48.98 41.28
N ALA D 274 39.20 47.85 41.98
CA ALA D 274 40.11 47.70 43.11
C ALA D 274 41.55 47.56 42.67
N ARG D 275 41.78 46.99 41.48
CA ARG D 275 43.14 46.93 40.93
C ARG D 275 43.69 48.32 40.64
N LYS D 276 42.83 49.25 40.21
CA LYS D 276 43.24 50.62 39.93
C LYS D 276 43.05 51.51 41.14
N GLY D 283 35.08 52.77 49.33
CA GLY D 283 34.71 54.16 49.08
C GLY D 283 33.55 54.30 48.11
N ALA D 284 32.89 55.47 48.14
CA ALA D 284 31.73 55.68 47.28
C ALA D 284 32.16 55.81 45.82
N ARG D 285 33.28 56.49 45.57
CA ARG D 285 33.75 56.66 44.19
C ARG D 285 34.05 55.32 43.55
N ALA D 286 34.62 54.38 44.31
CA ALA D 286 34.87 53.05 43.78
C ALA D 286 33.57 52.37 43.37
N ILE D 287 32.52 52.50 44.18
CA ILE D 287 31.24 51.88 43.86
C ILE D 287 30.63 52.51 42.61
N TRP D 288 30.69 53.85 42.50
CA TRP D 288 30.16 54.51 41.32
C TRP D 288 30.90 54.06 40.06
N ARG D 289 32.22 54.03 40.12
CA ARG D 289 32.99 53.62 38.94
C ARG D 289 32.77 52.16 38.61
N ALA D 290 32.52 51.32 39.62
CA ALA D 290 32.22 49.91 39.33
C ALA D 290 30.85 49.77 38.67
N LEU D 291 29.86 50.50 39.16
CA LEU D 291 28.55 50.48 38.52
C LEU D 291 28.64 50.96 37.08
N CYS D 292 29.45 52.00 36.84
CA CYS D 292 29.72 52.43 35.48
C CYS D 292 30.30 51.28 34.67
N HIS D 293 31.46 50.76 35.09
CA HIS D 293 32.10 49.67 34.34
C HIS D 293 31.18 48.48 34.13
N ALA D 294 30.15 48.32 34.95
CA ALA D 294 29.27 47.16 34.84
C ALA D 294 28.05 47.39 33.95
N PHE D 295 27.47 48.60 33.95
CA PHE D 295 26.22 48.83 33.23
C PHE D 295 26.26 50.02 32.28
N GLY D 296 27.44 50.59 32.01
CA GLY D 296 27.50 51.81 31.22
C GLY D 296 27.16 51.61 29.76
N ARG D 297 27.46 50.43 29.22
CA ARG D 297 27.09 50.17 27.83
C ARG D 297 25.59 50.33 27.63
N ARG D 298 24.79 49.59 28.41
CA ARG D 298 23.35 49.73 28.30
C ARG D 298 22.87 51.12 28.71
N LEU D 299 23.54 51.75 29.68
CA LEU D 299 23.11 53.07 30.11
C LEU D 299 23.26 54.10 28.99
N ILE D 300 24.41 54.09 28.32
CA ILE D 300 24.62 55.06 27.24
C ILE D 300 23.83 54.68 26.00
N LEU D 301 23.51 53.40 25.81
CA LEU D 301 22.62 53.03 24.73
C LEU D 301 21.23 53.62 24.95
N SER D 302 20.71 53.47 26.17
CA SER D 302 19.44 54.11 26.50
C SER D 302 19.53 55.62 26.34
N SER D 303 20.66 56.22 26.74
CA SER D 303 20.81 57.67 26.61
C SER D 303 20.82 58.10 25.14
N THR D 304 21.43 57.29 24.27
CA THR D 304 21.44 57.59 22.85
C THR D 304 20.03 57.54 22.28
N PHE D 305 19.29 56.48 22.60
CA PHE D 305 17.89 56.42 22.19
C PHE D 305 17.13 57.65 22.67
N ARG D 306 17.36 58.05 23.92
CA ARG D 306 16.62 59.17 24.49
C ARG D 306 16.95 60.49 23.80
N ILE D 307 18.22 60.72 23.47
CA ILE D 307 18.60 61.96 22.81
C ILE D 307 18.08 61.99 21.38
N LEU D 308 18.16 60.85 20.68
CA LEU D 308 17.59 60.79 19.34
C LEU D 308 16.10 61.05 19.36
N ALA D 309 15.40 60.49 20.36
CA ALA D 309 13.97 60.75 20.48
C ALA D 309 13.69 62.21 20.78
N ASP D 310 14.54 62.85 21.57
CA ASP D 310 14.37 64.28 21.85
C ASP D 310 14.48 65.10 20.58
N LEU D 311 15.53 64.85 19.79
CA LEU D 311 15.70 65.62 18.55
C LEU D 311 14.58 65.35 17.56
N LEU D 312 14.20 64.09 17.39
CA LEU D 312 13.12 63.78 16.45
C LEU D 312 11.77 64.28 16.95
N GLY D 313 11.60 64.49 18.25
CA GLY D 313 10.41 65.15 18.74
C GLY D 313 10.42 66.64 18.46
N PHE D 314 11.60 67.26 18.52
CA PHE D 314 11.73 68.64 18.07
C PHE D 314 11.43 68.77 16.59
N ALA D 315 11.64 67.68 15.84
CA ALA D 315 11.33 67.71 14.41
C ALA D 315 9.86 67.96 14.11
N GLY D 316 8.99 68.01 15.12
CA GLY D 316 7.57 68.20 14.91
C GLY D 316 7.16 69.65 14.72
N PRO D 317 7.47 70.51 15.69
CA PRO D 317 7.06 71.92 15.56
C PRO D 317 7.60 72.61 14.31
N LEU D 318 8.85 72.38 13.95
CA LEU D 318 9.37 72.95 12.71
C LEU D 318 8.58 72.46 11.50
N CYS D 319 8.08 71.22 11.56
CA CYS D 319 7.31 70.70 10.45
C CYS D 319 5.93 71.35 10.38
N ILE D 320 5.31 71.61 11.55
CA ILE D 320 4.07 72.38 11.57
C ILE D 320 4.31 73.76 10.98
N PHE D 321 5.43 74.39 11.34
CA PHE D 321 5.82 75.67 10.76
C PHE D 321 5.85 75.59 9.24
N GLY D 322 6.55 74.60 8.71
CA GLY D 322 6.64 74.46 7.27
C GLY D 322 5.28 74.26 6.62
N ILE D 323 4.45 73.40 7.21
CA ILE D 323 3.14 73.11 6.62
C ILE D 323 2.29 74.38 6.56
N VAL D 324 2.19 75.08 7.69
CA VAL D 324 1.32 76.25 7.72
C VAL D 324 1.90 77.37 6.87
N ASP D 325 3.23 77.45 6.75
CA ASP D 325 3.81 78.47 5.88
C ASP D 325 3.52 78.17 4.41
N HIS D 326 3.58 76.89 4.02
CA HIS D 326 3.22 76.53 2.65
C HIS D 326 1.77 76.88 2.36
N LEU D 327 0.84 76.36 3.17
CA LEU D 327 -0.57 76.53 2.82
C LEU D 327 -1.06 77.95 3.05
N GLY D 328 -0.41 78.71 3.93
CA GLY D 328 -0.78 80.10 4.13
C GLY D 328 -0.29 81.04 3.05
N LYS D 329 0.59 80.56 2.19
CA LYS D 329 1.04 81.31 1.02
C LYS D 329 0.00 81.16 -0.07
N GLU D 330 0.31 81.57 -1.29
CA GLU D 330 -0.53 81.30 -2.45
C GLU D 330 0.35 80.93 -3.63
N ASN D 331 0.27 79.68 -4.05
CA ASN D 331 1.14 79.15 -5.10
C ASN D 331 0.36 78.98 -6.41
N GLN D 335 6.69 73.88 -11.45
CA GLN D 335 8.04 73.56 -10.99
C GLN D 335 9.00 73.42 -12.16
N PRO D 336 10.17 74.07 -12.06
CA PRO D 336 11.14 74.04 -13.16
C PRO D 336 12.03 72.80 -13.15
N LYS D 337 13.04 72.80 -14.03
CA LYS D 337 14.03 71.73 -14.16
C LYS D 337 13.41 70.43 -14.70
N THR D 338 12.74 70.53 -15.84
CA THR D 338 12.39 69.36 -16.65
C THR D 338 13.64 68.91 -17.39
N GLN D 339 14.15 67.73 -17.05
CA GLN D 339 15.50 67.35 -17.46
C GLN D 339 15.56 66.16 -18.40
N PHE D 340 14.92 65.04 -18.06
CA PHE D 340 15.15 63.84 -18.84
C PHE D 340 14.36 63.86 -20.14
N LEU D 341 14.57 64.92 -20.93
CA LEU D 341 13.86 65.12 -22.19
C LEU D 341 12.36 64.93 -22.00
N GLY D 342 11.80 65.61 -20.99
CA GLY D 342 10.38 65.52 -20.72
C GLY D 342 10.03 65.24 -19.28
N VAL D 343 10.88 64.50 -18.58
CA VAL D 343 10.66 64.22 -17.17
C VAL D 343 11.03 65.45 -16.35
N TYR D 344 10.16 65.84 -15.42
CA TYR D 344 10.45 66.93 -14.52
C TYR D 344 11.21 66.43 -13.30
N PHE D 345 11.91 67.34 -12.64
CA PHE D 345 12.78 66.99 -11.52
C PHE D 345 12.59 68.05 -10.43
N VAL D 346 11.87 67.68 -9.37
CA VAL D 346 11.67 68.59 -8.25
C VAL D 346 12.92 68.58 -7.39
N SER D 347 13.29 69.75 -6.87
CA SER D 347 14.49 69.90 -6.06
C SER D 347 14.15 69.86 -4.58
N SER D 348 15.21 69.76 -3.75
CA SER D 348 15.04 69.60 -2.31
C SER D 348 14.20 70.73 -1.71
N GLN D 349 14.35 71.95 -2.23
CA GLN D 349 13.69 73.10 -1.64
C GLN D 349 12.20 73.10 -1.95
N GLU D 350 11.83 72.71 -3.18
CA GLU D 350 10.42 72.57 -3.50
C GLU D 350 9.82 71.32 -2.86
N PHE D 351 10.65 70.30 -2.64
CA PHE D 351 10.19 69.05 -2.04
C PHE D 351 9.83 69.26 -0.58
N LEU D 352 10.72 69.88 0.19
CA LEU D 352 10.42 70.15 1.59
C LEU D 352 9.45 71.29 1.76
N GLY D 353 8.83 71.81 0.71
CA GLY D 353 7.82 72.84 0.87
C GLY D 353 6.53 72.47 0.16
N ASN D 354 6.14 71.20 0.26
CA ASN D 354 4.92 70.74 -0.38
C ASN D 354 3.75 70.59 0.57
N ALA D 355 4.02 70.33 1.86
CA ALA D 355 3.01 70.30 2.91
C ALA D 355 2.09 69.10 2.77
N TYR D 356 2.22 68.36 1.67
CA TYR D 356 1.74 67.00 1.63
C TYR D 356 2.88 66.05 1.94
N VAL D 357 4.04 66.30 1.34
CA VAL D 357 5.25 65.58 1.73
C VAL D 357 5.60 65.90 3.18
N LEU D 358 5.46 67.17 3.56
CA LEU D 358 5.77 67.56 4.93
C LEU D 358 4.90 66.80 5.93
N ALA D 359 3.65 66.54 5.55
CA ALA D 359 2.74 65.85 6.47
C ALA D 359 3.18 64.41 6.72
N VAL D 360 3.47 63.66 5.65
CA VAL D 360 3.87 62.27 5.85
C VAL D 360 5.25 62.20 6.47
N LEU D 361 6.11 63.19 6.23
CA LEU D 361 7.40 63.19 6.91
C LEU D 361 7.24 63.46 8.40
N LEU D 362 6.33 64.37 8.76
CA LEU D 362 6.00 64.55 10.17
C LEU D 362 5.48 63.26 10.77
N PHE D 363 4.63 62.53 10.04
CA PHE D 363 4.08 61.28 10.55
C PHE D 363 5.17 60.25 10.79
N LEU D 364 6.03 60.04 9.80
CA LEU D 364 7.13 59.09 9.95
C LEU D 364 8.04 59.48 11.09
N ALA D 365 8.45 60.75 11.15
CA ALA D 365 9.33 61.18 12.22
C ALA D 365 8.68 61.00 13.58
N LEU D 366 7.37 61.25 13.68
CA LEU D 366 6.69 61.11 14.96
C LEU D 366 6.66 59.66 15.39
N LEU D 367 6.34 58.76 14.46
CA LEU D 367 6.28 57.34 14.79
C LEU D 367 7.65 56.82 15.21
N LEU D 368 8.69 57.19 14.47
CA LEU D 368 10.04 56.75 14.82
C LEU D 368 10.50 57.36 16.15
N GLN D 369 10.19 58.63 16.39
CA GLN D 369 10.59 59.26 17.64
C GLN D 369 9.92 58.60 18.82
N ARG D 370 8.64 58.28 18.70
CA ARG D 370 7.93 57.71 19.83
C ARG D 370 8.41 56.29 20.11
N THR D 371 8.71 55.51 19.06
CA THR D 371 9.24 54.17 19.33
C THR D 371 10.65 54.24 19.90
N PHE D 372 11.47 55.21 19.48
CA PHE D 372 12.78 55.38 20.09
C PHE D 372 12.66 55.82 21.54
N LEU D 373 11.68 56.66 21.85
CA LEU D 373 11.50 57.11 23.22
C LEU D 373 11.11 55.95 24.13
N GLN D 374 10.13 55.15 23.70
CA GLN D 374 9.72 54.01 24.50
C GLN D 374 10.84 52.99 24.64
N ALA D 375 11.67 52.82 23.60
CA ALA D 375 12.79 51.91 23.72
C ALA D 375 13.83 52.44 24.70
N SER D 376 14.06 53.75 24.72
CA SER D 376 14.94 54.34 25.73
C SER D 376 14.42 54.06 27.12
N TYR D 377 13.13 54.31 27.34
CA TYR D 377 12.52 54.01 28.64
C TYR D 377 12.76 52.55 29.02
N TYR D 378 12.53 51.63 28.09
CA TYR D 378 12.64 50.22 28.44
C TYR D 378 14.07 49.82 28.76
N VAL D 379 15.04 50.28 27.96
CA VAL D 379 16.42 49.89 28.23
C VAL D 379 16.87 50.46 29.58
N ALA D 380 16.47 51.68 29.89
CA ALA D 380 16.81 52.24 31.20
C ALA D 380 16.17 51.45 32.33
N ILE D 381 14.91 51.04 32.16
CA ILE D 381 14.26 50.26 33.19
C ILE D 381 14.96 48.93 33.39
N GLU D 382 15.32 48.26 32.30
CA GLU D 382 15.94 46.94 32.42
C GLU D 382 17.30 47.04 33.08
N THR D 383 18.13 48.02 32.68
CA THR D 383 19.43 48.15 33.33
C THR D 383 19.28 48.52 34.80
N GLY D 384 18.25 49.31 35.15
CA GLY D 384 18.02 49.62 36.55
C GLY D 384 17.63 48.40 37.36
N ILE D 385 16.77 47.55 36.81
CA ILE D 385 16.33 46.35 37.53
C ILE D 385 17.50 45.38 37.68
N ASN D 386 18.33 45.24 36.65
CA ASN D 386 19.52 44.39 36.78
C ASN D 386 20.47 44.93 37.84
N LEU D 387 20.63 46.26 37.90
CA LEU D 387 21.45 46.86 38.94
C LEU D 387 20.86 46.57 40.32
N ARG D 388 19.54 46.66 40.47
CA ARG D 388 18.93 46.35 41.76
C ARG D 388 19.23 44.91 42.16
N GLY D 389 19.08 43.98 41.22
CA GLY D 389 19.38 42.59 41.54
C GLY D 389 20.82 42.39 42.00
N ALA D 390 21.77 42.95 41.24
CA ALA D 390 23.17 42.80 41.58
C ALA D 390 23.49 43.42 42.94
N ILE D 391 22.95 44.61 43.21
CA ILE D 391 23.26 45.29 44.46
C ILE D 391 22.64 44.56 45.64
N GLN D 392 21.43 44.02 45.47
CA GLN D 392 20.83 43.22 46.53
C GLN D 392 21.68 42.00 46.84
N THR D 393 22.08 41.26 45.81
CA THR D 393 22.91 40.08 46.05
C THR D 393 24.23 40.46 46.71
N LYS D 394 24.82 41.59 46.33
CA LYS D 394 26.08 42.00 46.93
C LYS D 394 25.91 42.37 48.40
N ILE D 395 24.88 43.14 48.73
CA ILE D 395 24.73 43.53 50.12
C ILE D 395 24.36 42.33 50.98
N TYR D 396 23.69 41.34 50.39
CA TYR D 396 23.41 40.12 51.17
C TYR D 396 24.66 39.29 51.36
N ASN D 397 25.49 39.17 50.33
CA ASN D 397 26.76 38.47 50.47
C ASN D 397 27.67 39.18 51.47
N LYS D 398 27.48 40.48 51.65
CA LYS D 398 28.22 41.20 52.70
C LYS D 398 27.61 40.96 54.07
N ILE D 399 26.27 40.90 54.16
CA ILE D 399 25.61 40.52 55.41
C ILE D 399 26.15 39.17 55.89
N MET D 400 26.39 38.25 54.97
CA MET D 400 26.86 36.92 55.34
C MET D 400 28.18 36.99 56.11
N HIS D 401 29.05 37.94 55.76
CA HIS D 401 30.40 37.96 56.30
C HIS D 401 30.58 38.89 57.50
N LEU D 402 29.62 39.77 57.78
CA LEU D 402 29.84 40.75 58.83
C LEU D 402 29.82 40.08 60.21
N SER D 403 30.50 40.74 61.16
CA SER D 403 30.66 40.18 62.50
C SER D 403 29.44 40.43 63.35
N THR D 404 29.34 39.66 64.44
CA THR D 404 28.20 39.74 65.36
C THR D 404 28.26 40.98 66.25
N SER D 405 29.37 41.71 66.26
CA SER D 405 29.47 42.90 67.12
C SER D 405 28.42 43.93 66.75
N ASN D 406 28.18 44.13 65.46
CA ASN D 406 27.21 45.12 65.00
C ASN D 406 25.78 44.59 65.11
N THR D 413 21.38 46.62 64.54
CA THR D 413 20.79 47.49 63.54
C THR D 413 20.18 46.68 62.41
N ALA D 414 19.21 45.82 62.75
CA ALA D 414 18.57 44.97 61.75
C ALA D 414 17.68 45.79 60.83
N GLY D 415 16.85 46.65 61.41
CA GLY D 415 15.96 47.47 60.59
C GLY D 415 16.70 48.39 59.65
N GLN D 416 17.91 48.82 60.02
CA GLN D 416 18.70 49.66 59.13
C GLN D 416 19.05 48.91 57.85
N ILE D 417 19.49 47.65 57.99
CA ILE D 417 19.77 46.84 56.81
C ILE D 417 18.49 46.54 56.04
N CYS D 418 17.40 46.28 56.76
CA CYS D 418 16.13 45.99 56.08
C CYS D 418 15.70 47.15 55.19
N ASN D 419 15.78 48.37 55.70
CA ASN D 419 15.40 49.51 54.87
C ASN D 419 16.49 49.88 53.87
N LEU D 420 17.75 49.53 54.13
CA LEU D 420 18.79 49.69 53.12
C LEU D 420 18.50 48.84 51.90
N VAL D 421 17.89 47.67 52.11
CA VAL D 421 17.41 46.90 50.98
C VAL D 421 16.08 47.46 50.48
N ALA D 422 15.29 48.08 51.36
CA ALA D 422 13.94 48.45 50.98
C ALA D 422 13.88 49.80 50.27
N ILE D 423 14.63 50.80 50.74
CA ILE D 423 14.44 52.15 50.22
C ILE D 423 15.70 52.72 49.57
N ASP D 424 16.87 52.27 50.00
CA ASP D 424 18.10 52.86 49.47
C ASP D 424 18.44 52.27 48.10
N THR D 425 18.41 50.94 47.99
CA THR D 425 18.54 50.31 46.68
C THR D 425 17.42 50.76 45.74
N ASN D 426 16.23 51.04 46.29
CA ASN D 426 15.15 51.57 45.46
C ASN D 426 15.52 52.94 44.89
N GLN D 427 16.09 53.82 45.72
CA GLN D 427 16.49 55.13 45.22
C GLN D 427 17.61 55.02 44.19
N LEU D 428 18.54 54.09 44.40
CA LEU D 428 19.59 53.86 43.40
C LEU D 428 18.98 53.40 42.08
N MET D 429 18.05 52.45 42.15
CA MET D 429 17.43 51.93 40.93
C MET D 429 16.61 53.01 40.24
N TRP D 430 15.96 53.89 40.98
CA TRP D 430 15.20 54.94 40.32
C TRP D 430 16.11 56.02 39.75
N PHE D 431 17.27 56.26 40.36
CA PHE D 431 18.24 57.10 39.69
C PHE D 431 18.67 56.47 38.37
N PHE D 432 18.82 55.14 38.34
CA PHE D 432 19.20 54.52 37.08
C PHE D 432 18.04 54.47 36.09
N PHE D 433 16.81 54.57 36.57
CA PHE D 433 15.67 54.75 35.68
C PHE D 433 15.70 56.11 35.01
N LEU D 434 15.90 57.16 35.80
CA LEU D 434 15.85 58.53 35.30
C LEU D 434 17.19 59.05 34.83
N CYS D 435 18.23 58.20 34.82
CA CYS D 435 19.56 58.67 34.44
C CYS D 435 19.66 59.18 33.01
N PRO D 436 19.07 58.53 32.00
CA PRO D 436 19.10 59.16 30.66
C PRO D 436 18.46 60.54 30.63
N ASN D 437 17.40 60.74 31.42
CA ASN D 437 16.76 62.06 31.49
C ASN D 437 17.75 63.10 31.98
N LEU D 438 18.61 62.73 32.94
CA LEU D 438 19.56 63.68 33.50
C LEU D 438 20.50 64.23 32.42
N TRP D 439 20.81 63.43 31.41
CA TRP D 439 21.71 63.88 30.36
C TRP D 439 21.00 64.50 29.18
N ALA D 440 19.75 64.09 28.93
CA ALA D 440 19.05 64.51 27.73
C ALA D 440 18.00 65.59 27.95
N MET D 441 17.72 65.99 29.19
CA MET D 441 16.81 67.09 29.40
C MET D 441 17.49 68.45 29.21
N PRO D 442 18.74 68.64 29.67
CA PRO D 442 19.42 69.89 29.32
C PRO D 442 19.57 70.07 27.83
N VAL D 443 19.94 69.01 27.10
CA VAL D 443 20.05 69.09 25.65
C VAL D 443 18.70 69.47 25.05
N GLN D 444 17.63 68.85 25.53
CA GLN D 444 16.29 69.17 25.08
C GLN D 444 15.98 70.64 25.27
N ILE D 445 16.18 71.16 26.47
CA ILE D 445 15.81 72.54 26.76
C ILE D 445 16.67 73.51 25.95
N ILE D 446 17.96 73.21 25.80
CA ILE D 446 18.85 74.08 25.03
C ILE D 446 18.39 74.15 23.58
N VAL D 447 18.19 72.99 22.95
CA VAL D 447 17.79 73.00 21.55
C VAL D 447 16.40 73.61 21.38
N GLY D 448 15.52 73.47 22.38
CA GLY D 448 14.21 74.08 22.28
C GLY D 448 14.25 75.59 22.34
N VAL D 449 15.06 76.14 23.25
CA VAL D 449 15.23 77.59 23.30
C VAL D 449 15.86 78.09 22.01
N ILE D 450 16.85 77.36 21.49
CA ILE D 450 17.50 77.79 20.24
C ILE D 450 16.50 77.82 19.10
N LEU D 451 15.70 76.77 18.97
CA LEU D 451 14.71 76.72 17.89
C LEU D 451 13.66 77.82 18.06
N LEU D 452 13.20 78.04 19.29
CA LEU D 452 12.25 79.13 19.53
C LEU D 452 12.82 80.48 19.11
N TYR D 453 14.08 80.74 19.47
CA TYR D 453 14.70 82.00 19.08
C TYR D 453 14.81 82.11 17.56
N TYR D 454 15.23 81.03 16.90
CA TYR D 454 15.33 81.04 15.45
C TYR D 454 13.98 81.29 14.79
N ILE D 455 12.88 80.85 15.42
CA ILE D 455 11.57 81.04 14.81
C ILE D 455 11.02 82.44 15.08
N LEU D 456 11.06 82.89 16.33
CA LEU D 456 10.35 84.10 16.73
C LEU D 456 11.27 85.28 17.02
N GLY D 457 12.57 85.16 16.78
CA GLY D 457 13.44 86.29 17.02
C GLY D 457 13.64 86.56 18.50
N VAL D 458 13.66 87.84 18.86
CA VAL D 458 14.07 88.23 20.21
C VAL D 458 12.97 87.93 21.24
N SER D 459 11.69 88.07 20.86
CA SER D 459 10.61 87.85 21.83
C SER D 459 10.57 86.40 22.31
N ALA D 460 11.04 85.47 21.48
CA ALA D 460 11.10 84.08 21.90
C ALA D 460 12.05 83.89 23.07
N LEU D 461 13.08 84.72 23.18
CA LEU D 461 13.99 84.61 24.32
C LEU D 461 13.30 85.02 25.61
N ILE D 462 12.46 86.06 25.56
CA ILE D 462 11.68 86.44 26.72
C ILE D 462 10.72 85.32 27.11
N GLY D 463 10.01 84.78 26.11
CA GLY D 463 9.11 83.66 26.39
C GLY D 463 9.83 82.45 26.98
N ALA D 464 11.01 82.12 26.42
CA ALA D 464 11.75 80.96 26.89
C ALA D 464 12.31 81.18 28.29
N ALA D 465 12.71 82.40 28.62
CA ALA D 465 13.11 82.68 30.00
C ALA D 465 11.95 82.54 30.96
N VAL D 466 10.77 83.04 30.55
CA VAL D 466 9.59 82.91 31.40
C VAL D 466 9.24 81.45 31.65
N ILE D 467 9.34 80.62 30.60
CA ILE D 467 9.00 79.20 30.77
C ILE D 467 10.09 78.44 31.52
N ILE D 468 11.36 78.83 31.34
CA ILE D 468 12.45 78.17 32.06
C ILE D 468 12.36 78.47 33.54
N LEU D 469 11.81 79.62 33.91
CA LEU D 469 11.61 79.94 35.32
C LEU D 469 10.71 78.92 36.03
N LEU D 470 10.04 78.04 35.30
CA LEU D 470 9.19 77.04 35.93
C LEU D 470 10.00 76.01 36.72
N ALA D 471 11.21 75.69 36.25
CA ALA D 471 11.97 74.62 36.89
C ALA D 471 12.41 74.97 38.30
N PRO D 472 13.07 76.12 38.56
CA PRO D 472 13.46 76.41 39.95
C PRO D 472 12.28 76.56 40.89
N VAL D 473 11.18 77.15 40.41
CA VAL D 473 9.98 77.25 41.24
C VAL D 473 9.46 75.87 41.60
N GLN D 474 9.45 74.95 40.63
CA GLN D 474 8.98 73.60 40.90
C GLN D 474 9.89 72.89 41.90
N TYR D 475 11.20 73.10 41.78
CA TYR D 475 12.14 72.47 42.72
C TYR D 475 11.91 72.99 44.13
N PHE D 476 11.75 74.31 44.28
CA PHE D 476 11.48 74.88 45.59
C PHE D 476 10.17 74.36 46.17
N VAL D 477 9.13 74.25 45.34
CA VAL D 477 7.84 73.75 45.81
C VAL D 477 7.97 72.29 46.24
N ALA D 478 8.75 71.49 45.51
CA ALA D 478 8.93 70.09 45.90
C ALA D 478 9.68 69.97 47.22
N THR D 479 10.70 70.80 47.43
CA THR D 479 11.42 70.77 48.70
C THR D 479 10.50 71.14 49.86
N LYS D 480 9.72 72.22 49.70
CA LYS D 480 8.76 72.58 50.74
C LYS D 480 7.73 71.47 50.94
N LEU D 481 7.35 70.77 49.87
CA LEU D 481 6.37 69.70 49.99
C LEU D 481 6.93 68.53 50.79
N SER D 482 8.20 68.19 50.57
CA SER D 482 8.82 67.12 51.36
C SER D 482 8.97 67.52 52.83
N GLN D 483 9.29 68.80 53.08
CA GLN D 483 9.35 69.28 54.45
C GLN D 483 8.00 69.14 55.14
N ALA D 484 6.94 69.58 54.47
CA ALA D 484 5.59 69.39 55.00
C ALA D 484 5.25 67.91 55.15
N GLN D 485 5.78 67.06 54.27
CA GLN D 485 5.54 65.63 54.38
C GLN D 485 6.14 65.06 55.67
N ARG D 486 7.36 65.46 56.01
CA ARG D 486 7.96 65.01 57.26
C ARG D 486 7.18 65.54 58.47
N SER D 487 6.84 66.82 58.44
CA SER D 487 6.08 67.40 59.55
C SER D 487 4.69 66.76 59.69
N THR D 488 4.15 66.22 58.60
CA THR D 488 2.90 65.46 58.68
C THR D 488 3.12 64.05 59.20
N LEU D 489 4.21 63.41 58.76
CA LEU D 489 4.51 62.05 59.19
C LEU D 489 4.69 61.96 60.70
N GLU D 490 5.24 63.00 61.32
CA GLU D 490 5.35 63.00 62.78
C GLU D 490 3.99 62.81 63.45
N HIS D 491 3.05 63.72 63.15
CA HIS D 491 1.71 63.63 63.73
C HIS D 491 1.00 62.35 63.31
N SER D 492 1.26 61.86 62.10
CA SER D 492 0.62 60.62 61.66
C SER D 492 1.11 59.43 62.47
N ASN D 493 2.41 59.37 62.77
CA ASN D 493 2.93 58.30 63.60
C ASN D 493 2.37 58.36 65.01
N GLU D 494 2.25 59.57 65.57
CA GLU D 494 1.69 59.68 66.90
C GLU D 494 0.22 59.26 66.93
N ARG D 495 -0.56 59.69 65.93
CA ARG D 495 -1.96 59.26 65.84
C ARG D 495 -2.07 57.76 65.64
N LEU D 496 -1.12 57.14 64.92
CA LEU D 496 -1.15 55.70 64.75
C LEU D 496 -0.88 54.99 66.07
N LYS D 497 0.08 55.47 66.86
CA LYS D 497 0.33 54.87 68.17
C LYS D 497 -0.90 55.01 69.07
N GLN D 498 -1.58 56.15 69.02
CA GLN D 498 -2.78 56.33 69.83
C GLN D 498 -3.91 55.40 69.36
N THR D 499 -4.06 55.23 68.05
CA THR D 499 -5.07 54.30 67.54
C THR D 499 -4.75 52.87 67.94
N ASN D 500 -3.47 52.51 67.95
CA ASN D 500 -3.09 51.16 68.36
C ASN D 500 -3.35 50.93 69.85
N GLU D 501 -3.11 51.97 70.67
CA GLU D 501 -3.50 51.88 72.08
C GLU D 501 -5.00 51.67 72.23
N MET D 502 -5.79 52.46 71.50
CA MET D 502 -7.25 52.34 71.57
C MET D 502 -7.73 50.98 71.10
N LEU D 503 -7.04 50.38 70.13
CA LEU D 503 -7.49 49.13 69.54
C LEU D 503 -7.01 47.89 70.30
N ARG D 504 -5.87 47.98 70.99
CA ARG D 504 -5.43 46.85 71.79
C ARG D 504 -6.28 46.70 73.04
N GLY D 505 -6.56 47.80 73.73
CA GLY D 505 -7.35 47.75 74.95
C GLY D 505 -8.80 48.12 74.74
N MET D 506 -9.35 47.76 73.57
CA MET D 506 -10.76 48.05 73.29
C MET D 506 -11.68 47.29 74.23
N LYS D 507 -11.28 46.09 74.64
CA LYS D 507 -12.09 45.29 75.57
C LYS D 507 -12.33 46.06 76.87
N LEU D 508 -11.24 46.45 77.55
CA LEU D 508 -11.37 47.13 78.84
C LEU D 508 -12.11 48.47 78.70
N LEU D 509 -11.81 49.21 77.63
CA LEU D 509 -12.48 50.50 77.40
C LEU D 509 -13.99 50.30 77.27
N LYS D 510 -14.41 49.34 76.44
CA LYS D 510 -15.84 49.05 76.32
C LYS D 510 -16.42 48.52 77.62
N LEU D 511 -15.59 47.86 78.44
CA LEU D 511 -16.06 47.34 79.71
C LEU D 511 -16.38 48.47 80.69
N TYR D 512 -15.62 49.56 80.65
CA TYR D 512 -15.93 50.71 81.49
C TYR D 512 -16.37 51.94 80.68
N ALA D 513 -16.66 51.77 79.38
CA ALA D 513 -17.16 52.85 78.53
C ALA D 513 -16.27 54.09 78.60
N TRP D 514 -14.97 53.88 78.44
CA TRP D 514 -14.01 54.96 78.26
C TRP D 514 -13.68 55.18 76.80
N GLU D 515 -14.47 54.61 75.89
CA GLU D 515 -14.17 54.67 74.46
C GLU D 515 -14.29 56.09 73.93
N SER D 516 -15.27 56.86 74.42
CA SER D 516 -15.50 58.20 73.88
C SER D 516 -14.37 59.15 74.24
N ILE D 517 -13.81 59.04 75.45
CA ILE D 517 -12.74 59.94 75.87
C ILE D 517 -11.46 59.67 75.07
N PHE D 518 -11.11 58.40 74.89
CA PHE D 518 -9.95 58.05 74.09
C PHE D 518 -10.17 58.44 72.63
N CYS D 519 -11.41 58.30 72.13
CA CYS D 519 -11.72 58.75 70.77
C CYS D 519 -11.55 60.26 70.65
N SER D 520 -11.88 61.01 71.71
CA SER D 520 -11.69 62.45 71.69
C SER D 520 -10.22 62.82 71.67
N ARG D 521 -9.39 62.10 72.42
CA ARG D 521 -7.95 62.35 72.36
C ARG D 521 -7.38 62.03 70.97
N VAL D 522 -7.83 60.92 70.38
CA VAL D 522 -7.43 60.58 69.02
C VAL D 522 -7.88 61.65 68.04
N GLU D 523 -9.07 62.23 68.25
CA GLU D 523 -9.56 63.28 67.38
C GLU D 523 -8.75 64.57 67.54
N VAL D 524 -8.26 64.86 68.75
CA VAL D 524 -7.39 66.03 68.93
C VAL D 524 -6.08 65.84 68.17
N THR D 525 -5.49 64.65 68.28
CA THR D 525 -4.29 64.37 67.51
C THR D 525 -4.56 64.45 66.00
N ARG D 526 -5.74 63.98 65.58
CA ARG D 526 -6.15 64.07 64.18
C ARG D 526 -6.31 65.52 63.74
N ARG D 527 -6.78 66.39 64.62
CA ARG D 527 -6.91 67.81 64.27
C ARG D 527 -5.55 68.46 64.10
N LYS D 528 -4.57 68.09 64.95
CA LYS D 528 -3.21 68.58 64.73
C LYS D 528 -2.64 68.07 63.40
N GLU D 529 -2.87 66.80 63.10
CA GLU D 529 -2.40 66.26 61.82
C GLU D 529 -3.08 66.96 60.65
N MET D 530 -4.36 67.34 60.80
CA MET D 530 -5.04 68.10 59.76
C MET D 530 -4.45 69.50 59.63
N THR D 531 -4.06 70.10 60.74
CA THR D 531 -3.37 71.40 60.69
C THR D 531 -2.11 71.32 59.84
N SER D 532 -1.35 70.23 59.97
CA SER D 532 -0.18 70.10 59.11
C SER D 532 -0.56 69.73 57.66
N LEU D 533 -1.61 68.91 57.50
CA LEU D 533 -2.05 68.53 56.16
C LEU D 533 -2.55 69.74 55.37
N ARG D 534 -3.04 70.78 56.05
CA ARG D 534 -3.44 71.98 55.34
C ARG D 534 -2.26 72.61 54.60
N ALA D 535 -1.11 72.73 55.29
CA ALA D 535 0.07 73.27 54.64
C ALA D 535 0.55 72.34 53.52
N PHE D 536 0.52 71.03 53.77
CA PHE D 536 0.90 70.09 52.71
C PHE D 536 0.04 70.28 51.46
N ALA D 537 -1.28 70.40 51.64
CA ALA D 537 -2.18 70.56 50.52
C ALA D 537 -2.02 71.91 49.84
N VAL D 538 -1.68 72.96 50.59
CA VAL D 538 -1.40 74.25 49.97
C VAL D 538 -0.19 74.15 49.05
N TYR D 539 0.86 73.47 49.52
CA TYR D 539 2.04 73.31 48.65
C TYR D 539 1.72 72.46 47.42
N THR D 540 0.90 71.42 47.58
CA THR D 540 0.50 70.62 46.43
C THR D 540 -0.32 71.44 45.43
N SER D 541 -1.24 72.26 45.93
CA SER D 541 -2.03 73.12 45.05
C SER D 541 -1.14 74.13 44.32
N ILE D 542 -0.17 74.70 45.03
CA ILE D 542 0.77 75.63 44.39
C ILE D 542 1.54 74.91 43.30
N SER D 543 1.96 73.68 43.55
CA SER D 543 2.65 72.90 42.52
C SER D 543 1.78 72.74 41.28
N ILE D 544 0.55 72.27 41.46
CA ILE D 544 -0.34 72.06 40.32
C ILE D 544 -0.57 73.36 39.56
N PHE D 545 -0.84 74.44 40.29
CA PHE D 545 -1.16 75.71 39.65
C PHE D 545 0.03 76.28 38.90
N MET D 546 1.22 76.24 39.51
CA MET D 546 2.42 76.68 38.80
C MET D 546 2.63 75.85 37.54
N ASN D 547 2.52 74.54 37.65
CA ASN D 547 2.75 73.65 36.52
C ASN D 547 1.83 73.97 35.35
N THR D 548 0.56 74.30 35.63
CA THR D 548 -0.36 74.56 34.54
C THR D 548 -0.41 76.03 34.12
N ALA D 549 0.07 76.96 34.95
CA ALA D 549 -0.08 78.38 34.66
C ALA D 549 1.18 79.04 34.13
N ILE D 550 2.37 78.53 34.45
CA ILE D 550 3.59 79.11 33.88
C ILE D 550 3.59 79.04 32.35
N PRO D 551 3.15 77.95 31.71
CA PRO D 551 3.12 77.97 30.23
C PRO D 551 2.13 78.96 29.64
N ILE D 552 0.96 79.12 30.24
CA ILE D 552 0.00 80.10 29.73
C ILE D 552 0.60 81.50 29.80
N ALA D 553 1.20 81.84 30.94
CA ALA D 553 1.86 83.15 31.06
C ALA D 553 3.00 83.30 30.07
N ALA D 554 3.74 82.21 29.81
CA ALA D 554 4.84 82.27 28.85
C ALA D 554 4.32 82.58 27.45
N VAL D 555 3.28 81.88 27.01
CA VAL D 555 2.68 82.15 25.70
C VAL D 555 2.18 83.59 25.62
N LEU D 556 1.49 84.03 26.68
CA LEU D 556 0.95 85.39 26.72
C LEU D 556 2.06 86.42 26.54
N ILE D 557 3.08 86.38 27.41
CA ILE D 557 4.14 87.37 27.34
C ILE D 557 4.84 87.30 26.00
N THR D 558 5.12 86.08 25.51
CA THR D 558 5.79 85.91 24.22
C THR D 558 5.05 86.67 23.13
N PHE D 559 3.78 86.34 22.92
CA PHE D 559 3.08 86.89 21.77
C PHE D 559 2.81 88.38 21.94
N VAL D 560 2.33 88.80 23.11
CA VAL D 560 1.98 90.21 23.29
C VAL D 560 3.22 91.08 23.18
N GLY D 561 4.30 90.71 23.87
CA GLY D 561 5.54 91.47 23.74
C GLY D 561 6.11 91.43 22.33
N HIS D 562 5.89 90.32 21.62
CA HIS D 562 6.33 90.25 20.23
C HIS D 562 5.60 91.28 19.38
N VAL D 563 4.32 91.50 19.65
CA VAL D 563 3.51 92.36 18.79
C VAL D 563 3.53 93.81 19.27
N SER D 564 3.34 94.03 20.57
CA SER D 564 3.17 95.40 21.07
C SER D 564 4.50 96.01 21.54
N PHE D 565 5.16 95.37 22.51
CA PHE D 565 6.37 95.94 23.08
C PHE D 565 7.49 96.01 22.05
N PHE D 566 7.84 94.87 21.46
CA PHE D 566 8.92 94.84 20.47
C PHE D 566 8.54 95.52 19.17
N LYS D 567 7.24 95.66 18.88
CA LYS D 567 6.77 96.11 17.56
C LYS D 567 7.40 95.29 16.45
N GLU D 568 7.60 93.99 16.73
CA GLU D 568 8.38 93.11 15.88
C GLU D 568 7.53 92.62 14.71
N SER D 569 8.02 91.60 14.01
CA SER D 569 7.37 91.08 12.82
C SER D 569 5.94 90.63 13.12
N ASP D 570 5.08 90.75 12.11
CA ASP D 570 3.68 90.39 12.25
C ASP D 570 3.55 88.90 12.52
N LEU D 571 2.61 88.55 13.40
CA LEU D 571 2.45 87.18 13.88
C LEU D 571 1.69 86.35 12.84
N SER D 572 2.42 85.54 12.08
CA SER D 572 1.83 84.67 11.07
C SER D 572 1.36 83.36 11.70
N PRO D 573 0.42 82.67 11.06
CA PRO D 573 -0.04 81.40 11.63
C PRO D 573 1.06 80.38 11.82
N SER D 574 1.92 80.21 10.81
CA SER D 574 3.00 79.22 10.90
C SER D 574 3.93 79.54 12.06
N VAL D 575 4.40 80.78 12.13
CA VAL D 575 5.37 81.17 13.16
C VAL D 575 4.77 80.99 14.56
N ALA D 576 3.54 81.48 14.74
CA ALA D 576 2.91 81.43 16.06
C ALA D 576 2.64 80.00 16.50
N PHE D 577 2.09 79.16 15.61
CA PHE D 577 1.78 77.80 16.03
C PHE D 577 3.01 76.94 16.17
N ALA D 578 4.07 77.21 15.40
CA ALA D 578 5.33 76.54 15.66
C ALA D 578 5.85 76.88 17.05
N SER D 579 5.77 78.16 17.44
CA SER D 579 6.22 78.53 18.78
C SER D 579 5.35 77.89 19.85
N LEU D 580 4.05 77.77 19.61
CA LEU D 580 3.18 77.14 20.59
C LEU D 580 3.53 75.67 20.78
N SER D 581 3.75 74.96 19.67
CA SER D 581 4.16 73.55 19.77
C SER D 581 5.51 73.42 20.46
N LEU D 582 6.44 74.33 20.18
CA LEU D 582 7.72 74.29 20.88
C LEU D 582 7.56 74.55 22.37
N PHE D 583 6.62 75.41 22.76
CA PHE D 583 6.37 75.62 24.19
C PHE D 583 5.79 74.36 24.83
N HIS D 584 4.87 73.69 24.15
CA HIS D 584 4.31 72.45 24.68
C HIS D 584 5.40 71.38 24.81
N ILE D 585 6.34 71.35 23.87
CA ILE D 585 7.43 70.39 23.97
C ILE D 585 8.41 70.79 25.07
N LEU D 586 8.54 72.07 25.36
CA LEU D 586 9.43 72.52 26.42
C LEU D 586 8.85 72.33 27.82
N VAL D 587 7.52 72.28 27.95
CA VAL D 587 6.90 72.20 29.28
C VAL D 587 7.46 71.03 30.07
N THR D 588 7.36 69.82 29.51
CA THR D 588 7.63 68.60 30.28
C THR D 588 9.04 68.53 30.85
N PRO D 589 10.12 68.71 30.07
CA PRO D 589 11.46 68.64 30.69
C PRO D 589 11.67 69.67 31.78
N LEU D 590 11.15 70.88 31.60
CA LEU D 590 11.29 71.90 32.65
C LEU D 590 10.59 71.48 33.93
N PHE D 591 9.46 70.78 33.81
CA PHE D 591 8.74 70.35 35.00
C PHE D 591 9.44 69.18 35.69
N LEU D 592 9.94 68.23 34.91
CA LEU D 592 10.50 67.01 35.50
C LEU D 592 11.99 67.12 35.82
N LEU D 593 12.65 68.21 35.43
CA LEU D 593 14.07 68.35 35.75
C LEU D 593 14.29 68.47 37.25
N SER D 594 13.38 69.14 37.95
CA SER D 594 13.46 69.22 39.41
C SER D 594 13.44 67.82 40.03
N SER D 595 12.50 66.98 39.58
CA SER D 595 12.40 65.63 40.12
C SER D 595 13.64 64.82 39.78
N VAL D 596 14.18 64.98 38.57
CA VAL D 596 15.39 64.26 38.19
C VAL D 596 16.54 64.63 39.11
N VAL D 597 16.73 65.94 39.35
CA VAL D 597 17.84 66.37 40.20
C VAL D 597 17.65 65.88 41.64
N ARG D 598 16.41 65.96 42.15
CA ARG D 598 16.16 65.50 43.51
C ARG D 598 16.45 64.00 43.64
N SER D 599 15.99 63.21 42.67
CA SER D 599 16.29 61.78 42.69
C SER D 599 17.79 61.53 42.59
N THR D 600 18.51 62.37 41.84
CA THR D 600 19.95 62.18 41.72
C THR D 600 20.66 62.39 43.05
N VAL D 601 20.33 63.48 43.75
CA VAL D 601 20.99 63.71 45.04
C VAL D 601 20.56 62.64 46.05
N LYS D 602 19.30 62.21 45.99
CA LYS D 602 18.82 61.16 46.88
C LYS D 602 19.61 59.86 46.68
N ALA D 603 19.82 59.47 45.42
CA ALA D 603 20.55 58.24 45.16
C ALA D 603 22.04 58.39 45.40
N LEU D 604 22.58 59.61 45.29
CA LEU D 604 23.96 59.85 45.70
C LEU D 604 24.13 59.59 47.19
N VAL D 605 23.20 60.11 48.00
CA VAL D 605 23.21 59.82 49.43
C VAL D 605 23.06 58.32 49.68
N SER D 606 22.21 57.66 48.89
CA SER D 606 22.01 56.23 49.06
C SER D 606 23.27 55.43 48.77
N VAL D 607 24.01 55.79 47.73
CA VAL D 607 25.26 55.09 47.42
C VAL D 607 26.30 55.38 48.48
N GLN D 608 26.32 56.60 49.02
CA GLN D 608 27.20 56.88 50.15
C GLN D 608 26.90 55.97 51.33
N LYS D 609 25.63 55.86 51.69
CA LYS D 609 25.24 55.00 52.81
C LYS D 609 25.58 53.55 52.53
N LEU D 610 25.37 53.10 51.29
CA LEU D 610 25.67 51.72 50.92
C LEU D 610 27.17 51.43 51.01
N SER D 611 28.00 52.39 50.62
CA SER D 611 29.44 52.21 50.77
C SER D 611 29.84 52.17 52.23
N GLU D 612 29.26 53.07 53.04
CA GLU D 612 29.55 53.06 54.48
C GLU D 612 29.22 51.71 55.09
N PHE D 613 28.09 51.11 54.69
CA PHE D 613 27.72 49.80 55.21
C PHE D 613 28.64 48.71 54.69
N LEU D 614 28.89 48.69 53.39
CA LEU D 614 29.69 47.64 52.77
C LEU D 614 31.15 47.69 53.22
N SER D 615 31.60 48.81 53.78
CA SER D 615 32.98 48.91 54.22
C SER D 615 33.23 48.24 55.58
N SER D 616 32.20 48.12 56.42
CA SER D 616 32.37 47.57 57.77
C SER D 616 32.60 46.06 57.75
N CYS D 678 38.02 15.58 67.82
CA CYS D 678 37.74 16.43 68.98
C CYS D 678 37.92 17.91 68.64
N VAL D 679 37.39 18.78 69.49
CA VAL D 679 37.52 20.22 69.33
C VAL D 679 38.62 20.70 70.27
N GLN D 680 39.74 21.14 69.69
CA GLN D 680 40.91 21.55 70.45
C GLN D 680 41.08 23.06 70.39
N ILE D 681 41.40 23.66 71.53
CA ILE D 681 41.68 25.09 71.62
C ILE D 681 42.90 25.28 72.51
N ILE D 682 43.90 26.00 72.00
CA ILE D 682 45.12 26.32 72.74
C ILE D 682 45.37 27.82 72.62
N GLY D 683 45.37 28.50 73.76
CA GLY D 683 45.68 29.92 73.81
C GLY D 683 44.60 30.83 73.27
N GLY D 684 43.41 30.79 73.88
CA GLY D 684 42.32 31.63 73.43
C GLY D 684 42.62 33.10 73.70
N PHE D 685 42.48 33.93 72.67
CA PHE D 685 42.75 35.36 72.81
C PHE D 685 41.99 36.10 71.72
N PHE D 686 40.93 36.82 72.11
CA PHE D 686 40.14 37.63 71.18
C PHE D 686 39.26 38.57 71.99
N THR D 687 38.57 39.46 71.28
CA THR D 687 37.64 40.40 71.90
C THR D 687 36.57 40.76 70.88
N TRP D 688 35.59 41.52 71.34
CA TRP D 688 34.53 42.01 70.45
C TRP D 688 34.86 43.39 69.89
N THR D 689 36.08 43.55 69.39
CA THR D 689 36.57 44.79 68.80
C THR D 689 37.77 44.47 67.93
N PRO D 690 38.02 45.25 66.88
CA PRO D 690 39.31 45.12 66.18
C PRO D 690 40.50 45.50 67.04
N ASP D 691 40.30 46.34 68.05
CA ASP D 691 41.36 46.74 68.97
C ASP D 691 40.73 47.16 70.29
N GLY D 692 41.21 46.59 71.38
CA GLY D 692 40.67 46.91 72.69
C GLY D 692 41.05 45.84 73.70
N ILE D 693 40.55 46.03 74.91
CA ILE D 693 40.83 45.09 76.00
C ILE D 693 40.17 43.75 75.69
N PRO D 694 40.89 42.63 75.81
CA PRO D 694 40.31 41.33 75.42
C PRO D 694 39.51 40.68 76.52
N THR D 695 38.34 40.17 76.14
CA THR D 695 37.50 39.39 77.05
C THR D 695 37.76 37.89 76.95
N LEU D 696 38.53 37.46 75.93
CA LEU D 696 38.98 36.07 75.81
C LEU D 696 40.49 36.05 76.01
N SER D 697 40.94 35.30 77.01
CA SER D 697 42.36 35.27 77.34
C SER D 697 42.70 33.94 77.99
N ASN D 698 43.69 33.25 77.41
CA ASN D 698 44.25 32.02 77.97
C ASN D 698 43.18 30.94 78.18
N ILE D 699 42.62 30.50 77.05
CA ILE D 699 41.63 29.43 77.03
C ILE D 699 42.21 28.25 76.27
N THR D 700 42.25 27.09 76.91
CA THR D 700 42.74 25.85 76.30
C THR D 700 41.79 24.74 76.73
N ILE D 701 41.05 24.17 75.78
CA ILE D 701 40.00 23.21 76.08
C ILE D 701 40.01 22.11 75.02
N ARG D 702 39.80 20.88 75.46
CA ARG D 702 39.62 19.73 74.56
C ARG D 702 38.22 19.17 74.76
N ILE D 703 37.47 19.08 73.67
CA ILE D 703 36.14 18.49 73.69
C ILE D 703 36.18 17.22 72.85
N PRO D 704 36.37 16.05 73.46
CA PRO D 704 36.42 14.81 72.68
C PRO D 704 35.05 14.40 72.18
N ARG D 705 35.05 13.48 71.22
CA ARG D 705 33.82 13.00 70.61
C ARG D 705 33.03 12.14 71.61
N GLY D 706 31.71 12.16 71.46
CA GLY D 706 30.84 11.41 72.32
C GLY D 706 30.93 11.85 73.77
N GLN D 707 30.55 13.09 74.04
CA GLN D 707 30.71 13.65 75.37
C GLN D 707 29.70 14.76 75.58
N LEU D 708 29.19 14.84 76.82
CA LEU D 708 28.33 15.93 77.27
C LEU D 708 29.21 16.90 78.05
N THR D 709 29.66 17.96 77.40
CA THR D 709 30.55 18.94 78.02
C THR D 709 29.72 20.08 78.60
N MET D 710 29.76 20.24 79.92
CA MET D 710 28.99 21.26 80.61
C MET D 710 29.87 22.46 80.91
N ILE D 711 29.37 23.66 80.62
CA ILE D 711 30.07 24.90 80.89
C ILE D 711 29.29 25.67 81.95
N VAL D 712 29.96 26.04 83.05
CA VAL D 712 29.31 26.74 84.14
C VAL D 712 30.16 27.92 84.57
N GLY D 713 29.50 28.92 85.11
CA GLY D 713 30.16 30.14 85.57
C GLY D 713 29.12 31.13 86.03
N GLN D 714 29.61 32.29 86.46
CA GLN D 714 28.73 33.36 86.91
C GLN D 714 28.17 34.10 85.69
N VAL D 715 27.51 35.22 85.92
CA VAL D 715 26.96 36.04 84.85
C VAL D 715 28.06 36.99 84.38
N GLY D 716 28.60 36.74 83.20
CA GLY D 716 29.68 37.55 82.67
C GLY D 716 31.04 36.88 82.79
N CYS D 717 31.10 35.58 82.54
CA CYS D 717 32.34 34.81 82.63
C CYS D 717 32.81 34.30 81.28
N GLY D 718 32.20 34.74 80.18
CA GLY D 718 32.64 34.31 78.87
C GLY D 718 32.16 32.95 78.45
N LYS D 719 30.99 32.52 78.91
CA LYS D 719 30.46 31.22 78.50
C LYS D 719 30.01 31.25 77.04
N SER D 720 29.10 32.17 76.71
CA SER D 720 28.63 32.28 75.33
C SER D 720 29.74 32.75 74.39
N SER D 721 30.62 33.64 74.88
CA SER D 721 31.75 34.07 74.07
C SER D 721 32.64 32.90 73.69
N LEU D 722 32.90 32.00 74.64
CA LEU D 722 33.67 30.80 74.34
C LEU D 722 32.90 29.86 73.43
N LEU D 723 31.58 29.75 73.62
CA LEU D 723 30.78 28.89 72.77
C LEU D 723 30.85 29.34 71.32
N LEU D 724 30.83 30.65 71.08
CA LEU D 724 30.98 31.15 69.73
C LEU D 724 32.42 31.09 69.25
N ALA D 725 33.39 31.12 70.18
CA ALA D 725 34.79 31.04 69.78
C ALA D 725 35.12 29.68 69.18
N THR D 726 34.60 28.60 69.77
CA THR D 726 34.81 27.28 69.22
C THR D 726 34.06 27.08 67.91
N LEU D 727 33.06 27.91 67.63
CA LEU D 727 32.26 27.81 66.41
C LEU D 727 32.92 28.49 65.23
N GLY D 728 34.06 29.14 65.43
CA GLY D 728 34.68 29.93 64.38
C GLY D 728 34.07 31.29 64.18
N GLU D 729 33.19 31.73 65.08
CA GLU D 729 32.47 32.98 64.89
C GLU D 729 33.34 34.20 65.18
N MET D 730 34.30 34.08 66.10
CA MET D 730 35.22 35.17 66.44
C MET D 730 36.63 34.69 66.15
N GLN D 731 37.27 35.31 65.15
CA GLN D 731 38.65 34.97 64.79
C GLN D 731 39.58 35.45 65.89
N LYS D 732 40.20 34.51 66.61
CA LYS D 732 41.06 34.85 67.73
C LYS D 732 42.32 35.54 67.25
N VAL D 733 42.86 36.42 68.10
CA VAL D 733 44.04 37.19 67.74
C VAL D 733 45.27 36.29 67.71
N SER D 734 45.59 35.68 68.85
CA SER D 734 46.77 34.82 68.97
C SER D 734 46.33 33.51 69.64
N GLY D 735 46.11 32.47 68.84
CA GLY D 735 45.70 31.20 69.38
C GLY D 735 45.39 30.22 68.28
N ALA D 736 45.23 28.96 68.67
CA ALA D 736 44.94 27.87 67.75
C ALA D 736 43.63 27.20 68.13
N VAL D 737 42.80 26.91 67.13
CA VAL D 737 41.52 26.25 67.36
C VAL D 737 41.23 25.34 66.17
N PHE D 738 40.97 24.06 66.45
CA PHE D 738 40.70 23.08 65.42
C PHE D 738 39.52 22.22 65.84
N TRP D 739 38.87 21.61 64.86
CA TRP D 739 37.81 20.65 65.14
C TRP D 739 37.64 19.68 63.98
N GLY D 768 33.90 22.74 59.55
CA GLY D 768 32.93 21.67 59.61
C GLY D 768 31.56 22.10 60.09
N PRO D 769 30.50 21.46 59.58
CA PRO D 769 29.14 21.88 59.94
C PRO D 769 28.78 21.45 61.35
N VAL D 770 28.11 22.36 62.07
CA VAL D 770 27.87 22.20 63.50
C VAL D 770 26.50 22.78 63.84
N ALA D 771 25.68 22.03 64.58
CA ALA D 771 24.40 22.56 65.00
C ALA D 771 24.56 23.45 66.23
N TYR D 772 23.69 24.45 66.33
CA TYR D 772 23.83 25.45 67.38
C TYR D 772 22.47 26.06 67.69
N ALA D 773 22.18 26.20 68.98
CA ALA D 773 20.96 26.86 69.45
C ALA D 773 21.36 28.01 70.36
N SER D 774 21.20 29.23 69.85
CA SER D 774 21.60 30.44 70.55
C SER D 774 20.72 30.67 71.77
N GLN D 775 21.23 31.52 72.67
CA GLN D 775 20.49 31.83 73.91
C GLN D 775 19.18 32.53 73.60
N LYS D 776 19.20 33.51 72.70
CA LYS D 776 17.98 34.16 72.25
C LYS D 776 17.41 33.36 71.09
N PRO D 777 16.20 32.80 71.21
CA PRO D 777 15.66 31.98 70.12
C PRO D 777 15.15 32.83 68.97
N TRP D 778 15.45 32.37 67.76
CA TRP D 778 14.94 33.00 66.55
C TRP D 778 14.20 31.97 65.71
N LEU D 779 13.22 32.44 64.96
CA LEU D 779 12.38 31.57 64.15
C LEU D 779 12.37 32.08 62.71
N LEU D 780 11.62 31.38 61.87
CA LEU D 780 11.38 31.78 60.49
C LEU D 780 9.91 32.12 60.32
N ASN D 781 9.62 32.99 59.36
CA ASN D 781 8.23 33.34 59.03
C ASN D 781 7.59 32.21 58.22
N ALA D 782 7.57 31.02 58.83
CA ALA D 782 7.11 29.81 58.17
C ALA D 782 6.36 28.97 59.19
N THR D 783 6.12 27.70 58.83
CA THR D 783 5.41 26.79 59.70
C THR D 783 6.33 26.20 60.76
N VAL D 784 5.74 25.47 61.70
CA VAL D 784 6.53 24.85 62.77
C VAL D 784 7.32 23.66 62.24
N GLU D 785 6.69 22.84 61.39
CA GLU D 785 7.41 21.74 60.76
C GLU D 785 8.59 22.25 59.95
N GLU D 786 8.40 23.38 59.25
CA GLU D 786 9.50 23.97 58.48
C GLU D 786 10.61 24.47 59.40
N ASN D 787 10.25 25.03 60.55
CA ASN D 787 11.25 25.47 61.51
C ASN D 787 12.06 24.29 62.04
N ILE D 788 11.39 23.18 62.36
CA ILE D 788 12.08 22.07 63.01
C ILE D 788 12.90 21.27 62.01
N THR D 789 12.39 21.07 60.79
CA THR D 789 13.16 20.36 59.79
C THR D 789 14.34 21.19 59.31
N PHE D 790 14.11 22.48 59.02
CA PHE D 790 15.16 23.42 58.65
C PHE D 790 15.92 22.96 57.41
N GLU D 791 15.18 22.86 56.30
CA GLU D 791 15.72 22.45 55.01
C GLU D 791 16.36 21.07 55.08
N SER D 792 15.63 20.13 55.67
CA SER D 792 16.06 18.74 55.79
C SER D 792 14.95 17.82 55.30
N PRO D 793 15.30 16.70 54.70
CA PRO D 793 14.27 15.76 54.24
C PRO D 793 13.39 15.29 55.39
N PHE D 794 12.08 15.47 55.23
CA PHE D 794 11.13 15.13 56.28
C PHE D 794 11.13 13.63 56.52
N ASN D 795 11.17 13.23 57.79
CA ASN D 795 11.14 11.83 58.18
C ASN D 795 9.91 11.57 59.04
N LYS D 796 9.49 10.31 59.09
CA LYS D 796 8.34 9.91 59.88
C LYS D 796 8.72 9.60 61.32
N GLN D 797 9.66 8.68 61.51
CA GLN D 797 10.08 8.30 62.86
C GLN D 797 11.00 9.34 63.48
N ARG D 798 11.89 9.94 62.68
CA ARG D 798 12.83 10.91 63.22
C ARG D 798 12.11 12.18 63.69
N TYR D 799 11.26 12.75 62.83
CA TYR D 799 10.57 13.98 63.17
C TYR D 799 9.63 13.77 64.37
N LYS D 800 8.87 12.67 64.36
CA LYS D 800 7.97 12.41 65.47
C LYS D 800 8.75 12.13 66.76
N MET D 801 9.89 11.45 66.65
CA MET D 801 10.72 11.21 67.83
C MET D 801 11.22 12.51 68.43
N VAL D 802 11.65 13.44 67.58
CA VAL D 802 12.10 14.74 68.09
C VAL D 802 10.92 15.52 68.69
N ILE D 803 9.77 15.50 68.01
CA ILE D 803 8.60 16.21 68.51
C ILE D 803 8.22 15.72 69.91
N GLU D 804 8.20 14.40 70.10
CA GLU D 804 7.84 13.85 71.39
C GLU D 804 8.93 14.11 72.43
N ALA D 805 10.20 13.98 72.04
CA ALA D 805 11.30 14.14 72.98
C ALA D 805 11.53 15.59 73.39
N CYS D 806 10.83 16.53 72.77
CA CYS D 806 10.99 17.96 73.09
C CYS D 806 9.76 18.55 73.77
N SER D 807 8.79 17.71 74.16
CA SER D 807 7.59 18.14 74.86
C SER D 807 6.90 19.27 74.12
N LEU D 808 6.62 19.04 72.83
CA LEU D 808 6.04 20.06 71.98
C LEU D 808 4.74 19.65 71.30
N GLN D 809 4.46 18.36 71.17
CA GLN D 809 3.25 17.92 70.48
C GLN D 809 1.96 18.46 71.10
N PRO D 810 1.77 18.42 72.44
CA PRO D 810 0.53 19.01 72.98
C PRO D 810 0.43 20.51 72.77
N ASP D 811 1.53 21.25 72.97
CA ASP D 811 1.50 22.69 72.76
C ASP D 811 1.28 23.03 71.29
N ILE D 812 1.78 22.18 70.38
CA ILE D 812 1.55 22.41 68.95
C ILE D 812 0.09 22.15 68.60
N ASP D 813 -0.50 21.09 69.17
CA ASP D 813 -1.92 20.84 68.96
C ASP D 813 -2.79 21.93 69.57
N ILE D 814 -2.28 22.67 70.56
CA ILE D 814 -3.04 23.75 71.17
C ILE D 814 -3.16 24.96 70.25
N LEU D 815 -2.30 25.05 69.23
CA LEU D 815 -2.33 26.17 68.30
C LEU D 815 -3.63 26.19 67.51
N PRO D 816 -4.01 27.34 66.95
CA PRO D 816 -5.27 27.39 66.17
C PRO D 816 -5.29 26.41 65.01
N HIS D 817 -4.15 26.17 64.39
CA HIS D 817 -3.99 25.09 63.43
C HIS D 817 -3.21 23.96 64.08
N GLY D 818 -3.65 22.72 63.86
CA GLY D 818 -3.02 21.55 64.44
C GLY D 818 -1.52 21.52 64.24
N ASP D 819 -1.10 21.57 62.98
CA ASP D 819 0.31 21.72 62.64
C ASP D 819 0.40 22.54 61.36
N GLN D 820 1.63 22.78 60.91
CA GLN D 820 1.89 23.68 59.79
C GLN D 820 1.29 25.05 60.04
N THR D 821 1.24 25.45 61.31
CA THR D 821 0.69 26.75 61.67
C THR D 821 1.69 27.84 61.32
N GLN D 822 1.20 28.89 60.67
CA GLN D 822 2.07 29.99 60.22
C GLN D 822 2.55 30.76 61.44
N ILE D 823 3.79 30.49 61.85
CA ILE D 823 4.39 31.25 62.94
C ILE D 823 4.53 32.71 62.53
N GLY D 824 4.01 33.61 63.36
CA GLY D 824 4.03 35.03 63.04
C GLY D 824 5.43 35.61 62.96
N GLU D 825 5.53 36.89 62.58
CA GLU D 825 6.83 37.54 62.45
C GLU D 825 7.53 37.57 63.81
N ARG D 826 8.65 36.85 63.91
CA ARG D 826 9.46 36.66 65.11
C ARG D 826 8.77 35.80 66.17
N GLY D 827 7.54 35.35 65.93
CA GLY D 827 6.83 34.51 66.88
C GLY D 827 5.92 35.29 67.82
N ILE D 828 5.10 36.18 67.25
CA ILE D 828 4.19 36.99 68.07
C ILE D 828 3.10 36.11 68.67
N ASN D 829 2.60 35.15 67.91
CA ASN D 829 1.58 34.23 68.38
C ASN D 829 2.16 33.05 69.17
N LEU D 830 3.40 33.18 69.66
CA LEU D 830 4.02 32.15 70.49
C LEU D 830 4.69 32.82 71.67
N SER D 831 4.99 32.01 72.69
CA SER D 831 5.64 32.48 73.90
C SER D 831 7.14 32.17 73.85
N GLY D 832 7.84 32.53 74.91
CA GLY D 832 9.28 32.32 74.95
C GLY D 832 9.65 30.85 75.09
N GLY D 833 8.94 30.13 75.96
CA GLY D 833 9.21 28.71 76.13
C GLY D 833 8.98 27.93 74.85
N GLN D 834 7.91 28.24 74.13
CA GLN D 834 7.64 27.57 72.86
C GLN D 834 8.74 27.83 71.84
N ARG D 835 9.20 29.08 71.76
CA ARG D 835 10.26 29.41 70.81
C ARG D 835 11.57 28.71 71.17
N GLN D 836 11.93 28.67 72.45
CA GLN D 836 13.16 27.98 72.86
C GLN D 836 13.05 26.48 72.62
N ARG D 837 11.87 25.90 72.86
CA ARG D 837 11.68 24.48 72.58
C ARG D 837 11.81 24.20 71.08
N ILE D 838 11.24 25.06 70.23
CA ILE D 838 11.35 24.87 68.79
C ILE D 838 12.81 25.01 68.35
N SER D 839 13.56 25.92 68.98
CA SER D 839 14.97 26.08 68.62
C SER D 839 15.77 24.85 69.00
N VAL D 840 15.55 24.30 70.20
CA VAL D 840 16.23 23.07 70.58
C VAL D 840 15.82 21.93 69.67
N ALA D 841 14.55 21.91 69.23
CA ALA D 841 14.10 20.87 68.31
C ALA D 841 14.82 20.97 66.98
N ARG D 842 15.00 22.20 66.47
CA ARG D 842 15.73 22.37 65.22
C ARG D 842 17.19 21.96 65.37
N ALA D 843 17.79 22.27 66.54
CA ALA D 843 19.18 21.88 66.76
C ALA D 843 19.33 20.37 66.90
N LEU D 844 18.30 19.69 67.41
CA LEU D 844 18.38 18.24 67.61
C LEU D 844 18.07 17.47 66.33
N TYR D 845 17.13 17.98 65.52
CA TYR D 845 16.67 17.25 64.34
C TYR D 845 17.74 17.11 63.27
N GLN D 846 18.73 18.01 63.25
CA GLN D 846 19.74 17.97 62.21
C GLN D 846 20.72 16.82 62.44
N GLN D 847 21.15 16.19 61.35
CA GLN D 847 22.06 15.06 61.40
C GLN D 847 23.49 15.58 61.28
N THR D 848 24.05 15.99 62.42
CA THR D 848 25.40 16.54 62.47
C THR D 848 26.14 15.93 63.65
N ASN D 849 27.39 16.35 63.84
CA ASN D 849 28.24 15.82 64.88
C ASN D 849 28.21 16.67 66.15
N VAL D 850 28.62 17.93 66.05
CA VAL D 850 28.73 18.80 67.22
C VAL D 850 27.44 19.58 67.38
N VAL D 851 26.97 19.69 68.61
CA VAL D 851 25.73 20.41 68.92
C VAL D 851 25.97 21.30 70.13
N PHE D 852 25.86 22.61 69.94
CA PHE D 852 26.00 23.57 71.03
C PHE D 852 24.62 24.04 71.46
N LEU D 853 24.40 24.08 72.78
CA LEU D 853 23.13 24.55 73.34
C LEU D 853 23.42 25.61 74.38
N ASP D 854 23.08 26.86 74.07
CA ASP D 854 23.39 27.98 74.96
C ASP D 854 22.17 28.27 75.84
N ASP D 855 22.16 27.67 77.02
CA ASP D 855 21.15 27.86 78.05
C ASP D 855 19.74 27.57 77.52
N PRO D 856 19.42 26.31 77.19
CA PRO D 856 18.07 25.99 76.73
C PRO D 856 17.07 25.77 77.86
N PHE D 857 17.49 25.89 79.11
CA PHE D 857 16.61 25.65 80.26
C PHE D 857 16.25 26.94 81.00
N SER D 858 16.32 28.09 80.32
CA SER D 858 16.05 29.37 80.98
C SER D 858 14.57 29.71 81.04
N ALA D 859 13.79 29.31 80.04
CA ALA D 859 12.37 29.59 80.00
C ALA D 859 11.53 28.32 80.05
N LEU D 860 12.05 27.28 80.69
CA LEU D 860 11.36 26.02 80.82
C LEU D 860 11.12 25.71 82.30
N ASP D 861 10.13 24.87 82.56
CA ASP D 861 9.80 24.47 83.91
C ASP D 861 10.77 23.39 84.39
N VAL D 862 10.58 22.93 85.63
CA VAL D 862 11.47 21.91 86.18
C VAL D 862 11.18 20.55 85.55
N HIS D 863 9.90 20.20 85.43
CA HIS D 863 9.53 18.93 84.81
C HIS D 863 9.88 18.93 83.32
N LEU D 864 9.66 20.06 82.65
CA LEU D 864 10.03 20.16 81.24
C LEU D 864 11.54 20.00 81.04
N SER D 865 12.33 20.66 81.89
CA SER D 865 13.78 20.53 81.80
C SER D 865 14.22 19.10 82.06
N ASP D 866 13.64 18.45 83.08
CA ASP D 866 13.99 17.07 83.37
C ASP D 866 13.68 16.16 82.18
N HIS D 867 12.48 16.30 81.61
CA HIS D 867 12.09 15.46 80.50
C HIS D 867 12.95 15.72 79.27
N LEU D 868 13.31 16.99 79.03
CA LEU D 868 14.12 17.32 77.87
C LEU D 868 15.54 16.78 78.01
N MET D 869 16.12 16.88 79.20
CA MET D 869 17.47 16.38 79.39
C MET D 869 17.52 14.86 79.42
N GLN D 870 16.44 14.21 79.87
CA GLN D 870 16.44 12.75 79.95
C GLN D 870 16.14 12.12 78.60
N ALA D 871 15.08 12.57 77.93
CA ALA D 871 14.67 11.94 76.68
C ALA D 871 15.51 12.41 75.50
N GLY D 872 15.92 13.67 75.50
CA GLY D 872 16.61 14.22 74.35
C GLY D 872 18.13 14.29 74.46
N ILE D 873 18.64 14.58 75.65
CA ILE D 873 20.07 14.78 75.83
C ILE D 873 20.75 13.47 76.21
N LEU D 874 20.28 12.84 77.28
CA LEU D 874 20.91 11.63 77.80
C LEU D 874 20.44 10.36 77.10
N GLU D 875 19.41 10.44 76.25
CA GLU D 875 18.88 9.25 75.58
C GLU D 875 18.71 9.41 74.08
N LEU D 876 18.77 10.62 73.53
CA LEU D 876 18.68 10.83 72.09
C LEU D 876 19.95 11.43 71.50
N LEU D 877 20.51 12.44 72.15
CA LEU D 877 21.83 12.93 71.74
C LEU D 877 22.92 11.95 72.14
N ARG D 878 22.84 11.41 73.35
CA ARG D 878 23.79 10.40 73.82
C ARG D 878 23.60 9.07 73.08
N ASP D 879 22.44 8.85 72.46
CA ASP D 879 22.21 7.61 71.72
C ASP D 879 23.12 7.52 70.50
N ASP D 880 23.16 8.58 69.69
CA ASP D 880 23.96 8.59 68.47
C ASP D 880 25.42 8.99 68.72
N LYS D 881 25.81 9.17 69.98
CA LYS D 881 27.18 9.54 70.36
C LYS D 881 27.59 10.85 69.69
N ARG D 882 26.84 11.90 70.02
CA ARG D 882 27.11 13.23 69.49
C ARG D 882 27.89 14.06 70.50
N THR D 883 28.71 14.98 69.99
CA THR D 883 29.48 15.89 70.82
C THR D 883 28.57 17.03 71.25
N VAL D 884 27.97 16.88 72.44
CA VAL D 884 26.97 17.83 72.92
C VAL D 884 27.63 18.74 73.93
N VAL D 885 27.68 20.03 73.62
CA VAL D 885 28.27 21.03 74.52
C VAL D 885 27.14 21.93 75.00
N LEU D 886 26.85 21.86 76.29
CA LEU D 886 25.75 22.58 76.90
C LEU D 886 26.29 23.65 77.85
N VAL D 887 25.67 24.82 77.84
CA VAL D 887 26.03 25.91 78.74
C VAL D 887 24.81 26.22 79.59
N THR D 888 24.79 25.71 80.83
CA THR D 888 23.70 25.97 81.75
C THR D 888 24.25 26.00 83.18
N HIS D 889 23.38 26.36 84.12
CA HIS D 889 23.72 26.44 85.54
C HIS D 889 22.66 25.68 86.34
N LYS D 890 22.95 24.41 86.61
CA LYS D 890 22.08 23.57 87.43
C LYS D 890 22.97 22.54 88.14
N LEU D 891 22.33 21.59 88.82
CA LEU D 891 23.04 20.52 89.49
C LEU D 891 22.64 19.12 89.03
N GLN D 892 21.48 18.97 88.41
CA GLN D 892 21.07 17.66 87.88
C GLN D 892 21.86 17.26 86.64
N TYR D 893 22.69 18.15 86.10
CA TYR D 893 23.44 17.88 84.89
C TYR D 893 24.92 17.65 85.12
N LEU D 894 25.46 18.13 86.24
CA LEU D 894 26.90 17.96 86.51
C LEU D 894 27.31 16.50 86.64
N PRO D 895 26.60 15.64 87.39
CA PRO D 895 26.99 14.22 87.41
C PRO D 895 26.73 13.50 86.09
N HIS D 896 25.83 14.02 85.25
CA HIS D 896 25.56 13.42 83.96
C HIS D 896 26.58 13.78 82.89
N ALA D 897 27.51 14.68 83.19
CA ALA D 897 28.46 15.19 82.22
C ALA D 897 29.81 14.49 82.34
N ASP D 898 30.68 14.78 81.38
CA ASP D 898 32.05 14.24 81.35
C ASP D 898 33.11 15.29 81.60
N TRP D 899 32.91 16.53 81.14
CA TRP D 899 33.89 17.59 81.28
C TRP D 899 33.17 18.85 81.77
N ILE D 900 33.51 19.30 82.97
CA ILE D 900 32.97 20.53 83.54
C ILE D 900 33.97 21.65 83.29
N ILE D 901 33.48 22.80 82.84
CA ILE D 901 34.32 23.94 82.48
C ILE D 901 33.92 25.11 83.37
N ALA D 902 34.83 25.51 84.27
CA ALA D 902 34.57 26.58 85.23
C ALA D 902 35.12 27.89 84.65
N MET D 903 34.22 28.80 84.30
CA MET D 903 34.58 30.08 83.71
C MET D 903 34.48 31.20 84.73
N LYS D 904 35.44 32.13 84.68
CA LYS D 904 35.45 33.29 85.57
C LYS D 904 36.25 34.39 84.90
N ASP D 905 35.64 35.56 84.75
CA ASP D 905 36.30 36.74 84.18
C ASP D 905 36.94 36.43 82.83
N GLY D 906 36.22 35.67 82.00
CA GLY D 906 36.72 35.33 80.69
C GLY D 906 37.90 34.39 80.67
N THR D 907 38.15 33.68 81.77
CA THR D 907 39.26 32.74 81.84
C THR D 907 38.77 31.43 82.45
N ILE D 908 39.39 30.33 82.01
CA ILE D 908 39.08 29.02 82.57
C ILE D 908 39.90 28.85 83.84
N GLN D 909 39.21 28.68 84.98
CA GLN D 909 39.94 28.52 86.24
C GLN D 909 40.23 27.06 86.55
N ARG D 910 39.24 26.17 86.34
CA ARG D 910 39.43 24.74 86.51
C ARG D 910 38.96 24.04 85.24
N GLU D 911 39.63 22.93 84.92
CA GLU D 911 39.29 22.15 83.73
C GLU D 911 39.59 20.68 84.00
N GLY D 912 38.69 19.82 83.55
CA GLY D 912 38.85 18.39 83.73
C GLY D 912 37.48 17.72 83.88
N THR D 913 37.49 16.59 84.57
CA THR D 913 36.30 15.79 84.79
C THR D 913 35.68 16.12 86.15
N LEU D 914 34.64 15.37 86.53
CA LEU D 914 34.00 15.61 87.82
C LEU D 914 34.91 15.20 88.97
N LYS D 915 35.57 14.05 88.86
CA LYS D 915 36.51 13.63 89.88
C LYS D 915 37.75 14.51 89.90
N ASP D 916 38.19 14.98 88.72
CA ASP D 916 39.32 15.89 88.66
C ASP D 916 38.98 17.28 89.19
N PHE D 917 37.69 17.62 89.26
CA PHE D 917 37.26 18.90 89.82
C PHE D 917 37.01 18.82 91.32
N GLN D 918 36.41 17.73 91.79
CA GLN D 918 36.17 17.55 93.22
C GLN D 918 37.43 17.22 93.99
N ARG D 919 38.53 16.89 93.30
CA ARG D 919 39.81 16.60 93.93
C ARG D 919 40.78 17.76 93.84
N SER D 920 40.33 18.93 93.39
CA SER D 920 41.15 20.12 93.29
C SER D 920 40.51 21.25 94.08
N GLU D 921 41.19 22.40 94.11
CA GLU D 921 40.71 23.56 94.85
C GLU D 921 39.39 24.10 94.30
N PRO D 997 -14.86 49.73 40.44
CA PRO D 997 -14.88 50.42 41.73
C PRO D 997 -15.67 51.73 41.68
N TRP D 998 -16.76 51.74 40.90
CA TRP D 998 -17.54 52.97 40.76
C TRP D 998 -18.27 53.35 42.04
N ARG D 999 -18.63 52.36 42.85
CA ARG D 999 -19.28 52.66 44.13
C ARG D 999 -18.34 53.40 45.07
N ALA D 1000 -17.04 53.07 45.03
CA ALA D 1000 -16.08 53.81 45.83
C ALA D 1000 -16.01 55.27 45.41
N CYS D 1001 -16.01 55.52 44.09
CA CYS D 1001 -16.01 56.90 43.60
C CYS D 1001 -17.29 57.62 44.02
N THR D 1002 -18.43 56.93 43.95
CA THR D 1002 -19.69 57.52 44.38
C THR D 1002 -19.63 57.91 45.86
N LYS D 1003 -19.15 57.00 46.71
CA LYS D 1003 -19.07 57.28 48.14
C LYS D 1003 -18.08 58.40 48.44
N TYR D 1004 -16.97 58.46 47.68
CA TYR D 1004 -15.99 59.52 47.90
C TYR D 1004 -16.56 60.87 47.53
N LEU D 1005 -17.18 60.97 46.35
CA LEU D 1005 -17.73 62.25 45.91
C LEU D 1005 -18.90 62.69 46.78
N SER D 1006 -19.71 61.74 47.24
CA SER D 1006 -20.84 62.08 48.10
C SER D 1006 -20.38 62.61 49.44
N SER D 1007 -19.23 62.15 49.94
CA SER D 1007 -18.68 62.68 51.17
C SER D 1007 -18.16 64.10 51.01
N ALA D 1008 -18.07 64.62 49.79
CA ALA D 1008 -17.64 66.00 49.57
C ALA D 1008 -18.79 66.99 49.68
N GLY D 1009 -19.99 66.59 49.29
CA GLY D 1009 -21.11 67.50 49.21
C GLY D 1009 -21.33 68.01 47.80
N ILE D 1010 -22.56 68.46 47.53
CA ILE D 1010 -22.89 68.92 46.19
C ILE D 1010 -22.23 70.25 45.89
N LEU D 1011 -22.00 71.08 46.92
CA LEU D 1011 -21.37 72.38 46.71
C LEU D 1011 -19.97 72.24 46.14
N LEU D 1012 -19.10 71.53 46.88
CA LEU D 1012 -17.70 71.41 46.45
C LEU D 1012 -17.58 70.59 45.16
N LEU D 1013 -18.39 69.53 45.01
CA LEU D 1013 -18.34 68.73 43.79
C LEU D 1013 -18.75 69.55 42.58
N SER D 1014 -19.85 70.30 42.70
CA SER D 1014 -20.28 71.14 41.58
C SER D 1014 -19.26 72.22 41.26
N LEU D 1015 -18.68 72.84 42.30
CA LEU D 1015 -17.66 73.86 42.06
C LEU D 1015 -16.45 73.26 41.35
N LEU D 1016 -16.04 72.05 41.75
CA LEU D 1016 -14.89 71.41 41.13
C LEU D 1016 -15.17 71.07 39.67
N VAL D 1017 -16.31 70.46 39.39
CA VAL D 1017 -16.64 70.07 38.02
C VAL D 1017 -16.76 71.30 37.13
N PHE D 1018 -17.46 72.33 37.62
CA PHE D 1018 -17.60 73.57 36.86
C PHE D 1018 -16.26 74.22 36.60
N SER D 1019 -15.38 74.26 37.61
CA SER D 1019 -14.07 74.89 37.43
C SER D 1019 -13.23 74.14 36.42
N GLN D 1020 -13.22 72.80 36.48
CA GLN D 1020 -12.46 72.02 35.51
C GLN D 1020 -12.97 72.26 34.08
N LEU D 1021 -14.29 72.11 33.88
CA LEU D 1021 -14.85 72.26 32.54
C LEU D 1021 -14.59 73.65 32.00
N LEU D 1022 -14.82 74.69 32.82
CA LEU D 1022 -14.63 76.05 32.32
C LEU D 1022 -13.15 76.37 32.11
N LYS D 1023 -12.24 75.79 32.90
CA LYS D 1023 -10.82 76.01 32.67
C LYS D 1023 -10.38 75.42 31.35
N HIS D 1024 -10.81 74.20 31.06
CA HIS D 1024 -10.44 73.62 29.76
C HIS D 1024 -11.11 74.35 28.61
N MET D 1025 -12.33 74.88 28.83
CA MET D 1025 -12.96 75.69 27.80
C MET D 1025 -12.19 76.98 27.54
N VAL D 1026 -11.70 77.63 28.60
CA VAL D 1026 -10.90 78.84 28.40
C VAL D 1026 -9.57 78.51 27.74
N LEU D 1027 -9.02 77.32 28.02
CA LEU D 1027 -7.79 76.89 27.36
C LEU D 1027 -8.00 76.77 25.85
N VAL D 1028 -9.00 75.99 25.43
CA VAL D 1028 -9.28 75.87 23.99
C VAL D 1028 -9.65 77.22 23.41
N ALA D 1029 -10.30 78.09 24.20
CA ALA D 1029 -10.68 79.40 23.70
C ALA D 1029 -9.46 80.26 23.40
N ILE D 1030 -8.45 80.25 24.27
CA ILE D 1030 -7.28 81.06 23.97
C ILE D 1030 -6.50 80.44 22.82
N ASP D 1031 -6.47 79.11 22.72
CA ASP D 1031 -5.74 78.49 21.61
C ASP D 1031 -6.44 78.72 20.28
N TYR D 1032 -7.76 78.96 20.28
CA TYR D 1032 -8.48 79.29 19.06
C TYR D 1032 -8.39 80.78 18.75
N TRP D 1033 -8.40 81.61 19.79
CA TRP D 1033 -8.18 83.04 19.59
C TRP D 1033 -6.80 83.32 19.05
N LEU D 1034 -5.84 82.43 19.31
CA LEU D 1034 -4.54 82.54 18.65
C LEU D 1034 -4.69 82.47 17.13
N ALA D 1035 -5.40 81.45 16.65
CA ALA D 1035 -5.59 81.27 15.21
C ALA D 1035 -6.36 82.45 14.62
N LYS D 1036 -7.39 82.92 15.30
CA LYS D 1036 -8.09 84.10 14.82
C LYS D 1036 -7.24 85.36 14.94
N TRP D 1037 -6.24 85.35 15.82
CA TRP D 1037 -5.33 86.49 15.98
C TRP D 1037 -4.42 86.64 14.78
N THR D 1038 -3.81 85.52 14.36
CA THR D 1038 -2.73 85.53 13.37
C THR D 1038 -2.96 86.50 12.20
N ASP D 1039 -4.05 86.31 11.46
CA ASP D 1039 -4.32 87.16 10.30
C ASP D 1039 -5.00 88.46 10.70
N ASP D 1060 -6.84 96.04 13.29
CA ASP D 1060 -7.00 96.23 14.72
C ASP D 1060 -6.23 95.16 15.51
N GLN D 1061 -4.90 95.19 15.39
CA GLN D 1061 -4.08 94.23 16.12
C GLN D 1061 -4.09 94.51 17.62
N SER D 1062 -4.27 95.76 18.02
CA SER D 1062 -4.34 96.09 19.43
C SER D 1062 -5.54 95.41 20.09
N VAL D 1063 -6.68 95.36 19.40
CA VAL D 1063 -7.85 94.70 19.94
C VAL D 1063 -7.60 93.22 20.13
N TYR D 1064 -6.99 92.57 19.14
CA TYR D 1064 -6.67 91.15 19.25
C TYR D 1064 -5.74 90.90 20.42
N ALA D 1065 -4.69 91.71 20.55
CA ALA D 1065 -3.74 91.53 21.64
C ALA D 1065 -4.40 91.72 23.00
N MET D 1066 -5.28 92.72 23.10
CA MET D 1066 -5.96 92.98 24.37
C MET D 1066 -6.88 91.83 24.75
N VAL D 1067 -7.64 91.32 23.78
CA VAL D 1067 -8.55 90.20 24.07
C VAL D 1067 -7.74 88.95 24.43
N PHE D 1068 -6.60 88.75 23.77
CA PHE D 1068 -5.75 87.61 24.10
C PHE D 1068 -5.23 87.72 25.53
N THR D 1069 -4.78 88.91 25.93
CA THR D 1069 -4.31 89.10 27.30
C THR D 1069 -5.43 88.88 28.31
N LEU D 1070 -6.63 89.40 28.01
CA LEU D 1070 -7.77 89.20 28.90
C LEU D 1070 -8.09 87.72 29.06
N LEU D 1071 -8.08 86.98 27.95
CA LEU D 1071 -8.39 85.55 28.04
C LEU D 1071 -7.31 84.76 28.76
N CYS D 1072 -6.04 85.15 28.60
CA CYS D 1072 -4.98 84.45 29.34
C CYS D 1072 -5.08 84.72 30.84
N SER D 1073 -5.41 85.96 31.22
CA SER D 1073 -5.63 86.24 32.64
C SER D 1073 -6.82 85.44 33.18
N LEU D 1074 -7.91 85.39 32.41
CA LEU D 1074 -9.05 84.56 32.79
C LEU D 1074 -8.62 83.11 32.97
N GLY D 1075 -7.75 82.61 32.08
CA GLY D 1075 -7.31 81.23 32.17
C GLY D 1075 -6.51 80.95 33.41
N ILE D 1076 -5.54 81.82 33.74
CA ILE D 1076 -4.73 81.57 34.92
C ILE D 1076 -5.58 81.66 36.19
N VAL D 1077 -6.55 82.58 36.21
CA VAL D 1077 -7.44 82.68 37.37
C VAL D 1077 -8.28 81.42 37.51
N LEU D 1078 -8.83 80.93 36.39
CA LEU D 1078 -9.66 79.73 36.43
C LEU D 1078 -8.87 78.51 36.85
N CYS D 1079 -7.60 78.44 36.42
CA CYS D 1079 -6.76 77.29 36.79
C CYS D 1079 -6.40 77.33 38.28
N LEU D 1080 -6.03 78.51 38.79
CA LEU D 1080 -5.82 78.63 40.23
C LEU D 1080 -7.07 78.21 41.01
N VAL D 1081 -8.24 78.62 40.52
CA VAL D 1081 -9.50 78.24 41.16
C VAL D 1081 -9.63 76.72 41.21
N THR D 1082 -9.43 76.07 40.06
CA THR D 1082 -9.66 74.62 40.01
C THR D 1082 -8.66 73.87 40.89
N SER D 1083 -7.41 74.36 40.97
CA SER D 1083 -6.42 73.71 41.82
C SER D 1083 -6.77 73.83 43.29
N VAL D 1084 -7.01 75.06 43.76
CA VAL D 1084 -7.38 75.26 45.15
C VAL D 1084 -8.63 74.46 45.49
N THR D 1085 -9.56 74.35 44.53
CA THR D 1085 -10.81 73.64 44.78
C THR D 1085 -10.58 72.14 44.96
N VAL D 1086 -9.78 71.53 44.08
CA VAL D 1086 -9.54 70.10 44.22
C VAL D 1086 -8.82 69.80 45.53
N GLU D 1087 -7.89 70.69 45.94
CA GLU D 1087 -7.19 70.41 47.19
C GLU D 1087 -8.10 70.57 48.41
N TRP D 1088 -8.94 71.61 48.41
CA TRP D 1088 -9.88 71.80 49.51
C TRP D 1088 -10.86 70.63 49.60
N THR D 1089 -11.34 70.14 48.45
CA THR D 1089 -12.22 68.98 48.44
C THR D 1089 -11.52 67.75 49.01
N GLY D 1090 -10.27 67.52 48.61
CA GLY D 1090 -9.51 66.42 49.18
C GLY D 1090 -9.43 66.48 50.69
N LEU D 1091 -9.06 67.65 51.22
CA LEU D 1091 -8.97 67.80 52.68
C LEU D 1091 -10.31 67.54 53.36
N LYS D 1092 -11.39 68.11 52.82
CA LYS D 1092 -12.69 67.95 53.46
C LYS D 1092 -13.15 66.49 53.45
N VAL D 1093 -12.97 65.80 52.32
CA VAL D 1093 -13.40 64.40 52.26
C VAL D 1093 -12.55 63.55 53.21
N ALA D 1094 -11.25 63.83 53.30
CA ALA D 1094 -10.40 63.11 54.25
C ALA D 1094 -10.93 63.28 55.68
N LYS D 1095 -11.20 64.53 56.07
CA LYS D 1095 -11.70 64.80 57.42
C LYS D 1095 -13.01 64.04 57.69
N ARG D 1096 -13.98 64.18 56.78
CA ARG D 1096 -15.28 63.56 56.99
C ARG D 1096 -15.16 62.04 57.08
N LEU D 1097 -14.42 61.43 56.15
CA LEU D 1097 -14.32 59.98 56.13
C LEU D 1097 -13.61 59.44 57.36
N HIS D 1098 -12.52 60.09 57.78
CA HIS D 1098 -11.81 59.64 58.97
C HIS D 1098 -12.69 59.73 60.22
N ARG D 1099 -13.40 60.85 60.39
CA ARG D 1099 -14.28 60.99 61.54
C ARG D 1099 -15.37 59.93 61.53
N SER D 1100 -16.01 59.72 60.38
CA SER D 1100 -17.09 58.74 60.31
C SER D 1100 -16.58 57.34 60.61
N LEU D 1101 -15.38 57.00 60.11
CA LEU D 1101 -14.84 55.67 60.37
C LEU D 1101 -14.53 55.46 61.85
N LEU D 1102 -13.87 56.46 62.47
CA LEU D 1102 -13.56 56.34 63.89
C LEU D 1102 -14.83 56.19 64.73
N ASN D 1103 -15.86 56.99 64.42
CA ASN D 1103 -17.09 56.91 65.19
C ASN D 1103 -17.84 55.61 64.95
N ARG D 1104 -17.80 55.07 63.73
CA ARG D 1104 -18.50 53.83 63.46
C ARG D 1104 -17.77 52.60 63.97
N ILE D 1105 -16.46 52.69 64.23
CA ILE D 1105 -15.79 51.58 64.91
C ILE D 1105 -15.80 51.73 66.42
N ILE D 1106 -16.04 52.93 66.94
CA ILE D 1106 -16.24 53.07 68.38
C ILE D 1106 -17.52 52.36 68.81
N LEU D 1107 -18.57 52.46 68.00
CA LEU D 1107 -19.87 51.86 68.31
C LEU D 1107 -19.94 50.37 67.98
N ALA D 1108 -18.83 49.74 67.60
CA ALA D 1108 -18.84 48.34 67.20
C ALA D 1108 -18.94 47.42 68.41
N PRO D 1109 -19.62 46.28 68.27
CA PRO D 1109 -19.72 45.34 69.39
C PRO D 1109 -18.40 44.63 69.64
N MET D 1110 -18.37 43.83 70.71
CA MET D 1110 -17.15 43.13 71.07
C MET D 1110 -16.93 41.87 70.25
N ARG D 1111 -18.00 41.19 69.83
CA ARG D 1111 -17.84 40.02 68.98
C ARG D 1111 -17.17 40.39 67.66
N PHE D 1112 -17.45 41.60 67.15
CA PHE D 1112 -16.76 42.08 65.96
C PHE D 1112 -15.26 42.18 66.19
N PHE D 1113 -14.85 42.78 67.30
CA PHE D 1113 -13.42 42.91 67.60
C PHE D 1113 -12.76 41.56 67.85
N GLU D 1114 -13.51 40.60 68.42
CA GLU D 1114 -12.93 39.28 68.63
C GLU D 1114 -12.75 38.53 67.31
N THR D 1115 -13.73 38.65 66.41
CA THR D 1115 -13.65 37.94 65.13
C THR D 1115 -12.69 38.62 64.16
N THR D 1116 -12.75 39.94 64.07
CA THR D 1116 -11.93 40.68 63.11
C THR D 1116 -10.48 40.75 63.60
N PRO D 1117 -9.50 40.49 62.73
CA PRO D 1117 -8.10 40.64 63.16
C PRO D 1117 -7.76 42.08 63.48
N LEU D 1118 -6.98 42.27 64.54
CA LEU D 1118 -6.54 43.62 64.92
C LEU D 1118 -5.73 44.28 63.81
N GLY D 1119 -4.99 43.47 63.04
CA GLY D 1119 -4.17 44.01 61.97
C GLY D 1119 -4.97 44.77 60.92
N SER D 1120 -6.13 44.23 60.54
CA SER D 1120 -6.95 44.87 59.51
C SER D 1120 -7.54 46.19 60.01
N ILE D 1121 -8.07 46.20 61.24
CA ILE D 1121 -8.66 47.43 61.78
C ILE D 1121 -7.59 48.49 61.99
N LEU D 1122 -6.36 48.09 62.34
CA LEU D 1122 -5.29 49.07 62.43
C LEU D 1122 -4.82 49.52 61.06
N ASN D 1123 -4.84 48.62 60.07
CA ASN D 1123 -4.34 48.93 58.73
C ASN D 1123 -5.26 49.90 58.01
N ARG D 1124 -6.57 49.83 58.26
CA ARG D 1124 -7.49 50.79 57.64
C ARG D 1124 -7.16 52.22 58.06
N PHE D 1125 -6.74 52.41 59.31
CA PHE D 1125 -6.32 53.73 59.77
C PHE D 1125 -4.86 54.03 59.44
N SER D 1126 -4.06 53.00 59.19
CA SER D 1126 -2.62 53.22 59.03
C SER D 1126 -2.25 53.57 57.60
N SER D 1127 -2.78 52.83 56.63
CA SER D 1127 -2.36 52.94 55.24
C SER D 1127 -3.41 53.55 54.33
N ASP D 1128 -4.68 53.18 54.49
CA ASP D 1128 -5.71 53.67 53.58
C ASP D 1128 -6.11 55.10 53.89
N CYS D 1129 -6.13 55.48 55.17
CA CYS D 1129 -6.38 56.88 55.50
C CYS D 1129 -5.22 57.76 55.02
N ASN D 1130 -3.99 57.25 55.12
CA ASN D 1130 -2.85 57.93 54.53
C ASN D 1130 -3.03 58.07 53.01
N THR D 1131 -3.55 57.03 52.37
CA THR D 1131 -3.82 57.11 50.93
C THR D 1131 -4.81 58.22 50.60
N ILE D 1132 -5.96 58.21 51.28
CA ILE D 1132 -6.97 59.25 51.03
C ILE D 1132 -6.42 60.64 51.35
N ASP D 1133 -5.50 60.73 52.32
CA ASP D 1133 -4.95 62.03 52.68
C ASP D 1133 -3.99 62.56 51.63
N GLN D 1134 -3.14 61.70 51.08
CA GLN D 1134 -2.02 62.15 50.25
C GLN D 1134 -2.23 61.90 48.76
N HIS D 1135 -2.61 60.68 48.36
CA HIS D 1135 -2.54 60.31 46.96
C HIS D 1135 -3.84 60.57 46.20
N ILE D 1136 -5.00 60.33 46.83
CA ILE D 1136 -6.27 60.49 46.11
C ILE D 1136 -6.48 61.91 45.59
N PRO D 1137 -6.15 62.98 46.33
CA PRO D 1137 -6.39 64.33 45.76
C PRO D 1137 -5.58 64.58 44.49
N SER D 1138 -4.27 64.39 44.54
CA SER D 1138 -3.43 64.65 43.38
C SER D 1138 -3.80 63.74 42.21
N THR D 1139 -4.04 62.47 42.48
CA THR D 1139 -4.35 61.53 41.41
C THR D 1139 -5.70 61.83 40.77
N LEU D 1140 -6.70 62.18 41.58
CA LEU D 1140 -7.99 62.54 41.01
C LEU D 1140 -7.89 63.82 40.19
N GLU D 1141 -7.13 64.81 40.68
CA GLU D 1141 -6.91 66.03 39.93
C GLU D 1141 -6.25 65.75 38.58
N CYS D 1142 -5.19 64.94 38.59
CA CYS D 1142 -4.47 64.64 37.35
C CYS D 1142 -5.32 63.82 36.39
N LEU D 1143 -6.13 62.89 36.91
CA LEU D 1143 -7.03 62.15 36.04
C LEU D 1143 -8.06 63.06 35.39
N SER D 1144 -8.62 63.98 36.17
CA SER D 1144 -9.55 64.96 35.60
C SER D 1144 -8.87 65.76 34.49
N ARG D 1145 -7.69 66.30 34.77
CA ARG D 1145 -6.99 67.12 33.79
C ARG D 1145 -6.66 66.32 32.54
N SER D 1146 -6.21 65.07 32.69
CA SER D 1146 -5.86 64.26 31.53
C SER D 1146 -7.09 63.95 30.67
N THR D 1147 -8.17 63.50 31.30
CA THR D 1147 -9.36 63.18 30.53
C THR D 1147 -9.90 64.41 29.81
N LEU D 1148 -9.93 65.56 30.51
CA LEU D 1148 -10.48 66.77 29.89
C LEU D 1148 -9.57 67.30 28.79
N LEU D 1149 -8.24 67.18 28.95
CA LEU D 1149 -7.33 67.62 27.91
C LEU D 1149 -7.46 66.74 26.67
N CYS D 1150 -7.60 65.42 26.86
CA CYS D 1150 -7.77 64.54 25.72
C CYS D 1150 -9.07 64.83 24.99
N VAL D 1151 -10.17 64.96 25.75
CA VAL D 1151 -11.45 65.30 25.13
C VAL D 1151 -11.37 66.63 24.42
N SER D 1152 -10.66 67.60 25.01
CA SER D 1152 -10.53 68.93 24.42
C SER D 1152 -9.74 68.87 23.11
N ALA D 1153 -8.64 68.10 23.09
CA ALA D 1153 -7.86 67.99 21.86
C ALA D 1153 -8.66 67.32 20.76
N LEU D 1154 -9.41 66.26 21.09
CA LEU D 1154 -10.23 65.61 20.08
C LEU D 1154 -11.32 66.55 19.57
N THR D 1155 -11.91 67.35 20.47
CA THR D 1155 -12.90 68.32 20.03
C THR D 1155 -12.29 69.38 19.12
N VAL D 1156 -11.08 69.85 19.45
CA VAL D 1156 -10.43 70.87 18.63
C VAL D 1156 -10.17 70.34 17.23
N ILE D 1157 -9.55 69.15 17.14
CA ILE D 1157 -9.22 68.63 15.82
C ILE D 1157 -10.41 68.03 15.09
N SER D 1158 -11.57 67.91 15.76
CA SER D 1158 -12.80 67.62 15.04
C SER D 1158 -13.49 68.89 14.54
N TYR D 1159 -13.39 69.98 15.30
CA TYR D 1159 -13.94 71.25 14.84
C TYR D 1159 -13.15 71.80 13.67
N VAL D 1160 -11.82 71.65 13.69
CA VAL D 1160 -11.01 72.07 12.56
C VAL D 1160 -11.27 71.17 11.36
N THR D 1161 -11.42 69.88 11.59
CA THR D 1161 -11.56 68.89 10.54
C THR D 1161 -12.80 68.04 10.78
N PRO D 1162 -13.92 68.33 10.13
CA PRO D 1162 -15.14 67.55 10.36
C PRO D 1162 -15.03 66.10 9.87
N VAL D 1163 -14.16 65.81 8.91
CA VAL D 1163 -14.09 64.45 8.38
C VAL D 1163 -13.30 63.53 9.32
N PHE D 1164 -12.39 64.10 10.12
CA PHE D 1164 -11.64 63.27 11.06
C PHE D 1164 -12.55 62.53 12.02
N LEU D 1165 -13.71 63.12 12.34
CA LEU D 1165 -14.64 62.48 13.27
C LEU D 1165 -15.07 61.10 12.78
N VAL D 1166 -15.13 60.90 11.46
CA VAL D 1166 -15.49 59.60 10.92
C VAL D 1166 -14.41 58.57 11.23
N ALA D 1167 -13.15 58.97 11.14
CA ALA D 1167 -12.04 58.08 11.45
C ALA D 1167 -11.77 57.97 12.94
N LEU D 1168 -12.36 58.84 13.76
CA LEU D 1168 -12.12 58.79 15.20
C LEU D 1168 -12.71 57.53 15.82
N LEU D 1169 -13.87 57.09 15.33
CA LEU D 1169 -14.55 55.96 15.96
C LEU D 1169 -13.78 54.65 15.84
N PRO D 1170 -13.21 54.27 14.70
CA PRO D 1170 -12.35 53.07 14.69
C PRO D 1170 -11.17 53.18 15.64
N LEU D 1171 -10.46 54.32 15.61
CA LEU D 1171 -9.35 54.52 16.53
C LEU D 1171 -9.81 54.56 17.97
N ALA D 1172 -11.00 55.11 18.24
CA ALA D 1172 -11.54 55.09 19.59
C ALA D 1172 -11.80 53.66 20.06
N VAL D 1173 -12.32 52.81 19.17
CA VAL D 1173 -12.58 51.41 19.53
C VAL D 1173 -11.28 50.70 19.83
N VAL D 1174 -10.28 50.87 18.96
CA VAL D 1174 -8.98 50.24 19.17
C VAL D 1174 -8.38 50.72 20.50
N CYS D 1175 -8.47 52.02 20.76
CA CYS D 1175 -7.96 52.59 22.00
C CYS D 1175 -8.65 51.97 23.21
N TYR D 1176 -9.98 51.81 23.15
CA TYR D 1176 -10.71 51.23 24.27
C TYR D 1176 -10.27 49.79 24.53
N PHE D 1177 -10.16 48.99 23.45
CA PHE D 1177 -9.74 47.60 23.62
C PHE D 1177 -8.35 47.51 24.25
N ILE D 1178 -7.40 48.27 23.70
CA ILE D 1178 -6.05 48.26 24.24
C ILE D 1178 -6.06 48.67 25.71
N GLN D 1179 -6.85 49.69 26.04
CA GLN D 1179 -6.89 50.17 27.42
C GLN D 1179 -7.44 49.11 28.36
N LYS D 1180 -8.48 48.40 27.93
CA LYS D 1180 -9.06 47.36 28.79
C LYS D 1180 -8.07 46.21 29.02
N TYR D 1181 -7.49 45.70 27.93
CA TYR D 1181 -6.56 44.58 28.06
C TYR D 1181 -5.35 44.95 28.90
N PHE D 1182 -4.78 46.13 28.64
CA PHE D 1182 -3.74 46.63 29.51
C PHE D 1182 -4.20 46.63 30.95
N ARG D 1183 -5.28 47.38 31.25
CA ARG D 1183 -5.73 47.51 32.63
C ARG D 1183 -5.78 46.18 33.37
N VAL D 1184 -6.37 45.14 32.75
CA VAL D 1184 -6.46 43.86 33.46
C VAL D 1184 -5.05 43.28 33.66
N ALA D 1185 -4.23 43.27 32.62
CA ALA D 1185 -2.89 42.68 32.74
C ALA D 1185 -2.05 43.44 33.77
N SER D 1186 -2.04 44.77 33.67
CA SER D 1186 -1.31 45.62 34.60
C SER D 1186 -1.79 45.43 36.03
N ARG D 1187 -3.10 45.28 36.24
CA ARG D 1187 -3.58 45.01 37.59
C ARG D 1187 -2.96 43.74 38.15
N ASP D 1188 -3.06 42.65 37.39
CA ASP D 1188 -2.51 41.38 37.86
C ASP D 1188 -1.01 41.50 38.13
N LEU D 1189 -0.27 42.09 37.19
CA LEU D 1189 1.18 42.20 37.33
C LEU D 1189 1.57 43.09 38.49
N GLN D 1190 0.79 44.13 38.76
CA GLN D 1190 1.09 45.01 39.88
C GLN D 1190 0.85 44.30 41.21
N GLN D 1191 -0.26 43.57 41.34
CA GLN D 1191 -0.48 42.79 42.54
C GLN D 1191 0.63 41.78 42.77
N LEU D 1192 1.06 41.10 41.70
CA LEU D 1192 2.13 40.11 41.83
C LEU D 1192 3.45 40.76 42.19
N ASP D 1193 3.76 41.91 41.57
CA ASP D 1193 5.01 42.60 41.86
C ASP D 1193 5.05 43.10 43.30
N ASP D 1194 3.88 43.50 43.84
CA ASP D 1194 3.84 43.87 45.25
C ASP D 1194 4.00 42.66 46.16
N THR D 1195 3.30 41.56 45.83
CA THR D 1195 3.28 40.42 46.72
C THR D 1195 4.62 39.67 46.74
N THR D 1196 5.43 39.78 45.69
CA THR D 1196 6.73 39.10 45.74
C THR D 1196 7.79 39.91 46.48
N GLN D 1197 7.53 41.16 46.83
CA GLN D 1197 8.54 41.96 47.51
C GLN D 1197 8.57 41.70 49.02
N LEU D 1198 7.44 41.31 49.60
CA LEU D 1198 7.42 41.00 51.03
C LEU D 1198 8.33 39.84 51.39
N PRO D 1199 8.33 38.71 50.66
CA PRO D 1199 9.29 37.64 50.99
C PRO D 1199 10.75 38.09 50.97
N LEU D 1200 11.12 39.02 50.10
CA LEU D 1200 12.51 39.44 50.00
C LEU D 1200 12.95 40.22 51.24
N LEU D 1201 12.19 41.25 51.62
CA LEU D 1201 12.51 42.00 52.82
C LEU D 1201 12.40 41.13 54.06
N SER D 1202 11.40 40.24 54.10
CA SER D 1202 11.26 39.31 55.22
C SER D 1202 12.49 38.42 55.35
N HIS D 1203 12.98 37.89 54.22
CA HIS D 1203 14.16 37.05 54.24
C HIS D 1203 15.39 37.82 54.71
N PHE D 1204 15.52 39.08 54.28
CA PHE D 1204 16.62 39.89 54.77
C PHE D 1204 16.54 40.07 56.28
N ALA D 1205 15.35 40.37 56.79
CA ALA D 1205 15.17 40.52 58.24
C ALA D 1205 15.57 39.24 58.96
N GLU D 1206 15.07 38.09 58.48
CA GLU D 1206 15.39 36.82 59.12
C GLU D 1206 16.90 36.57 59.13
N THR D 1207 17.55 36.75 57.98
CA THR D 1207 18.98 36.50 57.90
C THR D 1207 19.76 37.40 58.84
N VAL D 1208 19.30 38.64 59.04
CA VAL D 1208 20.01 39.50 59.99
C VAL D 1208 19.75 39.05 61.42
N GLU D 1209 18.53 38.56 61.70
CA GLU D 1209 18.22 38.14 63.06
C GLU D 1209 18.98 36.88 63.45
N GLY D 1210 18.89 35.83 62.64
CA GLY D 1210 19.56 34.59 62.94
C GLY D 1210 20.85 34.37 62.18
N LEU D 1211 21.66 35.43 62.04
CA LEU D 1211 22.89 35.34 61.26
C LEU D 1211 23.88 34.36 61.90
N THR D 1212 24.11 34.49 63.21
CA THR D 1212 25.06 33.62 63.88
C THR D 1212 24.65 32.16 63.77
N THR D 1213 23.35 31.89 63.82
CA THR D 1213 22.88 30.52 63.67
C THR D 1213 23.16 29.97 62.29
N ILE D 1214 22.89 30.77 61.25
CA ILE D 1214 23.11 30.30 59.88
C ILE D 1214 24.58 30.08 59.61
N ARG D 1215 25.44 30.97 60.11
CA ARG D 1215 26.87 30.75 59.95
C ARG D 1215 27.36 29.57 60.79
N ALA D 1216 26.67 29.27 61.89
CA ALA D 1216 27.01 28.10 62.68
C ALA D 1216 26.75 26.81 61.90
N PHE D 1217 25.57 26.71 61.29
CA PHE D 1217 25.20 25.53 60.51
C PHE D 1217 26.02 25.38 59.24
N ARG D 1218 26.84 26.37 58.87
CA ARG D 1218 27.45 26.45 57.56
C ARG D 1218 26.39 26.34 56.46
N TYR D 1219 25.20 26.87 56.74
CA TYR D 1219 24.07 26.89 55.81
C TYR D 1219 24.05 28.15 54.95
N GLU D 1220 25.20 28.77 54.73
CA GLU D 1220 25.23 30.06 54.03
C GLU D 1220 24.88 29.89 52.56
N ALA D 1221 25.34 28.80 51.93
CA ALA D 1221 25.06 28.60 50.51
C ALA D 1221 23.57 28.40 50.25
N ARG D 1222 22.91 27.61 51.08
CA ARG D 1222 21.46 27.40 50.91
C ARG D 1222 20.70 28.71 51.02
N PHE D 1223 21.07 29.54 51.99
CA PHE D 1223 20.35 30.80 52.17
C PHE D 1223 20.65 31.79 51.05
N GLN D 1224 21.88 31.78 50.53
CA GLN D 1224 22.17 32.63 49.37
C GLN D 1224 21.38 32.16 48.15
N GLN D 1225 21.20 30.85 48.01
CA GLN D 1225 20.35 30.32 46.94
C GLN D 1225 18.91 30.78 47.10
N LYS D 1226 18.39 30.74 48.34
CA LYS D 1226 17.02 31.19 48.58
C LYS D 1226 16.88 32.68 48.26
N LEU D 1227 17.91 33.47 48.59
CA LEU D 1227 17.86 34.90 48.29
C LEU D 1227 17.87 35.14 46.78
N LEU D 1228 18.74 34.43 46.05
CA LEU D 1228 18.74 34.57 44.60
C LEU D 1228 17.38 34.22 44.02
N GLU D 1229 16.73 33.19 44.56
CA GLU D 1229 15.39 32.83 44.06
C GLU D 1229 14.39 33.93 44.34
N TYR D 1230 14.38 34.46 45.57
CA TYR D 1230 13.44 35.52 45.93
C TYR D 1230 13.64 36.76 45.06
N THR D 1231 14.90 37.18 44.90
CA THR D 1231 15.17 38.38 44.12
C THR D 1231 14.90 38.16 42.64
N ASP D 1232 15.04 36.92 42.15
CA ASP D 1232 14.68 36.65 40.77
C ASP D 1232 13.18 36.71 40.57
N SER D 1233 12.41 36.23 41.54
CA SER D 1233 10.96 36.37 41.46
C SER D 1233 10.56 37.85 41.43
N ASN D 1234 11.15 38.63 42.33
CA ASN D 1234 10.86 40.07 42.35
C ASN D 1234 11.22 40.73 41.02
N ASN D 1235 12.39 40.41 40.49
CA ASN D 1235 12.85 41.03 39.25
C ASN D 1235 11.94 40.65 38.08
N ILE D 1236 11.60 39.37 37.94
CA ILE D 1236 10.78 38.98 36.80
C ILE D 1236 9.40 39.66 36.90
N ALA D 1237 8.88 39.80 38.11
CA ALA D 1237 7.62 40.51 38.27
C ALA D 1237 7.74 41.95 37.80
N SER D 1238 8.75 42.68 38.31
CA SER D 1238 8.90 44.09 37.96
C SER D 1238 9.18 44.26 36.47
N LEU D 1239 9.93 43.34 35.87
CA LEU D 1239 10.28 43.44 34.47
C LEU D 1239 9.06 43.24 33.59
N PHE D 1240 8.25 42.22 33.88
CA PHE D 1240 7.02 42.04 33.10
C PHE D 1240 6.08 43.22 33.28
N LEU D 1241 6.03 43.80 34.48
CA LEU D 1241 5.21 44.99 34.69
C LEU D 1241 5.66 46.12 33.78
N THR D 1242 6.97 46.39 33.75
CA THR D 1242 7.45 47.48 32.92
C THR D 1242 7.26 47.18 31.43
N ALA D 1243 7.32 45.91 31.04
CA ALA D 1243 7.12 45.59 29.63
C ALA D 1243 5.67 45.81 29.23
N ALA D 1244 4.71 45.46 30.08
CA ALA D 1244 3.33 45.80 29.78
C ALA D 1244 3.13 47.31 29.71
N ASN D 1245 3.78 48.05 30.59
CA ASN D 1245 3.69 49.51 30.53
C ASN D 1245 4.19 50.03 29.19
N ARG D 1246 5.35 49.53 28.74
CA ARG D 1246 5.90 49.95 27.46
C ARG D 1246 5.01 49.57 26.31
N TRP D 1247 4.43 48.37 26.36
CA TRP D 1247 3.50 47.93 25.32
C TRP D 1247 2.34 48.90 25.19
N LEU D 1248 1.69 49.21 26.31
CA LEU D 1248 0.58 50.15 26.28
C LEU D 1248 1.01 51.50 25.72
N GLU D 1249 2.16 52.01 26.17
CA GLU D 1249 2.53 53.36 25.77
C GLU D 1249 2.91 53.43 24.29
N VAL D 1250 3.57 52.40 23.77
CA VAL D 1250 3.84 52.37 22.32
C VAL D 1250 2.53 52.32 21.55
N ARG D 1251 1.58 51.49 21.98
CA ARG D 1251 0.33 51.40 21.24
C ARG D 1251 -0.41 52.74 21.23
N MET D 1252 -0.43 53.42 22.38
CA MET D 1252 -1.10 54.70 22.44
C MET D 1252 -0.38 55.75 21.61
N GLU D 1253 0.95 55.69 21.56
CA GLU D 1253 1.69 56.66 20.76
C GLU D 1253 1.49 56.40 19.26
N TYR D 1254 1.32 55.15 18.85
CA TYR D 1254 1.01 54.88 17.46
C TYR D 1254 -0.40 55.33 17.10
N ILE D 1255 -1.35 55.17 18.02
CA ILE D 1255 -2.68 55.72 17.77
C ILE D 1255 -2.60 57.23 17.64
N GLY D 1256 -1.79 57.87 18.48
CA GLY D 1256 -1.62 59.32 18.36
C GLY D 1256 -0.96 59.73 17.05
N ALA D 1257 -0.03 58.90 16.57
CA ALA D 1257 0.60 59.19 15.27
C ALA D 1257 -0.39 59.04 14.12
N CYS D 1258 -1.25 58.02 14.17
CA CYS D 1258 -2.29 57.91 13.15
C CYS D 1258 -3.24 59.09 13.20
N VAL D 1259 -3.60 59.52 14.41
CA VAL D 1259 -4.47 60.69 14.56
C VAL D 1259 -3.81 61.92 13.96
N VAL D 1260 -2.52 62.13 14.23
CA VAL D 1260 -1.87 63.32 13.70
C VAL D 1260 -1.73 63.24 12.18
N LEU D 1261 -1.53 62.04 11.62
CA LEU D 1261 -1.45 61.93 10.18
C LEU D 1261 -2.80 62.24 9.53
N ILE D 1262 -3.87 61.65 10.06
CA ILE D 1262 -5.20 61.91 9.52
C ILE D 1262 -5.52 63.40 9.60
N ALA D 1263 -5.30 63.99 10.77
CA ALA D 1263 -5.60 65.41 10.96
C ALA D 1263 -4.79 66.27 10.00
N ALA D 1264 -3.47 66.04 9.94
CA ALA D 1264 -2.62 66.81 9.04
C ALA D 1264 -3.11 66.71 7.60
N ALA D 1265 -3.28 65.49 7.10
CA ALA D 1265 -3.64 65.31 5.70
C ALA D 1265 -4.98 65.96 5.38
N THR D 1266 -5.99 65.71 6.21
CA THR D 1266 -7.33 66.23 5.91
C THR D 1266 -7.39 67.75 6.04
N SER D 1267 -6.74 68.31 7.05
CA SER D 1267 -6.78 69.77 7.21
C SER D 1267 -6.01 70.46 6.10
N ILE D 1268 -4.88 69.89 5.66
CA ILE D 1268 -4.15 70.48 4.55
C ILE D 1268 -4.97 70.40 3.26
N SER D 1269 -5.63 69.27 3.05
CA SER D 1269 -6.48 69.12 1.86
C SER D 1269 -7.61 70.14 1.87
N ASN D 1270 -8.23 70.36 3.03
CA ASN D 1270 -9.32 71.33 3.09
C ASN D 1270 -8.81 72.77 2.98
N SER D 1271 -7.63 73.06 3.51
CA SER D 1271 -7.05 74.39 3.37
C SER D 1271 -6.54 74.65 1.96
N LEU D 1272 -6.42 73.60 1.14
CA LEU D 1272 -6.08 73.80 -0.27
C LEU D 1272 -7.33 73.88 -1.15
N HIS D 1273 -8.18 72.85 -1.12
CA HIS D 1273 -9.31 72.80 -2.03
C HIS D 1273 -10.48 73.67 -1.54
N ARG D 1274 -10.76 73.65 -0.25
CA ARG D 1274 -11.88 74.39 0.32
C ARG D 1274 -11.43 75.76 0.81
N GLU D 1275 -12.26 76.39 1.62
CA GLU D 1275 -11.98 77.71 2.19
C GLU D 1275 -11.31 77.62 3.56
N LEU D 1276 -11.12 76.42 4.10
CA LEU D 1276 -10.64 76.25 5.47
C LEU D 1276 -9.40 77.10 5.73
N SER D 1277 -9.43 77.85 6.83
CA SER D 1277 -8.45 78.88 7.09
C SER D 1277 -7.05 78.28 7.27
N ALA D 1278 -6.06 79.18 7.35
CA ALA D 1278 -4.67 78.76 7.51
C ALA D 1278 -4.33 78.46 8.96
N GLY D 1279 -4.81 79.27 9.89
CA GLY D 1279 -4.47 79.09 11.29
C GLY D 1279 -5.18 77.95 11.97
N LEU D 1280 -6.42 77.66 11.55
CA LEU D 1280 -7.12 76.51 12.11
C LEU D 1280 -6.39 75.22 11.80
N VAL D 1281 -5.73 75.15 10.64
CA VAL D 1281 -4.92 73.99 10.30
C VAL D 1281 -3.81 73.81 11.33
N GLY D 1282 -3.13 74.90 11.70
CA GLY D 1282 -2.07 74.81 12.69
C GLY D 1282 -2.61 74.43 14.07
N LEU D 1283 -3.79 74.95 14.43
CA LEU D 1283 -4.41 74.58 15.69
C LEU D 1283 -4.67 73.09 15.76
N GLY D 1284 -5.39 72.56 14.77
CA GLY D 1284 -5.63 71.12 14.70
C GLY D 1284 -4.34 70.32 14.66
N LEU D 1285 -3.31 70.86 14.00
CA LEU D 1285 -2.04 70.18 13.91
C LEU D 1285 -1.40 70.02 15.28
N THR D 1286 -1.27 71.11 16.04
CA THR D 1286 -0.67 71.01 17.37
C THR D 1286 -1.46 70.05 18.25
N TYR D 1287 -2.79 70.17 18.23
CA TYR D 1287 -3.58 69.36 19.15
C TYR D 1287 -3.51 67.88 18.81
N ALA D 1288 -3.64 67.53 17.53
CA ALA D 1288 -3.48 66.13 17.14
C ALA D 1288 -2.04 65.67 17.34
N LEU D 1289 -1.08 66.59 17.30
CA LEU D 1289 0.31 66.23 17.53
C LEU D 1289 0.49 65.71 18.95
N MET D 1290 -0.08 66.41 19.93
CA MET D 1290 0.15 66.03 21.31
C MET D 1290 -1.02 65.27 21.95
N VAL D 1291 -1.98 64.80 21.15
CA VAL D 1291 -3.04 63.94 21.70
C VAL D 1291 -2.47 62.69 22.35
N SER D 1292 -1.31 62.21 21.91
CA SER D 1292 -0.80 60.93 22.40
C SER D 1292 -0.36 61.01 23.85
N ASN D 1293 0.32 62.10 24.23
CA ASN D 1293 0.71 62.29 25.62
C ASN D 1293 -0.52 62.26 26.51
N TYR D 1294 -1.56 62.99 26.11
CA TYR D 1294 -2.81 62.97 26.87
C TYR D 1294 -3.35 61.56 27.00
N LEU D 1295 -3.35 60.80 25.89
CA LEU D 1295 -3.94 59.46 25.93
C LEU D 1295 -3.21 58.56 26.92
N ASN D 1296 -1.88 58.48 26.80
CA ASN D 1296 -1.17 57.51 27.64
C ASN D 1296 -1.09 58.00 29.08
N TRP D 1297 -0.96 59.31 29.30
CA TRP D 1297 -1.02 59.86 30.64
C TRP D 1297 -2.38 59.58 31.28
N MET D 1298 -3.45 59.63 30.50
CA MET D 1298 -4.79 59.39 31.02
C MET D 1298 -4.98 57.92 31.38
N VAL D 1299 -4.51 56.99 30.55
CA VAL D 1299 -4.69 55.59 30.89
C VAL D 1299 -3.81 55.20 32.07
N ARG D 1300 -2.60 55.77 32.15
CA ARG D 1300 -1.77 55.56 33.33
C ARG D 1300 -2.47 56.09 34.59
N ASN D 1301 -3.08 57.27 34.50
CA ASN D 1301 -3.76 57.81 35.66
C ASN D 1301 -5.01 57.02 36.02
N LEU D 1302 -5.67 56.40 35.03
CA LEU D 1302 -6.83 55.57 35.36
C LEU D 1302 -6.42 54.30 36.09
N ALA D 1303 -5.34 53.67 35.63
CA ALA D 1303 -4.81 52.51 36.35
C ALA D 1303 -4.35 52.91 37.74
N ASP D 1304 -3.73 54.08 37.88
CA ASP D 1304 -3.29 54.57 39.19
C ASP D 1304 -4.47 55.00 40.05
N MET D 1305 -5.62 55.28 39.44
CA MET D 1305 -6.77 55.76 40.18
C MET D 1305 -7.57 54.60 40.75
N GLU D 1306 -7.78 53.53 39.98
CA GLU D 1306 -8.60 52.43 40.49
C GLU D 1306 -7.96 51.76 41.70
N ILE D 1307 -6.63 51.59 41.68
CA ILE D 1307 -5.94 50.96 42.81
C ILE D 1307 -6.05 51.82 44.06
N GLN D 1308 -5.88 53.13 43.92
CA GLN D 1308 -5.97 54.01 45.09
C GLN D 1308 -7.41 54.15 45.58
N LEU D 1309 -8.38 54.06 44.66
CA LEU D 1309 -9.79 54.15 45.04
C LEU D 1309 -10.27 52.88 45.74
N GLY D 1310 -9.61 51.74 45.48
CA GLY D 1310 -9.89 50.55 46.28
C GLY D 1310 -9.74 50.79 47.78
N ALA D 1311 -8.82 51.69 48.16
CA ALA D 1311 -8.65 52.01 49.57
C ALA D 1311 -9.90 52.67 50.15
N VAL D 1312 -10.44 53.66 49.44
CA VAL D 1312 -11.70 54.27 49.87
C VAL D 1312 -12.82 53.25 49.87
N LYS D 1313 -12.80 52.32 48.90
CA LYS D 1313 -13.84 51.29 48.83
C LYS D 1313 -13.83 50.42 50.08
N ARG D 1314 -12.66 49.95 50.49
CA ARG D 1314 -12.61 49.10 51.67
C ARG D 1314 -12.79 49.89 52.97
N ILE D 1315 -12.42 51.17 52.99
CA ILE D 1315 -12.75 52.01 54.12
C ILE D 1315 -14.26 52.11 54.29
N HIS D 1316 -14.99 52.33 53.19
CA HIS D 1316 -16.45 52.38 53.25
C HIS D 1316 -17.05 51.02 53.54
N ALA D 1317 -16.37 49.94 53.14
CA ALA D 1317 -16.84 48.60 53.49
C ALA D 1317 -16.75 48.34 54.99
N LEU D 1318 -15.64 48.75 55.61
CA LEU D 1318 -15.52 48.63 57.06
C LEU D 1318 -16.40 49.64 57.79
N LEU D 1319 -16.76 50.74 57.14
CA LEU D 1319 -17.64 51.73 57.76
C LEU D 1319 -19.04 51.21 58.06
N LYS D 1320 -19.45 50.10 57.43
CA LYS D 1320 -20.81 49.58 57.55
C LYS D 1320 -20.92 48.44 58.56
N THR D 1321 -20.02 48.38 59.54
CA THR D 1321 -20.13 47.34 60.55
C THR D 1321 -21.27 47.64 61.52
N GLU D 1322 -21.80 46.58 62.13
CA GLU D 1322 -22.92 46.73 63.04
C GLU D 1322 -22.54 47.57 64.26
N ALA D 1323 -23.53 48.22 64.85
CA ALA D 1323 -23.33 49.08 66.01
C ALA D 1323 -24.29 48.67 67.12
N GLU D 1324 -23.80 48.74 68.36
CA GLU D 1324 -24.63 48.42 69.51
C GLU D 1324 -25.57 49.58 69.82
N SER D 1325 -26.83 49.25 70.12
CA SER D 1325 -27.86 50.26 70.38
C SER D 1325 -27.65 50.86 71.76
N TYR D 1326 -26.59 51.68 71.85
CA TYR D 1326 -26.25 52.35 73.10
C TYR D 1326 -27.11 53.59 73.30
N PRO D 1332 -35.45 57.14 81.00
CA PRO D 1332 -34.52 57.25 82.14
C PRO D 1332 -35.25 57.35 83.48
N SER D 1333 -35.74 56.21 83.98
CA SER D 1333 -36.44 56.15 85.26
C SER D 1333 -35.56 55.68 86.40
N LEU D 1334 -34.64 54.74 86.14
CA LEU D 1334 -33.69 54.28 87.14
C LEU D 1334 -32.36 55.02 87.08
N ILE D 1335 -32.22 55.96 86.15
CA ILE D 1335 -30.99 56.73 85.99
C ILE D 1335 -30.89 57.86 87.01
N PRO D 1336 -31.92 58.69 87.23
CA PRO D 1336 -31.79 59.75 88.24
C PRO D 1336 -31.58 59.22 89.65
N LYS D 1337 -32.04 58.00 89.94
CA LYS D 1337 -31.74 57.36 91.22
C LYS D 1337 -30.32 56.83 91.20
N ASN D 1338 -29.49 57.34 92.12
CA ASN D 1338 -28.11 56.89 92.19
C ASN D 1338 -28.04 55.38 92.38
N TRP D 1339 -27.01 54.77 91.82
CA TRP D 1339 -26.90 53.32 91.86
C TRP D 1339 -26.72 52.84 93.29
N PRO D 1340 -27.51 51.88 93.75
CA PRO D 1340 -27.45 51.46 95.15
C PRO D 1340 -26.19 50.64 95.45
N ASP D 1341 -25.67 50.82 96.66
CA ASP D 1341 -24.54 50.02 97.11
C ASP D 1341 -24.94 48.60 97.48
N GLN D 1342 -26.24 48.30 97.55
CA GLN D 1342 -26.72 46.96 97.85
C GLN D 1342 -26.40 46.04 96.68
N GLY D 1343 -25.45 45.13 96.88
CA GLY D 1343 -25.03 44.19 95.86
C GLY D 1343 -25.96 43.03 95.62
N LYS D 1344 -27.18 43.08 96.13
CA LYS D 1344 -28.14 41.99 95.92
C LYS D 1344 -28.55 41.95 94.46
N ILE D 1345 -28.22 40.86 93.78
CA ILE D 1345 -28.53 40.69 92.36
C ILE D 1345 -29.18 39.32 92.16
N GLN D 1346 -29.83 39.16 91.01
CA GLN D 1346 -30.54 37.92 90.71
C GLN D 1346 -30.54 37.67 89.20
N ILE D 1347 -30.14 36.47 88.81
CA ILE D 1347 -30.13 36.06 87.41
C ILE D 1347 -31.08 34.88 87.28
N GLN D 1348 -32.19 35.08 86.57
CA GLN D 1348 -33.24 34.08 86.42
C GLN D 1348 -33.21 33.53 85.00
N ASN D 1349 -33.02 32.21 84.88
CA ASN D 1349 -33.12 31.48 83.63
C ASN D 1349 -32.21 32.07 82.55
N LEU D 1350 -30.92 32.19 82.88
CA LEU D 1350 -29.95 32.84 82.02
C LEU D 1350 -29.34 31.86 81.04
N SER D 1351 -29.28 32.24 79.76
CA SER D 1351 -28.57 31.49 78.75
C SER D 1351 -27.85 32.48 77.84
N VAL D 1352 -26.77 32.03 77.22
CA VAL D 1352 -25.94 32.91 76.40
C VAL D 1352 -25.37 32.12 75.24
N ARG D 1353 -25.28 32.78 74.09
CA ARG D 1353 -24.66 32.23 72.89
C ARG D 1353 -23.78 33.31 72.26
N TYR D 1354 -22.60 32.91 71.78
CA TYR D 1354 -21.67 33.88 71.22
C TYR D 1354 -22.22 34.46 69.92
N ASP D 1355 -22.43 33.61 68.92
CA ASP D 1355 -22.93 34.03 67.62
C ASP D 1355 -24.43 33.80 67.52
N SER D 1356 -25.05 34.49 66.56
CA SER D 1356 -26.48 34.36 66.34
C SER D 1356 -26.81 32.96 65.84
N SER D 1357 -27.70 32.27 66.56
CA SER D 1357 -28.13 30.92 66.21
C SER D 1357 -26.94 29.95 66.17
N LEU D 1358 -26.25 29.85 67.30
CA LEU D 1358 -25.14 28.91 67.45
C LEU D 1358 -25.33 28.06 68.70
N LYS D 1359 -24.33 27.27 69.06
CA LYS D 1359 -24.42 26.45 70.26
C LYS D 1359 -24.43 27.35 71.49
N PRO D 1360 -25.31 27.10 72.45
CA PRO D 1360 -25.37 27.97 73.63
C PRO D 1360 -24.19 27.74 74.55
N VAL D 1361 -23.84 28.79 75.30
CA VAL D 1361 -22.75 28.71 76.26
C VAL D 1361 -23.25 28.32 77.65
N LEU D 1362 -24.37 28.90 78.08
CA LEU D 1362 -25.00 28.58 79.35
C LEU D 1362 -26.37 27.96 79.11
N LYS D 1363 -26.88 27.27 80.12
CA LYS D 1363 -28.18 26.60 80.01
C LYS D 1363 -28.85 26.61 81.37
N HIS D 1364 -29.93 27.39 81.48
CA HIS D 1364 -30.75 27.46 82.69
C HIS D 1364 -29.92 27.86 83.90
N VAL D 1365 -29.38 29.08 83.84
CA VAL D 1365 -28.56 29.64 84.90
C VAL D 1365 -29.43 30.52 85.79
N ASN D 1366 -29.55 30.15 87.06
CA ASN D 1366 -30.32 30.90 88.04
C ASN D 1366 -29.49 31.04 89.30
N ALA D 1367 -29.33 32.27 89.79
CA ALA D 1367 -28.53 32.52 90.98
C ALA D 1367 -28.99 33.81 91.63
N LEU D 1368 -28.63 33.97 92.90
CA LEU D 1368 -28.92 35.17 93.67
C LEU D 1368 -27.72 35.48 94.56
N ILE D 1369 -27.44 36.78 94.71
CA ILE D 1369 -26.30 37.24 95.49
C ILE D 1369 -26.78 38.27 96.50
N SER D 1370 -26.48 38.03 97.77
CA SER D 1370 -26.90 38.89 98.87
C SER D 1370 -26.05 40.15 98.91
N PRO D 1371 -26.54 41.21 99.58
CA PRO D 1371 -25.76 42.45 99.64
C PRO D 1371 -24.50 42.29 100.50
N GLY D 1372 -23.42 42.88 100.01
CA GLY D 1372 -22.17 42.91 100.78
C GLY D 1372 -21.59 41.55 101.10
N GLN D 1373 -21.83 40.55 100.24
CA GLN D 1373 -21.31 39.21 100.44
C GLN D 1373 -20.35 38.87 99.32
N LYS D 1374 -19.14 38.43 99.69
CA LYS D 1374 -18.15 38.04 98.70
C LYS D 1374 -18.57 36.75 98.01
N ILE D 1375 -18.53 36.75 96.68
CA ILE D 1375 -18.96 35.62 95.88
C ILE D 1375 -17.83 35.18 94.95
N GLY D 1376 -17.72 33.86 94.73
CA GLY D 1376 -16.76 33.34 93.80
C GLY D 1376 -17.41 32.38 92.82
N ILE D 1377 -16.71 32.13 91.73
CA ILE D 1377 -17.19 31.22 90.69
C ILE D 1377 -16.01 30.39 90.21
N CYS D 1378 -16.13 29.07 90.32
CA CYS D 1378 -15.08 28.15 89.90
C CYS D 1378 -15.48 27.49 88.59
N GLY D 1379 -14.65 26.56 88.14
CA GLY D 1379 -14.87 25.85 86.90
C GLY D 1379 -13.59 25.71 86.11
N ARG D 1380 -13.56 24.73 85.21
CA ARG D 1380 -12.39 24.47 84.39
C ARG D 1380 -12.36 25.45 83.22
N THR D 1381 -11.46 25.21 82.27
CA THR D 1381 -11.36 26.07 81.10
C THR D 1381 -12.57 25.89 80.19
N GLY D 1382 -13.05 27.00 79.62
CA GLY D 1382 -14.21 26.95 78.76
C GLY D 1382 -15.50 26.56 79.46
N SER D 1383 -15.57 26.71 80.77
CA SER D 1383 -16.77 26.32 81.51
C SER D 1383 -17.88 27.36 81.39
N GLY D 1384 -17.53 28.64 81.30
CA GLY D 1384 -18.54 29.67 81.16
C GLY D 1384 -18.48 30.77 82.20
N LYS D 1385 -17.32 30.93 82.85
CA LYS D 1385 -17.17 32.02 83.82
C LYS D 1385 -16.86 33.34 83.13
N SER D 1386 -15.97 33.33 82.14
CA SER D 1386 -15.70 34.54 81.37
C SER D 1386 -16.94 34.97 80.59
N SER D 1387 -17.66 34.02 80.00
CA SER D 1387 -18.92 34.35 79.35
C SER D 1387 -19.94 34.87 80.36
N PHE D 1388 -19.89 34.38 81.60
CA PHE D 1388 -20.77 34.90 82.64
C PHE D 1388 -20.47 36.36 82.94
N SER D 1389 -19.18 36.69 83.08
CA SER D 1389 -18.80 38.09 83.32
C SER D 1389 -19.17 38.96 82.13
N LEU D 1390 -19.00 38.45 80.92
CA LEU D 1390 -19.34 39.23 79.72
C LEU D 1390 -20.84 39.48 79.63
N ALA D 1391 -21.66 38.48 79.94
CA ALA D 1391 -23.10 38.66 80.01
C ALA D 1391 -23.52 39.57 81.16
N PHE D 1392 -22.70 39.64 82.21
CA PHE D 1392 -22.96 40.59 83.30
C PHE D 1392 -22.72 42.03 82.86
N PHE D 1393 -21.88 42.25 81.85
CA PHE D 1393 -21.61 43.59 81.33
C PHE D 1393 -22.23 43.82 79.95
N ARG D 1394 -23.25 43.03 79.59
CA ARG D 1394 -23.97 43.18 78.32
C ARG D 1394 -23.03 43.11 77.11
N MET D 1395 -21.99 42.28 77.21
CA MET D 1395 -21.03 42.17 76.11
C MET D 1395 -21.53 41.20 75.03
N VAL D 1396 -22.02 40.04 75.45
CA VAL D 1396 -22.55 39.04 74.51
C VAL D 1396 -23.93 39.47 74.06
N ASP D 1397 -24.17 39.46 72.75
CA ASP D 1397 -25.37 40.02 72.16
C ASP D 1397 -26.43 38.97 71.82
N MET D 1398 -26.30 37.77 72.37
CA MET D 1398 -27.27 36.70 72.15
C MET D 1398 -27.62 36.02 73.48
N PHE D 1399 -27.91 36.82 74.48
CA PHE D 1399 -28.25 36.32 75.81
C PHE D 1399 -29.76 36.31 76.01
N GLU D 1400 -30.26 35.22 76.56
CA GLU D 1400 -31.66 35.08 76.93
C GLU D 1400 -31.78 34.94 78.45
N GLY D 1401 -32.95 35.25 78.96
CA GLY D 1401 -33.18 35.24 80.40
C GLY D 1401 -33.23 36.65 80.97
N ARG D 1402 -33.29 36.70 82.30
CA ARG D 1402 -33.46 37.98 83.01
C ARG D 1402 -32.35 38.16 84.04
N ILE D 1403 -31.38 39.01 83.72
CA ILE D 1403 -30.38 39.44 84.69
C ILE D 1403 -30.88 40.72 85.34
N ILE D 1404 -30.69 40.84 86.66
CA ILE D 1404 -31.23 41.97 87.42
C ILE D 1404 -30.22 42.36 88.49
N ILE D 1405 -29.83 43.64 88.50
CA ILE D 1405 -28.97 44.20 89.52
C ILE D 1405 -29.76 45.23 90.32
N ASP D 1406 -30.35 44.80 91.43
CA ASP D 1406 -31.19 45.65 92.29
C ASP D 1406 -32.37 46.21 91.49
N GLY D 1407 -33.16 45.30 90.93
CA GLY D 1407 -34.36 45.67 90.21
C GLY D 1407 -34.14 46.39 88.89
N ILE D 1408 -32.91 46.41 88.36
CA ILE D 1408 -32.60 47.09 87.12
C ILE D 1408 -32.01 46.10 86.13
N ASP D 1409 -32.32 46.30 84.84
CA ASP D 1409 -31.81 45.45 83.78
C ASP D 1409 -31.29 46.30 82.62
N ILE D 1410 -30.98 45.66 81.50
CA ILE D 1410 -30.39 46.34 80.35
C ILE D 1410 -31.44 46.65 79.28
N ALA D 1411 -32.71 46.74 79.66
CA ALA D 1411 -33.77 46.97 78.70
C ALA D 1411 -34.02 48.45 78.39
N LYS D 1412 -33.60 49.35 79.29
CA LYS D 1412 -33.86 50.78 79.07
C LYS D 1412 -32.69 51.67 79.46
N LEU D 1413 -31.48 51.12 79.54
CA LEU D 1413 -30.30 51.89 79.92
C LEU D 1413 -29.27 51.86 78.81
N PRO D 1414 -28.73 53.02 78.41
CA PRO D 1414 -27.66 53.02 77.40
C PRO D 1414 -26.36 52.49 77.99
N LEU D 1415 -25.38 52.33 77.11
CA LEU D 1415 -24.10 51.77 77.52
C LEU D 1415 -23.37 52.71 78.49
N HIS D 1416 -23.41 54.02 78.23
CA HIS D 1416 -22.72 54.97 79.10
C HIS D 1416 -23.22 54.89 80.53
N THR D 1417 -24.49 54.55 80.72
CA THR D 1417 -25.03 54.34 82.06
C THR D 1417 -24.85 52.91 82.55
N LEU D 1418 -24.81 51.94 81.64
CA LEU D 1418 -24.64 50.54 82.02
C LEU D 1418 -23.20 50.20 82.40
N ARG D 1419 -22.23 51.06 82.08
CA ARG D 1419 -20.84 50.80 82.43
C ARG D 1419 -20.31 51.68 83.56
N SER D 1420 -20.95 52.81 83.84
CA SER D 1420 -20.56 53.65 84.97
C SER D 1420 -21.11 53.14 86.29
N ARG D 1421 -21.60 51.91 86.34
CA ARG D 1421 -22.21 51.34 87.53
C ARG D 1421 -21.43 50.17 88.12
N LEU D 1422 -20.59 49.50 87.34
CA LEU D 1422 -19.83 48.35 87.82
C LEU D 1422 -18.39 48.46 87.33
N SER D 1423 -17.48 47.94 88.14
CA SER D 1423 -16.06 47.91 87.81
C SER D 1423 -15.65 46.51 87.36
N ILE D 1424 -14.43 46.41 86.86
CA ILE D 1424 -13.90 45.15 86.34
C ILE D 1424 -12.39 45.26 86.27
N ILE D 1425 -11.70 44.18 86.62
CA ILE D 1425 -10.26 44.07 86.51
C ILE D 1425 -9.97 42.80 85.71
N LEU D 1426 -9.68 42.96 84.42
CA LEU D 1426 -9.51 41.81 83.54
C LEU D 1426 -8.19 41.09 83.85
N GLN D 1427 -8.05 39.90 83.27
CA GLN D 1427 -6.85 39.10 83.47
C GLN D 1427 -5.63 39.67 82.76
N ASP D 1428 -5.84 40.52 81.76
CA ASP D 1428 -4.74 41.14 81.01
C ASP D 1428 -4.60 42.60 81.40
N PRO D 1429 -3.67 42.95 82.28
CA PRO D 1429 -3.49 44.36 82.64
C PRO D 1429 -2.71 45.11 81.57
N VAL D 1430 -3.08 46.38 81.39
CA VAL D 1430 -2.46 47.24 80.40
C VAL D 1430 -2.33 48.64 80.98
N LEU D 1431 -1.23 49.31 80.65
CA LEU D 1431 -0.96 50.68 81.07
C LEU D 1431 -0.67 51.50 79.82
N PHE D 1432 -1.70 52.13 79.27
CA PHE D 1432 -1.52 52.96 78.08
C PHE D 1432 -0.62 54.15 78.39
N SER D 1433 -0.06 54.74 77.33
CA SER D 1433 0.90 55.82 77.49
C SER D 1433 0.23 57.05 78.08
N GLY D 1434 1.07 57.92 78.66
CA GLY D 1434 0.60 59.12 79.30
C GLY D 1434 1.22 59.32 80.66
N THR D 1435 0.52 60.01 81.55
CA THR D 1435 0.97 60.23 82.92
C THR D 1435 0.22 59.31 83.87
N ILE D 1436 0.64 59.34 85.14
CA ILE D 1436 -0.06 58.56 86.16
C ILE D 1436 -1.47 59.09 86.37
N ARG D 1437 -1.66 60.41 86.26
CA ARG D 1437 -3.01 60.98 86.31
C ARG D 1437 -3.85 60.53 85.13
N PHE D 1438 -3.22 60.15 84.02
CA PHE D 1438 -3.94 59.62 82.86
C PHE D 1438 -4.16 58.12 82.94
N ASN D 1439 -3.36 57.41 83.73
CA ASN D 1439 -3.58 55.97 83.88
C ASN D 1439 -4.58 55.67 84.98
N LEU D 1440 -4.55 56.43 86.08
CA LEU D 1440 -5.50 56.22 87.17
C LEU D 1440 -6.88 56.70 86.79
N ASP D 1441 -6.99 57.94 86.31
CA ASP D 1441 -8.28 58.53 85.95
C ASP D 1441 -8.15 59.27 84.63
N PRO D 1442 -8.35 58.58 83.50
CA PRO D 1442 -8.36 59.27 82.20
C PRO D 1442 -9.38 60.39 82.12
N GLU D 1443 -10.50 60.27 82.84
CA GLU D 1443 -11.50 61.34 82.85
C GLU D 1443 -10.99 62.59 83.55
N LYS D 1444 -9.96 62.47 84.38
CA LYS D 1444 -9.36 63.61 85.09
C LYS D 1444 -10.40 64.36 85.92
N LYS D 1445 -11.31 63.61 86.55
CA LYS D 1445 -12.34 64.19 87.40
C LYS D 1445 -11.99 64.18 88.88
N CYS D 1446 -11.26 63.16 89.34
CA CYS D 1446 -10.88 63.09 90.74
C CYS D 1446 -9.76 64.07 91.05
N SER D 1447 -9.59 64.36 92.34
CA SER D 1447 -8.59 65.30 92.79
C SER D 1447 -7.26 64.59 93.04
N ASP D 1448 -6.21 65.39 93.24
CA ASP D 1448 -4.89 64.83 93.53
C ASP D 1448 -4.89 64.07 94.85
N SER D 1449 -5.66 64.55 95.84
CA SER D 1449 -5.76 63.82 97.09
C SER D 1449 -6.41 62.46 96.89
N THR D 1450 -7.43 62.38 96.04
CA THR D 1450 -8.07 61.11 95.77
C THR D 1450 -7.12 60.13 95.11
N LEU D 1451 -6.31 60.60 94.17
CA LEU D 1451 -5.35 59.73 93.50
C LEU D 1451 -4.25 59.28 94.46
N TRP D 1452 -3.75 60.19 95.30
CA TRP D 1452 -2.76 59.80 96.29
C TRP D 1452 -3.32 58.78 97.28
N GLU D 1453 -4.59 58.94 97.66
CA GLU D 1453 -5.21 57.98 98.57
C GLU D 1453 -5.41 56.63 97.90
N ALA D 1454 -5.80 56.63 96.63
CA ALA D 1454 -5.96 55.36 95.91
C ALA D 1454 -4.61 54.66 95.71
N LEU D 1455 -3.55 55.43 95.52
CA LEU D 1455 -2.21 54.84 95.42
C LEU D 1455 -1.72 54.34 96.77
N GLU D 1456 -2.11 55.00 97.86
CA GLU D 1456 -1.72 54.54 99.19
C GLU D 1456 -2.48 53.29 99.59
N ILE D 1457 -3.75 53.18 99.18
CA ILE D 1457 -4.53 51.99 99.51
C ILE D 1457 -4.06 50.80 98.69
N ALA D 1458 -3.68 51.04 97.43
CA ALA D 1458 -3.24 49.97 96.54
C ALA D 1458 -1.77 49.61 96.72
N GLN D 1459 -1.12 50.10 97.78
CA GLN D 1459 0.29 49.81 98.07
C GLN D 1459 1.19 50.19 96.90
N LEU D 1460 1.02 51.44 96.43
CA LEU D 1460 1.78 51.93 95.29
C LEU D 1460 2.25 53.36 95.46
N LYS D 1461 2.01 53.98 96.61
CA LYS D 1461 2.35 55.40 96.78
C LYS D 1461 3.85 55.61 96.88
N LEU D 1462 4.56 54.67 97.50
CA LEU D 1462 6.01 54.84 97.69
C LEU D 1462 6.76 54.79 96.37
N VAL D 1463 6.37 53.88 95.47
CA VAL D 1463 7.04 53.78 94.17
C VAL D 1463 6.60 54.90 93.23
N VAL D 1464 5.44 55.52 93.47
CA VAL D 1464 5.02 56.66 92.67
C VAL D 1464 5.74 57.93 93.11
N LYS D 1465 5.95 58.09 94.41
CA LYS D 1465 6.68 59.26 94.91
C LYS D 1465 8.14 59.26 94.45
N ALA D 1466 8.68 58.11 94.03
CA ALA D 1466 10.06 58.00 93.57
C ALA D 1466 10.19 58.19 92.06
N LEU D 1467 9.22 58.84 91.42
CA LEU D 1467 9.24 59.13 90.00
C LEU D 1467 9.39 60.63 89.76
N PRO D 1468 10.00 61.05 88.64
CA PRO D 1468 10.18 62.49 88.40
C PRO D 1468 8.85 63.20 88.26
N GLY D 1469 8.69 64.28 89.00
CA GLY D 1469 7.47 65.09 88.96
C GLY D 1469 6.39 64.70 89.94
N GLY D 1470 6.05 63.41 89.98
CA GLY D 1470 4.99 62.95 90.85
C GLY D 1470 3.64 62.95 90.14
N LEU D 1471 3.06 61.76 89.97
CA LEU D 1471 1.81 61.57 89.24
C LEU D 1471 1.89 62.08 87.81
N ASP D 1472 3.11 62.28 87.29
CA ASP D 1472 3.29 62.80 85.95
C ASP D 1472 4.43 62.11 85.21
N ALA D 1473 4.79 60.89 85.59
CA ALA D 1473 5.85 60.17 84.90
C ALA D 1473 5.37 59.73 83.52
N ILE D 1474 6.26 59.85 82.53
CA ILE D 1474 5.94 59.50 81.15
C ILE D 1474 6.04 57.98 81.02
N ILE D 1475 4.88 57.32 80.96
CA ILE D 1475 4.82 55.87 80.82
C ILE D 1475 4.59 55.52 79.36
N THR D 1476 5.11 54.37 78.96
CA THR D 1476 4.93 53.83 77.62
C THR D 1476 3.96 52.67 77.66
N GLU D 1477 3.51 52.26 76.46
CA GLU D 1477 2.59 51.13 76.34
C GLU D 1477 3.26 49.86 76.82
N GLY D 1478 2.82 49.34 77.97
CA GLY D 1478 3.45 48.18 78.57
C GLY D 1478 4.89 48.42 78.94
N GLY D 1479 5.81 47.80 78.20
CA GLY D 1479 7.22 48.04 78.39
C GLY D 1479 7.74 47.48 79.70
N GLU D 1480 8.79 48.10 80.21
CA GLU D 1480 9.44 47.70 81.45
C GLU D 1480 9.50 48.86 82.42
N ASN D 1481 8.43 49.65 82.49
CA ASN D 1481 8.36 50.77 83.43
C ASN D 1481 7.80 50.36 84.78
N PHE D 1482 6.95 49.35 84.82
CA PHE D 1482 6.37 48.85 86.06
C PHE D 1482 6.25 47.34 85.99
N SER D 1483 6.41 46.69 87.14
CA SER D 1483 6.35 45.24 87.21
C SER D 1483 4.91 44.76 87.06
N GLN D 1484 4.76 43.43 86.90
CA GLN D 1484 3.43 42.85 86.76
C GLN D 1484 2.58 43.11 88.01
N GLY D 1485 3.19 42.98 89.19
CA GLY D 1485 2.48 43.33 90.40
C GLY D 1485 2.09 44.79 90.43
N GLN D 1486 2.98 45.67 89.97
CA GLN D 1486 2.65 47.09 89.89
C GLN D 1486 1.53 47.34 88.89
N ARG D 1487 1.48 46.57 87.80
CA ARG D 1487 0.40 46.74 86.83
C ARG D 1487 -0.94 46.30 87.43
N GLN D 1488 -0.95 45.17 88.14
CA GLN D 1488 -2.17 44.76 88.83
C GLN D 1488 -2.56 45.77 89.90
N LEU D 1489 -1.59 46.39 90.55
CA LEU D 1489 -1.90 47.43 91.54
C LEU D 1489 -2.50 48.66 90.89
N PHE D 1490 -2.01 49.03 89.69
CA PHE D 1490 -2.64 50.12 88.95
C PHE D 1490 -4.07 49.77 88.56
N CYS D 1491 -4.31 48.52 88.18
CA CYS D 1491 -5.68 48.09 87.88
C CYS D 1491 -6.57 48.19 89.11
N LEU D 1492 -6.05 47.78 90.27
CA LEU D 1492 -6.81 47.88 91.51
C LEU D 1492 -7.06 49.34 91.89
N ALA D 1493 -6.09 50.22 91.61
CA ALA D 1493 -6.30 51.64 91.88
C ALA D 1493 -7.36 52.23 90.96
N ARG D 1494 -7.40 51.78 89.71
CA ARG D 1494 -8.48 52.18 88.81
C ARG D 1494 -9.83 51.71 89.34
N ALA D 1495 -9.90 50.46 89.81
CA ALA D 1495 -11.14 49.97 90.41
C ALA D 1495 -11.54 50.78 91.63
N PHE D 1496 -10.54 51.23 92.42
CA PHE D 1496 -10.83 52.02 93.60
C PHE D 1496 -11.37 53.40 93.24
N VAL D 1497 -10.72 54.07 92.29
CA VAL D 1497 -11.17 55.39 91.86
C VAL D 1497 -12.49 55.31 91.09
N ARG D 1498 -12.85 54.12 90.59
CA ARG D 1498 -14.13 53.98 89.92
C ARG D 1498 -15.30 54.24 90.87
N LYS D 1499 -15.23 53.70 92.08
CA LYS D 1499 -16.26 53.88 93.10
C LYS D 1499 -17.63 53.43 92.59
N THR D 1500 -17.65 52.30 91.88
CA THR D 1500 -18.88 51.78 91.30
C THR D 1500 -19.69 50.94 92.27
N SER D 1501 -19.12 50.56 93.41
CA SER D 1501 -19.74 49.78 94.49
C SER D 1501 -20.02 48.33 94.10
N ILE D 1502 -19.67 47.91 92.89
CA ILE D 1502 -19.83 46.53 92.44
C ILE D 1502 -18.56 46.16 91.68
N PHE D 1503 -17.78 45.24 92.22
CA PHE D 1503 -16.50 44.85 91.65
C PHE D 1503 -16.58 43.44 91.07
N ILE D 1504 -15.94 43.24 89.92
CA ILE D 1504 -15.84 41.94 89.28
C ILE D 1504 -14.35 41.66 89.05
N MET D 1505 -13.82 40.68 89.78
CA MET D 1505 -12.41 40.31 89.69
C MET D 1505 -12.28 39.11 88.75
N ASP D 1506 -11.76 39.34 87.56
CA ASP D 1506 -11.64 38.30 86.53
C ASP D 1506 -10.18 37.85 86.46
N GLU D 1507 -9.85 36.85 87.28
CA GLU D 1507 -8.53 36.20 87.26
C GLU D 1507 -7.40 37.20 87.50
N ALA D 1508 -7.41 37.80 88.68
CA ALA D 1508 -6.33 38.68 89.11
C ALA D 1508 -5.14 37.92 89.67
N THR D 1509 -5.08 36.60 89.47
CA THR D 1509 -4.02 35.76 90.02
C THR D 1509 -3.05 35.25 88.98
N ALA D 1510 -3.50 35.03 87.75
CA ALA D 1510 -2.62 34.48 86.72
C ALA D 1510 -1.47 35.43 86.41
N SER D 1511 -0.35 34.85 85.98
CA SER D 1511 0.86 35.59 85.64
C SER D 1511 1.36 36.44 86.81
N ILE D 1512 1.17 35.95 88.04
CA ILE D 1512 1.60 36.64 89.24
C ILE D 1512 2.22 35.62 90.18
N ASP D 1513 3.36 35.97 90.77
CA ASP D 1513 4.03 35.09 91.70
C ASP D 1513 3.18 34.89 92.95
N MET D 1514 3.26 33.68 93.53
CA MET D 1514 2.45 33.36 94.70
C MET D 1514 2.81 34.26 95.88
N ALA D 1515 4.11 34.54 96.06
CA ALA D 1515 4.53 35.39 97.17
C ALA D 1515 3.95 36.80 97.06
N THR D 1516 3.68 37.25 95.83
CA THR D 1516 3.03 38.55 95.63
C THR D 1516 1.52 38.43 95.48
N GLU D 1517 1.03 37.34 94.88
CA GLU D 1517 -0.40 37.16 94.71
C GLU D 1517 -1.12 36.97 96.04
N ASN D 1518 -0.47 36.31 97.01
CA ASN D 1518 -1.09 36.15 98.32
C ASN D 1518 -1.29 37.51 99.00
N ILE D 1519 -0.25 38.35 98.98
CA ILE D 1519 -0.37 39.67 99.58
C ILE D 1519 -1.35 40.54 98.80
N LEU D 1520 -1.41 40.36 97.48
CA LEU D 1520 -2.38 41.13 96.68
C LEU D 1520 -3.81 40.74 97.05
N GLN D 1521 -4.08 39.45 97.18
CA GLN D 1521 -5.41 38.99 97.58
C GLN D 1521 -5.74 39.46 98.99
N LYS D 1522 -4.76 39.45 99.89
CA LYS D 1522 -4.99 39.92 101.25
C LYS D 1522 -5.34 41.41 101.26
N VAL D 1523 -4.63 42.21 100.47
CA VAL D 1523 -4.92 43.64 100.40
C VAL D 1523 -6.28 43.88 99.77
N VAL D 1524 -6.63 43.12 98.72
CA VAL D 1524 -7.90 43.31 98.06
C VAL D 1524 -9.05 42.87 98.95
N MET D 1525 -8.82 41.93 99.85
CA MET D 1525 -9.86 41.52 100.79
C MET D 1525 -9.99 42.50 101.95
N THR D 1526 -8.87 43.05 102.42
CA THR D 1526 -8.92 44.01 103.52
C THR D 1526 -9.50 45.34 103.06
N ALA D 1527 -9.28 45.72 101.80
CA ALA D 1527 -9.84 46.96 101.30
C ALA D 1527 -11.31 46.82 100.91
N PHE D 1528 -11.73 45.63 100.50
CA PHE D 1528 -13.10 45.37 100.07
C PHE D 1528 -13.81 44.59 101.17
N ALA D 1529 -14.33 45.32 102.15
CA ALA D 1529 -15.23 44.74 103.14
C ALA D 1529 -16.70 44.89 102.76
N ASP D 1530 -17.01 45.86 101.92
CA ASP D 1530 -18.34 46.04 101.34
C ASP D 1530 -18.20 46.07 99.83
N ARG D 1531 -19.27 46.46 99.11
CA ARG D 1531 -19.25 46.54 97.66
C ARG D 1531 -18.94 45.17 97.06
N THR D 1532 -19.92 44.27 97.23
CA THR D 1532 -19.78 42.83 96.94
C THR D 1532 -18.99 42.57 95.67
N VAL D 1533 -18.02 41.65 95.79
CA VAL D 1533 -17.11 41.31 94.71
C VAL D 1533 -17.41 39.91 94.22
N VAL D 1534 -17.37 39.71 92.91
CA VAL D 1534 -17.59 38.41 92.27
C VAL D 1534 -16.28 38.01 91.60
N THR D 1535 -15.59 37.04 92.18
CA THR D 1535 -14.28 36.61 91.70
C THR D 1535 -14.39 35.34 90.87
N ILE D 1536 -13.39 35.13 90.02
CA ILE D 1536 -13.29 33.92 89.20
C ILE D 1536 -11.82 33.59 88.97
N ALA D 1537 -11.40 32.41 89.43
CA ALA D 1537 -10.00 31.98 89.30
C ALA D 1537 -9.93 30.47 89.45
N HIS D 1538 -8.73 29.94 89.27
CA HIS D 1538 -8.48 28.50 89.41
C HIS D 1538 -7.66 28.17 90.65
N ARG D 1539 -7.36 29.17 91.49
CA ARG D 1539 -6.62 28.93 92.71
C ARG D 1539 -7.50 28.27 93.76
N VAL D 1540 -6.87 27.47 94.62
CA VAL D 1540 -7.61 26.77 95.66
C VAL D 1540 -8.03 27.74 96.76
N HIS D 1541 -7.10 28.57 97.22
CA HIS D 1541 -7.40 29.47 98.33
C HIS D 1541 -8.36 30.58 97.92
N THR D 1542 -8.28 31.04 96.67
CA THR D 1542 -9.18 32.09 96.21
C THR D 1542 -10.63 31.61 96.17
N ILE D 1543 -10.85 30.38 95.70
CA ILE D 1543 -12.20 29.83 95.70
C ILE D 1543 -12.62 29.41 97.11
N LEU D 1544 -11.66 29.06 97.96
CA LEU D 1544 -12.00 28.68 99.34
C LEU D 1544 -12.41 29.89 100.17
N SER D 1545 -11.87 31.07 99.87
CA SER D 1545 -12.18 32.27 100.65
C SER D 1545 -13.54 32.86 100.30
N ALA D 1546 -14.12 32.47 99.17
CA ALA D 1546 -15.41 33.00 98.76
C ALA D 1546 -16.55 32.26 99.45
N ASP D 1547 -17.64 32.98 99.71
CA ASP D 1547 -18.78 32.38 100.41
C ASP D 1547 -19.67 31.60 99.45
N LEU D 1548 -20.29 32.28 98.50
CA LEU D 1548 -21.20 31.65 97.56
C LEU D 1548 -20.43 31.28 96.30
N VAL D 1549 -20.39 29.98 95.99
CA VAL D 1549 -19.61 29.47 94.87
C VAL D 1549 -20.50 28.60 93.99
N MET D 1550 -20.39 28.81 92.68
CA MET D 1550 -21.20 28.07 91.70
C MET D 1550 -20.28 27.22 90.84
N VAL D 1551 -20.32 25.90 91.04
CA VAL D 1551 -19.53 25.00 90.24
C VAL D 1551 -20.08 24.96 88.82
N LEU D 1552 -19.23 25.24 87.84
CA LEU D 1552 -19.63 25.28 86.44
C LEU D 1552 -19.53 23.89 85.84
N LYS D 1553 -20.68 23.32 85.46
CA LYS D 1553 -20.74 22.00 84.85
C LYS D 1553 -20.41 22.12 83.37
N ARG D 1554 -20.67 21.05 82.61
CA ARG D 1554 -20.38 21.06 81.19
C ARG D 1554 -21.21 22.11 80.45
N GLY D 1555 -22.49 22.20 80.76
CA GLY D 1555 -23.36 23.15 80.09
C GLY D 1555 -24.12 24.05 81.02
N ALA D 1556 -24.22 23.68 82.30
CA ALA D 1556 -24.96 24.47 83.27
C ALA D 1556 -24.11 24.76 84.50
N ILE D 1557 -24.73 25.34 85.53
CA ILE D 1557 -24.03 25.66 86.78
C ILE D 1557 -24.84 25.13 87.95
N LEU D 1558 -24.14 24.87 89.05
CA LEU D 1558 -24.75 24.41 90.29
C LEU D 1558 -24.21 25.27 91.43
N GLU D 1559 -25.07 26.10 91.99
CA GLU D 1559 -24.65 27.06 93.01
C GLU D 1559 -24.67 26.43 94.40
N PHE D 1560 -23.90 27.04 95.31
CA PHE D 1560 -23.86 26.62 96.70
C PHE D 1560 -23.60 27.86 97.55
N ASP D 1561 -24.42 28.05 98.59
CA ASP D 1561 -24.36 29.28 99.38
C ASP D 1561 -23.23 29.23 100.41
N LYS D 1562 -23.18 28.18 101.22
CA LYS D 1562 -22.14 28.10 102.25
C LYS D 1562 -20.92 27.37 101.69
N PRO D 1563 -19.72 27.96 101.80
CA PRO D 1563 -18.53 27.32 101.23
C PRO D 1563 -18.12 26.05 101.95
N GLU D 1564 -18.04 26.11 103.29
CA GLU D 1564 -17.64 24.96 104.07
C GLU D 1564 -18.67 23.84 104.03
N THR D 1565 -19.90 24.13 103.61
CA THR D 1565 -20.91 23.09 103.48
C THR D 1565 -20.71 22.28 102.20
N LEU D 1566 -20.53 22.95 101.07
CA LEU D 1566 -20.33 22.25 99.80
C LEU D 1566 -18.91 21.72 99.65
N LEU D 1567 -17.94 22.26 100.38
CA LEU D 1567 -16.57 21.76 100.33
C LEU D 1567 -16.40 20.44 101.07
N SER D 1568 -17.42 19.98 101.79
CA SER D 1568 -17.38 18.70 102.47
C SER D 1568 -18.64 17.85 102.28
N GLN D 1569 -19.69 18.39 101.66
CA GLN D 1569 -20.91 17.61 101.43
C GLN D 1569 -20.73 16.61 100.29
N LYS D 1570 -19.97 16.98 99.26
CA LYS D 1570 -19.69 16.08 98.14
C LYS D 1570 -18.57 15.08 98.44
N ASP D 1571 -18.19 14.95 99.72
CA ASP D 1571 -17.12 14.04 100.15
C ASP D 1571 -15.78 14.39 99.50
N SER D 1572 -15.57 15.68 99.23
CA SER D 1572 -14.33 16.20 98.65
C SER D 1572 -14.01 15.49 97.33
N VAL D 1573 -14.94 15.61 96.38
CA VAL D 1573 -14.82 14.99 95.07
C VAL D 1573 -14.94 16.01 93.95
N PHE D 1574 -15.94 16.89 94.01
CA PHE D 1574 -16.22 17.82 92.94
C PHE D 1574 -16.02 19.29 93.32
N ALA D 1575 -15.75 19.59 94.58
CA ALA D 1575 -15.64 20.98 95.00
C ALA D 1575 -14.32 21.26 95.75
N SER D 1576 -13.77 20.24 96.40
CA SER D 1576 -12.57 20.42 97.21
C SER D 1576 -11.30 20.10 96.42
N PHE D 1577 -11.19 18.86 95.92
CA PHE D 1577 -10.00 18.47 95.17
C PHE D 1577 -9.94 19.18 93.83
N VAL D 1578 -11.09 19.53 93.26
CA VAL D 1578 -11.11 20.27 91.99
C VAL D 1578 -10.59 21.69 92.21
N ARG D 1579 -10.96 22.31 93.32
CA ARG D 1579 -10.48 23.65 93.64
C ARG D 1579 -9.05 23.60 94.20
N ARG E 32 -34.12 -17.96 3.87
CA ARG E 32 -33.37 -17.27 4.91
C ARG E 32 -32.28 -16.39 4.31
N ALA E 33 -31.97 -15.29 5.00
CA ALA E 33 -30.91 -14.40 4.57
C ALA E 33 -29.54 -15.00 4.87
N ARG E 34 -28.57 -14.63 4.04
CA ARG E 34 -27.18 -14.97 4.27
C ARG E 34 -26.39 -13.70 4.58
N PHE E 35 -25.14 -13.89 4.98
CA PHE E 35 -24.30 -12.73 5.31
C PHE E 35 -23.71 -12.12 4.06
N VAL E 36 -23.02 -12.92 3.25
CA VAL E 36 -22.38 -12.47 2.02
C VAL E 36 -22.82 -13.39 0.90
N SER E 37 -23.17 -12.81 -0.24
CA SER E 37 -23.58 -13.60 -1.39
C SER E 37 -22.40 -14.44 -1.90
N LYS E 38 -22.71 -15.34 -2.83
CA LYS E 38 -21.66 -16.16 -3.42
C LYS E 38 -20.68 -15.36 -4.26
N LYS E 39 -21.01 -14.10 -4.59
CA LYS E 39 -20.16 -13.25 -5.41
C LYS E 39 -19.57 -12.10 -4.61
N GLY E 40 -19.37 -12.30 -3.31
CA GLY E 40 -18.80 -11.29 -2.45
C GLY E 40 -19.72 -10.13 -2.11
N ASN E 41 -20.80 -9.94 -2.87
CA ASN E 41 -21.73 -8.85 -2.61
C ASN E 41 -22.35 -9.05 -1.22
N CYS E 42 -21.99 -8.20 -0.26
CA CYS E 42 -22.49 -8.37 1.09
C CYS E 42 -23.97 -7.99 1.16
N ASN E 43 -24.72 -8.74 1.96
CA ASN E 43 -26.18 -8.72 1.91
C ASN E 43 -26.82 -7.84 2.99
N VAL E 44 -26.01 -7.16 3.80
CA VAL E 44 -26.51 -6.42 4.95
C VAL E 44 -27.17 -5.13 4.48
N ALA E 45 -28.24 -4.73 5.19
CA ALA E 45 -28.94 -3.48 4.95
C ALA E 45 -28.79 -2.57 6.17
N HIS E 46 -28.40 -1.33 5.94
CA HIS E 46 -28.13 -0.38 7.01
C HIS E 46 -29.26 0.63 7.10
N LYS E 47 -29.82 0.77 8.30
CA LYS E 47 -31.02 1.57 8.52
C LYS E 47 -30.78 2.60 9.62
N ASN E 48 -31.52 3.71 9.51
CA ASN E 48 -31.53 4.77 10.52
C ASN E 48 -30.13 5.35 10.74
N ILE E 49 -29.50 5.77 9.65
CA ILE E 49 -28.15 6.30 9.70
C ILE E 49 -28.22 7.82 9.80
N ARG E 50 -27.90 8.34 10.99
CA ARG E 50 -27.78 9.79 11.21
C ARG E 50 -26.52 10.28 10.50
N GLU E 51 -26.68 10.85 9.32
CA GLU E 51 -25.58 11.44 8.57
C GLU E 51 -25.53 12.94 8.81
N GLN E 52 -24.36 13.43 9.18
CA GLN E 52 -24.12 14.86 9.34
C GLN E 52 -23.58 15.51 8.07
N GLY E 53 -23.96 14.98 6.91
CA GLY E 53 -23.36 15.38 5.66
C GLY E 53 -22.02 14.74 5.38
N ARG E 54 -21.74 13.58 6.01
CA ARG E 54 -20.46 12.93 5.89
C ARG E 54 -20.34 12.07 4.64
N PHE E 55 -21.47 11.64 4.07
CA PHE E 55 -21.43 10.85 2.84
C PHE E 55 -21.14 11.70 1.61
N LEU E 56 -21.30 13.02 1.70
CA LEU E 56 -20.95 13.92 0.60
C LEU E 56 -19.90 14.95 0.98
N GLN E 57 -19.56 15.09 2.26
CA GLN E 57 -18.32 15.76 2.62
C GLN E 57 -17.12 15.04 2.05
N ASP E 58 -17.26 13.74 1.79
CA ASP E 58 -16.34 13.03 0.93
C ASP E 58 -16.91 12.98 -0.49
N VAL E 59 -16.89 14.16 -1.12
CA VAL E 59 -17.36 14.25 -2.49
C VAL E 59 -16.45 13.46 -3.42
N PHE E 60 -15.20 13.22 -3.03
CA PHE E 60 -14.22 12.74 -4.01
C PHE E 60 -14.25 11.23 -4.18
N THR E 61 -14.25 10.47 -3.09
CA THR E 61 -14.42 9.03 -3.25
C THR E 61 -15.85 8.71 -3.67
N THR E 62 -16.80 9.58 -3.34
CA THR E 62 -18.15 9.45 -3.90
C THR E 62 -18.11 9.60 -5.42
N LEU E 63 -17.32 10.56 -5.91
CA LEU E 63 -17.19 10.81 -7.34
C LEU E 63 -16.29 9.80 -8.03
N VAL E 64 -15.48 9.05 -7.27
CA VAL E 64 -14.77 7.90 -7.83
C VAL E 64 -15.69 6.70 -7.91
N ASP E 65 -16.49 6.46 -6.87
CA ASP E 65 -17.33 5.27 -6.83
C ASP E 65 -18.57 5.37 -7.69
N LEU E 66 -18.89 6.56 -8.20
CA LEU E 66 -19.96 6.66 -9.18
C LEU E 66 -19.62 5.80 -10.39
N LYS E 67 -20.54 4.90 -10.76
CA LYS E 67 -20.28 3.99 -11.87
C LYS E 67 -19.89 4.77 -13.13
N TRP E 68 -19.09 4.11 -13.97
CA TRP E 68 -18.54 4.75 -15.16
C TRP E 68 -19.55 5.55 -15.99
N PRO E 69 -20.79 5.11 -16.20
CA PRO E 69 -21.75 6.02 -16.84
C PRO E 69 -22.08 7.23 -16.00
N HIS E 70 -22.27 7.03 -14.69
CA HIS E 70 -22.52 8.16 -13.81
C HIS E 70 -21.34 9.12 -13.81
N THR E 71 -20.12 8.59 -13.80
CA THR E 71 -18.95 9.46 -13.84
C THR E 71 -18.88 10.22 -15.15
N LEU E 72 -19.24 9.57 -16.25
CA LEU E 72 -19.32 10.27 -17.53
C LEU E 72 -20.29 11.44 -17.42
N LEU E 73 -21.49 11.19 -16.90
CA LEU E 73 -22.48 12.25 -16.87
C LEU E 73 -22.06 13.38 -15.94
N ILE E 74 -21.39 13.08 -14.83
CA ILE E 74 -20.93 14.15 -13.94
C ILE E 74 -19.85 14.97 -14.64
N PHE E 75 -18.91 14.29 -15.28
CA PHE E 75 -17.87 14.91 -16.09
C PHE E 75 -18.46 15.91 -17.08
N THR E 76 -19.40 15.44 -17.90
CA THR E 76 -19.92 16.26 -18.97
C THR E 76 -20.81 17.39 -18.43
N MET E 77 -21.56 17.14 -17.36
CA MET E 77 -22.29 18.21 -16.71
C MET E 77 -21.34 19.31 -16.25
N SER E 78 -20.27 18.93 -15.53
CA SER E 78 -19.37 19.91 -14.97
C SER E 78 -18.61 20.68 -16.04
N PHE E 79 -18.53 20.15 -17.27
CA PHE E 79 -17.95 20.95 -18.35
C PHE E 79 -18.98 21.86 -19.00
N LEU E 80 -20.13 21.29 -19.38
CA LEU E 80 -21.16 22.05 -20.09
C LEU E 80 -21.66 23.20 -19.23
N CYS E 81 -21.85 22.96 -17.92
CA CYS E 81 -22.31 24.02 -17.03
C CYS E 81 -21.29 25.12 -16.90
N SER E 82 -19.99 24.78 -16.79
CA SER E 82 -18.97 25.81 -16.78
C SER E 82 -19.00 26.62 -18.09
N TRP E 83 -19.06 25.95 -19.24
CA TRP E 83 -19.04 26.73 -20.47
C TRP E 83 -20.25 27.64 -20.52
N LEU E 84 -21.42 27.12 -20.14
CA LEU E 84 -22.65 27.92 -20.19
C LEU E 84 -22.56 29.11 -19.24
N LEU E 85 -21.98 28.89 -18.06
CA LEU E 85 -21.75 29.97 -17.11
C LEU E 85 -20.86 31.08 -17.71
N PHE E 86 -19.67 30.71 -18.20
CA PHE E 86 -18.76 31.77 -18.63
C PHE E 86 -19.22 32.39 -19.95
N ALA E 87 -19.97 31.64 -20.75
CA ALA E 87 -20.57 32.23 -21.93
C ALA E 87 -21.66 33.21 -21.52
N MET E 88 -22.36 32.88 -20.45
CA MET E 88 -23.29 33.82 -19.86
C MET E 88 -22.57 35.13 -19.56
N VAL E 89 -21.51 35.04 -18.76
CA VAL E 89 -20.78 36.24 -18.39
C VAL E 89 -20.29 36.99 -19.64
N TRP E 90 -19.75 36.27 -20.62
CA TRP E 90 -19.16 36.97 -21.77
C TRP E 90 -20.22 37.75 -22.54
N TRP E 91 -21.33 37.11 -22.87
CA TRP E 91 -22.42 37.80 -23.56
C TRP E 91 -22.92 38.98 -22.73
N LEU E 92 -23.00 38.81 -21.40
CA LEU E 92 -23.42 39.89 -20.55
C LEU E 92 -22.47 41.09 -20.67
N ILE E 93 -21.17 40.86 -20.52
CA ILE E 93 -20.20 41.94 -20.63
C ILE E 93 -20.34 42.64 -21.98
N ALA E 94 -20.32 41.84 -23.07
CA ALA E 94 -20.37 42.45 -24.39
C ALA E 94 -21.65 43.23 -24.59
N PHE E 95 -22.75 42.80 -23.96
CA PHE E 95 -23.96 43.60 -23.92
C PHE E 95 -23.68 44.93 -23.24
N ALA E 96 -23.28 44.87 -21.97
CA ALA E 96 -23.08 46.07 -21.17
C ALA E 96 -22.00 46.97 -21.75
N HIS E 97 -21.00 46.39 -22.42
CA HIS E 97 -20.00 47.24 -23.07
C HIS E 97 -20.54 47.90 -24.33
N GLY E 98 -21.80 47.67 -24.69
CA GLY E 98 -22.32 48.21 -25.92
C GLY E 98 -21.72 47.57 -27.16
N ASP E 99 -21.32 46.30 -27.06
CA ASP E 99 -20.68 45.63 -28.17
C ASP E 99 -21.64 44.80 -29.01
N LEU E 100 -22.91 44.67 -28.61
CA LEU E 100 -23.89 44.00 -29.46
C LEU E 100 -24.71 44.98 -30.31
N ALA E 101 -24.50 46.27 -30.14
CA ALA E 101 -25.19 47.17 -31.05
C ALA E 101 -24.45 47.23 -32.38
N PRO E 102 -25.17 47.29 -33.50
CA PRO E 102 -24.52 47.57 -34.79
C PRO E 102 -23.89 48.96 -34.79
N GLY E 103 -23.11 49.24 -35.84
CA GLY E 103 -22.23 50.39 -35.84
C GLY E 103 -20.84 50.01 -35.42
N GLU E 104 -20.28 49.02 -36.13
CA GLU E 104 -19.09 48.33 -35.66
C GLU E 104 -17.85 49.22 -35.68
N GLY E 105 -17.67 50.00 -36.75
CA GLY E 105 -16.37 50.58 -37.04
C GLY E 105 -15.89 51.62 -36.03
N THR E 106 -16.81 52.29 -35.35
CA THR E 106 -16.42 53.44 -34.53
C THR E 106 -15.71 53.02 -33.25
N ASN E 107 -16.24 52.04 -32.52
CA ASN E 107 -15.71 51.67 -31.22
C ASN E 107 -15.07 50.29 -31.25
N VAL E 108 -14.29 50.00 -30.21
CA VAL E 108 -13.49 48.77 -30.12
C VAL E 108 -14.23 47.76 -29.27
N PRO E 109 -14.43 46.52 -29.72
CA PRO E 109 -15.11 45.53 -28.90
C PRO E 109 -14.26 45.15 -27.69
N CYS E 110 -14.93 44.75 -26.61
CA CYS E 110 -14.18 44.32 -25.45
C CYS E 110 -13.58 42.92 -25.66
N VAL E 111 -14.26 42.06 -26.40
CA VAL E 111 -13.62 40.95 -27.11
C VAL E 111 -14.27 40.84 -28.48
N THR E 112 -13.46 40.52 -29.49
CA THR E 112 -13.82 40.82 -30.86
C THR E 112 -14.90 39.90 -31.41
N SER E 113 -15.83 40.52 -32.14
CA SER E 113 -16.82 39.83 -32.96
C SER E 113 -17.58 38.76 -32.18
N ILE E 114 -17.93 39.08 -30.94
CA ILE E 114 -19.09 38.46 -30.30
C ILE E 114 -20.32 39.12 -30.90
N HIS E 115 -21.14 38.32 -31.56
CA HIS E 115 -22.36 38.83 -32.17
C HIS E 115 -23.62 38.34 -31.51
N SER E 116 -23.56 37.23 -30.77
CA SER E 116 -24.76 36.62 -30.21
C SER E 116 -24.36 35.83 -28.99
N PHE E 117 -25.33 35.20 -28.35
CA PHE E 117 -24.95 34.22 -27.33
C PHE E 117 -24.36 32.97 -27.98
N SER E 118 -24.54 32.76 -29.29
CA SER E 118 -23.75 31.72 -29.94
C SER E 118 -22.27 32.10 -29.94
N SER E 119 -21.94 33.28 -30.47
CA SER E 119 -20.55 33.74 -30.44
C SER E 119 -20.00 33.70 -29.03
N ALA E 120 -20.79 34.12 -28.05
CA ALA E 120 -20.29 34.13 -26.69
C ALA E 120 -20.04 32.72 -26.21
N PHE E 121 -20.93 31.78 -26.56
CA PHE E 121 -20.76 30.38 -26.16
C PHE E 121 -19.51 29.76 -26.80
N LEU E 122 -19.27 30.06 -28.09
CA LEU E 122 -18.08 29.53 -28.76
C LEU E 122 -16.83 30.16 -28.18
N PHE E 123 -16.85 31.46 -27.90
CA PHE E 123 -15.67 32.10 -27.32
C PHE E 123 -15.34 31.51 -25.97
N SER E 124 -16.37 31.26 -25.19
CA SER E 124 -16.18 30.66 -23.88
C SER E 124 -15.62 29.26 -24.00
N ILE E 125 -16.16 28.45 -24.91
CA ILE E 125 -15.59 27.11 -25.11
C ILE E 125 -14.13 27.21 -25.49
N GLU E 126 -13.83 28.02 -26.51
CA GLU E 126 -12.46 28.15 -26.99
C GLU E 126 -11.49 28.56 -25.88
N VAL E 127 -11.91 29.39 -24.91
CA VAL E 127 -11.01 29.77 -23.82
C VAL E 127 -11.04 28.83 -22.62
N GLN E 128 -12.06 28.01 -22.49
CA GLN E 128 -11.96 27.04 -21.41
C GLN E 128 -11.22 25.80 -21.85
N VAL E 129 -11.46 25.38 -23.10
CA VAL E 129 -10.84 24.17 -23.58
C VAL E 129 -9.61 24.57 -24.38
N THR E 130 -9.29 25.87 -24.36
CA THR E 130 -8.05 26.42 -24.88
C THR E 130 -7.85 26.13 -26.37
N ILE E 131 -8.90 25.83 -27.15
CA ILE E 131 -8.63 25.78 -28.59
C ILE E 131 -8.39 27.19 -29.10
N GLY E 132 -9.27 28.12 -28.73
CA GLY E 132 -9.10 29.53 -29.02
C GLY E 132 -8.81 29.74 -30.47
N PHE E 133 -9.77 29.53 -31.35
CA PHE E 133 -9.46 29.77 -32.74
C PHE E 133 -8.95 31.18 -32.97
N GLY E 134 -9.27 32.12 -32.08
CA GLY E 134 -8.78 33.47 -32.25
C GLY E 134 -9.62 34.33 -33.15
N GLY E 135 -10.69 33.80 -33.75
CA GLY E 135 -11.64 34.65 -34.44
C GLY E 135 -12.33 35.63 -33.51
N ARG E 136 -12.53 35.24 -32.24
CA ARG E 136 -13.13 36.09 -31.21
C ARG E 136 -12.15 36.13 -30.03
N MET E 137 -11.17 37.03 -30.11
CA MET E 137 -10.12 37.09 -29.12
C MET E 137 -10.37 38.27 -28.20
N VAL E 138 -9.98 38.11 -26.94
CA VAL E 138 -10.11 39.22 -26.01
C VAL E 138 -9.11 40.29 -26.39
N THR E 139 -9.52 41.55 -26.28
CA THR E 139 -8.65 42.66 -26.61
C THR E 139 -8.27 43.46 -25.38
N GLU E 140 -7.26 44.29 -25.53
CA GLU E 140 -6.71 45.09 -24.44
C GLU E 140 -7.69 46.18 -23.88
N GLU E 141 -8.91 46.16 -24.41
CA GLU E 141 -9.80 47.32 -24.30
C GLU E 141 -10.39 47.54 -22.90
N CYS E 142 -11.07 46.54 -22.32
CA CYS E 142 -11.85 46.74 -21.09
C CYS E 142 -11.50 45.69 -20.03
N PRO E 143 -11.04 46.11 -18.82
CA PRO E 143 -10.47 45.14 -17.87
C PRO E 143 -11.41 44.06 -17.34
N LEU E 144 -12.65 44.36 -16.99
CA LEU E 144 -13.45 43.28 -16.45
C LEU E 144 -13.43 42.05 -17.36
N ALA E 145 -13.26 42.22 -18.68
CA ALA E 145 -13.04 41.02 -19.48
C ALA E 145 -11.70 40.38 -19.14
N ILE E 146 -10.66 41.18 -18.97
CA ILE E 146 -9.39 40.60 -18.60
C ILE E 146 -9.54 39.78 -17.33
N LEU E 147 -10.19 40.36 -16.33
CA LEU E 147 -10.38 39.69 -15.05
C LEU E 147 -11.23 38.43 -15.20
N ILE E 148 -12.25 38.49 -16.04
CA ILE E 148 -13.10 37.34 -16.25
C ILE E 148 -12.33 36.24 -16.95
N LEU E 149 -11.44 36.60 -17.87
CA LEU E 149 -10.70 35.60 -18.61
C LEU E 149 -9.63 34.95 -17.73
N ILE E 150 -9.07 35.71 -16.79
CA ILE E 150 -8.25 35.13 -15.72
C ILE E 150 -9.06 34.10 -14.94
N VAL E 151 -10.23 34.53 -14.44
CA VAL E 151 -11.10 33.64 -13.68
C VAL E 151 -11.46 32.41 -14.49
N GLN E 152 -11.71 32.58 -15.79
CA GLN E 152 -12.17 31.45 -16.61
C GLN E 152 -11.05 30.45 -16.79
N ASN E 153 -9.84 30.92 -17.09
CA ASN E 153 -8.67 30.04 -17.15
C ASN E 153 -8.43 29.34 -15.82
N ILE E 154 -8.53 30.07 -14.70
CA ILE E 154 -8.14 29.43 -13.44
C ILE E 154 -9.17 28.39 -13.04
N VAL E 155 -10.46 28.70 -13.15
CA VAL E 155 -11.43 27.67 -12.79
C VAL E 155 -11.36 26.51 -13.78
N GLY E 156 -11.08 26.79 -15.07
CA GLY E 156 -10.91 25.69 -16.01
C GLY E 156 -9.80 24.75 -15.60
N LEU E 157 -8.62 25.31 -15.31
CA LEU E 157 -7.49 24.50 -14.83
C LEU E 157 -7.92 23.72 -13.61
N MET E 158 -8.64 24.36 -12.69
CA MET E 158 -8.99 23.73 -11.42
C MET E 158 -9.90 22.52 -11.63
N ILE E 159 -11.03 22.73 -12.31
CA ILE E 159 -11.96 21.62 -12.54
C ILE E 159 -11.33 20.57 -13.42
N ASN E 160 -10.48 20.95 -14.37
CA ASN E 160 -9.89 19.98 -15.26
C ASN E 160 -8.95 19.05 -14.50
N ALA E 161 -8.11 19.63 -13.65
CA ALA E 161 -7.22 18.81 -12.83
C ALA E 161 -8.00 17.98 -11.83
N ILE E 162 -9.12 18.51 -11.32
CA ILE E 162 -9.97 17.73 -10.42
C ILE E 162 -10.50 16.50 -11.12
N MET E 163 -10.99 16.66 -12.36
CA MET E 163 -11.55 15.52 -13.07
C MET E 163 -10.48 14.56 -13.54
N LEU E 164 -9.38 15.08 -14.10
CA LEU E 164 -8.24 14.23 -14.39
C LEU E 164 -7.92 13.32 -13.21
N GLY E 165 -7.70 13.92 -12.03
CA GLY E 165 -7.31 13.13 -10.89
C GLY E 165 -8.36 12.14 -10.43
N CYS E 166 -9.62 12.56 -10.42
CA CYS E 166 -10.67 11.64 -10.01
C CYS E 166 -10.76 10.44 -10.96
N ILE E 167 -10.61 10.66 -12.27
CA ILE E 167 -10.68 9.53 -13.18
C ILE E 167 -9.33 8.83 -13.37
N PHE E 168 -8.26 9.35 -12.79
CA PHE E 168 -7.08 8.50 -12.64
C PHE E 168 -7.29 7.52 -11.51
N MET E 169 -7.73 8.04 -10.35
CA MET E 169 -8.19 7.20 -9.26
C MET E 169 -9.22 6.18 -9.71
N LYS E 170 -10.04 6.54 -10.70
CA LYS E 170 -11.03 5.63 -11.23
C LYS E 170 -10.46 4.71 -12.31
N THR E 171 -9.34 5.09 -12.93
CA THR E 171 -8.67 4.15 -13.82
C THR E 171 -7.93 3.08 -13.01
N ALA E 172 -7.53 3.40 -11.78
CA ALA E 172 -6.83 2.47 -10.90
C ALA E 172 -7.77 1.76 -9.94
N GLN E 173 -9.06 1.65 -10.27
CA GLN E 173 -9.98 0.85 -9.46
C GLN E 173 -9.82 -0.62 -9.81
N ALA E 174 -9.69 -1.47 -8.79
CA ALA E 174 -9.38 -2.88 -8.97
C ALA E 174 -10.53 -3.78 -8.53
N HIS E 175 -11.75 -3.39 -8.88
CA HIS E 175 -12.93 -4.21 -8.58
C HIS E 175 -13.08 -5.35 -9.58
N ARG E 176 -12.76 -5.09 -10.85
CA ARG E 176 -12.87 -6.09 -11.90
C ARG E 176 -11.76 -7.12 -11.85
N ARG E 177 -10.75 -6.90 -11.01
CA ARG E 177 -9.69 -7.90 -10.80
C ARG E 177 -10.13 -8.96 -9.79
N ALA E 178 -10.82 -8.54 -8.73
CA ALA E 178 -11.40 -9.47 -7.78
C ALA E 178 -12.60 -10.22 -8.35
N GLU E 179 -13.00 -9.90 -9.58
CA GLU E 179 -14.06 -10.64 -10.26
C GLU E 179 -13.55 -11.93 -10.89
N THR E 180 -12.24 -12.12 -10.94
CA THR E 180 -11.63 -13.28 -11.57
C THR E 180 -10.79 -14.10 -10.58
N LEU E 181 -10.85 -13.77 -9.29
CA LEU E 181 -10.40 -14.66 -8.23
C LEU E 181 -11.60 -15.48 -7.79
N ILE E 182 -11.57 -16.80 -8.02
CA ILE E 182 -12.77 -17.60 -7.89
C ILE E 182 -12.60 -18.63 -6.77
N PHE E 183 -13.70 -18.93 -6.10
CA PHE E 183 -13.78 -19.95 -5.07
C PHE E 183 -14.66 -21.09 -5.55
N SER E 184 -14.34 -22.30 -5.10
CA SER E 184 -15.18 -23.45 -5.41
C SER E 184 -16.57 -23.27 -4.81
N LYS E 185 -17.59 -23.61 -5.60
CA LYS E 185 -18.96 -23.38 -5.14
C LYS E 185 -19.30 -24.24 -3.94
N HIS E 186 -18.65 -25.40 -3.80
CA HIS E 186 -18.90 -26.32 -2.70
C HIS E 186 -17.64 -26.47 -1.86
N ALA E 187 -17.77 -26.27 -0.55
CA ALA E 187 -16.73 -26.58 0.40
C ALA E 187 -17.01 -27.95 1.00
N VAL E 188 -15.96 -28.72 1.27
CA VAL E 188 -16.10 -30.11 1.68
C VAL E 188 -15.34 -30.35 2.98
N ILE E 189 -15.92 -31.19 3.84
CA ILE E 189 -15.25 -31.63 5.07
C ILE E 189 -14.79 -33.05 4.86
N THR E 190 -13.49 -33.28 4.99
CA THR E 190 -12.90 -34.59 4.72
C THR E 190 -11.88 -34.92 5.79
N LEU E 191 -11.58 -36.21 5.92
CA LEU E 191 -10.57 -36.66 6.87
C LEU E 191 -9.20 -36.52 6.23
N ARG E 192 -8.38 -35.62 6.78
CA ARG E 192 -7.02 -35.42 6.32
C ARG E 192 -6.08 -35.66 7.50
N HIS E 193 -5.12 -36.55 7.31
CA HIS E 193 -4.12 -36.88 8.33
C HIS E 193 -4.78 -37.20 9.68
N GLY E 194 -5.86 -37.98 9.61
CA GLY E 194 -6.55 -38.43 10.80
C GLY E 194 -7.44 -37.40 11.48
N ARG E 195 -7.56 -36.19 10.93
CA ARG E 195 -8.36 -35.14 11.55
C ARG E 195 -9.35 -34.58 10.54
N LEU E 196 -10.51 -34.18 11.03
CA LEU E 196 -11.51 -33.54 10.18
C LEU E 196 -11.03 -32.18 9.73
N CYS E 197 -11.04 -31.93 8.42
CA CYS E 197 -10.59 -30.67 7.86
C CYS E 197 -11.65 -30.12 6.90
N PHE E 198 -11.88 -28.82 7.01
CA PHE E 198 -12.86 -28.11 6.18
C PHE E 198 -12.10 -27.38 5.08
N MET E 199 -12.36 -27.76 3.83
CA MET E 199 -11.58 -27.26 2.70
C MET E 199 -12.47 -26.58 1.67
N LEU E 200 -11.90 -25.55 1.03
CA LEU E 200 -12.40 -24.96 -0.19
C LEU E 200 -11.25 -24.94 -1.20
N ARG E 201 -11.52 -24.52 -2.42
CA ARG E 201 -10.49 -24.38 -3.42
C ARG E 201 -10.62 -23.01 -4.07
N VAL E 202 -9.49 -22.30 -4.22
CA VAL E 202 -9.51 -20.99 -4.86
C VAL E 202 -8.56 -21.00 -6.05
N GLY E 203 -8.80 -20.06 -6.96
CA GLY E 203 -8.04 -19.96 -8.19
C GLY E 203 -7.89 -18.55 -8.72
N ASP E 204 -6.71 -18.24 -9.23
CA ASP E 204 -6.36 -16.94 -9.82
C ASP E 204 -6.27 -17.13 -11.32
N LEU E 205 -7.26 -16.61 -12.05
CA LEU E 205 -7.35 -16.90 -13.48
C LEU E 205 -6.24 -16.22 -14.26
N ARG E 206 -5.85 -15.02 -13.87
CA ARG E 206 -4.91 -14.21 -14.64
C ARG E 206 -3.45 -14.57 -14.35
N LYS E 207 -2.56 -14.09 -15.21
CA LYS E 207 -1.13 -14.27 -15.00
C LYS E 207 -0.61 -13.35 -13.91
N SER E 208 -1.26 -12.21 -13.69
CA SER E 208 -0.83 -11.26 -12.67
C SER E 208 -0.90 -11.90 -11.29
N MET E 209 0.25 -12.00 -10.63
CA MET E 209 0.31 -12.54 -9.28
C MET E 209 -0.24 -11.49 -8.31
N ILE E 210 -1.40 -11.76 -7.72
CA ILE E 210 -1.93 -10.82 -6.74
C ILE E 210 -1.05 -10.91 -5.50
N ILE E 211 -0.10 -9.97 -5.39
CA ILE E 211 1.02 -10.13 -4.47
C ILE E 211 0.54 -10.16 -3.03
N SER E 212 1.28 -10.91 -2.20
CA SER E 212 1.04 -11.01 -0.75
C SER E 212 -0.43 -11.31 -0.45
N ALA E 213 -0.89 -12.44 -0.97
CA ALA E 213 -2.27 -12.86 -0.73
C ALA E 213 -2.42 -13.37 0.70
N THR E 214 -3.48 -12.93 1.37
CA THR E 214 -3.75 -13.34 2.74
C THR E 214 -5.22 -13.66 2.87
N ILE E 215 -5.55 -14.79 3.53
CA ILE E 215 -6.92 -15.29 3.59
C ILE E 215 -7.40 -15.29 5.03
N HIS E 216 -8.57 -14.71 5.26
CA HIS E 216 -9.24 -14.71 6.55
C HIS E 216 -10.59 -15.41 6.43
N MET E 217 -10.83 -16.40 7.28
CA MET E 217 -12.08 -17.15 7.30
C MET E 217 -12.75 -16.97 8.64
N GLN E 218 -14.06 -16.72 8.63
CA GLN E 218 -14.82 -16.51 9.85
C GLN E 218 -16.10 -17.32 9.78
N VAL E 219 -16.44 -17.99 10.87
CA VAL E 219 -17.68 -18.74 10.98
C VAL E 219 -18.74 -17.80 11.55
N VAL E 220 -19.57 -17.26 10.66
CA VAL E 220 -20.65 -16.37 11.02
C VAL E 220 -21.83 -17.22 11.49
N ARG E 221 -22.15 -17.11 12.79
CA ARG E 221 -23.18 -17.93 13.41
C ARG E 221 -23.64 -17.21 14.66
N LYS E 222 -24.94 -17.30 14.96
CA LYS E 222 -25.49 -16.65 16.14
C LYS E 222 -24.99 -17.36 17.39
N THR E 223 -24.36 -16.60 18.29
CA THR E 223 -23.71 -17.14 19.47
C THR E 223 -24.43 -16.66 20.72
N THR E 224 -24.80 -17.61 21.57
CA THR E 224 -25.43 -17.32 22.85
C THR E 224 -24.39 -17.45 23.95
N SER E 225 -24.26 -16.40 24.78
CA SER E 225 -23.22 -16.42 25.80
C SER E 225 -23.73 -17.08 27.09
N PRO E 226 -22.86 -17.77 27.81
CA PRO E 226 -23.27 -18.34 29.11
C PRO E 226 -23.71 -17.30 30.12
N GLU E 227 -23.24 -16.06 30.00
CA GLU E 227 -23.67 -14.98 30.87
C GLU E 227 -24.93 -14.29 30.38
N GLY E 228 -25.50 -14.73 29.25
CA GLY E 228 -26.77 -14.22 28.79
C GLY E 228 -26.69 -13.12 27.75
N GLU E 229 -25.79 -13.27 26.77
CA GLU E 229 -25.65 -12.30 25.69
C GLU E 229 -25.71 -13.03 24.36
N VAL E 230 -26.67 -12.67 23.52
CA VAL E 230 -26.86 -13.27 22.21
C VAL E 230 -26.61 -12.20 21.16
N VAL E 231 -25.58 -12.40 20.35
CA VAL E 231 -25.22 -11.47 19.28
C VAL E 231 -25.65 -12.07 17.95
N PRO E 232 -26.26 -11.28 17.05
CA PRO E 232 -27.02 -11.87 15.94
C PRO E 232 -26.20 -12.26 14.72
N LEU E 233 -24.99 -11.70 14.55
CA LEU E 233 -24.13 -12.03 13.42
C LEU E 233 -22.69 -12.20 13.90
N HIS E 234 -22.52 -12.93 14.99
CA HIS E 234 -21.20 -13.11 15.59
C HIS E 234 -20.23 -13.70 14.59
N GLN E 235 -19.00 -13.15 14.55
CA GLN E 235 -17.96 -13.59 13.63
C GLN E 235 -16.77 -14.09 14.44
N VAL E 236 -16.49 -15.38 14.33
CA VAL E 236 -15.35 -16.01 15.01
C VAL E 236 -14.35 -16.39 13.93
N ASP E 237 -13.14 -15.85 14.01
CA ASP E 237 -12.09 -16.17 13.05
C ASP E 237 -11.61 -17.59 13.29
N ILE E 238 -11.53 -18.39 12.22
CA ILE E 238 -11.03 -19.76 12.29
C ILE E 238 -9.65 -19.80 11.67
N PRO E 239 -8.66 -20.41 12.33
CA PRO E 239 -7.27 -20.30 11.86
C PRO E 239 -7.02 -21.17 10.64
N MET E 240 -6.45 -20.55 9.60
CA MET E 240 -6.05 -21.30 8.42
C MET E 240 -4.81 -22.13 8.71
N GLU E 241 -4.84 -23.40 8.33
CA GLU E 241 -3.74 -24.30 8.65
C GLU E 241 -2.56 -24.05 7.72
N ASN E 242 -1.44 -23.62 8.29
CA ASN E 242 -0.20 -23.40 7.57
C ASN E 242 0.95 -23.96 8.38
N GLY E 243 2.00 -24.41 7.68
CA GLY E 243 3.20 -24.85 8.36
C GLY E 243 3.93 -23.73 9.07
N VAL E 244 3.84 -22.52 8.53
CA VAL E 244 4.44 -21.34 9.17
C VAL E 244 3.55 -20.75 10.24
N GLY E 245 2.28 -21.17 10.31
CA GLY E 245 1.37 -20.63 11.29
C GLY E 245 0.87 -19.24 10.94
N GLY E 246 0.58 -18.99 9.67
CA GLY E 246 0.09 -17.69 9.25
C GLY E 246 -1.12 -17.81 8.33
N ASN E 247 -1.52 -16.68 7.74
CA ASN E 247 -2.64 -16.62 6.81
C ASN E 247 -2.14 -15.97 5.52
N GLY E 248 -1.57 -16.78 4.64
CA GLY E 248 -1.03 -16.26 3.40
C GLY E 248 -0.73 -17.36 2.41
N ILE E 249 -1.02 -17.13 1.13
CA ILE E 249 -0.88 -18.15 0.11
C ILE E 249 -0.12 -17.59 -1.08
N PHE E 250 0.61 -18.47 -1.75
CA PHE E 250 1.18 -18.17 -3.06
C PHE E 250 0.22 -18.73 -4.10
N LEU E 251 -0.54 -17.84 -4.75
CA LEU E 251 -1.66 -18.22 -5.60
C LEU E 251 -1.26 -18.03 -7.07
N VAL E 252 -0.88 -19.13 -7.72
CA VAL E 252 -0.79 -19.20 -9.17
C VAL E 252 -1.62 -20.36 -9.73
N ALA E 253 -1.38 -21.57 -9.21
CA ALA E 253 -2.24 -22.71 -9.51
C ALA E 253 -3.33 -22.83 -8.45
N PRO E 254 -4.55 -23.19 -8.83
CA PRO E 254 -5.65 -23.24 -7.86
C PRO E 254 -5.34 -24.19 -6.71
N LEU E 255 -5.50 -23.69 -5.49
CA LEU E 255 -5.05 -24.42 -4.31
C LEU E 255 -6.20 -24.61 -3.33
N ILE E 256 -6.03 -25.61 -2.47
CA ILE E 256 -7.02 -25.98 -1.48
C ILE E 256 -6.68 -25.29 -0.17
N ILE E 257 -7.59 -24.45 0.30
CA ILE E 257 -7.49 -23.81 1.61
C ILE E 257 -8.29 -24.64 2.58
N TYR E 258 -7.61 -25.25 3.56
CA TYR E 258 -8.29 -26.11 4.52
C TYR E 258 -7.96 -25.66 5.94
N HIS E 259 -8.90 -25.94 6.84
CA HIS E 259 -8.82 -25.60 8.24
C HIS E 259 -8.99 -26.87 9.07
N VAL E 260 -8.07 -27.08 10.00
CA VAL E 260 -8.12 -28.25 10.89
C VAL E 260 -9.10 -27.95 12.01
N ILE E 261 -10.03 -28.87 12.23
CA ILE E 261 -11.14 -28.65 13.15
C ILE E 261 -10.89 -29.42 14.44
N ASP E 262 -9.61 -29.59 14.79
CA ASP E 262 -9.25 -30.40 15.94
C ASP E 262 -9.97 -29.96 17.21
N SER E 263 -9.75 -28.72 17.64
CA SER E 263 -10.35 -28.21 18.88
C SER E 263 -10.12 -26.71 18.95
N ASN E 264 -10.55 -26.12 20.07
CA ASN E 264 -10.36 -24.71 20.42
C ASN E 264 -10.69 -23.77 19.25
N SER E 265 -11.58 -24.21 18.37
CA SER E 265 -12.04 -23.41 17.25
C SER E 265 -13.45 -23.85 16.91
N PRO E 266 -14.25 -22.98 16.26
CA PRO E 266 -15.61 -23.36 15.91
C PRO E 266 -15.66 -24.56 14.98
N LEU E 267 -16.87 -25.04 14.69
CA LEU E 267 -17.14 -26.27 13.94
C LEU E 267 -16.69 -27.51 14.69
N TYR E 268 -16.32 -27.39 15.96
CA TYR E 268 -15.92 -28.56 16.74
C TYR E 268 -17.08 -29.54 16.89
N ASP E 269 -18.30 -29.03 17.01
CA ASP E 269 -19.47 -29.85 17.24
C ASP E 269 -20.35 -29.94 15.99
N LEU E 270 -19.74 -29.91 14.81
CA LEU E 270 -20.48 -29.90 13.55
C LEU E 270 -20.77 -31.34 13.15
N ALA E 271 -21.96 -31.82 13.50
CA ALA E 271 -22.40 -33.14 13.08
C ALA E 271 -22.78 -33.13 11.61
N PRO E 272 -22.59 -34.25 10.90
CA PRO E 272 -22.99 -34.31 9.48
C PRO E 272 -24.47 -34.13 9.26
N SER E 273 -25.29 -34.20 10.31
CA SER E 273 -26.73 -34.02 10.16
C SER E 273 -27.12 -32.55 10.14
N ASP E 274 -26.35 -31.69 10.81
CA ASP E 274 -26.67 -30.27 10.92
C ASP E 274 -26.35 -29.48 9.65
N LEU E 275 -26.00 -30.16 8.57
CA LEU E 275 -25.67 -29.49 7.31
C LEU E 275 -26.88 -29.55 6.37
N HIS E 276 -27.86 -28.71 6.67
CA HIS E 276 -29.02 -28.53 5.80
C HIS E 276 -29.24 -27.03 5.60
N HIS E 277 -30.31 -26.69 4.86
CA HIS E 277 -30.49 -25.32 4.40
C HIS E 277 -30.71 -24.36 5.57
N HIS E 278 -31.72 -24.64 6.40
CA HIS E 278 -32.13 -23.68 7.42
C HIS E 278 -31.30 -23.76 8.70
N GLN E 279 -30.12 -24.37 8.65
CA GLN E 279 -29.21 -24.35 9.78
C GLN E 279 -28.52 -23.00 9.86
N ASP E 280 -28.54 -22.39 11.04
CA ASP E 280 -27.85 -21.12 11.23
C ASP E 280 -26.35 -21.37 11.30
N LEU E 281 -25.69 -21.36 10.14
CA LEU E 281 -24.25 -21.59 10.07
C LEU E 281 -23.76 -21.07 8.73
N GLU E 282 -22.83 -20.13 8.76
CA GLU E 282 -22.22 -19.64 7.54
C GLU E 282 -20.72 -19.53 7.76
N ILE E 283 -19.96 -19.67 6.67
CA ILE E 283 -18.52 -19.47 6.71
C ILE E 283 -18.16 -18.49 5.59
N ILE E 284 -17.65 -17.32 5.96
CA ILE E 284 -17.18 -16.32 5.02
C ILE E 284 -15.68 -16.46 4.88
N VAL E 285 -15.18 -16.30 3.64
CA VAL E 285 -13.75 -16.27 3.36
C VAL E 285 -13.46 -15.00 2.59
N ILE E 286 -12.30 -14.39 2.89
CA ILE E 286 -11.96 -13.05 2.42
C ILE E 286 -10.46 -13.06 2.16
N LEU E 287 -10.06 -12.94 0.90
CA LEU E 287 -8.65 -12.93 0.58
C LEU E 287 -8.28 -11.55 0.02
N GLU E 288 -7.23 -10.97 0.59
CA GLU E 288 -6.80 -9.62 0.26
C GLU E 288 -5.36 -9.64 -0.21
N GLY E 289 -5.03 -8.77 -1.16
CA GLY E 289 -3.68 -8.67 -1.65
C GLY E 289 -3.58 -7.59 -2.71
N VAL E 290 -2.39 -7.02 -2.90
CA VAL E 290 -2.23 -6.00 -3.92
C VAL E 290 -2.13 -6.67 -5.28
N VAL E 291 -2.77 -6.07 -6.28
CA VAL E 291 -2.58 -6.56 -7.65
C VAL E 291 -1.16 -6.25 -8.08
N GLU E 292 -0.59 -7.11 -8.91
CA GLU E 292 0.81 -6.95 -9.25
C GLU E 292 1.05 -5.71 -10.11
N THR E 293 0.04 -5.28 -10.86
CA THR E 293 0.26 -4.31 -11.92
C THR E 293 -0.02 -2.88 -11.48
N THR E 294 -1.26 -2.60 -11.07
CA THR E 294 -1.59 -1.27 -10.57
C THR E 294 -1.18 -1.09 -9.11
N GLY E 295 -0.63 -2.12 -8.48
CA GLY E 295 -0.10 -1.98 -7.13
C GLY E 295 -1.10 -1.47 -6.12
N ILE E 296 -2.33 -1.98 -6.18
CA ILE E 296 -3.41 -1.55 -5.29
C ILE E 296 -4.01 -2.77 -4.62
N THR E 297 -4.20 -2.69 -3.31
CA THR E 297 -4.81 -3.79 -2.57
C THR E 297 -6.24 -4.02 -3.04
N THR E 298 -6.62 -5.29 -3.16
CA THR E 298 -7.98 -5.67 -3.49
C THR E 298 -8.38 -6.85 -2.59
N GLN E 299 -9.65 -7.25 -2.70
CA GLN E 299 -10.22 -8.23 -1.80
C GLN E 299 -11.33 -8.99 -2.53
N ALA E 300 -11.26 -10.31 -2.48
CA ALA E 300 -12.28 -11.19 -3.03
C ALA E 300 -12.86 -12.03 -1.91
N ARG E 301 -14.17 -12.08 -1.80
CA ARG E 301 -14.79 -12.78 -0.69
C ARG E 301 -15.95 -13.64 -1.17
N THR E 302 -16.25 -14.69 -0.40
CA THR E 302 -17.37 -15.58 -0.70
C THR E 302 -17.86 -16.20 0.60
N SER E 303 -19.02 -16.87 0.52
CA SER E 303 -19.66 -17.47 1.69
C SER E 303 -20.26 -18.83 1.38
N TYR E 304 -20.16 -19.73 2.35
CA TYR E 304 -20.77 -21.05 2.29
C TYR E 304 -21.82 -21.16 3.39
N LEU E 305 -23.07 -21.38 3.00
CA LEU E 305 -24.10 -21.71 3.96
C LEU E 305 -24.01 -23.21 4.31
N ALA E 306 -24.80 -23.62 5.30
CA ALA E 306 -24.72 -24.99 5.78
C ALA E 306 -25.08 -26.01 4.70
N ASP E 307 -25.83 -25.61 3.68
CA ASP E 307 -26.13 -26.53 2.59
C ASP E 307 -25.06 -26.53 1.51
N GLU E 308 -24.36 -25.39 1.34
CA GLU E 308 -23.28 -25.34 0.35
C GLU E 308 -22.14 -26.28 0.72
N ILE E 309 -21.89 -26.44 2.01
CA ILE E 309 -20.77 -27.25 2.49
C ILE E 309 -21.18 -28.71 2.46
N LEU E 310 -20.43 -29.53 1.70
CA LEU E 310 -20.70 -30.95 1.57
C LEU E 310 -19.86 -31.75 2.57
N TRP E 311 -20.36 -32.94 2.89
CA TRP E 311 -19.69 -33.82 3.85
C TRP E 311 -19.17 -35.05 3.14
N GLY E 312 -17.97 -35.49 3.52
CA GLY E 312 -17.42 -36.71 3.00
C GLY E 312 -16.98 -36.65 1.55
N GLN E 313 -16.67 -35.47 1.05
CA GLN E 313 -16.14 -35.29 -0.30
C GLN E 313 -14.71 -34.79 -0.23
N ARG E 314 -13.98 -34.98 -1.32
CA ARG E 314 -12.63 -34.46 -1.45
C ARG E 314 -12.44 -33.89 -2.84
N PHE E 315 -11.70 -32.79 -2.93
CA PHE E 315 -11.55 -32.10 -4.19
C PHE E 315 -10.76 -32.95 -5.19
N VAL E 316 -11.25 -33.03 -6.41
CA VAL E 316 -10.58 -33.81 -7.46
C VAL E 316 -9.28 -33.09 -7.84
N PRO E 317 -8.18 -33.82 -8.08
CA PRO E 317 -6.94 -33.16 -8.49
C PRO E 317 -7.12 -32.38 -9.79
N ILE E 318 -6.33 -31.30 -9.92
CA ILE E 318 -6.46 -30.35 -11.00
C ILE E 318 -5.17 -30.25 -11.82
N VAL E 319 -4.04 -30.04 -11.15
CA VAL E 319 -2.77 -29.95 -11.83
C VAL E 319 -2.42 -31.28 -12.48
N ALA E 320 -1.93 -31.24 -13.71
CA ALA E 320 -1.44 -32.42 -14.40
C ALA E 320 -0.20 -32.03 -15.19
N GLU E 321 0.83 -32.84 -15.10
CA GLU E 321 2.08 -32.56 -15.82
C GLU E 321 1.86 -32.82 -17.31
N GLU E 322 1.76 -31.75 -18.09
CA GLU E 322 1.54 -31.83 -19.52
C GLU E 322 2.90 -31.97 -20.23
N ASP E 323 2.91 -31.71 -21.54
CA ASP E 323 4.11 -31.82 -22.38
C ASP E 323 5.38 -31.33 -21.69
N GLY E 324 5.39 -30.10 -21.20
CA GLY E 324 6.56 -29.60 -20.51
C GLY E 324 6.25 -28.63 -19.37
N ARG E 325 4.99 -28.56 -18.96
CA ARG E 325 4.56 -27.59 -17.97
C ARG E 325 3.57 -28.25 -17.02
N TYR E 326 3.08 -27.47 -16.05
CA TYR E 326 2.08 -27.95 -15.10
C TYR E 326 0.72 -27.41 -15.54
N SER E 327 0.06 -28.16 -16.42
CA SER E 327 -1.22 -27.70 -16.96
C SER E 327 -2.32 -27.85 -15.90
N VAL E 328 -3.00 -26.75 -15.62
CA VAL E 328 -4.11 -26.73 -14.69
C VAL E 328 -5.42 -26.79 -15.48
N ASP E 329 -6.26 -27.77 -15.16
CA ASP E 329 -7.55 -27.95 -15.84
C ASP E 329 -8.66 -27.38 -14.96
N TYR E 330 -9.23 -26.26 -15.40
CA TYR E 330 -10.26 -25.59 -14.61
C TYR E 330 -11.65 -26.20 -14.82
N SER E 331 -11.78 -27.20 -15.69
CA SER E 331 -13.07 -27.87 -15.86
C SER E 331 -13.48 -28.60 -14.59
N LYS E 332 -12.56 -29.30 -13.96
CA LYS E 332 -12.82 -30.06 -12.75
C LYS E 332 -12.65 -29.23 -11.49
N PHE E 333 -12.78 -27.90 -11.60
CA PHE E 333 -12.43 -27.01 -10.48
C PHE E 333 -13.21 -27.35 -9.22
N GLY E 334 -14.52 -27.48 -9.32
CA GLY E 334 -15.34 -27.73 -8.14
C GLY E 334 -16.11 -29.05 -8.16
N ASN E 335 -15.45 -30.13 -8.59
CA ASN E 335 -16.18 -31.38 -8.78
C ASN E 335 -16.37 -32.17 -7.49
N THR E 336 -15.34 -32.22 -6.64
CA THR E 336 -15.47 -32.72 -5.26
C THR E 336 -16.00 -34.16 -5.22
N ILE E 337 -15.15 -35.07 -5.70
CA ILE E 337 -15.44 -36.50 -5.59
C ILE E 337 -15.65 -36.89 -4.12
N LYS E 338 -16.55 -37.86 -3.89
CA LYS E 338 -16.84 -38.33 -2.54
C LYS E 338 -15.93 -39.48 -2.13
N VAL E 339 -15.67 -39.57 -0.84
CA VAL E 339 -14.73 -40.56 -0.31
C VAL E 339 -15.21 -40.99 1.07
N PRO E 340 -15.13 -42.28 1.42
CA PRO E 340 -15.61 -42.74 2.73
C PRO E 340 -14.90 -42.06 3.88
N THR E 341 -15.67 -41.28 4.64
CA THR E 341 -15.22 -40.59 5.84
C THR E 341 -16.13 -40.95 7.01
N PRO E 342 -15.61 -40.97 8.23
CA PRO E 342 -16.46 -41.27 9.40
C PRO E 342 -17.47 -40.17 9.66
N LEU E 343 -18.76 -40.43 9.44
CA LEU E 343 -19.78 -39.40 9.58
C LEU E 343 -20.17 -39.28 11.05
N CYS E 344 -19.57 -38.31 11.72
CA CYS E 344 -19.83 -37.97 13.13
C CYS E 344 -19.11 -36.66 13.40
N THR E 345 -19.31 -36.12 14.59
CA THR E 345 -18.67 -34.86 14.93
C THR E 345 -17.20 -35.08 15.28
N ALA E 346 -16.41 -34.02 15.16
CA ALA E 346 -14.98 -34.11 15.43
C ALA E 346 -14.70 -34.39 16.90
N ARG E 347 -15.55 -33.88 17.80
CA ARG E 347 -15.42 -34.20 19.21
C ARG E 347 -15.55 -35.70 19.44
N GLN E 348 -16.53 -36.33 18.79
CA GLN E 348 -16.66 -37.78 18.88
C GLN E 348 -15.48 -38.49 18.24
N LEU E 349 -14.87 -37.89 17.22
CA LEU E 349 -13.67 -38.48 16.63
C LEU E 349 -12.52 -38.51 17.64
N ASP E 350 -12.31 -37.39 18.35
CA ASP E 350 -11.28 -37.36 19.39
C ASP E 350 -11.62 -38.31 20.53
N GLU E 351 -12.89 -38.40 20.91
CA GLU E 351 -13.29 -39.34 21.96
C GLU E 351 -13.02 -40.77 21.54
N ASP E 352 -13.32 -41.12 20.29
CA ASP E 352 -13.06 -42.47 19.82
C ASP E 352 -11.56 -42.78 19.76
N ARG E 353 -10.75 -41.80 19.36
CA ARG E 353 -9.31 -42.01 19.40
C ARG E 353 -8.83 -42.23 20.83
N SER E 354 -9.34 -41.44 21.78
CA SER E 354 -8.94 -41.61 23.18
C SER E 354 -9.38 -42.96 23.72
N LEU E 355 -10.56 -43.45 23.31
CA LEU E 355 -11.03 -44.74 23.79
C LEU E 355 -10.24 -45.89 23.18
N LEU E 356 -9.89 -45.77 21.89
CA LEU E 356 -9.05 -46.80 21.27
C LEU E 356 -7.65 -46.81 21.86
N ASP E 357 -7.13 -45.65 22.26
CA ASP E 357 -5.81 -45.60 22.88
C ASP E 357 -5.82 -46.28 24.24
N ALA E 358 -6.85 -46.02 25.04
CA ALA E 358 -6.96 -46.62 26.37
C ALA E 358 -8.36 -47.18 26.60
N PRO F 2 -33.52 36.16 -36.13
CA PRO F 2 -33.78 34.84 -35.55
C PRO F 2 -33.36 34.73 -34.09
N LEU F 3 -34.33 34.66 -33.18
CA LEU F 3 -34.11 34.41 -31.76
C LEU F 3 -33.08 35.38 -31.18
N ALA F 4 -33.48 36.66 -31.14
CA ALA F 4 -32.72 37.68 -30.44
C ALA F 4 -33.31 37.90 -29.06
N PHE F 5 -32.45 38.06 -28.05
CA PHE F 5 -32.90 38.31 -26.69
C PHE F 5 -33.73 39.58 -26.61
N CYS F 6 -33.15 40.70 -26.94
CA CYS F 6 -33.96 41.90 -27.14
C CYS F 6 -34.29 41.90 -28.63
N GLY F 7 -35.50 41.44 -28.96
CA GLY F 7 -35.91 41.17 -30.32
C GLY F 7 -35.41 42.19 -31.32
N THR F 8 -34.98 41.73 -32.50
CA THR F 8 -34.39 42.63 -33.49
C THR F 8 -35.38 43.68 -33.96
N GLU F 9 -35.14 44.93 -33.55
CA GLU F 9 -36.02 46.04 -33.87
C GLU F 9 -35.18 47.27 -34.21
N ASN F 10 -35.59 47.99 -35.25
CA ASN F 10 -34.86 49.18 -35.72
C ASN F 10 -33.37 48.88 -35.86
N HIS F 11 -33.08 47.72 -36.46
CA HIS F 11 -31.70 47.23 -36.59
C HIS F 11 -31.09 46.97 -35.22
N SER F 12 -31.85 46.25 -34.38
CA SER F 12 -31.40 45.81 -33.05
C SER F 12 -31.05 46.99 -32.15
N ALA F 13 -31.81 48.09 -32.29
CA ALA F 13 -31.60 49.27 -31.45
C ALA F 13 -31.83 48.97 -29.97
N ALA F 14 -32.48 47.85 -29.65
CA ALA F 14 -32.72 47.47 -28.26
C ALA F 14 -31.44 47.15 -27.52
N TYR F 15 -30.35 46.86 -28.22
CA TYR F 15 -29.10 46.55 -27.55
C TYR F 15 -28.26 47.76 -27.23
N ARG F 16 -28.50 48.89 -27.87
CA ARG F 16 -27.69 50.08 -27.61
C ARG F 16 -27.84 50.49 -26.15
N VAL F 17 -26.76 50.42 -25.39
CA VAL F 17 -26.77 50.76 -23.97
C VAL F 17 -26.21 52.16 -23.73
N ASP F 18 -26.12 53.00 -24.76
CA ASP F 18 -25.52 54.32 -24.63
C ASP F 18 -26.18 55.18 -23.57
N GLN F 19 -27.36 54.79 -23.09
CA GLN F 19 -28.17 55.63 -22.22
C GLN F 19 -27.97 55.33 -20.74
N GLY F 20 -26.79 54.87 -20.33
CA GLY F 20 -26.70 54.44 -18.95
C GLY F 20 -27.16 53.01 -18.71
N VAL F 21 -26.30 52.05 -19.04
CA VAL F 21 -26.63 50.63 -19.21
C VAL F 21 -27.74 50.14 -18.27
N LEU F 22 -27.61 50.43 -16.97
CA LEU F 22 -28.54 49.85 -16.01
C LEU F 22 -29.98 50.26 -16.25
N ASN F 23 -30.22 51.42 -16.88
CA ASN F 23 -31.58 51.85 -17.19
C ASN F 23 -32.00 51.50 -18.61
N ASN F 24 -31.23 50.64 -19.30
CA ASN F 24 -31.71 50.00 -20.52
C ASN F 24 -32.43 48.70 -20.15
N GLY F 25 -33.75 48.75 -20.19
CA GLY F 25 -34.51 47.54 -20.05
C GLY F 25 -34.07 46.50 -21.07
N CYS F 26 -34.39 45.25 -20.77
CA CYS F 26 -33.95 44.08 -21.52
C CYS F 26 -32.46 43.85 -21.33
N PHE F 27 -31.78 44.75 -20.62
CA PHE F 27 -30.50 44.40 -19.99
C PHE F 27 -30.66 44.14 -18.51
N VAL F 28 -31.45 44.97 -17.83
CA VAL F 28 -31.84 44.67 -16.47
C VAL F 28 -32.68 43.40 -16.46
N ASP F 29 -33.44 43.16 -17.53
CA ASP F 29 -34.13 41.89 -17.66
C ASP F 29 -33.14 40.76 -17.91
N ALA F 30 -32.02 41.07 -18.57
CA ALA F 30 -30.96 40.09 -18.78
C ALA F 30 -30.20 39.80 -17.49
N LEU F 31 -30.12 40.78 -16.59
CA LEU F 31 -29.40 40.55 -15.36
C LEU F 31 -30.08 39.48 -14.50
N ASN F 32 -31.39 39.29 -14.68
CA ASN F 32 -32.10 38.28 -13.90
C ASN F 32 -31.72 36.89 -14.36
N VAL F 33 -31.49 36.69 -15.66
CA VAL F 33 -31.14 35.37 -16.18
C VAL F 33 -29.90 34.80 -15.51
N VAL F 34 -29.06 35.66 -14.93
CA VAL F 34 -27.76 35.30 -14.40
C VAL F 34 -27.86 34.57 -13.06
N PRO F 35 -28.54 35.09 -12.03
CA PRO F 35 -28.56 34.35 -10.75
C PRO F 35 -29.24 33.00 -10.85
N HIS F 36 -30.21 32.85 -11.75
CA HIS F 36 -30.84 31.56 -11.96
C HIS F 36 -29.88 30.58 -12.62
N VAL F 37 -29.07 31.05 -13.57
CA VAL F 37 -28.00 30.22 -14.11
C VAL F 37 -27.01 29.83 -13.02
N PHE F 38 -26.70 30.78 -12.13
CA PHE F 38 -25.79 30.52 -11.02
C PHE F 38 -26.29 29.36 -10.17
N LEU F 39 -27.57 29.42 -9.77
CA LEU F 39 -28.13 28.36 -8.94
C LEU F 39 -28.14 27.04 -9.69
N LEU F 40 -28.68 27.03 -10.90
CA LEU F 40 -28.72 25.80 -11.70
C LEU F 40 -27.34 25.15 -11.79
N PHE F 41 -26.32 25.93 -12.12
CA PHE F 41 -25.04 25.34 -12.43
C PHE F 41 -24.19 25.06 -11.20
N ILE F 42 -24.44 25.74 -10.09
CA ILE F 42 -23.79 25.33 -8.86
C ILE F 42 -24.44 24.07 -8.32
N THR F 43 -25.72 23.86 -8.61
CA THR F 43 -26.45 22.83 -7.90
C THR F 43 -26.48 21.49 -8.65
N PHE F 44 -26.81 21.51 -9.95
CA PHE F 44 -26.92 20.27 -10.71
C PHE F 44 -25.76 19.31 -10.53
N PRO F 45 -24.49 19.73 -10.53
CA PRO F 45 -23.42 18.80 -10.19
C PRO F 45 -23.55 18.18 -8.80
N ILE F 46 -23.81 19.00 -7.77
CA ILE F 46 -23.93 18.45 -6.43
C ILE F 46 -25.13 17.54 -6.33
N LEU F 47 -26.24 17.94 -6.94
CA LEU F 47 -27.46 17.13 -6.91
C LEU F 47 -27.24 15.78 -7.57
N PHE F 48 -26.46 15.75 -8.66
CA PHE F 48 -26.25 14.49 -9.36
C PHE F 48 -25.16 13.64 -8.72
N ILE F 49 -24.23 14.25 -7.99
CA ILE F 49 -23.29 13.43 -7.22
C ILE F 49 -23.99 12.81 -6.02
N GLY F 50 -24.89 13.55 -5.37
CA GLY F 50 -25.67 12.99 -4.29
C GLY F 50 -26.78 12.06 -4.74
N TRP F 51 -27.19 12.16 -6.01
CA TRP F 51 -28.21 11.28 -6.55
C TRP F 51 -27.64 9.96 -7.06
N GLY F 52 -26.33 9.88 -7.26
CA GLY F 52 -25.70 8.64 -7.69
C GLY F 52 -25.78 7.54 -6.63
N HIS F 61 -28.84 2.40 2.43
CA HIS F 61 -28.95 3.30 3.57
C HIS F 61 -30.40 3.65 3.92
N HIS F 62 -30.56 4.36 5.03
CA HIS F 62 -31.88 4.80 5.52
C HIS F 62 -31.63 5.93 6.51
N SER F 63 -32.14 7.12 6.20
CA SER F 63 -31.59 8.32 6.80
C SER F 63 -32.26 8.73 8.11
N THR F 64 -33.58 8.63 8.21
CA THR F 64 -34.35 9.30 9.26
C THR F 64 -34.04 10.80 9.27
N TRP F 65 -34.46 11.43 8.18
CA TRP F 65 -34.26 12.84 7.87
C TRP F 65 -34.70 13.78 8.98
N LEU F 66 -34.24 15.03 8.91
CA LEU F 66 -34.58 16.07 9.86
C LEU F 66 -35.00 17.33 9.11
N HIS F 67 -35.89 18.11 9.71
CA HIS F 67 -36.41 19.33 9.08
C HIS F 67 -35.63 20.54 9.57
N PHE F 68 -35.23 21.42 8.64
CA PHE F 68 -34.69 22.70 9.09
C PHE F 68 -35.83 23.65 9.45
N PRO F 69 -35.63 24.48 10.48
CA PRO F 69 -36.74 25.32 10.97
C PRO F 69 -37.08 26.42 9.97
N GLY F 70 -38.38 26.64 9.80
CA GLY F 70 -38.88 27.40 8.67
C GLY F 70 -39.26 26.54 7.49
N HIS F 71 -39.40 25.22 7.71
CA HIS F 71 -39.63 24.26 6.63
C HIS F 71 -40.93 24.53 5.90
N ASN F 72 -42.06 24.40 6.61
CA ASN F 72 -43.35 24.61 5.97
C ASN F 72 -43.43 25.98 5.33
N LEU F 73 -42.87 27.00 6.00
CA LEU F 73 -42.95 28.37 5.49
C LEU F 73 -42.27 28.48 4.13
N ARG F 74 -41.05 27.94 4.03
CA ARG F 74 -40.34 28.04 2.75
C ARG F 74 -41.01 27.21 1.68
N TRP F 75 -41.64 26.09 2.05
CA TRP F 75 -42.41 25.35 1.04
C TRP F 75 -43.55 26.20 0.51
N ILE F 76 -44.34 26.80 1.41
CA ILE F 76 -45.44 27.67 1.00
C ILE F 76 -44.93 28.79 0.10
N LEU F 77 -43.81 29.40 0.50
CA LEU F 77 -43.24 30.50 -0.26
C LEU F 77 -42.84 30.04 -1.67
N THR F 78 -42.20 28.87 -1.78
CA THR F 78 -41.78 28.41 -3.10
C THR F 78 -42.97 28.01 -3.97
N PHE F 79 -44.05 27.52 -3.36
CA PHE F 79 -45.26 27.29 -4.12
C PHE F 79 -45.79 28.60 -4.71
N ILE F 80 -45.93 29.62 -3.86
CA ILE F 80 -46.37 30.92 -4.35
C ILE F 80 -45.42 31.43 -5.42
N LEU F 81 -44.13 31.13 -5.27
CA LEU F 81 -43.13 31.61 -6.21
C LEU F 81 -43.33 31.00 -7.60
N LEU F 82 -43.45 29.67 -7.66
CA LEU F 82 -43.77 29.00 -8.92
C LEU F 82 -45.08 29.50 -9.50
N PHE F 83 -46.04 29.87 -8.65
CA PHE F 83 -47.29 30.41 -9.19
C PHE F 83 -47.07 31.74 -9.88
N VAL F 84 -46.41 32.68 -9.19
CA VAL F 84 -46.18 33.99 -9.79
C VAL F 84 -45.31 33.86 -11.03
N LEU F 85 -44.42 32.86 -11.06
CA LEU F 85 -43.59 32.69 -12.24
C LEU F 85 -44.36 32.12 -13.42
N VAL F 86 -45.35 31.24 -13.16
CA VAL F 86 -46.25 30.84 -14.24
C VAL F 86 -46.99 32.05 -14.77
N CYS F 87 -47.47 32.91 -13.86
CA CYS F 87 -48.16 34.11 -14.29
C CYS F 87 -47.24 35.04 -15.09
N GLU F 88 -45.95 35.05 -14.76
CA GLU F 88 -45.03 35.94 -15.45
C GLU F 88 -44.69 35.41 -16.84
N ILE F 89 -44.45 34.11 -16.96
CA ILE F 89 -44.35 33.50 -18.28
C ILE F 89 -45.57 33.84 -19.11
N ALA F 90 -46.76 33.75 -18.49
CA ALA F 90 -47.98 34.03 -19.23
C ALA F 90 -48.02 35.48 -19.70
N GLU F 91 -47.76 36.41 -18.79
CA GLU F 91 -47.86 37.81 -19.15
C GLU F 91 -46.82 38.17 -20.21
N GLY F 92 -45.62 37.56 -20.17
CA GLY F 92 -44.64 37.80 -21.20
C GLY F 92 -45.06 37.30 -22.56
N ILE F 93 -45.37 35.99 -22.64
CA ILE F 93 -45.76 35.39 -23.92
C ILE F 93 -46.97 36.10 -24.50
N LEU F 94 -47.94 36.46 -23.66
CA LEU F 94 -49.04 37.32 -24.10
C LEU F 94 -48.51 38.66 -24.56
N SER F 95 -47.46 39.16 -23.92
CA SER F 95 -47.05 40.53 -24.09
C SER F 95 -46.23 40.77 -25.33
N ASP F 96 -45.75 39.73 -26.00
CA ASP F 96 -45.12 39.94 -27.30
C ASP F 96 -45.82 39.18 -28.42
N GLY F 97 -47.13 39.08 -28.34
CA GLY F 97 -47.86 38.62 -29.50
C GLY F 97 -47.94 39.62 -30.63
N VAL F 98 -47.62 40.89 -30.34
CA VAL F 98 -47.84 41.96 -31.31
C VAL F 98 -46.73 41.98 -32.35
N THR F 99 -45.50 42.22 -31.90
CA THR F 99 -44.39 42.52 -32.79
C THR F 99 -44.02 41.31 -33.64
N GLU F 100 -43.09 41.53 -34.56
CA GLU F 100 -42.71 40.49 -35.52
C GLU F 100 -41.61 39.58 -35.00
N SER F 101 -40.69 40.10 -34.20
CA SER F 101 -39.64 39.31 -33.58
C SER F 101 -39.99 39.03 -32.12
N ARG F 102 -39.76 37.78 -31.71
CA ARG F 102 -40.14 37.34 -30.37
C ARG F 102 -39.15 37.88 -29.34
N HIS F 103 -39.57 38.88 -28.56
CA HIS F 103 -38.72 39.41 -27.50
C HIS F 103 -38.53 38.34 -26.44
N LEU F 104 -37.37 37.69 -26.44
CA LEU F 104 -37.12 36.63 -25.45
C LEU F 104 -37.00 37.17 -24.05
N HIS F 105 -36.47 38.38 -23.88
CA HIS F 105 -36.27 38.90 -22.55
C HIS F 105 -37.56 39.04 -21.77
N LEU F 106 -38.70 38.93 -22.44
CA LEU F 106 -39.97 39.00 -21.72
C LEU F 106 -40.19 37.76 -20.89
N TYR F 107 -40.19 36.58 -21.50
CA TYR F 107 -40.53 35.38 -20.76
C TYR F 107 -39.35 34.49 -20.42
N MET F 108 -38.32 34.41 -21.28
CA MET F 108 -37.21 33.49 -20.99
C MET F 108 -36.55 33.73 -19.63
N PRO F 109 -36.36 34.96 -19.13
CA PRO F 109 -35.79 35.08 -17.78
C PRO F 109 -36.71 34.54 -16.68
N ALA F 110 -38.02 34.80 -16.79
CA ALA F 110 -38.97 34.28 -15.81
C ALA F 110 -39.15 32.77 -15.92
N GLY F 111 -39.26 32.26 -17.14
CA GLY F 111 -39.24 30.83 -17.35
C GLY F 111 -37.95 30.16 -16.91
N MET F 112 -36.86 30.92 -16.82
CA MET F 112 -35.62 30.37 -16.29
C MET F 112 -35.64 30.35 -14.77
N ALA F 113 -36.15 31.43 -14.17
CA ALA F 113 -36.38 31.50 -12.74
C ALA F 113 -37.29 30.39 -12.26
N PHE F 114 -38.19 29.92 -13.13
CA PHE F 114 -39.07 28.82 -12.74
C PHE F 114 -38.26 27.55 -12.46
N MET F 115 -37.51 27.08 -13.46
CA MET F 115 -36.63 25.92 -13.25
C MET F 115 -35.68 26.15 -12.10
N ALA F 116 -35.17 27.38 -11.95
CA ALA F 116 -34.28 27.69 -10.84
C ALA F 116 -34.97 27.48 -9.49
N ALA F 117 -36.23 27.89 -9.38
CA ALA F 117 -36.95 27.71 -8.13
C ALA F 117 -37.22 26.24 -7.85
N ILE F 118 -37.54 25.48 -8.89
CA ILE F 118 -37.75 24.05 -8.71
C ILE F 118 -36.46 23.39 -8.21
N THR F 119 -35.34 23.73 -8.85
CA THR F 119 -34.04 23.23 -8.39
C THR F 119 -33.76 23.66 -6.97
N SER F 120 -34.21 24.86 -6.60
CA SER F 120 -34.02 25.35 -5.24
C SER F 120 -34.72 24.44 -4.24
N VAL F 121 -35.97 24.08 -4.52
CA VAL F 121 -36.71 23.20 -3.62
C VAL F 121 -36.05 21.82 -3.57
N VAL F 122 -35.62 21.30 -4.72
CA VAL F 122 -35.01 19.97 -4.73
C VAL F 122 -33.71 19.95 -3.95
N TYR F 123 -32.87 20.97 -4.15
CA TYR F 123 -31.58 21.08 -3.50
C TYR F 123 -31.75 21.26 -2.00
N TYR F 124 -32.65 22.14 -1.58
CA TYR F 124 -32.90 22.29 -0.15
C TYR F 124 -33.44 20.99 0.44
N HIS F 125 -34.25 20.25 -0.30
CA HIS F 125 -34.76 19.00 0.24
C HIS F 125 -33.64 17.98 0.39
N ASN F 126 -32.73 17.91 -0.59
CA ASN F 126 -31.58 17.04 -0.47
C ASN F 126 -30.76 17.37 0.77
N ILE F 127 -30.51 18.66 0.98
CA ILE F 127 -29.74 19.09 2.15
C ILE F 127 -30.50 18.74 3.43
N GLU F 128 -31.81 18.95 3.46
CA GLU F 128 -32.59 18.61 4.63
C GLU F 128 -32.43 17.13 4.97
N THR F 129 -32.63 16.26 3.98
CA THR F 129 -32.53 14.83 4.22
C THR F 129 -31.12 14.43 4.67
N SER F 130 -30.09 15.05 4.08
CA SER F 130 -28.71 14.69 4.37
C SER F 130 -28.12 15.48 5.54
N ASN F 131 -28.87 16.43 6.11
CA ASN F 131 -28.43 17.26 7.22
C ASN F 131 -27.00 17.76 7.04
N PHE F 132 -26.74 18.33 5.88
CA PHE F 132 -25.48 19.04 5.63
C PHE F 132 -25.81 20.52 5.54
N PRO F 133 -26.05 21.20 6.67
CA PRO F 133 -26.57 22.57 6.60
C PRO F 133 -25.63 23.57 5.96
N LYS F 134 -24.31 23.30 5.97
CA LYS F 134 -23.38 24.25 5.37
C LYS F 134 -23.62 24.40 3.88
N LEU F 135 -24.09 23.35 3.21
CA LEU F 135 -24.44 23.48 1.81
C LEU F 135 -25.47 24.58 1.57
N LEU F 136 -26.33 24.85 2.56
CA LEU F 136 -27.34 25.90 2.44
C LEU F 136 -26.72 27.25 2.12
N ILE F 137 -25.42 27.42 2.33
CA ILE F 137 -24.74 28.66 1.96
C ILE F 137 -25.02 29.00 0.49
N ALA F 138 -25.08 27.96 -0.37
CA ALA F 138 -25.34 28.17 -1.79
C ALA F 138 -26.69 28.82 -2.03
N LEU F 139 -27.70 28.45 -1.24
CA LEU F 139 -28.97 29.16 -1.35
C LEU F 139 -28.85 30.55 -0.74
N LEU F 140 -28.05 30.66 0.32
CA LEU F 140 -27.82 31.95 0.98
C LEU F 140 -27.35 33.01 -0.02
N ILE F 141 -26.53 32.61 -0.99
CA ILE F 141 -26.15 33.51 -2.06
C ILE F 141 -27.35 33.80 -2.96
N TYR F 142 -27.99 32.73 -3.46
CA TYR F 142 -28.94 32.83 -4.56
C TYR F 142 -30.00 33.89 -4.31
N TRP F 143 -30.77 33.73 -3.23
CA TRP F 143 -31.85 34.68 -2.94
C TRP F 143 -31.32 36.11 -2.96
N THR F 144 -30.15 36.34 -2.35
CA THR F 144 -29.52 37.66 -2.40
C THR F 144 -29.50 38.20 -3.82
N LEU F 145 -28.80 37.52 -4.72
CA LEU F 145 -28.78 37.90 -6.12
C LEU F 145 -30.20 38.08 -6.63
N ALA F 146 -31.03 37.04 -6.44
CA ALA F 146 -32.39 37.08 -6.95
C ALA F 146 -33.15 38.25 -6.35
N PHE F 147 -32.85 38.60 -5.10
CA PHE F 147 -33.42 39.81 -4.54
C PHE F 147 -32.90 41.03 -5.30
N ILE F 148 -31.58 41.21 -5.27
CA ILE F 148 -30.97 42.44 -5.79
C ILE F 148 -31.43 42.67 -7.23
N THR F 149 -31.11 41.73 -8.12
CA THR F 149 -31.41 41.91 -9.54
C THR F 149 -32.89 42.15 -9.78
N LYS F 150 -33.75 41.63 -8.90
CA LYS F 150 -35.17 41.91 -9.06
C LYS F 150 -35.51 43.31 -8.59
N THR F 151 -34.95 43.72 -7.45
CA THR F 151 -35.14 45.09 -6.98
C THR F 151 -34.64 46.09 -8.01
N ILE F 152 -33.45 45.84 -8.57
CA ILE F 152 -32.92 46.68 -9.63
C ILE F 152 -33.91 46.75 -10.79
N LYS F 153 -34.61 45.65 -11.05
CA LYS F 153 -35.63 45.65 -12.09
C LYS F 153 -36.84 46.46 -11.67
N PHE F 154 -37.19 46.41 -10.39
CA PHE F 154 -38.31 47.19 -9.87
C PHE F 154 -38.01 48.68 -9.98
N VAL F 155 -36.92 49.11 -9.34
CA VAL F 155 -36.53 50.52 -9.32
C VAL F 155 -36.61 51.12 -10.71
N LYS F 156 -35.87 50.54 -11.66
CA LYS F 156 -35.82 51.10 -13.00
C LYS F 156 -37.21 51.19 -13.61
N PHE F 157 -38.05 50.17 -13.41
CA PHE F 157 -39.45 50.26 -13.83
C PHE F 157 -40.08 51.55 -13.34
N TYR F 158 -40.03 51.74 -12.02
CA TYR F 158 -40.55 52.93 -11.36
C TYR F 158 -40.09 54.22 -12.05
N ASP F 159 -38.86 54.24 -12.57
CA ASP F 159 -38.33 55.46 -13.14
C ASP F 159 -39.09 55.90 -14.39
N HIS F 160 -39.53 54.95 -15.21
CA HIS F 160 -40.30 55.32 -16.39
C HIS F 160 -41.78 55.47 -16.08
N ALA F 161 -42.14 55.53 -14.80
CA ALA F 161 -43.53 55.52 -14.35
C ALA F 161 -44.30 54.39 -15.04
N ILE F 162 -43.75 53.18 -14.92
CA ILE F 162 -44.51 51.98 -15.29
C ILE F 162 -45.76 51.89 -14.46
N GLY F 163 -45.62 52.09 -13.15
CA GLY F 163 -46.77 52.14 -12.25
C GLY F 163 -47.30 50.76 -11.93
N PHE F 164 -48.46 50.75 -11.29
CA PHE F 164 -49.21 49.54 -11.00
C PHE F 164 -50.18 49.24 -12.14
N SER F 165 -50.43 50.22 -13.01
CA SER F 165 -51.38 50.08 -14.12
C SER F 165 -51.16 48.79 -14.88
N GLN F 166 -49.91 48.36 -15.06
CA GLN F 166 -49.59 47.15 -15.80
C GLN F 166 -49.33 45.98 -14.86
N LEU F 167 -49.61 44.77 -15.35
CA LEU F 167 -49.51 43.58 -14.50
C LEU F 167 -48.05 43.25 -14.18
N ARG F 168 -47.17 43.36 -15.18
CA ARG F 168 -45.77 43.01 -14.99
C ARG F 168 -45.17 43.67 -13.76
N PHE F 169 -45.59 44.90 -13.47
CA PHE F 169 -45.08 45.59 -12.29
C PHE F 169 -45.56 44.92 -11.01
N CYS F 170 -46.81 44.50 -10.96
CA CYS F 170 -47.31 43.81 -9.78
C CYS F 170 -46.60 42.48 -9.61
N LEU F 171 -46.39 41.76 -10.71
CA LEU F 171 -45.72 40.47 -10.62
C LEU F 171 -44.27 40.65 -10.17
N THR F 172 -43.57 41.65 -10.68
CA THR F 172 -42.20 41.85 -10.25
C THR F 172 -42.13 42.36 -8.82
N GLY F 173 -43.15 43.08 -8.35
CA GLY F 173 -43.18 43.45 -6.95
C GLY F 173 -43.40 42.25 -6.05
N LEU F 174 -44.38 41.41 -6.41
CA LEU F 174 -44.56 40.13 -5.75
C LEU F 174 -43.27 39.33 -5.72
N LEU F 175 -42.50 39.39 -6.81
CA LEU F 175 -41.25 38.64 -6.86
C LEU F 175 -40.22 39.22 -5.90
N VAL F 176 -40.03 40.55 -5.92
CA VAL F 176 -39.12 41.16 -4.96
C VAL F 176 -39.51 40.77 -3.55
N ILE F 177 -40.81 40.80 -3.25
CA ILE F 177 -41.28 40.48 -1.91
C ILE F 177 -40.96 39.03 -1.56
N LEU F 178 -41.24 38.10 -2.47
CA LEU F 178 -40.99 36.69 -2.20
C LEU F 178 -39.51 36.39 -2.06
N TYR F 179 -38.64 37.07 -2.83
CA TYR F 179 -37.22 36.85 -2.65
C TYR F 179 -36.76 37.42 -1.30
N GLY F 180 -37.29 38.57 -0.90
CA GLY F 180 -37.03 39.06 0.45
C GLY F 180 -37.46 38.05 1.51
N MET F 181 -38.62 37.43 1.32
CA MET F 181 -39.11 36.43 2.26
C MET F 181 -38.17 35.25 2.35
N LEU F 182 -37.70 34.75 1.20
CA LEU F 182 -36.81 33.59 1.18
C LEU F 182 -35.44 33.94 1.74
N LEU F 183 -34.98 35.18 1.54
CA LEU F 183 -33.75 35.61 2.18
C LEU F 183 -33.92 35.63 3.69
N LEU F 184 -35.08 36.11 4.17
CA LEU F 184 -35.34 36.11 5.61
C LEU F 184 -35.38 34.70 6.16
N VAL F 185 -35.98 33.76 5.42
CA VAL F 185 -36.05 32.37 5.86
C VAL F 185 -34.66 31.74 5.89
N GLU F 186 -33.85 32.00 4.87
CA GLU F 186 -32.49 31.48 4.86
C GLU F 186 -31.69 31.99 6.06
N VAL F 187 -31.81 33.29 6.35
CA VAL F 187 -31.08 33.84 7.48
C VAL F 187 -31.66 33.33 8.80
N ASN F 188 -32.97 33.07 8.83
CA ASN F 188 -33.57 32.41 9.98
C ASN F 188 -32.90 31.07 10.25
N VAL F 189 -32.78 30.24 9.21
CA VAL F 189 -32.14 28.94 9.34
C VAL F 189 -30.70 29.10 9.84
N ILE F 190 -29.94 29.99 9.19
CA ILE F 190 -28.55 30.19 9.58
C ILE F 190 -28.45 30.71 11.01
N ARG F 191 -29.51 31.35 11.52
CA ARG F 191 -29.48 31.92 12.86
C ARG F 191 -29.77 30.88 13.93
N VAL F 192 -30.83 30.09 13.75
CA VAL F 192 -31.15 29.08 14.77
C VAL F 192 -30.04 28.04 14.86
N ARG F 193 -29.72 27.39 13.75
CA ARG F 193 -28.67 26.37 13.70
C ARG F 193 -27.46 27.00 13.04
N ARG F 194 -26.53 27.49 13.84
CA ARG F 194 -25.41 28.26 13.31
C ARG F 194 -24.41 27.30 12.67
N TYR F 195 -24.61 27.03 11.39
CA TYR F 195 -23.75 26.12 10.65
C TYR F 195 -22.60 26.82 9.95
N ILE F 196 -22.74 28.12 9.63
CA ILE F 196 -21.65 28.89 9.06
C ILE F 196 -20.61 29.09 10.14
N PHE F 197 -19.46 29.66 9.76
CA PHE F 197 -18.36 29.82 10.71
C PHE F 197 -18.83 30.52 11.97
N PHE F 198 -18.84 29.75 13.06
CA PHE F 198 -19.50 30.11 14.31
C PHE F 198 -19.00 29.16 15.39
N LYS F 199 -19.69 29.10 16.52
CA LYS F 199 -19.38 28.11 17.54
C LYS F 199 -19.83 26.70 17.15
N THR F 200 -20.59 26.56 16.06
CA THR F 200 -21.11 25.28 15.59
C THR F 200 -21.81 24.49 16.71
N PRO F 201 -22.74 25.11 17.42
CA PRO F 201 -23.28 24.50 18.64
C PRO F 201 -24.29 23.37 18.44
N ARG F 202 -25.23 23.56 17.51
CA ARG F 202 -26.48 22.81 17.53
C ARG F 202 -26.41 21.52 16.73
N GLU F 203 -26.93 20.45 17.31
CA GLU F 203 -27.22 19.20 16.61
C GLU F 203 -28.59 18.75 17.06
N VAL F 204 -29.53 18.64 16.11
CA VAL F 204 -30.93 18.52 16.49
C VAL F 204 -31.35 17.09 16.80
N LYS F 205 -30.63 16.07 16.29
CA LYS F 205 -30.92 14.68 16.64
C LYS F 205 -32.35 14.31 16.24
N PRO F 206 -32.57 14.00 14.96
CA PRO F 206 -33.94 13.84 14.40
C PRO F 206 -34.86 13.08 15.33
N PRO F 207 -36.18 13.36 15.28
CA PRO F 207 -37.08 12.97 16.36
C PRO F 207 -37.07 11.47 16.65
N GLU F 208 -37.42 11.15 17.89
CA GLU F 208 -37.32 9.77 18.38
C GLU F 208 -38.30 8.84 17.65
N ASP F 209 -39.52 9.31 17.41
CA ASP F 209 -40.52 8.46 16.75
C ASP F 209 -40.17 8.19 15.30
N LEU F 210 -39.29 8.98 14.70
CA LEU F 210 -38.82 8.68 13.35
C LEU F 210 -37.69 7.67 13.33
N GLN F 211 -37.05 7.45 14.48
CA GLN F 211 -35.99 6.46 14.60
C GLN F 211 -36.50 5.06 14.95
N ASP F 212 -37.72 4.94 15.46
CA ASP F 212 -38.29 3.64 15.73
C ASP F 212 -38.44 2.82 14.46
N LEU F 213 -37.66 1.74 14.33
CA LEU F 213 -37.85 0.83 13.22
C LEU F 213 -39.13 0.06 13.47
N GLY F 214 -40.23 0.54 12.87
CA GLY F 214 -41.53 0.01 13.17
C GLY F 214 -42.61 1.07 13.22
N VAL F 215 -42.21 2.32 12.97
CA VAL F 215 -43.17 3.41 12.76
C VAL F 215 -43.12 3.71 11.27
N ARG F 216 -43.99 3.04 10.51
CA ARG F 216 -44.01 3.18 9.06
C ARG F 216 -45.05 4.19 8.58
N PHE F 217 -45.88 4.71 9.50
CA PHE F 217 -46.86 5.73 9.13
C PHE F 217 -46.23 7.12 9.27
N LEU F 218 -45.32 7.41 8.35
CA LEU F 218 -44.55 8.64 8.44
C LEU F 218 -45.26 9.79 7.72
N GLN F 219 -46.53 9.99 8.04
CA GLN F 219 -47.26 11.11 7.49
C GLN F 219 -46.82 12.44 8.11
N PRO F 220 -46.63 12.54 9.43
CA PRO F 220 -46.15 13.81 9.98
C PRO F 220 -44.72 14.13 9.61
N PHE F 221 -43.89 13.13 9.30
CA PHE F 221 -42.47 13.35 9.06
C PHE F 221 -42.13 13.34 7.57
N VAL F 222 -42.76 14.24 6.80
CA VAL F 222 -42.37 14.45 5.41
C VAL F 222 -42.52 15.94 5.09
N ASN F 223 -41.90 16.36 4.00
CA ASN F 223 -42.01 17.75 3.59
C ASN F 223 -43.44 18.06 3.13
N LEU F 224 -43.81 19.34 3.26
CA LEU F 224 -45.20 19.73 3.12
C LEU F 224 -45.80 19.22 1.81
N LEU F 225 -45.00 19.19 0.74
CA LEU F 225 -45.50 18.69 -0.53
C LEU F 225 -45.90 17.23 -0.41
N SER F 226 -45.03 16.41 0.18
CA SER F 226 -45.38 15.00 0.35
C SER F 226 -46.54 14.84 1.33
N LYS F 227 -46.58 15.66 2.38
CA LYS F 227 -47.72 15.65 3.28
C LYS F 227 -49.02 15.88 2.52
N GLY F 228 -48.98 16.72 1.50
CA GLY F 228 -50.19 16.99 0.73
C GLY F 228 -50.51 15.94 -0.29
N THR F 229 -49.50 15.31 -0.88
CA THR F 229 -49.71 14.33 -1.93
C THR F 229 -49.68 12.89 -1.43
N TYR F 230 -49.40 12.68 -0.14
CA TYR F 230 -49.17 11.35 0.43
C TYR F 230 -48.22 10.57 -0.45
N TRP F 231 -47.13 11.23 -0.85
CA TRP F 231 -46.18 10.63 -1.76
C TRP F 231 -45.48 9.44 -1.13
N TRP F 232 -45.29 9.46 0.19
CA TRP F 232 -44.59 8.37 0.86
C TRP F 232 -45.34 7.05 0.71
N MET F 233 -46.66 7.07 0.90
CA MET F 233 -47.53 5.92 0.71
C MET F 233 -47.12 5.09 -0.49
N ASN F 234 -46.67 5.75 -1.56
CA ASN F 234 -46.27 5.07 -2.79
C ASN F 234 -45.45 3.84 -2.49
N ALA F 235 -44.29 4.03 -1.84
CA ALA F 235 -43.43 2.91 -1.49
C ALA F 235 -44.24 1.79 -0.83
N PHE F 236 -44.91 2.13 0.27
CA PHE F 236 -45.76 1.19 0.98
C PHE F 236 -46.65 0.42 0.02
N ILE F 237 -47.44 1.16 -0.78
CA ILE F 237 -48.43 0.50 -1.63
C ILE F 237 -47.75 -0.48 -2.56
N LYS F 238 -46.61 -0.08 -3.15
CA LYS F 238 -45.91 -1.00 -4.04
C LYS F 238 -45.56 -2.29 -3.32
N THR F 239 -44.97 -2.17 -2.12
CA THR F 239 -44.71 -3.35 -1.31
C THR F 239 -46.00 -4.11 -1.05
N ALA F 240 -47.05 -3.38 -0.67
CA ALA F 240 -48.33 -4.00 -0.37
C ALA F 240 -48.93 -4.71 -1.57
N HIS F 241 -48.43 -4.44 -2.78
CA HIS F 241 -48.89 -5.17 -3.95
C HIS F 241 -48.16 -6.48 -4.14
N LYS F 242 -46.87 -6.54 -3.79
CA LYS F 242 -46.12 -7.77 -4.01
C LYS F 242 -46.46 -8.81 -2.95
N LYS F 243 -46.19 -8.50 -1.68
CA LYS F 243 -46.52 -9.41 -0.59
C LYS F 243 -47.63 -8.82 0.28
N PRO F 244 -48.47 -9.65 0.90
CA PRO F 244 -49.62 -9.13 1.64
C PRO F 244 -49.20 -8.26 2.80
N ILE F 245 -50.20 -7.59 3.39
CA ILE F 245 -49.99 -6.65 4.48
C ILE F 245 -50.17 -7.38 5.79
N ASP F 246 -49.13 -7.35 6.63
CA ASP F 246 -49.17 -7.92 7.96
C ASP F 246 -49.02 -6.82 9.00
N LEU F 247 -49.40 -7.13 10.23
CA LEU F 247 -49.21 -6.18 11.32
C LEU F 247 -47.74 -5.81 11.53
N ARG F 248 -46.82 -6.58 10.95
CA ARG F 248 -45.42 -6.17 10.94
C ARG F 248 -45.13 -5.18 9.82
N ALA F 249 -45.79 -5.35 8.68
CA ALA F 249 -45.60 -4.42 7.57
C ALA F 249 -46.16 -3.04 7.91
N ILE F 250 -47.38 -2.99 8.44
CA ILE F 250 -47.90 -1.76 9.00
C ILE F 250 -47.07 -1.39 10.22
N GLY F 251 -46.69 -0.12 10.31
CA GLY F 251 -45.95 0.33 11.46
C GLY F 251 -46.83 0.39 12.70
N LYS F 252 -46.29 1.02 13.73
CA LYS F 252 -47.07 1.43 14.88
C LYS F 252 -47.06 2.95 14.97
N LEU F 253 -48.06 3.48 15.68
CA LEU F 253 -48.36 4.90 15.62
C LEU F 253 -47.20 5.75 16.13
N PRO F 254 -47.06 6.97 15.61
CA PRO F 254 -46.08 7.90 16.18
C PRO F 254 -46.52 8.37 17.55
N ILE F 255 -45.57 8.99 18.26
CA ILE F 255 -45.82 9.46 19.62
C ILE F 255 -46.93 10.51 19.63
N ALA F 256 -47.02 11.32 18.57
CA ALA F 256 -48.02 12.38 18.52
C ALA F 256 -49.44 11.84 18.56
N MET F 257 -49.67 10.67 17.97
CA MET F 257 -50.99 10.05 17.95
C MET F 257 -50.90 8.67 18.59
N ARG F 258 -50.95 8.66 19.92
CA ARG F 258 -51.06 7.44 20.70
C ARG F 258 -52.30 7.51 21.57
N ALA F 259 -52.72 6.35 22.08
CA ALA F 259 -53.81 6.35 23.04
C ALA F 259 -53.43 7.13 24.29
N LEU F 260 -52.19 6.95 24.77
CA LEU F 260 -51.76 7.62 25.99
C LEU F 260 -51.60 9.12 25.76
N THR F 261 -51.01 9.52 24.63
CA THR F 261 -50.80 10.93 24.36
C THR F 261 -52.12 11.67 24.26
N ASN F 262 -53.02 11.18 23.42
CA ASN F 262 -54.33 11.81 23.27
C ASN F 262 -55.13 11.75 24.57
N TYR F 263 -55.00 10.66 25.32
CA TYR F 263 -55.71 10.57 26.59
C TYR F 263 -55.21 11.62 27.59
N GLN F 264 -53.89 11.83 27.65
CA GLN F 264 -53.37 12.85 28.56
C GLN F 264 -53.73 14.25 28.10
N ARG F 265 -53.75 14.49 26.79
CA ARG F 265 -54.20 15.78 26.28
C ARG F 265 -55.66 16.03 26.66
N LEU F 266 -56.51 15.02 26.45
CA LEU F 266 -57.92 15.14 26.80
C LEU F 266 -58.10 15.35 28.29
N CYS F 267 -57.26 14.71 29.12
CA CYS F 267 -57.40 14.86 30.57
C CYS F 267 -56.93 16.24 31.03
N VAL F 268 -55.89 16.79 30.39
CA VAL F 268 -55.50 18.16 30.70
C VAL F 268 -56.62 19.13 30.32
N ALA F 269 -57.25 18.91 29.17
CA ALA F 269 -58.38 19.74 28.79
C ALA F 269 -59.53 19.60 29.77
N PHE F 270 -59.77 18.37 30.25
CA PHE F 270 -60.84 18.15 31.22
C PHE F 270 -60.54 18.86 32.55
N ASP F 271 -59.28 18.86 32.98
CA ASP F 271 -58.91 19.60 34.18
C ASP F 271 -59.14 21.10 33.99
N ALA F 272 -58.72 21.62 32.83
CA ALA F 272 -58.93 23.04 32.56
C ALA F 272 -60.41 23.40 32.55
N GLN F 273 -61.27 22.52 32.03
CA GLN F 273 -62.70 22.79 32.00
C GLN F 273 -63.35 22.61 33.36
N ALA F 274 -62.85 21.68 34.18
CA ALA F 274 -63.39 21.51 35.52
C ALA F 274 -63.00 22.66 36.44
N ARG F 275 -61.83 23.27 36.20
CA ARG F 275 -61.44 24.45 36.96
C ARG F 275 -62.38 25.62 36.70
N LYS F 276 -62.89 25.74 35.47
CA LYS F 276 -63.82 26.81 35.12
C LYS F 276 -65.26 26.35 35.29
N GLY F 283 -71.22 16.78 33.09
CA GLY F 283 -72.20 17.31 32.16
C GLY F 283 -71.76 17.22 30.71
N ALA F 284 -72.73 17.30 29.79
CA ALA F 284 -72.41 17.18 28.37
C ALA F 284 -71.65 18.40 27.87
N ARG F 285 -72.03 19.60 28.34
CA ARG F 285 -71.35 20.81 27.90
C ARG F 285 -69.88 20.79 28.29
N ALA F 286 -69.56 20.26 29.48
CA ALA F 286 -68.17 20.14 29.88
C ALA F 286 -67.40 19.24 28.94
N ILE F 287 -68.00 18.13 28.51
CA ILE F 287 -67.32 17.21 27.60
C ILE F 287 -67.11 17.87 26.24
N TRP F 288 -68.12 18.58 25.74
CA TRP F 288 -67.97 19.26 24.46
C TRP F 288 -66.85 20.29 24.51
N ARG F 289 -66.84 21.11 25.57
CA ARG F 289 -65.81 22.14 25.68
C ARG F 289 -64.43 21.53 25.89
N ALA F 290 -64.35 20.38 26.55
CA ALA F 290 -63.06 19.70 26.69
C ALA F 290 -62.57 19.16 25.35
N LEU F 291 -63.46 18.54 24.58
CA LEU F 291 -63.08 18.07 23.24
C LEU F 291 -62.62 19.23 22.37
N CYS F 292 -63.31 20.38 22.48
CA CYS F 292 -62.85 21.59 21.81
C CYS F 292 -61.43 21.93 22.25
N HIS F 293 -61.24 22.18 23.54
CA HIS F 293 -59.92 22.56 24.04
C HIS F 293 -58.84 21.55 23.68
N ALA F 294 -59.21 20.30 23.38
CA ALA F 294 -58.23 19.27 23.09
C ALA F 294 -57.90 19.13 21.61
N PHE F 295 -58.89 19.31 20.72
CA PHE F 295 -58.66 19.04 19.29
C PHE F 295 -59.06 20.19 18.37
N GLY F 296 -59.35 21.37 18.91
CA GLY F 296 -59.86 22.45 18.09
C GLY F 296 -58.85 23.03 17.13
N ARG F 297 -57.57 23.01 17.51
CA ARG F 297 -56.55 23.51 16.60
C ARG F 297 -56.58 22.73 15.29
N ARG F 298 -56.46 21.40 15.37
CA ARG F 298 -56.52 20.59 14.16
C ARG F 298 -57.89 20.67 13.49
N LEU F 299 -58.97 20.80 14.28
CA LEU F 299 -60.29 20.86 13.69
C LEU F 299 -60.46 22.11 12.83
N ILE F 300 -60.04 23.26 13.35
CA ILE F 300 -60.18 24.49 12.58
C ILE F 300 -59.16 24.56 11.46
N LEU F 301 -58.01 23.89 11.60
CA LEU F 301 -57.09 23.80 10.47
C LEU F 301 -57.72 23.04 9.31
N SER F 302 -58.32 21.89 9.62
CA SER F 302 -59.05 21.15 8.59
C SER F 302 -60.18 22.00 8.01
N SER F 303 -60.88 22.76 8.85
CA SER F 303 -61.97 23.59 8.36
C SER F 303 -61.45 24.69 7.42
N THR F 304 -60.27 25.25 7.73
CA THR F 304 -59.68 26.26 6.87
C THR F 304 -59.32 25.67 5.52
N PHE F 305 -58.67 24.51 5.52
CA PHE F 305 -58.40 23.82 4.26
C PHE F 305 -59.68 23.60 3.48
N ARG F 306 -60.74 23.18 4.17
CA ARG F 306 -61.99 22.85 3.49
C ARG F 306 -62.64 24.10 2.88
N ILE F 307 -62.62 25.22 3.59
CA ILE F 307 -63.23 26.44 3.06
C ILE F 307 -62.40 26.99 1.90
N LEU F 308 -61.07 26.95 2.02
CA LEU F 308 -60.24 27.37 0.90
C LEU F 308 -60.49 26.51 -0.33
N ALA F 309 -60.64 25.19 -0.13
CA ALA F 309 -60.93 24.30 -1.24
C ALA F 309 -62.29 24.60 -1.85
N ASP F 310 -63.26 24.97 -1.02
CA ASP F 310 -64.58 25.33 -1.54
C ASP F 310 -64.50 26.56 -2.43
N LEU F 311 -63.82 27.60 -1.96
CA LEU F 311 -63.70 28.83 -2.77
C LEU F 311 -62.92 28.57 -4.05
N LEU F 312 -61.80 27.86 -3.96
CA LEU F 312 -61.02 27.59 -5.16
C LEU F 312 -61.73 26.64 -6.11
N GLY F 313 -62.68 25.84 -5.63
CA GLY F 313 -63.51 25.06 -6.53
C GLY F 313 -64.54 25.93 -7.22
N PHE F 314 -65.06 26.93 -6.52
CA PHE F 314 -65.91 27.92 -7.18
C PHE F 314 -65.15 28.69 -8.24
N ALA F 315 -63.82 28.79 -8.07
CA ALA F 315 -63.00 29.47 -9.07
C ALA F 315 -63.05 28.80 -10.45
N GLY F 316 -63.70 27.65 -10.59
CA GLY F 316 -63.75 26.95 -11.85
C GLY F 316 -64.82 27.45 -12.82
N PRO F 317 -66.08 27.46 -12.39
CA PRO F 317 -67.15 27.92 -13.29
C PRO F 317 -66.96 29.33 -13.81
N LEU F 318 -66.54 30.27 -12.95
CA LEU F 318 -66.27 31.62 -13.43
C LEU F 318 -65.17 31.62 -14.49
N CYS F 319 -64.21 30.70 -14.37
CA CYS F 319 -63.14 30.63 -15.36
C CYS F 319 -63.65 30.08 -16.68
N ILE F 320 -64.55 29.09 -16.63
CA ILE F 320 -65.20 28.62 -17.85
C ILE F 320 -65.97 29.76 -18.50
N PHE F 321 -66.67 30.56 -17.69
CA PHE F 321 -67.35 31.74 -18.19
C PHE F 321 -66.40 32.65 -18.93
N GLY F 322 -65.27 32.99 -18.31
CA GLY F 322 -64.31 33.85 -18.96
C GLY F 322 -63.78 33.28 -20.26
N ILE F 323 -63.45 31.99 -20.26
CA ILE F 323 -62.88 31.36 -21.46
C ILE F 323 -63.88 31.42 -22.61
N VAL F 324 -65.12 31.00 -22.35
CA VAL F 324 -66.10 30.95 -23.44
C VAL F 324 -66.49 32.36 -23.87
N ASP F 325 -66.47 33.32 -22.95
CA ASP F 325 -66.76 34.69 -23.34
C ASP F 325 -65.66 35.26 -24.23
N HIS F 326 -64.40 34.95 -23.92
CA HIS F 326 -63.30 35.39 -24.78
C HIS F 326 -63.44 34.79 -26.17
N LEU F 327 -63.50 33.46 -26.26
CA LEU F 327 -63.46 32.84 -27.57
C LEU F 327 -64.75 33.03 -28.36
N GLY F 328 -65.87 33.25 -27.68
CA GLY F 328 -67.12 33.53 -28.38
C GLY F 328 -67.22 34.93 -28.93
N LYS F 329 -66.32 35.81 -28.53
CA LYS F 329 -66.23 37.16 -29.08
C LYS F 329 -65.48 37.07 -30.41
N GLU F 330 -65.09 38.22 -30.96
CA GLU F 330 -64.20 38.24 -32.13
C GLU F 330 -63.19 39.37 -31.93
N ASN F 331 -61.93 39.00 -31.75
CA ASN F 331 -60.87 39.96 -31.45
C ASN F 331 -59.98 40.18 -32.67
N GLN F 335 -52.80 45.03 -28.62
CA GLN F 335 -52.79 45.47 -27.23
C GLN F 335 -51.98 46.75 -27.06
N PRO F 336 -52.54 47.74 -26.37
CA PRO F 336 -51.86 49.02 -26.21
C PRO F 336 -50.85 49.03 -25.05
N LYS F 337 -50.32 50.22 -24.75
CA LYS F 337 -49.36 50.45 -23.66
C LYS F 337 -48.00 49.79 -23.93
N THR F 338 -47.42 50.10 -25.08
CA THR F 338 -46.01 49.83 -25.35
C THR F 338 -45.19 50.89 -24.62
N GLN F 339 -44.42 50.47 -23.60
CA GLN F 339 -43.86 51.43 -22.65
C GLN F 339 -42.35 51.49 -22.66
N PHE F 340 -41.65 50.36 -22.55
CA PHE F 340 -40.21 50.43 -22.34
C PHE F 340 -39.47 50.73 -23.63
N LEU F 341 -39.86 51.83 -24.29
CA LEU F 341 -39.29 52.23 -25.58
C LEU F 341 -39.27 51.04 -26.55
N GLY F 342 -40.42 50.39 -26.69
CA GLY F 342 -40.53 49.26 -27.59
C GLY F 342 -41.16 48.02 -27.00
N VAL F 343 -40.96 47.81 -25.70
CA VAL F 343 -41.57 46.68 -25.01
C VAL F 343 -43.04 46.99 -24.75
N TYR F 344 -43.91 46.03 -25.07
CA TYR F 344 -45.33 46.17 -24.78
C TYR F 344 -45.63 45.69 -23.37
N PHE F 345 -46.74 46.16 -22.83
CA PHE F 345 -47.12 45.88 -21.44
C PHE F 345 -48.61 45.57 -21.40
N VAL F 346 -48.95 44.30 -21.25
CA VAL F 346 -50.34 43.89 -21.15
C VAL F 346 -50.83 44.17 -19.74
N SER F 347 -52.08 44.63 -19.62
CA SER F 347 -52.66 44.99 -18.33
C SER F 347 -53.50 43.85 -17.79
N SER F 348 -53.89 43.98 -16.51
CA SER F 348 -54.62 42.91 -15.82
C SER F 348 -55.90 42.53 -16.56
N GLN F 349 -56.57 43.50 -17.17
CA GLN F 349 -57.86 43.24 -17.80
C GLN F 349 -57.70 42.46 -19.10
N GLU F 350 -56.66 42.78 -19.88
CA GLU F 350 -56.38 42.01 -21.08
C GLU F 350 -55.76 40.66 -20.72
N PHE F 351 -55.05 40.60 -19.59
CA PHE F 351 -54.40 39.36 -19.16
C PHE F 351 -55.44 38.32 -18.74
N LEU F 352 -56.38 38.72 -17.89
CA LEU F 352 -57.43 37.80 -17.48
C LEU F 352 -58.46 37.58 -18.55
N GLY F 353 -58.27 38.06 -19.78
CA GLY F 353 -59.21 37.79 -20.84
C GLY F 353 -58.51 37.21 -22.05
N ASN F 354 -57.55 36.31 -21.83
CA ASN F 354 -56.81 35.70 -22.93
C ASN F 354 -57.28 34.30 -23.25
N ALA F 355 -57.82 33.57 -22.27
CA ALA F 355 -58.43 32.26 -22.47
C ALA F 355 -57.39 31.21 -22.79
N TYR F 356 -56.14 31.63 -23.00
CA TYR F 356 -55.03 30.71 -22.88
C TYR F 356 -54.43 30.83 -21.49
N VAL F 357 -54.26 32.06 -21.02
CA VAL F 357 -53.90 32.28 -19.62
C VAL F 357 -55.00 31.77 -18.71
N LEU F 358 -56.25 32.03 -19.09
CA LEU F 358 -57.37 31.57 -18.27
C LEU F 358 -57.36 30.05 -18.12
N ALA F 359 -56.94 29.34 -19.18
CA ALA F 359 -56.94 27.88 -19.12
C ALA F 359 -55.92 27.36 -18.12
N VAL F 360 -54.68 27.87 -18.18
CA VAL F 360 -53.67 27.37 -17.25
C VAL F 360 -53.96 27.84 -15.84
N LEU F 361 -54.61 29.01 -15.69
CA LEU F 361 -54.98 29.42 -14.35
C LEU F 361 -56.09 28.54 -13.79
N LEU F 362 -57.05 28.13 -14.62
CA LEU F 362 -58.03 27.15 -14.20
C LEU F 362 -57.35 25.86 -13.79
N PHE F 363 -56.34 25.41 -14.56
CA PHE F 363 -55.64 24.18 -14.23
C PHE F 363 -54.94 24.27 -12.89
N LEU F 364 -54.17 25.34 -12.68
CA LEU F 364 -53.47 25.53 -11.41
C LEU F 364 -54.45 25.60 -10.25
N ALA F 365 -55.51 26.40 -10.39
CA ALA F 365 -56.48 26.52 -9.31
C ALA F 365 -57.14 25.18 -9.02
N LEU F 366 -57.42 24.40 -10.06
CA LEU F 366 -58.07 23.10 -9.85
C LEU F 366 -57.15 22.17 -9.10
N LEU F 367 -55.88 22.11 -9.49
CA LEU F 367 -54.93 21.24 -8.84
C LEU F 367 -54.74 21.62 -7.37
N LEU F 368 -54.58 22.92 -7.11
CA LEU F 368 -54.42 23.38 -5.74
C LEU F 368 -55.69 23.14 -4.92
N GLN F 369 -56.86 23.38 -5.50
CA GLN F 369 -58.11 23.16 -4.77
C GLN F 369 -58.28 21.70 -4.40
N ARG F 370 -57.96 20.80 -5.33
CA ARG F 370 -58.18 19.39 -5.05
C ARG F 370 -57.19 18.89 -4.00
N THR F 371 -55.94 19.36 -4.04
CA THR F 371 -55.01 18.93 -2.99
C THR F 371 -55.38 19.53 -1.64
N PHE F 372 -55.91 20.76 -1.60
CA PHE F 372 -56.38 21.33 -0.35
C PHE F 372 -57.60 20.56 0.17
N LEU F 373 -58.47 20.11 -0.73
CA LEU F 373 -59.65 19.37 -0.31
C LEU F 373 -59.25 18.04 0.31
N GLN F 374 -58.36 17.30 -0.37
CA GLN F 374 -57.92 16.02 0.17
C GLN F 374 -57.17 16.20 1.48
N ALA F 375 -56.40 17.29 1.61
CA ALA F 375 -55.73 17.54 2.89
C ALA F 375 -56.71 17.85 4.00
N SER F 376 -57.79 18.59 3.68
CA SER F 376 -58.84 18.81 4.67
C SER F 376 -59.44 17.49 5.12
N TYR F 377 -59.79 16.64 4.17
CA TYR F 377 -60.32 15.32 4.50
C TYR F 377 -59.37 14.58 5.43
N TYR F 378 -58.08 14.57 5.10
CA TYR F 378 -57.14 13.79 5.90
C TYR F 378 -56.99 14.34 7.31
N VAL F 379 -56.88 15.66 7.45
CA VAL F 379 -56.71 16.22 8.79
C VAL F 379 -57.95 15.94 9.63
N ALA F 380 -59.13 16.05 9.03
CA ALA F 380 -60.35 15.74 9.78
C ALA F 380 -60.38 14.27 10.19
N ILE F 381 -59.97 13.37 9.30
CA ILE F 381 -59.96 11.95 9.63
C ILE F 381 -59.00 11.68 10.77
N GLU F 382 -57.80 12.27 10.71
CA GLU F 382 -56.81 12.01 11.75
C GLU F 382 -57.25 12.54 13.10
N THR F 383 -57.80 13.76 13.15
CA THR F 383 -58.26 14.25 14.43
C THR F 383 -59.43 13.43 14.95
N GLY F 384 -60.29 12.92 14.06
CA GLY F 384 -61.37 12.07 14.52
C GLY F 384 -60.88 10.75 15.10
N ILE F 385 -59.87 10.15 14.48
CA ILE F 385 -59.34 8.88 14.97
C ILE F 385 -58.62 9.09 16.30
N ASN F 386 -57.89 10.20 16.44
CA ASN F 386 -57.27 10.50 17.73
C ASN F 386 -58.31 10.71 18.82
N LEU F 387 -59.41 11.40 18.48
CA LEU F 387 -60.51 11.56 19.42
C LEU F 387 -61.10 10.22 19.82
N ARG F 388 -61.27 9.31 18.85
CA ARG F 388 -61.79 7.98 19.19
C ARG F 388 -60.87 7.27 20.17
N GLY F 389 -59.56 7.32 19.91
CA GLY F 389 -58.62 6.69 20.82
C GLY F 389 -58.71 7.26 22.24
N ALA F 390 -58.70 8.59 22.35
CA ALA F 390 -58.76 9.22 23.66
C ALA F 390 -60.06 8.89 24.38
N ILE F 391 -61.19 8.91 23.66
CA ILE F 391 -62.47 8.66 24.32
C ILE F 391 -62.59 7.21 24.74
N GLN F 392 -62.06 6.28 23.94
CA GLN F 392 -62.06 4.88 24.34
C GLN F 392 -61.24 4.68 25.61
N THR F 393 -60.03 5.24 25.65
CA THR F 393 -59.21 5.09 26.84
C THR F 393 -59.88 5.72 28.06
N LYS F 394 -60.56 6.84 27.87
CA LYS F 394 -61.23 7.48 29.00
C LYS F 394 -62.40 6.66 29.52
N ILE F 395 -63.23 6.13 28.62
CA ILE F 395 -64.37 5.37 29.10
C ILE F 395 -63.92 4.05 29.71
N TYR F 396 -62.77 3.51 29.26
CA TYR F 396 -62.25 2.31 29.91
C TYR F 396 -61.68 2.63 31.29
N ASN F 397 -60.96 3.74 31.42
CA ASN F 397 -60.46 4.16 32.72
C ASN F 397 -61.61 4.47 33.68
N LYS F 398 -62.78 4.83 33.14
CA LYS F 398 -63.96 5.00 33.98
C LYS F 398 -64.59 3.65 34.33
N ILE F 399 -64.61 2.70 33.39
CA ILE F 399 -65.04 1.34 33.69
C ILE F 399 -64.23 0.78 34.85
N MET F 400 -62.94 1.08 34.89
CA MET F 400 -62.08 0.55 35.96
C MET F 400 -62.58 0.97 37.34
N HIS F 401 -63.12 2.18 37.46
CA HIS F 401 -63.44 2.74 38.77
C HIS F 401 -64.90 2.55 39.19
N LEU F 402 -65.78 2.16 38.28
CA LEU F 402 -67.20 2.11 38.64
C LEU F 402 -67.47 0.95 39.60
N SER F 403 -68.55 1.10 40.37
CA SER F 403 -68.88 0.15 41.42
C SER F 403 -69.61 -1.06 40.84
N THR F 404 -69.63 -2.14 41.63
CA THR F 404 -70.25 -3.39 41.23
C THR F 404 -71.77 -3.34 41.27
N SER F 405 -72.36 -2.29 41.85
CA SER F 405 -73.82 -2.20 41.95
C SER F 405 -74.46 -2.19 40.56
N ASN F 406 -73.86 -1.48 39.62
CA ASN F 406 -74.39 -1.37 38.26
C ASN F 406 -74.05 -2.61 37.43
N THR F 413 -75.42 -4.19 33.03
CA THR F 413 -75.54 -3.56 31.72
C THR F 413 -74.23 -3.63 30.96
N ALA F 414 -73.74 -4.86 30.73
CA ALA F 414 -72.48 -5.05 30.03
C ALA F 414 -72.61 -4.70 28.55
N GLY F 415 -73.66 -5.20 27.90
CA GLY F 415 -73.85 -4.91 26.49
C GLY F 415 -74.02 -3.43 26.21
N GLN F 416 -74.58 -2.68 27.17
CA GLN F 416 -74.72 -1.24 26.98
C GLN F 416 -73.35 -0.57 26.86
N ILE F 417 -72.41 -0.95 27.73
CA ILE F 417 -71.06 -0.41 27.63
C ILE F 417 -70.38 -0.91 26.35
N CYS F 418 -70.61 -2.17 26.00
CA CYS F 418 -69.99 -2.72 24.79
C CYS F 418 -70.40 -1.93 23.56
N ASN F 419 -71.69 -1.64 23.42
CA ASN F 419 -72.13 -0.85 22.27
C ASN F 419 -71.82 0.64 22.43
N LEU F 420 -71.67 1.13 23.66
CA LEU F 420 -71.20 2.50 23.85
C LEU F 420 -69.79 2.66 23.31
N VAL F 421 -68.98 1.61 23.39
CA VAL F 421 -67.70 1.63 22.71
C VAL F 421 -67.87 1.33 21.23
N ALA F 422 -68.90 0.57 20.86
CA ALA F 422 -69.00 0.08 19.49
C ALA F 422 -69.67 1.10 18.57
N ILE F 423 -70.74 1.75 19.01
CA ILE F 423 -71.53 2.56 18.08
C ILE F 423 -71.59 4.03 18.48
N ASP F 424 -71.46 4.33 19.78
CA ASP F 424 -71.61 5.71 20.21
C ASP F 424 -70.32 6.50 19.96
N THR F 425 -69.18 5.95 20.38
CA THR F 425 -67.89 6.53 20.01
C THR F 425 -67.72 6.59 18.50
N ASN F 426 -68.28 5.62 17.78
CA ASN F 426 -68.25 5.67 16.33
C ASN F 426 -69.01 6.87 15.80
N GLN F 427 -70.20 7.14 16.34
CA GLN F 427 -70.96 8.30 15.89
C GLN F 427 -70.24 9.60 16.23
N LEU F 428 -69.61 9.65 17.40
CA LEU F 428 -68.81 10.83 17.75
C LEU F 428 -67.67 11.04 16.77
N MET F 429 -66.96 9.96 16.45
CA MET F 429 -65.83 10.06 15.53
C MET F 429 -66.30 10.45 14.13
N TRP F 430 -67.46 9.97 13.70
CA TRP F 430 -67.93 10.36 12.38
C TRP F 430 -68.45 11.79 12.36
N PHE F 431 -69.00 12.28 13.48
CA PHE F 431 -69.26 13.71 13.55
C PHE F 431 -67.97 14.49 13.41
N PHE F 432 -66.88 14.00 14.01
CA PHE F 432 -65.62 14.73 13.86
C PHE F 432 -65.02 14.57 12.48
N PHE F 433 -65.40 13.52 11.76
CA PHE F 433 -65.03 13.40 10.35
C PHE F 433 -65.74 14.46 9.51
N LEU F 434 -67.05 14.58 9.68
CA LEU F 434 -67.86 15.47 8.86
C LEU F 434 -67.98 16.88 9.45
N CYS F 435 -67.28 17.16 10.55
CA CYS F 435 -67.41 18.47 11.19
C CYS F 435 -66.98 19.64 10.31
N PRO F 436 -65.87 19.58 9.57
CA PRO F 436 -65.58 20.69 8.64
C PRO F 436 -66.69 20.93 7.63
N ASN F 437 -67.33 19.85 7.16
CA ASN F 437 -68.45 20.01 6.23
C ASN F 437 -69.57 20.82 6.85
N LEU F 438 -69.82 20.62 8.14
CA LEU F 438 -70.91 21.34 8.81
C LEU F 438 -70.70 22.84 8.74
N TRP F 439 -69.45 23.31 8.75
CA TRP F 439 -69.18 24.73 8.72
C TRP F 439 -69.00 25.26 7.31
N ALA F 440 -68.53 24.43 6.37
CA ALA F 440 -68.18 24.90 5.05
C ALA F 440 -69.19 24.57 3.96
N MET F 441 -70.25 23.82 4.27
CA MET F 441 -71.28 23.61 3.27
C MET F 441 -72.25 24.78 3.19
N PRO F 442 -72.66 25.40 4.30
CA PRO F 442 -73.46 26.63 4.17
C PRO F 442 -72.72 27.72 3.43
N VAL F 443 -71.43 27.92 3.72
CA VAL F 443 -70.63 28.90 2.99
C VAL F 443 -70.60 28.57 1.52
N GLN F 444 -70.40 27.29 1.19
CA GLN F 444 -70.41 26.85 -0.20
C GLN F 444 -71.72 27.20 -0.88
N ILE F 445 -72.84 26.84 -0.28
CA ILE F 445 -74.14 27.05 -0.93
C ILE F 445 -74.43 28.54 -1.07
N ILE F 446 -74.08 29.33 -0.05
CA ILE F 446 -74.31 30.77 -0.11
C ILE F 446 -73.52 31.39 -1.26
N VAL F 447 -72.22 31.12 -1.31
CA VAL F 447 -71.40 31.72 -2.36
C VAL F 447 -71.81 31.20 -3.74
N GLY F 448 -72.30 29.96 -3.82
CA GLY F 448 -72.76 29.44 -5.10
C GLY F 448 -74.01 30.13 -5.60
N VAL F 449 -74.98 30.34 -4.71
CA VAL F 449 -76.18 31.09 -5.10
C VAL F 449 -75.81 32.51 -5.48
N ILE F 450 -74.90 33.14 -4.74
CA ILE F 450 -74.51 34.51 -5.06
C ILE F 450 -73.87 34.58 -6.44
N LEU F 451 -72.95 33.65 -6.73
CA LEU F 451 -72.29 33.65 -8.03
C LEU F 451 -73.29 33.37 -9.15
N LEU F 452 -74.20 32.43 -8.93
CA LEU F 452 -75.23 32.15 -9.94
C LEU F 452 -76.07 33.39 -10.23
N TYR F 453 -76.48 34.11 -9.18
CA TYR F 453 -77.26 35.33 -9.38
C TYR F 453 -76.45 36.38 -10.14
N TYR F 454 -75.18 36.56 -9.77
CA TYR F 454 -74.33 37.51 -10.47
C TYR F 454 -74.16 37.15 -11.94
N ILE F 455 -74.19 35.85 -12.27
CA ILE F 455 -74.01 35.46 -13.67
C ILE F 455 -75.30 35.58 -14.47
N LEU F 456 -76.40 35.04 -13.95
CA LEU F 456 -77.63 34.89 -14.73
C LEU F 456 -78.73 35.85 -14.32
N GLY F 457 -78.47 36.79 -13.41
CA GLY F 457 -79.52 37.73 -13.04
C GLY F 457 -80.61 37.07 -12.21
N VAL F 458 -81.85 37.46 -12.47
CA VAL F 458 -82.95 37.07 -11.60
C VAL F 458 -83.34 35.60 -11.77
N SER F 459 -83.25 35.06 -13.00
CA SER F 459 -83.66 33.67 -13.23
C SER F 459 -82.77 32.69 -12.46
N ALA F 460 -81.52 33.08 -12.20
CA ALA F 460 -80.65 32.23 -11.41
C ALA F 460 -81.17 32.04 -9.99
N LEU F 461 -81.89 33.02 -9.45
CA LEU F 461 -82.46 32.86 -8.12
C LEU F 461 -83.57 31.81 -8.12
N ILE F 462 -84.39 31.78 -9.17
CA ILE F 462 -85.39 30.74 -9.29
C ILE F 462 -84.73 29.37 -9.40
N GLY F 463 -83.71 29.27 -10.26
CA GLY F 463 -82.98 28.01 -10.38
C GLY F 463 -82.34 27.56 -9.08
N ALA F 464 -81.74 28.51 -8.35
CA ALA F 464 -81.06 28.18 -7.10
C ALA F 464 -82.06 27.78 -6.02
N ALA F 465 -83.24 28.41 -5.99
CA ALA F 465 -84.27 27.96 -5.06
C ALA F 465 -84.73 26.54 -5.39
N VAL F 466 -84.91 26.26 -6.68
CA VAL F 466 -85.33 24.92 -7.09
C VAL F 466 -84.30 23.88 -6.67
N ILE F 467 -83.01 24.21 -6.84
CA ILE F 467 -81.97 23.22 -6.49
C ILE F 467 -81.78 23.14 -4.96
N ILE F 468 -81.97 24.23 -4.24
CA ILE F 468 -81.85 24.22 -2.78
C ILE F 468 -82.97 23.39 -2.18
N LEU F 469 -84.12 23.34 -2.83
CA LEU F 469 -85.21 22.48 -2.37
C LEU F 469 -84.83 21.01 -2.28
N LEU F 470 -83.69 20.62 -2.84
CA LEU F 470 -83.27 19.22 -2.80
C LEU F 470 -82.89 18.80 -1.38
N ALA F 471 -82.34 19.72 -0.58
CA ALA F 471 -81.84 19.34 0.74
C ALA F 471 -82.95 18.93 1.69
N PRO F 472 -84.02 19.72 1.90
CA PRO F 472 -85.07 19.26 2.83
C PRO F 472 -85.76 17.99 2.37
N VAL F 473 -85.97 17.84 1.06
CA VAL F 473 -86.56 16.60 0.54
C VAL F 473 -85.66 15.41 0.86
N GLN F 474 -84.35 15.58 0.68
CA GLN F 474 -83.42 14.49 0.97
C GLN F 474 -83.43 14.15 2.46
N TYR F 475 -83.51 15.17 3.32
CA TYR F 475 -83.54 14.92 4.76
C TYR F 475 -84.80 14.14 5.13
N PHE F 476 -85.96 14.55 4.60
CA PHE F 476 -87.19 13.84 4.88
C PHE F 476 -87.13 12.39 4.38
N VAL F 477 -86.57 12.19 3.19
CA VAL F 477 -86.46 10.84 2.65
C VAL F 477 -85.54 9.99 3.52
N ALA F 478 -84.44 10.57 4.03
CA ALA F 478 -83.54 9.81 4.89
C ALA F 478 -84.21 9.44 6.21
N THR F 479 -84.99 10.35 6.79
CA THR F 479 -85.71 10.03 8.02
C THR F 479 -86.70 8.89 7.79
N LYS F 480 -87.49 8.98 6.71
CA LYS F 480 -88.40 7.89 6.40
C LYS F 480 -87.64 6.59 6.14
N LEU F 481 -86.46 6.68 5.53
CA LEU F 481 -85.68 5.47 5.25
C LEU F 481 -85.19 4.82 6.55
N SER F 482 -84.77 5.62 7.52
CA SER F 482 -84.37 5.05 8.81
C SER F 482 -85.56 4.45 9.55
N GLN F 483 -86.72 5.08 9.45
CA GLN F 483 -87.93 4.51 10.05
C GLN F 483 -88.24 3.15 9.44
N ALA F 484 -88.21 3.06 8.10
CA ALA F 484 -88.39 1.77 7.43
C ALA F 484 -87.29 0.80 7.81
N GLN F 485 -86.08 1.28 8.07
CA GLN F 485 -84.99 0.41 8.48
C GLN F 485 -85.28 -0.25 9.83
N ARG F 486 -85.79 0.52 10.79
CA ARG F 486 -86.16 -0.06 12.08
C ARG F 486 -87.31 -1.06 11.92
N SER F 487 -88.33 -0.68 11.16
CA SER F 487 -89.46 -1.59 10.96
C SER F 487 -89.05 -2.86 10.22
N THR F 488 -87.97 -2.79 9.44
CA THR F 488 -87.43 -3.99 8.81
C THR F 488 -86.60 -4.82 9.78
N LEU F 489 -85.80 -4.13 10.62
CA LEU F 489 -84.95 -4.83 11.58
C LEU F 489 -85.77 -5.66 12.56
N GLU F 490 -86.97 -5.21 12.91
CA GLU F 490 -87.83 -6.03 13.77
C GLU F 490 -88.08 -7.41 13.15
N HIS F 491 -88.65 -7.42 11.94
CA HIS F 491 -88.95 -8.68 11.26
C HIS F 491 -87.68 -9.48 10.98
N SER F 492 -86.56 -8.79 10.72
CA SER F 492 -85.31 -9.50 10.46
C SER F 492 -84.82 -10.22 11.70
N ASN F 493 -84.93 -9.59 12.88
CA ASN F 493 -84.55 -10.24 14.12
C ASN F 493 -85.43 -11.44 14.41
N GLU F 494 -86.74 -11.30 14.17
CA GLU F 494 -87.63 -12.44 14.40
C GLU F 494 -87.32 -13.60 13.45
N ARG F 495 -87.09 -13.30 12.17
CA ARG F 495 -86.71 -14.34 11.22
C ARG F 495 -85.38 -14.98 11.60
N LEU F 496 -84.45 -14.21 12.16
CA LEU F 496 -83.18 -14.78 12.60
C LEU F 496 -83.38 -15.73 13.76
N LYS F 497 -84.23 -15.37 14.73
CA LYS F 497 -84.51 -16.29 15.83
C LYS F 497 -85.17 -17.57 15.33
N GLN F 498 -86.08 -17.45 14.36
CA GLN F 498 -86.71 -18.65 13.80
C GLN F 498 -85.70 -19.52 13.04
N THR F 499 -84.79 -18.89 12.31
CA THR F 499 -83.75 -19.65 11.61
C THR F 499 -82.83 -20.35 12.60
N ASN F 500 -82.53 -19.69 13.72
CA ASN F 500 -81.67 -20.31 14.72
C ASN F 500 -82.37 -21.49 15.40
N GLU F 501 -83.69 -21.37 15.63
CA GLU F 501 -84.46 -22.51 16.12
C GLU F 501 -84.40 -23.67 15.14
N MET F 502 -84.61 -23.38 13.85
CA MET F 502 -84.58 -24.42 12.82
C MET F 502 -83.21 -25.07 12.71
N LEU F 503 -82.14 -24.31 12.95
CA LEU F 503 -80.79 -24.82 12.76
C LEU F 503 -80.24 -25.52 13.99
N ARG F 504 -80.69 -25.17 15.19
CA ARG F 504 -80.25 -25.88 16.38
C ARG F 504 -80.88 -27.27 16.44
N GLY F 505 -82.18 -27.37 16.19
CA GLY F 505 -82.87 -28.64 16.25
C GLY F 505 -83.06 -29.28 14.90
N MET F 506 -82.09 -29.10 13.99
CA MET F 506 -82.18 -29.70 12.67
C MET F 506 -82.13 -31.22 12.75
N LYS F 507 -81.40 -31.76 13.72
CA LYS F 507 -81.32 -33.21 13.90
C LYS F 507 -82.70 -33.81 14.12
N LEU F 508 -83.40 -33.35 15.15
CA LEU F 508 -84.72 -33.90 15.48
C LEU F 508 -85.72 -33.68 14.35
N LEU F 509 -85.69 -32.50 13.73
CA LEU F 509 -86.60 -32.21 12.62
C LEU F 509 -86.39 -33.20 11.48
N LYS F 510 -85.13 -33.40 11.07
CA LYS F 510 -84.85 -34.38 10.03
C LYS F 510 -85.20 -35.79 10.48
N LEU F 511 -85.13 -36.06 11.79
CA LEU F 511 -85.47 -37.38 12.29
C LEU F 511 -86.96 -37.67 12.14
N TYR F 512 -87.81 -36.65 12.31
CA TYR F 512 -89.23 -36.84 12.07
C TYR F 512 -89.76 -36.08 10.85
N ALA F 513 -88.86 -35.54 10.02
CA ALA F 513 -89.23 -34.86 8.77
C ALA F 513 -90.26 -33.76 9.02
N TRP F 514 -89.98 -32.92 10.01
CA TRP F 514 -90.74 -31.69 10.24
C TRP F 514 -90.04 -30.48 9.64
N GLU F 515 -89.06 -30.71 8.76
CA GLU F 515 -88.26 -29.61 8.22
C GLU F 515 -89.10 -28.72 7.31
N SER F 516 -90.02 -29.29 6.54
CA SER F 516 -90.79 -28.51 5.58
C SER F 516 -91.75 -27.56 6.27
N ILE F 517 -92.36 -27.99 7.37
CA ILE F 517 -93.33 -27.13 8.07
C ILE F 517 -92.62 -25.94 8.72
N PHE F 518 -91.48 -26.19 9.37
CA PHE F 518 -90.72 -25.11 9.96
C PHE F 518 -90.17 -24.18 8.87
N CYS F 519 -89.77 -24.74 7.73
CA CYS F 519 -89.34 -23.91 6.60
C CYS F 519 -90.49 -23.04 6.10
N SER F 520 -91.72 -23.56 6.13
CA SER F 520 -92.87 -22.77 5.72
C SER F 520 -93.14 -21.62 6.70
N ARG F 521 -92.99 -21.87 8.00
CA ARG F 521 -93.13 -20.79 8.97
C ARG F 521 -92.04 -19.73 8.77
N VAL F 522 -90.81 -20.16 8.53
CA VAL F 522 -89.72 -19.23 8.25
C VAL F 522 -90.02 -18.43 6.99
N GLU F 523 -90.63 -19.08 5.98
CA GLU F 523 -90.97 -18.37 4.75
C GLU F 523 -92.10 -17.35 4.97
N VAL F 524 -93.04 -17.64 5.87
CA VAL F 524 -94.07 -16.66 6.20
C VAL F 524 -93.46 -15.43 6.86
N THR F 525 -92.55 -15.66 7.81
CA THR F 525 -91.85 -14.54 8.42
C THR F 525 -91.03 -13.77 7.39
N ARG F 526 -90.42 -14.49 6.44
CA ARG F 526 -89.68 -13.86 5.35
C ARG F 526 -90.59 -13.03 4.46
N ARG F 527 -91.82 -13.48 4.23
CA ARG F 527 -92.76 -12.69 3.43
C ARG F 527 -93.16 -11.41 4.13
N LYS F 528 -93.35 -11.47 5.45
CA LYS F 528 -93.60 -10.23 6.19
C LYS F 528 -92.40 -9.28 6.11
N GLU F 529 -91.19 -9.82 6.26
CA GLU F 529 -90.00 -9.00 6.13
C GLU F 529 -89.88 -8.40 4.74
N MET F 530 -90.30 -9.14 3.71
CA MET F 530 -90.30 -8.60 2.34
C MET F 530 -91.35 -7.51 2.20
N THR F 531 -92.49 -7.65 2.87
CA THR F 531 -93.49 -6.59 2.87
C THR F 531 -92.91 -5.28 3.42
N SER F 532 -92.10 -5.37 4.47
CA SER F 532 -91.46 -4.14 4.96
C SER F 532 -90.32 -3.67 4.04
N LEU F 533 -89.58 -4.62 3.46
CA LEU F 533 -88.49 -4.27 2.56
C LEU F 533 -89.00 -3.57 1.30
N ARG F 534 -90.25 -3.82 0.91
CA ARG F 534 -90.81 -3.10 -0.23
C ARG F 534 -90.86 -1.60 0.04
N ALA F 535 -91.36 -1.22 1.23
CA ALA F 535 -91.38 0.19 1.59
C ALA F 535 -89.97 0.75 1.70
N PHE F 536 -89.06 -0.01 2.30
CA PHE F 536 -87.67 0.45 2.38
C PHE F 536 -87.10 0.74 1.00
N ALA F 537 -87.32 -0.16 0.05
CA ALA F 537 -86.79 0.00 -1.29
C ALA F 537 -87.48 1.14 -2.04
N VAL F 538 -88.77 1.38 -1.77
CA VAL F 538 -89.44 2.53 -2.37
C VAL F 538 -88.80 3.82 -1.90
N TYR F 539 -88.51 3.92 -0.60
CA TYR F 539 -87.86 5.13 -0.10
C TYR F 539 -86.45 5.28 -0.68
N THR F 540 -85.72 4.18 -0.83
CA THR F 540 -84.39 4.25 -1.45
C THR F 540 -84.48 4.72 -2.90
N SER F 541 -85.45 4.19 -3.65
CA SER F 541 -85.64 4.60 -5.03
C SER F 541 -86.01 6.08 -5.12
N ILE F 542 -86.88 6.54 -4.22
CA ILE F 542 -87.23 7.96 -4.20
C ILE F 542 -86.00 8.80 -3.92
N SER F 543 -85.15 8.36 -3.00
CA SER F 543 -83.90 9.08 -2.73
C SER F 543 -83.05 9.20 -3.99
N ILE F 544 -82.80 8.07 -4.66
CA ILE F 544 -81.97 8.09 -5.86
C ILE F 544 -82.57 9.01 -6.92
N PHE F 545 -83.88 8.87 -7.15
CA PHE F 545 -84.53 9.63 -8.21
C PHE F 545 -84.53 11.13 -7.90
N MET F 546 -84.84 11.51 -6.66
CA MET F 546 -84.76 12.92 -6.28
C MET F 546 -83.35 13.45 -6.49
N ASN F 547 -82.36 12.70 -6.02
CA ASN F 547 -80.97 13.15 -6.11
C ASN F 547 -80.55 13.40 -7.55
N THR F 548 -81.00 12.56 -8.49
CA THR F 548 -80.57 12.75 -9.87
C THR F 548 -81.52 13.65 -10.68
N ALA F 549 -82.75 13.86 -10.23
CA ALA F 549 -83.73 14.59 -11.02
C ALA F 549 -83.93 16.04 -10.59
N ILE F 550 -83.69 16.39 -9.32
CA ILE F 550 -83.80 17.79 -8.91
C ILE F 550 -82.85 18.68 -9.71
N PRO F 551 -81.60 18.29 -9.97
CA PRO F 551 -80.73 19.18 -10.78
C PRO F 551 -81.20 19.36 -12.21
N ILE F 552 -81.70 18.31 -12.85
CA ILE F 552 -82.21 18.44 -14.21
C ILE F 552 -83.37 19.43 -14.25
N ALA F 553 -84.31 19.28 -13.31
CA ALA F 553 -85.43 20.22 -13.23
C ALA F 553 -84.95 21.64 -12.94
N ALA F 554 -83.91 21.77 -12.12
CA ALA F 554 -83.38 23.10 -11.82
C ALA F 554 -82.80 23.76 -13.06
N VAL F 555 -81.99 23.03 -13.83
CA VAL F 555 -81.45 23.57 -15.07
C VAL F 555 -82.57 23.95 -16.04
N LEU F 556 -83.56 23.05 -16.17
CA LEU F 556 -84.69 23.30 -17.06
C LEU F 556 -85.40 24.60 -16.70
N ILE F 557 -85.86 24.71 -15.45
CA ILE F 557 -86.61 25.89 -15.06
C ILE F 557 -85.75 27.14 -15.20
N THR F 558 -84.47 27.06 -14.79
CA THR F 558 -83.57 28.20 -14.91
C THR F 558 -83.55 28.74 -16.32
N PHE F 559 -83.17 27.88 -17.29
CA PHE F 559 -82.95 28.38 -18.64
C PHE F 559 -84.26 28.79 -19.31
N VAL F 560 -85.29 27.95 -19.20
CA VAL F 560 -86.54 28.26 -19.90
C VAL F 560 -87.17 29.52 -19.35
N GLY F 561 -87.26 29.64 -18.02
CA GLY F 561 -87.78 30.87 -17.43
C GLY F 561 -86.90 32.08 -17.72
N HIS F 562 -85.59 31.87 -17.85
CA HIS F 562 -84.71 32.96 -18.24
C HIS F 562 -85.05 33.48 -19.62
N VAL F 563 -85.40 32.58 -20.53
CA VAL F 563 -85.60 32.97 -21.92
C VAL F 563 -87.05 33.35 -22.21
N SER F 564 -88.01 32.54 -21.75
CA SER F 564 -89.40 32.76 -22.11
C SER F 564 -90.15 33.60 -21.09
N PHE F 565 -90.20 33.15 -19.84
CA PHE F 565 -90.98 33.85 -18.81
C PHE F 565 -90.42 35.24 -18.54
N PHE F 566 -89.14 35.30 -18.16
CA PHE F 566 -88.52 36.59 -17.85
C PHE F 566 -88.30 37.45 -19.08
N LYS F 567 -88.26 36.84 -20.28
CA LYS F 567 -87.86 37.55 -21.50
C LYS F 567 -86.53 38.25 -21.31
N GLU F 568 -85.65 37.63 -20.52
CA GLU F 568 -84.42 38.24 -20.06
C GLU F 568 -83.35 38.18 -21.14
N SER F 569 -82.11 38.47 -20.74
CA SER F 569 -80.99 38.53 -21.67
C SER F 569 -80.83 37.21 -22.44
N ASP F 570 -80.34 37.33 -23.68
CA ASP F 570 -80.15 36.16 -24.53
C ASP F 570 -79.11 35.23 -23.93
N LEU F 571 -79.36 33.94 -24.05
CA LEU F 571 -78.53 32.91 -23.40
C LEU F 571 -77.27 32.67 -24.22
N SER F 572 -76.15 33.24 -23.77
CA SER F 572 -74.86 33.09 -24.42
C SER F 572 -74.19 31.80 -23.95
N PRO F 573 -73.26 31.26 -24.75
CA PRO F 573 -72.58 30.02 -24.33
C PRO F 573 -71.85 30.16 -23.00
N SER F 574 -71.10 31.26 -22.82
CA SER F 574 -70.35 31.45 -21.59
C SER F 574 -71.28 31.49 -20.38
N VAL F 575 -72.31 32.33 -20.44
CA VAL F 575 -73.22 32.50 -19.31
C VAL F 575 -73.91 31.19 -18.96
N ALA F 576 -74.43 30.49 -19.98
CA ALA F 576 -75.18 29.26 -19.75
C ALA F 576 -74.28 28.16 -19.18
N PHE F 577 -73.09 27.97 -19.75
CA PHE F 577 -72.25 26.89 -19.26
C PHE F 577 -71.61 27.21 -17.92
N ALA F 578 -71.36 28.48 -17.63
CA ALA F 578 -70.96 28.85 -16.28
C ALA F 578 -72.05 28.49 -15.28
N SER F 579 -73.31 28.78 -15.61
CA SER F 579 -74.39 28.43 -14.70
C SER F 579 -74.52 26.92 -14.55
N LEU F 580 -74.29 26.17 -15.63
CA LEU F 580 -74.38 24.71 -15.54
C LEU F 580 -73.30 24.16 -14.62
N SER F 581 -72.07 24.66 -14.77
CA SER F 581 -70.99 24.21 -13.88
C SER F 581 -71.27 24.61 -12.43
N LEU F 582 -71.83 25.80 -12.22
CA LEU F 582 -72.19 26.18 -10.86
C LEU F 582 -73.28 25.29 -10.28
N PHE F 583 -74.22 24.84 -11.12
CA PHE F 583 -75.23 23.89 -10.64
C PHE F 583 -74.60 22.56 -10.26
N HIS F 584 -73.67 22.06 -11.08
CA HIS F 584 -72.99 20.82 -10.74
C HIS F 584 -72.19 20.95 -9.46
N ILE F 585 -71.60 22.12 -9.22
CA ILE F 585 -70.86 22.34 -7.97
C ILE F 585 -71.82 22.48 -6.80
N LEU F 586 -73.03 22.98 -7.03
CA LEU F 586 -74.01 23.11 -5.95
C LEU F 586 -74.68 21.79 -5.58
N VAL F 587 -74.74 20.83 -6.51
CA VAL F 587 -75.47 19.58 -6.25
C VAL F 587 -74.98 18.93 -4.96
N THR F 588 -73.67 18.66 -4.88
CA THR F 588 -73.14 17.81 -3.82
C THR F 588 -73.41 18.35 -2.41
N PRO F 589 -73.08 19.60 -2.07
CA PRO F 589 -73.36 20.06 -0.70
C PRO F 589 -74.83 20.00 -0.34
N LEU F 590 -75.72 20.32 -1.29
CA LEU F 590 -77.15 20.24 -1.01
C LEU F 590 -77.58 18.81 -0.72
N PHE F 591 -76.96 17.83 -1.36
CA PHE F 591 -77.33 16.44 -1.12
C PHE F 591 -76.77 15.95 0.21
N LEU F 592 -75.54 16.31 0.53
CA LEU F 592 -74.90 15.76 1.73
C LEU F 592 -75.16 16.57 2.99
N LEU F 593 -75.80 17.74 2.88
CA LEU F 593 -76.08 18.53 4.08
C LEU F 593 -77.05 17.82 5.00
N SER F 594 -78.03 17.11 4.43
CA SER F 594 -78.95 16.31 5.23
C SER F 594 -78.18 15.27 6.06
N SER F 595 -77.26 14.55 5.42
CA SER F 595 -76.48 13.55 6.13
C SER F 595 -75.61 14.19 7.21
N VAL F 596 -75.02 15.35 6.91
CA VAL F 596 -74.20 16.04 7.91
C VAL F 596 -75.03 16.40 9.14
N VAL F 597 -76.22 16.96 8.91
CA VAL F 597 -77.05 17.37 10.05
C VAL F 597 -77.50 16.14 10.85
N ARG F 598 -77.89 15.07 10.15
CA ARG F 598 -78.32 13.86 10.85
C ARG F 598 -77.19 13.28 11.69
N SER F 599 -75.98 13.21 11.13
CA SER F 599 -74.83 12.75 11.90
C SER F 599 -74.56 13.67 13.08
N THR F 600 -74.78 14.97 12.93
CA THR F 600 -74.53 15.89 14.03
C THR F 600 -75.48 15.64 15.19
N VAL F 601 -76.78 15.49 14.90
CA VAL F 601 -77.71 15.25 16.00
C VAL F 601 -77.46 13.86 16.61
N LYS F 602 -77.08 12.89 15.78
CA LYS F 602 -76.77 11.55 16.28
C LYS F 602 -75.59 11.60 17.26
N ALA F 603 -74.53 12.31 16.90
CA ALA F 603 -73.37 12.39 17.78
C ALA F 603 -73.62 13.28 18.99
N LEU F 604 -74.52 14.25 18.88
CA LEU F 604 -74.94 15.00 20.05
C LEU F 604 -75.61 14.08 21.07
N VAL F 605 -76.52 13.23 20.60
CA VAL F 605 -77.14 12.23 21.48
C VAL F 605 -76.08 11.30 22.05
N SER F 606 -75.09 10.94 21.24
CA SER F 606 -74.03 10.04 21.70
C SER F 606 -73.20 10.67 22.81
N VAL F 607 -72.87 11.95 22.69
CA VAL F 607 -72.10 12.62 23.73
C VAL F 607 -72.95 12.79 24.99
N GLN F 608 -74.25 13.02 24.82
CA GLN F 608 -75.13 13.05 25.99
C GLN F 608 -75.10 11.72 26.73
N LYS F 609 -75.24 10.61 25.99
CA LYS F 609 -75.21 9.29 26.61
C LYS F 609 -73.87 9.02 27.27
N LEU F 610 -72.78 9.43 26.61
CA LEU F 610 -71.44 9.23 27.17
C LEU F 610 -71.24 10.00 28.46
N SER F 611 -71.77 11.23 28.53
CA SER F 611 -71.70 11.99 29.77
C SER F 611 -72.52 11.33 30.86
N GLU F 612 -73.73 10.87 30.52
CA GLU F 612 -74.57 10.18 31.50
C GLU F 612 -73.84 8.98 32.08
N PHE F 613 -73.14 8.22 31.24
CA PHE F 613 -72.40 7.07 31.72
C PHE F 613 -71.19 7.48 32.55
N LEU F 614 -70.41 8.43 32.05
CA LEU F 614 -69.18 8.84 32.73
C LEU F 614 -69.47 9.54 34.06
N SER F 615 -70.70 9.99 34.28
CA SER F 615 -71.02 10.67 35.53
C SER F 615 -71.28 9.70 36.68
N SER F 616 -71.69 8.46 36.39
CA SER F 616 -72.03 7.49 37.44
C SER F 616 -70.80 6.97 38.17
N CYS F 678 -52.06 -9.56 59.04
CA CYS F 678 -53.44 -10.05 59.12
C CYS F 678 -54.43 -9.06 58.53
N VAL F 679 -55.64 -9.52 58.26
CA VAL F 679 -56.71 -8.68 57.72
C VAL F 679 -57.63 -8.32 58.88
N GLN F 680 -57.63 -7.05 59.27
CA GLN F 680 -58.39 -6.56 60.40
C GLN F 680 -59.58 -5.72 59.93
N ILE F 681 -60.73 -5.94 60.56
CA ILE F 681 -61.93 -5.15 60.29
C ILE F 681 -62.60 -4.82 61.61
N ILE F 682 -62.86 -3.53 61.84
CA ILE F 682 -63.53 -3.05 63.03
C ILE F 682 -64.67 -2.13 62.60
N GLY F 683 -65.90 -2.51 62.95
CA GLY F 683 -67.07 -1.69 62.68
C GLY F 683 -67.50 -1.65 61.24
N GLY F 684 -67.84 -2.81 60.67
CA GLY F 684 -68.27 -2.85 59.28
C GLY F 684 -69.61 -2.17 59.11
N PHE F 685 -69.68 -1.24 58.15
CA PHE F 685 -70.91 -0.50 57.88
C PHE F 685 -70.88 0.01 56.45
N PHE F 686 -71.70 -0.58 55.58
CA PHE F 686 -71.82 -0.16 54.19
C PHE F 686 -73.06 -0.81 53.59
N THR F 687 -73.38 -0.40 52.36
CA THR F 687 -74.51 -0.97 51.63
C THR F 687 -74.22 -0.86 50.14
N TRP F 688 -75.12 -1.44 49.35
CA TRP F 688 -75.00 -1.37 47.89
C TRP F 688 -75.78 -0.18 47.32
N THR F 689 -75.59 0.99 47.93
CA THR F 689 -76.25 2.24 47.53
C THR F 689 -75.45 3.40 48.09
N PRO F 690 -75.46 4.56 47.45
CA PRO F 690 -74.93 5.76 48.10
C PRO F 690 -75.72 6.18 49.32
N ASP F 691 -77.00 5.82 49.39
CA ASP F 691 -77.85 6.13 50.54
C ASP F 691 -78.98 5.11 50.60
N GLY F 692 -79.15 4.49 51.75
CA GLY F 692 -80.19 3.50 51.92
C GLY F 692 -79.92 2.64 53.14
N ILE F 693 -80.79 1.65 53.33
CA ILE F 693 -80.68 0.74 54.47
C ILE F 693 -79.41 -0.10 54.31
N PRO F 694 -78.58 -0.23 55.33
CA PRO F 694 -77.30 -0.94 55.18
C PRO F 694 -77.44 -2.44 55.39
N THR F 695 -76.82 -3.20 54.49
CA THR F 695 -76.73 -4.65 54.63
C THR F 695 -75.46 -5.10 55.34
N LEU F 696 -74.50 -4.19 55.53
CA LEU F 696 -73.30 -4.45 56.33
C LEU F 696 -73.39 -3.60 57.60
N SER F 697 -73.36 -4.26 58.76
CA SER F 697 -73.52 -3.56 60.03
C SER F 697 -72.82 -4.34 61.13
N ASN F 698 -71.91 -3.67 61.82
CA ASN F 698 -71.24 -4.20 63.02
C ASN F 698 -70.51 -5.52 62.70
N ILE F 699 -69.49 -5.39 61.86
CA ILE F 699 -68.63 -6.51 61.48
C ILE F 699 -67.22 -6.21 61.96
N THR F 700 -66.66 -7.10 62.77
CA THR F 700 -65.30 -6.98 63.28
C THR F 700 -64.66 -8.36 63.21
N ILE F 701 -63.65 -8.51 62.35
CA ILE F 701 -63.07 -9.82 62.07
C ILE F 701 -61.56 -9.68 61.92
N ARG F 702 -60.82 -10.64 62.47
CA ARG F 702 -59.37 -10.73 62.28
C ARG F 702 -59.05 -12.01 61.53
N ILE F 703 -58.35 -11.88 60.42
CA ILE F 703 -57.90 -13.02 59.63
C ILE F 703 -56.38 -13.06 59.69
N PRO F 704 -55.80 -13.85 60.60
CA PRO F 704 -54.33 -13.91 60.69
C PRO F 704 -53.73 -14.68 59.53
N ARG F 705 -52.42 -14.50 59.37
CA ARG F 705 -51.69 -15.16 58.29
C ARG F 705 -51.59 -16.66 58.54
N GLY F 706 -51.54 -17.42 57.45
CA GLY F 706 -51.45 -18.87 57.52
C GLY F 706 -52.66 -19.48 58.20
N GLN F 707 -53.82 -19.32 57.59
CA GLN F 707 -55.06 -19.77 58.21
C GLN F 707 -56.10 -20.05 57.13
N LEU F 708 -56.89 -21.10 57.37
CA LEU F 708 -58.05 -21.43 56.55
C LEU F 708 -59.29 -20.90 57.27
N THR F 709 -59.75 -19.73 56.86
CA THR F 709 -60.90 -19.08 57.50
C THR F 709 -62.17 -19.46 56.75
N MET F 710 -63.08 -20.16 57.42
CA MET F 710 -64.32 -20.62 56.82
C MET F 710 -65.45 -19.67 57.21
N ILE F 711 -66.25 -19.27 56.22
CA ILE F 711 -67.41 -18.42 56.43
C ILE F 711 -68.66 -19.22 56.11
N VAL F 712 -69.60 -19.29 57.06
CA VAL F 712 -70.82 -20.07 56.88
C VAL F 712 -72.01 -19.22 57.32
N GLY F 713 -73.15 -19.53 56.73
CA GLY F 713 -74.39 -18.83 57.01
C GLY F 713 -75.48 -19.33 56.09
N GLN F 714 -76.67 -18.74 56.27
CA GLN F 714 -77.81 -19.10 55.43
C GLN F 714 -77.69 -18.38 54.09
N VAL F 715 -78.74 -18.43 53.29
CA VAL F 715 -78.78 -17.76 51.99
C VAL F 715 -79.26 -16.33 52.23
N GLY F 716 -78.35 -15.37 52.11
CA GLY F 716 -78.67 -13.98 52.35
C GLY F 716 -78.19 -13.48 53.70
N CYS F 717 -76.98 -13.89 54.09
CA CYS F 717 -76.40 -13.49 55.37
C CYS F 717 -75.19 -12.59 55.21
N GLY F 718 -74.90 -12.12 54.00
CA GLY F 718 -73.78 -11.23 53.78
C GLY F 718 -72.44 -11.91 53.71
N LYS F 719 -72.37 -13.15 53.22
CA LYS F 719 -71.09 -13.83 53.10
C LYS F 719 -70.26 -13.22 51.96
N SER F 720 -70.82 -13.19 50.75
CA SER F 720 -70.10 -12.59 49.63
C SER F 720 -69.92 -11.09 49.80
N SER F 721 -70.91 -10.41 50.40
CA SER F 721 -70.77 -8.99 50.67
C SER F 721 -69.58 -8.72 51.57
N LEU F 722 -69.41 -9.54 52.62
CA LEU F 722 -68.26 -9.40 53.50
C LEU F 722 -66.97 -9.77 52.78
N LEU F 723 -67.02 -10.79 51.92
CA LEU F 723 -65.83 -11.20 51.17
C LEU F 723 -65.34 -10.07 50.29
N LEU F 724 -66.25 -9.33 49.66
CA LEU F 724 -65.86 -8.18 48.87
C LEU F 724 -65.51 -6.97 49.74
N ALA F 725 -66.07 -6.91 50.95
CA ALA F 725 -65.75 -5.78 51.84
C ALA F 725 -64.29 -5.83 52.28
N THR F 726 -63.78 -7.02 52.60
CA THR F 726 -62.38 -7.16 52.96
C THR F 726 -61.45 -6.93 51.77
N LEU F 727 -61.97 -7.04 50.55
CA LEU F 727 -61.18 -6.85 49.34
C LEU F 727 -61.03 -5.39 48.96
N GLY F 728 -61.65 -4.48 49.69
CA GLY F 728 -61.67 -3.08 49.31
C GLY F 728 -62.65 -2.73 48.23
N GLU F 729 -63.55 -3.65 47.87
CA GLU F 729 -64.46 -3.43 46.75
C GLU F 729 -65.60 -2.48 47.12
N MET F 730 -66.03 -2.48 48.38
CA MET F 730 -67.10 -1.60 48.84
C MET F 730 -66.53 -0.71 49.95
N GLN F 731 -66.43 0.59 49.68
CA GLN F 731 -65.92 1.54 50.66
C GLN F 731 -66.94 1.71 51.77
N LYS F 732 -66.60 1.23 52.97
CA LYS F 732 -67.53 1.26 54.09
C LYS F 732 -67.78 2.69 54.55
N VAL F 733 -68.99 2.92 55.07
CA VAL F 733 -69.38 4.26 55.49
C VAL F 733 -68.62 4.66 56.75
N SER F 734 -68.79 3.90 57.83
CA SER F 734 -68.15 4.20 59.11
C SER F 734 -67.50 2.91 59.63
N GLY F 735 -66.19 2.78 59.42
CA GLY F 735 -65.49 1.60 59.87
C GLY F 735 -64.05 1.62 59.41
N ALA F 736 -63.27 0.70 59.97
CA ALA F 736 -61.84 0.58 59.68
C ALA F 736 -61.55 -0.80 59.14
N VAL F 737 -60.74 -0.87 58.08
CA VAL F 737 -60.36 -2.14 57.47
C VAL F 737 -58.92 -2.01 56.96
N PHE F 738 -58.06 -2.93 57.40
CA PHE F 738 -56.66 -2.94 57.00
C PHE F 738 -56.24 -4.35 56.65
N TRP F 739 -55.17 -4.45 55.86
CA TRP F 739 -54.58 -5.75 55.57
C TRP F 739 -53.11 -5.59 55.18
N GLY F 768 -53.02 -3.92 48.85
CA GLY F 768 -52.20 -5.07 48.54
C GLY F 768 -52.86 -6.06 47.59
N PRO F 769 -52.05 -6.73 46.76
CA PRO F 769 -52.62 -7.64 45.76
C PRO F 769 -53.11 -8.93 46.39
N VAL F 770 -54.28 -9.38 45.92
CA VAL F 770 -55.00 -10.49 46.55
C VAL F 770 -55.68 -11.32 45.47
N ALA F 771 -55.53 -12.64 45.52
CA ALA F 771 -56.22 -13.48 44.57
C ALA F 771 -57.67 -13.73 45.01
N TYR F 772 -58.54 -13.89 44.03
CA TYR F 772 -59.96 -13.98 44.32
C TYR F 772 -60.66 -14.78 43.22
N ALA F 773 -61.54 -15.69 43.63
CA ALA F 773 -62.36 -16.46 42.70
C ALA F 773 -63.82 -16.23 43.06
N SER F 774 -64.51 -15.48 42.20
CA SER F 774 -65.89 -15.09 42.43
C SER F 774 -66.82 -16.30 42.33
N GLN F 775 -68.02 -16.13 42.87
CA GLN F 775 -69.01 -17.21 42.85
C GLN F 775 -69.42 -17.56 41.42
N LYS F 776 -69.68 -16.54 40.60
CA LYS F 776 -69.95 -16.77 39.19
C LYS F 776 -68.63 -16.81 38.43
N PRO F 777 -68.27 -17.92 37.79
CA PRO F 777 -66.97 -17.98 37.11
C PRO F 777 -66.98 -17.22 35.79
N TRP F 778 -65.89 -16.50 35.55
CA TRP F 778 -65.70 -15.79 34.29
C TRP F 778 -64.38 -16.23 33.67
N LEU F 779 -64.33 -16.21 32.34
CA LEU F 779 -63.16 -16.66 31.59
C LEU F 779 -62.72 -15.55 30.64
N LEU F 780 -61.67 -15.84 29.88
CA LEU F 780 -61.18 -14.97 28.83
C LEU F 780 -61.37 -15.67 27.48
N ASN F 781 -61.52 -14.88 26.43
CA ASN F 781 -61.62 -15.41 25.07
C ASN F 781 -60.24 -15.85 24.58
N ALA F 782 -59.65 -16.77 25.33
CA ALA F 782 -58.29 -17.22 25.09
C ALA F 782 -58.22 -18.72 25.36
N THR F 783 -56.99 -19.23 25.47
CA THR F 783 -56.77 -20.65 25.72
C THR F 783 -56.91 -20.95 27.21
N VAL F 784 -56.89 -22.25 27.53
CA VAL F 784 -57.00 -22.68 28.93
C VAL F 784 -55.72 -22.38 29.70
N GLU F 785 -54.57 -22.64 29.07
CA GLU F 785 -53.30 -22.29 29.70
C GLU F 785 -53.21 -20.80 29.97
N GLU F 786 -53.71 -19.98 29.04
CA GLU F 786 -53.72 -18.54 29.24
C GLU F 786 -54.65 -18.15 30.39
N ASN F 787 -55.78 -18.83 30.51
CA ASN F 787 -56.69 -18.56 31.62
C ASN F 787 -56.04 -18.89 32.97
N ILE F 788 -55.35 -20.03 33.04
CA ILE F 788 -54.82 -20.48 34.32
C ILE F 788 -53.58 -19.70 34.72
N THR F 789 -52.71 -19.40 33.75
CA THR F 789 -51.53 -18.60 34.08
C THR F 789 -51.90 -17.16 34.41
N PHE F 790 -52.77 -16.56 33.59
CA PHE F 790 -53.30 -15.22 33.85
C PHE F 790 -52.18 -14.18 33.95
N GLU F 791 -51.46 -14.03 32.83
CA GLU F 791 -50.36 -13.07 32.72
C GLU F 791 -49.28 -13.33 33.76
N SER F 792 -48.88 -14.59 33.87
CA SER F 792 -47.82 -15.02 34.77
C SER F 792 -46.81 -15.87 34.01
N PRO F 793 -45.53 -15.78 34.38
CA PRO F 793 -44.52 -16.60 33.70
C PRO F 793 -44.84 -18.08 33.82
N PHE F 794 -44.91 -18.75 32.68
CA PHE F 794 -45.26 -20.16 32.63
C PHE F 794 -44.19 -21.00 33.32
N ASN F 795 -44.62 -21.93 34.17
CA ASN F 795 -43.72 -22.83 34.88
C ASN F 795 -44.03 -24.26 34.49
N LYS F 796 -43.05 -25.14 34.68
CA LYS F 796 -43.21 -26.56 34.36
C LYS F 796 -43.80 -27.32 35.54
N GLN F 797 -43.16 -27.25 36.70
CA GLN F 797 -43.64 -27.98 37.87
C GLN F 797 -44.84 -27.28 38.51
N ARG F 798 -44.84 -25.95 38.54
CA ARG F 798 -45.93 -25.22 39.18
C ARG F 798 -47.24 -25.39 38.40
N TYR F 799 -47.20 -25.16 37.09
CA TYR F 799 -48.41 -25.26 36.28
C TYR F 799 -48.96 -26.69 36.28
N LYS F 800 -48.08 -27.68 36.11
CA LYS F 800 -48.54 -29.06 36.12
C LYS F 800 -49.06 -29.47 37.48
N MET F 801 -48.43 -28.97 38.56
CA MET F 801 -48.91 -29.27 39.90
C MET F 801 -50.31 -28.72 40.12
N VAL F 802 -50.56 -27.49 39.64
CA VAL F 802 -51.90 -26.92 39.77
C VAL F 802 -52.90 -27.68 38.91
N ILE F 803 -52.50 -28.02 37.68
CA ILE F 803 -53.38 -28.78 36.78
C ILE F 803 -53.82 -30.09 37.41
N GLU F 804 -52.86 -30.82 38.00
CA GLU F 804 -53.19 -32.10 38.61
C GLU F 804 -54.00 -31.91 39.89
N ALA F 805 -53.64 -30.90 40.70
CA ALA F 805 -54.31 -30.69 41.98
C ALA F 805 -55.72 -30.12 41.83
N CYS F 806 -56.13 -29.76 40.62
CA CYS F 806 -57.46 -29.21 40.37
C CYS F 806 -58.36 -30.15 39.58
N SER F 807 -57.92 -31.40 39.36
CA SER F 807 -58.70 -32.41 38.66
C SER F 807 -59.19 -31.89 37.31
N LEU F 808 -58.25 -31.39 36.51
CA LEU F 808 -58.58 -30.78 35.23
C LEU F 808 -57.87 -31.40 34.04
N GLN F 809 -56.75 -32.10 34.24
CA GLN F 809 -56.00 -32.66 33.12
C GLN F 809 -56.83 -33.62 32.26
N PRO F 810 -57.58 -34.59 32.83
CA PRO F 810 -58.39 -35.45 31.96
C PRO F 810 -59.48 -34.70 31.21
N ASP F 811 -60.18 -33.78 31.87
CA ASP F 811 -61.22 -33.01 31.21
C ASP F 811 -60.63 -32.09 30.13
N ILE F 812 -59.41 -31.60 30.35
CA ILE F 812 -58.75 -30.78 29.32
C ILE F 812 -58.35 -31.63 28.13
N ASP F 813 -57.84 -32.84 28.38
CA ASP F 813 -57.53 -33.75 27.28
C ASP F 813 -58.79 -34.19 26.54
N ILE F 814 -59.96 -34.12 27.18
CA ILE F 814 -61.21 -34.50 26.51
C ILE F 814 -61.63 -33.46 25.48
N LEU F 815 -61.10 -32.24 25.56
CA LEU F 815 -61.46 -31.18 24.63
C LEU F 815 -61.02 -31.54 23.20
N PRO F 816 -61.63 -30.92 22.19
CA PRO F 816 -61.23 -31.23 20.81
C PRO F 816 -59.75 -30.99 20.55
N HIS F 817 -59.17 -29.97 21.17
CA HIS F 817 -57.73 -29.79 21.18
C HIS F 817 -57.19 -30.19 22.55
N GLY F 818 -56.06 -30.90 22.56
CA GLY F 818 -55.46 -31.39 23.78
C GLY F 818 -55.30 -30.31 24.82
N ASP F 819 -54.58 -29.24 24.46
CA ASP F 819 -54.49 -28.05 25.30
C ASP F 819 -54.39 -26.84 24.38
N GLN F 820 -54.30 -25.66 24.99
CA GLN F 820 -54.36 -24.39 24.26
C GLN F 820 -55.63 -24.31 23.42
N THR F 821 -56.70 -24.94 23.90
CA THR F 821 -57.97 -24.92 23.20
C THR F 821 -58.63 -23.56 23.36
N GLN F 822 -59.10 -23.00 22.25
CA GLN F 822 -59.71 -21.67 22.25
C GLN F 822 -61.04 -21.74 22.98
N ILE F 823 -61.05 -21.31 24.25
CA ILE F 823 -62.30 -21.25 24.99
C ILE F 823 -63.23 -20.23 24.34
N GLY F 824 -64.45 -20.67 24.04
CA GLY F 824 -65.41 -19.81 23.37
C GLY F 824 -65.82 -18.59 24.17
N GLU F 825 -66.62 -17.71 23.56
CA GLU F 825 -67.06 -16.49 24.24
C GLU F 825 -67.87 -16.85 25.48
N ARG F 826 -67.33 -16.52 26.65
CA ARG F 826 -67.87 -16.81 27.98
C ARG F 826 -67.82 -18.30 28.34
N GLY F 827 -67.33 -19.15 27.44
CA GLY F 827 -67.23 -20.57 27.72
C GLY F 827 -68.42 -21.38 27.23
N ILE F 828 -68.81 -21.16 25.98
CA ILE F 828 -69.96 -21.87 25.42
C ILE F 828 -69.62 -23.35 25.23
N ASN F 829 -68.40 -23.65 24.81
CA ASN F 829 -67.95 -25.02 24.63
C ASN F 829 -67.46 -25.66 25.93
N LEU F 830 -67.83 -25.10 27.08
CA LEU F 830 -67.48 -25.67 28.38
C LEU F 830 -68.72 -25.65 29.27
N SER F 831 -68.65 -26.45 30.33
CA SER F 831 -69.74 -26.54 31.30
C SER F 831 -69.44 -25.69 32.52
N GLY F 832 -70.35 -25.71 33.49
CA GLY F 832 -70.18 -24.90 34.68
C GLY F 832 -69.08 -25.42 35.59
N GLY F 833 -69.01 -26.74 35.78
CA GLY F 833 -67.96 -27.30 36.61
C GLY F 833 -66.58 -27.04 36.04
N GLN F 834 -66.42 -27.16 34.73
CA GLN F 834 -65.13 -26.87 34.10
C GLN F 834 -64.73 -25.41 34.30
N ARG F 835 -65.68 -24.48 34.15
CA ARG F 835 -65.38 -23.06 34.33
C ARG F 835 -65.00 -22.76 35.78
N GLN F 836 -65.73 -23.32 36.75
CA GLN F 836 -65.39 -23.10 38.15
C GLN F 836 -64.04 -23.69 38.50
N ARG F 837 -63.72 -24.87 37.95
CA ARG F 837 -62.42 -25.47 38.19
C ARG F 837 -61.31 -24.61 37.60
N ILE F 838 -61.51 -24.06 36.39
CA ILE F 838 -60.50 -23.20 35.78
C ILE F 838 -60.34 -21.92 36.61
N SER F 839 -61.43 -21.40 37.17
CA SER F 839 -61.33 -20.20 38.00
C SER F 839 -60.55 -20.47 39.27
N VAL F 840 -60.82 -21.60 39.94
CA VAL F 840 -60.04 -21.95 41.12
C VAL F 840 -58.59 -22.19 40.75
N ALA F 841 -58.33 -22.74 39.56
CA ALA F 841 -56.96 -22.95 39.12
C ALA F 841 -56.24 -21.63 38.93
N ARG F 842 -56.92 -20.64 38.33
CA ARG F 842 -56.32 -19.33 38.16
C ARG F 842 -56.06 -18.67 39.50
N ALA F 843 -56.98 -18.85 40.46
CA ALA F 843 -56.78 -18.26 41.79
C ALA F 843 -55.64 -18.93 42.54
N LEU F 844 -55.41 -20.22 42.28
CA LEU F 844 -54.35 -20.95 42.99
C LEU F 844 -52.99 -20.73 42.36
N TYR F 845 -52.93 -20.61 41.02
CA TYR F 845 -51.65 -20.53 40.32
C TYR F 845 -50.90 -19.24 40.63
N GLN F 846 -51.59 -18.18 41.02
CA GLN F 846 -50.93 -16.90 41.26
C GLN F 846 -50.12 -16.94 42.55
N GLN F 847 -48.97 -16.27 42.55
CA GLN F 847 -48.07 -16.23 43.69
C GLN F 847 -48.41 -14.99 44.52
N THR F 848 -49.40 -15.13 45.40
CA THR F 848 -49.86 -14.04 46.24
C THR F 848 -50.05 -14.56 47.66
N ASN F 849 -50.48 -13.67 48.55
CA ASN F 849 -50.66 -13.99 49.96
C ASN F 849 -52.10 -14.39 50.29
N VAL F 850 -53.05 -13.50 50.08
CA VAL F 850 -54.44 -13.74 50.45
C VAL F 850 -55.17 -14.32 49.26
N VAL F 851 -56.00 -15.34 49.51
CA VAL F 851 -56.78 -15.99 48.46
C VAL F 851 -58.21 -16.17 48.96
N PHE F 852 -59.16 -15.52 48.28
CA PHE F 852 -60.57 -15.66 48.60
C PHE F 852 -61.23 -16.61 47.61
N LEU F 853 -62.04 -17.53 48.13
CA LEU F 853 -62.76 -18.48 47.28
C LEU F 853 -64.23 -18.45 47.65
N ASP F 854 -65.06 -17.90 46.77
CA ASP F 854 -66.49 -17.73 47.06
C ASP F 854 -67.26 -18.92 46.48
N ASP F 855 -67.47 -19.94 47.32
CA ASP F 855 -68.24 -21.14 47.02
C ASP F 855 -67.72 -21.85 45.78
N PRO F 856 -66.51 -22.42 45.84
CA PRO F 856 -66.00 -23.18 44.68
C PRO F 856 -66.50 -24.61 44.60
N PHE F 857 -67.33 -25.04 45.54
CA PHE F 857 -67.83 -26.42 45.57
C PHE F 857 -69.31 -26.52 45.21
N SER F 858 -69.84 -25.54 44.47
CA SER F 858 -71.26 -25.52 44.14
C SER F 858 -71.59 -26.37 42.92
N ALA F 859 -70.69 -26.45 41.94
CA ALA F 859 -70.92 -27.22 40.72
C ALA F 859 -69.93 -28.37 40.60
N LEU F 860 -69.46 -28.89 41.72
CA LEU F 860 -68.53 -30.01 41.74
C LEU F 860 -69.16 -31.19 42.45
N ASP F 861 -68.64 -32.39 42.14
CA ASP F 861 -69.12 -33.60 42.77
C ASP F 861 -68.52 -33.75 44.16
N VAL F 862 -68.89 -34.84 44.85
CA VAL F 862 -68.37 -35.07 46.19
C VAL F 862 -66.91 -35.50 46.14
N HIS F 863 -66.57 -36.42 45.24
CA HIS F 863 -65.18 -36.85 45.11
C HIS F 863 -64.30 -35.71 44.59
N LEU F 864 -64.82 -34.93 43.64
CA LEU F 864 -64.06 -33.79 43.14
C LEU F 864 -63.80 -32.76 44.24
N SER F 865 -64.82 -32.47 45.05
CA SER F 865 -64.64 -31.53 46.15
C SER F 865 -63.63 -32.06 47.16
N ASP F 866 -63.72 -33.35 47.50
CA ASP F 866 -62.77 -33.93 48.44
C ASP F 866 -61.34 -33.83 47.91
N HIS F 867 -61.14 -34.20 46.64
CA HIS F 867 -59.80 -34.16 46.07
C HIS F 867 -59.27 -32.72 45.98
N LEU F 868 -60.15 -31.77 45.65
CA LEU F 868 -59.72 -30.38 45.53
C LEU F 868 -59.35 -29.79 46.88
N MET F 869 -60.12 -30.10 47.92
CA MET F 869 -59.82 -29.57 49.24
C MET F 869 -58.61 -30.25 49.85
N GLN F 870 -58.36 -31.53 49.51
CA GLN F 870 -57.23 -32.23 50.10
C GLN F 870 -55.92 -31.90 49.39
N ALA F 871 -55.92 -31.97 48.06
CA ALA F 871 -54.68 -31.76 47.33
C ALA F 871 -54.34 -30.28 47.16
N GLY F 872 -55.36 -29.43 47.01
CA GLY F 872 -55.12 -28.03 46.72
C GLY F 872 -55.21 -27.10 47.90
N ILE F 873 -56.14 -27.34 48.81
CA ILE F 873 -56.39 -26.44 49.93
C ILE F 873 -55.54 -26.83 51.13
N LEU F 874 -55.68 -28.08 51.57
CA LEU F 874 -55.00 -28.54 52.78
C LEU F 874 -53.57 -28.99 52.53
N GLU F 875 -53.14 -29.11 51.27
CA GLU F 875 -51.79 -29.58 50.96
C GLU F 875 -51.04 -28.71 49.97
N LEU F 876 -51.69 -27.79 49.27
CA LEU F 876 -51.01 -26.86 48.36
C LEU F 876 -51.13 -25.42 48.79
N LEU F 877 -52.33 -24.97 49.19
CA LEU F 877 -52.46 -23.65 49.79
C LEU F 877 -51.88 -23.64 51.19
N ARG F 878 -52.17 -24.68 51.98
CA ARG F 878 -51.61 -24.81 53.32
C ARG F 878 -50.12 -25.08 53.29
N ASP F 879 -49.58 -25.55 52.16
CA ASP F 879 -48.15 -25.82 52.05
C ASP F 879 -47.34 -24.53 52.14
N ASP F 880 -47.72 -23.52 51.34
CA ASP F 880 -47.00 -22.26 51.30
C ASP F 880 -47.45 -21.29 52.39
N LYS F 881 -48.33 -21.72 53.30
CA LYS F 881 -48.83 -20.89 54.39
C LYS F 881 -49.49 -19.61 53.87
N ARG F 882 -50.54 -19.82 53.08
CA ARG F 882 -51.31 -18.73 52.50
C ARG F 882 -52.56 -18.46 53.32
N THR F 883 -52.99 -17.20 53.32
CA THR F 883 -54.20 -16.77 54.02
C THR F 883 -55.39 -17.12 53.13
N VAL F 884 -55.98 -18.30 53.35
CA VAL F 884 -57.04 -18.80 52.49
C VAL F 884 -58.37 -18.57 53.19
N VAL F 885 -59.23 -17.76 52.59
CA VAL F 885 -60.55 -17.47 53.13
C VAL F 885 -61.58 -18.09 52.20
N LEU F 886 -62.29 -19.09 52.68
CA LEU F 886 -63.24 -19.86 51.90
C LEU F 886 -64.65 -19.59 52.41
N VAL F 887 -65.60 -19.46 51.49
CA VAL F 887 -67.01 -19.27 51.84
C VAL F 887 -67.78 -20.45 51.24
N THR F 888 -68.10 -21.43 52.08
CA THR F 888 -68.86 -22.59 51.64
C THR F 888 -69.72 -23.09 52.80
N HIS F 889 -70.58 -24.07 52.50
CA HIS F 889 -71.48 -24.67 53.49
C HIS F 889 -71.35 -26.19 53.39
N LYS F 890 -70.48 -26.75 54.22
CA LYS F 890 -70.30 -28.19 54.31
C LYS F 890 -69.88 -28.53 55.75
N LEU F 891 -69.51 -29.78 55.98
CA LEU F 891 -69.04 -30.22 57.28
C LEU F 891 -67.65 -30.84 57.26
N GLN F 892 -67.17 -31.28 56.09
CA GLN F 892 -65.81 -31.82 55.99
C GLN F 892 -64.75 -30.74 56.08
N TYR F 893 -65.14 -29.47 56.10
CA TYR F 893 -64.19 -28.37 56.13
C TYR F 893 -64.12 -27.65 57.47
N LEU F 894 -65.16 -27.76 58.30
CA LEU F 894 -65.16 -27.07 59.59
C LEU F 894 -64.05 -27.56 60.52
N PRO F 895 -63.81 -28.85 60.70
CA PRO F 895 -62.67 -29.27 61.53
C PRO F 895 -61.32 -28.97 60.91
N HIS F 896 -61.25 -28.79 59.59
CA HIS F 896 -60.01 -28.45 58.92
C HIS F 896 -59.66 -26.97 59.00
N ALA F 897 -60.55 -26.14 59.53
CA ALA F 897 -60.38 -24.70 59.55
C ALA F 897 -59.86 -24.22 60.90
N ASP F 898 -59.52 -22.94 60.95
CA ASP F 898 -59.05 -22.29 62.16
C ASP F 898 -60.03 -21.27 62.72
N TRP F 899 -60.75 -20.55 61.85
CA TRP F 899 -61.69 -19.52 62.27
C TRP F 899 -63.00 -19.70 61.52
N ILE F 900 -64.07 -20.02 62.24
CA ILE F 900 -65.40 -20.15 61.67
C ILE F 900 -66.14 -18.84 61.88
N ILE F 901 -66.82 -18.36 60.84
CA ILE F 901 -67.51 -17.08 60.87
C ILE F 901 -68.98 -17.34 60.60
N ALA F 902 -69.82 -17.12 61.61
CA ALA F 902 -71.26 -17.37 61.53
C ALA F 902 -71.97 -16.07 61.15
N MET F 903 -72.51 -16.04 59.93
CA MET F 903 -73.19 -14.84 59.42
C MET F 903 -74.70 -15.03 59.46
N LYS F 904 -75.40 -13.95 59.82
CA LYS F 904 -76.87 -13.96 59.86
C LYS F 904 -77.35 -12.53 59.71
N ASP F 905 -78.21 -12.29 58.72
CA ASP F 905 -78.82 -10.98 58.48
C ASP F 905 -77.76 -9.88 58.37
N GLY F 906 -76.67 -10.20 57.67
CA GLY F 906 -75.61 -9.23 57.48
C GLY F 906 -74.83 -8.88 58.72
N THR F 907 -74.90 -9.70 59.76
CA THR F 907 -74.17 -9.47 60.99
C THR F 907 -73.48 -10.75 61.44
N ILE F 908 -72.33 -10.58 62.08
CA ILE F 908 -71.60 -11.72 62.64
C ILE F 908 -72.20 -12.05 64.00
N GLN F 909 -72.74 -13.26 64.14
CA GLN F 909 -73.34 -13.63 65.42
C GLN F 909 -72.35 -14.31 66.35
N ARG F 910 -71.52 -15.21 65.83
CA ARG F 910 -70.46 -15.85 66.59
C ARG F 910 -69.16 -15.71 65.82
N GLU F 911 -68.06 -15.58 66.57
CA GLU F 911 -66.74 -15.43 65.98
C GLU F 911 -65.70 -16.07 66.89
N GLY F 912 -64.76 -16.76 66.30
CA GLY F 912 -63.71 -17.44 67.05
C GLY F 912 -63.28 -18.71 66.35
N THR F 913 -62.77 -19.65 67.14
CA THR F 913 -62.27 -20.92 66.65
C THR F 913 -63.35 -22.00 66.77
N LEU F 914 -62.98 -23.24 66.46
CA LEU F 914 -63.94 -24.34 66.57
C LEU F 914 -64.28 -24.63 68.03
N LYS F 915 -63.27 -24.66 68.90
CA LYS F 915 -63.52 -24.86 70.32
C LYS F 915 -64.23 -23.67 70.94
N ASP F 916 -63.91 -22.46 70.47
CA ASP F 916 -64.59 -21.26 70.96
C ASP F 916 -66.03 -21.18 70.46
N PHE F 917 -66.36 -21.90 69.39
CA PHE F 917 -67.74 -21.94 68.88
C PHE F 917 -68.56 -23.06 69.51
N GLN F 918 -67.96 -24.23 69.71
CA GLN F 918 -68.66 -25.34 70.35
C GLN F 918 -68.83 -25.13 71.85
N ARG F 919 -68.15 -24.15 72.44
CA ARG F 919 -68.26 -23.85 73.86
C ARG F 919 -69.14 -22.62 74.12
N SER F 920 -69.82 -22.10 73.10
CA SER F 920 -70.71 -20.97 73.23
C SER F 920 -72.10 -21.36 72.72
N GLU F 921 -73.03 -20.41 72.83
CA GLU F 921 -74.42 -20.64 72.43
C GLU F 921 -74.54 -20.91 70.93
N PRO F 997 -64.21 -11.58 -8.49
CA PRO F 997 -65.53 -12.06 -8.08
C PRO F 997 -66.56 -11.95 -9.20
N TRP F 998 -66.13 -12.18 -10.44
CA TRP F 998 -67.05 -12.03 -11.57
C TRP F 998 -68.12 -13.11 -11.59
N ARG F 999 -67.80 -14.30 -11.07
CA ARG F 999 -68.81 -15.36 -11.00
C ARG F 999 -69.95 -14.99 -10.05
N ALA F 1000 -69.65 -14.27 -8.97
CA ALA F 1000 -70.70 -13.80 -8.09
C ALA F 1000 -71.63 -12.82 -8.80
N CYS F 1001 -71.06 -11.92 -9.61
CA CYS F 1001 -71.88 -10.99 -10.38
C CYS F 1001 -72.73 -11.74 -11.40
N THR F 1002 -72.15 -12.75 -12.05
CA THR F 1002 -72.89 -13.57 -13.00
C THR F 1002 -74.08 -14.25 -12.31
N LYS F 1003 -73.84 -14.87 -11.16
CA LYS F 1003 -74.91 -15.56 -10.44
C LYS F 1003 -75.97 -14.58 -9.94
N TYR F 1004 -75.56 -13.38 -9.52
CA TYR F 1004 -76.53 -12.39 -9.05
C TYR F 1004 -77.41 -11.92 -10.19
N LEU F 1005 -76.80 -11.56 -11.33
CA LEU F 1005 -77.58 -11.06 -12.46
C LEU F 1005 -78.47 -12.15 -13.05
N SER F 1006 -77.98 -13.39 -13.07
CA SER F 1006 -78.78 -14.49 -13.61
C SER F 1006 -80.00 -14.77 -12.75
N SER F 1007 -79.90 -14.53 -11.43
CA SER F 1007 -81.05 -14.69 -10.55
C SER F 1007 -82.10 -13.60 -10.77
N ALA F 1008 -81.79 -12.56 -11.55
CA ALA F 1008 -82.77 -11.52 -11.85
C ALA F 1008 -83.65 -11.89 -13.04
N GLY F 1009 -83.11 -12.60 -14.01
CA GLY F 1009 -83.81 -12.88 -15.25
C GLY F 1009 -83.40 -11.92 -16.36
N ILE F 1010 -83.62 -12.36 -17.60
CA ILE F 1010 -83.21 -11.54 -18.74
C ILE F 1010 -84.10 -10.32 -18.89
N LEU F 1011 -85.37 -10.42 -18.48
CA LEU F 1011 -86.29 -9.29 -18.60
C LEU F 1011 -85.82 -8.10 -17.77
N LEU F 1012 -85.67 -8.30 -16.46
CA LEU F 1012 -85.30 -7.20 -15.58
C LEU F 1012 -83.88 -6.71 -15.86
N LEU F 1013 -82.95 -7.62 -16.16
CA LEU F 1013 -81.58 -7.22 -16.47
C LEU F 1013 -81.53 -6.37 -17.73
N SER F 1014 -82.22 -6.80 -18.79
CA SER F 1014 -82.24 -6.02 -20.02
C SER F 1014 -82.92 -4.68 -19.82
N LEU F 1015 -84.02 -4.64 -19.06
CA LEU F 1015 -84.68 -3.37 -18.79
C LEU F 1015 -83.77 -2.43 -18.02
N LEU F 1016 -83.02 -2.97 -17.05
CA LEU F 1016 -82.12 -2.14 -16.26
C LEU F 1016 -80.99 -1.57 -17.11
N VAL F 1017 -80.35 -2.43 -17.91
CA VAL F 1017 -79.23 -1.98 -18.73
C VAL F 1017 -79.70 -0.96 -19.76
N PHE F 1018 -80.83 -1.24 -20.41
CA PHE F 1018 -81.38 -0.31 -21.40
C PHE F 1018 -81.74 1.03 -20.75
N SER F 1019 -82.36 1.00 -19.56
CA SER F 1019 -82.74 2.24 -18.89
C SER F 1019 -81.52 3.07 -18.51
N GLN F 1020 -80.48 2.41 -17.97
CA GLN F 1020 -79.26 3.14 -17.62
C GLN F 1020 -78.62 3.79 -18.86
N LEU F 1021 -78.40 2.99 -19.90
CA LEU F 1021 -77.74 3.51 -21.09
C LEU F 1021 -78.54 4.65 -21.71
N LEU F 1022 -79.86 4.48 -21.83
CA LEU F 1022 -80.66 5.53 -22.46
C LEU F 1022 -80.78 6.76 -21.56
N LYS F 1023 -80.76 6.59 -20.25
CA LYS F 1023 -80.79 7.76 -19.37
C LYS F 1023 -79.53 8.59 -19.50
N HIS F 1024 -78.37 7.92 -19.54
CA HIS F 1024 -77.13 8.69 -19.72
C HIS F 1024 -77.06 9.29 -21.12
N MET F 1025 -77.63 8.61 -22.12
CA MET F 1025 -77.69 9.20 -23.45
C MET F 1025 -78.56 10.44 -23.49
N VAL F 1026 -79.71 10.41 -22.79
CA VAL F 1026 -80.55 11.61 -22.75
C VAL F 1026 -79.88 12.72 -21.96
N LEU F 1027 -79.08 12.36 -20.95
CA LEU F 1027 -78.32 13.37 -20.20
C LEU F 1027 -77.34 14.10 -21.12
N VAL F 1028 -76.48 13.35 -21.80
CA VAL F 1028 -75.54 13.99 -22.73
C VAL F 1028 -76.29 14.71 -23.83
N ALA F 1029 -77.46 14.21 -24.23
CA ALA F 1029 -78.23 14.86 -25.27
C ALA F 1029 -78.72 16.23 -24.84
N ILE F 1030 -79.23 16.35 -23.60
CA ILE F 1030 -79.68 17.66 -23.17
C ILE F 1030 -78.49 18.59 -22.96
N ASP F 1031 -77.36 18.06 -22.48
CA ASP F 1031 -76.20 18.93 -22.29
C ASP F 1031 -75.61 19.39 -23.61
N TYR F 1032 -75.82 18.65 -24.70
CA TYR F 1032 -75.38 19.08 -26.02
C TYR F 1032 -76.39 20.00 -26.68
N TRP F 1033 -77.68 19.74 -26.44
CA TRP F 1033 -78.71 20.65 -26.92
C TRP F 1033 -78.60 22.01 -26.25
N LEU F 1034 -78.02 22.06 -25.06
CA LEU F 1034 -77.70 23.36 -24.46
C LEU F 1034 -76.75 24.16 -25.34
N ALA F 1035 -75.65 23.52 -25.76
CA ALA F 1035 -74.66 24.20 -26.60
C ALA F 1035 -75.28 24.60 -27.94
N LYS F 1036 -76.07 23.72 -28.55
CA LYS F 1036 -76.75 24.10 -29.77
C LYS F 1036 -77.83 25.15 -29.53
N TRP F 1037 -78.32 25.27 -28.30
CA TRP F 1037 -79.33 26.27 -27.95
C TRP F 1037 -78.72 27.66 -27.95
N THR F 1038 -77.56 27.81 -27.29
CA THR F 1038 -76.97 29.11 -27.00
C THR F 1038 -77.07 30.12 -28.15
N ASP F 1039 -76.50 29.78 -29.30
CA ASP F 1039 -76.50 30.70 -30.44
C ASP F 1039 -77.79 30.61 -31.23
N ASP F 1060 -85.47 31.29 -34.10
CA ASP F 1060 -86.47 30.41 -33.53
C ASP F 1060 -86.07 29.94 -32.13
N GLN F 1061 -86.00 30.88 -31.19
CA GLN F 1061 -85.64 30.53 -29.82
C GLN F 1061 -86.75 29.74 -29.13
N SER F 1062 -88.00 29.95 -29.53
CA SER F 1062 -89.10 29.20 -28.96
C SER F 1062 -88.96 27.71 -29.26
N VAL F 1063 -88.53 27.37 -30.48
CA VAL F 1063 -88.33 25.97 -30.84
C VAL F 1063 -87.24 25.34 -30.00
N TYR F 1064 -86.12 26.04 -29.82
CA TYR F 1064 -85.03 25.53 -28.99
C TYR F 1064 -85.51 25.32 -27.56
N ALA F 1065 -86.23 26.29 -26.99
CA ALA F 1065 -86.71 26.16 -25.62
C ALA F 1065 -87.67 24.98 -25.49
N MET F 1066 -88.56 24.81 -26.47
CA MET F 1066 -89.52 23.72 -26.41
C MET F 1066 -88.84 22.36 -26.49
N VAL F 1067 -87.86 22.22 -27.39
CA VAL F 1067 -87.14 20.96 -27.50
C VAL F 1067 -86.33 20.68 -26.23
N PHE F 1068 -85.76 21.73 -25.64
CA PHE F 1068 -85.03 21.57 -24.39
C PHE F 1068 -85.95 21.08 -23.27
N THR F 1069 -87.14 21.67 -23.17
CA THR F 1069 -88.10 21.24 -22.15
C THR F 1069 -88.53 19.79 -22.39
N LEU F 1070 -88.79 19.44 -23.65
CA LEU F 1070 -89.17 18.06 -23.97
C LEU F 1070 -88.07 17.08 -23.58
N LEU F 1071 -86.82 17.42 -23.88
CA LEU F 1071 -85.73 16.51 -23.54
C LEU F 1071 -85.50 16.42 -22.04
N CYS F 1072 -85.70 17.51 -21.29
CA CYS F 1072 -85.56 17.43 -19.84
C CYS F 1072 -86.66 16.58 -19.22
N SER F 1073 -87.89 16.70 -19.73
CA SER F 1073 -88.95 15.81 -19.26
C SER F 1073 -88.65 14.36 -19.57
N LEU F 1074 -88.17 14.10 -20.80
CA LEU F 1074 -87.73 12.74 -21.15
C LEU F 1074 -86.66 12.25 -20.18
N GLY F 1075 -85.73 13.13 -19.81
CA GLY F 1075 -84.66 12.72 -18.92
C GLY F 1075 -85.15 12.37 -17.53
N ILE F 1076 -86.03 13.18 -16.96
CA ILE F 1076 -86.52 12.88 -15.62
C ILE F 1076 -87.35 11.60 -15.63
N VAL F 1077 -88.12 11.37 -16.70
CA VAL F 1077 -88.90 10.14 -16.80
C VAL F 1077 -87.98 8.93 -16.90
N LEU F 1078 -86.92 9.03 -17.72
CA LEU F 1078 -86.00 7.91 -17.89
C LEU F 1078 -85.25 7.63 -16.60
N CYS F 1079 -84.92 8.67 -15.84
CA CYS F 1079 -84.20 8.46 -14.58
C CYS F 1079 -85.10 7.82 -13.52
N LEU F 1080 -86.36 8.28 -13.41
CA LEU F 1080 -87.30 7.60 -12.53
C LEU F 1080 -87.43 6.13 -12.91
N VAL F 1081 -87.49 5.85 -14.22
CA VAL F 1081 -87.58 4.47 -14.69
C VAL F 1081 -86.38 3.66 -14.20
N THR F 1082 -85.17 4.19 -14.42
CA THR F 1082 -83.98 3.40 -14.07
C THR F 1082 -83.88 3.18 -12.56
N SER F 1083 -84.31 4.16 -11.76
CA SER F 1083 -84.26 3.99 -10.31
C SER F 1083 -85.24 2.93 -9.84
N VAL F 1084 -86.51 3.04 -10.23
CA VAL F 1084 -87.50 2.05 -9.86
C VAL F 1084 -87.07 0.66 -10.33
N THR F 1085 -86.43 0.59 -11.51
CA THR F 1085 -86.02 -0.69 -12.05
C THR F 1085 -84.91 -1.33 -11.21
N VAL F 1086 -83.89 -0.55 -10.85
CA VAL F 1086 -82.81 -1.14 -10.06
C VAL F 1086 -83.33 -1.61 -8.70
N GLU F 1087 -84.28 -0.86 -8.12
CA GLU F 1087 -84.78 -1.28 -6.81
C GLU F 1087 -85.65 -2.54 -6.92
N TRP F 1088 -86.50 -2.61 -7.94
CA TRP F 1088 -87.31 -3.81 -8.15
C TRP F 1088 -86.43 -5.03 -8.41
N THR F 1089 -85.37 -4.86 -9.20
CA THR F 1089 -84.43 -5.95 -9.44
C THR F 1089 -83.77 -6.41 -8.15
N GLY F 1090 -83.33 -5.46 -7.32
CA GLY F 1090 -82.77 -5.83 -6.04
C GLY F 1090 -83.70 -6.67 -5.19
N LEU F 1091 -84.96 -6.22 -5.07
CA LEU F 1091 -85.94 -6.97 -4.28
C LEU F 1091 -86.15 -8.37 -4.84
N LYS F 1092 -86.30 -8.49 -6.16
CA LYS F 1092 -86.57 -9.80 -6.76
C LYS F 1092 -85.40 -10.75 -6.57
N VAL F 1093 -84.17 -10.27 -6.77
CA VAL F 1093 -83.01 -11.14 -6.60
C VAL F 1093 -82.87 -11.56 -5.14
N ALA F 1094 -83.13 -10.64 -4.21
CA ALA F 1094 -83.10 -11.01 -2.79
C ALA F 1094 -84.09 -12.13 -2.49
N LYS F 1095 -85.33 -11.98 -2.97
CA LYS F 1095 -86.35 -13.01 -2.73
C LYS F 1095 -85.91 -14.36 -3.29
N ARG F 1096 -85.51 -14.38 -4.57
CA ARG F 1096 -85.14 -15.63 -5.22
C ARG F 1096 -83.97 -16.30 -4.50
N LEU F 1097 -82.92 -15.53 -4.20
CA LEU F 1097 -81.73 -16.11 -3.60
C LEU F 1097 -82.02 -16.65 -2.20
N HIS F 1098 -82.77 -15.90 -1.39
CA HIS F 1098 -83.10 -16.38 -0.06
C HIS F 1098 -83.92 -17.66 -0.10
N ARG F 1099 -84.94 -17.71 -0.97
CA ARG F 1099 -85.74 -18.92 -1.08
C ARG F 1099 -84.90 -20.11 -1.52
N SER F 1100 -84.06 -19.92 -2.54
CA SER F 1100 -83.24 -21.03 -3.03
C SER F 1100 -82.27 -21.51 -1.96
N LEU F 1101 -81.69 -20.60 -1.19
CA LEU F 1101 -80.76 -21.00 -0.13
C LEU F 1101 -81.46 -21.79 0.96
N LEU F 1102 -82.62 -21.30 1.42
CA LEU F 1102 -83.37 -22.01 2.45
C LEU F 1102 -83.76 -23.41 1.99
N ASN F 1103 -84.23 -23.53 0.75
CA ASN F 1103 -84.64 -24.84 0.24
C ASN F 1103 -83.46 -25.77 0.03
N ARG F 1104 -82.30 -25.23 -0.38
CA ARG F 1104 -81.15 -26.10 -0.60
C ARG F 1104 -80.45 -26.50 0.69
N ILE F 1105 -80.65 -25.76 1.79
CA ILE F 1105 -80.16 -26.24 3.07
C ILE F 1105 -81.17 -27.11 3.81
N ILE F 1106 -82.45 -27.03 3.46
CA ILE F 1106 -83.41 -27.97 4.02
C ILE F 1106 -83.11 -29.39 3.53
N LEU F 1107 -82.73 -29.53 2.27
CA LEU F 1107 -82.44 -30.84 1.67
C LEU F 1107 -81.05 -31.36 2.00
N ALA F 1108 -80.30 -30.70 2.88
CA ALA F 1108 -78.93 -31.11 3.17
C ALA F 1108 -78.91 -32.32 4.09
N PRO F 1109 -77.91 -33.20 3.93
CA PRO F 1109 -77.82 -34.37 4.80
C PRO F 1109 -77.37 -34.00 6.20
N MET F 1110 -77.36 -35.00 7.08
CA MET F 1110 -76.99 -34.75 8.47
C MET F 1110 -75.48 -34.68 8.67
N ARG F 1111 -74.70 -35.43 7.89
CA ARG F 1111 -73.25 -35.34 7.99
C ARG F 1111 -72.76 -33.93 7.66
N PHE F 1112 -73.44 -33.24 6.73
CA PHE F 1112 -73.11 -31.86 6.44
C PHE F 1112 -73.31 -30.98 7.67
N PHE F 1113 -74.45 -31.11 8.35
CA PHE F 1113 -74.71 -30.32 9.55
C PHE F 1113 -73.75 -30.66 10.68
N GLU F 1114 -73.33 -31.91 10.78
CA GLU F 1114 -72.38 -32.28 11.83
C GLU F 1114 -70.99 -31.71 11.54
N THR F 1115 -70.57 -31.73 10.27
CA THR F 1115 -69.25 -31.22 9.93
C THR F 1115 -69.21 -29.69 9.89
N THR F 1116 -70.22 -29.08 9.30
CA THR F 1116 -70.24 -27.62 9.14
C THR F 1116 -70.57 -26.95 10.48
N PRO F 1117 -69.83 -25.91 10.86
CA PRO F 1117 -70.18 -25.19 12.10
C PRO F 1117 -71.53 -24.51 11.97
N LEU F 1118 -72.30 -24.55 13.07
CA LEU F 1118 -73.60 -23.89 13.10
C LEU F 1118 -73.47 -22.38 12.89
N GLY F 1119 -72.36 -21.81 13.34
CA GLY F 1119 -72.15 -20.37 13.19
C GLY F 1119 -72.15 -19.91 11.75
N SER F 1120 -71.51 -20.69 10.86
CA SER F 1120 -71.43 -20.29 9.46
C SER F 1120 -72.80 -20.37 8.78
N ILE F 1121 -73.54 -21.46 9.01
CA ILE F 1121 -74.85 -21.61 8.40
C ILE F 1121 -75.82 -20.56 8.93
N LEU F 1122 -75.69 -20.16 10.20
CA LEU F 1122 -76.52 -19.07 10.70
C LEU F 1122 -76.07 -17.73 10.16
N ASN F 1123 -74.76 -17.55 9.95
CA ASN F 1123 -74.21 -16.27 9.51
C ASN F 1123 -74.58 -15.98 8.06
N ARG F 1124 -74.69 -17.02 7.23
CA ARG F 1124 -75.11 -16.79 5.84
C ARG F 1124 -76.51 -16.19 5.77
N PHE F 1125 -77.39 -16.59 6.69
CA PHE F 1125 -78.73 -16.00 6.75
C PHE F 1125 -78.75 -14.72 7.57
N SER F 1126 -77.77 -14.51 8.44
CA SER F 1126 -77.83 -13.39 9.37
C SER F 1126 -77.26 -12.11 8.76
N SER F 1127 -76.10 -12.20 8.13
CA SER F 1127 -75.36 -11.03 7.67
C SER F 1127 -75.33 -10.88 6.15
N ASP F 1128 -75.15 -11.97 5.41
CA ASP F 1128 -75.01 -11.85 3.97
C ASP F 1128 -76.36 -11.65 3.29
N CYS F 1129 -77.42 -12.27 3.81
CA CYS F 1129 -78.75 -11.99 3.27
C CYS F 1129 -79.16 -10.56 3.57
N ASN F 1130 -78.79 -10.05 4.75
CA ASN F 1130 -78.97 -8.63 5.05
C ASN F 1130 -78.20 -7.77 4.05
N THR F 1131 -76.99 -8.18 3.71
CA THR F 1131 -76.20 -7.44 2.71
C THR F 1131 -76.92 -7.38 1.38
N ILE F 1132 -77.33 -8.54 0.86
CA ILE F 1132 -78.03 -8.57 -0.43
C ILE F 1132 -79.34 -7.78 -0.36
N ASP F 1133 -79.97 -7.73 0.82
CA ASP F 1133 -81.23 -7.01 0.93
C ASP F 1133 -81.02 -5.49 0.92
N GLN F 1134 -79.99 -5.00 1.59
CA GLN F 1134 -79.85 -3.57 1.82
C GLN F 1134 -78.77 -2.90 0.98
N HIS F 1135 -77.56 -3.46 0.94
CA HIS F 1135 -76.43 -2.75 0.38
C HIS F 1135 -76.21 -3.00 -1.10
N ILE F 1136 -76.40 -4.24 -1.57
CA ILE F 1136 -76.12 -4.56 -2.98
C ILE F 1136 -76.97 -3.72 -3.93
N PRO F 1137 -78.26 -3.48 -3.70
CA PRO F 1137 -79.02 -2.66 -4.68
C PRO F 1137 -78.46 -1.26 -4.84
N SER F 1138 -78.32 -0.52 -3.74
CA SER F 1138 -77.83 0.85 -3.81
C SER F 1138 -76.42 0.90 -4.38
N THR F 1139 -75.55 -0.01 -3.94
CA THR F 1139 -74.16 0.03 -4.39
C THR F 1139 -74.05 -0.33 -5.87
N LEU F 1140 -74.82 -1.30 -6.33
CA LEU F 1140 -74.80 -1.63 -7.75
C LEU F 1140 -75.34 -0.48 -8.59
N GLU F 1141 -76.42 0.17 -8.12
CA GLU F 1141 -76.96 1.33 -8.81
C GLU F 1141 -75.93 2.45 -8.91
N CYS F 1142 -75.26 2.76 -7.80
CA CYS F 1142 -74.29 3.84 -7.80
C CYS F 1142 -73.07 3.50 -8.65
N LEU F 1143 -72.64 2.23 -8.65
CA LEU F 1143 -71.53 1.84 -9.51
C LEU F 1143 -71.89 1.99 -10.97
N SER F 1144 -73.12 1.56 -11.34
CA SER F 1144 -73.58 1.76 -12.71
C SER F 1144 -73.56 3.23 -13.09
N ARG F 1145 -74.15 4.08 -12.23
CA ARG F 1145 -74.22 5.51 -12.53
C ARG F 1145 -72.83 6.12 -12.64
N SER F 1146 -71.90 5.74 -11.75
CA SER F 1146 -70.55 6.32 -11.79
C SER F 1146 -69.82 5.90 -13.07
N THR F 1147 -69.84 4.60 -13.39
CA THR F 1147 -69.14 4.15 -14.59
C THR F 1147 -69.73 4.81 -15.84
N LEU F 1148 -71.06 4.89 -15.92
CA LEU F 1148 -71.68 5.47 -17.11
C LEU F 1148 -71.45 6.97 -17.20
N LEU F 1149 -71.43 7.67 -16.07
CA LEU F 1149 -71.16 9.09 -16.10
C LEU F 1149 -69.72 9.37 -16.51
N CYS F 1150 -68.77 8.56 -16.03
CA CYS F 1150 -67.39 8.74 -16.43
C CYS F 1150 -67.21 8.47 -17.92
N VAL F 1151 -67.77 7.36 -18.40
CA VAL F 1151 -67.70 7.06 -19.83
C VAL F 1151 -68.36 8.16 -20.64
N SER F 1152 -69.48 8.70 -20.16
CA SER F 1152 -70.20 9.75 -20.86
C SER F 1152 -69.37 11.03 -20.94
N ALA F 1153 -68.72 11.40 -19.83
CA ALA F 1153 -67.90 12.61 -19.83
C ALA F 1153 -66.72 12.46 -20.78
N LEU F 1154 -66.06 11.29 -20.78
CA LEU F 1154 -64.95 11.07 -21.70
C LEU F 1154 -65.43 11.10 -23.14
N THR F 1155 -66.61 10.54 -23.41
CA THR F 1155 -67.15 10.60 -24.77
C THR F 1155 -67.46 12.04 -25.18
N VAL F 1156 -68.02 12.83 -24.26
CA VAL F 1156 -68.35 14.22 -24.58
C VAL F 1156 -67.09 15.00 -24.93
N ILE F 1157 -66.07 14.92 -24.06
CA ILE F 1157 -64.86 15.70 -24.31
C ILE F 1157 -63.97 15.09 -25.39
N SER F 1158 -64.28 13.88 -25.86
CA SER F 1158 -63.64 13.39 -27.07
C SER F 1158 -64.38 13.83 -28.33
N TYR F 1159 -65.71 13.92 -28.27
CA TYR F 1159 -66.47 14.43 -29.41
C TYR F 1159 -66.21 15.91 -29.63
N VAL F 1160 -66.09 16.68 -28.56
CA VAL F 1160 -65.75 18.09 -28.69
C VAL F 1160 -64.31 18.25 -29.19
N THR F 1161 -63.41 17.41 -28.70
CA THR F 1161 -61.99 17.52 -28.99
C THR F 1161 -61.47 16.18 -29.48
N PRO F 1162 -61.33 15.99 -30.80
CA PRO F 1162 -60.85 14.70 -31.30
C PRO F 1162 -59.40 14.40 -30.94
N VAL F 1163 -58.59 15.42 -30.68
CA VAL F 1163 -57.17 15.17 -30.40
C VAL F 1163 -56.98 14.69 -28.95
N PHE F 1164 -57.89 15.05 -28.04
CA PHE F 1164 -57.77 14.59 -26.66
C PHE F 1164 -57.75 13.06 -26.59
N LEU F 1165 -58.43 12.40 -27.51
CA LEU F 1165 -58.47 10.93 -27.48
C LEU F 1165 -57.08 10.33 -27.56
N VAL F 1166 -56.14 10.99 -28.23
CA VAL F 1166 -54.78 10.49 -28.31
C VAL F 1166 -54.11 10.53 -26.94
N ALA F 1167 -54.36 11.60 -26.17
CA ALA F 1167 -53.81 11.72 -24.83
C ALA F 1167 -54.60 10.94 -23.79
N LEU F 1168 -55.79 10.45 -24.13
CA LEU F 1168 -56.60 9.71 -23.17
C LEU F 1168 -55.95 8.37 -22.82
N LEU F 1169 -55.33 7.72 -23.79
CA LEU F 1169 -54.79 6.37 -23.56
C LEU F 1169 -53.65 6.34 -22.55
N PRO F 1170 -52.67 7.24 -22.58
CA PRO F 1170 -51.68 7.25 -21.48
C PRO F 1170 -52.32 7.50 -20.11
N LEU F 1171 -53.21 8.48 -20.02
CA LEU F 1171 -53.89 8.75 -18.76
C LEU F 1171 -54.79 7.59 -18.36
N ALA F 1172 -55.41 6.91 -19.33
CA ALA F 1172 -56.19 5.72 -19.01
C ALA F 1172 -55.32 4.61 -18.43
N VAL F 1173 -54.12 4.42 -18.98
CA VAL F 1173 -53.20 3.40 -18.47
C VAL F 1173 -52.79 3.74 -17.04
N VAL F 1174 -52.39 4.99 -16.81
CA VAL F 1174 -51.99 5.42 -15.47
C VAL F 1174 -53.16 5.23 -14.49
N CYS F 1175 -54.36 5.60 -14.91
CA CYS F 1175 -55.55 5.43 -14.08
C CYS F 1175 -55.77 3.96 -13.73
N TYR F 1176 -55.62 3.06 -14.71
CA TYR F 1176 -55.83 1.64 -14.46
C TYR F 1176 -54.81 1.12 -13.44
N PHE F 1177 -53.53 1.48 -13.63
CA PHE F 1177 -52.50 1.01 -12.71
C PHE F 1177 -52.77 1.49 -11.29
N ILE F 1178 -53.05 2.79 -11.14
CA ILE F 1178 -53.35 3.33 -9.82
C ILE F 1178 -54.54 2.62 -9.20
N GLN F 1179 -55.58 2.37 -10.01
CA GLN F 1179 -56.78 1.72 -9.49
C GLN F 1179 -56.48 0.31 -9.01
N LYS F 1180 -55.67 -0.44 -9.76
CA LYS F 1180 -55.34 -1.80 -9.35
C LYS F 1180 -54.54 -1.82 -8.06
N TYR F 1181 -53.48 -1.02 -7.99
CA TYR F 1181 -52.63 -1.01 -6.81
C TYR F 1181 -53.41 -0.56 -5.58
N PHE F 1182 -54.20 0.50 -5.72
CA PHE F 1182 -55.11 0.88 -4.65
C PHE F 1182 -55.97 -0.31 -4.25
N ARG F 1183 -56.76 -0.84 -5.18
CA ARG F 1183 -57.69 -1.92 -4.85
C ARG F 1183 -57.05 -3.00 -3.99
N VAL F 1184 -55.86 -3.48 -4.38
CA VAL F 1184 -55.24 -4.55 -3.60
C VAL F 1184 -54.87 -4.04 -2.21
N ALA F 1185 -54.23 -2.86 -2.12
CA ALA F 1185 -53.81 -2.35 -0.82
C ALA F 1185 -55.02 -2.08 0.08
N SER F 1186 -56.03 -1.40 -0.46
CA SER F 1186 -57.26 -1.11 0.26
C SER F 1186 -57.96 -2.37 0.73
N ARG F 1187 -57.98 -3.43 -0.10
CA ARG F 1187 -58.57 -4.69 0.34
C ARG F 1187 -57.86 -5.21 1.59
N ASP F 1188 -56.53 -5.30 1.52
CA ASP F 1188 -55.78 -5.81 2.67
C ASP F 1188 -56.01 -4.95 3.91
N LEU F 1189 -55.93 -3.63 3.74
CA LEU F 1189 -56.07 -2.73 4.88
C LEU F 1189 -57.47 -2.77 5.46
N GLN F 1190 -58.48 -2.97 4.62
CA GLN F 1190 -59.85 -3.05 5.12
C GLN F 1190 -60.07 -4.34 5.91
N GLN F 1191 -59.57 -5.47 5.40
CA GLN F 1191 -59.65 -6.71 6.16
C GLN F 1191 -58.95 -6.59 7.51
N LEU F 1192 -57.76 -5.97 7.52
CA LEU F 1192 -57.03 -5.81 8.77
C LEU F 1192 -57.75 -4.87 9.73
N ASP F 1193 -58.30 -3.76 9.21
CA ASP F 1193 -59.02 -2.82 10.05
C ASP F 1193 -60.27 -3.44 10.65
N ASP F 1194 -60.93 -4.34 9.91
CA ASP F 1194 -62.07 -5.06 10.49
C ASP F 1194 -61.61 -6.06 11.54
N THR F 1195 -60.55 -6.82 11.25
CA THR F 1195 -60.15 -7.89 12.13
C THR F 1195 -59.53 -7.38 13.44
N THR F 1196 -58.99 -6.16 13.46
CA THR F 1196 -58.46 -5.66 14.73
C THR F 1196 -59.53 -5.06 15.63
N GLN F 1197 -60.75 -4.87 15.15
CA GLN F 1197 -61.79 -4.26 15.98
C GLN F 1197 -62.47 -5.28 16.89
N LEU F 1198 -62.51 -6.55 16.48
CA LEU F 1198 -63.10 -7.57 17.34
C LEU F 1198 -62.36 -7.73 18.66
N PRO F 1199 -61.02 -7.79 18.70
CA PRO F 1199 -60.34 -7.86 20.01
C PRO F 1199 -60.67 -6.71 20.93
N LEU F 1200 -60.91 -5.51 20.40
CA LEU F 1200 -61.17 -4.35 21.26
C LEU F 1200 -62.52 -4.47 21.96
N LEU F 1201 -63.58 -4.73 21.19
CA LEU F 1201 -64.89 -4.90 21.79
C LEU F 1201 -64.93 -6.13 22.69
N SER F 1202 -64.24 -7.21 22.28
CA SER F 1202 -64.16 -8.40 23.12
C SER F 1202 -63.49 -8.09 24.46
N HIS F 1203 -62.40 -7.32 24.43
CA HIS F 1203 -61.71 -6.96 25.66
C HIS F 1203 -62.60 -6.09 26.55
N PHE F 1204 -63.36 -5.17 25.95
CA PHE F 1204 -64.29 -4.38 26.75
C PHE F 1204 -65.32 -5.27 27.42
N ALA F 1205 -65.88 -6.22 26.67
CA ALA F 1205 -66.86 -7.15 27.25
C ALA F 1205 -66.25 -7.93 28.41
N GLU F 1206 -65.04 -8.48 28.20
CA GLU F 1206 -64.39 -9.23 29.27
C GLU F 1206 -64.17 -8.38 30.51
N THR F 1207 -63.63 -7.17 30.33
CA THR F 1207 -63.36 -6.31 31.47
C THR F 1207 -64.63 -5.97 32.23
N VAL F 1208 -65.76 -5.82 31.52
CA VAL F 1208 -67.00 -5.55 32.23
C VAL F 1208 -67.48 -6.80 32.96
N GLU F 1209 -67.27 -7.98 32.37
CA GLU F 1209 -67.74 -9.21 33.01
C GLU F 1209 -66.95 -9.52 34.27
N GLY F 1210 -65.62 -9.56 34.17
CA GLY F 1210 -64.79 -9.88 35.30
C GLY F 1210 -64.14 -8.67 35.96
N LEU F 1211 -64.90 -7.59 36.10
CA LEU F 1211 -64.36 -6.35 36.66
C LEU F 1211 -63.93 -6.55 38.12
N THR F 1212 -64.80 -7.14 38.93
CA THR F 1212 -64.48 -7.33 40.34
C THR F 1212 -63.25 -8.19 40.52
N THR F 1213 -63.07 -9.19 39.65
CA THR F 1213 -61.88 -10.04 39.73
C THR F 1213 -60.62 -9.25 39.42
N ILE F 1214 -60.66 -8.43 38.37
CA ILE F 1214 -59.47 -7.68 37.97
C ILE F 1214 -59.11 -6.65 39.04
N ARG F 1215 -60.11 -5.99 39.63
CA ARG F 1215 -59.82 -5.06 40.71
C ARG F 1215 -59.36 -5.81 41.97
N ALA F 1216 -59.78 -7.06 42.14
CA ALA F 1216 -59.29 -7.85 43.26
C ALA F 1216 -57.80 -8.14 43.12
N PHE F 1217 -57.37 -8.57 41.94
CA PHE F 1217 -55.96 -8.87 41.69
C PHE F 1217 -55.08 -7.63 41.70
N ARG F 1218 -55.65 -6.43 41.76
CA ARG F 1218 -54.93 -5.19 41.49
C ARG F 1218 -54.21 -5.26 40.15
N TYR F 1219 -54.82 -5.97 39.19
CA TYR F 1219 -54.30 -6.12 37.84
C TYR F 1219 -54.81 -5.05 36.88
N GLU F 1220 -55.17 -3.87 37.41
CA GLU F 1220 -55.79 -2.84 36.59
C GLU F 1220 -54.79 -2.25 35.60
N ALA F 1221 -53.54 -2.06 36.03
CA ALA F 1221 -52.54 -1.47 35.14
C ALA F 1221 -52.25 -2.37 33.94
N ARG F 1222 -52.10 -3.67 34.16
CA ARG F 1222 -51.86 -4.59 33.06
C ARG F 1222 -52.99 -4.55 32.05
N PHE F 1223 -54.23 -4.53 32.53
CA PHE F 1223 -55.36 -4.54 31.60
C PHE F 1223 -55.50 -3.21 30.87
N GLN F 1224 -55.16 -2.10 31.53
CA GLN F 1224 -55.16 -0.82 30.82
C GLN F 1224 -54.07 -0.80 29.76
N GLN F 1225 -52.93 -1.43 30.03
CA GLN F 1225 -51.89 -1.57 29.02
C GLN F 1225 -52.38 -2.39 27.83
N LYS F 1226 -53.07 -3.50 28.11
CA LYS F 1226 -53.61 -4.32 27.03
C LYS F 1226 -54.62 -3.54 26.20
N LEU F 1227 -55.43 -2.72 26.85
CA LEU F 1227 -56.41 -1.92 26.12
C LEU F 1227 -55.72 -0.87 25.24
N LEU F 1228 -54.71 -0.19 25.78
CA LEU F 1228 -53.96 0.76 24.96
C LEU F 1228 -53.36 0.06 23.75
N GLU F 1229 -52.85 -1.16 23.92
CA GLU F 1229 -52.29 -1.88 22.78
C GLU F 1229 -53.35 -2.21 21.74
N TYR F 1230 -54.51 -2.71 22.20
CA TYR F 1230 -55.59 -3.06 21.27
C TYR F 1230 -56.07 -1.83 20.51
N THR F 1231 -56.30 -0.73 21.22
CA THR F 1231 -56.81 0.47 20.57
C THR F 1231 -55.75 1.09 19.65
N ASP F 1232 -54.46 0.92 19.97
CA ASP F 1232 -53.44 1.41 19.07
C ASP F 1232 -53.39 0.58 17.79
N SER F 1233 -53.58 -0.73 17.90
CA SER F 1233 -53.67 -1.56 16.69
C SER F 1233 -54.85 -1.12 15.83
N ASN F 1234 -56.01 -0.93 16.46
CA ASN F 1234 -57.18 -0.48 15.71
C ASN F 1234 -56.93 0.86 15.03
N ASN F 1235 -56.34 1.81 15.77
CA ASN F 1235 -56.10 3.14 15.22
C ASN F 1235 -55.11 3.10 14.06
N ILE F 1236 -54.00 2.38 14.20
CA ILE F 1236 -53.03 2.35 13.11
C ILE F 1236 -53.65 1.72 11.87
N ALA F 1237 -54.49 0.70 12.06
CA ALA F 1237 -55.18 0.11 10.91
C ALA F 1237 -56.06 1.14 10.23
N SER F 1238 -56.93 1.81 10.99
CA SER F 1238 -57.87 2.76 10.39
C SER F 1238 -57.12 3.93 9.74
N LEU F 1239 -56.02 4.35 10.35
CA LEU F 1239 -55.26 5.49 9.83
C LEU F 1239 -54.60 5.14 8.51
N PHE F 1240 -53.96 3.97 8.44
CA PHE F 1240 -53.37 3.57 7.16
C PHE F 1240 -54.44 3.39 6.09
N LEU F 1241 -55.62 2.88 6.47
CA LEU F 1241 -56.72 2.77 5.52
C LEU F 1241 -57.08 4.13 4.95
N THR F 1242 -57.27 5.12 5.83
CA THR F 1242 -57.65 6.44 5.35
C THR F 1242 -56.53 7.09 4.53
N ALA F 1243 -55.27 6.78 4.84
CA ALA F 1243 -54.19 7.36 4.06
C ALA F 1243 -54.15 6.77 2.66
N ALA F 1244 -54.38 5.47 2.52
CA ALA F 1244 -54.50 4.90 1.17
C ALA F 1244 -55.68 5.51 0.42
N ASN F 1245 -56.79 5.74 1.11
CA ASN F 1245 -57.93 6.38 0.46
C ASN F 1245 -57.55 7.76 -0.06
N ARG F 1246 -56.87 8.55 0.76
CA ARG F 1246 -56.45 9.89 0.36
C ARG F 1246 -55.47 9.83 -0.80
N TRP F 1247 -54.54 8.89 -0.76
CA TRP F 1247 -53.58 8.71 -1.86
C TRP F 1247 -54.30 8.48 -3.17
N LEU F 1248 -55.23 7.52 -3.18
CA LEU F 1248 -55.99 7.24 -4.40
C LEU F 1248 -56.74 8.49 -4.87
N GLU F 1249 -57.40 9.19 -3.94
CA GLU F 1249 -58.25 10.30 -4.39
C GLU F 1249 -57.42 11.46 -4.91
N VAL F 1250 -56.27 11.75 -4.29
CA VAL F 1250 -55.40 12.79 -4.84
C VAL F 1250 -54.92 12.39 -6.23
N ARG F 1251 -54.52 11.13 -6.41
CA ARG F 1251 -54.02 10.72 -7.73
C ARG F 1251 -55.11 10.86 -8.79
N MET F 1252 -56.33 10.46 -8.46
CA MET F 1252 -57.42 10.57 -9.42
C MET F 1252 -57.76 12.03 -9.70
N GLU F 1253 -57.66 12.89 -8.69
CA GLU F 1253 -57.96 14.31 -8.91
C GLU F 1253 -56.88 14.97 -9.76
N TYR F 1254 -55.63 14.53 -9.65
CA TYR F 1254 -54.59 15.06 -10.51
C TYR F 1254 -54.76 14.57 -11.95
N ILE F 1255 -55.19 13.31 -12.12
CA ILE F 1255 -55.50 12.86 -13.47
C ILE F 1255 -56.64 13.68 -14.05
N GLY F 1256 -57.65 13.98 -13.23
CA GLY F 1256 -58.74 14.84 -13.69
C GLY F 1256 -58.29 16.25 -14.04
N ALA F 1257 -57.33 16.77 -13.28
CA ALA F 1257 -56.79 18.09 -13.60
C ALA F 1257 -56.00 18.08 -14.91
N CYS F 1258 -55.22 17.02 -15.16
CA CYS F 1258 -54.54 16.93 -16.44
C CYS F 1258 -55.54 16.81 -17.58
N VAL F 1259 -56.60 16.04 -17.37
CA VAL F 1259 -57.65 15.92 -18.40
C VAL F 1259 -58.28 17.28 -18.67
N VAL F 1260 -58.59 18.05 -17.62
CA VAL F 1260 -59.23 19.33 -17.86
C VAL F 1260 -58.26 20.31 -18.53
N LEU F 1261 -56.96 20.24 -18.21
CA LEU F 1261 -56.02 21.12 -18.88
C LEU F 1261 -55.91 20.78 -20.37
N ILE F 1262 -55.76 19.49 -20.69
CA ILE F 1262 -55.67 19.08 -22.08
C ILE F 1262 -56.92 19.50 -22.84
N ALA F 1263 -58.09 19.20 -22.26
CA ALA F 1263 -59.35 19.54 -22.93
C ALA F 1263 -59.46 21.04 -23.14
N ALA F 1264 -59.23 21.83 -22.09
CA ALA F 1264 -59.30 23.28 -22.20
C ALA F 1264 -58.38 23.79 -23.30
N ALA F 1265 -57.10 23.43 -23.24
CA ALA F 1265 -56.13 23.96 -24.19
C ALA F 1265 -56.49 23.59 -25.62
N THR F 1266 -56.79 22.31 -25.86
CA THR F 1266 -57.05 21.86 -27.23
C THR F 1266 -58.36 22.44 -27.78
N SER F 1267 -59.41 22.50 -26.95
CA SER F 1267 -60.67 23.04 -27.45
C SER F 1267 -60.57 24.54 -27.71
N ILE F 1268 -59.83 25.27 -26.87
CA ILE F 1268 -59.64 26.70 -27.12
C ILE F 1268 -58.83 26.91 -28.40
N SER F 1269 -57.80 26.10 -28.59
CA SER F 1269 -56.99 26.20 -29.80
C SER F 1269 -57.83 25.93 -31.04
N ASN F 1270 -58.70 24.92 -30.99
CA ASN F 1270 -59.54 24.63 -32.15
C ASN F 1270 -60.63 25.67 -32.36
N SER F 1271 -61.16 26.25 -31.29
CA SER F 1271 -62.14 27.31 -31.42
C SER F 1271 -61.52 28.63 -31.87
N LEU F 1272 -60.18 28.73 -31.82
CA LEU F 1272 -59.50 29.90 -32.38
C LEU F 1272 -59.06 29.66 -33.83
N HIS F 1273 -58.27 28.62 -34.07
CA HIS F 1273 -57.70 28.41 -35.40
C HIS F 1273 -58.71 27.76 -36.35
N ARG F 1274 -59.46 26.78 -35.88
CA ARG F 1274 -60.40 26.04 -36.71
C ARG F 1274 -61.80 26.67 -36.61
N GLU F 1275 -62.80 25.92 -37.05
CA GLU F 1275 -64.19 26.36 -37.03
C GLU F 1275 -64.92 25.92 -35.76
N LEU F 1276 -64.27 25.17 -34.88
CA LEU F 1276 -64.94 24.57 -33.72
C LEU F 1276 -65.76 25.60 -32.96
N SER F 1277 -67.01 25.25 -32.69
CA SER F 1277 -67.98 26.20 -32.18
C SER F 1277 -67.59 26.72 -30.80
N ALA F 1278 -68.34 27.72 -30.34
CA ALA F 1278 -68.08 28.33 -29.05
C ALA F 1278 -68.68 27.53 -27.91
N GLY F 1279 -69.90 27.02 -28.09
CA GLY F 1279 -70.58 26.32 -27.01
C GLY F 1279 -70.06 24.91 -26.77
N LEU F 1280 -69.60 24.24 -27.82
CA LEU F 1280 -69.01 22.92 -27.63
C LEU F 1280 -67.77 23.00 -26.75
N VAL F 1281 -67.02 24.10 -26.84
CA VAL F 1281 -65.88 24.29 -25.97
C VAL F 1281 -66.32 24.30 -24.51
N GLY F 1282 -67.41 25.02 -24.21
CA GLY F 1282 -67.91 25.05 -22.85
C GLY F 1282 -68.43 23.70 -22.38
N LEU F 1283 -69.08 22.96 -23.28
CA LEU F 1283 -69.53 21.61 -22.95
C LEU F 1283 -68.37 20.73 -22.54
N GLY F 1284 -67.37 20.61 -23.43
CA GLY F 1284 -66.17 19.85 -23.10
C GLY F 1284 -65.48 20.35 -21.85
N LEU F 1285 -65.51 21.66 -21.61
CA LEU F 1285 -64.89 22.23 -20.43
C LEU F 1285 -65.56 21.73 -19.17
N THR F 1286 -66.89 21.84 -19.08
CA THR F 1286 -67.59 21.39 -17.87
C THR F 1286 -67.34 19.90 -17.65
N TYR F 1287 -67.44 19.10 -18.72
CA TYR F 1287 -67.34 17.67 -18.52
C TYR F 1287 -65.94 17.24 -18.10
N ALA F 1288 -64.91 17.77 -18.75
CA ALA F 1288 -63.55 17.48 -18.31
C ALA F 1288 -63.28 18.08 -16.93
N LEU F 1289 -63.98 19.15 -16.57
CA LEU F 1289 -63.81 19.73 -15.26
C LEU F 1289 -64.23 18.76 -14.17
N MET F 1290 -65.37 18.11 -14.36
CA MET F 1290 -65.88 17.24 -13.30
C MET F 1290 -65.66 15.76 -13.57
N VAL F 1291 -64.82 15.40 -14.55
CA VAL F 1291 -64.47 13.98 -14.74
C VAL F 1291 -63.83 13.38 -13.50
N SER F 1292 -63.17 14.19 -12.66
CA SER F 1292 -62.41 13.63 -11.54
C SER F 1292 -63.33 13.07 -10.47
N ASN F 1293 -64.42 13.79 -10.15
CA ASN F 1293 -65.39 13.28 -9.19
C ASN F 1293 -65.91 11.92 -9.64
N TYR F 1294 -66.28 11.82 -10.92
CA TYR F 1294 -66.73 10.54 -11.46
C TYR F 1294 -65.67 9.47 -11.28
N LEU F 1295 -64.40 9.79 -11.58
CA LEU F 1295 -63.36 8.78 -11.51
C LEU F 1295 -63.20 8.24 -10.08
N ASN F 1296 -63.04 9.14 -9.11
CA ASN F 1296 -62.75 8.64 -7.77
C ASN F 1296 -64.00 8.03 -7.12
N TRP F 1297 -65.18 8.59 -7.40
CA TRP F 1297 -66.42 7.98 -6.94
C TRP F 1297 -66.59 6.59 -7.53
N MET F 1298 -66.18 6.39 -8.78
CA MET F 1298 -66.31 5.10 -9.42
C MET F 1298 -65.34 4.08 -8.83
N VAL F 1299 -64.10 4.48 -8.57
CA VAL F 1299 -63.16 3.50 -8.00
C VAL F 1299 -63.54 3.19 -6.56
N ARG F 1300 -64.03 4.18 -5.81
CA ARG F 1300 -64.55 3.89 -4.48
C ARG F 1300 -65.72 2.91 -4.54
N ASN F 1301 -66.63 3.12 -5.49
CA ASN F 1301 -67.77 2.21 -5.60
C ASN F 1301 -67.35 0.82 -6.06
N LEU F 1302 -66.28 0.72 -6.86
CA LEU F 1302 -65.82 -0.61 -7.26
C LEU F 1302 -65.22 -1.37 -6.08
N ALA F 1303 -64.42 -0.68 -5.26
CA ALA F 1303 -63.90 -1.31 -4.05
C ALA F 1303 -65.04 -1.67 -3.11
N ASP F 1304 -66.05 -0.81 -3.00
CA ASP F 1304 -67.22 -1.11 -2.16
C ASP F 1304 -68.09 -2.20 -2.76
N MET F 1305 -67.98 -2.44 -4.06
CA MET F 1305 -68.81 -3.43 -4.73
C MET F 1305 -68.22 -4.83 -4.60
N GLU F 1306 -66.91 -4.98 -4.77
CA GLU F 1306 -66.33 -6.32 -4.71
C GLU F 1306 -66.50 -6.95 -3.32
N ILE F 1307 -66.33 -6.15 -2.27
CA ILE F 1307 -66.48 -6.68 -0.91
C ILE F 1307 -67.91 -7.13 -0.65
N GLN F 1308 -68.88 -6.32 -1.08
CA GLN F 1308 -70.28 -6.70 -0.87
C GLN F 1308 -70.71 -7.86 -1.75
N LEU F 1309 -70.11 -7.97 -2.94
CA LEU F 1309 -70.42 -9.08 -3.85
C LEU F 1309 -69.81 -10.40 -3.37
N GLY F 1310 -68.74 -10.33 -2.58
CA GLY F 1310 -68.25 -11.54 -1.92
C GLY F 1310 -69.32 -12.25 -1.10
N ALA F 1311 -70.27 -11.48 -0.54
CA ALA F 1311 -71.36 -12.08 0.23
C ALA F 1311 -72.25 -12.94 -0.67
N VAL F 1312 -72.63 -12.41 -1.83
CA VAL F 1312 -73.40 -13.20 -2.78
C VAL F 1312 -72.58 -14.40 -3.26
N LYS F 1313 -71.26 -14.22 -3.41
CA LYS F 1313 -70.41 -15.32 -3.86
C LYS F 1313 -70.44 -16.48 -2.87
N ARG F 1314 -70.29 -16.18 -1.57
CA ARG F 1314 -70.29 -17.26 -0.59
C ARG F 1314 -71.70 -17.80 -0.33
N ILE F 1315 -72.74 -16.99 -0.52
CA ILE F 1315 -74.10 -17.51 -0.49
C ILE F 1315 -74.30 -18.56 -1.59
N HIS F 1316 -73.84 -18.24 -2.80
CA HIS F 1316 -73.93 -19.21 -3.90
C HIS F 1316 -73.01 -20.40 -3.70
N ALA F 1317 -71.90 -20.20 -2.98
CA ALA F 1317 -71.03 -21.33 -2.66
C ALA F 1317 -71.70 -22.30 -1.69
N LEU F 1318 -72.38 -21.78 -0.67
CA LEU F 1318 -73.14 -22.64 0.23
C LEU F 1318 -74.39 -23.19 -0.44
N LEU F 1319 -74.90 -22.53 -1.47
CA LEU F 1319 -76.08 -23.03 -2.18
C LEU F 1319 -75.85 -24.36 -2.89
N LYS F 1320 -74.59 -24.74 -3.12
CA LYS F 1320 -74.27 -25.93 -3.89
C LYS F 1320 -73.94 -27.14 -3.02
N THR F 1321 -74.46 -27.18 -1.79
CA THR F 1321 -74.22 -28.34 -0.94
C THR F 1321 -75.05 -29.54 -1.43
N GLU F 1322 -74.56 -30.73 -1.10
CA GLU F 1322 -75.23 -31.95 -1.53
C GLU F 1322 -76.62 -32.06 -0.90
N ALA F 1323 -77.51 -32.77 -1.60
CA ALA F 1323 -78.88 -32.96 -1.15
C ALA F 1323 -79.23 -34.44 -1.13
N GLU F 1324 -80.00 -34.85 -0.14
CA GLU F 1324 -80.44 -36.23 -0.03
C GLU F 1324 -81.57 -36.50 -1.02
N SER F 1325 -81.50 -37.65 -1.70
CA SER F 1325 -82.48 -38.02 -2.72
C SER F 1325 -83.78 -38.44 -2.05
N TYR F 1326 -84.48 -37.44 -1.51
CA TYR F 1326 -85.75 -37.68 -0.83
C TYR F 1326 -86.88 -37.78 -1.85
N PRO F 1332 -94.41 -46.27 -5.44
CA PRO F 1332 -95.15 -46.31 -4.18
C PRO F 1332 -96.04 -47.55 -4.05
N SER F 1333 -95.42 -48.69 -3.74
CA SER F 1333 -96.13 -49.95 -3.57
C SER F 1333 -96.41 -50.29 -2.11
N LEU F 1334 -95.49 -49.97 -1.20
CA LEU F 1334 -95.69 -50.18 0.22
C LEU F 1334 -96.24 -48.94 0.92
N ILE F 1335 -96.45 -47.85 0.19
CA ILE F 1335 -96.96 -46.59 0.75
C ILE F 1335 -98.47 -46.64 0.95
N PRO F 1336 -99.28 -47.07 -0.04
CA PRO F 1336 -100.73 -47.11 0.20
C PRO F 1336 -101.13 -48.09 1.30
N LYS F 1337 -100.33 -49.11 1.58
CA LYS F 1337 -100.56 -50.00 2.71
C LYS F 1337 -100.10 -49.30 3.99
N ASN F 1338 -101.04 -49.09 4.91
CA ASN F 1338 -100.71 -48.43 6.18
C ASN F 1338 -99.59 -49.21 6.89
N TRP F 1339 -98.76 -48.46 7.61
CA TRP F 1339 -97.61 -49.08 8.25
C TRP F 1339 -98.06 -50.06 9.32
N PRO F 1340 -97.57 -51.29 9.33
CA PRO F 1340 -98.06 -52.29 10.28
C PRO F 1340 -97.55 -52.04 11.69
N ASP F 1341 -98.40 -52.35 12.66
CA ASP F 1341 -98.01 -52.26 14.06
C ASP F 1341 -97.09 -53.39 14.48
N GLN F 1342 -96.91 -54.41 13.65
CA GLN F 1342 -96.01 -55.51 13.94
C GLN F 1342 -94.57 -55.02 13.91
N GLY F 1343 -93.94 -54.93 15.08
CA GLY F 1343 -92.58 -54.47 15.21
C GLY F 1343 -91.51 -55.45 14.81
N LYS F 1344 -91.86 -56.54 14.13
CA LYS F 1344 -90.88 -57.52 13.70
C LYS F 1344 -89.98 -56.92 12.62
N ILE F 1345 -88.70 -56.79 12.93
CA ILE F 1345 -87.73 -56.21 12.00
C ILE F 1345 -86.51 -57.13 11.91
N GLN F 1346 -85.72 -56.92 10.86
CA GLN F 1346 -84.55 -57.77 10.63
C GLN F 1346 -83.46 -56.97 9.92
N ILE F 1347 -82.25 -57.01 10.47
CA ILE F 1347 -81.10 -56.34 9.89
C ILE F 1347 -80.08 -57.41 9.54
N GLN F 1348 -79.84 -57.62 8.24
CA GLN F 1348 -78.96 -58.65 7.74
C GLN F 1348 -77.68 -58.02 7.21
N ASN F 1349 -76.54 -58.43 7.79
CA ASN F 1349 -75.21 -58.06 7.33
C ASN F 1349 -75.03 -56.55 7.23
N LEU F 1350 -75.31 -55.86 8.34
CA LEU F 1350 -75.31 -54.41 8.37
C LEU F 1350 -73.94 -53.86 8.70
N SER F 1351 -73.48 -52.88 7.91
CA SER F 1351 -72.27 -52.14 8.20
C SER F 1351 -72.53 -50.67 7.89
N VAL F 1352 -71.78 -49.80 8.55
CA VAL F 1352 -72.00 -48.36 8.42
C VAL F 1352 -70.67 -47.63 8.54
N ARG F 1353 -70.52 -46.58 7.74
CA ARG F 1353 -69.37 -45.69 7.80
C ARG F 1353 -69.85 -44.25 7.73
N TYR F 1354 -69.23 -43.37 8.52
CA TYR F 1354 -69.67 -41.99 8.56
C TYR F 1354 -69.38 -41.28 7.24
N ASP F 1355 -68.10 -41.20 6.87
CA ASP F 1355 -67.68 -40.54 5.64
C ASP F 1355 -67.46 -41.56 4.54
N SER F 1356 -67.46 -41.05 3.30
CA SER F 1356 -67.24 -41.91 2.14
C SER F 1356 -65.82 -42.46 2.16
N SER F 1357 -65.70 -43.78 2.12
CA SER F 1357 -64.41 -44.48 2.10
C SER F 1357 -63.59 -44.12 3.35
N LEU F 1358 -64.17 -44.42 4.51
CA LEU F 1358 -63.49 -44.21 5.79
C LEU F 1358 -63.53 -45.48 6.62
N LYS F 1359 -63.09 -45.41 7.87
CA LYS F 1359 -63.14 -46.57 8.75
C LYS F 1359 -64.59 -46.92 9.05
N PRO F 1360 -64.97 -48.20 8.98
CA PRO F 1360 -66.37 -48.56 9.24
C PRO F 1360 -66.71 -48.45 10.71
N VAL F 1361 -68.00 -48.21 10.98
CA VAL F 1361 -68.48 -48.11 12.35
C VAL F 1361 -68.99 -49.47 12.84
N LEU F 1362 -69.73 -50.19 12.00
CA LEU F 1362 -70.23 -51.51 12.33
C LEU F 1362 -69.61 -52.54 11.38
N LYS F 1363 -69.65 -53.81 11.79
CA LYS F 1363 -69.06 -54.88 11.00
C LYS F 1363 -69.89 -56.15 11.20
N HIS F 1364 -70.59 -56.56 10.14
CA HIS F 1364 -71.38 -57.80 10.13
C HIS F 1364 -72.41 -57.80 11.26
N VAL F 1365 -73.34 -56.87 11.18
CA VAL F 1365 -74.41 -56.72 12.16
C VAL F 1365 -75.65 -57.43 11.64
N ASN F 1366 -76.11 -58.46 12.35
CA ASN F 1366 -77.30 -59.20 12.01
C ASN F 1366 -78.15 -59.38 13.26
N ALA F 1367 -79.43 -59.01 13.18
CA ALA F 1367 -80.32 -59.10 14.32
C ALA F 1367 -81.75 -59.20 13.84
N LEU F 1368 -82.62 -59.66 14.73
CA LEU F 1368 -84.05 -59.77 14.46
C LEU F 1368 -84.81 -59.40 15.73
N ILE F 1369 -85.95 -58.72 15.54
CA ILE F 1369 -86.76 -58.24 16.65
C ILE F 1369 -88.20 -58.70 16.43
N SER F 1370 -88.74 -59.39 17.41
CA SER F 1370 -90.09 -59.93 17.36
C SER F 1370 -91.13 -58.84 17.56
N PRO F 1371 -92.38 -59.07 17.14
CA PRO F 1371 -93.41 -58.04 17.30
C PRO F 1371 -93.77 -57.83 18.77
N GLY F 1372 -93.94 -56.55 19.13
CA GLY F 1372 -94.40 -56.20 20.46
C GLY F 1372 -93.49 -56.63 21.59
N GLN F 1373 -92.18 -56.72 21.33
CA GLN F 1373 -91.20 -57.13 22.33
C GLN F 1373 -90.25 -55.97 22.59
N LYS F 1374 -90.10 -55.62 23.87
CA LYS F 1374 -89.19 -54.54 24.25
C LYS F 1374 -87.75 -54.99 24.05
N ILE F 1375 -86.96 -54.15 23.38
CA ILE F 1375 -85.58 -54.47 23.04
C ILE F 1375 -84.67 -53.37 23.57
N GLY F 1376 -83.47 -53.76 24.03
CA GLY F 1376 -82.49 -52.80 24.47
C GLY F 1376 -81.15 -53.07 23.81
N ILE F 1377 -80.29 -52.06 23.87
CA ILE F 1377 -78.95 -52.16 23.29
C ILE F 1377 -77.97 -51.48 24.24
N CYS F 1378 -76.98 -52.22 24.71
CA CYS F 1378 -75.97 -51.71 25.63
C CYS F 1378 -74.67 -51.47 24.87
N GLY F 1379 -73.64 -51.09 25.61
CA GLY F 1379 -72.34 -50.80 25.05
C GLY F 1379 -71.75 -49.54 25.66
N ARG F 1380 -70.43 -49.43 25.57
CA ARG F 1380 -69.71 -48.29 26.13
C ARG F 1380 -69.81 -47.11 25.16
N THR F 1381 -69.04 -46.06 25.43
CA THR F 1381 -69.05 -44.88 24.57
C THR F 1381 -68.38 -45.19 23.24
N GLY F 1382 -68.95 -44.65 22.15
CA GLY F 1382 -68.42 -44.90 20.83
C GLY F 1382 -68.53 -46.34 20.37
N SER F 1383 -69.43 -47.12 20.95
CA SER F 1383 -69.56 -48.53 20.58
C SER F 1383 -70.35 -48.70 19.28
N GLY F 1384 -71.33 -47.84 19.02
CA GLY F 1384 -72.09 -47.93 17.79
C GLY F 1384 -73.59 -48.02 17.98
N LYS F 1385 -74.09 -47.59 19.14
CA LYS F 1385 -75.53 -47.59 19.37
C LYS F 1385 -76.19 -46.37 18.73
N SER F 1386 -75.59 -45.20 18.89
CA SER F 1386 -76.10 -44.00 18.24
C SER F 1386 -76.01 -44.12 16.72
N SER F 1387 -74.90 -44.66 16.22
CA SER F 1387 -74.80 -44.94 14.79
C SER F 1387 -75.83 -45.98 14.35
N PHE F 1388 -76.17 -46.93 15.23
CA PHE F 1388 -77.21 -47.90 14.91
C PHE F 1388 -78.56 -47.21 14.77
N SER F 1389 -78.90 -46.31 15.70
CA SER F 1389 -80.16 -45.58 15.59
C SER F 1389 -80.17 -44.69 14.35
N LEU F 1390 -79.04 -44.08 14.02
CA LEU F 1390 -78.97 -43.21 12.84
C LEU F 1390 -79.14 -44.02 11.56
N ALA F 1391 -78.53 -45.19 11.48
CA ALA F 1391 -78.73 -46.08 10.34
C ALA F 1391 -80.15 -46.64 10.30
N PHE F 1392 -80.82 -46.72 11.45
CA PHE F 1392 -82.23 -47.12 11.47
C PHE F 1392 -83.13 -46.04 10.89
N PHE F 1393 -82.70 -44.78 10.90
CA PHE F 1393 -83.47 -43.68 10.33
C PHE F 1393 -82.85 -43.13 9.05
N ARG F 1394 -82.02 -43.93 8.38
CA ARG F 1394 -81.39 -43.56 7.10
C ARG F 1394 -80.61 -42.25 7.20
N MET F 1395 -79.99 -42.00 8.36
CA MET F 1395 -79.23 -40.77 8.54
C MET F 1395 -77.82 -40.88 7.95
N VAL F 1396 -77.14 -41.97 8.24
CA VAL F 1396 -75.79 -42.20 7.72
C VAL F 1396 -75.89 -42.64 6.26
N ASP F 1397 -75.11 -41.99 5.39
CA ASP F 1397 -75.23 -42.15 3.95
C ASP F 1397 -74.20 -43.11 3.36
N MET F 1398 -73.55 -43.92 4.19
CA MET F 1398 -72.57 -44.91 3.74
C MET F 1398 -72.81 -46.24 4.44
N PHE F 1399 -74.05 -46.68 4.45
CA PHE F 1399 -74.44 -47.94 5.07
C PHE F 1399 -74.57 -49.04 4.04
N GLU F 1400 -74.02 -50.21 4.36
CA GLU F 1400 -74.14 -51.40 3.54
C GLU F 1400 -74.93 -52.46 4.31
N GLY F 1401 -75.50 -53.40 3.57
CA GLY F 1401 -76.34 -54.42 4.16
C GLY F 1401 -77.82 -54.16 3.89
N ARG F 1402 -78.65 -54.99 4.54
CA ARG F 1402 -80.10 -54.94 4.31
C ARG F 1402 -80.83 -54.77 5.63
N ILE F 1403 -81.32 -53.56 5.89
CA ILE F 1403 -82.23 -53.30 7.00
C ILE F 1403 -83.65 -53.44 6.48
N ILE F 1404 -84.52 -54.06 7.28
CA ILE F 1404 -85.89 -54.36 6.85
C ILE F 1404 -86.82 -54.19 8.03
N ILE F 1405 -87.86 -53.36 7.85
CA ILE F 1405 -88.90 -53.16 8.85
C ILE F 1405 -90.21 -53.69 8.29
N ASP F 1406 -90.53 -54.95 8.58
CA ASP F 1406 -91.73 -55.62 8.08
C ASP F 1406 -91.73 -55.65 6.54
N GLY F 1407 -90.67 -56.24 6.00
CA GLY F 1407 -90.56 -56.40 4.56
C GLY F 1407 -90.36 -55.12 3.76
N ILE F 1408 -90.05 -54.00 4.41
CA ILE F 1408 -89.87 -52.73 3.73
C ILE F 1408 -88.47 -52.20 4.03
N ASP F 1409 -87.87 -51.53 3.03
CA ASP F 1409 -86.55 -50.93 3.18
C ASP F 1409 -86.55 -49.50 2.64
N ILE F 1410 -85.37 -48.90 2.52
CA ILE F 1410 -85.24 -47.51 2.11
C ILE F 1410 -84.87 -47.40 0.63
N ALA F 1411 -85.18 -48.43 -0.17
CA ALA F 1411 -84.81 -48.41 -1.58
C ALA F 1411 -85.83 -47.71 -2.48
N LYS F 1412 -87.08 -47.57 -2.03
CA LYS F 1412 -88.11 -46.97 -2.88
C LYS F 1412 -89.04 -46.03 -2.11
N LEU F 1413 -88.63 -45.54 -0.94
CA LEU F 1413 -89.46 -44.67 -0.13
C LEU F 1413 -88.77 -43.33 0.08
N PRO F 1414 -89.46 -42.21 -0.16
CA PRO F 1414 -88.85 -40.90 0.12
C PRO F 1414 -88.75 -40.66 1.62
N LEU F 1415 -88.09 -39.56 1.96
CA LEU F 1415 -87.87 -39.23 3.37
C LEU F 1415 -89.18 -38.92 4.09
N HIS F 1416 -90.08 -38.20 3.42
CA HIS F 1416 -91.36 -37.84 4.05
C HIS F 1416 -92.14 -39.08 4.46
N THR F 1417 -92.00 -40.17 3.73
CA THR F 1417 -92.63 -41.44 4.10
C THR F 1417 -91.76 -42.27 5.04
N LEU F 1418 -90.44 -42.13 4.94
CA LEU F 1418 -89.53 -42.89 5.79
C LEU F 1418 -89.46 -42.35 7.22
N ARG F 1419 -89.96 -41.13 7.46
CA ARG F 1419 -89.93 -40.56 8.80
C ARG F 1419 -91.29 -40.50 9.48
N SER F 1420 -92.39 -40.57 8.72
CA SER F 1420 -93.72 -40.62 9.31
C SER F 1420 -94.10 -42.02 9.77
N ARG F 1421 -93.14 -42.93 9.88
CA ARG F 1421 -93.39 -44.30 10.27
C ARG F 1421 -92.79 -44.69 11.61
N LEU F 1422 -91.77 -43.98 12.08
CA LEU F 1422 -91.12 -44.31 13.35
C LEU F 1422 -90.89 -43.03 14.14
N SER F 1423 -90.94 -43.16 15.47
CA SER F 1423 -90.70 -42.05 16.37
C SER F 1423 -89.30 -42.15 16.98
N ILE F 1424 -88.91 -41.10 17.68
CA ILE F 1424 -87.58 -41.02 18.27
C ILE F 1424 -87.60 -39.94 19.35
N ILE F 1425 -86.93 -40.21 20.46
CA ILE F 1425 -86.76 -39.25 21.54
C ILE F 1425 -85.26 -39.16 21.81
N LEU F 1426 -84.61 -38.11 21.29
CA LEU F 1426 -83.17 -37.99 21.39
C LEU F 1426 -82.75 -37.64 22.82
N GLN F 1427 -81.45 -37.74 23.07
CA GLN F 1427 -80.90 -37.46 24.38
C GLN F 1427 -80.93 -35.98 24.72
N ASP F 1428 -81.03 -35.11 23.71
CA ASP F 1428 -81.07 -33.66 23.93
C ASP F 1428 -82.48 -33.14 23.69
N PRO F 1429 -83.27 -32.91 24.74
CA PRO F 1429 -84.61 -32.37 24.54
C PRO F 1429 -84.58 -30.87 24.28
N VAL F 1430 -85.50 -30.43 23.42
CA VAL F 1430 -85.61 -29.03 23.05
C VAL F 1430 -87.07 -28.66 22.93
N LEU F 1431 -87.41 -27.43 23.35
CA LEU F 1431 -88.76 -26.89 23.26
C LEU F 1431 -88.67 -25.56 22.51
N PHE F 1432 -88.88 -25.61 21.20
CA PHE F 1432 -88.84 -24.40 20.40
C PHE F 1432 -89.97 -23.45 20.80
N SER F 1433 -89.81 -22.18 20.44
CA SER F 1433 -90.76 -21.16 20.85
C SER F 1433 -92.12 -21.39 20.20
N GLY F 1434 -93.15 -20.80 20.81
CA GLY F 1434 -94.50 -20.95 20.34
C GLY F 1434 -95.46 -21.28 21.48
N THR F 1435 -96.55 -21.96 21.15
CA THR F 1435 -97.53 -22.40 22.14
C THR F 1435 -97.36 -23.89 22.42
N ILE F 1436 -98.13 -24.39 23.39
CA ILE F 1436 -98.11 -25.81 23.70
C ILE F 1436 -98.68 -26.61 22.54
N ARG F 1437 -99.68 -26.06 21.84
CA ARG F 1437 -100.19 -26.71 20.63
C ARG F 1437 -99.14 -26.74 19.53
N PHE F 1438 -98.17 -25.82 19.56
CA PHE F 1438 -97.07 -25.83 18.60
C PHE F 1438 -95.91 -26.72 19.03
N ASN F 1439 -95.79 -27.00 20.32
CA ASN F 1439 -94.72 -27.89 20.78
C ASN F 1439 -95.14 -29.35 20.71
N LEU F 1440 -96.40 -29.64 21.04
CA LEU F 1440 -96.89 -31.02 20.97
C LEU F 1440 -97.07 -31.47 19.53
N ASP F 1441 -97.79 -30.68 18.73
CA ASP F 1441 -98.07 -31.03 17.34
C ASP F 1441 -97.89 -29.80 16.46
N PRO F 1442 -96.67 -29.56 15.98
CA PRO F 1442 -96.46 -28.45 15.02
C PRO F 1442 -97.33 -28.57 13.77
N GLU F 1443 -97.68 -29.78 13.35
CA GLU F 1443 -98.56 -29.95 12.20
C GLU F 1443 -99.97 -29.48 12.48
N LYS F 1444 -100.35 -29.36 13.76
CA LYS F 1444 -101.68 -28.88 14.16
C LYS F 1444 -102.79 -29.73 13.53
N LYS F 1445 -102.57 -31.04 13.46
CA LYS F 1445 -103.55 -31.96 12.90
C LYS F 1445 -104.41 -32.64 13.96
N CYS F 1446 -103.85 -32.91 15.14
CA CYS F 1446 -104.61 -33.56 16.19
C CYS F 1446 -105.57 -32.57 16.85
N SER F 1447 -106.57 -33.12 17.54
CA SER F 1447 -107.58 -32.30 18.20
C SER F 1447 -107.13 -31.92 19.61
N ASP F 1448 -107.88 -31.00 20.22
CA ASP F 1448 -107.58 -30.57 21.58
C ASP F 1448 -107.75 -31.72 22.56
N SER F 1449 -108.72 -32.60 22.33
CA SER F 1449 -108.88 -33.76 23.18
C SER F 1449 -107.68 -34.69 23.09
N THR F 1450 -107.12 -34.86 21.90
CA THR F 1450 -105.94 -35.70 21.73
C THR F 1450 -104.75 -35.12 22.48
N LEU F 1451 -104.57 -33.80 22.42
CA LEU F 1451 -103.45 -33.18 23.13
C LEU F 1451 -103.64 -33.25 24.64
N TRP F 1452 -104.87 -33.04 25.12
CA TRP F 1452 -105.12 -33.17 26.55
C TRP F 1452 -104.89 -34.61 27.02
N GLU F 1453 -105.26 -35.59 26.19
CA GLU F 1453 -105.03 -36.98 26.57
C GLU F 1453 -103.55 -37.32 26.56
N ALA F 1454 -102.80 -36.79 25.60
CA ALA F 1454 -101.36 -37.03 25.57
C ALA F 1454 -100.66 -36.37 26.75
N LEU F 1455 -101.15 -35.20 27.18
CA LEU F 1455 -100.60 -34.55 28.35
C LEU F 1455 -100.98 -35.28 29.64
N GLU F 1456 -102.16 -35.90 29.67
CA GLU F 1456 -102.57 -36.66 30.84
C GLU F 1456 -101.81 -37.97 30.95
N ILE F 1457 -101.50 -38.60 29.80
CA ILE F 1457 -100.75 -39.84 29.83
C ILE F 1457 -99.29 -39.58 30.20
N ALA F 1458 -98.74 -38.46 29.73
CA ALA F 1458 -97.34 -38.11 29.99
C ALA F 1458 -97.14 -37.43 31.34
N GLN F 1459 -98.15 -37.44 32.22
CA GLN F 1459 -98.06 -36.83 33.55
C GLN F 1459 -97.67 -35.36 33.47
N LEU F 1460 -98.40 -34.62 32.62
CA LEU F 1460 -98.11 -33.21 32.41
C LEU F 1460 -99.36 -32.35 32.33
N LYS F 1461 -100.55 -32.93 32.52
CA LYS F 1461 -101.79 -32.17 32.33
C LYS F 1461 -102.00 -31.15 33.45
N LEU F 1462 -101.60 -31.49 34.68
CA LEU F 1462 -101.82 -30.60 35.81
C LEU F 1462 -100.99 -29.33 35.70
N VAL F 1463 -99.73 -29.45 35.27
CA VAL F 1463 -98.88 -28.27 35.13
C VAL F 1463 -99.23 -27.47 33.88
N VAL F 1464 -99.90 -28.08 32.90
CA VAL F 1464 -100.34 -27.35 31.73
C VAL F 1464 -101.62 -26.57 32.02
N LYS F 1465 -102.51 -27.15 32.82
CA LYS F 1465 -103.74 -26.45 33.21
C LYS F 1465 -103.45 -25.22 34.08
N ALA F 1466 -102.27 -25.15 34.69
CA ALA F 1466 -101.89 -24.02 35.53
C ALA F 1466 -101.15 -22.93 34.76
N LEU F 1467 -101.31 -22.87 33.45
CA LEU F 1467 -100.71 -21.86 32.59
C LEU F 1467 -101.78 -20.93 32.02
N PRO F 1468 -101.44 -19.67 31.73
CA PRO F 1468 -102.46 -18.74 31.21
C PRO F 1468 -102.97 -19.20 29.85
N GLY F 1469 -104.28 -19.26 29.72
CA GLY F 1469 -104.93 -19.65 28.47
C GLY F 1469 -105.20 -21.13 28.31
N GLY F 1470 -104.19 -21.97 28.55
CA GLY F 1470 -104.34 -23.40 28.38
C GLY F 1470 -103.95 -23.83 26.99
N LEU F 1471 -102.89 -24.65 26.89
CA LEU F 1471 -102.33 -25.11 25.62
C LEU F 1471 -101.89 -23.94 24.74
N ASP F 1472 -101.73 -22.75 25.31
CA ASP F 1472 -101.36 -21.57 24.55
C ASP F 1472 -100.35 -20.69 25.28
N ALA F 1473 -99.59 -21.25 26.22
CA ALA F 1473 -98.58 -20.48 26.92
C ALA F 1473 -97.42 -20.14 25.99
N ILE F 1474 -96.92 -18.92 26.10
CA ILE F 1474 -95.83 -18.43 25.26
C ILE F 1474 -94.52 -18.99 25.82
N ILE F 1475 -93.97 -20.00 25.17
CA ILE F 1475 -92.72 -20.62 25.59
C ILE F 1475 -91.58 -20.04 24.77
N THR F 1476 -90.40 -19.99 25.39
CA THR F 1476 -89.18 -19.53 24.74
C THR F 1476 -88.28 -20.72 24.45
N GLU F 1477 -87.25 -20.47 23.62
CA GLU F 1477 -86.28 -21.50 23.29
C GLU F 1477 -85.53 -21.94 24.53
N GLY F 1478 -85.80 -23.16 25.00
CA GLY F 1478 -85.20 -23.66 26.23
C GLY F 1478 -85.60 -22.82 27.43
N GLY F 1479 -84.64 -22.07 27.97
CA GLY F 1479 -84.93 -21.15 29.05
C GLY F 1479 -85.24 -21.88 30.36
N GLU F 1480 -86.03 -21.21 31.20
CA GLU F 1480 -86.43 -21.73 32.50
C GLU F 1480 -87.94 -21.75 32.62
N ASN F 1481 -88.63 -22.13 31.55
CA ASN F 1481 -90.09 -22.24 31.57
C ASN F 1481 -90.57 -23.61 32.01
N PHE F 1482 -89.78 -24.66 31.76
CA PHE F 1482 -90.12 -26.01 32.17
C PHE F 1482 -88.86 -26.74 32.61
N SER F 1483 -89.02 -27.62 33.59
CA SER F 1483 -87.89 -28.36 34.12
C SER F 1483 -87.42 -29.43 33.12
N GLN F 1484 -86.26 -30.03 33.42
CA GLN F 1484 -85.73 -31.08 32.56
C GLN F 1484 -86.69 -32.27 32.47
N GLY F 1485 -87.27 -32.66 33.60
CA GLY F 1485 -88.28 -33.69 33.58
C GLY F 1485 -89.48 -33.30 32.75
N GLN F 1486 -89.91 -32.04 32.86
CA GLN F 1486 -91.01 -31.56 32.03
C GLN F 1486 -90.64 -31.56 30.55
N ARG F 1487 -89.38 -31.28 30.23
CA ARG F 1487 -88.95 -31.32 28.83
C ARG F 1487 -88.98 -32.75 28.29
N GLN F 1488 -88.47 -33.71 29.07
CA GLN F 1488 -88.57 -35.11 28.67
C GLN F 1488 -90.02 -35.56 28.56
N LEU F 1489 -90.90 -35.02 29.41
CA LEU F 1489 -92.32 -35.36 29.32
C LEU F 1489 -92.94 -34.79 28.05
N PHE F 1490 -92.52 -33.58 27.65
CA PHE F 1490 -92.97 -33.03 26.38
C PHE F 1490 -92.48 -33.88 25.21
N CYS F 1491 -91.25 -34.38 25.29
CA CYS F 1491 -90.75 -35.27 24.25
C CYS F 1491 -91.57 -36.56 24.19
N LEU F 1492 -91.91 -37.12 25.36
CA LEU F 1492 -92.74 -38.32 25.38
C LEU F 1492 -94.14 -38.05 24.85
N ALA F 1493 -94.68 -36.86 25.11
CA ALA F 1493 -95.98 -36.50 24.57
C ALA F 1493 -95.92 -36.35 23.06
N ARG F 1494 -94.83 -35.83 22.53
CA ARG F 1494 -94.63 -35.80 21.08
C ARG F 1494 -94.59 -37.21 20.51
N ALA F 1495 -93.86 -38.11 21.17
CA ALA F 1495 -93.83 -39.51 20.73
C ALA F 1495 -95.21 -40.14 20.78
N PHE F 1496 -96.03 -39.77 21.77
CA PHE F 1496 -97.37 -40.32 21.89
C PHE F 1496 -98.28 -39.81 20.77
N VAL F 1497 -98.25 -38.50 20.52
CA VAL F 1497 -99.06 -37.93 19.45
C VAL F 1497 -98.57 -38.35 18.07
N ARG F 1498 -97.32 -38.84 17.97
CA ARG F 1498 -96.82 -39.32 16.68
C ARG F 1498 -97.61 -40.53 16.21
N LYS F 1499 -97.88 -41.48 17.11
CA LYS F 1499 -98.65 -42.69 16.79
C LYS F 1499 -98.00 -43.47 15.65
N THR F 1500 -96.67 -43.56 15.68
CA THR F 1500 -95.93 -44.24 14.63
C THR F 1500 -95.83 -45.75 14.84
N SER F 1501 -96.19 -46.24 16.03
CA SER F 1501 -96.21 -47.66 16.42
C SER F 1501 -94.81 -48.26 16.54
N ILE F 1502 -93.75 -47.49 16.32
CA ILE F 1502 -92.37 -47.95 16.48
C ILE F 1502 -91.60 -46.84 17.18
N PHE F 1503 -91.17 -47.07 18.41
CA PHE F 1503 -90.51 -46.07 19.22
C PHE F 1503 -89.03 -46.41 19.38
N ILE F 1504 -88.18 -45.40 19.34
CA ILE F 1504 -86.75 -45.53 19.56
C ILE F 1504 -86.37 -44.56 20.67
N MET F 1505 -86.00 -45.10 21.83
CA MET F 1505 -85.63 -44.29 22.99
C MET F 1505 -84.10 -44.19 23.05
N ASP F 1506 -83.58 -43.02 22.72
CA ASP F 1506 -82.13 -42.79 22.66
C ASP F 1506 -81.71 -42.01 23.90
N GLU F 1507 -81.38 -42.75 24.97
CA GLU F 1507 -80.82 -42.19 26.19
C GLU F 1507 -81.75 -41.13 26.82
N ALA F 1508 -82.94 -41.59 27.20
CA ALA F 1508 -83.89 -40.75 27.93
C ALA F 1508 -83.59 -40.66 29.42
N THR F 1509 -82.40 -41.11 29.84
CA THR F 1509 -82.03 -41.14 31.25
C THR F 1509 -80.99 -40.11 31.64
N ALA F 1510 -80.09 -39.75 30.73
CA ALA F 1510 -79.03 -38.81 31.05
C ALA F 1510 -79.60 -37.44 31.41
N SER F 1511 -78.86 -36.71 32.25
CA SER F 1511 -79.24 -35.38 32.71
C SER F 1511 -80.62 -35.39 33.39
N ILE F 1512 -80.94 -36.47 34.08
CA ILE F 1512 -82.20 -36.61 34.79
C ILE F 1512 -81.92 -37.26 36.14
N ASP F 1513 -82.54 -36.70 37.19
CA ASP F 1513 -82.37 -37.25 38.53
C ASP F 1513 -82.96 -38.66 38.61
N MET F 1514 -82.32 -39.50 39.44
CA MET F 1514 -82.77 -40.88 39.56
C MET F 1514 -84.18 -40.97 40.12
N ALA F 1515 -84.50 -40.11 41.10
CA ALA F 1515 -85.83 -40.11 41.69
C ALA F 1515 -86.91 -39.77 40.67
N THR F 1516 -86.56 -39.00 39.64
CA THR F 1516 -87.50 -38.71 38.55
C THR F 1516 -87.33 -39.65 37.37
N GLU F 1517 -86.11 -40.10 37.09
CA GLU F 1517 -85.88 -41.01 35.97
C GLU F 1517 -86.52 -42.37 36.21
N ASN F 1518 -86.55 -42.85 37.45
CA ASN F 1518 -87.21 -44.12 37.74
C ASN F 1518 -88.71 -44.04 37.44
N ILE F 1519 -89.36 -42.97 37.90
CA ILE F 1519 -90.78 -42.81 37.64
C ILE F 1519 -91.04 -42.58 36.15
N LEU F 1520 -90.11 -41.89 35.47
CA LEU F 1520 -90.27 -41.68 34.03
C LEU F 1520 -90.20 -43.01 33.28
N GLN F 1521 -89.23 -43.85 33.63
CA GLN F 1521 -89.12 -45.16 33.00
C GLN F 1521 -90.33 -46.03 33.32
N LYS F 1522 -90.84 -45.95 34.54
CA LYS F 1522 -92.03 -46.71 34.91
C LYS F 1522 -93.24 -46.27 34.08
N VAL F 1523 -93.41 -44.95 33.92
CA VAL F 1523 -94.54 -44.45 33.13
C VAL F 1523 -94.37 -44.84 31.66
N VAL F 1524 -93.15 -44.77 31.13
CA VAL F 1524 -92.93 -45.11 29.74
C VAL F 1524 -93.11 -46.59 29.50
N MET F 1525 -92.88 -47.42 30.51
CA MET F 1525 -93.12 -48.86 30.37
C MET F 1525 -94.59 -49.20 30.51
N THR F 1526 -95.30 -48.51 31.42
CA THR F 1526 -96.72 -48.77 31.60
C THR F 1526 -97.54 -48.27 30.41
N ALA F 1527 -97.10 -47.18 29.76
CA ALA F 1527 -97.81 -46.67 28.61
C ALA F 1527 -97.48 -47.44 27.35
N PHE F 1528 -96.28 -48.01 27.26
CA PHE F 1528 -95.84 -48.76 26.08
C PHE F 1528 -95.87 -50.25 26.42
N ALA F 1529 -97.05 -50.86 26.25
CA ALA F 1529 -97.18 -52.30 26.32
C ALA F 1529 -97.09 -52.95 24.95
N ASP F 1530 -97.39 -52.20 23.89
CA ASP F 1530 -97.20 -52.64 22.51
C ASP F 1530 -96.34 -51.60 21.80
N ARG F 1531 -96.25 -51.68 20.47
CA ARG F 1531 -95.45 -50.75 19.67
C ARG F 1531 -93.99 -50.81 20.11
N THR F 1532 -93.38 -51.96 19.80
CA THR F 1532 -92.04 -52.35 20.28
C THR F 1532 -91.07 -51.18 20.32
N VAL F 1533 -90.39 -51.04 21.46
CA VAL F 1533 -89.46 -49.95 21.71
C VAL F 1533 -88.04 -50.50 21.74
N VAL F 1534 -87.11 -49.76 21.15
CA VAL F 1534 -85.69 -50.10 21.13
C VAL F 1534 -84.95 -49.03 21.92
N THR F 1535 -84.50 -49.37 23.11
CA THR F 1535 -83.85 -48.43 24.02
C THR F 1535 -82.34 -48.57 23.98
N ILE F 1536 -81.65 -47.50 24.37
CA ILE F 1536 -80.19 -47.48 24.46
C ILE F 1536 -79.76 -46.54 25.58
N ALA F 1537 -79.09 -47.09 26.59
CA ALA F 1537 -78.64 -46.30 27.74
C ALA F 1537 -77.51 -47.04 28.43
N HIS F 1538 -76.96 -46.39 29.46
CA HIS F 1538 -75.88 -46.97 30.26
C HIS F 1538 -76.33 -47.35 31.65
N ARG F 1539 -77.62 -47.21 31.95
CA ARG F 1539 -78.14 -47.58 33.26
C ARG F 1539 -78.24 -49.09 33.40
N VAL F 1540 -78.09 -49.57 34.63
CA VAL F 1540 -78.15 -51.00 34.88
C VAL F 1540 -79.59 -51.50 34.78
N HIS F 1541 -80.52 -50.80 35.42
CA HIS F 1541 -81.90 -51.25 35.44
C HIS F 1541 -82.57 -51.12 34.08
N THR F 1542 -82.21 -50.10 33.31
CA THR F 1542 -82.80 -49.93 31.98
C THR F 1542 -82.40 -51.06 31.04
N ILE F 1543 -81.14 -51.49 31.08
CA ILE F 1543 -80.71 -52.61 30.26
C ILE F 1543 -81.21 -53.93 30.85
N LEU F 1544 -81.42 -53.98 32.16
CA LEU F 1544 -81.93 -55.22 32.77
C LEU F 1544 -83.40 -55.44 32.44
N SER F 1545 -84.17 -54.36 32.26
CA SER F 1545 -85.60 -54.50 31.98
C SER F 1545 -85.89 -54.90 30.55
N ALA F 1546 -84.91 -54.77 29.65
CA ALA F 1546 -85.12 -55.11 28.25
C ALA F 1546 -84.95 -56.61 28.03
N ASP F 1547 -85.69 -57.15 27.07
CA ASP F 1547 -85.64 -58.58 26.79
C ASP F 1547 -84.45 -58.93 25.90
N LEU F 1548 -84.45 -58.44 24.66
CA LEU F 1548 -83.40 -58.75 23.71
C LEU F 1548 -82.35 -57.64 23.77
N VAL F 1549 -81.12 -58.02 24.13
CA VAL F 1549 -80.03 -57.07 24.32
C VAL F 1549 -78.82 -57.50 23.50
N MET F 1550 -78.21 -56.54 22.81
CA MET F 1550 -77.06 -56.81 21.95
C MET F 1550 -75.85 -56.07 22.52
N VAL F 1551 -74.90 -56.83 23.08
CA VAL F 1551 -73.69 -56.23 23.60
C VAL F 1551 -72.83 -55.76 22.44
N LEU F 1552 -72.46 -54.47 22.47
CA LEU F 1552 -71.68 -53.86 21.40
C LEU F 1552 -70.20 -54.07 21.68
N LYS F 1553 -69.53 -54.84 20.81
CA LYS F 1553 -68.11 -55.10 20.95
C LYS F 1553 -67.32 -53.93 20.37
N ARG F 1554 -66.01 -54.13 20.17
CA ARG F 1554 -65.18 -53.06 19.63
C ARG F 1554 -65.61 -52.68 18.22
N GLY F 1555 -65.88 -53.67 17.36
CA GLY F 1555 -66.26 -53.38 16.00
C GLY F 1555 -67.55 -54.03 15.57
N ALA F 1556 -68.00 -55.05 16.31
CA ALA F 1556 -69.22 -55.76 15.97
C ALA F 1556 -70.18 -55.82 17.16
N ILE F 1557 -71.26 -56.58 17.02
CA ILE F 1557 -72.25 -56.75 18.08
C ILE F 1557 -72.51 -58.23 18.29
N LEU F 1558 -72.94 -58.57 19.50
CA LEU F 1558 -73.31 -59.92 19.87
C LEU F 1558 -74.67 -59.87 20.56
N GLU F 1559 -75.69 -60.39 19.90
CA GLU F 1559 -77.06 -60.30 20.40
C GLU F 1559 -77.37 -61.45 21.36
N PHE F 1560 -78.38 -61.23 22.19
CA PHE F 1560 -78.87 -62.25 23.12
C PHE F 1560 -80.36 -62.03 23.30
N ASP F 1561 -81.14 -63.10 23.16
CA ASP F 1561 -82.60 -62.99 23.17
C ASP F 1561 -83.15 -62.90 24.59
N LYS F 1562 -82.78 -63.85 25.45
CA LYS F 1562 -83.31 -63.83 26.81
C LYS F 1562 -82.38 -63.04 27.72
N PRO F 1563 -82.90 -62.06 28.46
CA PRO F 1563 -82.03 -61.23 29.31
C PRO F 1563 -81.43 -61.98 30.48
N GLU F 1564 -82.27 -62.71 31.23
CA GLU F 1564 -81.79 -63.46 32.38
C GLU F 1564 -80.88 -64.61 31.99
N THR F 1565 -80.88 -65.02 30.72
CA THR F 1565 -79.98 -66.07 30.27
C THR F 1565 -78.57 -65.53 30.06
N LEU F 1566 -78.43 -64.43 29.33
CA LEU F 1566 -77.12 -63.83 29.09
C LEU F 1566 -76.58 -63.07 30.28
N LEU F 1567 -77.44 -62.64 31.20
CA LEU F 1567 -76.99 -61.95 32.40
C LEU F 1567 -76.35 -62.89 33.42
N SER F 1568 -76.42 -64.21 33.20
CA SER F 1568 -75.78 -65.17 34.07
C SER F 1568 -75.01 -66.25 33.34
N GLN F 1569 -75.09 -66.31 32.00
CA GLN F 1569 -74.35 -67.31 31.24
C GLN F 1569 -72.87 -66.97 31.14
N LYS F 1570 -72.54 -65.68 31.04
CA LYS F 1570 -71.15 -65.23 30.99
C LYS F 1570 -70.51 -65.14 32.38
N ASP F 1571 -71.15 -65.73 33.40
CA ASP F 1571 -70.65 -65.71 34.78
C ASP F 1571 -70.54 -64.29 35.33
N SER F 1572 -71.42 -63.40 34.85
CA SER F 1572 -71.48 -62.01 35.30
C SER F 1572 -70.12 -61.32 35.11
N VAL F 1573 -69.67 -61.29 33.85
CA VAL F 1573 -68.39 -60.70 33.48
C VAL F 1573 -68.56 -59.62 32.42
N PHE F 1574 -69.31 -59.92 31.36
CA PHE F 1574 -69.44 -59.01 30.23
C PHE F 1574 -70.84 -58.44 30.04
N ALA F 1575 -71.83 -58.90 30.80
CA ALA F 1575 -73.20 -58.45 30.59
C ALA F 1575 -73.84 -57.93 31.87
N SER F 1576 -73.40 -58.44 33.02
CA SER F 1576 -74.01 -58.07 34.30
C SER F 1576 -73.26 -56.91 34.97
N PHE F 1577 -71.97 -57.09 35.25
CA PHE F 1577 -71.19 -56.05 35.90
C PHE F 1577 -70.97 -54.86 34.98
N VAL F 1578 -70.94 -55.10 33.66
CA VAL F 1578 -70.79 -54.00 32.70
C VAL F 1578 -72.06 -53.15 32.69
N ARG F 1579 -73.22 -53.78 32.76
CA ARG F 1579 -74.49 -53.05 32.80
C ARG F 1579 -74.75 -52.50 34.19
N ARG G 32 11.75 -32.67 -17.20
CA ARG G 32 10.59 -32.51 -16.34
C ARG G 32 10.24 -31.04 -16.16
N ALA G 33 8.96 -30.77 -15.97
CA ALA G 33 8.50 -29.41 -15.72
C ALA G 33 8.83 -28.97 -14.29
N ARG G 34 9.03 -27.67 -14.13
CA ARG G 34 9.20 -27.05 -12.82
C ARG G 34 8.00 -26.15 -12.53
N PHE G 35 7.93 -25.68 -11.30
CA PHE G 35 6.81 -24.81 -10.92
C PHE G 35 7.06 -23.37 -11.35
N VAL G 36 8.19 -22.80 -10.97
CA VAL G 36 8.57 -21.43 -11.29
C VAL G 36 9.96 -21.45 -11.88
N SER G 37 10.17 -20.73 -12.97
CA SER G 37 11.48 -20.65 -13.59
C SER G 37 12.47 -19.95 -12.65
N LYS G 38 13.74 -20.00 -13.04
CA LYS G 38 14.77 -19.33 -12.24
C LYS G 38 14.63 -17.82 -12.24
N LYS G 39 13.80 -17.26 -13.15
CA LYS G 39 13.61 -15.83 -13.26
C LYS G 39 12.22 -15.40 -12.82
N GLY G 40 11.61 -16.16 -11.89
CA GLY G 40 10.29 -15.85 -11.38
C GLY G 40 9.15 -16.13 -12.33
N ASN G 41 9.43 -16.27 -13.63
CA ASN G 41 8.38 -16.53 -14.61
C ASN G 41 7.71 -17.88 -14.28
N CYS G 42 6.47 -17.84 -13.80
CA CYS G 42 5.81 -19.07 -13.41
C CYS G 42 5.44 -19.90 -14.64
N ASN G 43 5.56 -21.22 -14.51
CA ASN G 43 5.55 -22.12 -15.65
C ASN G 43 4.19 -22.79 -15.89
N VAL G 44 3.18 -22.45 -15.11
CA VAL G 44 1.89 -23.13 -15.15
C VAL G 44 1.12 -22.69 -16.39
N ALA G 45 0.37 -23.63 -16.97
CA ALA G 45 -0.51 -23.37 -18.10
C ALA G 45 -1.96 -23.60 -17.68
N HIS G 46 -2.82 -22.64 -17.97
CA HIS G 46 -4.22 -22.68 -17.55
C HIS G 46 -5.10 -23.01 -18.74
N LYS G 47 -5.94 -24.04 -18.59
CA LYS G 47 -6.72 -24.58 -19.68
C LYS G 47 -8.20 -24.63 -19.30
N ASN G 48 -9.04 -24.54 -20.33
CA ASN G 48 -10.49 -24.69 -20.21
C ASN G 48 -11.07 -23.65 -19.25
N ILE G 49 -10.76 -22.38 -19.51
CA ILE G 49 -11.19 -21.29 -18.64
C ILE G 49 -12.49 -20.70 -19.21
N ARG G 50 -13.61 -20.98 -18.53
CA ARG G 50 -14.90 -20.38 -18.86
C ARG G 50 -14.86 -18.90 -18.46
N GLU G 51 -14.63 -18.03 -19.44
CA GLU G 51 -14.64 -16.59 -19.21
C GLU G 51 -15.99 -16.02 -19.61
N GLN G 52 -16.59 -15.25 -18.70
CA GLN G 52 -17.84 -14.55 -18.96
C GLN G 52 -17.61 -13.14 -19.48
N GLY G 53 -16.50 -12.91 -20.18
CA GLY G 53 -16.08 -11.58 -20.53
C GLY G 53 -15.38 -10.84 -19.43
N ARG G 54 -14.81 -11.57 -18.45
CA ARG G 54 -14.19 -10.95 -17.29
C ARG G 54 -12.76 -10.51 -17.54
N PHE G 55 -12.10 -11.09 -18.54
CA PHE G 55 -10.73 -10.67 -18.87
C PHE G 55 -10.69 -9.35 -19.61
N LEU G 56 -11.81 -8.91 -20.19
CA LEU G 56 -11.88 -7.60 -20.83
C LEU G 56 -12.92 -6.68 -20.22
N GLN G 57 -13.79 -7.17 -19.33
CA GLN G 57 -14.52 -6.28 -18.45
C GLN G 57 -13.59 -5.49 -17.57
N ASP G 58 -12.39 -6.01 -17.32
CA ASP G 58 -11.29 -5.21 -16.82
C ASP G 58 -10.43 -4.75 -17.99
N VAL G 59 -11.01 -3.82 -18.75
CA VAL G 59 -10.27 -3.24 -19.86
C VAL G 59 -9.07 -2.45 -19.38
N PHE G 60 -9.09 -1.98 -18.12
CA PHE G 60 -8.12 -0.96 -17.71
C PHE G 60 -6.80 -1.57 -17.26
N THR G 61 -6.83 -2.58 -16.40
CA THR G 61 -5.57 -3.25 -16.08
C THR G 61 -5.09 -4.07 -17.27
N THR G 62 -6.00 -4.50 -18.14
CA THR G 62 -5.57 -5.08 -19.41
C THR G 62 -4.81 -4.06 -20.24
N LEU G 63 -5.28 -2.82 -20.26
CA LEU G 63 -4.64 -1.74 -21.01
C LEU G 63 -3.40 -1.20 -20.32
N VAL G 64 -3.23 -1.49 -19.03
CA VAL G 64 -1.97 -1.20 -18.35
C VAL G 64 -0.96 -2.30 -18.64
N ASP G 65 -1.39 -3.56 -18.61
CA ASP G 65 -0.46 -4.67 -18.77
C ASP G 65 -0.05 -4.91 -20.22
N LEU G 66 -0.72 -4.25 -21.18
CA LEU G 66 -0.23 -4.32 -22.55
C LEU G 66 1.18 -3.75 -22.61
N LYS G 67 2.11 -4.53 -23.17
CA LYS G 67 3.50 -4.10 -23.22
C LYS G 67 3.62 -2.72 -23.87
N TRP G 68 4.66 -1.99 -23.48
CA TRP G 68 4.85 -0.62 -23.92
C TRP G 68 4.68 -0.40 -25.42
N PRO G 69 5.14 -1.28 -26.32
CA PRO G 69 4.78 -1.11 -27.73
C PRO G 69 3.29 -1.27 -27.99
N HIS G 70 2.68 -2.28 -27.36
CA HIS G 70 1.25 -2.46 -27.51
C HIS G 70 0.49 -1.27 -26.98
N THR G 71 0.92 -0.72 -25.84
CA THR G 71 0.27 0.46 -25.30
C THR G 71 0.43 1.65 -26.22
N LEU G 72 1.60 1.79 -26.84
CA LEU G 72 1.78 2.83 -27.84
C LEU G 72 0.76 2.68 -28.95
N LEU G 73 0.64 1.47 -29.49
CA LEU G 73 -0.25 1.29 -30.63
C LEU G 73 -1.70 1.52 -30.24
N ILE G 74 -2.11 1.13 -29.03
CA ILE G 74 -3.49 1.38 -28.61
C ILE G 74 -3.73 2.87 -28.47
N PHE G 75 -2.79 3.57 -27.83
CA PHE G 75 -2.79 5.02 -27.70
C PHE G 75 -3.03 5.70 -29.06
N THR G 76 -2.17 5.37 -30.02
CA THR G 76 -2.22 6.06 -31.30
C THR G 76 -3.45 5.67 -32.10
N MET G 77 -3.89 4.42 -32.01
CA MET G 77 -5.15 4.03 -32.63
C MET G 77 -6.30 4.87 -32.08
N SER G 78 -6.40 4.95 -30.75
CA SER G 78 -7.51 5.64 -30.13
C SER G 78 -7.49 7.14 -30.40
N PHE G 79 -6.34 7.70 -30.80
CA PHE G 79 -6.34 9.11 -31.22
C PHE G 79 -6.70 9.24 -32.69
N LEU G 80 -6.04 8.47 -33.55
CA LEU G 80 -6.25 8.58 -35.00
C LEU G 80 -7.69 8.26 -35.35
N CYS G 81 -8.27 7.23 -34.72
CA CYS G 81 -9.65 6.86 -35.00
C CYS G 81 -10.61 7.96 -34.55
N SER G 82 -10.38 8.56 -33.39
CA SER G 82 -11.20 9.70 -32.99
C SER G 82 -11.08 10.85 -34.00
N TRP G 83 -9.86 11.21 -34.41
CA TRP G 83 -9.77 12.32 -35.34
C TRP G 83 -10.49 11.97 -36.63
N LEU G 84 -10.31 10.75 -37.13
CA LEU G 84 -10.95 10.36 -38.38
C LEU G 84 -12.46 10.37 -38.25
N LEU G 85 -12.97 9.94 -37.10
CA LEU G 85 -14.40 10.00 -36.83
C LEU G 85 -14.93 11.44 -36.89
N PHE G 86 -14.33 12.35 -36.10
CA PHE G 86 -14.92 13.68 -36.04
C PHE G 86 -14.64 14.47 -37.32
N ALA G 87 -13.58 14.13 -38.03
CA ALA G 87 -13.37 14.72 -39.34
C ALA G 87 -14.41 14.22 -40.31
N MET G 88 -14.79 12.96 -40.16
CA MET G 88 -15.91 12.43 -40.90
C MET G 88 -17.13 13.30 -40.69
N VAL G 89 -17.52 13.48 -39.42
CA VAL G 89 -18.70 14.27 -39.12
C VAL G 89 -18.56 15.68 -39.69
N TRP G 90 -17.39 16.31 -39.53
CA TRP G 90 -17.27 17.71 -39.96
C TRP G 90 -17.46 17.85 -41.45
N TRP G 91 -16.76 17.04 -42.24
CA TRP G 91 -16.93 17.06 -43.69
C TRP G 91 -18.38 16.77 -44.07
N LEU G 92 -19.02 15.83 -43.37
CA LEU G 92 -20.41 15.54 -43.63
C LEU G 92 -21.29 16.77 -43.44
N ILE G 93 -21.17 17.42 -42.27
CA ILE G 93 -21.97 18.61 -42.00
C ILE G 93 -21.74 19.66 -43.08
N ALA G 94 -20.45 19.96 -43.35
CA ALA G 94 -20.16 21.02 -44.31
C ALA G 94 -20.69 20.66 -45.69
N PHE G 95 -20.73 19.37 -46.03
CA PHE G 95 -21.42 18.94 -47.23
C PHE G 95 -22.89 19.31 -47.15
N ALA G 96 -23.58 18.77 -46.14
CA ALA G 96 -25.03 18.96 -46.02
C ALA G 96 -25.39 20.42 -45.84
N HIS G 97 -24.51 21.21 -45.23
CA HIS G 97 -24.80 22.64 -45.13
C HIS G 97 -24.60 23.37 -46.45
N GLY G 98 -24.22 22.66 -47.51
CA GLY G 98 -23.94 23.32 -48.75
C GLY G 98 -22.68 24.16 -48.73
N ASP G 99 -21.71 23.78 -47.89
CA ASP G 99 -20.50 24.58 -47.73
C ASP G 99 -19.35 24.08 -48.61
N LEU G 100 -19.50 22.96 -49.31
CA LEU G 100 -18.47 22.53 -50.26
C LEU G 100 -18.77 22.96 -51.69
N ALA G 101 -19.91 23.59 -51.93
CA ALA G 101 -20.11 24.11 -53.27
C ALA G 101 -19.36 25.43 -53.43
N PRO G 102 -18.76 25.66 -54.60
CA PRO G 102 -18.22 27.01 -54.90
C PRO G 102 -19.34 28.04 -54.94
N GLY G 103 -18.92 29.32 -55.00
CA GLY G 103 -19.85 30.41 -54.77
C GLY G 103 -19.77 30.89 -53.34
N GLU G 104 -18.54 31.23 -52.92
CA GLU G 104 -18.24 31.40 -51.50
C GLU G 104 -18.93 32.62 -50.90
N GLY G 105 -18.93 33.74 -51.63
CA GLY G 105 -19.21 35.03 -51.01
C GLY G 105 -20.64 35.21 -50.50
N THR G 106 -21.59 34.49 -51.09
CA THR G 106 -23.00 34.77 -50.79
C THR G 106 -23.41 34.27 -49.41
N ASN G 107 -23.05 33.03 -49.06
CA ASN G 107 -23.52 32.40 -47.84
C ASN G 107 -22.37 32.21 -46.84
N VAL G 108 -22.74 31.96 -45.59
CA VAL G 108 -21.79 31.86 -44.47
C VAL G 108 -21.49 30.39 -44.21
N PRO G 109 -20.22 29.98 -44.13
CA PRO G 109 -19.92 28.59 -43.84
C PRO G 109 -20.31 28.22 -42.42
N CYS G 110 -20.63 26.95 -42.21
CA CYS G 110 -20.96 26.54 -40.85
C CYS G 110 -19.70 26.42 -39.98
N VAL G 111 -18.57 26.03 -40.58
CA VAL G 111 -17.25 26.37 -40.05
C VAL G 111 -16.37 26.73 -41.24
N THR G 112 -15.50 27.72 -41.03
CA THR G 112 -14.94 28.48 -42.14
C THR G 112 -13.88 27.69 -42.91
N SER G 113 -13.97 27.81 -44.23
CA SER G 113 -12.94 27.35 -45.17
C SER G 113 -12.55 25.89 -44.94
N ILE G 114 -13.54 25.05 -44.66
CA ILE G 114 -13.44 23.63 -44.97
C ILE G 114 -13.64 23.50 -46.47
N HIS G 115 -12.61 23.00 -47.16
CA HIS G 115 -12.68 22.82 -48.59
C HIS G 115 -12.69 21.37 -49.02
N SER G 116 -12.23 20.45 -48.17
CA SER G 116 -12.08 19.06 -48.55
C SER G 116 -12.16 18.22 -47.30
N PHE G 117 -12.04 16.90 -47.47
CA PHE G 117 -11.85 16.09 -46.28
C PHE G 117 -10.45 16.30 -45.70
N SER G 118 -9.51 16.88 -46.45
CA SER G 118 -8.27 17.32 -45.81
C SER G 118 -8.55 18.44 -44.83
N SER G 119 -9.20 19.52 -45.29
CA SER G 119 -9.57 20.61 -44.40
C SER G 119 -10.35 20.09 -43.22
N ALA G 120 -11.29 19.17 -43.46
CA ALA G 120 -12.09 18.68 -42.35
C ALA G 120 -11.23 17.90 -41.38
N PHE G 121 -10.27 17.10 -41.89
CA PHE G 121 -9.38 16.34 -41.03
C PHE G 121 -8.48 17.25 -40.19
N LEU G 122 -7.96 18.33 -40.80
CA LEU G 122 -7.13 19.27 -40.05
C LEU G 122 -7.96 20.02 -39.03
N PHE G 123 -9.17 20.43 -39.37
CA PHE G 123 -10.01 21.13 -38.42
C PHE G 123 -10.33 20.26 -37.23
N SER G 124 -10.60 18.99 -37.51
CA SER G 124 -10.89 18.05 -36.44
C SER G 124 -9.68 17.84 -35.55
N ILE G 125 -8.49 17.67 -36.14
CA ILE G 125 -7.29 17.55 -35.32
C ILE G 125 -7.13 18.78 -34.44
N GLU G 126 -7.17 19.96 -35.06
CA GLU G 126 -6.98 21.20 -34.32
C GLU G 126 -7.95 21.35 -33.15
N VAL G 127 -9.20 20.86 -33.27
CA VAL G 127 -10.14 20.96 -32.14
C VAL G 127 -10.08 19.77 -31.18
N GLN G 128 -9.51 18.66 -31.57
CA GLN G 128 -9.36 17.62 -30.57
C GLN G 128 -8.10 17.81 -29.77
N VAL G 129 -7.03 18.23 -30.45
CA VAL G 129 -5.75 18.37 -29.79
C VAL G 129 -5.59 19.84 -29.42
N THR G 130 -6.64 20.62 -29.65
CA THR G 130 -6.76 22.00 -29.20
C THR G 130 -5.65 22.90 -29.74
N ILE G 131 -4.96 22.56 -30.82
CA ILE G 131 -4.07 23.58 -31.37
C ILE G 131 -4.90 24.70 -31.97
N GLY G 132 -5.88 24.32 -32.80
CA GLY G 132 -6.85 25.25 -33.35
C GLY G 132 -6.16 26.42 -33.98
N PHE G 133 -5.48 26.23 -35.10
CA PHE G 133 -4.85 27.40 -35.68
C PHE G 133 -5.85 28.51 -35.95
N GLY G 134 -7.14 28.19 -36.07
CA GLY G 134 -8.12 29.22 -36.30
C GLY G 134 -8.29 29.63 -37.74
N GLY G 135 -7.52 29.06 -38.66
CA GLY G 135 -7.82 29.24 -40.08
C GLY G 135 -9.16 28.67 -40.47
N ARG G 136 -9.60 27.60 -39.81
CA ARG G 136 -10.91 26.97 -40.04
C ARG G 136 -11.62 26.91 -38.67
N MET G 137 -12.28 28.00 -38.31
CA MET G 137 -12.90 28.10 -37.01
C MET G 137 -14.40 27.92 -37.15
N VAL G 138 -15.01 27.33 -36.13
CA VAL G 138 -16.46 27.18 -36.16
C VAL G 138 -17.09 28.55 -35.99
N THR G 139 -18.17 28.79 -36.72
CA THR G 139 -18.86 30.08 -36.64
C THR G 139 -20.23 29.93 -36.01
N GLU G 140 -20.79 31.05 -35.63
CA GLU G 140 -22.07 31.12 -34.92
C GLU G 140 -23.30 30.63 -35.78
N GLU G 141 -22.99 30.16 -36.98
CA GLU G 141 -24.01 30.05 -38.04
C GLU G 141 -25.02 28.90 -37.84
N CYS G 142 -24.56 27.66 -37.66
CA CYS G 142 -25.46 26.49 -37.68
C CYS G 142 -25.23 25.60 -36.46
N PRO G 143 -26.27 25.35 -35.63
CA PRO G 143 -26.05 24.69 -34.33
C PRO G 143 -25.50 23.28 -34.35
N LEU G 144 -25.97 22.40 -35.23
CA LEU G 144 -25.42 21.05 -35.15
C LEU G 144 -23.89 21.05 -35.15
N ALA G 145 -23.25 22.05 -35.79
CA ALA G 145 -21.80 22.14 -35.59
C ALA G 145 -21.47 22.50 -34.16
N ILE G 146 -22.20 23.44 -33.57
CA ILE G 146 -21.93 23.77 -32.19
C ILE G 146 -22.03 22.52 -31.33
N LEU G 147 -23.09 21.76 -31.50
CA LEU G 147 -23.31 20.55 -30.73
C LEU G 147 -22.21 19.52 -30.98
N ILE G 148 -21.78 19.39 -32.22
CA ILE G 148 -20.74 18.44 -32.55
C ILE G 148 -19.43 18.86 -31.93
N LEU G 149 -19.17 20.16 -31.88
CA LEU G 149 -17.91 20.65 -31.33
C LEU G 149 -17.89 20.50 -29.80
N ILE G 150 -19.05 20.63 -29.16
CA ILE G 150 -19.20 20.26 -27.76
C ILE G 150 -18.85 18.79 -27.57
N VAL G 151 -19.50 17.92 -28.35
CA VAL G 151 -19.25 16.49 -28.28
C VAL G 151 -17.77 16.18 -28.53
N GLN G 152 -17.15 16.89 -29.47
CA GLN G 152 -15.76 16.58 -29.82
C GLN G 152 -14.83 16.96 -28.69
N ASN G 153 -15.02 18.15 -28.11
CA ASN G 153 -14.25 18.53 -26.93
C ASN G 153 -14.47 17.56 -25.78
N ILE G 154 -15.72 17.15 -25.53
CA ILE G 154 -15.94 16.35 -24.33
C ILE G 154 -15.35 14.96 -24.51
N VAL G 155 -15.56 14.32 -25.67
CA VAL G 155 -14.95 13.00 -25.84
C VAL G 155 -13.43 13.12 -25.87
N GLY G 156 -12.89 14.23 -26.43
CA GLY G 156 -11.44 14.40 -26.40
C GLY G 156 -10.91 14.45 -24.98
N LEU G 157 -11.52 15.29 -24.14
CA LEU G 157 -11.14 15.35 -22.73
C LEU G 157 -11.23 13.98 -22.11
N MET G 158 -12.30 13.24 -22.41
CA MET G 158 -12.55 11.96 -21.77
C MET G 158 -11.46 10.94 -22.13
N ILE G 159 -11.24 10.71 -23.42
CA ILE G 159 -10.22 9.75 -23.83
C ILE G 159 -8.84 10.22 -23.43
N ASN G 160 -8.58 11.52 -23.43
CA ASN G 160 -7.26 12.01 -23.08
C ASN G 160 -6.95 11.72 -21.62
N ALA G 161 -7.91 12.02 -20.74
CA ALA G 161 -7.71 11.72 -19.33
C ALA G 161 -7.64 10.22 -19.09
N ILE G 162 -8.39 9.43 -19.86
CA ILE G 162 -8.31 7.97 -19.75
C ILE G 162 -6.90 7.49 -20.06
N MET G 163 -6.31 8.01 -21.14
CA MET G 163 -4.98 7.55 -21.53
C MET G 163 -3.92 8.10 -20.60
N LEU G 164 -3.98 9.39 -20.26
CA LEU G 164 -3.11 9.92 -19.22
C LEU G 164 -3.08 8.98 -18.02
N GLY G 165 -4.25 8.69 -17.44
CA GLY G 165 -4.28 7.89 -16.24
C GLY G 165 -3.76 6.47 -16.43
N CYS G 166 -4.13 5.85 -17.55
CA CYS G 166 -3.64 4.49 -17.79
C CYS G 166 -2.12 4.47 -17.90
N ILE G 167 -1.52 5.46 -18.56
CA ILE G 167 -0.06 5.45 -18.68
C ILE G 167 0.63 6.12 -17.50
N PHE G 168 -0.12 6.71 -16.56
CA PHE G 168 0.50 7.00 -15.26
C PHE G 168 0.62 5.71 -14.47
N MET G 169 -0.49 4.96 -14.38
CA MET G 169 -0.47 3.61 -13.83
C MET G 169 0.62 2.75 -14.48
N LYS G 170 0.89 2.99 -15.75
CA LYS G 170 1.93 2.26 -16.45
C LYS G 170 3.31 2.87 -16.24
N THR G 171 3.39 4.14 -15.87
CA THR G 171 4.68 4.68 -15.47
C THR G 171 5.08 4.19 -14.09
N ALA G 172 4.10 3.85 -13.24
CA ALA G 172 4.34 3.33 -11.90
C ALA G 172 4.33 1.81 -11.84
N GLN G 173 4.60 1.14 -12.95
CA GLN G 173 4.76 -0.32 -12.93
C GLN G 173 6.16 -0.67 -12.44
N ALA G 174 6.23 -1.60 -11.48
CA ALA G 174 7.48 -1.93 -10.81
C ALA G 174 7.94 -3.35 -11.12
N HIS G 175 7.81 -3.76 -12.39
CA HIS G 175 8.28 -5.08 -12.80
C HIS G 175 9.79 -5.09 -13.03
N ARG G 176 10.34 -3.99 -13.56
CA ARG G 176 11.76 -3.87 -13.82
C ARG G 176 12.58 -3.66 -12.57
N ARG G 177 11.91 -3.41 -11.43
CA ARG G 177 12.61 -3.31 -10.15
C ARG G 177 12.86 -4.69 -9.54
N ALA G 178 11.89 -5.59 -9.66
CA ALA G 178 12.08 -6.98 -9.26
C ALA G 178 13.00 -7.74 -10.19
N GLU G 179 13.47 -7.12 -11.27
CA GLU G 179 14.44 -7.72 -12.16
C GLU G 179 15.87 -7.60 -11.63
N THR G 180 16.07 -6.80 -10.57
CA THR G 180 17.38 -6.56 -10.01
C THR G 180 17.48 -6.99 -8.55
N LEU G 181 16.45 -7.66 -8.03
CA LEU G 181 16.55 -8.42 -6.78
C LEU G 181 16.93 -9.84 -7.16
N ILE G 182 18.13 -10.28 -6.76
CA ILE G 182 18.69 -11.50 -7.31
C ILE G 182 18.86 -12.54 -6.20
N PHE G 183 18.69 -13.81 -6.58
CA PHE G 183 18.91 -14.94 -5.71
C PHE G 183 20.09 -15.76 -6.21
N SER G 184 20.81 -16.37 -5.28
CA SER G 184 21.91 -17.25 -5.64
C SER G 184 21.39 -18.42 -6.45
N LYS G 185 22.12 -18.77 -7.52
CA LYS G 185 21.65 -19.83 -8.40
C LYS G 185 21.63 -21.18 -7.70
N HIS G 186 22.49 -21.37 -6.70
CA HIS G 186 22.58 -22.62 -5.96
C HIS G 186 22.22 -22.39 -4.51
N ALA G 187 21.29 -23.18 -3.99
CA ALA G 187 20.99 -23.22 -2.57
C ALA G 187 21.74 -24.40 -1.95
N VAL G 188 22.22 -24.23 -0.72
CA VAL G 188 23.09 -25.20 -0.09
C VAL G 188 22.53 -25.62 1.25
N ILE G 189 22.69 -26.89 1.59
CA ILE G 189 22.33 -27.42 2.91
C ILE G 189 23.62 -27.64 3.68
N THR G 190 23.74 -26.97 4.83
CA THR G 190 24.96 -27.03 5.62
C THR G 190 24.61 -27.16 7.09
N LEU G 191 25.58 -27.63 7.87
CA LEU G 191 25.40 -27.78 9.31
C LEU G 191 25.68 -26.43 9.97
N ARG G 192 24.64 -25.82 10.54
CA ARG G 192 24.77 -24.56 11.26
C ARG G 192 24.28 -24.78 12.69
N HIS G 193 25.13 -24.45 13.66
CA HIS G 193 24.80 -24.58 15.08
C HIS G 193 24.26 -25.98 15.41
N GLY G 194 24.91 -26.99 14.84
CA GLY G 194 24.56 -28.37 15.11
C GLY G 194 23.32 -28.88 14.42
N ARG G 195 22.67 -28.07 13.58
CA ARG G 195 21.44 -28.49 12.91
C ARG G 195 21.57 -28.27 11.40
N LEU G 196 20.94 -29.13 10.63
CA LEU G 196 20.92 -28.98 9.18
C LEU G 196 20.09 -27.77 8.80
N CYS G 197 20.66 -26.87 8.00
CA CYS G 197 19.98 -25.65 7.58
C CYS G 197 20.09 -25.50 6.07
N PHE G 198 18.97 -25.13 5.45
CA PHE G 198 18.87 -24.93 4.01
C PHE G 198 18.94 -23.43 3.73
N MET G 199 19.98 -23.01 3.01
CA MET G 199 20.26 -21.59 2.81
C MET G 199 20.30 -21.23 1.34
N LEU G 200 19.85 -20.00 1.05
CA LEU G 200 20.09 -19.32 -0.20
C LEU G 200 20.68 -17.95 0.13
N ARG G 201 21.06 -17.19 -0.89
CA ARG G 201 21.55 -15.84 -0.67
C ARG G 201 20.83 -14.91 -1.63
N VAL G 202 20.37 -13.76 -1.12
CA VAL G 202 19.68 -12.78 -1.95
C VAL G 202 20.40 -11.45 -1.87
N GLY G 203 20.18 -10.62 -2.88
CA GLY G 203 20.84 -9.33 -2.99
C GLY G 203 20.01 -8.27 -3.69
N ASP G 204 20.08 -7.05 -3.17
CA ASP G 204 19.38 -5.88 -3.71
C ASP G 204 20.43 -4.99 -4.36
N LEU G 205 20.41 -4.94 -5.70
CA LEU G 205 21.49 -4.27 -6.42
C LEU G 205 21.42 -2.76 -6.24
N ARG G 206 20.22 -2.19 -6.17
CA ARG G 206 20.05 -0.75 -6.18
C ARG G 206 20.18 -0.15 -4.78
N LYS G 207 20.31 1.18 -4.74
CA LYS G 207 20.36 1.89 -3.47
C LYS G 207 18.98 1.99 -2.83
N SER G 208 17.92 1.95 -3.65
CA SER G 208 16.55 2.04 -3.13
C SER G 208 16.25 0.87 -2.21
N MET G 209 15.96 1.16 -0.94
CA MET G 209 15.60 0.13 0.01
C MET G 209 14.18 -0.33 -0.28
N ILE G 210 14.03 -1.57 -0.75
CA ILE G 210 12.68 -2.09 -1.00
C ILE G 210 12.04 -2.31 0.37
N ILE G 211 11.23 -1.34 0.80
CA ILE G 211 10.83 -1.23 2.20
C ILE G 211 10.00 -2.44 2.61
N SER G 212 10.12 -2.80 3.89
CA SER G 212 9.35 -3.90 4.51
C SER G 212 9.39 -5.16 3.67
N ALA G 213 10.61 -5.66 3.46
CA ALA G 213 10.78 -6.89 2.69
C ALA G 213 10.34 -8.09 3.53
N THR G 214 9.58 -8.99 2.91
CA THR G 214 9.10 -10.19 3.59
C THR G 214 9.27 -11.38 2.65
N ILE G 215 9.78 -12.49 3.18
CA ILE G 215 10.13 -13.65 2.35
C ILE G 215 9.27 -14.84 2.76
N HIS G 216 8.66 -15.48 1.76
CA HIS G 216 7.88 -16.70 1.95
C HIS G 216 8.51 -17.81 1.11
N MET G 217 8.79 -18.94 1.76
CA MET G 217 9.37 -20.10 1.09
C MET G 217 8.42 -21.27 1.23
N GLN G 218 8.22 -22.01 0.13
CA GLN G 218 7.32 -23.15 0.12
C GLN G 218 7.99 -24.31 -0.60
N VAL G 219 7.89 -25.49 -0.01
CA VAL G 219 8.41 -26.71 -0.62
C VAL G 219 7.30 -27.30 -1.48
N VAL G 220 7.37 -27.05 -2.79
CA VAL G 220 6.43 -27.58 -3.75
C VAL G 220 6.82 -29.02 -4.08
N ARG G 221 5.97 -29.97 -3.68
CA ARG G 221 6.24 -31.39 -3.84
C ARG G 221 4.92 -32.13 -3.79
N LYS G 222 4.80 -33.18 -4.58
CA LYS G 222 3.57 -33.96 -4.61
C LYS G 222 3.41 -34.73 -3.31
N THR G 223 2.28 -34.52 -2.64
CA THR G 223 2.03 -35.05 -1.31
C THR G 223 0.89 -36.06 -1.38
N THR G 224 1.14 -37.27 -0.86
CA THR G 224 0.15 -38.32 -0.77
C THR G 224 -0.38 -38.37 0.66
N SER G 225 -1.72 -38.32 0.80
CA SER G 225 -2.29 -38.28 2.14
C SER G 225 -2.52 -39.69 2.68
N PRO G 226 -2.37 -39.88 3.99
CA PRO G 226 -2.68 -41.19 4.58
C PRO G 226 -4.13 -41.62 4.39
N GLU G 227 -5.05 -40.68 4.21
CA GLU G 227 -6.44 -40.99 3.95
C GLU G 227 -6.73 -41.20 2.46
N GLY G 228 -5.72 -41.07 1.61
CA GLY G 228 -5.87 -41.39 0.20
C GLY G 228 -6.14 -40.20 -0.70
N GLU G 229 -5.43 -39.09 -0.47
CA GLU G 229 -5.58 -37.90 -1.31
C GLU G 229 -4.21 -37.46 -1.78
N VAL G 230 -4.02 -37.41 -3.10
CA VAL G 230 -2.76 -37.00 -3.70
C VAL G 230 -3.00 -35.71 -4.48
N VAL G 231 -2.35 -34.64 -4.04
CA VAL G 231 -2.46 -33.33 -4.69
C VAL G 231 -1.19 -33.08 -5.50
N PRO G 232 -1.32 -32.57 -6.73
CA PRO G 232 -0.20 -32.65 -7.68
C PRO G 232 0.85 -31.55 -7.55
N LEU G 233 0.51 -30.41 -6.93
CA LEU G 233 1.46 -29.31 -6.75
C LEU G 233 1.34 -28.76 -5.34
N HIS G 234 1.28 -29.64 -4.35
CA HIS G 234 1.10 -29.23 -2.97
C HIS G 234 2.17 -28.25 -2.54
N GLN G 235 1.77 -27.20 -1.84
CA GLN G 235 2.69 -26.16 -1.37
C GLN G 235 2.62 -26.11 0.15
N VAL G 236 3.74 -26.44 0.80
CA VAL G 236 3.86 -26.40 2.26
C VAL G 236 4.82 -25.27 2.60
N ASP G 237 4.35 -24.29 3.36
CA ASP G 237 5.19 -23.18 3.76
C ASP G 237 6.20 -23.66 4.79
N ILE G 238 7.47 -23.31 4.59
CA ILE G 238 8.55 -23.66 5.50
C ILE G 238 8.96 -22.40 6.25
N PRO G 239 9.08 -22.44 7.58
CA PRO G 239 9.29 -21.20 8.35
C PRO G 239 10.72 -20.69 8.21
N MET G 240 10.84 -19.42 7.86
CA MET G 240 12.15 -18.78 7.82
C MET G 240 12.66 -18.52 9.24
N GLU G 241 13.91 -18.89 9.49
CA GLU G 241 14.47 -18.79 10.83
C GLU G 241 14.83 -17.34 11.14
N ASN G 242 14.16 -16.76 12.14
CA ASN G 242 14.43 -15.42 12.61
C ASN G 242 14.41 -15.41 14.13
N GLY G 243 15.21 -14.52 14.73
CA GLY G 243 15.18 -14.36 16.17
C GLY G 243 13.86 -13.81 16.67
N VAL G 244 13.20 -12.98 15.87
CA VAL G 244 11.88 -12.44 16.23
C VAL G 244 10.76 -13.41 15.88
N GLY G 245 11.05 -14.46 15.12
CA GLY G 245 10.01 -15.40 14.74
C GLY G 245 9.09 -14.89 13.66
N GLY G 246 9.63 -14.19 12.66
CA GLY G 246 8.83 -13.66 11.58
C GLY G 246 9.44 -13.93 10.23
N ASN G 247 8.88 -13.31 9.19
CA ASN G 247 9.36 -13.45 7.82
C ASN G 247 9.61 -12.04 7.27
N GLY G 248 10.79 -11.49 7.54
CA GLY G 248 11.11 -10.15 7.10
C GLY G 248 12.59 -9.86 7.22
N ILE G 249 13.14 -9.17 6.23
CA ILE G 249 14.58 -8.93 6.18
C ILE G 249 14.84 -7.44 5.92
N PHE G 250 15.96 -6.97 6.44
CA PHE G 250 16.49 -5.66 6.07
C PHE G 250 17.55 -5.91 5.00
N LEU G 251 17.20 -5.60 3.75
CA LEU G 251 17.99 -5.98 2.58
C LEU G 251 18.71 -4.74 2.03
N VAL G 252 19.99 -4.60 2.39
CA VAL G 252 20.90 -3.69 1.73
C VAL G 252 22.16 -4.41 1.23
N ALA G 253 22.83 -5.12 2.14
CA ALA G 253 23.92 -6.02 1.75
C ALA G 253 23.37 -7.43 1.54
N PRO G 254 23.87 -8.16 0.53
CA PRO G 254 23.32 -9.48 0.23
C PRO G 254 23.41 -10.41 1.43
N LEU G 255 22.29 -11.03 1.77
CA LEU G 255 22.19 -11.80 3.00
C LEU G 255 21.75 -13.23 2.72
N ILE G 256 22.05 -14.09 3.69
CA ILE G 256 21.75 -15.50 3.59
C ILE G 256 20.42 -15.77 4.29
N ILE G 257 19.45 -16.27 3.53
CA ILE G 257 18.17 -16.70 4.07
C ILE G 257 18.26 -18.19 4.28
N TYR G 258 18.17 -18.62 5.54
CA TYR G 258 18.30 -20.04 5.86
C TYR G 258 17.10 -20.49 6.69
N HIS G 259 16.79 -21.77 6.56
CA HIS G 259 15.68 -22.42 7.23
C HIS G 259 16.22 -23.62 8.01
N VAL G 260 15.86 -23.68 9.29
CA VAL G 260 16.27 -24.79 10.16
C VAL G 260 15.35 -25.97 9.90
N ILE G 261 15.96 -27.14 9.64
CA ILE G 261 15.22 -28.31 9.20
C ILE G 261 15.08 -29.29 10.37
N ASP G 262 15.03 -28.75 11.59
CA ASP G 262 15.01 -29.58 12.79
C ASP G 262 13.89 -30.62 12.74
N SER G 263 12.64 -30.18 12.67
CA SER G 263 11.50 -31.08 12.69
C SER G 263 10.24 -30.29 12.33
N ASN G 264 9.10 -30.99 12.38
CA ASN G 264 7.76 -30.43 12.18
C ASN G 264 7.69 -29.51 10.95
N SER G 265 8.55 -29.75 9.98
CA SER G 265 8.56 -29.00 8.74
C SER G 265 9.09 -29.90 7.65
N PRO G 266 8.76 -29.63 6.37
CA PRO G 266 9.25 -30.48 5.28
C PRO G 266 10.77 -30.49 5.21
N LEU G 267 11.32 -31.32 4.31
CA LEU G 267 12.75 -31.59 4.17
C LEU G 267 13.32 -32.33 5.37
N TYR G 268 12.47 -32.81 6.28
CA TYR G 268 12.96 -33.56 7.44
C TYR G 268 13.65 -34.84 7.01
N ASP G 269 13.15 -35.48 5.95
CA ASP G 269 13.66 -36.75 5.48
C ASP G 269 14.45 -36.61 4.18
N LEU G 270 15.13 -35.48 4.01
CA LEU G 270 15.87 -35.18 2.78
C LEU G 270 17.25 -35.78 2.89
N ALA G 271 17.42 -36.99 2.34
CA ALA G 271 18.73 -37.61 2.29
C ALA G 271 19.59 -36.97 1.21
N PRO G 272 20.91 -36.92 1.40
CA PRO G 272 21.78 -36.34 0.37
C PRO G 272 21.75 -37.08 -0.95
N SER G 273 21.18 -38.28 -0.99
CA SER G 273 21.10 -39.04 -2.23
C SER G 273 19.92 -38.62 -3.08
N ASP G 274 18.84 -38.13 -2.47
CA ASP G 274 17.63 -37.76 -3.18
C ASP G 274 17.75 -36.42 -3.91
N LEU G 275 18.93 -35.84 -3.96
CA LEU G 275 19.14 -34.55 -4.62
C LEU G 275 19.73 -34.80 -6.02
N HIS G 276 18.86 -35.23 -6.93
CA HIS G 276 19.21 -35.38 -8.34
C HIS G 276 18.11 -34.71 -9.17
N HIS G 277 18.26 -34.79 -10.50
CA HIS G 277 17.42 -34.00 -11.39
C HIS G 277 15.96 -34.43 -11.31
N HIS G 278 15.68 -35.71 -11.53
CA HIS G 278 14.30 -36.16 -11.66
C HIS G 278 13.62 -36.44 -10.32
N GLN G 279 14.15 -35.92 -9.22
CA GLN G 279 13.48 -36.01 -7.94
C GLN G 279 12.36 -35.00 -7.87
N ASP G 280 11.17 -35.45 -7.50
CA ASP G 280 10.04 -34.54 -7.34
C ASP G 280 10.23 -33.73 -6.08
N LEU G 281 10.91 -32.59 -6.19
CA LEU G 281 11.16 -31.71 -5.04
C LEU G 281 11.53 -30.35 -5.58
N GLU G 282 10.77 -29.33 -5.20
CA GLU G 282 11.10 -27.97 -5.57
C GLU G 282 10.91 -27.07 -4.35
N ILE G 283 11.67 -25.98 -4.30
CA ILE G 283 11.50 -24.98 -3.26
C ILE G 283 11.38 -23.62 -3.94
N ILE G 284 10.22 -22.98 -3.79
CA ILE G 284 9.98 -21.65 -4.32
C ILE G 284 10.19 -20.64 -3.19
N VAL G 285 10.80 -19.50 -3.53
CA VAL G 285 10.96 -18.39 -2.59
C VAL G 285 10.40 -17.15 -3.26
N ILE G 286 9.74 -16.31 -2.45
CA ILE G 286 8.94 -15.18 -2.93
C ILE G 286 9.13 -14.06 -1.93
N LEU G 287 9.78 -12.98 -2.34
CA LEU G 287 9.98 -11.85 -1.44
C LEU G 287 9.20 -10.65 -1.97
N GLU G 288 8.41 -10.06 -1.10
CA GLU G 288 7.52 -8.96 -1.44
C GLU G 288 7.84 -7.75 -0.58
N GLY G 289 7.70 -6.57 -1.17
CA GLY G 289 7.92 -5.34 -0.43
C GLY G 289 7.68 -4.13 -1.32
N VAL G 290 7.34 -2.99 -0.73
CA VAL G 290 7.13 -1.79 -1.53
C VAL G 290 8.47 -1.21 -1.93
N VAL G 291 8.57 -0.74 -3.16
CA VAL G 291 9.77 -0.02 -3.57
C VAL G 291 9.80 1.32 -2.83
N GLU G 292 10.99 1.79 -2.51
CA GLU G 292 11.08 3.00 -1.68
C GLU G 292 10.59 4.23 -2.42
N THR G 293 10.67 4.24 -3.75
CA THR G 293 10.51 5.47 -4.50
C THR G 293 9.10 5.66 -5.03
N THR G 294 8.61 4.74 -5.86
CA THR G 294 7.24 4.83 -6.34
C THR G 294 6.24 4.28 -5.32
N GLY G 295 6.71 3.79 -4.18
CA GLY G 295 5.80 3.38 -3.11
C GLY G 295 4.78 2.35 -3.53
N ILE G 296 5.21 1.35 -4.31
CA ILE G 296 4.33 0.31 -4.81
C ILE G 296 4.91 -1.05 -4.47
N THR G 297 4.07 -1.93 -3.94
CA THR G 297 4.51 -3.29 -3.61
C THR G 297 4.95 -4.03 -4.85
N THR G 298 6.05 -4.78 -4.73
CA THR G 298 6.52 -5.64 -5.80
C THR G 298 6.94 -6.98 -5.19
N GLN G 299 7.31 -7.91 -6.06
CA GLN G 299 7.57 -9.29 -5.66
C GLN G 299 8.59 -9.90 -6.60
N ALA G 300 9.63 -10.50 -6.03
CA ALA G 300 10.65 -11.22 -6.77
C ALA G 300 10.66 -12.66 -6.29
N ARG G 301 10.62 -13.60 -7.22
CA ARG G 301 10.52 -15.00 -6.84
C ARG G 301 11.48 -15.85 -7.66
N THR G 302 11.87 -17.00 -7.08
CA THR G 302 12.75 -17.95 -7.76
C THR G 302 12.48 -19.34 -7.21
N SER G 303 13.05 -20.35 -7.88
CA SER G 303 12.83 -21.75 -7.52
C SER G 303 14.11 -22.57 -7.64
N TYR G 304 14.27 -23.51 -6.71
CA TYR G 304 15.36 -24.48 -6.73
C TYR G 304 14.78 -25.87 -6.90
N LEU G 305 15.17 -26.54 -7.97
CA LEU G 305 14.86 -27.95 -8.12
C LEU G 305 15.86 -28.79 -7.31
N ALA G 306 15.60 -30.09 -7.24
CA ALA G 306 16.42 -30.96 -6.41
C ALA G 306 17.87 -31.00 -6.87
N ASP G 307 18.15 -30.68 -8.12
CA ASP G 307 19.52 -30.63 -8.59
C ASP G 307 20.18 -29.27 -8.34
N GLU G 308 19.38 -28.20 -8.33
CA GLU G 308 19.93 -26.88 -8.06
C GLU G 308 20.49 -26.80 -6.64
N ILE G 309 19.85 -27.49 -5.70
CA ILE G 309 20.24 -27.41 -4.29
C ILE G 309 21.44 -28.33 -4.07
N LEU G 310 22.55 -27.76 -3.60
CA LEU G 310 23.77 -28.50 -3.35
C LEU G 310 23.84 -28.94 -1.88
N TRP G 311 24.60 -29.99 -1.63
CA TRP G 311 24.76 -30.55 -0.30
C TRP G 311 26.18 -30.35 0.19
N GLY G 312 26.32 -29.99 1.47
CA GLY G 312 27.63 -29.88 2.06
C GLY G 312 28.44 -28.68 1.62
N GLN G 313 27.79 -27.63 1.14
CA GLN G 313 28.44 -26.40 0.76
C GLN G 313 28.02 -25.28 1.70
N ARG G 314 28.83 -24.22 1.75
CA ARG G 314 28.50 -23.04 2.51
C ARG G 314 28.87 -21.80 1.71
N PHE G 315 28.04 -20.77 1.81
CA PHE G 315 28.23 -19.58 1.00
C PHE G 315 29.51 -18.85 1.39
N VAL G 316 30.29 -18.47 0.39
CA VAL G 316 31.55 -17.74 0.65
C VAL G 316 31.22 -16.34 1.16
N PRO G 317 31.96 -15.82 2.15
CA PRO G 317 31.69 -14.45 2.63
C PRO G 317 31.82 -13.42 1.52
N ILE G 318 31.04 -12.35 1.64
CA ILE G 318 30.90 -11.33 0.61
C ILE G 318 31.32 -9.95 1.12
N VAL G 319 30.77 -9.53 2.26
CA VAL G 319 31.13 -8.25 2.83
C VAL G 319 32.58 -8.25 3.25
N ALA G 320 33.28 -7.15 2.96
CA ALA G 320 34.65 -6.95 3.40
C ALA G 320 34.82 -5.50 3.78
N GLU G 321 35.43 -5.24 4.93
CA GLU G 321 35.65 -3.88 5.38
C GLU G 321 36.73 -3.22 4.53
N GLU G 322 36.33 -2.33 3.63
CA GLU G 322 37.24 -1.63 2.74
C GLU G 322 37.78 -0.38 3.45
N ASP G 323 38.35 0.55 2.67
CA ASP G 323 38.95 1.78 3.17
C ASP G 323 38.17 2.40 4.33
N GLY G 324 36.89 2.68 4.13
CA GLY G 324 36.08 3.25 5.20
C GLY G 324 34.63 2.80 5.21
N ARG G 325 34.31 1.76 4.43
CA ARG G 325 32.93 1.31 4.27
C ARG G 325 32.90 -0.21 4.27
N TYR G 326 31.69 -0.76 4.11
CA TYR G 326 31.50 -2.21 4.04
C TYR G 326 31.31 -2.58 2.57
N SER G 327 32.42 -2.81 1.87
CA SER G 327 32.35 -3.10 0.45
C SER G 327 31.83 -4.52 0.23
N VAL G 328 30.77 -4.64 -0.56
CA VAL G 328 30.19 -5.92 -0.91
C VAL G 328 30.68 -6.30 -2.30
N ASP G 329 31.28 -7.49 -2.41
CA ASP G 329 31.81 -8.00 -3.68
C ASP G 329 30.81 -8.99 -4.27
N TYR G 330 30.15 -8.59 -5.36
CA TYR G 330 29.14 -9.44 -5.98
C TYR G 330 29.74 -10.49 -6.92
N SER G 331 31.05 -10.50 -7.10
CA SER G 331 31.68 -11.53 -7.92
C SER G 331 31.51 -12.91 -7.30
N LYS G 332 31.72 -13.00 -5.99
CA LYS G 332 31.61 -14.26 -5.27
C LYS G 332 30.20 -14.54 -4.77
N PHE G 333 29.19 -13.96 -5.44
CA PHE G 333 27.82 -14.00 -4.91
C PHE G 333 27.33 -15.43 -4.70
N GLY G 334 27.48 -16.28 -5.71
CA GLY G 334 26.98 -17.64 -5.61
C GLY G 334 28.04 -18.73 -5.71
N ASN G 335 29.18 -18.54 -5.04
CA ASN G 335 30.30 -19.46 -5.23
C ASN G 335 30.16 -20.73 -4.39
N THR G 336 29.72 -20.61 -3.14
CA THR G 336 29.30 -21.76 -2.32
C THR G 336 30.44 -22.78 -2.16
N ILE G 337 31.47 -22.36 -1.43
CA ILE G 337 32.55 -23.27 -1.06
C ILE G 337 31.99 -24.48 -0.29
N LYS G 338 32.63 -25.64 -0.48
CA LYS G 338 32.21 -26.87 0.17
C LYS G 338 32.91 -27.05 1.51
N VAL G 339 32.22 -27.71 2.43
CA VAL G 339 32.72 -27.88 3.80
C VAL G 339 32.25 -29.23 4.32
N PRO G 340 33.09 -29.96 5.06
CA PRO G 340 32.68 -31.28 5.56
C PRO G 340 31.46 -31.22 6.45
N THR G 341 30.37 -31.83 5.98
CA THR G 341 29.11 -31.95 6.70
C THR G 341 28.70 -33.42 6.75
N PRO G 342 28.01 -33.84 7.81
CA PRO G 342 27.55 -35.23 7.89
C PRO G 342 26.48 -35.55 6.85
N LEU G 343 26.81 -36.36 5.85
CA LEU G 343 25.88 -36.65 4.76
C LEU G 343 24.91 -37.74 5.19
N CYS G 344 23.74 -37.31 5.66
CA CYS G 344 22.64 -38.18 6.07
C CYS G 344 21.42 -37.28 6.28
N THR G 345 20.29 -37.90 6.54
CA THR G 345 19.08 -37.11 6.75
C THR G 345 19.07 -36.48 8.13
N ALA G 346 18.29 -35.40 8.27
CA ALA G 346 18.23 -34.68 9.54
C ALA G 346 17.59 -35.52 10.64
N ARG G 347 16.64 -36.38 10.28
CA ARG G 347 16.06 -37.31 11.24
C ARG G 347 17.14 -38.23 11.82
N GLN G 348 18.02 -38.75 10.96
CA GLN G 348 19.13 -39.55 11.45
C GLN G 348 20.10 -38.72 12.27
N LEU G 349 20.22 -37.42 11.99
CA LEU G 349 21.07 -36.55 12.81
C LEU G 349 20.51 -36.45 14.22
N ASP G 350 19.19 -36.22 14.34
CA ASP G 350 18.57 -36.18 15.66
C ASP G 350 18.65 -37.52 16.37
N GLU G 351 18.49 -38.62 15.63
CA GLU G 351 18.62 -39.95 16.24
C GLU G 351 20.03 -40.18 16.75
N ASP G 352 21.04 -39.76 16.01
CA ASP G 352 22.42 -39.92 16.46
C ASP G 352 22.72 -39.06 17.68
N ARG G 353 22.17 -37.84 17.72
CA ARG G 353 22.34 -37.02 18.92
C ARG G 353 21.68 -37.68 20.12
N SER G 354 20.48 -38.24 19.94
CA SER G 354 19.79 -38.91 21.04
C SER G 354 20.55 -40.14 21.50
N LEU G 355 21.18 -40.87 20.57
CA LEU G 355 21.93 -42.06 20.95
C LEU G 355 23.23 -41.70 21.66
N LEU G 356 23.90 -40.63 21.20
CA LEU G 356 25.11 -40.19 21.89
C LEU G 356 24.79 -39.63 23.28
N ASP G 357 23.62 -39.02 23.45
CA ASP G 357 23.24 -38.51 24.77
C ASP G 357 22.98 -39.66 25.74
N ALA G 358 22.29 -40.70 25.28
CA ALA G 358 21.99 -41.85 26.12
C ALA G 358 22.28 -43.16 25.39
N PRO H 2 -8.34 16.78 -58.18
CA PRO H 2 -7.62 15.65 -57.59
C PRO H 2 -8.38 14.99 -56.45
N LEU H 3 -8.88 13.77 -56.69
CA LEU H 3 -9.51 12.94 -55.66
C LEU H 3 -10.63 13.69 -54.94
N ALA H 4 -11.69 13.98 -55.70
CA ALA H 4 -12.91 14.52 -55.13
C ALA H 4 -13.91 13.40 -54.94
N PHE H 5 -14.62 13.42 -53.80
CA PHE H 5 -15.64 12.41 -53.52
C PHE H 5 -16.72 12.40 -54.59
N CYS H 6 -17.43 13.49 -54.74
CA CYS H 6 -18.28 13.63 -55.91
C CYS H 6 -17.42 14.33 -56.95
N GLY H 7 -16.87 13.53 -57.87
CA GLY H 7 -15.85 13.98 -58.80
C GLY H 7 -16.07 15.37 -59.34
N THR H 8 -15.00 16.15 -59.46
CA THR H 8 -15.13 17.55 -59.87
C THR H 8 -15.72 17.68 -61.27
N GLU H 9 -16.96 18.16 -61.34
CA GLU H 9 -17.69 18.29 -62.59
C GLU H 9 -18.46 19.60 -62.59
N ASN H 10 -18.44 20.30 -63.72
CA ASN H 10 -19.11 21.59 -63.86
C ASN H 10 -18.76 22.51 -62.69
N HIS H 11 -17.48 22.55 -62.35
CA HIS H 11 -16.98 23.29 -61.19
C HIS H 11 -17.57 22.73 -59.89
N SER H 12 -17.50 21.40 -59.75
CA SER H 12 -17.92 20.67 -58.56
C SER H 12 -19.40 20.89 -58.25
N ALA H 13 -20.22 20.99 -59.31
CA ALA H 13 -21.66 21.14 -59.15
C ALA H 13 -22.30 19.96 -58.43
N ALA H 14 -21.58 18.84 -58.33
CA ALA H 14 -22.10 17.67 -57.64
C ALA H 14 -22.27 17.89 -56.15
N TYR H 15 -21.61 18.89 -55.59
CA TYR H 15 -21.73 19.15 -54.16
C TYR H 15 -22.88 20.06 -53.81
N ARG H 16 -23.43 20.81 -54.75
CA ARG H 16 -24.52 21.72 -54.43
C ARG H 16 -25.72 20.92 -53.94
N VAL H 17 -26.10 21.13 -52.68
CA VAL H 17 -27.21 20.41 -52.07
C VAL H 17 -28.48 21.26 -52.03
N ASP H 18 -28.54 22.33 -52.83
CA ASP H 18 -29.68 23.24 -52.80
C ASP H 18 -31.00 22.56 -53.06
N GLN H 19 -30.99 21.33 -53.55
CA GLN H 19 -32.20 20.66 -54.03
C GLN H 19 -32.82 19.75 -52.98
N GLY H 20 -32.67 20.05 -51.70
CA GLY H 20 -33.14 19.07 -50.73
C GLY H 20 -32.13 17.98 -50.42
N VAL H 21 -31.15 18.29 -49.58
CA VAL H 21 -29.91 17.53 -49.40
C VAL H 21 -30.09 16.03 -49.55
N LEU H 22 -31.08 15.45 -48.87
CA LEU H 22 -31.19 14.00 -48.86
C LEU H 22 -31.41 13.39 -50.24
N ASN H 23 -31.97 14.15 -51.19
CA ASN H 23 -32.15 13.65 -52.54
C ASN H 23 -31.04 14.08 -53.49
N ASN H 24 -29.93 14.61 -52.95
CA ASN H 24 -28.70 14.75 -53.71
C ASN H 24 -27.88 13.47 -53.57
N GLY H 25 -27.91 12.66 -54.62
CA GLY H 25 -27.02 11.53 -54.68
C GLY H 25 -25.59 11.96 -54.50
N CYS H 26 -24.76 11.00 -54.11
CA CYS H 26 -23.36 11.21 -53.74
C CYS H 26 -23.27 11.96 -52.41
N PHE H 27 -24.40 12.38 -51.85
CA PHE H 27 -24.47 12.66 -50.42
C PHE H 27 -25.14 11.53 -49.67
N VAL H 28 -26.23 10.99 -50.21
CA VAL H 28 -26.79 9.77 -49.68
C VAL H 28 -25.78 8.64 -49.82
N ASP H 29 -24.97 8.68 -50.89
CA ASP H 29 -23.87 7.74 -51.01
C ASP H 29 -22.80 8.02 -49.96
N ALA H 30 -22.65 9.29 -49.57
CA ALA H 30 -21.71 9.65 -48.51
C ALA H 30 -22.23 9.23 -47.14
N LEU H 31 -23.55 9.18 -46.98
CA LEU H 31 -24.08 8.79 -45.69
C LEU H 31 -23.73 7.35 -45.35
N ASN H 32 -23.50 6.51 -46.37
CA ASN H 32 -23.15 5.13 -46.12
C ASN H 32 -21.75 5.01 -45.55
N VAL H 33 -20.82 5.87 -45.99
CA VAL H 33 -19.44 5.81 -45.51
C VAL H 33 -19.36 5.95 -43.99
N VAL H 34 -20.38 6.52 -43.38
CA VAL H 34 -20.39 6.88 -41.96
C VAL H 34 -20.59 5.67 -41.06
N PRO H 35 -21.62 4.83 -41.23
CA PRO H 35 -21.78 3.70 -40.29
C PRO H 35 -20.64 2.71 -40.35
N HIS H 36 -20.01 2.56 -41.51
CA HIS H 36 -18.85 1.69 -41.63
C HIS H 36 -17.66 2.26 -40.87
N VAL H 37 -17.46 3.58 -40.93
CA VAL H 37 -16.46 4.22 -40.10
C VAL H 37 -16.78 4.03 -38.62
N PHE H 38 -18.06 4.12 -38.26
CA PHE H 38 -18.49 3.92 -36.88
C PHE H 38 -18.07 2.54 -36.38
N LEU H 39 -18.37 1.50 -37.16
CA LEU H 39 -18.01 0.15 -36.76
C LEU H 39 -16.50 0.00 -36.66
N LEU H 40 -15.78 0.38 -37.72
CA LEU H 40 -14.32 0.28 -37.70
C LEU H 40 -13.72 0.93 -36.47
N PHE H 41 -14.15 2.15 -36.16
CA PHE H 41 -13.47 2.90 -35.12
C PHE H 41 -13.96 2.57 -33.73
N ILE H 42 -15.17 2.04 -33.58
CA ILE H 42 -15.55 1.53 -32.27
C ILE H 42 -14.86 0.21 -32.01
N THR H 43 -14.54 -0.55 -33.06
CA THR H 43 -14.13 -1.92 -32.85
C THR H 43 -12.61 -2.10 -32.78
N PHE H 44 -11.87 -1.50 -33.72
CA PHE H 44 -10.42 -1.68 -33.75
C PHE H 44 -9.73 -1.47 -32.41
N PRO H 45 -10.06 -0.46 -31.60
CA PRO H 45 -9.49 -0.40 -30.25
C PRO H 45 -9.81 -1.61 -29.39
N ILE H 46 -11.09 -2.04 -29.35
CA ILE H 46 -11.44 -3.18 -28.52
C ILE H 46 -10.77 -4.45 -29.05
N LEU H 47 -10.75 -4.61 -30.37
CA LEU H 47 -10.13 -5.78 -30.96
C LEU H 47 -8.65 -5.84 -30.64
N PHE H 48 -7.97 -4.70 -30.63
CA PHE H 48 -6.54 -4.71 -30.36
C PHE H 48 -6.21 -4.79 -28.88
N ILE H 49 -7.12 -4.35 -28.01
CA ILE H 49 -6.90 -4.57 -26.57
C ILE H 49 -7.12 -6.05 -26.25
N GLY H 50 -8.12 -6.68 -26.85
CA GLY H 50 -8.32 -8.11 -26.67
C GLY H 50 -7.31 -8.97 -27.40
N TRP H 51 -6.65 -8.42 -28.42
CA TRP H 51 -5.63 -9.15 -29.16
C TRP H 51 -4.26 -9.08 -28.51
N GLY H 52 -4.05 -8.14 -27.59
CA GLY H 52 -2.80 -8.05 -26.87
C GLY H 52 -2.53 -9.23 -25.96
N HIS H 61 -3.77 -19.08 -21.56
CA HIS H 61 -5.17 -19.44 -21.37
C HIS H 61 -5.68 -20.43 -22.42
N HIS H 62 -6.91 -20.90 -22.23
CA HIS H 62 -7.57 -21.84 -23.13
C HIS H 62 -9.06 -21.77 -22.84
N SER H 63 -9.84 -21.37 -23.84
CA SER H 63 -11.17 -20.83 -23.55
C SER H 63 -12.28 -21.88 -23.52
N THR H 64 -12.27 -22.84 -24.44
CA THR H 64 -13.45 -23.67 -24.71
C THR H 64 -14.66 -22.80 -25.04
N TRP H 65 -14.53 -22.12 -26.17
CA TRP H 65 -15.48 -21.14 -26.71
C TRP H 65 -16.90 -21.68 -26.81
N LEU H 66 -17.86 -20.77 -26.97
CA LEU H 66 -19.27 -21.09 -27.11
C LEU H 66 -19.85 -20.33 -28.30
N HIS H 67 -20.84 -20.93 -28.95
CA HIS H 67 -21.47 -20.32 -30.13
C HIS H 67 -22.73 -19.56 -29.73
N PHE H 68 -22.88 -18.33 -30.25
CA PHE H 68 -24.17 -17.67 -30.08
C PHE H 68 -25.16 -18.20 -31.11
N PRO H 69 -26.43 -18.33 -30.73
CA PRO H 69 -27.42 -18.95 -31.62
C PRO H 69 -27.72 -18.07 -32.83
N GLY H 70 -27.81 -18.71 -33.99
CA GLY H 70 -27.77 -18.00 -35.25
C GLY H 70 -26.39 -17.92 -35.85
N HIS H 71 -25.45 -18.74 -35.34
CA HIS H 71 -24.05 -18.67 -35.72
C HIS H 71 -23.85 -18.94 -37.20
N ASN H 72 -24.18 -20.16 -37.64
CA ASN H 72 -23.99 -20.53 -39.04
C ASN H 72 -24.73 -19.56 -39.96
N LEU H 73 -25.93 -19.14 -39.55
CA LEU H 73 -26.73 -18.25 -40.39
C LEU H 73 -26.01 -16.93 -40.63
N ARG H 74 -25.50 -16.32 -39.56
CA ARG H 74 -24.82 -15.04 -39.73
C ARG H 74 -23.52 -15.20 -40.50
N TRP H 75 -22.84 -16.35 -40.37
CA TRP H 75 -21.67 -16.56 -41.21
C TRP H 75 -22.06 -16.60 -42.68
N ILE H 76 -23.08 -17.38 -43.02
CA ILE H 76 -23.56 -17.45 -44.40
C ILE H 76 -23.92 -16.06 -44.91
N LEU H 77 -24.64 -15.30 -44.08
CA LEU H 77 -25.06 -13.96 -44.46
C LEU H 77 -23.86 -13.05 -44.73
N THR H 78 -22.84 -13.12 -43.87
CA THR H 78 -21.69 -12.24 -44.07
C THR H 78 -20.87 -12.67 -45.29
N PHE H 79 -20.85 -13.95 -45.60
CA PHE H 79 -20.22 -14.39 -46.84
C PHE H 79 -20.94 -13.78 -48.05
N ILE H 80 -22.27 -13.93 -48.09
CA ILE H 80 -23.04 -13.32 -49.17
C ILE H 80 -22.81 -11.81 -49.20
N LEU H 81 -22.63 -11.19 -48.02
CA LEU H 81 -22.45 -9.76 -47.94
C LEU H 81 -21.15 -9.32 -48.60
N LEU H 82 -20.04 -9.97 -48.23
CA LEU H 82 -18.76 -9.71 -48.88
C LEU H 82 -18.83 -9.98 -50.38
N PHE H 83 -19.65 -10.95 -50.80
CA PHE H 83 -19.78 -11.20 -52.24
C PHE H 83 -20.44 -10.02 -52.93
N VAL H 84 -21.60 -9.58 -52.42
CA VAL H 84 -22.30 -8.47 -53.05
C VAL H 84 -21.46 -7.21 -52.99
N LEU H 85 -20.62 -7.08 -51.97
CA LEU H 85 -19.77 -5.89 -51.89
C LEU H 85 -18.63 -5.95 -52.89
N VAL H 86 -18.08 -7.14 -53.18
CA VAL H 86 -17.14 -7.24 -54.28
C VAL H 86 -17.81 -6.85 -55.58
N CYS H 87 -19.05 -7.32 -55.78
CA CYS H 87 -19.78 -6.96 -56.99
C CYS H 87 -20.04 -5.46 -57.06
N GLU H 88 -20.23 -4.81 -55.91
CA GLU H 88 -20.52 -3.39 -55.90
C GLU H 88 -19.27 -2.56 -56.19
N ILE H 89 -18.15 -2.93 -55.57
CA ILE H 89 -16.87 -2.34 -55.97
C ILE H 89 -16.68 -2.47 -57.47
N ALA H 90 -16.99 -3.65 -58.01
CA ALA H 90 -16.79 -3.87 -59.44
C ALA H 90 -17.68 -2.95 -60.25
N GLU H 91 -18.97 -2.92 -59.93
CA GLU H 91 -19.89 -2.11 -60.71
C GLU H 91 -19.54 -0.63 -60.62
N GLY H 92 -19.05 -0.16 -59.47
CA GLY H 92 -18.63 1.22 -59.35
C GLY H 92 -17.42 1.55 -60.20
N ILE H 93 -16.32 0.79 -60.00
CA ILE H 93 -15.09 1.04 -60.74
C ILE H 93 -15.34 0.94 -62.24
N LEU H 94 -16.14 -0.04 -62.66
CA LEU H 94 -16.59 -0.09 -64.05
C LEU H 94 -17.39 1.15 -64.40
N SER H 95 -18.16 1.67 -63.45
CA SER H 95 -19.16 2.67 -63.73
C SER H 95 -18.61 4.06 -63.86
N ASP H 96 -17.37 4.31 -63.46
CA ASP H 96 -16.76 5.60 -63.74
C ASP H 96 -15.50 5.48 -64.59
N GLY H 97 -15.48 4.53 -65.51
CA GLY H 97 -14.43 4.56 -66.50
C GLY H 97 -14.59 5.66 -67.54
N VAL H 98 -15.77 6.26 -67.62
CA VAL H 98 -16.07 7.20 -68.69
C VAL H 98 -15.45 8.57 -68.42
N THR H 99 -15.90 9.19 -67.33
CA THR H 99 -15.60 10.60 -67.06
C THR H 99 -14.11 10.80 -66.78
N GLU H 100 -13.73 12.07 -66.64
CA GLU H 100 -12.33 12.42 -66.48
C GLU H 100 -11.88 12.40 -65.02
N SER H 101 -12.76 12.75 -64.09
CA SER H 101 -12.47 12.69 -62.67
C SER H 101 -13.11 11.45 -62.06
N ARG H 102 -12.35 10.78 -61.19
CA ARG H 102 -12.78 9.51 -60.61
C ARG H 102 -13.82 9.77 -59.51
N HIS H 103 -15.08 9.48 -59.80
CA HIS H 103 -16.13 9.63 -58.79
C HIS H 103 -15.89 8.62 -57.68
N LEU H 104 -15.35 9.08 -56.55
CA LEU H 104 -15.07 8.15 -55.45
C LEU H 104 -16.33 7.62 -54.81
N HIS H 105 -17.40 8.41 -54.77
CA HIS H 105 -18.61 7.97 -54.10
C HIS H 105 -19.20 6.72 -54.73
N LEU H 106 -18.72 6.33 -55.91
CA LEU H 106 -19.23 5.11 -56.53
C LEU H 106 -18.72 3.89 -55.79
N TYR H 107 -17.41 3.73 -55.67
CA TYR H 107 -16.87 2.52 -55.08
C TYR H 107 -16.34 2.67 -53.67
N MET H 108 -15.76 3.82 -53.31
CA MET H 108 -15.17 3.94 -51.97
C MET H 108 -16.15 3.64 -50.84
N PRO H 109 -17.44 4.02 -50.90
CA PRO H 109 -18.33 3.63 -49.78
C PRO H 109 -18.55 2.12 -49.70
N ALA H 110 -18.71 1.45 -50.85
CA ALA H 110 -18.89 0.00 -50.87
C ALA H 110 -17.60 -0.74 -50.50
N GLY H 111 -16.47 -0.30 -51.04
CA GLY H 111 -15.19 -0.81 -50.60
C GLY H 111 -14.90 -0.54 -49.13
N MET H 112 -15.55 0.46 -48.53
CA MET H 112 -15.40 0.69 -47.10
C MET H 112 -16.28 -0.26 -46.31
N ALA H 113 -17.51 -0.46 -46.78
CA ALA H 113 -18.42 -1.45 -46.22
C ALA H 113 -17.82 -2.84 -46.25
N PHE H 114 -16.94 -3.12 -47.22
CA PHE H 114 -16.29 -4.42 -47.27
C PHE H 114 -15.42 -4.64 -46.02
N MET H 115 -14.44 -3.77 -45.81
CA MET H 115 -13.61 -3.86 -44.61
C MET H 115 -14.47 -3.83 -43.35
N ALA H 116 -15.54 -3.04 -43.35
CA ALA H 116 -16.43 -2.99 -42.19
C ALA H 116 -17.07 -4.35 -41.92
N ALA H 117 -17.48 -5.06 -42.98
CA ALA H 117 -18.08 -6.37 -42.79
C ALA H 117 -17.07 -7.38 -42.31
N ILE H 118 -15.84 -7.30 -42.82
CA ILE H 118 -14.80 -8.19 -42.34
C ILE H 118 -14.55 -7.96 -40.85
N THR H 119 -14.43 -6.69 -40.46
CA THR H 119 -14.28 -6.36 -39.05
C THR H 119 -15.46 -6.86 -38.25
N SER H 120 -16.65 -6.82 -38.83
CA SER H 120 -17.85 -7.31 -38.16
C SER H 120 -17.71 -8.78 -37.82
N VAL H 121 -17.27 -9.58 -38.78
CA VAL H 121 -17.10 -11.01 -38.53
C VAL H 121 -16.01 -11.25 -37.50
N VAL H 122 -14.90 -10.51 -37.57
CA VAL H 122 -13.81 -10.72 -36.63
C VAL H 122 -14.25 -10.35 -35.21
N TYR H 123 -14.94 -9.22 -35.07
CA TYR H 123 -15.39 -8.73 -33.78
C TYR H 123 -16.42 -9.67 -33.17
N TYR H 124 -17.39 -10.11 -33.97
CA TYR H 124 -18.36 -11.07 -33.46
C TYR H 124 -17.66 -12.37 -33.06
N HIS H 125 -16.64 -12.79 -33.81
CA HIS H 125 -15.96 -14.02 -33.43
C HIS H 125 -15.22 -13.85 -32.12
N ASN H 126 -14.56 -12.70 -31.93
CA ASN H 126 -13.91 -12.41 -30.66
C ASN H 126 -14.90 -12.50 -29.51
N ILE H 127 -16.07 -11.86 -29.68
CA ILE H 127 -17.09 -11.89 -28.64
C ILE H 127 -17.58 -13.32 -28.40
N GLU H 128 -17.78 -14.09 -29.47
CA GLU H 128 -18.21 -15.47 -29.31
C GLU H 128 -17.21 -16.24 -28.45
N THR H 129 -15.93 -16.16 -28.81
CA THR H 129 -14.91 -16.90 -28.06
C THR H 129 -14.83 -16.44 -26.61
N SER H 130 -14.97 -15.13 -26.37
CA SER H 130 -14.83 -14.57 -25.03
C SER H 130 -16.15 -14.56 -24.26
N ASN H 131 -17.26 -14.95 -24.88
CA ASN H 131 -18.59 -14.97 -24.27
C ASN H 131 -18.87 -13.69 -23.46
N PHE H 132 -18.64 -12.55 -24.09
CA PHE H 132 -19.05 -11.28 -23.54
C PHE H 132 -20.19 -10.75 -24.39
N PRO H 133 -21.41 -11.28 -24.22
CA PRO H 133 -22.48 -10.96 -25.18
C PRO H 133 -22.89 -9.49 -25.16
N LYS H 134 -22.67 -8.77 -24.07
CA LYS H 134 -23.07 -7.37 -24.02
C LYS H 134 -22.32 -6.55 -25.05
N LEU H 135 -21.08 -6.92 -25.37
CA LEU H 135 -20.36 -6.23 -26.42
C LEU H 135 -21.12 -6.26 -27.75
N LEU H 136 -21.93 -7.30 -27.98
CA LEU H 136 -22.72 -7.39 -29.21
C LEU H 136 -23.62 -6.19 -29.42
N ILE H 137 -23.87 -5.39 -28.37
CA ILE H 137 -24.64 -4.16 -28.52
C ILE H 137 -24.04 -3.29 -29.64
N ALA H 138 -22.70 -3.28 -29.74
CA ALA H 138 -22.04 -2.48 -30.77
C ALA H 138 -22.44 -2.92 -32.18
N LEU H 139 -22.62 -4.23 -32.39
CA LEU H 139 -23.15 -4.66 -33.68
C LEU H 139 -24.62 -4.33 -33.79
N LEU H 140 -25.33 -4.40 -32.65
CA LEU H 140 -26.76 -4.05 -32.61
C LEU H 140 -27.02 -2.67 -33.18
N ILE H 141 -26.11 -1.73 -32.92
CA ILE H 141 -26.20 -0.41 -33.54
C ILE H 141 -25.92 -0.51 -35.04
N TYR H 142 -24.77 -1.11 -35.38
CA TYR H 142 -24.21 -1.01 -36.72
C TYR H 142 -25.23 -1.36 -37.79
N TRP H 143 -25.75 -2.59 -37.75
CA TRP H 143 -26.70 -3.04 -38.77
C TRP H 143 -27.84 -2.04 -38.92
N THR H 144 -28.37 -1.54 -37.80
CA THR H 144 -29.39 -0.50 -37.83
C THR H 144 -29.00 0.62 -38.78
N LEU H 145 -27.91 1.32 -38.46
CA LEU H 145 -27.39 2.36 -39.34
C LEU H 145 -27.25 1.82 -40.75
N ALA H 146 -26.53 0.70 -40.89
CA ALA H 146 -26.28 0.15 -42.21
C ALA H 146 -27.59 -0.18 -42.91
N PHE H 147 -28.61 -0.59 -42.15
CA PHE H 147 -29.92 -0.74 -42.74
C PHE H 147 -30.45 0.61 -43.19
N ILE H 148 -30.60 1.54 -42.24
CA ILE H 148 -31.27 2.81 -42.52
C ILE H 148 -30.62 3.50 -43.71
N THR H 149 -29.33 3.81 -43.60
CA THR H 149 -28.64 4.57 -44.64
C THR H 149 -28.71 3.85 -45.99
N LYS H 150 -28.83 2.53 -45.98
CA LYS H 150 -28.98 1.84 -47.26
C LYS H 150 -30.39 1.97 -47.78
N THR H 151 -31.39 1.83 -46.90
CA THR H 151 -32.77 2.04 -47.32
C THR H 151 -32.97 3.45 -47.85
N ILE H 152 -32.41 4.44 -47.15
CA ILE H 152 -32.46 5.82 -47.62
C ILE H 152 -31.85 5.92 -49.02
N LYS H 153 -30.82 5.11 -49.28
CA LYS H 153 -30.22 5.09 -50.60
C LYS H 153 -31.13 4.42 -51.61
N PHE H 154 -31.85 3.39 -51.18
CA PHE H 154 -32.80 2.71 -52.04
C PHE H 154 -33.94 3.65 -52.43
N VAL H 155 -34.65 4.16 -51.43
CA VAL H 155 -35.79 5.04 -51.65
C VAL H 155 -35.46 6.11 -52.67
N LYS H 156 -34.42 6.91 -52.38
CA LYS H 156 -34.08 8.01 -53.28
C LYS H 156 -33.81 7.52 -54.69
N PHE H 157 -33.11 6.38 -54.84
CA PHE H 157 -32.96 5.77 -56.16
C PHE H 157 -34.30 5.66 -56.86
N TYR H 158 -35.24 4.97 -56.20
CA TYR H 158 -36.59 4.78 -56.69
C TYR H 158 -37.22 6.08 -57.18
N ASP H 159 -36.91 7.20 -56.53
CA ASP H 159 -37.55 8.46 -56.88
C ASP H 159 -37.18 8.92 -58.29
N HIS H 160 -35.94 8.70 -58.71
CA HIS H 160 -35.55 9.09 -60.06
C HIS H 160 -35.87 8.02 -61.07
N ALA H 161 -36.69 7.03 -60.69
CA ALA H 161 -36.95 5.85 -61.51
C ALA H 161 -35.65 5.26 -62.03
N ILE H 162 -34.73 4.98 -61.10
CA ILE H 162 -33.56 4.18 -61.42
C ILE H 162 -33.99 2.81 -61.91
N GLY H 163 -34.93 2.19 -61.19
CA GLY H 163 -35.51 0.93 -61.59
C GLY H 163 -34.59 -0.25 -61.32
N PHE H 164 -34.99 -1.39 -61.85
CA PHE H 164 -34.19 -2.60 -61.81
C PHE H 164 -33.28 -2.68 -63.05
N SER H 165 -33.57 -1.86 -64.07
CA SER H 165 -32.81 -1.86 -65.32
C SER H 165 -31.32 -1.85 -65.08
N GLN H 166 -30.85 -1.13 -64.06
CA GLN H 166 -29.43 -1.03 -63.76
C GLN H 166 -29.04 -1.95 -62.62
N LEU H 167 -27.77 -2.39 -62.64
CA LEU H 167 -27.32 -3.38 -61.67
C LEU H 167 -27.21 -2.79 -60.27
N ARG H 168 -26.71 -1.55 -60.17
CA ARG H 168 -26.51 -0.92 -58.86
C ARG H 168 -27.77 -0.98 -58.01
N PHE H 169 -28.94 -0.87 -58.63
CA PHE H 169 -30.18 -0.94 -57.88
C PHE H 169 -30.40 -2.33 -57.31
N CYS H 170 -30.11 -3.38 -58.09
CA CYS H 170 -30.25 -4.72 -57.58
C CYS H 170 -29.27 -4.99 -56.45
N LEU H 171 -28.04 -4.51 -56.61
CA LEU H 171 -27.04 -4.70 -55.56
C LEU H 171 -27.42 -3.96 -54.29
N THR H 172 -27.93 -2.75 -54.41
CA THR H 172 -28.32 -2.02 -53.21
C THR H 172 -29.58 -2.62 -52.58
N GLY H 173 -30.45 -3.23 -53.38
CA GLY H 173 -31.58 -3.94 -52.80
C GLY H 173 -31.14 -5.19 -52.05
N LEU H 174 -30.26 -5.98 -52.66
CA LEU H 174 -29.62 -7.09 -51.97
C LEU H 174 -28.98 -6.63 -50.68
N LEU H 175 -28.37 -5.45 -50.69
CA LEU H 175 -27.72 -4.93 -49.48
C LEU H 175 -28.74 -4.59 -48.41
N VAL H 176 -29.79 -3.85 -48.78
CA VAL H 176 -30.84 -3.56 -47.80
C VAL H 176 -31.37 -4.85 -47.20
N ILE H 177 -31.59 -5.86 -48.05
CA ILE H 177 -32.12 -7.14 -47.58
C ILE H 177 -31.15 -7.80 -46.60
N LEU H 178 -29.87 -7.85 -46.96
CA LEU H 178 -28.89 -8.50 -46.09
C LEU H 178 -28.71 -7.76 -44.77
N TYR H 179 -28.79 -6.42 -44.78
CA TYR H 179 -28.71 -5.70 -43.51
C TYR H 179 -29.95 -5.97 -42.66
N GLY H 180 -31.13 -6.03 -43.29
CA GLY H 180 -32.31 -6.46 -42.55
C GLY H 180 -32.13 -7.85 -41.94
N MET H 181 -31.53 -8.76 -42.70
CA MET H 181 -31.28 -10.12 -42.21
C MET H 181 -30.37 -10.10 -40.99
N LEU H 182 -29.28 -9.32 -41.06
CA LEU H 182 -28.33 -9.27 -39.96
C LEU H 182 -28.91 -8.55 -38.74
N LEU H 183 -29.79 -7.57 -38.97
CA LEU H 183 -30.50 -6.96 -37.85
C LEU H 183 -31.41 -7.99 -37.19
N LEU H 184 -32.10 -8.81 -37.99
CA LEU H 184 -32.95 -9.86 -37.44
C LEU H 184 -32.13 -10.86 -36.65
N VAL H 185 -30.95 -11.22 -37.14
CA VAL H 185 -30.09 -12.18 -36.44
C VAL H 185 -29.58 -11.59 -35.14
N GLU H 186 -29.18 -10.32 -35.15
CA GLU H 186 -28.74 -9.66 -33.93
C GLU H 186 -29.84 -9.65 -32.89
N VAL H 187 -31.06 -9.30 -33.30
CA VAL H 187 -32.16 -9.28 -32.35
C VAL H 187 -32.54 -10.69 -31.91
N ASN H 188 -32.36 -11.67 -32.79
CA ASN H 188 -32.52 -13.06 -32.39
C ASN H 188 -31.59 -13.40 -31.23
N VAL H 189 -30.30 -13.07 -31.38
CA VAL H 189 -29.32 -13.33 -30.34
C VAL H 189 -29.72 -12.63 -29.05
N ILE H 190 -30.05 -11.34 -29.14
CA ILE H 190 -30.43 -10.58 -27.95
C ILE H 190 -31.69 -11.14 -27.31
N ARG H 191 -32.51 -11.86 -28.08
CA ARG H 191 -33.76 -12.39 -27.57
C ARG H 191 -33.56 -13.70 -26.83
N VAL H 192 -32.83 -14.64 -27.43
CA VAL H 192 -32.62 -15.94 -26.77
C VAL H 192 -31.82 -15.74 -25.48
N ARG H 193 -30.64 -15.16 -25.59
CA ARG H 193 -29.77 -14.91 -24.44
C ARG H 193 -29.87 -13.43 -24.09
N ARG H 194 -30.72 -13.09 -23.14
CA ARG H 194 -31.02 -11.69 -22.85
C ARG H 194 -29.86 -11.09 -22.07
N TYR H 195 -28.88 -10.56 -22.81
CA TYR H 195 -27.70 -9.97 -22.20
C TYR H 195 -27.84 -8.47 -21.96
N ILE H 196 -28.69 -7.79 -22.73
CA ILE H 196 -28.97 -6.37 -22.48
C ILE H 196 -29.75 -6.27 -21.19
N PHE H 197 -29.98 -5.03 -20.73
CA PHE H 197 -30.65 -4.82 -19.45
C PHE H 197 -31.97 -5.57 -19.40
N PHE H 198 -31.99 -6.61 -18.56
CA PHE H 198 -33.02 -7.63 -18.53
C PHE H 198 -32.88 -8.40 -17.22
N LYS H 199 -33.51 -9.56 -17.13
CA LYS H 199 -33.31 -10.44 -15.98
C LYS H 199 -31.95 -11.13 -16.00
N THR H 200 -31.20 -11.01 -17.10
CA THR H 200 -29.90 -11.65 -17.26
C THR H 200 -29.93 -13.15 -16.91
N PRO H 201 -30.86 -13.91 -17.48
CA PRO H 201 -31.09 -15.28 -17.01
C PRO H 201 -30.08 -16.32 -17.46
N ARG H 202 -29.70 -16.28 -18.74
CA ARG H 202 -29.12 -17.44 -19.40
C ARG H 202 -27.61 -17.49 -19.28
N GLU H 203 -27.09 -18.68 -18.97
CA GLU H 203 -25.68 -19.01 -19.09
C GLU H 203 -25.59 -20.39 -19.74
N VAL H 204 -24.96 -20.46 -20.91
CA VAL H 204 -25.11 -21.65 -21.74
C VAL H 204 -24.14 -22.76 -21.36
N LYS H 205 -23.01 -22.45 -20.69
CA LYS H 205 -22.10 -23.50 -20.21
C LYS H 205 -21.58 -24.34 -21.37
N PRO H 206 -20.58 -23.85 -22.10
CA PRO H 206 -20.14 -24.47 -23.38
C PRO H 206 -20.08 -25.98 -23.31
N PRO H 207 -20.30 -26.67 -24.43
CA PRO H 207 -20.63 -28.10 -24.40
C PRO H 207 -19.59 -28.95 -23.69
N GLU H 208 -20.07 -30.08 -23.17
CA GLU H 208 -19.25 -30.95 -22.33
C GLU H 208 -18.08 -31.55 -23.10
N ASP H 209 -18.33 -31.99 -24.34
CA ASP H 209 -17.27 -32.62 -25.12
C ASP H 209 -16.19 -31.64 -25.54
N LEU H 210 -16.46 -30.33 -25.47
CA LEU H 210 -15.42 -29.34 -25.72
C LEU H 210 -14.58 -29.07 -24.49
N GLN H 211 -15.07 -29.45 -23.31
CA GLN H 211 -14.32 -29.29 -22.07
C GLN H 211 -13.41 -30.46 -21.75
N ASP H 212 -13.63 -31.62 -22.36
CA ASP H 212 -12.75 -32.76 -22.17
C ASP H 212 -11.34 -32.45 -22.64
N LEU H 213 -10.38 -32.36 -21.72
CA LEU H 213 -8.99 -32.22 -22.11
C LEU H 213 -8.53 -33.56 -22.67
N GLY H 214 -8.59 -33.68 -24.00
CA GLY H 214 -8.35 -34.96 -24.63
C GLY H 214 -9.25 -35.19 -25.82
N VAL H 215 -10.11 -34.23 -26.13
CA VAL H 215 -10.88 -34.22 -27.37
C VAL H 215 -10.24 -33.13 -28.24
N ARG H 216 -9.27 -33.54 -29.04
CA ARG H 216 -8.52 -32.61 -29.89
C ARG H 216 -9.07 -32.53 -31.30
N PHE H 217 -10.04 -33.38 -31.65
CA PHE H 217 -10.66 -33.34 -32.98
C PHE H 217 -11.85 -32.38 -32.94
N LEU H 218 -11.53 -31.09 -32.84
CA LEU H 218 -12.57 -30.09 -32.68
C LEU H 218 -13.08 -29.58 -34.02
N GLN H 219 -13.45 -30.51 -34.89
CA GLN H 219 -14.04 -30.15 -36.16
C GLN H 219 -15.47 -29.62 -35.99
N PRO H 220 -16.33 -30.26 -35.18
CA PRO H 220 -17.67 -29.71 -35.00
C PRO H 220 -17.69 -28.40 -34.22
N PHE H 221 -16.69 -28.14 -33.39
CA PHE H 221 -16.70 -26.97 -32.52
C PHE H 221 -15.82 -25.85 -33.05
N VAL H 222 -16.10 -25.37 -34.27
CA VAL H 222 -15.45 -24.18 -34.79
C VAL H 222 -16.46 -23.41 -35.63
N ASN H 223 -16.14 -22.15 -35.90
CA ASN H 223 -17.02 -21.34 -36.72
C ASN H 223 -17.03 -21.83 -38.15
N LEU H 224 -18.14 -21.57 -38.84
CA LEU H 224 -18.40 -22.21 -40.14
C LEU H 224 -17.22 -22.03 -41.08
N LEU H 225 -16.56 -20.88 -41.04
CA LEU H 225 -15.41 -20.66 -41.90
C LEU H 225 -14.30 -21.65 -41.60
N SER H 226 -13.97 -21.83 -40.32
CA SER H 226 -12.95 -22.79 -39.96
C SER H 226 -13.41 -24.21 -40.26
N LYS H 227 -14.69 -24.51 -40.04
CA LYS H 227 -15.23 -25.80 -40.44
C LYS H 227 -14.98 -26.07 -41.91
N GLY H 228 -15.06 -25.04 -42.74
CA GLY H 228 -14.85 -25.24 -44.17
C GLY H 228 -13.39 -25.31 -44.57
N THR H 229 -12.52 -24.59 -43.87
CA THR H 229 -11.11 -24.52 -44.22
C THR H 229 -10.25 -25.46 -43.39
N TYR H 230 -10.84 -26.16 -42.41
CA TYR H 230 -10.09 -26.98 -41.45
C TYR H 230 -8.93 -26.17 -40.89
N TRP H 231 -9.22 -24.93 -40.53
CA TRP H 231 -8.18 -24.02 -40.06
C TRP H 231 -7.58 -24.50 -38.75
N TRP H 232 -8.38 -25.17 -37.91
CA TRP H 232 -7.88 -25.63 -36.62
C TRP H 232 -6.73 -26.62 -36.77
N MET H 233 -6.89 -27.58 -37.68
CA MET H 233 -5.85 -28.56 -38.01
C MET H 233 -4.47 -27.94 -38.03
N ASN H 234 -4.36 -26.69 -38.49
CA ASN H 234 -3.09 -25.99 -38.59
C ASN H 234 -2.26 -26.20 -37.34
N ALA H 235 -2.78 -25.77 -36.20
CA ALA H 235 -2.07 -25.93 -34.93
C ALA H 235 -1.56 -27.36 -34.78
N PHE H 236 -2.50 -28.32 -34.83
CA PHE H 236 -2.17 -29.73 -34.75
C PHE H 236 -1.00 -30.08 -35.66
N ILE H 237 -1.14 -29.76 -36.95
CA ILE H 237 -0.11 -30.18 -37.90
C ILE H 237 1.24 -29.62 -37.52
N LYS H 238 1.28 -28.34 -37.11
CA LYS H 238 2.56 -27.77 -36.71
C LYS H 238 3.18 -28.57 -35.58
N THR H 239 2.38 -28.85 -34.53
CA THR H 239 2.85 -29.72 -33.47
C THR H 239 3.30 -31.06 -34.02
N ALA H 240 2.48 -31.64 -34.90
CA ALA H 240 2.78 -32.95 -35.48
C ALA H 240 4.05 -32.92 -36.31
N HIS H 241 4.55 -31.74 -36.67
CA HIS H 241 5.83 -31.66 -37.37
C HIS H 241 7.01 -31.67 -36.42
N LYS H 242 6.87 -31.07 -35.24
CA LYS H 242 8.00 -31.01 -34.31
C LYS H 242 8.22 -32.35 -33.63
N LYS H 243 7.22 -32.82 -32.86
CA LYS H 243 7.30 -34.11 -32.20
C LYS H 243 6.29 -35.09 -32.80
N PRO H 244 6.59 -36.38 -32.80
CA PRO H 244 5.72 -37.34 -33.49
C PRO H 244 4.33 -37.39 -32.88
N ILE H 245 3.44 -38.09 -33.57
CA ILE H 245 2.04 -38.18 -33.18
C ILE H 245 1.85 -39.43 -32.35
N ASP H 246 1.35 -39.26 -31.13
CA ASP H 246 1.02 -40.36 -30.25
C ASP H 246 -0.48 -40.38 -29.99
N LEU H 247 -0.96 -41.52 -29.51
CA LEU H 247 -2.37 -41.62 -29.15
C LEU H 247 -2.77 -40.64 -28.06
N ARG H 248 -1.80 -40.04 -27.37
CA ARG H 248 -2.10 -38.93 -26.46
C ARG H 248 -2.23 -37.61 -27.21
N ALA H 249 -1.44 -37.42 -28.25
CA ALA H 249 -1.53 -36.20 -29.04
C ALA H 249 -2.85 -36.14 -29.80
N ILE H 250 -3.22 -37.24 -30.48
CA ILE H 250 -4.55 -37.35 -31.03
C ILE H 250 -5.56 -37.39 -29.90
N GLY H 251 -6.63 -36.62 -30.03
CA GLY H 251 -7.66 -36.63 -29.02
C GLY H 251 -8.45 -37.93 -29.06
N LYS H 252 -9.56 -37.92 -28.34
CA LYS H 252 -10.58 -38.94 -28.47
C LYS H 252 -11.86 -38.30 -28.99
N LEU H 253 -12.72 -39.13 -29.57
CA LEU H 253 -13.83 -38.65 -30.37
C LEU H 253 -14.81 -37.82 -29.54
N PRO H 254 -15.48 -36.85 -30.16
CA PRO H 254 -16.56 -36.14 -29.46
C PRO H 254 -17.76 -37.04 -29.23
N ILE H 255 -18.66 -36.57 -28.36
CA ILE H 255 -19.85 -37.35 -28.02
C ILE H 255 -20.72 -37.60 -29.25
N ALA H 256 -20.74 -36.65 -30.19
CA ALA H 256 -21.59 -36.78 -31.37
C ALA H 256 -21.19 -37.97 -32.22
N MET H 257 -19.90 -38.29 -32.27
CA MET H 257 -19.41 -39.42 -33.06
C MET H 257 -18.67 -40.38 -32.13
N ARG H 258 -19.45 -41.23 -31.46
CA ARG H 258 -18.92 -42.33 -30.67
C ARG H 258 -19.51 -43.63 -31.19
N ALA H 259 -18.88 -44.74 -30.80
CA ALA H 259 -19.46 -46.03 -31.12
C ALA H 259 -20.82 -46.19 -30.46
N LEU H 260 -20.94 -45.77 -29.20
CA LEU H 260 -22.20 -45.93 -28.48
C LEU H 260 -23.28 -45.00 -29.04
N THR H 261 -22.92 -43.75 -29.34
CA THR H 261 -23.90 -42.79 -29.84
C THR H 261 -24.45 -43.26 -31.19
N ASN H 262 -23.57 -43.56 -32.13
CA ASN H 262 -24.01 -44.02 -33.44
C ASN H 262 -24.74 -45.35 -33.34
N TYR H 263 -24.31 -46.23 -32.43
CA TYR H 263 -24.99 -47.50 -32.26
C TYR H 263 -26.42 -47.31 -31.75
N GLN H 264 -26.61 -46.40 -30.80
CA GLN H 264 -27.96 -46.14 -30.29
C GLN H 264 -28.82 -45.47 -31.34
N ARG H 265 -28.24 -44.57 -32.14
CA ARG H 265 -28.99 -43.96 -33.24
C ARG H 265 -29.44 -45.02 -34.23
N LEU H 266 -28.51 -45.91 -34.62
CA LEU H 266 -28.83 -46.99 -35.55
C LEU H 266 -29.89 -47.91 -34.97
N CYS H 267 -29.85 -48.16 -33.66
CA CYS H 267 -30.82 -49.06 -33.05
C CYS H 267 -32.20 -48.41 -32.96
N VAL H 268 -32.26 -47.11 -32.72
CA VAL H 268 -33.54 -46.40 -32.76
C VAL H 268 -34.11 -46.46 -34.18
N ALA H 269 -33.26 -46.27 -35.18
CA ALA H 269 -33.73 -46.39 -36.57
C ALA H 269 -34.21 -47.81 -36.87
N PHE H 270 -33.51 -48.81 -36.34
CA PHE H 270 -33.92 -50.19 -36.55
C PHE H 270 -35.26 -50.49 -35.89
N ASP H 271 -35.50 -49.93 -34.70
CA ASP H 271 -36.80 -50.08 -34.06
C ASP H 271 -37.90 -49.43 -34.89
N ALA H 272 -37.63 -48.22 -35.40
CA ALA H 272 -38.63 -47.54 -36.23
C ALA H 272 -38.93 -48.34 -37.49
N GLN H 273 -37.92 -48.97 -38.08
CA GLN H 273 -38.14 -49.75 -39.29
C GLN H 273 -38.81 -51.09 -39.00
N ALA H 274 -38.54 -51.69 -37.84
CA ALA H 274 -39.20 -52.94 -37.47
C ALA H 274 -40.66 -52.71 -37.11
N ARG H 275 -40.99 -51.54 -36.59
CA ARG H 275 -42.39 -51.21 -36.33
C ARG H 275 -43.19 -51.12 -37.62
N LYS H 276 -42.58 -50.65 -38.70
CA LYS H 276 -43.25 -50.55 -39.99
C LYS H 276 -43.00 -51.80 -40.83
N GLY H 283 -34.05 -58.70 -42.95
CA GLY H 283 -33.95 -58.51 -44.39
C GLY H 283 -33.01 -57.39 -44.79
N ALA H 284 -32.55 -57.42 -46.05
CA ALA H 284 -31.61 -56.41 -46.51
C ALA H 284 -32.28 -55.05 -46.65
N ARG H 285 -33.54 -55.03 -47.13
CA ARG H 285 -34.25 -53.78 -47.31
C ARG H 285 -34.44 -53.06 -45.97
N ALA H 286 -34.71 -53.83 -44.91
CA ALA H 286 -34.83 -53.22 -43.58
C ALA H 286 -33.54 -52.56 -43.16
N ILE H 287 -32.39 -53.20 -43.43
CA ILE H 287 -31.11 -52.62 -43.05
C ILE H 287 -30.84 -51.35 -43.85
N TRP H 288 -31.12 -51.38 -45.16
CA TRP H 288 -30.92 -50.19 -45.98
C TRP H 288 -31.77 -49.03 -45.49
N ARG H 289 -33.05 -49.29 -45.22
CA ARG H 289 -33.93 -48.23 -44.76
C ARG H 289 -33.55 -47.73 -43.38
N ALA H 290 -33.00 -48.61 -42.53
CA ALA H 290 -32.52 -48.16 -41.23
C ALA H 290 -31.29 -47.27 -41.35
N LEU H 291 -30.34 -47.67 -42.21
CA LEU H 291 -29.18 -46.82 -42.46
C LEU H 291 -29.59 -45.47 -43.01
N CYS H 292 -30.59 -45.46 -43.90
CA CYS H 292 -31.16 -44.19 -44.35
C CYS H 292 -31.68 -43.39 -43.17
N HIS H 293 -32.64 -43.93 -42.43
CA HIS H 293 -33.22 -43.20 -41.30
C HIS H 293 -32.18 -42.75 -40.30
N ALA H 294 -31.00 -43.38 -40.28
CA ALA H 294 -29.98 -43.03 -39.29
C ALA H 294 -28.99 -41.99 -39.78
N PHE H 295 -28.62 -42.00 -41.06
CA PHE H 295 -27.57 -41.11 -41.55
C PHE H 295 -27.95 -40.29 -42.77
N GLY H 296 -29.23 -40.25 -43.14
CA GLY H 296 -29.62 -39.60 -44.38
C GLY H 296 -29.51 -38.10 -44.33
N ARG H 297 -29.70 -37.50 -43.15
CA ARG H 297 -29.55 -36.05 -43.04
C ARG H 297 -28.15 -35.63 -43.46
N ARG H 298 -27.12 -36.21 -42.84
CA ARG H 298 -25.76 -35.89 -43.22
C ARG H 298 -25.45 -36.33 -44.64
N LEU H 299 -26.03 -37.45 -45.09
CA LEU H 299 -25.75 -37.92 -46.44
C LEU H 299 -26.26 -36.93 -47.49
N ILE H 300 -27.48 -36.45 -47.32
CA ILE H 300 -28.03 -35.52 -48.31
C ILE H 300 -27.41 -34.13 -48.14
N LEU H 301 -26.93 -33.79 -46.95
CA LEU H 301 -26.18 -32.54 -46.80
C LEU H 301 -24.89 -32.59 -47.61
N SER H 302 -24.15 -33.70 -47.48
CA SER H 302 -22.96 -33.88 -48.31
C SER H 302 -23.32 -33.87 -49.79
N SER H 303 -24.44 -34.49 -50.16
CA SER H 303 -24.83 -34.52 -51.56
C SER H 303 -25.16 -33.11 -52.07
N THR H 304 -25.78 -32.28 -51.23
CA THR H 304 -26.08 -30.91 -51.61
C THR H 304 -24.80 -30.12 -51.83
N PHE H 305 -23.85 -30.22 -50.89
CA PHE H 305 -22.55 -29.59 -51.10
C PHE H 305 -21.94 -30.05 -52.40
N ARG H 306 -22.01 -31.35 -52.70
CA ARG H 306 -21.36 -31.89 -53.88
C ARG H 306 -22.02 -31.38 -55.16
N ILE H 307 -23.35 -31.28 -55.19
CA ILE H 307 -24.02 -30.80 -56.39
C ILE H 307 -23.77 -29.31 -56.59
N LEU H 308 -23.79 -28.54 -55.50
CA LEU H 308 -23.46 -27.12 -55.61
C LEU H 308 -22.04 -26.93 -56.13
N ALA H 309 -21.10 -27.75 -55.64
CA ALA H 309 -19.73 -27.67 -56.13
C ALA H 309 -19.63 -28.04 -57.59
N ASP H 310 -20.44 -29.02 -58.04
CA ASP H 310 -20.43 -29.38 -59.45
C ASP H 310 -20.90 -28.23 -60.32
N LEU H 311 -22.01 -27.59 -59.93
CA LEU H 311 -22.52 -26.47 -60.74
C LEU H 311 -21.55 -25.29 -60.72
N LEU H 312 -21.01 -24.95 -59.55
CA LEU H 312 -20.07 -23.83 -59.49
C LEU H 312 -18.76 -24.15 -60.20
N GLY H 313 -18.41 -25.43 -60.35
CA GLY H 313 -17.26 -25.77 -61.17
C GLY H 313 -17.56 -25.63 -62.65
N PHE H 314 -18.80 -25.94 -63.05
CA PHE H 314 -19.22 -25.63 -64.42
C PHE H 314 -19.20 -24.13 -64.68
N ALA H 315 -19.36 -23.33 -63.62
CA ALA H 315 -19.31 -21.88 -63.78
C ALA H 315 -17.96 -21.37 -64.30
N GLY H 316 -16.95 -22.23 -64.43
CA GLY H 316 -15.64 -21.83 -64.89
C GLY H 316 -15.50 -21.69 -66.39
N PRO H 317 -15.77 -22.78 -67.13
CA PRO H 317 -15.63 -22.71 -68.59
C PRO H 317 -16.46 -21.63 -69.25
N LEU H 318 -17.72 -21.45 -68.83
CA LEU H 318 -18.52 -20.36 -69.38
C LEU H 318 -17.88 -19.01 -69.11
N CYS H 319 -17.20 -18.87 -67.97
CA CYS H 319 -16.54 -17.61 -67.65
C CYS H 319 -15.32 -17.39 -68.54
N ILE H 320 -14.57 -18.45 -68.83
CA ILE H 320 -13.48 -18.34 -69.79
C ILE H 320 -14.02 -17.92 -71.14
N PHE H 321 -15.16 -18.51 -71.54
CA PHE H 321 -15.83 -18.12 -72.78
C PHE H 321 -16.11 -16.63 -72.79
N GLY H 322 -16.73 -16.12 -71.73
CA GLY H 322 -17.03 -14.70 -71.65
C GLY H 322 -15.80 -13.83 -71.73
N ILE H 323 -14.75 -14.20 -70.99
CA ILE H 323 -13.52 -13.40 -70.97
C ILE H 323 -12.91 -13.31 -72.36
N VAL H 324 -12.74 -14.47 -73.00
CA VAL H 324 -12.07 -14.46 -74.30
C VAL H 324 -12.96 -13.82 -75.36
N ASP H 325 -14.28 -13.91 -75.21
CA ASP H 325 -15.16 -13.24 -76.16
C ASP H 325 -15.08 -11.73 -76.01
N HIS H 326 -14.99 -11.24 -74.77
CA HIS H 326 -14.83 -9.81 -74.56
C HIS H 326 -13.52 -9.32 -75.16
N LEU H 327 -12.40 -9.91 -74.76
CA LEU H 327 -11.12 -9.36 -75.19
C LEU H 327 -10.83 -9.64 -76.66
N GLY H 328 -11.42 -10.68 -77.25
CA GLY H 328 -11.26 -10.93 -78.66
C GLY H 328 -12.06 -10.03 -79.56
N LYS H 329 -13.00 -9.28 -78.99
CA LYS H 329 -13.76 -8.27 -79.72
C LYS H 329 -12.89 -7.01 -79.81
N GLU H 330 -13.49 -5.90 -80.24
CA GLU H 330 -12.81 -4.61 -80.20
C GLU H 330 -13.82 -3.56 -79.74
N ASN H 331 -13.61 -3.02 -78.55
CA ASN H 331 -14.55 -2.08 -77.95
C ASN H 331 -14.00 -0.65 -77.99
N GLN H 335 -20.20 3.74 -72.20
CA GLN H 335 -21.37 3.10 -71.63
C GLN H 335 -22.50 4.11 -71.39
N PRO H 336 -23.71 3.77 -71.83
CA PRO H 336 -24.83 4.71 -71.69
C PRO H 336 -25.51 4.66 -70.32
N LYS H 337 -26.64 5.36 -70.20
CA LYS H 337 -27.45 5.43 -68.98
C LYS H 337 -26.75 6.17 -67.84
N THR H 338 -26.30 7.39 -68.13
CA THR H 338 -25.91 8.34 -67.09
C THR H 338 -27.18 8.92 -66.47
N GLN H 339 -27.44 8.61 -65.20
CA GLN H 339 -28.76 8.83 -64.62
C GLN H 339 -28.79 9.84 -63.50
N PHE H 340 -27.93 9.70 -62.49
CA PHE H 340 -28.09 10.55 -61.31
C PHE H 340 -27.56 11.95 -61.54
N LEU H 341 -28.06 12.60 -62.60
CA LEU H 341 -27.62 13.93 -63.00
C LEU H 341 -26.09 13.99 -63.05
N GLY H 342 -25.49 13.04 -63.76
CA GLY H 342 -24.05 13.00 -63.90
C GLY H 342 -23.41 11.67 -63.59
N VAL H 343 -24.01 10.91 -62.68
CA VAL H 343 -23.51 9.58 -62.36
C VAL H 343 -23.93 8.61 -63.45
N TYR H 344 -22.98 7.81 -63.92
CA TYR H 344 -23.28 6.78 -64.90
C TYR H 344 -23.73 5.50 -64.20
N PHE H 345 -24.44 4.66 -64.94
CA PHE H 345 -25.04 3.44 -64.39
C PHE H 345 -24.84 2.31 -65.39
N VAL H 346 -23.90 1.42 -65.08
CA VAL H 346 -23.65 0.27 -65.94
C VAL H 346 -24.72 -0.78 -65.68
N SER H 347 -25.17 -1.44 -66.73
CA SER H 347 -26.23 -2.45 -66.62
C SER H 347 -25.64 -3.85 -66.55
N SER H 348 -26.51 -4.82 -66.23
CA SER H 348 -26.07 -6.20 -66.01
C SER H 348 -25.34 -6.75 -67.23
N GLN H 349 -25.77 -6.37 -68.43
CA GLN H 349 -25.21 -6.95 -69.65
C GLN H 349 -23.81 -6.41 -69.92
N GLU H 350 -23.59 -5.11 -69.67
CA GLU H 350 -22.26 -4.55 -69.79
C GLU H 350 -21.37 -4.97 -68.63
N PHE H 351 -21.98 -5.23 -67.46
CA PHE H 351 -21.22 -5.65 -66.29
C PHE H 351 -20.65 -7.04 -66.46
N LEU H 352 -21.49 -7.99 -66.87
CA LEU H 352 -21.00 -9.35 -67.11
C LEU H 352 -20.20 -9.46 -68.39
N GLY H 353 -19.87 -8.37 -69.07
CA GLY H 353 -19.03 -8.46 -70.24
C GLY H 353 -17.84 -7.53 -70.14
N ASN H 354 -17.23 -7.45 -68.96
CA ASN H 354 -16.08 -6.58 -68.75
C ASN H 354 -14.76 -7.33 -68.75
N ALA H 355 -14.77 -8.61 -68.37
CA ALA H 355 -13.60 -9.49 -68.45
C ALA H 355 -12.54 -9.09 -67.43
N TYR H 356 -12.74 -7.96 -66.75
CA TYR H 356 -12.05 -7.73 -65.49
C TYR H 356 -12.96 -8.13 -64.34
N VAL H 357 -14.24 -7.75 -64.43
CA VAL H 357 -15.23 -8.26 -63.49
C VAL H 357 -15.37 -9.77 -63.66
N LEU H 358 -15.38 -10.24 -64.92
CA LEU H 358 -15.50 -11.67 -65.15
C LEU H 358 -14.36 -12.44 -64.50
N ALA H 359 -13.16 -11.85 -64.48
CA ALA H 359 -12.01 -12.55 -63.90
C ALA H 359 -12.17 -12.73 -62.39
N VAL H 360 -12.53 -11.67 -61.67
CA VAL H 360 -12.66 -11.80 -60.23
C VAL H 360 -13.88 -12.63 -59.88
N LEU H 361 -14.91 -12.61 -60.73
CA LEU H 361 -16.05 -13.49 -60.47
C LEU H 361 -15.68 -14.95 -60.67
N LEU H 362 -14.87 -15.24 -61.69
CA LEU H 362 -14.35 -16.60 -61.85
C LEU H 362 -13.54 -16.99 -60.62
N PHE H 363 -12.71 -16.07 -60.10
CA PHE H 363 -11.89 -16.38 -58.94
C PHE H 363 -12.75 -16.70 -57.73
N LEU H 364 -13.72 -15.84 -57.43
CA LEU H 364 -14.62 -16.07 -56.29
C LEU H 364 -15.37 -17.38 -56.45
N ALA H 365 -15.95 -17.61 -57.63
CA ALA H 365 -16.70 -18.85 -57.85
C ALA H 365 -15.80 -20.06 -57.69
N LEU H 366 -14.56 -19.98 -58.17
CA LEU H 366 -13.64 -21.11 -58.06
C LEU H 366 -13.32 -21.41 -56.61
N LEU H 367 -13.02 -20.37 -55.84
CA LEU H 367 -12.69 -20.54 -54.43
C LEU H 367 -13.87 -21.15 -53.66
N LEU H 368 -15.06 -20.61 -53.89
CA LEU H 368 -16.24 -21.13 -53.21
C LEU H 368 -16.55 -22.55 -53.64
N GLN H 369 -16.42 -22.85 -54.93
CA GLN H 369 -16.69 -24.20 -55.41
C GLN H 369 -15.73 -25.20 -54.80
N ARG H 370 -14.45 -24.85 -54.73
CA ARG H 370 -13.48 -25.80 -54.21
C ARG H 370 -13.68 -26.03 -52.71
N THR H 371 -14.02 -24.98 -51.96
CA THR H 371 -14.28 -25.21 -50.53
C THR H 371 -15.57 -26.00 -50.32
N PHE H 372 -16.59 -25.80 -51.17
CA PHE H 372 -17.79 -26.63 -51.08
C PHE H 372 -17.50 -28.07 -51.44
N LEU H 373 -16.61 -28.29 -52.41
CA LEU H 373 -16.28 -29.65 -52.81
C LEU H 373 -15.57 -30.38 -51.68
N GLN H 374 -14.56 -29.73 -51.09
CA GLN H 374 -13.83 -30.36 -49.99
C GLN H 374 -14.75 -30.59 -48.79
N ALA H 375 -15.69 -29.68 -48.55
CA ALA H 375 -16.63 -29.89 -47.44
C ALA H 375 -17.56 -31.07 -47.72
N SER H 376 -17.98 -31.24 -48.99
CA SER H 376 -18.75 -32.42 -49.35
C SER H 376 -17.97 -33.69 -49.08
N TYR H 377 -16.72 -33.73 -49.53
CA TYR H 377 -15.86 -34.87 -49.26
C TYR H 377 -15.80 -35.16 -47.77
N TYR H 378 -15.57 -34.12 -46.95
CA TYR H 378 -15.40 -34.36 -45.53
C TYR H 378 -16.68 -34.87 -44.86
N VAL H 379 -17.83 -34.28 -45.20
CA VAL H 379 -19.06 -34.73 -44.58
C VAL H 379 -19.35 -36.18 -44.96
N ALA H 380 -19.10 -36.53 -46.23
CA ALA H 380 -19.31 -37.92 -46.64
C ALA H 380 -18.37 -38.86 -45.89
N ILE H 381 -17.11 -38.45 -45.72
CA ILE H 381 -16.16 -39.30 -45.01
C ILE H 381 -16.61 -39.49 -43.56
N GLU H 382 -17.02 -38.42 -42.91
CA GLU H 382 -17.41 -38.52 -41.50
C GLU H 382 -18.64 -39.38 -41.32
N THR H 383 -19.66 -39.21 -42.17
CA THR H 383 -20.83 -40.07 -42.03
C THR H 383 -20.49 -41.52 -42.34
N GLY H 384 -19.56 -41.77 -43.26
CA GLY H 384 -19.15 -43.14 -43.53
C GLY H 384 -18.43 -43.78 -42.36
N ILE H 385 -17.56 -43.01 -41.69
CA ILE H 385 -16.83 -43.55 -40.55
C ILE H 385 -17.77 -43.81 -39.38
N ASN H 386 -18.73 -42.91 -39.17
CA ASN H 386 -19.72 -43.15 -38.12
C ASN H 386 -20.56 -44.39 -38.42
N LEU H 387 -20.93 -44.58 -39.69
CA LEU H 387 -21.63 -45.79 -40.08
C LEU H 387 -20.79 -47.03 -39.82
N ARG H 388 -19.48 -46.97 -40.12
CA ARG H 388 -18.62 -48.12 -39.84
C ARG H 388 -18.61 -48.44 -38.36
N GLY H 389 -18.48 -47.41 -37.52
CA GLY H 389 -18.50 -47.64 -36.08
C GLY H 389 -19.79 -48.32 -35.62
N ALA H 390 -20.93 -47.77 -36.05
CA ALA H 390 -22.22 -48.31 -35.64
C ALA H 390 -22.39 -49.75 -36.12
N ILE H 391 -22.00 -50.03 -37.36
CA ILE H 391 -22.20 -51.38 -37.91
C ILE H 391 -21.28 -52.37 -37.22
N GLN H 392 -20.05 -51.96 -36.90
CA GLN H 392 -19.16 -52.84 -36.16
C GLN H 392 -19.73 -53.18 -34.80
N THR H 393 -20.19 -52.16 -34.05
CA THR H 393 -20.76 -52.43 -32.75
C THR H 393 -22.00 -53.32 -32.85
N LYS H 394 -22.80 -53.13 -33.89
CA LYS H 394 -24.00 -53.96 -34.03
C LYS H 394 -23.65 -55.41 -34.34
N ILE H 395 -22.71 -55.65 -35.26
CA ILE H 395 -22.39 -57.03 -35.59
C ILE H 395 -21.68 -57.70 -34.42
N TYR H 396 -20.96 -56.94 -33.59
CA TYR H 396 -20.37 -57.55 -32.40
C TYR H 396 -21.44 -57.86 -31.36
N ASN H 397 -22.40 -56.96 -31.15
CA ASN H 397 -23.50 -57.25 -30.24
C ASN H 397 -24.33 -58.43 -30.72
N LYS H 398 -24.32 -58.70 -32.03
CA LYS H 398 -24.97 -59.90 -32.54
C LYS H 398 -24.09 -61.14 -32.34
N ILE H 399 -22.78 -61.01 -32.49
CA ILE H 399 -21.86 -62.10 -32.15
C ILE H 399 -22.08 -62.54 -30.72
N MET H 400 -22.32 -61.58 -29.82
CA MET H 400 -22.52 -61.92 -28.41
C MET H 400 -23.68 -62.88 -28.20
N HIS H 401 -24.73 -62.76 -29.01
CA HIS H 401 -25.96 -63.51 -28.76
C HIS H 401 -26.07 -64.80 -29.58
N LEU H 402 -25.23 -65.00 -30.59
CA LEU H 402 -25.43 -66.15 -31.45
C LEU H 402 -25.07 -67.45 -30.72
N SER H 403 -25.65 -68.54 -31.19
CA SER H 403 -25.51 -69.84 -30.53
C SER H 403 -24.20 -70.51 -30.94
N THR H 404 -23.80 -71.50 -30.14
CA THR H 404 -22.55 -72.22 -30.35
C THR H 404 -22.64 -73.22 -31.50
N SER H 405 -23.84 -73.47 -32.04
CA SER H 405 -23.99 -74.43 -33.13
C SER H 405 -23.19 -74.00 -34.35
N ASN H 406 -23.20 -72.71 -34.67
CA ASN H 406 -22.49 -72.18 -35.83
C ASN H 406 -21.00 -72.02 -35.55
N THR H 413 -17.15 -70.95 -38.34
CA THR H 413 -16.88 -69.94 -39.36
C THR H 413 -16.36 -68.65 -38.73
N ALA H 414 -15.22 -68.77 -38.03
CA ALA H 414 -14.64 -67.61 -37.36
C ALA H 414 -14.05 -66.62 -38.37
N GLY H 415 -13.28 -67.14 -39.34
CA GLY H 415 -12.69 -66.28 -40.34
C GLY H 415 -13.71 -65.54 -41.17
N GLN H 416 -14.90 -66.14 -41.37
CA GLN H 416 -15.95 -65.46 -42.10
C GLN H 416 -16.39 -64.19 -41.38
N ILE H 417 -16.60 -64.29 -40.06
CA ILE H 417 -16.95 -63.10 -39.29
C ILE H 417 -15.79 -62.11 -39.26
N CYS H 418 -14.56 -62.62 -39.15
CA CYS H 418 -13.40 -61.73 -39.11
C CYS H 418 -13.32 -60.89 -40.38
N ASN H 419 -13.48 -61.51 -41.55
CA ASN H 419 -13.44 -60.73 -42.78
C ASN H 419 -14.74 -59.95 -43.01
N LEU H 420 -15.86 -60.39 -42.44
CA LEU H 420 -17.07 -59.57 -42.49
C LEU H 420 -16.86 -58.24 -41.76
N VAL H 421 -16.05 -58.26 -40.71
CA VAL H 421 -15.65 -56.99 -40.10
C VAL H 421 -14.54 -56.34 -40.90
N ALA H 422 -13.72 -57.14 -41.60
CA ALA H 422 -12.52 -56.58 -42.21
C ALA H 422 -12.80 -55.99 -43.59
N ILE H 423 -13.61 -56.66 -44.43
CA ILE H 423 -13.72 -56.24 -45.82
C ILE H 423 -15.15 -55.85 -46.20
N ASP H 424 -16.15 -56.43 -45.53
CA ASP H 424 -17.53 -56.14 -45.92
C ASP H 424 -18.00 -54.80 -45.37
N THR H 425 -17.78 -54.56 -44.08
CA THR H 425 -18.02 -53.25 -43.52
C THR H 425 -17.18 -52.19 -44.21
N ASN H 426 -15.97 -52.55 -44.65
CA ASN H 426 -15.15 -51.62 -45.42
C ASN H 426 -15.82 -51.24 -46.72
N GLN H 427 -16.37 -52.21 -47.44
CA GLN H 427 -17.05 -51.91 -48.69
C GLN H 427 -18.29 -51.07 -48.46
N LEU H 428 -19.02 -51.33 -47.36
CA LEU H 428 -20.17 -50.50 -47.02
C LEU H 428 -19.74 -49.06 -46.75
N MET H 429 -18.67 -48.90 -45.97
CA MET H 429 -18.20 -47.56 -45.64
C MET H 429 -17.69 -46.83 -46.88
N TRP H 430 -17.06 -47.55 -47.82
CA TRP H 430 -16.61 -46.87 -49.02
C TRP H 430 -17.75 -46.54 -49.96
N PHE H 431 -18.82 -47.35 -49.96
CA PHE H 431 -20.02 -46.91 -50.66
C PHE H 431 -20.55 -45.63 -50.04
N PHE H 432 -20.49 -45.52 -48.72
CA PHE H 432 -20.98 -44.28 -48.11
C PHE H 432 -20.03 -43.11 -48.32
N PHE H 433 -18.76 -43.40 -48.60
CA PHE H 433 -17.82 -42.37 -49.03
C PHE H 433 -18.19 -41.83 -50.41
N LEU H 434 -18.41 -42.73 -51.36
CA LEU H 434 -18.66 -42.35 -52.74
C LEU H 434 -20.14 -42.14 -53.05
N CYS H 435 -21.01 -42.23 -52.05
CA CYS H 435 -22.44 -42.10 -52.29
C CYS H 435 -22.87 -40.75 -52.86
N PRO H 436 -22.37 -39.61 -52.39
CA PRO H 436 -22.71 -38.35 -53.07
C PRO H 436 -22.32 -38.34 -54.55
N ASN H 437 -21.18 -38.96 -54.88
CA ASN H 437 -20.77 -39.05 -56.28
C ASN H 437 -21.81 -39.78 -57.10
N LEU H 438 -22.41 -40.82 -56.54
CA LEU H 438 -23.40 -41.61 -57.28
C LEU H 438 -24.58 -40.75 -57.72
N TRP H 439 -24.94 -39.74 -56.94
CA TRP H 439 -26.07 -38.88 -57.29
C TRP H 439 -25.66 -37.67 -58.09
N ALA H 440 -24.43 -37.19 -57.92
CA ALA H 440 -24.02 -35.93 -58.52
C ALA H 440 -23.13 -36.07 -59.75
N MET H 441 -22.72 -37.28 -60.11
CA MET H 441 -21.97 -37.45 -61.35
C MET H 441 -22.89 -37.49 -62.58
N PRO H 442 -24.05 -38.15 -62.52
CA PRO H 442 -24.97 -38.02 -63.66
C PRO H 442 -25.40 -36.60 -63.90
N VAL H 443 -25.72 -35.85 -62.84
CA VAL H 443 -26.07 -34.44 -62.98
C VAL H 443 -24.94 -33.67 -63.62
N GLN H 444 -23.71 -33.93 -63.17
CA GLN H 444 -22.53 -33.29 -63.73
C GLN H 444 -22.43 -33.56 -65.23
N ILE H 445 -22.51 -34.83 -65.63
CA ILE H 445 -22.32 -35.16 -67.04
C ILE H 445 -23.44 -34.60 -67.89
N ILE H 446 -24.67 -34.63 -67.38
CA ILE H 446 -25.80 -34.08 -68.13
C ILE H 446 -25.62 -32.59 -68.37
N VAL H 447 -25.35 -31.83 -67.30
CA VAL H 447 -25.20 -30.39 -67.46
C VAL H 447 -23.98 -30.06 -68.31
N GLY H 448 -22.93 -30.89 -68.26
CA GLY H 448 -21.76 -30.64 -69.09
C GLY H 448 -22.04 -30.84 -70.57
N VAL H 449 -22.76 -31.91 -70.91
CA VAL H 449 -23.14 -32.11 -72.31
C VAL H 449 -24.06 -30.99 -72.77
N ILE H 450 -24.99 -30.56 -71.91
CA ILE H 450 -25.91 -29.48 -72.30
C ILE H 450 -25.14 -28.20 -72.57
N LEU H 451 -24.21 -27.85 -71.68
CA LEU H 451 -23.42 -26.63 -71.86
C LEU H 451 -22.55 -26.72 -73.11
N LEU H 452 -21.94 -27.89 -73.34
CA LEU H 452 -21.13 -28.06 -74.55
C LEU H 452 -21.98 -27.86 -75.81
N TYR H 453 -23.18 -28.44 -75.84
CA TYR H 453 -24.06 -28.26 -76.99
C TYR H 453 -24.44 -26.80 -77.18
N TYR H 454 -24.79 -26.12 -76.08
CA TYR H 454 -25.13 -24.71 -76.16
C TYR H 454 -23.97 -23.87 -76.67
N ILE H 455 -22.73 -24.28 -76.39
CA ILE H 455 -21.59 -23.48 -76.83
C ILE H 455 -21.23 -23.78 -78.28
N LEU H 456 -21.12 -25.06 -78.65
CA LEU H 456 -20.55 -25.44 -79.94
C LEU H 456 -21.58 -25.98 -80.93
N GLY H 457 -22.88 -25.93 -80.59
CA GLY H 457 -23.87 -26.41 -81.55
C GLY H 457 -23.84 -27.91 -81.69
N VAL H 458 -24.01 -28.39 -82.92
CA VAL H 458 -24.23 -29.81 -83.15
C VAL H 458 -22.95 -30.62 -82.99
N SER H 459 -21.79 -30.07 -83.37
CA SER H 459 -20.54 -30.83 -83.27
C SER H 459 -20.18 -31.16 -81.83
N ALA H 460 -20.64 -30.34 -80.88
CA ALA H 460 -20.40 -30.64 -79.48
C ALA H 460 -21.10 -31.93 -79.05
N LEU H 461 -22.21 -32.28 -79.69
CA LEU H 461 -22.88 -33.53 -79.36
C LEU H 461 -22.04 -34.72 -79.81
N ILE H 462 -21.42 -34.63 -80.98
CA ILE H 462 -20.51 -35.69 -81.42
C ILE H 462 -19.34 -35.81 -80.45
N GLY H 463 -18.73 -34.68 -80.10
CA GLY H 463 -17.64 -34.71 -79.14
C GLY H 463 -18.03 -35.30 -77.80
N ALA H 464 -19.22 -34.91 -77.30
CA ALA H 464 -19.69 -35.38 -76.00
C ALA H 464 -20.01 -36.87 -76.04
N ALA H 465 -20.55 -37.36 -77.15
CA ALA H 465 -20.75 -38.80 -77.28
C ALA H 465 -19.42 -39.55 -77.27
N VAL H 466 -18.43 -39.01 -78.00
CA VAL H 466 -17.11 -39.65 -78.03
C VAL H 466 -16.51 -39.70 -76.62
N ILE H 467 -16.66 -38.62 -75.86
CA ILE H 467 -16.05 -38.61 -74.52
C ILE H 467 -16.88 -39.45 -73.53
N ILE H 468 -18.19 -39.52 -73.71
CA ILE H 468 -19.04 -40.33 -72.83
C ILE H 468 -18.74 -41.81 -73.05
N LEU H 469 -18.34 -42.18 -74.26
CA LEU H 469 -17.93 -43.56 -74.52
C LEU H 469 -16.79 -44.04 -73.64
N LEU H 470 -16.12 -43.13 -72.91
CA LEU H 470 -15.02 -43.53 -72.05
C LEU H 470 -15.51 -44.33 -70.85
N ALA H 471 -16.71 -44.04 -70.35
CA ALA H 471 -17.18 -44.69 -69.13
C ALA H 471 -17.42 -46.19 -69.32
N PRO H 472 -18.20 -46.64 -70.32
CA PRO H 472 -18.40 -48.10 -70.45
C PRO H 472 -17.11 -48.85 -70.74
N VAL H 473 -16.22 -48.26 -71.54
CA VAL H 473 -14.92 -48.88 -71.80
C VAL H 473 -14.13 -49.04 -70.50
N GLN H 474 -14.14 -48.00 -69.67
CA GLN H 474 -13.42 -48.09 -68.40
C GLN H 474 -14.03 -49.14 -67.49
N TYR H 475 -15.36 -49.25 -67.47
CA TYR H 475 -16.00 -50.27 -66.65
C TYR H 475 -15.61 -51.66 -67.11
N PHE H 476 -15.65 -51.90 -68.42
CA PHE H 476 -15.26 -53.21 -68.96
C PHE H 476 -13.80 -53.52 -68.63
N VAL H 477 -12.92 -52.52 -68.75
CA VAL H 477 -11.51 -52.73 -68.45
C VAL H 477 -11.32 -53.06 -66.97
N ALA H 478 -12.08 -52.40 -66.09
CA ALA H 478 -11.96 -52.69 -64.66
C ALA H 478 -12.45 -54.09 -64.34
N THR H 479 -13.54 -54.53 -64.97
CA THR H 479 -14.02 -55.89 -64.74
C THR H 479 -12.98 -56.92 -65.19
N LYS H 480 -12.42 -56.72 -66.39
CA LYS H 480 -11.36 -57.62 -66.84
C LYS H 480 -10.15 -57.58 -65.92
N LEU H 481 -9.85 -56.40 -65.37
CA LEU H 481 -8.70 -56.26 -64.47
C LEU H 481 -8.93 -57.03 -63.17
N SER H 482 -10.15 -56.99 -62.63
CA SER H 482 -10.44 -57.77 -61.43
C SER H 482 -10.41 -59.27 -61.71
N GLN H 483 -10.87 -59.69 -62.90
CA GLN H 483 -10.78 -61.09 -63.28
C GLN H 483 -9.33 -61.55 -63.34
N ALA H 484 -8.47 -60.75 -63.98
CA ALA H 484 -7.04 -61.04 -63.99
C ALA H 484 -6.45 -61.00 -62.60
N GLN H 485 -6.99 -60.15 -61.72
CA GLN H 485 -6.51 -60.10 -60.35
C GLN H 485 -6.78 -61.40 -59.61
N ARG H 486 -7.97 -61.97 -59.78
CA ARG H 486 -8.27 -63.26 -59.16
C ARG H 486 -7.38 -64.36 -59.73
N SER H 487 -7.26 -64.40 -61.06
CA SER H 487 -6.42 -65.42 -61.69
C SER H 487 -4.96 -65.28 -61.29
N THR H 488 -4.53 -64.07 -60.91
CA THR H 488 -3.18 -63.89 -60.38
C THR H 488 -3.08 -64.31 -58.92
N LEU H 489 -4.12 -64.00 -58.14
CA LEU H 489 -4.11 -64.35 -56.71
C LEU H 489 -4.02 -65.85 -56.50
N GLU H 490 -4.62 -66.65 -57.41
CA GLU H 490 -4.47 -68.10 -57.29
C GLU H 490 -2.99 -68.51 -57.29
N HIS H 491 -2.28 -68.16 -58.37
CA HIS H 491 -0.86 -68.50 -58.48
C HIS H 491 -0.04 -67.87 -57.37
N SER H 492 -0.43 -66.68 -56.91
CA SER H 492 0.31 -66.03 -55.83
C SER H 492 0.18 -66.81 -54.53
N ASN H 493 -1.03 -67.29 -54.23
CA ASN H 493 -1.23 -68.10 -53.03
C ASN H 493 -0.45 -69.41 -53.11
N GLU H 494 -0.43 -70.04 -54.28
CA GLU H 494 0.34 -71.28 -54.41
C GLU H 494 1.83 -71.04 -54.25
N ARG H 495 2.35 -69.96 -54.85
CA ARG H 495 3.76 -69.61 -54.68
C ARG H 495 4.07 -69.27 -53.23
N LEU H 496 3.13 -68.66 -52.52
CA LEU H 496 3.35 -68.36 -51.10
C LEU H 496 3.43 -69.64 -50.28
N LYS H 497 2.56 -70.61 -50.55
CA LYS H 497 2.64 -71.88 -49.83
C LYS H 497 3.96 -72.59 -50.13
N GLN H 498 4.43 -72.53 -51.37
CA GLN H 498 5.72 -73.15 -51.70
C GLN H 498 6.88 -72.43 -51.01
N THR H 499 6.82 -71.10 -50.94
CA THR H 499 7.86 -70.35 -50.23
C THR H 499 7.85 -70.68 -48.75
N ASN H 500 6.66 -70.86 -48.17
CA ASN H 500 6.58 -71.20 -46.76
C ASN H 500 7.12 -72.61 -46.50
N GLU H 501 6.87 -73.54 -47.42
CA GLU H 501 7.50 -74.86 -47.31
C GLU H 501 9.01 -74.76 -47.36
N MET H 502 9.53 -73.98 -48.32
CA MET H 502 10.98 -73.81 -48.45
C MET H 502 11.59 -73.14 -47.21
N LEU H 503 10.85 -72.25 -46.56
CA LEU H 503 11.39 -71.49 -45.44
C LEU H 503 11.24 -72.20 -44.10
N ARG H 504 10.24 -73.07 -43.95
CA ARG H 504 10.12 -73.84 -42.72
C ARG H 504 11.20 -74.91 -42.64
N GLY H 505 11.40 -75.65 -43.73
CA GLY H 505 12.39 -76.72 -43.75
C GLY H 505 13.70 -76.31 -44.37
N MET H 506 14.10 -75.05 -44.18
CA MET H 506 15.37 -74.57 -44.72
C MET H 506 16.55 -75.27 -44.07
N LYS H 507 16.42 -75.64 -42.79
CA LYS H 507 17.49 -76.36 -42.10
C LYS H 507 17.82 -77.66 -42.81
N LEU H 508 16.83 -78.54 -42.97
CA LEU H 508 17.07 -79.85 -43.59
C LEU H 508 17.54 -79.71 -45.04
N LEU H 509 16.95 -78.77 -45.79
CA LEU H 509 17.37 -78.55 -47.17
C LEU H 509 18.83 -78.16 -47.24
N LYS H 510 19.26 -77.19 -46.42
CA LYS H 510 20.67 -76.83 -46.40
C LYS H 510 21.54 -77.97 -45.89
N LEU H 511 20.98 -78.84 -45.05
CA LEU H 511 21.75 -79.98 -44.55
C LEU H 511 22.05 -80.98 -45.65
N TYR H 512 21.12 -81.17 -46.60
CA TYR H 512 21.39 -82.04 -47.74
C TYR H 512 21.49 -81.28 -49.06
N ALA H 513 21.55 -79.95 -49.03
CA ALA H 513 21.73 -79.12 -50.22
C ALA H 513 20.69 -79.45 -51.29
N TRP H 514 19.43 -79.48 -50.87
CA TRP H 514 18.29 -79.55 -51.78
C TRP H 514 17.68 -78.17 -52.01
N GLU H 515 18.39 -77.11 -51.65
CA GLU H 515 17.83 -75.76 -51.75
C GLU H 515 17.64 -75.33 -53.19
N SER H 516 18.55 -75.73 -54.09
CA SER H 516 18.47 -75.28 -55.47
C SER H 516 17.29 -75.89 -56.20
N ILE H 517 16.97 -77.16 -55.92
CA ILE H 517 15.85 -77.82 -56.60
C ILE H 517 14.52 -77.21 -56.16
N PHE H 518 14.35 -76.99 -54.86
CA PHE H 518 13.14 -76.35 -54.37
C PHE H 518 13.04 -74.91 -54.87
N CYS H 519 14.18 -74.21 -54.97
CA CYS H 519 14.17 -72.87 -55.56
C CYS H 519 13.75 -72.91 -57.02
N SER H 520 14.13 -73.97 -57.75
CA SER H 520 13.72 -74.10 -59.14
C SER H 520 12.22 -74.35 -59.25
N ARG H 521 11.66 -75.15 -58.35
CA ARG H 521 10.20 -75.35 -58.35
C ARG H 521 9.48 -74.04 -58.03
N VAL H 522 9.99 -73.28 -57.05
CA VAL H 522 9.42 -71.98 -56.72
C VAL H 522 9.52 -71.04 -57.91
N GLU H 523 10.62 -71.12 -58.67
CA GLU H 523 10.77 -70.28 -59.85
C GLU H 523 9.81 -70.67 -60.97
N VAL H 524 9.49 -71.96 -61.09
CA VAL H 524 8.49 -72.39 -62.09
C VAL H 524 7.12 -71.83 -61.71
N THR H 525 6.75 -71.92 -60.44
CA THR H 525 5.49 -71.33 -60.00
C THR H 525 5.50 -69.81 -60.22
N ARG H 526 6.65 -69.17 -59.99
CA ARG H 526 6.79 -67.74 -60.24
C ARG H 526 6.63 -67.40 -61.71
N ARG H 527 7.12 -68.28 -62.60
CA ARG H 527 6.94 -68.03 -64.03
C ARG H 527 5.49 -68.14 -64.44
N LYS H 528 4.76 -69.09 -63.86
CA LYS H 528 3.31 -69.14 -64.13
C LYS H 528 2.60 -67.88 -63.62
N GLU H 529 2.97 -67.43 -62.41
CA GLU H 529 2.40 -66.20 -61.87
C GLU H 529 2.74 -65.01 -62.76
N MET H 530 3.94 -64.98 -63.34
CA MET H 530 4.32 -63.92 -64.27
C MET H 530 3.50 -64.00 -65.55
N THR H 531 3.20 -65.22 -66.01
CA THR H 531 2.33 -65.39 -67.16
C THR H 531 0.97 -64.74 -66.92
N SER H 532 0.43 -64.90 -65.71
CA SER H 532 -0.85 -64.22 -65.43
C SER H 532 -0.67 -62.72 -65.23
N LEU H 533 0.45 -62.31 -64.61
CA LEU H 533 0.72 -60.90 -64.40
C LEU H 533 0.88 -60.13 -65.71
N ARG H 534 1.30 -60.82 -66.77
CA ARG H 534 1.38 -60.17 -68.08
C ARG H 534 0.01 -59.69 -68.54
N ALA H 535 -1.00 -60.55 -68.42
CA ALA H 535 -2.36 -60.14 -68.78
C ALA H 535 -2.86 -59.04 -67.85
N PHE H 536 -2.58 -59.16 -66.56
CA PHE H 536 -2.98 -58.10 -65.63
C PHE H 536 -2.39 -56.75 -66.03
N ALA H 537 -1.11 -56.74 -66.37
CA ALA H 537 -0.44 -55.49 -66.74
C ALA H 537 -0.93 -54.97 -68.09
N VAL H 538 -1.29 -55.86 -69.01
CA VAL H 538 -1.88 -55.40 -70.27
C VAL H 538 -3.19 -54.69 -70.03
N TYR H 539 -4.03 -55.25 -69.15
CA TYR H 539 -5.29 -54.57 -68.84
C TYR H 539 -5.06 -53.24 -68.14
N THR H 540 -4.07 -53.18 -67.25
CA THR H 540 -3.75 -51.91 -66.59
C THR H 540 -3.26 -50.87 -67.60
N SER H 541 -2.41 -51.28 -68.53
CA SER H 541 -1.93 -50.37 -69.56
C SER H 541 -3.07 -49.88 -70.45
N ILE H 542 -3.99 -50.79 -70.81
CA ILE H 542 -5.16 -50.39 -71.60
C ILE H 542 -5.98 -49.37 -70.83
N SER H 543 -6.15 -49.58 -69.52
CA SER H 543 -6.88 -48.61 -68.71
C SER H 543 -6.22 -47.23 -68.76
N ILE H 544 -4.91 -47.18 -68.51
CA ILE H 544 -4.20 -45.89 -68.51
C ILE H 544 -4.33 -45.22 -69.87
N PHE H 545 -4.11 -45.99 -70.94
CA PHE H 545 -4.10 -45.42 -72.28
C PHE H 545 -5.49 -44.93 -72.69
N MET H 546 -6.54 -45.71 -72.41
CA MET H 546 -7.89 -45.24 -72.67
C MET H 546 -8.18 -43.97 -71.91
N ASN H 547 -7.84 -43.94 -70.62
CA ASN H 547 -8.13 -42.79 -69.78
C ASN H 547 -7.48 -41.52 -70.32
N THR H 548 -6.25 -41.62 -70.84
CA THR H 548 -5.58 -40.43 -71.33
C THR H 548 -5.84 -40.13 -72.80
N ALA H 549 -6.30 -41.10 -73.58
CA ALA H 549 -6.44 -40.92 -75.03
C ALA H 549 -7.86 -40.66 -75.48
N ILE H 550 -8.89 -41.12 -74.77
CA ILE H 550 -10.27 -40.79 -75.16
C ILE H 550 -10.50 -39.28 -75.19
N PRO H 551 -10.01 -38.49 -74.23
CA PRO H 551 -10.24 -37.03 -74.33
C PRO H 551 -9.55 -36.38 -75.52
N ILE H 552 -8.33 -36.80 -75.85
CA ILE H 552 -7.64 -36.24 -77.00
C ILE H 552 -8.43 -36.52 -78.27
N ALA H 553 -8.88 -37.76 -78.43
CA ALA H 553 -9.70 -38.11 -79.60
C ALA H 553 -11.01 -37.33 -79.61
N ALA H 554 -11.59 -37.10 -78.44
CA ALA H 554 -12.83 -36.33 -78.36
C ALA H 554 -12.62 -34.90 -78.84
N VAL H 555 -11.57 -34.23 -78.35
CA VAL H 555 -11.26 -32.88 -78.79
C VAL H 555 -11.01 -32.85 -80.30
N LEU H 556 -10.22 -33.81 -80.78
CA LEU H 556 -9.92 -33.89 -82.21
C LEU H 556 -11.19 -33.98 -83.05
N ILE H 557 -12.02 -34.99 -82.78
CA ILE H 557 -13.22 -35.17 -83.58
C ILE H 557 -14.13 -33.96 -83.47
N THR H 558 -14.28 -33.42 -82.25
CA THR H 558 -15.12 -32.25 -82.06
C THR H 558 -14.73 -31.12 -82.99
N PHE H 559 -13.46 -30.68 -82.89
CA PHE H 559 -13.06 -29.49 -83.62
C PHE H 559 -13.02 -29.74 -85.13
N VAL H 560 -12.42 -30.86 -85.55
CA VAL H 560 -12.27 -31.10 -86.98
C VAL H 560 -13.62 -31.27 -87.64
N GLY H 561 -14.51 -32.09 -87.05
CA GLY H 561 -15.85 -32.22 -87.59
C GLY H 561 -16.64 -30.92 -87.54
N HIS H 562 -16.38 -30.08 -86.52
CA HIS H 562 -17.02 -28.78 -86.46
C HIS H 562 -16.63 -27.92 -87.65
N VAL H 563 -15.37 -28.00 -88.06
CA VAL H 563 -14.87 -27.11 -89.10
C VAL H 563 -15.02 -27.70 -90.49
N SER H 564 -14.66 -28.97 -90.67
CA SER H 564 -14.64 -29.55 -92.01
C SER H 564 -15.93 -30.29 -92.36
N PHE H 565 -16.31 -31.28 -91.56
CA PHE H 565 -17.48 -32.10 -91.88
C PHE H 565 -18.76 -31.26 -91.82
N PHE H 566 -19.02 -30.63 -90.67
CA PHE H 566 -20.23 -29.84 -90.53
C PHE H 566 -20.19 -28.55 -91.32
N LYS H 567 -19.00 -28.07 -91.70
CA LYS H 567 -18.84 -26.75 -92.32
C LYS H 567 -19.51 -25.67 -91.46
N GLU H 568 -19.46 -25.87 -90.14
CA GLU H 568 -20.21 -25.07 -89.18
C GLU H 568 -19.51 -23.75 -88.92
N SER H 569 -19.95 -23.05 -87.87
CA SER H 569 -19.44 -21.73 -87.54
C SER H 569 -17.92 -21.76 -87.33
N ASP H 570 -17.28 -20.64 -87.66
CA ASP H 570 -15.83 -20.53 -87.53
C ASP H 570 -15.42 -20.64 -86.06
N LEU H 571 -14.31 -21.32 -85.83
CA LEU H 571 -13.85 -21.65 -84.48
C LEU H 571 -13.16 -20.44 -83.87
N SER H 572 -13.86 -19.73 -82.99
CA SER H 572 -13.34 -18.57 -82.29
C SER H 572 -12.57 -19.00 -81.05
N PRO H 573 -11.65 -18.16 -80.57
CA PRO H 573 -10.89 -18.54 -79.37
C PRO H 573 -11.78 -18.81 -78.16
N SER H 574 -12.75 -17.94 -77.90
CA SER H 574 -13.63 -18.12 -76.75
C SER H 574 -14.38 -19.43 -76.83
N VAL H 575 -15.04 -19.69 -77.96
CA VAL H 575 -15.86 -20.89 -78.11
C VAL H 575 -15.01 -22.15 -77.97
N ALA H 576 -13.86 -22.18 -78.65
CA ALA H 576 -13.01 -23.37 -78.62
C ALA H 576 -12.45 -23.63 -77.23
N PHE H 577 -11.94 -22.60 -76.56
CA PHE H 577 -11.34 -22.85 -75.25
C PHE H 577 -12.38 -23.10 -74.18
N ALA H 578 -13.58 -22.53 -74.31
CA ALA H 578 -14.67 -22.94 -73.42
C ALA H 578 -14.98 -24.41 -73.59
N SER H 579 -15.04 -24.89 -74.83
CA SER H 579 -15.31 -26.32 -75.04
C SER H 579 -14.18 -27.18 -74.50
N LEU H 580 -12.93 -26.72 -74.62
CA LEU H 580 -11.81 -27.49 -74.09
C LEU H 580 -11.89 -27.60 -72.57
N SER H 581 -12.19 -26.49 -71.90
CA SER H 581 -12.34 -26.53 -70.45
C SER H 581 -13.52 -27.41 -70.04
N LEU H 582 -14.61 -27.37 -70.80
CA LEU H 582 -15.73 -28.25 -70.49
C LEU H 582 -15.37 -29.71 -70.68
N PHE H 583 -14.52 -30.02 -71.67
CA PHE H 583 -14.05 -31.40 -71.83
C PHE H 583 -13.20 -31.83 -70.65
N HIS H 584 -12.30 -30.97 -70.20
CA HIS H 584 -11.48 -31.29 -69.04
C HIS H 584 -12.33 -31.49 -67.79
N ILE H 585 -13.41 -30.71 -67.66
CA ILE H 585 -14.31 -30.90 -66.51
C ILE H 585 -15.13 -32.18 -66.67
N LEU H 586 -15.41 -32.59 -67.91
CA LEU H 586 -16.17 -33.82 -68.13
C LEU H 586 -15.33 -35.08 -67.95
N VAL H 587 -14.00 -34.99 -68.12
CA VAL H 587 -13.16 -36.20 -68.07
C VAL H 587 -13.39 -36.96 -66.78
N THR H 588 -13.20 -36.30 -65.64
CA THR H 588 -13.14 -36.98 -64.35
C THR H 588 -14.40 -37.76 -64.01
N PRO H 589 -15.61 -37.19 -64.05
CA PRO H 589 -16.80 -37.99 -63.71
C PRO H 589 -16.98 -39.19 -64.62
N LEU H 590 -16.69 -39.04 -65.91
CA LEU H 590 -16.82 -40.18 -66.82
C LEU H 590 -15.83 -41.30 -66.46
N PHE H 591 -14.66 -40.94 -65.97
CA PHE H 591 -13.68 -41.96 -65.60
C PHE H 591 -14.06 -42.64 -64.29
N LEU H 592 -14.52 -41.87 -63.31
CA LEU H 592 -14.78 -42.44 -61.99
C LEU H 592 -16.18 -43.00 -61.82
N LEU H 593 -17.07 -42.82 -62.80
CA LEU H 593 -18.42 -43.37 -62.68
C LEU H 593 -18.40 -44.89 -62.67
N SER H 594 -17.50 -45.50 -63.44
CA SER H 594 -17.34 -46.94 -63.41
C SER H 594 -16.99 -47.42 -62.00
N SER H 595 -16.01 -46.77 -61.38
CA SER H 595 -15.61 -47.15 -60.03
C SER H 595 -16.75 -46.95 -59.03
N VAL H 596 -17.51 -45.86 -59.18
CA VAL H 596 -18.64 -45.62 -58.28
C VAL H 596 -19.66 -46.74 -58.40
N VAL H 597 -20.00 -47.12 -59.63
CA VAL H 597 -21.01 -48.17 -59.82
C VAL H 597 -20.50 -49.50 -59.28
N ARG H 598 -19.23 -49.81 -59.54
CA ARG H 598 -18.67 -51.07 -59.05
C ARG H 598 -18.69 -51.12 -57.53
N SER H 599 -18.28 -50.03 -56.88
CA SER H 599 -18.35 -49.97 -55.42
C SER H 599 -19.79 -50.08 -54.92
N THR H 600 -20.75 -49.53 -55.66
CA THR H 600 -22.14 -49.63 -55.24
C THR H 600 -22.63 -51.07 -55.25
N VAL H 601 -22.36 -51.80 -56.34
CA VAL H 601 -22.82 -53.19 -56.37
C VAL H 601 -22.06 -54.03 -55.33
N LYS H 602 -20.78 -53.72 -55.12
CA LYS H 602 -20.00 -54.43 -54.12
C LYS H 602 -20.60 -54.25 -52.73
N ALA H 603 -20.94 -53.01 -52.37
CA ALA H 603 -21.51 -52.76 -51.06
C ALA H 603 -22.94 -53.26 -50.95
N LEU H 604 -23.67 -53.33 -52.05
CA LEU H 604 -24.98 -53.97 -52.02
C LEU H 604 -24.84 -55.44 -51.65
N VAL H 605 -23.89 -56.14 -52.28
CA VAL H 605 -23.61 -57.52 -51.90
C VAL H 605 -23.18 -57.61 -50.44
N SER H 606 -22.39 -56.64 -49.99
CA SER H 606 -21.93 -56.65 -48.60
C SER H 606 -23.08 -56.50 -47.61
N VAL H 607 -24.04 -55.62 -47.91
CA VAL H 607 -25.18 -55.46 -47.02
C VAL H 607 -26.08 -56.69 -47.06
N GLN H 608 -26.18 -57.33 -48.23
CA GLN H 608 -26.91 -58.60 -48.29
C GLN H 608 -26.27 -59.64 -47.37
N LYS H 609 -24.94 -59.79 -47.47
CA LYS H 609 -24.24 -60.75 -46.62
C LYS H 609 -24.39 -60.40 -45.15
N LEU H 610 -24.32 -59.10 -44.82
CA LEU H 610 -24.47 -58.68 -43.43
C LEU H 610 -25.85 -58.98 -42.89
N SER H 611 -26.89 -58.80 -43.71
CA SER H 611 -28.23 -59.16 -43.28
C SER H 611 -28.36 -60.67 -43.09
N GLU H 612 -27.80 -61.45 -44.02
CA GLU H 612 -27.83 -62.90 -43.87
C GLU H 612 -27.20 -63.34 -42.57
N PHE H 613 -26.08 -62.71 -42.20
CA PHE H 613 -25.42 -63.05 -40.94
C PHE H 613 -26.23 -62.59 -39.74
N LEU H 614 -26.69 -61.34 -39.75
CA LEU H 614 -27.40 -60.78 -38.62
C LEU H 614 -28.75 -61.45 -38.39
N SER H 615 -29.27 -62.17 -39.38
CA SER H 615 -30.56 -62.83 -39.22
C SER H 615 -30.45 -64.15 -38.44
N SER H 616 -29.29 -64.80 -38.44
CA SER H 616 -29.13 -66.11 -37.79
C SER H 616 -29.12 -65.99 -36.27
N CYS H 678 -27.84 -74.10 -4.77
CA CYS H 678 -27.50 -75.26 -5.58
C CYS H 678 -27.97 -75.09 -7.02
N VAL H 679 -27.45 -75.92 -7.92
CA VAL H 679 -27.83 -75.90 -9.32
C VAL H 679 -28.82 -77.05 -9.56
N GLN H 680 -30.07 -76.70 -9.82
CA GLN H 680 -31.14 -77.66 -9.98
C GLN H 680 -31.56 -77.76 -11.45
N ILE H 681 -31.77 -78.99 -11.91
CA ILE H 681 -32.26 -79.24 -13.26
C ILE H 681 -33.33 -80.33 -13.19
N ILE H 682 -34.50 -80.05 -13.76
CA ILE H 682 -35.60 -81.00 -13.82
C ILE H 682 -36.10 -81.05 -15.25
N GLY H 683 -36.02 -82.24 -15.87
CA GLY H 683 -36.55 -82.45 -17.20
C GLY H 683 -35.73 -81.84 -18.31
N GLY H 684 -34.46 -82.24 -18.43
CA GLY H 684 -33.61 -81.69 -19.48
C GLY H 684 -34.08 -82.14 -20.85
N PHE H 685 -34.26 -81.18 -21.76
CA PHE H 685 -34.72 -81.48 -23.12
C PHE H 685 -34.29 -80.36 -24.04
N PHE H 686 -33.31 -80.63 -24.91
CA PHE H 686 -32.83 -79.66 -25.88
C PHE H 686 -31.97 -80.40 -26.91
N THR H 687 -31.58 -79.67 -27.95
CA THR H 687 -30.71 -80.21 -28.99
C THR H 687 -29.91 -79.08 -29.60
N TRP H 688 -28.98 -79.44 -30.48
CA TRP H 688 -28.19 -78.44 -31.20
C TRP H 688 -28.82 -78.06 -32.53
N THR H 689 -30.12 -77.77 -32.50
CA THR H 689 -30.90 -77.38 -33.68
C THR H 689 -32.16 -76.68 -33.21
N PRO H 690 -32.72 -75.76 -34.00
CA PRO H 690 -34.07 -75.26 -33.69
C PRO H 690 -35.13 -76.33 -33.81
N ASP H 691 -34.90 -77.38 -34.61
CA ASP H 691 -35.84 -78.48 -34.76
C ASP H 691 -35.07 -79.71 -35.21
N GLY H 692 -35.25 -80.82 -34.50
CA GLY H 692 -34.56 -82.05 -34.83
C GLY H 692 -34.59 -83.01 -33.66
N ILE H 693 -33.91 -84.14 -33.86
CA ILE H 693 -33.85 -85.16 -32.82
C ILE H 693 -33.06 -84.64 -31.63
N PRO H 694 -33.54 -84.78 -30.40
CA PRO H 694 -32.86 -84.19 -29.25
C PRO H 694 -31.78 -85.09 -28.68
N THR H 695 -30.63 -84.47 -28.40
CA THR H 695 -29.54 -85.16 -27.71
C THR H 695 -29.57 -84.98 -26.20
N LEU H 696 -30.41 -84.07 -25.72
CA LEU H 696 -30.65 -83.90 -24.28
C LEU H 696 -32.09 -84.33 -23.99
N SER H 697 -32.24 -85.32 -23.10
CA SER H 697 -33.56 -85.88 -22.82
C SER H 697 -33.56 -86.44 -21.41
N ASN H 698 -34.50 -85.97 -20.60
CA ASN H 698 -34.77 -86.51 -19.26
C ASN H 698 -33.51 -86.45 -18.37
N ILE H 699 -33.10 -85.21 -18.10
CA ILE H 699 -31.96 -84.94 -17.22
C ILE H 699 -32.47 -84.18 -16.01
N THR H 700 -32.22 -84.72 -14.82
CA THR H 700 -32.60 -84.09 -13.56
C THR H 700 -31.44 -84.26 -12.60
N ILE H 701 -30.79 -83.16 -12.23
CA ILE H 701 -29.56 -83.20 -11.44
C ILE H 701 -29.57 -82.07 -10.43
N ARG H 702 -29.11 -82.35 -9.21
CA ARG H 702 -28.91 -81.35 -8.18
C ARG H 702 -27.42 -81.27 -7.85
N ILE H 703 -26.86 -80.07 -7.95
CA ILE H 703 -25.47 -79.82 -7.60
C ILE H 703 -25.45 -78.89 -6.39
N PRO H 704 -25.34 -79.42 -5.17
CA PRO H 704 -25.33 -78.56 -4.00
C PRO H 704 -24.01 -77.82 -3.86
N ARG H 705 -24.04 -76.79 -3.01
CA ARG H 705 -22.86 -75.96 -2.79
C ARG H 705 -21.79 -76.72 -2.01
N GLY H 706 -20.54 -76.38 -2.27
CA GLY H 706 -19.41 -77.01 -1.62
C GLY H 706 -19.33 -78.50 -1.95
N GLN H 707 -19.12 -78.81 -3.22
CA GLN H 707 -19.14 -80.19 -3.66
C GLN H 707 -18.29 -80.33 -4.92
N LEU H 708 -17.60 -81.47 -5.01
CA LEU H 708 -16.86 -81.88 -6.20
C LEU H 708 -17.73 -82.88 -6.96
N THR H 709 -18.44 -82.40 -7.97
CA THR H 709 -19.35 -83.23 -8.74
C THR H 709 -18.63 -83.77 -9.96
N MET H 710 -18.47 -85.09 -10.04
CA MET H 710 -17.76 -85.74 -11.13
C MET H 710 -18.77 -86.28 -12.15
N ILE H 711 -18.52 -86.01 -13.42
CA ILE H 711 -19.35 -86.51 -14.52
C ILE H 711 -18.53 -87.48 -15.33
N VAL H 712 -19.05 -88.70 -15.52
CA VAL H 712 -18.34 -89.74 -16.25
C VAL H 712 -19.29 -90.39 -17.24
N GLY H 713 -18.71 -90.92 -18.32
CA GLY H 713 -19.46 -91.57 -19.36
C GLY H 713 -18.53 -91.94 -20.49
N GLN H 714 -19.12 -92.55 -21.52
CA GLN H 714 -18.36 -92.94 -22.70
C GLN H 714 -18.15 -91.72 -23.59
N VAL H 715 -17.64 -91.94 -24.80
CA VAL H 715 -17.42 -90.87 -25.76
C VAL H 715 -18.72 -90.67 -26.54
N GLY H 716 -19.41 -89.57 -26.27
CA GLY H 716 -20.68 -89.29 -26.90
C GLY H 716 -21.87 -89.58 -26.02
N CYS H 717 -21.76 -89.21 -24.73
CA CYS H 717 -22.83 -89.44 -23.76
C CYS H 717 -23.44 -88.14 -23.26
N GLY H 718 -23.11 -87.00 -23.86
CA GLY H 718 -23.68 -85.74 -23.46
C GLY H 718 -23.07 -85.13 -22.21
N LYS H 719 -21.78 -85.36 -21.97
CA LYS H 719 -21.14 -84.76 -20.80
C LYS H 719 -20.95 -83.26 -21.00
N SER H 720 -20.27 -82.86 -22.08
CA SER H 720 -20.08 -81.45 -22.35
C SER H 720 -21.39 -80.75 -22.68
N SER H 721 -22.31 -81.44 -23.37
CA SER H 721 -23.61 -80.86 -23.65
C SER H 721 -24.35 -80.53 -22.37
N LEU H 722 -24.30 -81.43 -21.39
CA LEU H 722 -24.92 -81.15 -20.09
C LEU H 722 -24.17 -80.04 -19.35
N LEU H 723 -22.84 -80.02 -19.46
CA LEU H 723 -22.06 -78.98 -18.80
C LEU H 723 -22.44 -77.60 -19.31
N LEU H 724 -22.68 -77.48 -20.62
CA LEU H 724 -23.14 -76.22 -21.17
C LEU H 724 -24.62 -75.96 -20.89
N ALA H 725 -25.39 -77.03 -20.70
CA ALA H 725 -26.82 -76.87 -20.41
C ALA H 725 -27.03 -76.20 -19.05
N THR H 726 -26.24 -76.62 -18.05
CA THR H 726 -26.33 -75.98 -16.73
C THR H 726 -25.80 -74.56 -16.74
N LEU H 727 -25.00 -74.20 -17.75
CA LEU H 727 -24.42 -72.87 -17.85
C LEU H 727 -25.37 -71.86 -18.49
N GLY H 728 -26.55 -72.30 -18.93
CA GLY H 728 -27.46 -71.44 -19.65
C GLY H 728 -27.11 -71.26 -21.11
N GLU H 729 -26.17 -72.05 -21.64
CA GLU H 729 -25.70 -71.86 -23.01
C GLU H 729 -26.70 -72.38 -24.03
N MET H 730 -27.45 -73.42 -23.70
CA MET H 730 -28.45 -74.00 -24.59
C MET H 730 -29.81 -73.90 -23.90
N GLN H 731 -30.70 -73.07 -24.45
CA GLN H 731 -32.04 -72.91 -23.91
C GLN H 731 -32.85 -74.18 -24.16
N LYS H 732 -33.16 -74.90 -23.08
CA LYS H 732 -33.86 -76.18 -23.21
C LYS H 732 -35.29 -75.97 -23.69
N VAL H 733 -35.80 -76.96 -24.42
CA VAL H 733 -37.13 -76.86 -25.00
C VAL H 733 -38.19 -76.95 -23.90
N SER H 734 -38.22 -78.06 -23.17
CA SER H 734 -39.20 -78.29 -22.11
C SER H 734 -38.45 -78.78 -20.87
N GLY H 735 -38.21 -77.87 -19.94
CA GLY H 735 -37.52 -78.22 -18.71
C GLY H 735 -37.24 -76.99 -17.87
N ALA H 736 -36.82 -77.24 -16.63
CA ALA H 736 -36.53 -76.20 -15.67
C ALA H 736 -35.09 -76.32 -15.21
N VAL H 737 -34.40 -75.17 -15.13
CA VAL H 737 -33.01 -75.13 -14.68
C VAL H 737 -32.79 -73.84 -13.92
N PHE H 738 -32.29 -73.96 -12.68
CA PHE H 738 -32.04 -72.81 -11.82
C PHE H 738 -30.69 -72.97 -11.16
N TRP H 739 -30.12 -71.84 -10.72
CA TRP H 739 -28.90 -71.87 -9.94
C TRP H 739 -28.77 -70.61 -9.09
N GLY H 768 -26.39 -65.93 -13.00
CA GLY H 768 -25.26 -65.74 -12.11
C GLY H 768 -23.91 -66.04 -12.74
N PRO H 769 -22.87 -65.31 -12.32
CA PRO H 769 -21.56 -65.49 -12.94
C PRO H 769 -20.89 -66.79 -12.51
N VAL H 770 -20.26 -67.46 -13.47
CA VAL H 770 -19.75 -68.81 -13.27
C VAL H 770 -18.46 -68.97 -14.05
N ALA H 771 -17.42 -69.51 -13.42
CA ALA H 771 -16.18 -69.77 -14.13
C ALA H 771 -16.27 -71.08 -14.90
N TYR H 772 -15.57 -71.14 -16.03
CA TYR H 772 -15.69 -72.27 -16.93
C TYR H 772 -14.41 -72.42 -17.74
N ALA H 773 -13.93 -73.65 -17.85
CA ALA H 773 -12.76 -73.97 -18.67
C ALA H 773 -13.18 -75.03 -19.68
N SER H 774 -13.29 -74.61 -20.94
CA SER H 774 -13.75 -75.47 -22.03
C SER H 774 -12.74 -76.56 -22.33
N GLN H 775 -13.20 -77.60 -23.03
CA GLN H 775 -12.34 -78.71 -23.38
C GLN H 775 -11.22 -78.27 -24.31
N LYS H 776 -11.56 -77.47 -25.34
CA LYS H 776 -10.55 -76.89 -26.20
C LYS H 776 -10.05 -75.59 -25.58
N PRO H 777 -8.77 -75.47 -25.23
CA PRO H 777 -8.30 -74.25 -24.58
C PRO H 777 -8.14 -73.10 -25.57
N TRP H 778 -8.56 -71.92 -25.15
CA TRP H 778 -8.38 -70.71 -25.93
C TRP H 778 -7.65 -69.67 -25.09
N LEU H 779 -6.88 -68.81 -25.76
CA LEU H 779 -6.06 -67.81 -25.10
C LEU H 779 -6.38 -66.44 -25.68
N LEU H 780 -5.70 -65.42 -25.17
CA LEU H 780 -5.77 -64.07 -25.69
C LEU H 780 -4.41 -63.69 -26.28
N ASN H 781 -4.43 -62.78 -27.25
CA ASN H 781 -3.20 -62.27 -27.86
C ASN H 781 -2.53 -61.28 -26.90
N ALA H 782 -2.22 -61.76 -25.70
CA ALA H 782 -1.70 -60.94 -24.62
C ALA H 782 -0.65 -61.75 -23.86
N THR H 783 -0.29 -61.26 -22.69
CA THR H 783 0.71 -61.91 -21.86
C THR H 783 0.07 -63.04 -21.05
N VAL H 784 0.93 -63.82 -20.38
CA VAL H 784 0.46 -64.94 -19.58
C VAL H 784 -0.22 -64.44 -18.30
N GLU H 785 0.37 -63.43 -17.65
CA GLU H 785 -0.26 -62.83 -16.48
C GLU H 785 -1.62 -62.26 -16.83
N GLU H 786 -1.75 -61.65 -18.02
CA GLU H 786 -3.03 -61.11 -18.45
C GLU H 786 -4.03 -62.23 -18.70
N ASN H 787 -3.57 -63.36 -19.25
CA ASN H 787 -4.45 -64.51 -19.45
C ASN H 787 -4.97 -65.06 -18.12
N ILE H 788 -4.09 -65.16 -17.12
CA ILE H 788 -4.47 -65.82 -15.88
C ILE H 788 -5.32 -64.89 -15.01
N THR H 789 -4.98 -63.59 -14.97
CA THR H 789 -5.80 -62.66 -14.20
C THR H 789 -7.16 -62.45 -14.84
N PHE H 790 -7.18 -62.24 -16.17
CA PHE H 790 -8.42 -62.13 -16.94
C PHE H 790 -9.30 -60.99 -16.42
N GLU H 791 -8.76 -59.78 -16.52
CA GLU H 791 -9.45 -58.56 -16.10
C GLU H 791 -9.83 -58.61 -14.63
N SER H 792 -8.87 -58.99 -13.80
CA SER H 792 -9.04 -59.05 -12.36
C SER H 792 -7.90 -58.32 -11.67
N PRO H 793 -8.17 -57.67 -10.53
CA PRO H 793 -7.09 -56.98 -9.81
C PRO H 793 -5.98 -57.94 -9.44
N PHE H 794 -4.76 -57.58 -9.84
CA PHE H 794 -3.60 -58.44 -9.62
C PHE H 794 -3.32 -58.54 -8.12
N ASN H 795 -3.07 -59.76 -7.65
CA ASN H 795 -2.75 -60.03 -6.25
C ASN H 795 -1.37 -60.65 -6.16
N LYS H 796 -0.76 -60.51 -4.98
CA LYS H 796 0.57 -61.07 -4.74
C LYS H 796 0.49 -62.52 -4.28
N GLN H 797 -0.25 -62.78 -3.21
CA GLN H 797 -0.36 -64.14 -2.68
C GLN H 797 -1.31 -65.00 -3.51
N ARG H 798 -2.40 -64.41 -4.00
CA ARG H 798 -3.39 -65.17 -4.76
C ARG H 798 -2.81 -65.62 -6.10
N TYR H 799 -2.23 -64.69 -6.86
CA TYR H 799 -1.68 -65.03 -8.17
C TYR H 799 -0.54 -66.03 -8.05
N LYS H 800 0.38 -65.81 -7.10
CA LYS H 800 1.48 -66.74 -6.93
C LYS H 800 1.00 -68.10 -6.45
N MET H 801 -0.03 -68.12 -5.59
CA MET H 801 -0.59 -69.38 -5.13
C MET H 801 -1.18 -70.17 -6.29
N VAL H 802 -1.89 -69.49 -7.19
CA VAL H 802 -2.45 -70.18 -8.36
C VAL H 802 -1.33 -70.65 -9.29
N ILE H 803 -0.33 -69.80 -9.52
CA ILE H 803 0.80 -70.16 -10.38
C ILE H 803 1.48 -71.43 -9.88
N GLU H 804 1.73 -71.49 -8.57
CA GLU H 804 2.40 -72.67 -8.02
C GLU H 804 1.48 -73.88 -8.02
N ALA H 805 0.19 -73.68 -7.70
CA ALA H 805 -0.74 -74.80 -7.61
C ALA H 805 -1.13 -75.36 -8.97
N CYS H 806 -0.71 -74.73 -10.06
CA CYS H 806 -1.03 -75.19 -11.41
C CYS H 806 0.18 -75.71 -12.16
N SER H 807 1.32 -75.87 -11.48
CA SER H 807 2.55 -76.42 -12.07
C SER H 807 2.92 -75.67 -13.35
N LEU H 808 3.00 -74.35 -13.24
CA LEU H 808 3.25 -73.50 -14.39
C LEU H 808 4.47 -72.59 -14.26
N GLN H 809 4.93 -72.30 -13.04
CA GLN H 809 6.06 -71.39 -12.85
C GLN H 809 7.32 -71.85 -13.57
N PRO H 810 7.76 -73.12 -13.48
CA PRO H 810 8.96 -73.51 -14.24
C PRO H 810 8.78 -73.42 -15.75
N ASP H 811 7.64 -73.86 -16.28
CA ASP H 811 7.39 -73.77 -17.71
C ASP H 811 7.29 -72.33 -18.18
N ILE H 812 6.79 -71.44 -17.31
CA ILE H 812 6.74 -70.02 -17.66
C ILE H 812 8.13 -69.42 -17.68
N ASP H 813 8.97 -69.79 -16.69
CA ASP H 813 10.35 -69.34 -16.71
C ASP H 813 11.14 -69.89 -17.88
N ILE H 814 10.69 -71.01 -18.46
CA ILE H 814 11.37 -71.58 -19.63
C ILE H 814 11.13 -70.76 -20.89
N LEU H 815 10.11 -69.90 -20.89
CA LEU H 815 9.80 -69.09 -22.06
C LEU H 815 10.94 -68.10 -22.34
N PRO H 816 11.02 -67.60 -23.58
CA PRO H 816 12.09 -66.63 -23.89
C PRO H 816 12.07 -65.41 -23.00
N HIS H 817 10.89 -64.95 -22.60
CA HIS H 817 10.76 -63.93 -21.57
C HIS H 817 10.28 -64.60 -20.28
N GLY H 818 10.87 -64.21 -19.16
CA GLY H 818 10.55 -64.78 -17.87
C GLY H 818 9.06 -64.81 -17.59
N ASP H 819 8.42 -63.64 -17.64
CA ASP H 819 6.97 -63.55 -17.56
C ASP H 819 6.54 -62.38 -18.44
N GLN H 820 5.22 -62.15 -18.48
CA GLN H 820 4.63 -61.16 -19.39
C GLN H 820 5.04 -61.44 -20.83
N THR H 821 5.25 -62.72 -21.16
CA THR H 821 5.63 -63.10 -22.51
C THR H 821 4.43 -63.00 -23.43
N GLN H 822 4.62 -62.38 -24.59
CA GLN H 822 3.54 -62.16 -25.55
C GLN H 822 3.15 -63.51 -26.14
N ILE H 823 2.06 -64.10 -25.64
CA ILE H 823 1.55 -65.33 -26.22
C ILE H 823 1.10 -65.07 -27.65
N GLY H 824 1.61 -65.87 -28.58
CA GLY H 824 1.30 -65.70 -29.99
C GLY H 824 -0.16 -65.89 -30.33
N GLU H 825 -0.53 -65.64 -31.59
CA GLU H 825 -1.91 -65.78 -32.02
C GLU H 825 -2.37 -67.22 -31.84
N ARG H 826 -3.32 -67.44 -30.94
CA ARG H 826 -3.88 -68.74 -30.55
C ARG H 826 -2.88 -69.59 -29.75
N GLY H 827 -1.66 -69.12 -29.54
CA GLY H 827 -0.67 -69.87 -28.78
C GLY H 827 0.25 -70.72 -29.64
N ILE H 828 0.80 -70.11 -30.69
CA ILE H 828 1.69 -70.84 -31.59
C ILE H 828 3.00 -71.18 -30.89
N ASN H 829 3.51 -70.26 -30.06
CA ASN H 829 4.73 -70.49 -29.30
C ASN H 829 4.48 -71.25 -28.00
N LEU H 830 3.35 -71.94 -27.88
CA LEU H 830 3.05 -72.76 -26.72
C LEU H 830 2.49 -74.10 -27.19
N SER H 831 2.51 -75.07 -26.29
CA SER H 831 2.00 -76.41 -26.57
C SER H 831 0.59 -76.57 -26.00
N GLY H 832 0.03 -77.76 -26.18
CA GLY H 832 -1.33 -78.00 -25.72
C GLY H 832 -1.43 -78.07 -24.21
N GLY H 833 -0.48 -78.75 -23.56
CA GLY H 833 -0.49 -78.83 -22.11
C GLY H 833 -0.36 -77.47 -21.45
N GLN H 834 0.52 -76.62 -21.99
CA GLN H 834 0.67 -75.27 -21.45
C GLN H 834 -0.62 -74.48 -21.59
N ARG H 835 -1.29 -74.58 -22.74
CA ARG H 835 -2.54 -73.85 -22.94
C ARG H 835 -3.63 -74.33 -22.00
N GLN H 836 -3.76 -75.66 -21.83
CA GLN H 836 -4.76 -76.19 -20.91
C GLN H 836 -4.47 -75.80 -19.47
N ARG H 837 -3.19 -75.79 -19.08
CA ARG H 837 -2.83 -75.36 -17.74
C ARG H 837 -3.16 -73.89 -17.53
N ILE H 838 -2.89 -73.04 -18.53
CA ILE H 838 -3.22 -71.63 -18.41
C ILE H 838 -4.73 -71.43 -18.32
N SER H 839 -5.50 -72.25 -19.05
CA SER H 839 -6.95 -72.15 -18.99
C SER H 839 -7.48 -72.53 -17.61
N VAL H 840 -6.96 -73.63 -17.04
CA VAL H 840 -7.37 -74.01 -15.70
C VAL H 840 -6.94 -72.95 -14.69
N ALA H 841 -5.79 -72.31 -14.93
CA ALA H 841 -5.34 -71.24 -14.03
C ALA H 841 -6.28 -70.06 -14.08
N ARG H 842 -6.73 -69.69 -15.30
CA ARG H 842 -7.69 -68.59 -15.41
C ARG H 842 -9.01 -68.94 -14.75
N ALA H 843 -9.44 -70.20 -14.88
CA ALA H 843 -10.70 -70.62 -14.25
C ALA H 843 -10.58 -70.64 -12.72
N LEU H 844 -9.38 -70.92 -12.20
CA LEU H 844 -9.20 -71.00 -10.75
C LEU H 844 -8.99 -69.62 -10.13
N TYR H 845 -8.29 -68.73 -10.84
CA TYR H 845 -7.93 -67.43 -10.27
C TYR H 845 -9.14 -66.54 -10.01
N GLN H 846 -10.24 -66.74 -10.73
CA GLN H 846 -11.40 -65.88 -10.57
C GLN H 846 -12.12 -66.17 -9.27
N GLN H 847 -12.64 -65.10 -8.64
CA GLN H 847 -13.34 -65.20 -7.36
C GLN H 847 -14.83 -65.35 -7.64
N THR H 848 -15.25 -66.60 -7.88
CA THR H 848 -16.64 -66.92 -8.19
C THR H 848 -17.05 -68.14 -7.40
N ASN H 849 -18.30 -68.56 -7.58
CA ASN H 849 -18.88 -69.68 -6.85
C ASN H 849 -18.76 -70.99 -7.62
N VAL H 850 -19.38 -71.07 -8.79
CA VAL H 850 -19.43 -72.31 -9.56
C VAL H 850 -18.26 -72.33 -10.54
N VAL H 851 -17.60 -73.48 -10.66
CA VAL H 851 -16.46 -73.64 -11.55
C VAL H 851 -16.64 -74.95 -12.31
N PHE H 852 -16.77 -74.86 -13.63
CA PHE H 852 -16.86 -76.04 -14.49
C PHE H 852 -15.52 -76.29 -15.16
N LEU H 853 -15.09 -77.55 -15.15
CA LEU H 853 -13.84 -77.94 -15.80
C LEU H 853 -14.11 -79.11 -16.74
N ASP H 854 -14.04 -78.86 -18.05
CA ASP H 854 -14.36 -79.88 -19.04
C ASP H 854 -13.08 -80.57 -19.47
N ASP H 855 -12.76 -81.68 -18.81
CA ASP H 855 -11.62 -82.56 -19.12
C ASP H 855 -10.31 -81.78 -19.11
N PRO H 856 -9.86 -81.30 -17.95
CA PRO H 856 -8.56 -80.60 -17.88
C PRO H 856 -7.36 -81.52 -17.77
N PHE H 857 -7.58 -82.85 -17.75
CA PHE H 857 -6.50 -83.80 -17.59
C PHE H 857 -6.22 -84.59 -18.87
N SER H 858 -6.59 -84.04 -20.04
CA SER H 858 -6.42 -84.75 -21.29
C SER H 858 -5.02 -84.61 -21.89
N ALA H 859 -4.37 -83.47 -21.69
CA ALA H 859 -3.03 -83.23 -22.21
C ALA H 859 -2.02 -83.03 -21.10
N LEU H 860 -2.25 -83.65 -19.95
CA LEU H 860 -1.34 -83.56 -18.81
C LEU H 860 -0.82 -84.95 -18.47
N ASP H 861 0.34 -84.97 -17.79
CA ASP H 861 0.95 -86.21 -17.37
C ASP H 861 0.25 -86.75 -16.12
N VAL H 862 0.72 -87.90 -15.63
CA VAL H 862 0.11 -88.48 -14.44
C VAL H 862 0.51 -87.70 -13.19
N HIS H 863 1.79 -87.35 -13.07
CA HIS H 863 2.24 -86.57 -11.92
C HIS H 863 1.64 -85.16 -11.95
N LEU H 864 1.56 -84.56 -13.14
CA LEU H 864 0.94 -83.24 -13.26
C LEU H 864 -0.53 -83.28 -12.86
N SER H 865 -1.26 -84.30 -13.32
CA SER H 865 -2.66 -84.42 -12.95
C SER H 865 -2.82 -84.63 -11.45
N ASP H 866 -1.98 -85.48 -10.85
CA ASP H 866 -2.05 -85.70 -9.41
C ASP H 866 -1.80 -84.41 -8.65
N HIS H 867 -0.75 -83.67 -9.02
CA HIS H 867 -0.43 -82.43 -8.32
C HIS H 867 -1.52 -81.39 -8.51
N LEU H 868 -2.12 -81.32 -9.71
CA LEU H 868 -3.16 -80.33 -9.96
C LEU H 868 -4.42 -80.64 -9.18
N MET H 869 -4.80 -81.93 -9.11
CA MET H 869 -6.01 -82.28 -8.37
C MET H 869 -5.79 -82.18 -6.87
N GLN H 870 -4.56 -82.40 -6.39
CA GLN H 870 -4.33 -82.35 -4.96
C GLN H 870 -4.16 -80.92 -4.46
N ALA H 871 -3.32 -80.13 -5.13
CA ALA H 871 -3.04 -78.78 -4.65
C ALA H 871 -4.12 -77.79 -5.04
N GLY H 872 -4.74 -77.97 -6.21
CA GLY H 872 -5.69 -77.00 -6.71
C GLY H 872 -7.15 -77.35 -6.50
N ILE H 873 -7.50 -78.63 -6.64
CA ILE H 873 -8.89 -79.06 -6.58
C ILE H 873 -9.27 -79.42 -5.15
N LEU H 874 -8.52 -80.35 -4.55
CA LEU H 874 -8.86 -80.84 -3.21
C LEU H 874 -8.32 -79.97 -2.09
N GLU H 875 -7.48 -78.98 -2.39
CA GLU H 875 -6.90 -78.14 -1.36
C GLU H 875 -7.01 -76.64 -1.63
N LEU H 876 -7.35 -76.22 -2.84
CA LEU H 876 -7.55 -74.80 -3.15
C LEU H 876 -8.97 -74.49 -3.56
N LEU H 877 -9.58 -75.30 -4.42
CA LEU H 877 -11.00 -75.15 -4.70
C LEU H 877 -11.83 -75.63 -3.52
N ARG H 878 -11.46 -76.77 -2.93
CA ARG H 878 -12.14 -77.27 -1.74
C ARG H 878 -11.88 -76.41 -0.52
N ASP H 879 -10.83 -75.60 -0.54
CA ASP H 879 -10.53 -74.72 0.60
C ASP H 879 -11.61 -73.66 0.77
N ASP H 880 -11.96 -72.96 -0.31
CA ASP H 880 -12.95 -71.90 -0.26
C ASP H 880 -14.38 -72.40 -0.39
N LYS H 881 -14.58 -73.72 -0.42
CA LYS H 881 -15.90 -74.34 -0.53
C LYS H 881 -16.63 -73.87 -1.79
N ARG H 882 -16.01 -74.16 -2.92
CA ARG H 882 -16.56 -73.81 -4.23
C ARG H 882 -17.29 -75.00 -4.85
N THR H 883 -18.31 -74.70 -5.64
CA THR H 883 -19.08 -75.72 -6.36
C THR H 883 -18.29 -76.10 -7.60
N VAL H 884 -17.48 -77.15 -7.49
CA VAL H 884 -16.57 -77.55 -8.56
C VAL H 884 -17.20 -78.73 -9.29
N VAL H 885 -17.50 -78.56 -10.57
CA VAL H 885 -18.08 -79.62 -11.39
C VAL H 885 -17.04 -79.98 -12.44
N LEU H 886 -16.53 -81.20 -12.35
CA LEU H 886 -15.46 -81.70 -13.21
C LEU H 886 -15.99 -82.80 -14.10
N VAL H 887 -15.57 -82.79 -15.36
CA VAL H 887 -15.95 -83.83 -16.32
C VAL H 887 -14.66 -84.50 -16.78
N THR H 888 -14.36 -85.68 -16.22
CA THR H 888 -13.18 -86.43 -16.60
C THR H 888 -13.48 -87.92 -16.45
N HIS H 889 -12.52 -88.74 -16.90
CA HIS H 889 -12.63 -90.20 -16.84
C HIS H 889 -11.34 -90.75 -16.22
N LYS H 890 -11.36 -90.95 -14.90
CA LYS H 890 -10.26 -91.55 -14.18
C LYS H 890 -10.82 -92.30 -12.98
N LEU H 891 -9.94 -92.77 -12.10
CA LEU H 891 -10.34 -93.46 -10.89
C LEU H 891 -9.82 -92.82 -9.61
N GLN H 892 -8.77 -92.01 -9.69
CA GLN H 892 -8.26 -91.32 -8.52
C GLN H 892 -9.17 -90.18 -8.06
N TYR H 893 -10.21 -89.86 -8.82
CA TYR H 893 -11.10 -88.77 -8.50
C TYR H 893 -12.47 -89.21 -8.00
N LEU H 894 -12.88 -90.44 -8.32
CA LEU H 894 -14.20 -90.92 -7.89
C LEU H 894 -14.34 -90.98 -6.37
N PRO H 895 -13.40 -91.53 -5.61
CA PRO H 895 -13.53 -91.49 -4.14
C PRO H 895 -13.39 -90.10 -3.56
N HIS H 896 -12.76 -89.17 -4.28
CA HIS H 896 -12.62 -87.80 -3.81
C HIS H 896 -13.86 -86.94 -4.05
N ALA H 897 -14.85 -87.47 -4.76
CA ALA H 897 -16.02 -86.71 -5.16
C ALA H 897 -17.20 -86.98 -4.23
N ASP H 898 -18.26 -86.19 -4.42
CA ASP H 898 -19.49 -86.34 -3.67
C ASP H 898 -20.66 -86.84 -4.50
N TRP H 899 -20.74 -86.46 -5.77
CA TRP H 899 -21.83 -86.86 -6.65
C TRP H 899 -21.26 -87.32 -7.98
N ILE H 900 -21.44 -88.60 -8.29
CA ILE H 900 -21.02 -89.19 -9.56
C ILE H 900 -22.21 -89.19 -10.50
N ILE H 901 -22.00 -88.77 -11.74
CA ILE H 901 -23.05 -88.66 -12.75
C ILE H 901 -22.71 -89.57 -13.91
N ALA H 902 -23.49 -90.63 -14.09
CA ALA H 902 -23.26 -91.63 -15.13
C ALA H 902 -24.09 -91.26 -16.36
N MET H 903 -23.41 -90.86 -17.44
CA MET H 903 -24.08 -90.44 -18.67
C MET H 903 -23.98 -91.53 -19.72
N LYS H 904 -25.07 -91.72 -20.48
CA LYS H 904 -25.11 -92.69 -21.56
C LYS H 904 -26.18 -92.26 -22.55
N ASP H 905 -25.80 -92.11 -23.82
CA ASP H 905 -26.72 -91.76 -24.89
C ASP H 905 -27.53 -90.50 -24.56
N GLY H 906 -26.85 -89.52 -23.99
CA GLY H 906 -27.51 -88.27 -23.65
C GLY H 906 -28.51 -88.35 -22.51
N THR H 907 -28.46 -89.42 -21.71
CA THR H 907 -29.36 -89.58 -20.59
C THR H 907 -28.58 -89.99 -19.35
N ILE H 908 -29.08 -89.55 -18.19
CA ILE H 908 -28.48 -89.95 -16.92
C ILE H 908 -29.03 -91.31 -16.54
N GLN H 909 -28.14 -92.30 -16.41
CA GLN H 909 -28.61 -93.64 -16.06
C GLN H 909 -28.59 -93.87 -14.55
N ARG H 910 -27.54 -93.44 -13.87
CA ARG H 910 -27.46 -93.50 -12.42
C ARG H 910 -27.11 -92.12 -11.88
N GLU H 911 -27.63 -91.81 -10.69
CA GLU H 911 -27.39 -90.52 -10.06
C GLU H 911 -27.40 -90.70 -8.55
N GLY H 912 -26.47 -90.04 -7.88
CA GLY H 912 -26.36 -90.13 -6.44
C GLY H 912 -24.91 -90.00 -6.01
N THR H 913 -24.61 -90.57 -4.84
CA THR H 913 -23.29 -90.53 -4.25
C THR H 913 -22.51 -91.80 -4.60
N LEU H 914 -21.32 -91.94 -4.02
CA LEU H 914 -20.51 -93.13 -4.28
C LEU H 914 -21.14 -94.38 -3.66
N LYS H 915 -21.62 -94.26 -2.42
CA LYS H 915 -22.29 -95.39 -1.79
C LYS H 915 -23.63 -95.68 -2.44
N ASP H 916 -24.32 -94.63 -2.90
CA ASP H 916 -25.59 -94.83 -3.61
C ASP H 916 -25.38 -95.41 -5.00
N PHE H 917 -24.17 -95.31 -5.55
CA PHE H 917 -23.86 -95.90 -6.85
C PHE H 917 -23.34 -97.33 -6.72
N GLN H 918 -22.50 -97.60 -5.72
CA GLN H 918 -22.00 -98.96 -5.51
C GLN H 918 -23.05 -99.89 -4.92
N ARG H 919 -24.18 -99.35 -4.44
CA ARG H 919 -25.26 -100.15 -3.90
C ARG H 919 -26.42 -100.32 -4.89
N SER H 920 -26.24 -99.90 -6.13
CA SER H 920 -27.25 -100.05 -7.18
C SER H 920 -26.65 -100.81 -8.36
N GLU H 921 -27.49 -101.05 -9.36
CA GLU H 921 -27.09 -101.81 -10.54
C GLU H 921 -25.99 -101.09 -11.32
N PRO H 997 13.47 -41.75 -49.03
CA PRO H 997 13.60 -43.08 -49.64
C PRO H 997 14.15 -43.02 -51.06
N TRP H 998 15.08 -42.09 -51.31
CA TRP H 998 15.62 -41.92 -52.66
C TRP H 998 16.48 -43.10 -53.08
N ARG H 999 17.14 -43.76 -52.12
CA ARG H 999 17.94 -44.94 -52.45
C ARG H 999 17.06 -46.08 -52.96
N ALA H 1000 15.85 -46.21 -52.42
CA ALA H 1000 14.93 -47.22 -52.93
C ALA H 1000 14.56 -46.94 -54.38
N CYS H 1001 14.30 -45.66 -54.71
CA CYS H 1001 14.00 -45.31 -56.09
C CYS H 1001 15.20 -45.57 -57.00
N THR H 1002 16.41 -45.26 -56.52
CA THR H 1002 17.61 -45.55 -57.29
C THR H 1002 17.75 -47.04 -57.57
N LYS H 1003 17.57 -47.87 -56.54
CA LYS H 1003 17.68 -49.31 -56.72
C LYS H 1003 16.59 -49.86 -57.63
N TYR H 1004 15.38 -49.30 -57.54
CA TYR H 1004 14.29 -49.77 -58.41
C TYR H 1004 14.57 -49.43 -59.86
N LEU H 1005 14.96 -48.18 -60.14
CA LEU H 1005 15.21 -47.78 -61.51
C LEU H 1005 16.43 -48.48 -62.09
N SER H 1006 17.45 -48.72 -61.27
CA SER H 1006 18.64 -49.41 -61.75
C SER H 1006 18.34 -50.86 -62.12
N SER H 1007 17.37 -51.48 -61.43
CA SER H 1007 16.96 -52.84 -61.78
C SER H 1007 16.20 -52.89 -63.11
N ALA H 1008 15.83 -51.74 -63.67
CA ALA H 1008 15.15 -51.70 -64.96
C ALA H 1008 16.13 -51.73 -66.13
N GLY H 1009 17.29 -51.11 -65.96
CA GLY H 1009 18.24 -50.93 -67.05
C GLY H 1009 18.12 -49.57 -67.69
N ILE H 1010 19.21 -49.14 -68.34
CA ILE H 1010 19.22 -47.81 -68.94
C ILE H 1010 18.32 -47.74 -70.16
N LEU H 1011 18.13 -48.86 -70.87
CA LEU H 1011 17.29 -48.87 -72.06
C LEU H 1011 15.83 -48.52 -71.71
N LEU H 1012 15.23 -49.31 -70.82
CA LEU H 1012 13.82 -49.11 -70.48
C LEU H 1012 13.62 -47.79 -69.74
N LEU H 1013 14.54 -47.43 -68.85
CA LEU H 1013 14.42 -46.16 -68.12
C LEU H 1013 14.47 -44.97 -69.06
N SER H 1014 15.44 -44.97 -69.98
CA SER H 1014 15.54 -43.88 -70.95
C SER H 1014 14.32 -43.83 -71.86
N LEU H 1015 13.83 -45.00 -72.31
CA LEU H 1015 12.64 -45.01 -73.15
C LEU H 1015 11.44 -44.45 -72.39
N LEU H 1016 11.31 -44.81 -71.12
CA LEU H 1016 10.18 -44.33 -70.32
C LEU H 1016 10.25 -42.81 -70.12
N VAL H 1017 11.42 -42.30 -69.73
CA VAL H 1017 11.55 -40.87 -69.49
C VAL H 1017 11.33 -40.08 -70.77
N PHE H 1018 11.92 -40.55 -71.88
CA PHE H 1018 11.75 -39.88 -73.17
C PHE H 1018 10.28 -39.90 -73.59
N SER H 1019 9.59 -41.04 -73.42
CA SER H 1019 8.19 -41.12 -73.82
C SER H 1019 7.32 -40.19 -72.99
N GLN H 1020 7.54 -40.13 -71.68
CA GLN H 1020 6.76 -39.24 -70.84
C GLN H 1020 6.98 -37.77 -71.24
N LEU H 1021 8.24 -37.36 -71.34
CA LEU H 1021 8.53 -35.96 -71.66
C LEU H 1021 7.97 -35.58 -73.02
N LEU H 1022 8.16 -36.44 -74.02
CA LEU H 1022 7.67 -36.11 -75.37
C LEU H 1022 6.15 -36.17 -75.44
N LYS H 1023 5.50 -37.03 -74.66
CA LYS H 1023 4.05 -37.06 -74.66
C LYS H 1023 3.47 -35.78 -74.08
N HIS H 1024 4.04 -35.30 -72.96
CA HIS H 1024 3.55 -34.04 -72.41
C HIS H 1024 3.89 -32.86 -73.31
N MET H 1025 5.02 -32.93 -74.02
CA MET H 1025 5.34 -31.89 -74.99
C MET H 1025 4.34 -31.88 -76.15
N VAL H 1026 3.94 -33.05 -76.64
CA VAL H 1026 2.94 -33.09 -77.71
C VAL H 1026 1.58 -32.61 -77.19
N LEU H 1027 1.28 -32.87 -75.91
CA LEU H 1027 0.04 -32.39 -75.32
C LEU H 1027 0.01 -30.86 -75.33
N VAL H 1028 1.03 -30.22 -74.75
CA VAL H 1028 1.07 -28.76 -74.77
C VAL H 1028 1.13 -28.23 -76.19
N ALA H 1029 1.75 -28.98 -77.11
CA ALA H 1029 1.83 -28.55 -78.49
C ALA H 1029 0.46 -28.52 -79.15
N ILE H 1030 -0.37 -29.54 -78.92
CA ILE H 1030 -1.69 -29.49 -79.53
C ILE H 1030 -2.55 -28.43 -78.86
N ASP H 1031 -2.39 -28.23 -77.54
CA ASP H 1031 -3.19 -27.20 -76.89
C ASP H 1031 -2.77 -25.79 -77.31
N TYR H 1032 -1.53 -25.61 -77.76
CA TYR H 1032 -1.09 -24.32 -78.29
C TYR H 1032 -1.46 -24.17 -79.76
N TRP H 1033 -1.41 -25.25 -80.52
CA TRP H 1033 -1.88 -25.22 -81.90
C TRP H 1033 -3.37 -24.93 -81.96
N LEU H 1034 -4.11 -25.26 -80.91
CA LEU H 1034 -5.51 -24.83 -80.84
C LEU H 1034 -5.61 -23.31 -80.88
N ALA H 1035 -4.84 -22.62 -80.02
CA ALA H 1035 -4.87 -21.18 -79.98
C ALA H 1035 -4.42 -20.57 -81.30
N LYS H 1036 -3.35 -21.12 -81.90
CA LYS H 1036 -2.96 -20.63 -83.21
C LYS H 1036 -3.96 -21.01 -84.30
N TRP H 1037 -4.79 -22.02 -84.06
CA TRP H 1037 -5.81 -22.42 -85.01
C TRP H 1037 -6.93 -21.40 -85.07
N THR H 1038 -7.42 -20.98 -83.89
CA THR H 1038 -8.64 -20.19 -83.78
C THR H 1038 -8.78 -19.08 -84.84
N ASP H 1039 -7.81 -18.17 -84.89
CA ASP H 1039 -7.88 -17.06 -85.84
C ASP H 1039 -7.36 -17.46 -87.21
N ASP H 1060 -6.33 -20.37 -94.82
CA ASP H 1060 -5.96 -21.77 -94.95
C ASP H 1060 -6.40 -22.58 -93.72
N GLN H 1061 -7.72 -22.67 -93.53
CA GLN H 1061 -8.24 -23.44 -92.40
C GLN H 1061 -8.02 -24.93 -92.59
N SER H 1062 -7.98 -25.41 -93.83
CA SER H 1062 -7.72 -26.82 -94.09
C SER H 1062 -6.34 -27.22 -93.58
N VAL H 1063 -5.34 -26.34 -93.77
CA VAL H 1063 -3.99 -26.64 -93.29
C VAL H 1063 -3.97 -26.73 -91.77
N TYR H 1064 -4.62 -25.79 -91.09
CA TYR H 1064 -4.69 -25.84 -89.64
C TYR H 1064 -5.36 -27.11 -89.15
N ALA H 1065 -6.50 -27.48 -89.77
CA ALA H 1065 -7.20 -28.68 -89.36
C ALA H 1065 -6.35 -29.92 -89.58
N MET H 1066 -5.64 -29.99 -90.71
CA MET H 1066 -4.81 -31.15 -91.00
C MET H 1066 -3.65 -31.27 -90.01
N VAL H 1067 -3.00 -30.14 -89.69
CA VAL H 1067 -1.90 -30.19 -88.73
C VAL H 1067 -2.41 -30.56 -87.34
N PHE H 1068 -3.61 -30.08 -86.99
CA PHE H 1068 -4.20 -30.44 -85.70
C PHE H 1068 -4.48 -31.94 -85.63
N THR H 1069 -5.03 -32.51 -86.71
CA THR H 1069 -5.29 -33.95 -86.74
C THR H 1069 -3.99 -34.74 -86.65
N LEU H 1070 -2.96 -34.30 -87.38
CA LEU H 1070 -1.67 -34.98 -87.33
C LEU H 1070 -1.10 -34.96 -85.92
N LEU H 1071 -1.18 -33.80 -85.25
CA LEU H 1071 -0.62 -33.71 -83.89
C LEU H 1071 -1.44 -34.52 -82.89
N CYS H 1072 -2.76 -34.61 -83.06
CA CYS H 1072 -3.55 -35.44 -82.15
C CYS H 1072 -3.24 -36.92 -82.34
N SER H 1073 -3.05 -37.36 -83.60
CA SER H 1073 -2.64 -38.74 -83.83
C SER H 1073 -1.27 -39.01 -83.21
N LEU H 1074 -0.33 -38.07 -83.40
CA LEU H 1074 0.98 -38.20 -82.75
C LEU H 1074 0.82 -38.31 -81.23
N GLY H 1075 -0.10 -37.54 -80.66
CA GLY H 1075 -0.28 -37.57 -79.21
C GLY H 1075 -0.82 -38.89 -78.72
N ILE H 1076 -1.82 -39.44 -79.40
CA ILE H 1076 -2.38 -40.72 -78.94
C ILE H 1076 -1.35 -41.84 -79.10
N VAL H 1077 -0.54 -41.79 -80.17
CA VAL H 1077 0.50 -42.79 -80.35
C VAL H 1077 1.55 -42.68 -79.25
N LEU H 1078 1.96 -41.46 -78.93
CA LEU H 1078 2.98 -41.26 -77.89
C LEU H 1078 2.46 -41.69 -76.53
N CYS H 1079 1.17 -41.46 -76.26
CA CYS H 1079 0.60 -41.86 -74.98
C CYS H 1079 0.48 -43.39 -74.86
N LEU H 1080 0.04 -44.05 -75.93
CA LEU H 1080 0.05 -45.51 -75.93
C LEU H 1080 1.46 -46.04 -75.68
N VAL H 1081 2.45 -45.41 -76.32
CA VAL H 1081 3.85 -45.81 -76.11
C VAL H 1081 4.23 -45.70 -74.65
N THR H 1082 3.95 -44.54 -74.03
CA THR H 1082 4.40 -44.34 -72.65
C THR H 1082 3.68 -45.29 -71.68
N SER H 1083 2.42 -45.62 -71.95
CA SER H 1083 1.69 -46.54 -71.08
C SER H 1083 2.26 -47.95 -71.18
N VAL H 1084 2.38 -48.47 -72.40
CA VAL H 1084 2.95 -49.80 -72.58
C VAL H 1084 4.36 -49.86 -71.99
N THR H 1085 5.11 -48.77 -72.10
CA THR H 1085 6.48 -48.76 -71.59
C THR H 1085 6.52 -48.84 -70.07
N VAL H 1086 5.69 -48.04 -69.39
CA VAL H 1086 5.71 -48.09 -67.92
C VAL H 1086 5.28 -49.47 -67.43
N GLU H 1087 4.32 -50.10 -68.12
CA GLU H 1087 3.88 -51.41 -67.65
C GLU H 1087 4.95 -52.49 -67.90
N TRP H 1088 5.60 -52.44 -69.06
CA TRP H 1088 6.67 -53.38 -69.34
C TRP H 1088 7.83 -53.22 -68.36
N THR H 1089 8.17 -51.97 -68.02
CA THR H 1089 9.21 -51.72 -67.03
C THR H 1089 8.83 -52.28 -65.67
N GLY H 1090 7.57 -52.08 -65.26
CA GLY H 1090 7.12 -52.65 -64.01
C GLY H 1090 7.29 -54.16 -63.97
N LEU H 1091 6.84 -54.85 -65.02
CA LEU H 1091 6.97 -56.30 -65.06
C LEU H 1091 8.42 -56.74 -65.00
N LYS H 1092 9.29 -56.09 -65.78
CA LYS H 1092 10.70 -56.50 -65.80
C LYS H 1092 11.38 -56.29 -64.46
N VAL H 1093 11.12 -55.15 -63.81
CA VAL H 1093 11.74 -54.90 -62.51
C VAL H 1093 11.22 -55.88 -61.47
N ALA H 1094 9.93 -56.20 -61.52
CA ALA H 1094 9.38 -57.22 -60.61
C ALA H 1094 10.10 -58.55 -60.78
N LYS H 1095 10.24 -59.00 -62.03
CA LYS H 1095 10.92 -60.27 -62.29
C LYS H 1095 12.35 -60.26 -61.76
N ARG H 1096 13.12 -59.23 -62.13
CA ARG H 1096 14.52 -59.18 -61.72
C ARG H 1096 14.66 -59.15 -60.19
N LEU H 1097 13.87 -58.30 -59.52
CA LEU H 1097 14.00 -58.16 -58.08
C LEU H 1097 13.61 -59.44 -57.36
N HIS H 1098 12.51 -60.09 -57.79
CA HIS H 1098 12.11 -61.33 -57.14
C HIS H 1098 13.16 -62.42 -57.32
N ARG H 1099 13.69 -62.57 -58.53
CA ARG H 1099 14.73 -63.58 -58.75
C ARG H 1099 15.96 -63.31 -57.90
N SER H 1100 16.42 -62.06 -57.87
CA SER H 1100 17.61 -61.73 -57.09
C SER H 1100 17.39 -61.97 -55.60
N LEU H 1101 16.20 -61.65 -55.09
CA LEU H 1101 15.91 -61.87 -53.68
C LEU H 1101 15.90 -63.36 -53.34
N LEU H 1102 15.22 -64.16 -54.16
CA LEU H 1102 15.17 -65.60 -53.91
C LEU H 1102 16.57 -66.21 -53.93
N ASN H 1103 17.39 -65.81 -54.91
CA ASN H 1103 18.74 -66.37 -55.00
C ASN H 1103 19.63 -65.90 -53.86
N ARG H 1104 19.46 -64.66 -53.40
CA ARG H 1104 20.30 -64.17 -52.31
C ARG H 1104 19.88 -64.68 -50.95
N ILE H 1105 18.63 -65.15 -50.79
CA ILE H 1105 18.27 -65.83 -49.55
C ILE H 1105 18.51 -67.33 -49.61
N ILE H 1106 18.64 -67.91 -50.81
CA ILE H 1106 19.06 -69.30 -50.89
C ILE H 1106 20.50 -69.46 -50.39
N LEU H 1107 21.36 -68.50 -50.71
CA LEU H 1107 22.77 -68.55 -50.32
C LEU H 1107 23.02 -68.09 -48.89
N ALA H 1108 21.97 -67.84 -48.10
CA ALA H 1108 22.15 -67.31 -46.75
C ALA H 1108 22.59 -68.41 -45.79
N PRO H 1109 23.41 -68.06 -44.79
CA PRO H 1109 23.85 -69.07 -43.82
C PRO H 1109 22.72 -69.46 -42.87
N MET H 1110 23.01 -70.45 -42.02
CA MET H 1110 21.99 -70.94 -41.10
C MET H 1110 21.84 -70.05 -39.87
N ARG H 1111 22.92 -69.42 -39.42
CA ARG H 1111 22.80 -68.49 -38.29
C ARG H 1111 21.87 -67.33 -38.62
N PHE H 1112 21.85 -66.89 -39.88
CA PHE H 1112 20.91 -65.88 -40.32
C PHE H 1112 19.47 -66.35 -40.14
N PHE H 1113 19.16 -67.57 -40.60
CA PHE H 1113 17.81 -68.10 -40.46
C PHE H 1113 17.43 -68.32 -39.00
N GLU H 1114 18.39 -68.68 -38.15
CA GLU H 1114 18.08 -68.87 -36.74
C GLU H 1114 17.81 -67.54 -36.06
N THR H 1115 18.58 -66.50 -36.39
CA THR H 1115 18.39 -65.20 -35.76
C THR H 1115 17.18 -64.46 -36.32
N THR H 1116 17.02 -64.47 -37.64
CA THR H 1116 15.93 -63.73 -38.28
C THR H 1116 14.60 -64.45 -38.08
N PRO H 1117 13.54 -63.73 -37.71
CA PRO H 1117 12.23 -64.38 -37.58
C PRO H 1117 11.73 -64.87 -38.93
N LEU H 1118 11.11 -66.06 -38.91
CA LEU H 1118 10.54 -66.61 -40.13
C LEU H 1118 9.45 -65.71 -40.71
N GLY H 1119 8.73 -65.00 -39.84
CA GLY H 1119 7.67 -64.13 -40.30
C GLY H 1119 8.15 -63.03 -41.23
N SER H 1120 9.31 -62.43 -40.93
CA SER H 1120 9.82 -61.35 -41.77
C SER H 1120 10.26 -61.85 -43.13
N ILE H 1121 10.99 -62.97 -43.16
CA ILE H 1121 11.46 -63.52 -44.43
C ILE H 1121 10.28 -63.99 -45.28
N LEU H 1122 9.21 -64.50 -44.66
CA LEU H 1122 8.03 -64.85 -45.44
C LEU H 1122 7.27 -63.60 -45.88
N ASN H 1123 7.27 -62.55 -45.05
CA ASN H 1123 6.50 -61.35 -45.36
C ASN H 1123 7.12 -60.57 -46.51
N ARG H 1124 8.44 -60.60 -46.65
CA ARG H 1124 9.07 -59.93 -47.79
C ARG H 1124 8.61 -60.52 -49.12
N PHE H 1125 8.38 -61.84 -49.16
CA PHE H 1125 7.85 -62.46 -50.36
C PHE H 1125 6.33 -62.40 -50.42
N SER H 1126 5.66 -62.19 -49.28
CA SER H 1126 4.21 -62.29 -49.27
C SER H 1126 3.54 -60.97 -49.64
N SER H 1127 4.01 -59.87 -49.05
CA SER H 1127 3.33 -58.58 -49.17
C SER H 1127 4.11 -57.56 -50.00
N ASP H 1128 5.43 -57.49 -49.84
CA ASP H 1128 6.19 -56.47 -50.55
C ASP H 1128 6.41 -56.83 -52.01
N CYS H 1129 6.59 -58.13 -52.32
CA CYS H 1129 6.66 -58.54 -53.72
C CYS H 1129 5.32 -58.33 -54.40
N ASN H 1130 4.22 -58.58 -53.69
CA ASN H 1130 2.90 -58.23 -54.20
C ASN H 1130 2.80 -56.73 -54.47
N THR H 1131 3.35 -55.91 -53.57
CA THR H 1131 3.35 -54.46 -53.77
C THR H 1131 4.08 -54.09 -55.06
N ILE H 1132 5.32 -54.58 -55.21
CA ILE H 1132 6.09 -54.26 -56.41
C ILE H 1132 5.40 -54.77 -57.66
N ASP H 1133 4.65 -55.89 -57.54
CA ASP H 1133 3.98 -56.45 -58.71
C ASP H 1133 2.77 -55.61 -59.13
N GLN H 1134 1.99 -55.12 -58.16
CA GLN H 1134 0.70 -54.53 -58.47
C GLN H 1134 0.68 -53.01 -58.35
N HIS H 1135 1.17 -52.45 -57.24
CA HIS H 1135 0.94 -51.04 -56.94
C HIS H 1135 2.02 -50.12 -57.46
N ILE H 1136 3.29 -50.52 -57.39
CA ILE H 1136 4.38 -49.64 -57.81
C ILE H 1136 4.26 -49.22 -59.27
N PRO H 1137 3.91 -50.09 -60.23
CA PRO H 1137 3.82 -49.60 -61.62
C PRO H 1137 2.79 -48.51 -61.81
N SER H 1138 1.54 -48.76 -61.40
CA SER H 1138 0.48 -47.76 -61.57
C SER H 1138 0.80 -46.48 -60.82
N THR H 1139 1.29 -46.59 -59.58
CA THR H 1139 1.54 -45.40 -58.78
C THR H 1139 2.70 -44.60 -59.35
N LEU H 1140 3.75 -45.26 -59.82
CA LEU H 1140 4.86 -44.53 -60.43
C LEU H 1140 4.41 -43.85 -61.72
N GLU H 1141 3.60 -44.53 -62.53
CA GLU H 1141 3.06 -43.94 -63.74
C GLU H 1141 2.23 -42.69 -63.43
N CYS H 1142 1.33 -42.80 -62.45
CA CYS H 1142 0.48 -41.67 -62.11
C CYS H 1142 1.27 -40.52 -61.50
N LEU H 1143 2.30 -40.83 -60.70
CA LEU H 1143 3.13 -39.75 -60.17
C LEU H 1143 3.87 -39.03 -61.28
N SER H 1144 4.42 -39.79 -62.24
CA SER H 1144 5.06 -39.18 -63.39
C SER H 1144 4.09 -38.26 -64.13
N ARG H 1145 2.90 -38.77 -64.44
CA ARG H 1145 1.92 -37.98 -65.18
C ARG H 1145 1.51 -36.73 -64.41
N SER H 1146 1.30 -36.85 -63.10
CA SER H 1146 0.88 -35.69 -62.31
C SER H 1146 1.98 -34.63 -62.28
N THR H 1147 3.22 -35.03 -61.97
CA THR H 1147 4.30 -34.06 -61.92
C THR H 1147 4.49 -33.38 -63.27
N LEU H 1148 4.46 -34.16 -64.35
CA LEU H 1148 4.69 -33.56 -65.67
C LEU H 1148 3.54 -32.67 -66.10
N LEU H 1149 2.30 -33.04 -65.76
CA LEU H 1149 1.17 -32.19 -66.09
C LEU H 1149 1.21 -30.87 -65.32
N CYS H 1150 1.59 -30.93 -64.04
CA CYS H 1150 1.70 -29.70 -63.26
C CYS H 1150 2.81 -28.80 -63.81
N VAL H 1151 3.97 -29.38 -64.08
CA VAL H 1151 5.06 -28.59 -64.67
C VAL H 1151 4.64 -28.02 -66.02
N SER H 1152 3.91 -28.81 -66.82
CA SER H 1152 3.47 -28.36 -68.13
C SER H 1152 2.49 -27.20 -68.02
N ALA H 1153 1.54 -27.28 -67.08
CA ALA H 1153 0.58 -26.19 -66.90
C ALA H 1153 1.28 -24.92 -66.45
N LEU H 1154 2.23 -25.04 -65.52
CA LEU H 1154 2.96 -23.85 -65.07
C LEU H 1154 3.79 -23.26 -66.21
N THR H 1155 4.38 -24.12 -67.04
CA THR H 1155 5.13 -23.62 -68.20
C THR H 1155 4.20 -22.91 -69.19
N VAL H 1156 3.01 -23.47 -69.43
CA VAL H 1156 2.07 -22.86 -70.36
C VAL H 1156 1.66 -21.47 -69.88
N ILE H 1157 1.24 -21.38 -68.62
CA ILE H 1157 0.78 -20.09 -68.12
C ILE H 1157 1.91 -19.13 -67.79
N SER H 1158 3.16 -19.59 -67.82
CA SER H 1158 4.28 -18.67 -67.80
C SER H 1158 4.66 -18.18 -69.19
N TYR H 1159 4.53 -19.03 -70.19
CA TYR H 1159 4.78 -18.60 -71.57
C TYR H 1159 3.72 -17.63 -72.04
N VAL H 1160 2.46 -17.85 -71.68
CA VAL H 1160 1.41 -16.90 -72.01
C VAL H 1160 1.60 -15.60 -71.25
N THR H 1161 2.00 -15.70 -69.99
CA THR H 1161 2.10 -14.54 -69.09
C THR H 1161 3.48 -14.52 -68.46
N PRO H 1162 4.41 -13.72 -68.98
CA PRO H 1162 5.76 -13.68 -68.40
C PRO H 1162 5.81 -13.09 -66.99
N VAL H 1163 4.84 -12.26 -66.61
CA VAL H 1163 4.90 -11.63 -65.29
C VAL H 1163 4.43 -12.61 -64.21
N PHE H 1164 3.59 -13.58 -64.55
CA PHE H 1164 3.15 -14.56 -63.55
C PHE H 1164 4.34 -15.29 -62.93
N LEU H 1165 5.41 -15.47 -63.68
CA LEU H 1165 6.58 -16.19 -63.16
C LEU H 1165 7.13 -15.51 -61.91
N VAL H 1166 7.00 -14.19 -61.80
CA VAL H 1166 7.47 -13.48 -60.61
C VAL H 1166 6.64 -13.87 -59.40
N ALA H 1167 5.32 -14.02 -59.58
CA ALA H 1167 4.45 -14.42 -58.49
C ALA H 1167 4.45 -15.92 -58.26
N LEU H 1168 5.03 -16.71 -59.16
CA LEU H 1168 5.05 -18.16 -58.99
C LEU H 1168 5.93 -18.56 -57.81
N LEU H 1169 7.04 -17.87 -57.61
CA LEU H 1169 8.00 -18.27 -56.58
C LEU H 1169 7.44 -18.17 -55.16
N PRO H 1170 6.74 -17.09 -54.75
CA PRO H 1170 6.10 -17.12 -53.43
C PRO H 1170 5.09 -18.26 -53.28
N LEU H 1171 4.22 -18.44 -54.28
CA LEU H 1171 3.26 -19.53 -54.23
C LEU H 1171 3.95 -20.89 -54.27
N ALA H 1172 5.06 -21.00 -54.99
CA ALA H 1172 5.82 -22.25 -54.98
C ALA H 1172 6.39 -22.54 -53.60
N VAL H 1173 6.88 -21.51 -52.90
CA VAL H 1173 7.42 -21.70 -51.55
C VAL H 1173 6.31 -22.14 -50.60
N VAL H 1174 5.17 -21.46 -50.65
CA VAL H 1174 4.03 -21.82 -49.80
C VAL H 1174 3.59 -23.26 -50.09
N CYS H 1175 3.52 -23.62 -51.37
CA CYS H 1175 3.16 -24.96 -51.77
C CYS H 1175 4.14 -26.00 -51.21
N TYR H 1176 5.43 -25.72 -51.28
CA TYR H 1176 6.43 -26.64 -50.76
C TYR H 1176 6.27 -26.84 -49.25
N PHE H 1177 6.11 -25.73 -48.52
CA PHE H 1177 5.95 -25.84 -47.07
C PHE H 1177 4.73 -26.66 -46.70
N ILE H 1178 3.59 -26.34 -47.32
CA ILE H 1178 2.36 -27.10 -47.05
C ILE H 1178 2.56 -28.57 -47.37
N GLN H 1179 3.22 -28.87 -48.49
CA GLN H 1179 3.43 -30.26 -48.89
C GLN H 1179 4.29 -31.00 -47.88
N LYS H 1180 5.34 -30.36 -47.38
CA LYS H 1180 6.21 -31.02 -46.41
C LYS H 1180 5.47 -31.29 -45.10
N TYR H 1181 4.80 -30.27 -44.55
CA TYR H 1181 4.11 -30.45 -43.28
C TYR H 1181 3.01 -31.50 -43.40
N PHE H 1182 2.22 -31.43 -44.47
CA PHE H 1182 1.28 -32.51 -44.74
C PHE H 1182 1.99 -33.84 -44.73
N ARG H 1183 2.95 -34.03 -45.63
CA ARG H 1183 3.62 -35.33 -45.76
C ARG H 1183 3.99 -35.93 -44.41
N VAL H 1184 4.63 -35.14 -43.54
CA VAL H 1184 5.03 -35.71 -42.25
C VAL H 1184 3.81 -36.08 -41.42
N ALA H 1185 2.81 -35.19 -41.33
CA ALA H 1185 1.64 -35.48 -40.52
C ALA H 1185 0.87 -36.68 -41.05
N SER H 1186 0.63 -36.70 -42.37
CA SER H 1186 -0.05 -37.80 -43.02
C SER H 1186 0.68 -39.12 -42.84
N ARG H 1187 2.03 -39.10 -42.89
CA ARG H 1187 2.77 -40.33 -42.63
C ARG H 1187 2.47 -40.86 -41.24
N ASP H 1188 2.60 -40.00 -40.23
CA ASP H 1188 2.35 -40.45 -38.86
C ASP H 1188 0.92 -40.96 -38.71
N LEU H 1189 -0.05 -40.20 -39.22
CA LEU H 1189 -1.45 -40.58 -39.07
C LEU H 1189 -1.78 -41.87 -39.81
N GLN H 1190 -1.13 -42.10 -40.96
CA GLN H 1190 -1.38 -43.33 -41.70
C GLN H 1190 -0.81 -44.53 -40.96
N GLN H 1191 0.40 -44.41 -40.42
CA GLN H 1191 0.96 -45.50 -39.63
C GLN H 1191 0.08 -45.81 -38.43
N LEU H 1192 -0.42 -44.77 -37.75
CA LEU H 1192 -1.27 -44.98 -36.59
C LEU H 1192 -2.61 -45.60 -36.97
N ASP H 1193 -3.20 -45.14 -38.08
CA ASP H 1193 -4.47 -45.69 -38.54
C ASP H 1193 -4.34 -47.15 -38.94
N ASP H 1194 -3.19 -47.54 -39.50
CA ASP H 1194 -2.96 -48.94 -39.79
C ASP H 1194 -2.76 -49.75 -38.50
N THR H 1195 -1.97 -49.23 -37.58
CA THR H 1195 -1.62 -50.00 -36.39
C THR H 1195 -2.79 -50.17 -35.43
N THR H 1196 -3.78 -49.27 -35.47
CA THR H 1196 -4.92 -49.47 -34.57
C THR H 1196 -5.96 -50.43 -35.13
N GLN H 1197 -5.84 -50.85 -36.39
CA GLN H 1197 -6.84 -51.74 -36.96
C GLN H 1197 -6.57 -53.20 -36.62
N LEU H 1198 -5.30 -53.57 -36.39
CA LEU H 1198 -4.99 -54.95 -36.00
C LEU H 1198 -5.63 -55.33 -34.68
N PRO H 1199 -5.59 -54.52 -33.62
CA PRO H 1199 -6.29 -54.91 -32.38
C PRO H 1199 -7.77 -55.15 -32.57
N LEU H 1200 -8.43 -54.44 -33.48
CA LEU H 1200 -9.87 -54.60 -33.66
C LEU H 1200 -10.21 -55.97 -34.28
N LEU H 1201 -9.57 -56.30 -35.39
CA LEU H 1201 -9.80 -57.60 -36.01
C LEU H 1201 -9.33 -58.73 -35.10
N SER H 1202 -8.22 -58.52 -34.39
CA SER H 1202 -7.75 -59.52 -33.43
C SER H 1202 -8.78 -59.77 -32.34
N HIS H 1203 -9.36 -58.69 -31.80
CA HIS H 1203 -10.38 -58.83 -30.77
C HIS H 1203 -11.61 -59.55 -31.29
N PHE H 1204 -12.01 -59.25 -32.53
CA PHE H 1204 -13.13 -59.99 -33.11
C PHE H 1204 -12.82 -61.47 -33.21
N ALA H 1205 -11.62 -61.81 -33.68
CA ALA H 1205 -11.22 -63.22 -33.77
C ALA H 1205 -11.28 -63.88 -32.40
N GLU H 1206 -10.69 -63.24 -31.39
CA GLU H 1206 -10.70 -63.80 -30.04
C GLU H 1206 -12.12 -64.03 -29.54
N THR H 1207 -12.98 -63.02 -29.67
CA THR H 1207 -14.35 -63.14 -29.18
C THR H 1207 -15.09 -64.27 -29.88
N VAL H 1208 -14.81 -64.50 -31.17
CA VAL H 1208 -15.45 -65.62 -31.84
C VAL H 1208 -14.88 -66.95 -31.35
N GLU H 1209 -13.58 -66.99 -31.07
CA GLU H 1209 -12.97 -68.25 -30.63
C GLU H 1209 -13.46 -68.64 -29.23
N GLY H 1210 -13.35 -67.73 -28.26
CA GLY H 1210 -13.75 -68.03 -26.90
C GLY H 1210 -15.10 -67.47 -26.52
N LEU H 1211 -16.07 -67.55 -27.43
CA LEU H 1211 -17.39 -66.97 -27.18
C LEU H 1211 -18.09 -67.67 -26.00
N THR H 1212 -18.10 -69.00 -26.02
CA THR H 1212 -18.77 -69.74 -24.97
C THR H 1212 -18.17 -69.45 -23.60
N THR H 1213 -16.84 -69.25 -23.55
CA THR H 1213 -16.19 -68.92 -22.30
C THR H 1213 -16.63 -67.55 -21.79
N ILE H 1214 -16.66 -66.56 -22.68
CA ILE H 1214 -17.03 -65.21 -22.27
C ILE H 1214 -18.48 -65.16 -21.82
N ARG H 1215 -19.37 -65.86 -22.51
CA ARG H 1215 -20.76 -65.91 -22.06
C ARG H 1215 -20.89 -66.71 -20.77
N ALA H 1216 -19.98 -67.66 -20.52
CA ALA H 1216 -20.01 -68.39 -19.27
C ALA H 1216 -19.67 -67.47 -18.10
N PHE H 1217 -18.61 -66.67 -18.24
CA PHE H 1217 -18.21 -65.74 -17.18
C PHE H 1217 -19.20 -64.61 -16.97
N ARG H 1218 -20.22 -64.47 -17.83
CA ARG H 1218 -21.05 -63.27 -17.88
C ARG H 1218 -20.18 -62.01 -18.02
N TYR H 1219 -19.06 -62.15 -18.73
CA TYR H 1219 -18.13 -61.06 -18.98
C TYR H 1219 -18.44 -60.32 -20.28
N GLU H 1220 -19.71 -60.34 -20.71
CA GLU H 1220 -20.07 -59.77 -22.01
C GLU H 1220 -19.95 -58.25 -22.00
N ALA H 1221 -20.33 -57.62 -20.89
CA ALA H 1221 -20.27 -56.15 -20.82
C ALA H 1221 -18.84 -55.64 -20.89
N ARG H 1222 -17.91 -56.28 -20.18
CA ARG H 1222 -16.51 -55.87 -20.23
C ARG H 1222 -15.96 -55.97 -21.65
N PHE H 1223 -16.28 -57.06 -22.35
CA PHE H 1223 -15.74 -57.23 -23.70
C PHE H 1223 -16.39 -56.26 -24.68
N GLN H 1224 -17.67 -55.94 -24.50
CA GLN H 1224 -18.28 -54.92 -25.34
C GLN H 1224 -17.66 -53.56 -25.09
N GLN H 1225 -17.29 -53.27 -23.84
CA GLN H 1225 -16.57 -52.05 -23.53
C GLN H 1225 -15.21 -52.02 -24.23
N LYS H 1226 -14.49 -53.14 -24.20
CA LYS H 1226 -13.20 -53.20 -24.86
C LYS H 1226 -13.35 -53.00 -26.37
N LEU H 1227 -14.41 -53.55 -26.95
CA LEU H 1227 -14.64 -53.37 -28.38
C LEU H 1227 -14.96 -51.91 -28.70
N LEU H 1228 -15.81 -51.27 -27.90
CA LEU H 1228 -16.08 -49.85 -28.12
C LEU H 1228 -14.79 -49.05 -28.05
N GLU H 1229 -13.91 -49.37 -27.11
CA GLU H 1229 -12.65 -48.64 -27.02
C GLU H 1229 -11.78 -48.86 -28.27
N TYR H 1230 -11.67 -50.11 -28.71
CA TYR H 1230 -10.85 -50.40 -29.89
C TYR H 1230 -11.40 -49.69 -31.12
N THR H 1231 -12.70 -49.77 -31.33
CA THR H 1231 -13.30 -49.15 -32.51
C THR H 1231 -13.25 -47.64 -32.43
N ASP H 1232 -13.28 -47.07 -31.22
CA ASP H 1232 -13.13 -45.62 -31.09
C ASP H 1232 -11.70 -45.20 -31.42
N SER H 1233 -10.71 -45.99 -31.03
CA SER H 1233 -9.33 -45.68 -31.42
C SER H 1233 -9.19 -45.72 -32.93
N ASN H 1234 -9.73 -46.78 -33.56
CA ASN H 1234 -9.67 -46.87 -35.02
C ASN H 1234 -10.35 -45.68 -35.68
N ASN H 1235 -11.54 -45.32 -35.20
CA ASN H 1235 -12.29 -44.22 -35.80
C ASN H 1235 -11.56 -42.90 -35.66
N ILE H 1236 -11.04 -42.59 -34.46
CA ILE H 1236 -10.36 -41.31 -34.29
C ILE H 1236 -9.13 -41.24 -35.18
N ALA H 1237 -8.43 -42.37 -35.34
CA ALA H 1237 -7.29 -42.38 -36.26
C ALA H 1237 -7.73 -42.07 -37.68
N SER H 1238 -8.73 -42.79 -38.18
CA SER H 1238 -9.16 -42.59 -39.57
C SER H 1238 -9.71 -41.18 -39.78
N LEU H 1239 -10.39 -40.65 -38.79
CA LEU H 1239 -11.00 -39.33 -38.90
C LEU H 1239 -9.92 -38.24 -38.97
N PHE H 1240 -8.93 -38.32 -38.08
CA PHE H 1240 -7.84 -37.34 -38.16
C PHE H 1240 -7.08 -37.47 -39.47
N LEU H 1241 -6.91 -38.69 -39.98
CA LEU H 1241 -6.28 -38.87 -41.28
C LEU H 1241 -7.05 -38.15 -42.36
N THR H 1242 -8.36 -38.36 -42.41
CA THR H 1242 -9.15 -37.70 -43.45
C THR H 1242 -9.17 -36.19 -43.28
N ALA H 1243 -9.09 -35.70 -42.04
CA ALA H 1243 -9.09 -34.25 -41.84
C ALA H 1243 -7.79 -33.64 -42.34
N ALA H 1244 -6.66 -34.31 -42.11
CA ALA H 1244 -5.40 -33.82 -42.69
C ALA H 1244 -5.46 -33.84 -44.21
N ASN H 1245 -6.07 -34.88 -44.78
CA ASN H 1245 -6.23 -34.93 -46.23
C ASN H 1245 -7.03 -33.74 -46.74
N ARG H 1246 -8.14 -33.44 -46.07
CA ARG H 1246 -8.98 -32.31 -46.48
C ARG H 1246 -8.23 -30.99 -46.32
N TRP H 1247 -7.48 -30.85 -45.23
CA TRP H 1247 -6.68 -29.64 -45.02
C TRP H 1247 -5.72 -29.41 -46.18
N LEU H 1248 -4.96 -30.45 -46.53
CA LEU H 1248 -4.03 -30.33 -47.65
C LEU H 1248 -4.77 -29.96 -48.94
N GLU H 1249 -5.89 -30.63 -49.22
CA GLU H 1249 -6.53 -30.41 -50.51
C GLU H 1249 -7.15 -29.02 -50.60
N VAL H 1250 -7.73 -28.52 -49.50
CA VAL H 1250 -8.23 -27.14 -49.51
C VAL H 1250 -7.09 -26.16 -49.73
N ARG H 1251 -5.95 -26.37 -49.05
CA ARG H 1251 -4.84 -25.43 -49.23
C ARG H 1251 -4.35 -25.42 -50.66
N MET H 1252 -4.24 -26.60 -51.27
CA MET H 1252 -3.77 -26.68 -52.65
C MET H 1252 -4.79 -26.06 -53.60
N GLU H 1253 -6.08 -26.22 -53.32
CA GLU H 1253 -7.09 -25.63 -54.19
C GLU H 1253 -7.12 -24.11 -54.07
N TYR H 1254 -6.81 -23.56 -52.88
CA TYR H 1254 -6.71 -22.12 -52.75
C TYR H 1254 -5.47 -21.59 -53.46
N ILE H 1255 -4.36 -22.32 -53.40
CA ILE H 1255 -3.21 -21.92 -54.19
C ILE H 1255 -3.54 -21.93 -55.67
N GLY H 1256 -4.28 -22.94 -56.12
CA GLY H 1256 -4.71 -22.98 -57.52
C GLY H 1256 -5.64 -21.84 -57.89
N ALA H 1257 -6.49 -21.43 -56.94
CA ALA H 1257 -7.36 -20.28 -57.19
C ALA H 1257 -6.57 -18.99 -57.29
N CYS H 1258 -5.57 -18.81 -56.43
CA CYS H 1258 -4.73 -17.63 -56.56
C CYS H 1258 -3.97 -17.63 -57.88
N VAL H 1259 -3.49 -18.81 -58.29
CA VAL H 1259 -2.80 -18.91 -59.58
C VAL H 1259 -3.74 -18.53 -60.71
N VAL H 1260 -4.98 -19.02 -60.68
CA VAL H 1260 -5.89 -18.70 -61.77
C VAL H 1260 -6.27 -17.23 -61.76
N LEU H 1261 -6.38 -16.61 -60.58
CA LEU H 1261 -6.68 -15.19 -60.54
C LEU H 1261 -5.53 -14.37 -61.12
N ILE H 1262 -4.30 -14.66 -60.68
CA ILE H 1262 -3.15 -13.94 -61.20
C ILE H 1262 -3.05 -14.10 -62.72
N ALA H 1263 -3.17 -15.35 -63.20
CA ALA H 1263 -3.07 -15.60 -64.63
C ALA H 1263 -4.16 -14.87 -65.39
N ALA H 1264 -5.41 -14.99 -64.95
CA ALA H 1264 -6.52 -14.31 -65.61
C ALA H 1264 -6.26 -12.81 -65.69
N ALA H 1265 -6.00 -12.19 -64.54
CA ALA H 1265 -5.85 -10.73 -64.50
C ALA H 1265 -4.71 -10.26 -65.40
N THR H 1266 -3.54 -10.89 -65.28
CA THR H 1266 -2.38 -10.43 -66.03
C THR H 1266 -2.53 -10.68 -67.52
N SER H 1267 -3.09 -11.83 -67.91
CA SER H 1267 -3.25 -12.11 -69.34
C SER H 1267 -4.30 -11.20 -69.96
N ILE H 1268 -5.38 -10.89 -69.23
CA ILE H 1268 -6.38 -9.98 -69.75
C ILE H 1268 -5.79 -8.57 -69.89
N SER H 1269 -5.00 -8.15 -68.90
CA SER H 1269 -4.36 -6.85 -68.98
C SER H 1269 -3.42 -6.76 -70.17
N ASN H 1270 -2.65 -7.82 -70.43
CA ASN H 1270 -1.74 -7.79 -71.57
C ASN H 1270 -2.47 -7.88 -72.89
N SER H 1271 -3.58 -8.62 -72.95
CA SER H 1271 -4.37 -8.69 -74.16
C SER H 1271 -5.16 -7.41 -74.41
N LEU H 1272 -5.26 -6.54 -73.42
CA LEU H 1272 -5.86 -5.22 -73.64
C LEU H 1272 -4.81 -4.16 -73.98
N HIS H 1273 -3.81 -3.97 -73.11
CA HIS H 1273 -2.85 -2.89 -73.31
C HIS H 1273 -1.78 -3.25 -74.33
N ARG H 1274 -1.27 -4.48 -74.29
CA ARG H 1274 -0.20 -4.92 -75.17
C ARG H 1274 -0.79 -5.60 -76.41
N GLU H 1275 0.06 -6.32 -77.13
CA GLU H 1275 -0.32 -7.04 -78.34
C GLU H 1275 -0.73 -8.49 -78.06
N LEU H 1276 -0.63 -8.95 -76.82
CA LEU H 1276 -0.83 -10.35 -76.48
C LEU H 1276 -2.13 -10.88 -77.09
N SER H 1277 -2.02 -12.02 -77.77
CA SER H 1277 -3.11 -12.53 -78.60
C SER H 1277 -4.33 -12.87 -77.76
N ALA H 1278 -5.43 -13.18 -78.46
CA ALA H 1278 -6.68 -13.52 -77.80
C ALA H 1278 -6.71 -14.97 -77.36
N GLY H 1279 -6.21 -15.89 -78.19
CA GLY H 1279 -6.29 -17.30 -77.87
C GLY H 1279 -5.29 -17.75 -76.83
N LEU H 1280 -4.12 -17.13 -76.79
CA LEU H 1280 -3.16 -17.46 -75.74
C LEU H 1280 -3.72 -17.15 -74.36
N VAL H 1281 -4.54 -16.11 -74.25
CA VAL H 1281 -5.20 -15.82 -72.99
C VAL H 1281 -6.07 -16.99 -72.56
N GLY H 1282 -6.85 -17.55 -73.49
CA GLY H 1282 -7.69 -18.68 -73.16
C GLY H 1282 -6.88 -19.93 -72.81
N LEU H 1283 -5.76 -20.13 -73.50
CA LEU H 1283 -4.87 -21.25 -73.17
C LEU H 1283 -4.38 -21.14 -71.73
N GLY H 1284 -3.74 -20.01 -71.40
CA GLY H 1284 -3.31 -19.78 -70.04
C GLY H 1284 -4.45 -19.87 -69.03
N LEU H 1285 -5.64 -19.43 -69.42
CA LEU H 1285 -6.79 -19.49 -68.53
C LEU H 1285 -7.14 -20.92 -68.18
N THR H 1286 -7.30 -21.78 -69.19
CA THR H 1286 -7.66 -23.17 -68.91
C THR H 1286 -6.59 -23.84 -68.05
N TYR H 1287 -5.31 -23.61 -68.39
CA TYR H 1287 -4.27 -24.33 -67.68
C TYR H 1287 -4.15 -23.86 -66.23
N ALA H 1288 -4.18 -22.56 -65.99
CA ALA H 1288 -4.18 -22.08 -64.61
C ALA H 1288 -5.48 -22.47 -63.89
N LEU H 1289 -6.57 -22.66 -64.64
CA LEU H 1289 -7.81 -23.08 -64.03
C LEU H 1289 -7.67 -24.46 -63.41
N MET H 1290 -7.05 -25.38 -64.13
CA MET H 1290 -6.98 -26.75 -63.64
C MET H 1290 -5.62 -27.12 -63.05
N VAL H 1291 -4.75 -26.14 -62.80
CA VAL H 1291 -3.48 -26.44 -62.11
C VAL H 1291 -3.72 -27.06 -60.73
N SER H 1292 -4.86 -26.77 -60.09
CA SER H 1292 -5.06 -27.23 -58.72
C SER H 1292 -5.25 -28.73 -58.64
N ASN H 1293 -6.03 -29.30 -59.56
CA ASN H 1293 -6.20 -30.75 -59.60
C ASN H 1293 -4.85 -31.43 -59.73
N TYR H 1294 -4.02 -30.94 -60.66
CA TYR H 1294 -2.67 -31.48 -60.80
C TYR H 1294 -1.90 -31.39 -59.50
N LEU H 1295 -1.96 -30.25 -58.82
CA LEU H 1295 -1.17 -30.07 -57.60
C LEU H 1295 -1.58 -31.08 -56.52
N ASN H 1296 -2.87 -31.16 -56.23
CA ASN H 1296 -3.26 -32.02 -55.11
C ASN H 1296 -3.17 -33.50 -55.49
N TRP H 1297 -3.47 -33.84 -56.74
CA TRP H 1297 -3.26 -35.21 -57.21
C TRP H 1297 -1.80 -35.59 -57.13
N MET H 1298 -0.89 -34.65 -57.41
CA MET H 1298 0.53 -34.93 -57.37
C MET H 1298 1.02 -35.14 -55.94
N VAL H 1299 0.55 -34.30 -54.99
CA VAL H 1299 1.02 -34.49 -53.62
C VAL H 1299 0.42 -35.75 -53.02
N ARG H 1300 -0.83 -36.08 -53.37
CA ARG H 1300 -1.39 -37.35 -52.95
C ARG H 1300 -0.58 -38.52 -53.51
N ASN H 1301 -0.20 -38.45 -54.79
CA ASN H 1301 0.58 -39.53 -55.37
C ASN H 1301 1.98 -39.61 -54.78
N LEU H 1302 2.55 -38.48 -54.35
CA LEU H 1302 3.87 -38.54 -53.71
C LEU H 1302 3.79 -39.21 -52.34
N ALA H 1303 2.76 -38.88 -51.56
CA ALA H 1303 2.56 -39.57 -50.29
C ALA H 1303 2.28 -41.05 -50.52
N ASP H 1304 1.51 -41.38 -51.55
CA ASP H 1304 1.24 -42.78 -51.89
C ASP H 1304 2.46 -43.48 -52.46
N MET H 1305 3.43 -42.73 -52.98
CA MET H 1305 4.61 -43.31 -53.60
C MET H 1305 5.67 -43.65 -52.56
N GLU H 1306 5.91 -42.75 -51.59
CA GLU H 1306 6.96 -43.03 -50.61
C GLU H 1306 6.65 -44.27 -49.78
N ILE H 1307 5.38 -44.44 -49.38
CA ILE H 1307 5.01 -45.60 -48.58
C ILE H 1307 5.20 -46.89 -49.37
N GLN H 1308 4.79 -46.90 -50.64
CA GLN H 1308 4.95 -48.10 -51.44
C GLN H 1308 6.40 -48.37 -51.80
N LEU H 1309 7.20 -47.32 -51.94
CA LEU H 1309 8.63 -47.47 -52.24
C LEU H 1309 9.42 -47.96 -51.03
N GLY H 1310 8.91 -47.73 -49.82
CA GLY H 1310 9.51 -48.36 -48.65
C GLY H 1310 9.58 -49.87 -48.76
N ALA H 1311 8.62 -50.48 -49.47
CA ALA H 1311 8.63 -51.92 -49.67
C ALA H 1311 9.85 -52.35 -50.49
N VAL H 1312 10.09 -51.65 -51.61
CA VAL H 1312 11.29 -51.93 -52.40
C VAL H 1312 12.54 -51.65 -51.58
N LYS H 1313 12.51 -50.62 -50.72
CA LYS H 1313 13.67 -50.30 -49.90
C LYS H 1313 14.02 -51.45 -48.96
N ARG H 1314 13.01 -52.01 -48.28
CA ARG H 1314 13.31 -53.10 -47.35
C ARG H 1314 13.57 -54.42 -48.08
N ILE H 1315 13.02 -54.60 -49.28
CA ILE H 1315 13.40 -55.75 -50.10
C ILE H 1315 14.89 -55.68 -50.44
N HIS H 1316 15.36 -54.51 -50.86
CA HIS H 1316 16.78 -54.34 -51.15
C HIS H 1316 17.64 -54.40 -49.90
N ALA H 1317 17.08 -54.03 -48.75
CA ALA H 1317 17.81 -54.17 -47.48
C ALA H 1317 18.01 -55.65 -47.13
N LEU H 1318 16.98 -56.47 -47.30
CA LEU H 1318 17.13 -57.91 -47.07
C LEU H 1318 17.96 -58.56 -48.17
N LEU H 1319 18.03 -57.96 -49.36
CA LEU H 1319 18.83 -58.52 -50.45
C LEU H 1319 20.32 -58.54 -50.15
N LYS H 1320 20.78 -57.76 -49.16
CA LYS H 1320 22.21 -57.63 -48.89
C LYS H 1320 22.66 -58.50 -47.72
N THR H 1321 21.97 -59.59 -47.44
CA THR H 1321 22.41 -60.49 -46.38
C THR H 1321 23.65 -61.28 -46.82
N GLU H 1322 24.43 -61.71 -45.84
CA GLU H 1322 25.66 -62.43 -46.11
C GLU H 1322 25.36 -63.77 -46.79
N ALA H 1323 26.33 -64.25 -47.58
CA ALA H 1323 26.19 -65.49 -48.31
C ALA H 1323 27.37 -66.40 -48.01
N GLU H 1324 27.11 -67.70 -47.92
CA GLU H 1324 28.16 -68.68 -47.68
C GLU H 1324 28.95 -68.93 -48.96
N SER H 1325 30.27 -68.99 -48.84
CA SER H 1325 31.16 -69.17 -49.99
C SER H 1325 31.08 -70.63 -50.47
N TYR H 1326 29.95 -70.95 -51.08
CA TYR H 1326 29.72 -72.29 -51.60
C TYR H 1326 30.39 -72.46 -52.97
N PRO H 1332 39.26 -79.02 -57.43
CA PRO H 1332 38.54 -80.30 -57.31
C PRO H 1332 39.45 -81.51 -57.44
N SER H 1333 40.20 -81.82 -56.38
CA SER H 1333 41.10 -82.97 -56.37
C SER H 1333 40.51 -84.19 -55.68
N LEU H 1334 39.73 -84.00 -54.62
CA LEU H 1334 39.06 -85.09 -53.95
C LEU H 1334 37.64 -85.31 -54.45
N ILE H 1335 37.18 -84.50 -55.40
CA ILE H 1335 35.83 -84.59 -55.96
C ILE H 1335 35.74 -85.72 -56.99
N PRO H 1336 36.65 -85.83 -57.97
CA PRO H 1336 36.52 -86.94 -58.93
C PRO H 1336 36.66 -88.32 -58.28
N LYS H 1337 37.33 -88.43 -57.15
CA LYS H 1337 37.38 -89.68 -56.40
C LYS H 1337 36.06 -89.84 -55.63
N ASN H 1338 35.33 -90.91 -55.93
CA ASN H 1338 34.07 -91.17 -55.25
C ASN H 1338 34.29 -91.24 -53.74
N TRP H 1339 33.27 -90.79 -53.00
CA TRP H 1339 33.40 -90.72 -51.55
C TRP H 1339 33.56 -92.12 -50.97
N PRO H 1340 34.55 -92.35 -50.12
CA PRO H 1340 34.80 -93.71 -49.62
C PRO H 1340 33.77 -94.13 -48.58
N ASP H 1341 33.44 -95.42 -48.60
CA ASP H 1341 32.54 -95.97 -47.59
C ASP H 1341 33.22 -96.15 -46.25
N GLN H 1342 34.53 -95.99 -46.17
CA GLN H 1342 35.26 -96.09 -44.91
C GLN H 1342 34.90 -94.91 -44.02
N GLY H 1343 34.16 -95.18 -42.95
CA GLY H 1343 33.72 -94.16 -42.02
C GLY H 1343 34.77 -93.67 -41.04
N LYS H 1344 36.04 -93.99 -41.28
CA LYS H 1344 37.10 -93.53 -40.39
C LYS H 1344 37.27 -92.03 -40.50
N ILE H 1345 36.99 -91.31 -39.41
CA ILE H 1345 37.09 -89.85 -39.38
C ILE H 1345 37.90 -89.44 -38.16
N GLN H 1346 38.36 -88.18 -38.18
CA GLN H 1346 39.20 -87.67 -37.10
C GLN H 1346 38.99 -86.17 -36.95
N ILE H 1347 38.71 -85.74 -35.73
CA ILE H 1347 38.53 -84.33 -35.40
C ILE H 1347 39.62 -83.94 -34.41
N GLN H 1348 40.55 -83.09 -34.84
CA GLN H 1348 41.69 -82.68 -34.04
C GLN H 1348 41.52 -81.24 -33.58
N ASN H 1349 41.52 -81.05 -32.27
CA ASN H 1349 41.52 -79.73 -31.63
C ASN H 1349 40.35 -78.87 -32.11
N LEU H 1350 39.14 -79.42 -32.00
CA LEU H 1350 37.95 -78.77 -32.53
C LEU H 1350 37.33 -77.82 -31.51
N SER H 1351 37.01 -76.61 -31.95
CA SER H 1351 36.26 -75.65 -31.15
C SER H 1351 35.25 -74.96 -32.06
N VAL H 1352 34.16 -74.48 -31.47
CA VAL H 1352 33.08 -73.89 -32.24
C VAL H 1352 32.44 -72.76 -31.44
N ARG H 1353 32.07 -71.70 -32.14
CA ARG H 1353 31.33 -70.58 -31.56
C ARG H 1353 30.20 -70.20 -32.51
N TYR H 1354 29.03 -69.88 -31.95
CA TYR H 1354 27.89 -69.55 -32.78
C TYR H 1354 28.10 -68.24 -33.51
N ASP H 1355 28.27 -67.15 -32.78
CA ASP H 1355 28.47 -65.83 -33.35
C ASP H 1355 29.94 -65.48 -33.39
N SER H 1356 30.27 -64.50 -34.24
CA SER H 1356 31.64 -64.04 -34.36
C SER H 1356 32.10 -63.37 -33.06
N SER H 1357 33.19 -63.87 -32.50
CA SER H 1357 33.78 -63.35 -31.26
C SER H 1357 32.76 -63.41 -30.11
N LEU H 1358 32.31 -64.62 -29.82
CA LEU H 1358 31.40 -64.87 -28.71
C LEU H 1358 31.94 -65.99 -27.83
N LYS H 1359 31.14 -66.43 -26.86
CA LYS H 1359 31.56 -67.52 -25.99
C LYS H 1359 31.65 -68.81 -26.80
N PRO H 1360 32.72 -69.59 -26.66
CA PRO H 1360 32.84 -70.82 -27.45
C PRO H 1360 31.87 -71.90 -26.97
N VAL H 1361 31.50 -72.78 -27.90
CA VAL H 1361 30.61 -73.90 -27.58
C VAL H 1361 31.41 -75.14 -27.19
N LEU H 1362 32.48 -75.44 -27.93
CA LEU H 1362 33.34 -76.56 -27.65
C LEU H 1362 34.74 -76.05 -27.29
N LYS H 1363 35.52 -76.91 -26.63
CA LYS H 1363 36.86 -76.53 -26.20
C LYS H 1363 37.76 -77.76 -26.25
N HIS H 1364 38.71 -77.78 -27.19
CA HIS H 1364 39.70 -78.84 -27.34
C HIS H 1364 39.02 -80.20 -27.52
N VAL H 1365 38.30 -80.33 -28.62
CA VAL H 1365 37.59 -81.55 -28.97
C VAL H 1365 38.45 -82.36 -29.93
N ASN H 1366 38.85 -83.55 -29.50
CA ASN H 1366 39.65 -84.47 -30.33
C ASN H 1366 39.04 -85.86 -30.24
N ALA H 1367 38.77 -86.46 -31.39
CA ALA H 1367 38.15 -87.78 -31.43
C ALA H 1367 38.50 -88.46 -32.74
N LEU H 1368 38.34 -89.78 -32.75
CA LEU H 1368 38.56 -90.59 -33.94
C LEU H 1368 37.50 -91.69 -33.99
N ILE H 1369 37.05 -92.00 -35.21
CA ILE H 1369 35.99 -92.99 -35.42
C ILE H 1369 36.48 -93.99 -36.45
N SER H 1370 36.45 -95.27 -36.10
CA SER H 1370 36.90 -96.36 -36.95
C SER H 1370 35.88 -96.65 -38.04
N PRO H 1371 36.30 -97.31 -39.12
CA PRO H 1371 35.36 -97.61 -40.21
C PRO H 1371 34.32 -98.63 -39.78
N GLY H 1372 33.07 -98.39 -40.21
CA GLY H 1372 32.00 -99.33 -39.97
C GLY H 1372 31.69 -99.62 -38.52
N GLN H 1373 31.94 -98.66 -37.64
CA GLN H 1373 31.69 -98.82 -36.21
C GLN H 1373 30.61 -97.83 -35.78
N LYS H 1374 29.58 -98.35 -35.12
CA LYS H 1374 28.50 -97.51 -34.63
C LYS H 1374 28.99 -96.64 -33.46
N ILE H 1375 28.72 -95.34 -33.53
CA ILE H 1375 29.20 -94.39 -32.54
C ILE H 1375 28.01 -93.62 -31.98
N GLY H 1376 28.07 -93.31 -30.69
CA GLY H 1376 27.05 -92.50 -30.06
C GLY H 1376 27.68 -91.35 -29.29
N ILE H 1377 26.84 -90.36 -28.98
CA ILE H 1377 27.28 -89.18 -28.23
C ILE H 1377 26.18 -88.82 -27.24
N CYS H 1378 26.52 -88.81 -25.96
CA CYS H 1378 25.58 -88.48 -24.90
C CYS H 1378 25.85 -87.06 -24.39
N GLY H 1379 25.12 -86.67 -23.37
CA GLY H 1379 25.23 -85.35 -22.77
C GLY H 1379 23.87 -84.77 -22.47
N ARG H 1380 23.85 -83.80 -21.55
CA ARG H 1380 22.60 -83.16 -21.15
C ARG H 1380 22.23 -82.10 -22.17
N THR H 1381 21.23 -81.28 -21.84
CA THR H 1381 20.79 -80.23 -22.75
C THR H 1381 21.83 -79.12 -22.82
N GLY H 1382 22.03 -78.59 -24.03
CA GLY H 1382 23.02 -77.55 -24.23
C GLY H 1382 24.45 -78.00 -24.02
N SER H 1383 24.72 -79.30 -24.11
CA SER H 1383 26.08 -79.79 -23.88
C SER H 1383 26.97 -79.60 -25.11
N GLY H 1384 26.42 -79.67 -26.31
CA GLY H 1384 27.20 -79.46 -27.50
C GLY H 1384 27.15 -80.59 -28.52
N LYS H 1385 26.11 -81.43 -28.44
CA LYS H 1385 25.95 -82.50 -29.42
C LYS H 1385 25.34 -81.99 -30.72
N SER H 1386 24.30 -81.15 -30.61
CA SER H 1386 23.71 -80.55 -31.80
C SER H 1386 24.70 -79.62 -32.49
N SER H 1387 25.45 -78.84 -31.70
CA SER H 1387 26.52 -78.03 -32.28
C SER H 1387 27.61 -78.91 -32.91
N PHE H 1388 27.84 -80.09 -32.34
CA PHE H 1388 28.80 -81.01 -32.94
C PHE H 1388 28.32 -81.49 -34.31
N SER H 1389 27.04 -81.86 -34.40
CA SER H 1389 26.50 -82.28 -35.69
C SER H 1389 26.51 -81.14 -36.70
N LEU H 1390 26.22 -79.91 -36.23
CA LEU H 1390 26.22 -78.76 -37.13
C LEU H 1390 27.62 -78.46 -37.64
N ALA H 1391 28.63 -78.55 -36.78
CA ALA H 1391 30.01 -78.39 -37.20
C ALA H 1391 30.47 -79.54 -38.10
N PHE H 1392 29.84 -80.71 -37.97
CA PHE H 1392 30.14 -81.81 -38.87
C PHE H 1392 29.59 -81.56 -40.28
N PHE H 1393 28.58 -80.71 -40.41
CA PHE H 1393 28.01 -80.35 -41.71
C PHE H 1393 28.33 -78.92 -42.12
N ARG H 1394 29.39 -78.34 -41.55
CA ARG H 1394 29.86 -76.98 -41.89
C ARG H 1394 28.74 -75.94 -41.73
N MET H 1395 27.87 -76.13 -40.73
CA MET H 1395 26.78 -75.19 -40.52
C MET H 1395 27.24 -73.97 -39.72
N VAL H 1396 27.96 -74.19 -38.63
CA VAL H 1396 28.47 -73.10 -37.80
C VAL H 1396 29.68 -72.49 -38.50
N ASP H 1397 29.68 -71.16 -38.61
CA ASP H 1397 30.66 -70.43 -39.40
C ASP H 1397 31.80 -69.84 -38.57
N MET H 1398 31.97 -70.29 -37.32
CA MET H 1398 33.05 -69.83 -36.45
C MET H 1398 33.71 -71.02 -35.76
N PHE H 1399 34.04 -72.04 -36.54
CA PHE H 1399 34.68 -73.24 -36.03
C PHE H 1399 36.18 -73.20 -36.26
N GLU H 1400 36.94 -73.56 -35.24
CA GLU H 1400 38.38 -73.69 -35.32
C GLU H 1400 38.77 -75.15 -35.11
N GLY H 1401 39.96 -75.51 -35.60
CA GLY H 1401 40.43 -76.88 -35.54
C GLY H 1401 40.35 -77.55 -36.89
N ARG H 1402 40.63 -78.86 -36.88
CA ARG H 1402 40.71 -79.64 -38.12
C ARG H 1402 39.77 -80.84 -38.04
N ILE H 1403 38.64 -80.76 -38.73
CA ILE H 1403 37.77 -81.91 -38.93
C ILE H 1403 38.16 -82.59 -40.24
N ILE H 1404 38.18 -83.92 -40.25
CA ILE H 1404 38.66 -84.68 -41.39
C ILE H 1404 37.81 -85.92 -41.55
N ILE H 1405 37.23 -86.11 -42.74
CA ILE H 1405 36.47 -87.30 -43.07
C ILE H 1405 37.21 -88.05 -44.18
N ASP H 1406 38.05 -89.01 -43.80
CA ASP H 1406 38.87 -89.79 -44.72
C ASP H 1406 39.80 -88.88 -45.53
N GLY H 1407 40.61 -88.12 -44.80
CA GLY H 1407 41.59 -87.24 -45.40
C GLY H 1407 41.03 -86.04 -46.15
N ILE H 1408 39.75 -85.73 -46.00
CA ILE H 1408 39.13 -84.61 -46.69
C ILE H 1408 38.55 -83.65 -45.67
N ASP H 1409 38.59 -82.35 -46.00
CA ASP H 1409 38.04 -81.31 -45.14
C ASP H 1409 37.20 -80.33 -45.96
N ILE H 1410 36.81 -79.21 -45.34
CA ILE H 1410 35.93 -78.25 -45.98
C ILE H 1410 36.72 -77.06 -46.52
N ALA H 1411 38.02 -77.23 -46.80
CA ALA H 1411 38.85 -76.13 -47.27
C ALA H 1411 38.79 -75.93 -48.79
N LYS H 1412 38.40 -76.94 -49.55
CA LYS H 1412 38.40 -76.81 -51.01
C LYS H 1412 37.17 -77.46 -51.66
N LEU H 1413 36.10 -77.68 -50.91
CA LEU H 1413 34.91 -78.31 -51.44
C LEU H 1413 33.70 -77.39 -51.30
N PRO H 1414 32.94 -77.17 -52.37
CA PRO H 1414 31.72 -76.36 -52.25
C PRO H 1414 30.64 -77.10 -51.48
N LEU H 1415 29.56 -76.37 -51.20
CA LEU H 1415 28.47 -76.93 -50.41
C LEU H 1415 27.78 -78.08 -51.14
N HIS H 1416 27.58 -77.93 -52.45
CA HIS H 1416 26.90 -78.98 -53.22
C HIS H 1416 27.64 -80.31 -53.15
N THR H 1417 28.96 -80.26 -53.01
CA THR H 1417 29.75 -81.47 -52.82
C THR H 1417 29.88 -81.86 -51.35
N LEU H 1418 29.85 -80.88 -50.45
CA LEU H 1418 29.97 -81.16 -49.02
C LEU H 1418 28.70 -81.73 -48.41
N ARG H 1419 27.56 -81.66 -49.12
CA ARG H 1419 26.31 -82.19 -48.61
C ARG H 1419 25.84 -83.46 -49.31
N SER H 1420 26.33 -83.74 -50.51
CA SER H 1420 26.01 -84.98 -51.20
C SER H 1420 26.85 -86.16 -50.73
N ARG H 1421 27.54 -86.01 -49.58
CA ARG H 1421 28.42 -87.04 -49.07
C ARG H 1421 27.95 -87.64 -47.75
N LEU H 1422 27.12 -86.94 -46.99
CA LEU H 1422 26.64 -87.45 -45.71
C LEU H 1422 25.14 -87.20 -45.59
N SER H 1423 24.46 -88.09 -44.87
CA SER H 1423 23.04 -87.99 -44.63
C SER H 1423 22.78 -87.49 -43.20
N ILE H 1424 21.52 -87.18 -42.92
CA ILE H 1424 21.13 -86.64 -41.62
C ILE H 1424 19.62 -86.82 -41.48
N ILE H 1425 19.19 -87.18 -40.27
CA ILE H 1425 17.78 -87.29 -39.93
C ILE H 1425 17.57 -86.44 -38.68
N LEU H 1426 17.04 -85.24 -38.86
CA LEU H 1426 16.90 -84.31 -37.76
C LEU H 1426 15.78 -84.75 -36.80
N GLN H 1427 15.74 -84.10 -35.64
CA GLN H 1427 14.74 -84.41 -34.64
C GLN H 1427 13.35 -83.96 -35.03
N ASP H 1428 13.24 -83.02 -35.97
CA ASP H 1428 11.94 -82.51 -36.43
C ASP H 1428 11.63 -83.04 -37.82
N PRO H 1429 10.83 -84.09 -37.95
CA PRO H 1429 10.48 -84.59 -39.28
C PRO H 1429 9.43 -83.73 -39.96
N VAL H 1430 9.56 -83.61 -41.28
CA VAL H 1430 8.65 -82.80 -42.08
C VAL H 1430 8.40 -83.51 -43.39
N LEU H 1431 7.16 -83.43 -43.89
CA LEU H 1431 6.76 -84.01 -45.17
C LEU H 1431 6.13 -82.88 -45.99
N PHE H 1432 6.94 -82.24 -46.83
CA PHE H 1432 6.44 -81.17 -47.68
C PHE H 1432 5.42 -81.72 -48.68
N SER H 1433 4.60 -80.81 -49.22
CA SER H 1433 3.53 -81.22 -50.11
C SER H 1433 4.07 -81.81 -51.40
N GLY H 1434 3.23 -82.58 -52.08
CA GLY H 1434 3.61 -83.25 -53.31
C GLY H 1434 3.19 -84.71 -53.32
N THR H 1435 3.92 -85.53 -54.06
CA THR H 1435 3.68 -86.96 -54.11
C THR H 1435 4.72 -87.70 -53.28
N ILE H 1436 4.53 -89.01 -53.17
CA ILE H 1436 5.50 -89.84 -52.45
C ILE H 1436 6.82 -89.87 -53.21
N ARG H 1437 6.78 -89.84 -54.55
CA ARG H 1437 8.01 -89.73 -55.32
C ARG H 1437 8.69 -88.39 -55.10
N PHE H 1438 7.95 -87.37 -54.69
CA PHE H 1438 8.54 -86.07 -54.36
C PHE H 1438 9.02 -85.99 -52.92
N ASN H 1439 8.49 -86.82 -52.03
CA ASN H 1439 8.94 -86.81 -50.64
C ASN H 1439 10.17 -87.70 -50.46
N LEU H 1440 10.19 -88.86 -51.13
CA LEU H 1440 11.33 -89.76 -51.02
C LEU H 1440 12.55 -89.21 -51.75
N ASP H 1441 12.37 -88.83 -53.02
CA ASP H 1441 13.46 -88.33 -53.85
C ASP H 1441 13.00 -87.11 -54.63
N PRO H 1442 13.11 -85.91 -54.04
CA PRO H 1442 12.78 -84.69 -54.82
C PRO H 1442 13.60 -84.54 -56.09
N GLU H 1443 14.81 -85.07 -56.13
CA GLU H 1443 15.62 -85.02 -57.35
C GLU H 1443 15.05 -85.89 -58.45
N LYS H 1444 14.20 -86.87 -58.10
CA LYS H 1444 13.56 -87.75 -59.08
C LYS H 1444 14.60 -88.47 -59.95
N LYS H 1445 15.70 -88.88 -59.32
CA LYS H 1445 16.76 -89.59 -60.02
C LYS H 1445 16.67 -91.11 -59.86
N CYS H 1446 16.21 -91.59 -58.71
CA CYS H 1446 16.09 -93.02 -58.49
C CYS H 1446 14.89 -93.60 -59.24
N SER H 1447 14.91 -94.91 -59.42
CA SER H 1447 13.86 -95.60 -60.15
C SER H 1447 12.72 -95.99 -59.20
N ASP H 1448 11.61 -96.42 -59.79
CA ASP H 1448 10.46 -96.86 -59.00
C ASP H 1448 10.81 -98.09 -58.18
N SER H 1449 11.65 -98.99 -58.72
CA SER H 1449 12.08 -100.15 -57.96
C SER H 1449 12.89 -99.73 -56.74
N THR H 1450 13.75 -98.72 -56.88
CA THR H 1450 14.54 -98.24 -55.76
C THR H 1450 13.65 -97.65 -54.67
N LEU H 1451 12.62 -96.90 -55.05
CA LEU H 1451 11.71 -96.32 -54.07
C LEU H 1451 10.88 -97.40 -53.38
N TRP H 1452 10.40 -98.39 -54.15
CA TRP H 1452 9.66 -99.49 -53.53
C TRP H 1452 10.55 -100.27 -52.56
N GLU H 1453 11.82 -100.46 -52.92
CA GLU H 1453 12.73 -101.18 -52.03
C GLU H 1453 13.03 -100.36 -50.77
N ALA H 1454 13.18 -99.05 -50.91
CA ALA H 1454 13.41 -98.21 -49.73
C ALA H 1454 12.19 -98.18 -48.84
N LEU H 1455 10.99 -98.23 -49.42
CA LEU H 1455 9.78 -98.28 -48.61
C LEU H 1455 9.60 -99.65 -47.95
N GLU H 1456 10.07 -100.71 -48.61
CA GLU H 1456 9.99 -102.04 -48.01
C GLU H 1456 10.99 -102.20 -46.88
N ILE H 1457 12.18 -101.60 -47.02
CA ILE H 1457 13.17 -101.69 -45.96
C ILE H 1457 12.77 -100.85 -44.76
N ALA H 1458 12.14 -99.70 -45.01
CA ALA H 1458 11.73 -98.80 -43.94
C ALA H 1458 10.39 -99.17 -43.31
N GLN H 1459 9.86 -100.36 -43.62
CA GLN H 1459 8.59 -100.84 -43.08
C GLN H 1459 7.45 -99.87 -43.38
N LEU H 1460 7.35 -99.48 -44.65
CA LEU H 1460 6.34 -98.52 -45.07
C LEU H 1460 5.67 -98.90 -46.39
N LYS H 1461 6.01 -100.05 -46.98
CA LYS H 1461 5.49 -100.39 -48.30
C LYS H 1461 4.01 -100.75 -48.25
N LEU H 1462 3.56 -101.38 -47.16
CA LEU H 1462 2.17 -101.81 -47.06
C LEU H 1462 1.22 -100.63 -46.97
N VAL H 1463 1.58 -99.60 -46.19
CA VAL H 1463 0.73 -98.43 -46.07
C VAL H 1463 0.82 -97.53 -47.29
N VAL H 1464 1.88 -97.64 -48.09
CA VAL H 1464 1.97 -96.88 -49.32
C VAL H 1464 1.16 -97.53 -50.43
N LYS H 1465 1.14 -98.87 -50.47
CA LYS H 1465 0.33 -99.57 -51.46
C LYS H 1465 -1.17 -99.36 -51.24
N ALA H 1466 -1.57 -98.93 -50.05
CA ALA H 1466 -2.98 -98.69 -49.73
C ALA H 1466 -3.39 -97.24 -49.99
N LEU H 1467 -2.67 -96.52 -50.83
CA LEU H 1467 -2.97 -95.15 -51.20
C LEU H 1467 -3.40 -95.07 -52.67
N PRO H 1468 -4.24 -94.10 -53.03
CA PRO H 1468 -4.70 -94.01 -54.43
C PRO H 1468 -3.53 -93.72 -55.36
N GLY H 1469 -3.43 -94.52 -56.42
CA GLY H 1469 -2.38 -94.36 -57.42
C GLY H 1469 -1.09 -95.11 -57.16
N GLY H 1470 -0.55 -94.99 -55.95
CA GLY H 1470 0.71 -95.63 -55.62
C GLY H 1470 1.89 -94.73 -55.89
N LEU H 1471 2.62 -94.37 -54.84
CA LEU H 1471 3.74 -93.43 -54.91
C LEU H 1471 3.33 -92.08 -55.49
N ASP H 1472 2.03 -91.78 -55.51
CA ASP H 1472 1.53 -90.53 -56.06
C ASP H 1472 0.41 -89.92 -55.24
N ALA H 1473 0.31 -90.25 -53.95
CA ALA H 1473 -0.71 -89.68 -53.10
C ALA H 1473 -0.42 -88.20 -52.83
N ILE H 1474 -1.46 -87.38 -52.86
CA ILE H 1474 -1.34 -85.94 -52.65
C ILE H 1474 -1.21 -85.70 -51.15
N ILE H 1475 0.00 -85.40 -50.70
CA ILE H 1475 0.27 -85.13 -49.30
C ILE H 1475 0.30 -83.62 -49.07
N THR H 1476 -0.09 -83.21 -47.87
CA THR H 1476 -0.06 -81.82 -47.46
C THR H 1476 1.08 -81.59 -46.48
N GLU H 1477 1.38 -80.32 -46.23
CA GLU H 1477 2.43 -79.96 -45.29
C GLU H 1477 2.05 -80.43 -43.89
N GLY H 1478 2.76 -81.43 -43.39
CA GLY H 1478 2.45 -82.02 -42.10
C GLY H 1478 1.06 -82.63 -42.07
N GLY H 1479 0.15 -81.99 -41.34
CA GLY H 1479 -1.24 -82.44 -41.33
C GLY H 1479 -1.43 -83.76 -40.60
N GLU H 1480 -2.47 -84.48 -41.01
CA GLU H 1480 -2.82 -85.76 -40.43
C GLU H 1480 -2.90 -86.84 -41.51
N ASN H 1481 -1.97 -86.80 -42.46
CA ASN H 1481 -1.92 -87.80 -43.51
C ASN H 1481 -1.07 -89.01 -43.14
N PHE H 1482 -0.07 -88.83 -42.27
CA PHE H 1482 0.78 -89.92 -41.82
C PHE H 1482 1.12 -89.70 -40.35
N SER H 1483 1.26 -90.80 -39.62
CA SER H 1483 1.56 -90.72 -38.20
C SER H 1483 3.01 -90.30 -37.97
N GLN H 1484 3.34 -90.01 -36.71
CA GLN H 1484 4.70 -89.61 -36.37
C GLN H 1484 5.70 -90.72 -36.69
N GLY H 1485 5.34 -91.97 -36.39
CA GLY H 1485 6.17 -93.08 -36.79
C GLY H 1485 6.33 -93.18 -38.30
N GLN H 1486 5.24 -92.95 -39.03
CA GLN H 1486 5.32 -92.93 -40.48
C GLN H 1486 6.20 -91.80 -40.99
N ARG H 1487 6.18 -90.65 -40.31
CA ARG H 1487 7.05 -89.54 -40.71
C ARG H 1487 8.52 -89.88 -40.47
N GLN H 1488 8.84 -90.48 -39.32
CA GLN H 1488 10.20 -90.92 -39.08
C GLN H 1488 10.62 -92.00 -40.08
N LEU H 1489 9.67 -92.85 -40.49
CA LEU H 1489 9.97 -93.86 -41.50
C LEU H 1489 10.25 -93.24 -42.86
N PHE H 1490 9.53 -92.17 -43.20
CA PHE H 1490 9.82 -91.44 -44.42
C PHE H 1490 11.20 -90.79 -44.35
N CYS H 1491 11.57 -90.27 -43.18
CA CYS H 1491 12.92 -89.73 -43.02
C CYS H 1491 13.98 -90.81 -43.20
N LEU H 1492 13.74 -91.99 -42.63
CA LEU H 1492 14.68 -93.09 -42.79
C LEU H 1492 14.75 -93.55 -44.24
N ALA H 1493 13.63 -93.51 -44.96
CA ALA H 1493 13.64 -93.87 -46.38
C ALA H 1493 14.42 -92.85 -47.19
N ARG H 1494 14.33 -91.57 -46.83
CA ARG H 1494 15.16 -90.55 -47.46
C ARG H 1494 16.63 -90.81 -47.20
N ALA H 1495 16.98 -91.16 -45.96
CA ALA H 1495 18.37 -91.50 -45.65
C ALA H 1495 18.83 -92.72 -46.44
N PHE H 1496 17.94 -93.68 -46.67
CA PHE H 1496 18.29 -94.88 -47.42
C PHE H 1496 18.53 -94.56 -48.89
N VAL H 1497 17.62 -93.78 -49.49
CA VAL H 1497 17.78 -93.40 -50.90
C VAL H 1497 18.94 -92.43 -51.09
N ARG H 1498 19.41 -91.78 -50.02
CA ARG H 1498 20.56 -90.89 -50.13
C ARG H 1498 21.81 -91.67 -50.53
N LYS H 1499 22.04 -92.82 -49.91
CA LYS H 1499 23.20 -93.68 -50.21
C LYS H 1499 24.50 -92.92 -50.03
N THR H 1500 24.58 -92.12 -48.97
CA THR H 1500 25.76 -91.31 -48.70
C THR H 1500 26.85 -92.06 -47.95
N SER H 1501 26.55 -93.24 -47.42
CA SER H 1501 27.46 -94.14 -46.69
C SER H 1501 27.90 -93.59 -45.34
N ILE H 1502 27.41 -92.41 -44.94
CA ILE H 1502 27.71 -91.82 -43.63
C ILE H 1502 26.41 -91.25 -43.10
N PHE H 1503 25.88 -91.83 -42.03
CA PHE H 1503 24.61 -91.42 -41.46
C PHE H 1503 24.81 -90.72 -40.12
N ILE H 1504 24.02 -89.68 -39.89
CA ILE H 1504 24.01 -88.95 -38.62
C ILE H 1504 22.59 -88.94 -38.11
N MET H 1505 22.34 -89.64 -37.01
CA MET H 1505 21.01 -89.75 -36.41
C MET H 1505 20.92 -88.75 -35.26
N ASP H 1506 20.17 -87.67 -35.47
CA ASP H 1506 20.05 -86.59 -34.49
C ASP H 1506 18.69 -86.72 -33.80
N GLU H 1507 18.66 -87.49 -32.71
CA GLU H 1507 17.49 -87.62 -31.85
C GLU H 1507 16.26 -88.13 -32.62
N ALA H 1508 16.39 -89.34 -33.15
CA ALA H 1508 15.26 -90.01 -33.80
C ALA H 1508 14.32 -90.68 -32.81
N THR H 1509 14.44 -90.38 -31.52
CA THR H 1509 13.64 -91.02 -30.49
C THR H 1509 12.59 -90.10 -29.87
N ALA H 1510 12.85 -88.80 -29.80
CA ALA H 1510 11.92 -87.87 -29.17
C ALA H 1510 10.60 -87.83 -29.93
N SER H 1511 9.52 -87.55 -29.20
CA SER H 1511 8.17 -87.47 -29.75
C SER H 1511 7.76 -88.77 -30.42
N ILE H 1512 8.22 -89.90 -29.90
CA ILE H 1512 7.89 -91.22 -30.43
C ILE H 1512 7.62 -92.15 -29.27
N ASP H 1513 6.55 -92.94 -29.38
CA ASP H 1513 6.20 -93.88 -28.34
C ASP H 1513 7.28 -94.96 -28.22
N MET H 1514 7.49 -95.44 -26.98
CA MET H 1514 8.52 -96.44 -26.74
C MET H 1514 8.24 -97.74 -27.49
N ALA H 1515 6.97 -98.14 -27.53
CA ALA H 1515 6.60 -99.37 -28.23
C ALA H 1515 6.92 -99.29 -29.72
N THR H 1516 6.91 -98.09 -30.29
CA THR H 1516 7.30 -97.89 -31.68
C THR H 1516 8.76 -97.50 -31.82
N GLU H 1517 9.30 -96.73 -30.88
CA GLU H 1517 10.70 -96.32 -30.95
C GLU H 1517 11.65 -97.51 -30.82
N ASN H 1518 11.30 -98.50 -30.00
CA ASN H 1518 12.14 -99.69 -29.87
C ASN H 1518 12.24 -100.43 -31.19
N ILE H 1519 11.10 -100.65 -31.85
CA ILE H 1519 11.10 -101.34 -33.14
C ILE H 1519 11.79 -100.49 -34.20
N LEU H 1520 11.65 -99.17 -34.12
CA LEU H 1520 12.33 -98.29 -35.08
C LEU H 1520 13.84 -98.39 -34.92
N GLN H 1521 14.33 -98.37 -33.68
CA GLN H 1521 15.76 -98.51 -33.44
C GLN H 1521 16.26 -99.89 -33.88
N LYS H 1522 15.46 -100.92 -33.64
CA LYS H 1522 15.84 -102.27 -34.07
C LYS H 1522 15.96 -102.34 -35.59
N VAL H 1523 14.99 -101.75 -36.30
CA VAL H 1523 15.04 -101.77 -37.77
C VAL H 1523 16.22 -100.96 -38.28
N VAL H 1524 16.49 -99.81 -37.65
CA VAL H 1524 17.59 -98.96 -38.09
C VAL H 1524 18.93 -99.63 -37.81
N MET H 1525 19.00 -100.47 -36.79
CA MET H 1525 20.24 -101.18 -36.50
C MET H 1525 20.41 -102.38 -37.42
N THR H 1526 19.31 -103.08 -37.73
CA THR H 1526 19.40 -104.23 -38.62
C THR H 1526 19.68 -103.81 -40.07
N ALA H 1527 19.19 -102.63 -40.47
CA ALA H 1527 19.44 -102.16 -41.82
C ALA H 1527 20.82 -101.53 -41.95
N PHE H 1528 21.35 -100.95 -40.87
CA PHE H 1528 22.65 -100.29 -40.88
C PHE H 1528 23.66 -101.20 -40.17
N ALA H 1529 24.23 -102.14 -40.92
CA ALA H 1529 25.36 -102.92 -40.45
C ALA H 1529 26.69 -102.32 -40.86
N ASP H 1530 26.70 -101.53 -41.93
CA ASP H 1530 27.87 -100.77 -42.36
C ASP H 1530 27.46 -99.31 -42.46
N ARG H 1531 28.32 -98.48 -43.08
CA ARG H 1531 28.05 -97.04 -43.23
C ARG H 1531 27.85 -96.39 -41.86
N THR H 1532 28.97 -96.32 -41.13
CA THR H 1532 29.03 -95.93 -39.72
C THR H 1532 28.07 -94.79 -39.40
N VAL H 1533 27.30 -94.98 -38.32
CA VAL H 1533 26.28 -94.03 -37.90
C VAL H 1533 26.73 -93.38 -36.60
N VAL H 1534 26.49 -92.08 -36.48
CA VAL H 1534 26.80 -91.31 -35.28
C VAL H 1534 25.48 -90.81 -34.69
N THR H 1535 25.06 -91.41 -33.59
CA THR H 1535 23.77 -91.12 -32.97
C THR H 1535 23.92 -90.16 -31.78
N ILE H 1536 22.84 -89.47 -31.46
CA ILE H 1536 22.80 -88.58 -30.31
C ILE H 1536 21.38 -88.55 -29.74
N ALA H 1537 21.24 -88.97 -28.48
CA ALA H 1537 19.93 -89.03 -27.84
C ALA H 1537 20.13 -89.06 -26.33
N HIS H 1538 19.01 -89.02 -25.60
CA HIS H 1538 19.02 -89.07 -24.14
C HIS H 1538 18.50 -90.39 -23.60
N ARG H 1539 18.19 -91.35 -24.48
CA ARG H 1539 17.71 -92.66 -24.05
C ARG H 1539 18.85 -93.49 -23.49
N VAL H 1540 18.51 -94.36 -22.53
CA VAL H 1540 19.52 -95.20 -21.91
C VAL H 1540 19.96 -96.30 -22.87
N HIS H 1541 19.00 -96.98 -23.51
CA HIS H 1541 19.34 -98.10 -24.38
C HIS H 1541 20.03 -97.64 -25.66
N THR H 1542 19.66 -96.46 -26.17
CA THR H 1542 20.30 -95.96 -27.39
C THR H 1542 21.77 -95.66 -27.17
N ILE H 1543 22.11 -95.04 -26.02
CA ILE H 1543 23.50 -94.78 -25.71
C ILE H 1543 24.22 -96.06 -25.28
N LEU H 1544 23.48 -97.03 -24.73
CA LEU H 1544 24.11 -98.29 -24.33
C LEU H 1544 24.47 -99.14 -25.53
N SER H 1545 23.69 -99.05 -26.62
CA SER H 1545 23.95 -99.86 -27.81
C SER H 1545 25.11 -99.36 -28.64
N ALA H 1546 25.55 -98.12 -28.42
CA ALA H 1546 26.65 -97.56 -29.20
C ALA H 1546 27.99 -97.99 -28.62
N ASP H 1547 28.99 -98.14 -29.50
CA ASP H 1547 30.30 -98.59 -29.07
C ASP H 1547 31.13 -97.44 -28.51
N LEU H 1548 31.47 -96.47 -29.35
CA LEU H 1548 32.29 -95.34 -28.92
C LEU H 1548 31.37 -94.19 -28.51
N VAL H 1549 31.49 -93.78 -27.24
CA VAL H 1549 30.62 -92.76 -26.67
C VAL H 1549 31.47 -91.67 -26.02
N MET H 1550 31.11 -90.42 -26.28
CA MET H 1550 31.85 -89.26 -25.76
C MET H 1550 30.94 -88.50 -24.81
N VAL H 1551 31.23 -88.57 -23.52
CA VAL H 1551 30.46 -87.82 -22.53
C VAL H 1551 30.77 -86.34 -22.68
N LEU H 1552 29.72 -85.53 -22.86
CA LEU H 1552 29.87 -84.10 -23.07
C LEU H 1552 29.89 -83.40 -21.71
N LYS H 1553 31.04 -82.80 -21.38
CA LYS H 1553 31.19 -82.08 -20.12
C LYS H 1553 30.59 -80.68 -20.27
N ARG H 1554 30.89 -79.80 -19.31
CA ARG H 1554 30.36 -78.44 -19.35
C ARG H 1554 30.87 -77.68 -20.57
N GLY H 1555 32.17 -77.78 -20.86
CA GLY H 1555 32.74 -77.07 -21.98
C GLY H 1555 33.50 -77.96 -22.95
N ALA H 1556 33.88 -79.15 -22.52
CA ALA H 1556 34.64 -80.06 -23.36
C ALA H 1556 33.97 -81.43 -23.43
N ILE H 1557 34.65 -82.40 -24.05
CA ILE H 1557 34.15 -83.76 -24.17
C ILE H 1557 35.21 -84.74 -23.71
N LEU H 1558 34.77 -85.91 -23.27
CA LEU H 1558 35.64 -86.99 -22.85
C LEU H 1558 35.17 -88.27 -23.53
N GLU H 1559 35.97 -88.77 -24.47
CA GLU H 1559 35.58 -89.91 -25.27
C GLU H 1559 35.94 -91.23 -24.58
N PHE H 1560 35.26 -92.29 -24.98
CA PHE H 1560 35.53 -93.64 -24.49
C PHE H 1560 35.22 -94.62 -25.61
N ASP H 1561 36.16 -95.53 -25.88
CA ASP H 1561 36.04 -96.42 -27.02
C ASP H 1561 35.12 -97.60 -26.72
N LYS H 1562 35.39 -98.32 -25.63
CA LYS H 1562 34.56 -99.49 -25.31
C LYS H 1562 33.40 -99.07 -24.42
N PRO H 1563 32.16 -99.42 -24.79
CA PRO H 1563 31.01 -98.99 -23.99
C PRO H 1563 30.93 -99.66 -22.64
N GLU H 1564 31.07 -100.99 -22.60
CA GLU H 1564 31.00 -101.73 -21.35
C GLU H 1564 32.17 -101.43 -20.43
N THR H 1565 33.25 -100.83 -20.95
CA THR H 1565 34.38 -100.45 -20.11
C THR H 1565 34.09 -99.17 -19.35
N LEU H 1566 33.62 -98.13 -20.04
CA LEU H 1566 33.31 -96.86 -19.40
C LEU H 1566 31.99 -96.89 -18.64
N LEU H 1567 31.10 -97.82 -18.97
CA LEU H 1567 29.84 -97.93 -18.24
C LEU H 1567 30.00 -98.57 -16.87
N SER H 1568 31.20 -99.08 -16.55
CA SER H 1568 31.47 -99.64 -15.24
C SER H 1568 32.79 -99.18 -14.63
N GLN H 1569 33.62 -98.46 -15.39
CA GLN H 1569 34.89 -97.96 -14.84
C GLN H 1569 34.69 -96.79 -13.90
N LYS H 1570 33.72 -95.92 -14.19
CA LYS H 1570 33.40 -94.80 -13.32
C LYS H 1570 32.51 -95.18 -12.14
N ASP H 1571 32.38 -96.48 -11.85
CA ASP H 1571 31.56 -96.99 -10.75
C ASP H 1571 30.09 -96.61 -10.92
N SER H 1572 29.64 -96.48 -12.17
CA SER H 1572 28.25 -96.15 -12.49
C SER H 1572 27.82 -94.85 -11.83
N VAL H 1573 28.55 -93.77 -12.15
CA VAL H 1573 28.31 -92.44 -11.60
C VAL H 1573 28.06 -91.42 -12.69
N PHE H 1574 28.92 -91.40 -13.72
CA PHE H 1574 28.84 -90.38 -14.76
C PHE H 1574 28.48 -90.91 -16.14
N ALA H 1575 28.38 -92.23 -16.32
CA ALA H 1575 28.13 -92.79 -17.64
C ALA H 1575 26.95 -93.74 -17.63
N SER H 1576 26.68 -94.38 -16.50
CA SER H 1576 25.62 -95.39 -16.42
C SER H 1576 24.30 -94.78 -15.94
N PHE H 1577 24.31 -94.20 -14.74
CA PHE H 1577 23.09 -93.62 -14.20
C PHE H 1577 22.68 -92.37 -14.96
N VAL H 1578 23.65 -91.66 -15.54
CA VAL H 1578 23.33 -90.48 -16.35
C VAL H 1578 22.63 -90.89 -17.63
N ARG H 1579 23.08 -91.98 -18.25
CA ARG H 1579 22.45 -92.49 -19.46
C ARG H 1579 21.18 -93.26 -19.13
#